data_7XOI
#
_entry.id   7XOI
#
_cell.length_a   95.325
_cell.length_b   106.036
_cell.length_c   206.366
_cell.angle_alpha   90.58
_cell.angle_beta   90.06
_cell.angle_gamma   92.20
#
_symmetry.space_group_name_H-M   'P 1'
#
loop_
_entity.id
_entity.type
_entity.pdbx_description
1 polymer 'alpha-glucosidase N-terminal polypeptide'
2 polymer 'alpha-glucosidase C-terminal polypeptide'
3 branched alpha-D-glucopyranose-(1-1)-alpha-D-glucopyranose
4 branched 2-acetamido-2-deoxy-beta-D-glucopyranose-(1-4)-2-acetamido-2-deoxy-beta-D-glucopyranose
5 branched beta-D-mannopyranose-(1-4)-2-acetamido-2-deoxy-beta-D-glucopyranose-(1-4)-2-acetamido-2-deoxy-beta-D-glucopyranose
6 non-polymer 2-acetamido-2-deoxy-beta-D-glucopyranose
7 non-polymer 'SODIUM ION'
8 non-polymer alpha-D-glucopyranose
9 water water
#
loop_
_entity_poly.entity_id
_entity_poly.type
_entity_poly.pdbx_seq_one_letter_code
_entity_poly.pdbx_strand_id
1 'polypeptide(L)'
;APVNTTTEDETAQIPAEAVIGYSDLEGDFDVAVLPFSNSTNNGLLFINTTIASIAAKEEGVSLEKREAEAEFQSKDGVED
LDGPGDDLYVKDLSGCPGYKATKHWQTRSGFYADLTLAGPACNVFGTDLPDLKLEVEYQTSDRLHVKILDTNNTVYQVPD
SVFPRPGFGEWCSPKDSKLKFDFQADPFSFTVSRTDTGEVLFDTTGNKLVFESQYVYLKTHLPQNPHLYGLGEHSDAFML
NTTNYTRTIYTRDAYGTPQGENLYGAHPIYFDHRQTGTHGVFLLNSNGMDIFIDNNATQYLEYNIIGGVLDFYFIAGPSP
RDVAIQYAEITQTPLMTPYWGLGYHQCKYGYQDVYEVAAVVANYSTNNIPLETIWTDIDYMDRRRIFTIDPERFPANLYK
DLVDTIHARDQHYIVMVDPAVYYKESNPALDEGLRYDIFMKENNGSEYQGVVWAGPSHFPDWFHPDSQQYWSEQFLAFFD
GTNGPDIDALWIDMNEPANFYNRPYPGNNTTPENFAEVDGDPPAAPAVRDGPDAPIPGFPASLQPNWV
;
A,C,E,G,I,K,M,O
2 'polypeptide(L)'
;SRRNLGAGHWKSPKGKVDPRAGWQNGKQTGSGCGPNECKGLPNRHLIRPPYMIQNGAGPTLADSTADTDLVQSGGYVQYD
THNLYGAMMSSHSHNAMRARRPDDRALVITRSTFAGSGKDVSHWLGDNVSGWLWYQLSISQILQFASLYQIPVVGPDVCG
FGGNVTETLCARWATLGSFYTFFRNHAEIYANPQEFYRWPTVAQAARNGISIRYQLLDYIYTAIYKQNQTGTPALNPLFF
NYPNDPNTYPIDLQFFYGDGILVSPVTEENSTSVTFYLPDDIFYEWGTGKPVRGQGEYVSLDNIDYTDITIHYKGGIVYP
QRIESANTTTALRQKGFNIVVAPGLDGRAEGSLYLDDGVSVVQDTVSEIDFVYENGKLTMTGSFEYEAGVGIETITVLGV
ESKPEGDEDVEYDAENKKLVKHVDVPLTGENEITILAVDHHHHHH
;
B,D,F,H,J,L,N,P
#
# COMPACT_ATOMS: atom_id res chain seq x y z
N PRO A 84 -31.43 21.25 57.00
CA PRO A 84 -30.66 21.41 58.24
C PRO A 84 -30.96 22.76 58.92
N GLY A 85 -30.88 23.86 58.17
CA GLY A 85 -31.08 25.24 58.65
C GLY A 85 -29.80 26.04 58.57
N ASP A 86 -29.75 27.17 59.30
CA ASP A 86 -28.60 28.11 59.31
C ASP A 86 -28.35 28.59 60.75
N ASP A 87 -28.58 27.72 61.73
CA ASP A 87 -28.35 28.02 63.17
C ASP A 87 -26.97 28.66 63.33
N LEU A 88 -25.94 28.11 62.67
CA LEU A 88 -24.53 28.56 62.79
C LEU A 88 -24.40 30.05 62.44
N TYR A 89 -25.12 30.50 61.41
CA TYR A 89 -24.93 31.84 60.77
C TYR A 89 -25.86 32.88 61.42
N VAL A 90 -27.02 32.48 61.96
CA VAL A 90 -28.06 33.42 62.48
C VAL A 90 -28.12 33.35 64.01
N LYS A 91 -27.35 32.46 64.66
CA LYS A 91 -27.33 32.33 66.14
C LYS A 91 -27.07 33.71 66.75
N ASP A 92 -27.74 34.02 67.87
CA ASP A 92 -27.52 35.24 68.68
C ASP A 92 -27.21 34.80 70.10
N LEU A 93 -25.97 35.03 70.57
CA LEU A 93 -25.48 34.65 71.91
C LEU A 93 -25.29 35.90 72.78
N SER A 94 -25.75 37.07 72.32
CA SER A 94 -25.58 38.38 73.00
C SER A 94 -26.19 38.36 74.41
N GLY A 95 -27.32 37.65 74.58
CA GLY A 95 -28.07 37.56 75.84
C GLY A 95 -27.48 36.54 76.82
N CYS A 96 -26.58 35.68 76.37
CA CYS A 96 -25.89 34.67 77.22
C CYS A 96 -24.89 35.38 78.14
N PRO A 97 -24.84 35.03 79.44
CA PRO A 97 -24.09 35.81 80.44
C PRO A 97 -22.60 35.43 80.57
N GLY A 98 -22.19 34.32 79.96
CA GLY A 98 -20.87 33.71 80.18
C GLY A 98 -20.75 33.22 81.61
N TYR A 99 -19.54 32.88 82.03
CA TYR A 99 -19.27 32.32 83.38
C TYR A 99 -18.33 33.26 84.15
N LYS A 100 -18.17 33.00 85.44
CA LYS A 100 -17.13 33.66 86.28
C LYS A 100 -16.61 32.62 87.28
N ALA A 101 -15.31 32.70 87.59
CA ALA A 101 -14.62 31.82 88.56
C ALA A 101 -14.94 32.35 89.97
N THR A 102 -15.60 31.54 90.79
CA THR A 102 -15.97 31.86 92.20
C THR A 102 -14.76 31.61 93.11
N LYS A 103 -14.00 30.54 92.87
CA LYS A 103 -12.73 30.24 93.58
C LYS A 103 -11.79 29.43 92.69
N HIS A 104 -10.49 29.55 92.93
CA HIS A 104 -9.37 28.98 92.13
C HIS A 104 -8.23 28.56 93.05
N TRP A 105 -7.66 27.37 92.85
CA TRP A 105 -6.47 26.89 93.59
C TRP A 105 -5.45 26.26 92.62
N GLN A 106 -4.18 26.26 93.03
CA GLN A 106 -3.03 25.71 92.28
C GLN A 106 -2.54 24.41 92.93
N THR A 107 -2.02 23.48 92.14
CA THR A 107 -1.30 22.27 92.61
C THR A 107 0.10 22.24 91.97
N ARG A 108 0.90 21.23 92.32
CA ARG A 108 2.28 21.06 91.83
C ARG A 108 2.32 21.03 90.29
N SER A 109 1.30 20.50 89.63
CA SER A 109 1.24 20.36 88.15
C SER A 109 -0.15 20.72 87.60
N GLY A 110 -0.87 21.64 88.25
CA GLY A 110 -2.28 21.90 87.89
C GLY A 110 -2.78 23.26 88.32
N PHE A 111 -3.86 23.71 87.66
CA PHE A 111 -4.71 24.86 88.06
C PHE A 111 -6.19 24.43 87.97
N TYR A 112 -6.98 24.87 88.95
CA TYR A 112 -8.41 24.47 89.13
C TYR A 112 -9.23 25.70 89.51
N ALA A 113 -10.49 25.72 89.08
CA ALA A 113 -11.45 26.81 89.34
C ALA A 113 -12.87 26.28 89.23
N ASP A 114 -13.73 26.68 90.17
CA ASP A 114 -15.21 26.52 90.09
C ASP A 114 -15.74 27.69 89.26
N LEU A 115 -16.58 27.39 88.26
CA LEU A 115 -17.20 28.37 87.33
C LEU A 115 -18.72 28.42 87.59
N THR A 116 -19.32 29.60 87.59
CA THR A 116 -20.79 29.80 87.72
C THR A 116 -21.27 30.82 86.68
N LEU A 117 -22.51 30.67 86.19
CA LEU A 117 -23.17 31.67 85.31
C LEU A 117 -22.95 33.07 85.91
N ALA A 118 -22.44 34.01 85.10
CA ALA A 118 -22.16 35.40 85.53
C ALA A 118 -23.45 36.23 85.49
N GLY A 119 -24.58 35.64 85.09
CA GLY A 119 -25.87 36.32 84.97
C GLY A 119 -26.99 35.37 84.60
N PRO A 120 -28.21 35.90 84.31
CA PRO A 120 -29.35 35.08 83.92
C PRO A 120 -29.10 34.20 82.69
N ALA A 121 -29.60 32.96 82.72
CA ALA A 121 -29.48 31.97 81.63
C ALA A 121 -30.08 32.53 80.33
N CYS A 122 -29.47 32.22 79.19
CA CYS A 122 -30.01 32.53 77.83
C CYS A 122 -30.73 31.29 77.27
N ASN A 123 -30.21 30.09 77.54
CA ASN A 123 -30.77 28.80 77.13
C ASN A 123 -31.15 28.85 75.64
N VAL A 124 -30.24 29.34 74.80
CA VAL A 124 -30.45 29.55 73.34
C VAL A 124 -30.66 28.21 72.63
N PHE A 125 -29.92 27.17 73.04
CA PHE A 125 -29.92 25.85 72.35
C PHE A 125 -29.83 24.73 73.39
N GLY A 126 -30.80 24.69 74.30
CA GLY A 126 -30.80 23.83 75.50
C GLY A 126 -30.60 24.65 76.77
N THR A 127 -30.41 23.98 77.90
CA THR A 127 -30.38 24.59 79.26
C THR A 127 -28.92 24.91 79.64
N ASP A 128 -28.63 26.19 79.87
CA ASP A 128 -27.33 26.67 80.42
C ASP A 128 -27.06 25.89 81.72
N LEU A 129 -25.91 25.25 81.83
CA LEU A 129 -25.48 24.61 83.11
C LEU A 129 -25.12 25.72 84.09
N PRO A 130 -25.72 25.75 85.30
CA PRO A 130 -25.44 26.81 86.27
C PRO A 130 -23.98 26.82 86.73
N ASP A 131 -23.37 25.64 86.86
CA ASP A 131 -22.00 25.45 87.43
C ASP A 131 -21.17 24.56 86.51
N LEU A 132 -19.87 24.86 86.41
CA LEU A 132 -18.86 24.11 85.63
C LEU A 132 -17.61 23.92 86.48
N LYS A 133 -16.72 23.03 86.06
CA LYS A 133 -15.36 22.86 86.63
C LYS A 133 -14.33 23.18 85.54
N LEU A 134 -13.29 23.93 85.89
CA LEU A 134 -12.07 24.10 85.07
C LEU A 134 -10.97 23.24 85.68
N GLU A 135 -10.36 22.36 84.88
CA GLU A 135 -9.24 21.46 85.28
C GLU A 135 -8.09 21.65 84.29
N VAL A 136 -6.96 22.17 84.77
CA VAL A 136 -5.73 22.39 83.95
C VAL A 136 -4.63 21.48 84.51
N GLU A 137 -4.22 20.47 83.74
CA GLU A 137 -3.10 19.56 84.10
C GLU A 137 -1.92 19.83 83.17
N TYR A 138 -0.79 20.26 83.71
CA TYR A 138 0.52 20.23 83.02
C TYR A 138 1.03 18.77 83.11
N GLN A 139 0.74 17.97 82.08
CA GLN A 139 1.03 16.50 82.07
C GLN A 139 2.51 16.28 81.77
N THR A 140 3.01 16.85 80.67
CA THR A 140 4.46 16.87 80.30
C THR A 140 4.81 18.30 79.92
N SER A 141 6.10 18.56 79.66
CA SER A 141 6.61 19.87 79.17
C SER A 141 6.05 20.18 77.78
N ASP A 142 5.52 19.17 77.07
CA ASP A 142 4.97 19.28 75.70
C ASP A 142 3.45 19.41 75.71
N ARG A 143 2.76 18.74 76.64
CA ARG A 143 1.28 18.56 76.59
C ARG A 143 0.60 19.21 77.81
N LEU A 144 -0.28 20.19 77.54
CA LEU A 144 -1.16 20.87 78.52
C LEU A 144 -2.60 20.39 78.33
N HIS A 145 -3.22 19.86 79.39
CA HIS A 145 -4.64 19.42 79.42
C HIS A 145 -5.48 20.54 80.03
N VAL A 146 -6.38 21.13 79.23
CA VAL A 146 -7.37 22.16 79.67
C VAL A 146 -8.77 21.59 79.45
N LYS A 147 -9.47 21.27 80.55
CA LYS A 147 -10.79 20.60 80.55
C LYS A 147 -11.81 21.50 81.26
N ILE A 148 -12.91 21.83 80.57
CA ILE A 148 -14.11 22.51 81.15
C ILE A 148 -15.29 21.54 81.01
N LEU A 149 -15.87 21.12 82.15
CA LEU A 149 -16.93 20.09 82.22
C LEU A 149 -17.99 20.49 83.26
N ASP A 150 -19.00 19.65 83.46
CA ASP A 150 -20.05 19.80 84.49
C ASP A 150 -19.43 19.43 85.85
N THR A 151 -20.19 19.57 86.94
CA THR A 151 -19.67 19.43 88.33
C THR A 151 -19.93 18.03 88.91
N ASN A 152 -20.82 17.22 88.31
CA ASN A 152 -21.25 15.91 88.89
C ASN A 152 -21.12 14.79 87.86
N ASN A 153 -20.26 14.95 86.84
CA ASN A 153 -19.89 13.88 85.88
C ASN A 153 -21.15 13.23 85.28
N THR A 154 -22.06 14.02 84.70
CA THR A 154 -23.30 13.52 84.03
C THR A 154 -23.20 13.76 82.52
N VAL A 155 -22.68 14.93 82.10
CA VAL A 155 -22.45 15.26 80.67
C VAL A 155 -21.63 14.13 80.04
N TYR A 156 -21.95 13.75 78.80
CA TYR A 156 -21.26 12.65 78.08
C TYR A 156 -19.78 12.99 77.90
N GLN A 157 -18.91 12.01 78.17
CA GLN A 157 -17.46 12.07 77.83
C GLN A 157 -17.13 10.81 77.05
N VAL A 158 -16.22 10.94 76.07
CA VAL A 158 -15.76 9.81 75.22
C VAL A 158 -15.33 8.69 76.18
N PRO A 159 -15.86 7.46 76.04
CA PRO A 159 -15.48 6.37 76.93
C PRO A 159 -13.96 6.12 76.92
N ASP A 160 -13.41 5.75 78.08
CA ASP A 160 -11.99 5.35 78.26
C ASP A 160 -11.68 4.16 77.34
N SER A 161 -12.65 3.24 77.16
CA SER A 161 -12.65 2.08 76.23
C SER A 161 -12.11 2.50 74.85
N VAL A 162 -12.67 3.57 74.31
CA VAL A 162 -12.57 3.96 72.88
C VAL A 162 -11.32 4.82 72.68
N PHE A 163 -11.05 5.76 73.59
CA PHE A 163 -9.90 6.70 73.55
C PHE A 163 -9.22 6.71 74.91
N PRO A 164 -8.34 5.71 75.20
CA PRO A 164 -7.57 5.70 76.44
C PRO A 164 -6.78 7.01 76.57
N ARG A 165 -6.88 7.69 77.71
CA ARG A 165 -6.36 9.05 77.89
C ARG A 165 -4.86 8.98 78.19
N PRO A 166 -4.06 9.98 77.74
CA PRO A 166 -2.65 10.07 78.09
C PRO A 166 -2.48 10.72 79.47
N GLY A 167 -1.28 10.66 80.04
CA GLY A 167 -0.91 11.39 81.26
C GLY A 167 -0.99 10.55 82.53
N PHE A 168 -1.08 9.22 82.41
CA PHE A 168 -1.03 8.33 83.60
C PHE A 168 0.41 8.31 84.15
N GLY A 169 0.56 8.65 85.42
CA GLY A 169 1.86 8.68 86.12
C GLY A 169 2.73 9.84 85.66
N GLU A 170 2.21 10.72 84.80
CA GLU A 170 2.96 11.88 84.26
C GLU A 170 2.51 13.14 84.98
N TRP A 171 3.45 14.04 85.28
CA TRP A 171 3.16 15.39 85.78
C TRP A 171 4.39 16.29 85.55
N CYS A 172 4.14 17.59 85.39
CA CYS A 172 5.14 18.62 84.99
C CYS A 172 4.92 19.87 85.83
N SER A 173 5.95 20.35 86.52
CA SER A 173 5.90 21.64 87.25
C SER A 173 5.62 22.73 86.21
N PRO A 174 4.66 23.65 86.45
CA PRO A 174 4.26 24.66 85.47
C PRO A 174 5.40 25.40 84.75
N LYS A 175 6.43 25.85 85.48
CA LYS A 175 7.58 26.62 84.93
C LYS A 175 8.43 25.72 84.02
N ASP A 176 8.32 24.39 84.16
CA ASP A 176 9.03 23.38 83.35
C ASP A 176 8.21 23.02 82.10
N SER A 177 7.04 23.64 81.88
CA SER A 177 6.19 23.41 80.69
C SER A 177 6.49 24.46 79.60
N LYS A 178 6.50 24.02 78.34
CA LYS A 178 6.68 24.91 77.15
C LYS A 178 5.47 25.81 76.99
N LEU A 179 4.29 25.37 77.45
CA LEU A 179 3.01 26.13 77.39
C LEU A 179 2.65 26.63 78.80
N LYS A 180 2.10 27.84 78.90
CA LYS A 180 1.64 28.47 80.16
C LYS A 180 0.13 28.75 80.06
N PHE A 181 -0.64 28.42 81.10
CA PHE A 181 -2.10 28.67 81.21
C PHE A 181 -2.34 29.93 82.05
N ASP A 182 -3.13 30.87 81.50
CA ASP A 182 -3.58 32.11 82.18
C ASP A 182 -5.10 32.21 82.03
N PHE A 183 -5.76 32.85 82.99
CA PHE A 183 -7.23 33.01 83.04
C PHE A 183 -7.58 34.39 83.57
N GLN A 184 -8.69 34.95 83.08
CA GLN A 184 -9.46 36.04 83.72
C GLN A 184 -10.62 35.39 84.50
N ALA A 185 -10.88 35.86 85.72
CA ALA A 185 -11.92 35.34 86.63
C ALA A 185 -13.31 35.79 86.14
N ASP A 186 -13.43 37.04 85.71
CA ASP A 186 -14.73 37.71 85.49
C ASP A 186 -14.58 38.83 84.46
N PRO A 187 -15.16 38.72 83.24
CA PRO A 187 -15.77 37.47 82.75
C PRO A 187 -14.73 36.36 82.53
N PHE A 188 -15.12 35.10 82.71
CA PHE A 188 -14.23 33.92 82.53
C PHE A 188 -13.76 33.86 81.08
N SER A 189 -12.44 33.91 80.90
CA SER A 189 -11.70 33.57 79.67
C SER A 189 -10.35 32.97 80.09
N PHE A 190 -9.65 32.33 79.16
CA PHE A 190 -8.31 31.75 79.42
C PHE A 190 -7.43 31.92 78.18
N THR A 191 -6.11 31.88 78.41
CA THR A 191 -5.06 31.99 77.37
C THR A 191 -4.12 30.79 77.55
N VAL A 192 -3.73 30.16 76.43
CA VAL A 192 -2.54 29.27 76.35
C VAL A 192 -1.43 30.05 75.63
N SER A 193 -0.25 30.13 76.23
CA SER A 193 0.91 30.91 75.70
C SER A 193 2.18 30.07 75.74
N ARG A 194 3.18 30.46 74.94
CA ARG A 194 4.54 29.88 74.98
C ARG A 194 5.28 30.46 76.19
N THR A 195 5.77 29.59 77.08
CA THR A 195 6.44 29.94 78.37
C THR A 195 7.71 30.74 78.09
N ASP A 196 8.39 30.49 76.96
CA ASP A 196 9.69 31.12 76.60
C ASP A 196 9.45 32.52 76.03
N THR A 197 8.62 32.65 74.98
CA THR A 197 8.42 33.91 74.20
C THR A 197 7.25 34.73 74.75
N GLY A 198 6.29 34.10 75.42
CA GLY A 198 5.03 34.75 75.85
C GLY A 198 4.01 34.84 74.74
N GLU A 199 4.27 34.23 73.57
CA GLU A 199 3.38 34.29 72.38
C GLU A 199 2.08 33.52 72.69
N VAL A 200 0.94 34.16 72.44
CA VAL A 200 -0.42 33.60 72.68
C VAL A 200 -0.80 32.70 71.48
N LEU A 201 -1.10 31.43 71.77
CA LEU A 201 -1.45 30.37 70.79
C LEU A 201 -2.98 30.18 70.74
N PHE A 202 -3.66 30.46 71.85
CA PHE A 202 -5.13 30.24 72.05
C PHE A 202 -5.62 31.24 73.09
N ASP A 203 -6.68 31.97 72.79
CA ASP A 203 -7.12 33.16 73.57
C ASP A 203 -8.63 33.34 73.40
N THR A 204 -9.40 33.12 74.47
CA THR A 204 -10.89 33.26 74.51
C THR A 204 -11.27 34.58 75.19
N THR A 205 -10.28 35.42 75.55
CA THR A 205 -10.47 36.79 76.09
C THR A 205 -11.49 37.54 75.23
N GLY A 206 -12.53 38.11 75.87
CA GLY A 206 -13.55 38.94 75.21
C GLY A 206 -14.60 38.13 74.47
N ASN A 207 -14.58 36.80 74.63
CA ASN A 207 -15.52 35.88 73.93
C ASN A 207 -16.27 35.05 74.98
N LYS A 208 -17.60 34.97 74.84
CA LYS A 208 -18.51 34.28 75.78
C LYS A 208 -18.24 32.77 75.74
N LEU A 209 -18.07 32.17 76.92
CA LEU A 209 -18.25 30.71 77.15
C LEU A 209 -19.74 30.43 77.35
N VAL A 210 -20.31 29.56 76.52
CA VAL A 210 -21.71 29.07 76.61
C VAL A 210 -21.63 27.55 76.72
N PHE A 211 -22.18 27.01 77.80
CA PHE A 211 -22.15 25.56 78.15
C PHE A 211 -23.57 25.14 78.48
N GLU A 212 -24.22 24.44 77.55
CA GLU A 212 -25.65 24.04 77.66
C GLU A 212 -25.76 22.53 77.45
N SER A 213 -26.91 21.98 77.84
CA SER A 213 -27.30 20.55 77.71
C SER A 213 -26.96 20.04 76.30
N GLN A 214 -27.20 20.87 75.28
CA GLN A 214 -27.18 20.45 73.86
C GLN A 214 -26.40 21.46 72.99
N TYR A 215 -25.58 22.31 73.60
CA TYR A 215 -24.80 23.36 72.87
C TYR A 215 -23.66 23.87 73.74
N VAL A 216 -22.42 23.71 73.25
CA VAL A 216 -21.17 24.20 73.89
C VAL A 216 -20.42 25.06 72.87
N TYR A 217 -20.19 26.33 73.20
CA TYR A 217 -19.57 27.35 72.32
C TYR A 217 -18.32 27.92 73.00
N LEU A 218 -17.19 27.85 72.30
CA LEU A 218 -15.90 28.47 72.68
C LEU A 218 -15.24 29.07 71.44
N LYS A 219 -14.70 30.29 71.57
CA LYS A 219 -14.11 31.05 70.45
C LYS A 219 -12.72 31.54 70.86
N THR A 220 -11.70 31.27 70.01
CA THR A 220 -10.32 31.76 70.21
C THR A 220 -10.00 32.82 69.16
N HIS A 221 -9.26 33.86 69.55
CA HIS A 221 -8.50 34.75 68.64
C HIS A 221 -7.44 33.91 67.91
N LEU A 222 -7.06 34.34 66.71
CA LEU A 222 -5.90 33.81 65.93
C LEU A 222 -5.17 34.98 65.30
N PRO A 223 -3.88 34.80 64.89
CA PRO A 223 -3.19 35.84 64.14
C PRO A 223 -3.89 36.09 62.79
N GLN A 224 -3.72 37.30 62.25
CA GLN A 224 -4.11 37.65 60.85
C GLN A 224 -3.46 36.65 59.90
N ASN A 225 -4.23 36.09 58.95
CA ASN A 225 -3.74 35.15 57.91
C ASN A 225 -3.09 33.94 58.56
N PRO A 226 -3.82 33.17 59.40
CA PRO A 226 -3.24 32.02 60.08
C PRO A 226 -3.13 30.82 59.12
N HIS A 227 -2.38 29.81 59.54
CA HIS A 227 -2.09 28.58 58.75
C HIS A 227 -2.53 27.38 59.58
N LEU A 228 -3.79 26.96 59.39
CA LEU A 228 -4.45 25.87 60.17
C LEU A 228 -4.56 24.62 59.28
N TYR A 229 -4.38 23.44 59.90
CA TYR A 229 -4.40 22.11 59.23
C TYR A 229 -5.18 21.13 60.11
N GLY A 230 -6.05 20.31 59.49
CA GLY A 230 -6.80 19.22 60.16
C GLY A 230 -8.28 19.48 60.23
N LEU A 231 -8.91 19.01 61.32
CA LEU A 231 -10.36 19.20 61.63
C LEU A 231 -11.20 18.55 60.52
N GLY A 232 -10.72 17.45 59.95
CA GLY A 232 -11.45 16.66 58.94
C GLY A 232 -12.30 15.60 59.62
N GLU A 233 -12.58 14.50 58.90
CA GLU A 233 -12.15 14.27 57.55
C GLU A 233 -12.81 15.27 56.60
N HIS A 234 -12.03 15.95 55.76
CA HIS A 234 -12.55 16.92 54.74
C HIS A 234 -11.80 16.73 53.41
N SER A 235 -12.32 17.36 52.34
CA SER A 235 -11.80 17.30 50.95
C SER A 235 -11.50 18.71 50.44
N ASP A 236 -11.35 19.66 51.36
CA ASP A 236 -10.98 21.08 51.08
C ASP A 236 -9.46 21.22 51.05
N ALA A 237 -8.98 22.42 50.73
CA ALA A 237 -7.57 22.85 50.80
C ALA A 237 -6.96 22.39 52.14
N PHE A 238 -5.76 21.82 52.11
CA PHE A 238 -5.02 21.28 53.28
C PHE A 238 -4.84 22.38 54.32
N MET A 239 -4.33 23.54 53.89
CA MET A 239 -4.32 24.78 54.71
C MET A 239 -5.74 25.35 54.68
N LEU A 240 -6.41 25.33 55.83
CA LEU A 240 -7.85 25.66 55.97
C LEU A 240 -8.09 27.11 55.54
N ASN A 241 -9.18 27.34 54.78
CA ASN A 241 -9.77 28.67 54.53
C ASN A 241 -9.88 29.42 55.86
N THR A 242 -9.71 30.74 55.84
CA THR A 242 -9.66 31.60 57.05
C THR A 242 -10.84 32.58 57.05
N THR A 243 -11.53 32.74 55.92
CA THR A 243 -12.71 33.63 55.74
C THR A 243 -13.97 32.78 55.49
N ASN A 244 -15.03 33.05 56.26
CA ASN A 244 -16.39 32.47 56.04
C ASN A 244 -16.25 30.98 55.68
N TYR A 245 -15.52 30.22 56.51
CA TYR A 245 -15.25 28.78 56.31
C TYR A 245 -15.96 27.96 57.39
N THR A 246 -16.96 27.18 56.98
CA THR A 246 -17.66 26.19 57.83
C THR A 246 -16.93 24.85 57.70
N ARG A 247 -16.58 24.26 58.83
CA ARG A 247 -15.98 22.90 58.93
C ARG A 247 -16.82 22.09 59.90
N THR A 248 -17.68 21.20 59.38
CA THR A 248 -18.64 20.40 60.17
C THR A 248 -18.07 19.00 60.39
N ILE A 249 -17.92 18.60 61.65
CA ILE A 249 -17.41 17.25 62.05
C ILE A 249 -18.60 16.42 62.56
N TYR A 250 -19.02 15.46 61.75
CA TYR A 250 -20.12 14.49 62.03
C TYR A 250 -20.07 13.42 60.95
N THR A 251 -19.78 12.16 61.33
CA THR A 251 -19.51 11.07 60.35
C THR A 251 -20.79 10.83 59.53
N ARG A 252 -20.68 10.87 58.20
CA ARG A 252 -21.84 10.58 57.32
C ARG A 252 -21.35 9.93 56.01
N ASP A 253 -22.23 9.13 55.40
CA ASP A 253 -22.05 8.52 54.06
C ASP A 253 -22.17 9.62 53.01
N ALA A 254 -21.05 10.24 52.62
CA ALA A 254 -21.00 11.43 51.74
C ALA A 254 -20.43 11.06 50.37
N TYR A 255 -21.29 10.52 49.49
CA TYR A 255 -20.93 10.13 48.11
C TYR A 255 -20.31 11.32 47.37
N GLY A 256 -19.21 11.07 46.65
CA GLY A 256 -18.43 12.08 45.92
C GLY A 256 -17.56 12.92 46.85
N THR A 257 -17.40 12.51 48.11
CA THR A 257 -16.57 13.21 49.14
C THR A 257 -16.65 14.72 48.91
N PRO A 258 -17.84 15.33 49.00
CA PRO A 258 -18.04 16.71 48.58
C PRO A 258 -17.22 17.70 49.42
N GLN A 259 -16.65 18.70 48.76
CA GLN A 259 -15.94 19.85 49.38
C GLN A 259 -16.94 20.66 50.21
N GLY A 260 -16.52 21.18 51.37
CA GLY A 260 -17.30 22.07 52.23
C GLY A 260 -18.42 21.35 52.97
N GLU A 261 -18.32 20.02 53.11
CA GLU A 261 -19.36 19.16 53.76
C GLU A 261 -18.69 18.10 54.64
N ASN A 262 -19.39 17.68 55.70
CA ASN A 262 -18.94 16.62 56.63
C ASN A 262 -18.84 15.28 55.87
N LEU A 263 -17.70 14.60 55.99
CA LEU A 263 -17.42 13.30 55.33
C LEU A 263 -17.39 12.18 56.38
N TYR A 264 -16.73 11.06 56.09
CA TYR A 264 -16.92 9.75 56.76
C TYR A 264 -16.30 9.72 58.17
N GLY A 265 -15.19 10.43 58.39
CA GLY A 265 -14.41 10.37 59.64
C GLY A 265 -14.52 11.66 60.44
N ALA A 266 -14.06 11.63 61.70
CA ALA A 266 -14.13 12.77 62.65
C ALA A 266 -12.81 12.88 63.43
N HIS A 267 -12.04 13.95 63.16
CA HIS A 267 -10.67 14.16 63.73
C HIS A 267 -10.53 15.60 64.21
N PRO A 268 -11.05 15.93 65.41
CA PRO A 268 -11.03 17.30 65.92
C PRO A 268 -9.65 17.83 66.37
N ILE A 269 -8.63 17.64 65.53
CA ILE A 269 -7.22 18.12 65.76
C ILE A 269 -6.93 19.18 64.70
N TYR A 270 -6.38 20.33 65.11
CA TYR A 270 -5.77 21.31 64.15
C TYR A 270 -4.32 21.58 64.54
N PHE A 271 -3.47 21.66 63.52
CA PHE A 271 -2.08 22.19 63.60
C PHE A 271 -2.16 23.68 63.28
N ASP A 272 -1.53 24.51 64.12
CA ASP A 272 -1.40 25.97 63.94
C ASP A 272 0.07 26.23 63.65
N HIS A 273 0.42 26.50 62.39
CA HIS A 273 1.81 26.72 61.95
C HIS A 273 2.09 28.22 61.83
N ARG A 274 3.13 28.70 62.53
CA ARG A 274 3.59 30.10 62.51
C ARG A 274 5.09 30.13 62.22
N GLN A 275 5.62 31.28 61.80
CA GLN A 275 7.08 31.49 61.56
C GLN A 275 7.85 31.21 62.86
N THR A 276 7.24 31.46 64.01
CA THR A 276 7.83 31.32 65.37
C THR A 276 7.72 29.87 65.89
N GLY A 277 6.97 29.00 65.20
CA GLY A 277 6.84 27.58 65.56
C GLY A 277 5.45 27.03 65.29
N THR A 278 5.30 25.71 65.41
CA THR A 278 4.04 24.95 65.22
C THR A 278 3.52 24.47 66.59
N HIS A 279 2.20 24.48 66.77
CA HIS A 279 1.52 23.93 67.98
C HIS A 279 0.25 23.19 67.53
N GLY A 280 -0.33 22.39 68.43
CA GLY A 280 -1.51 21.56 68.16
C GLY A 280 -2.59 21.77 69.21
N VAL A 281 -3.84 21.80 68.75
CA VAL A 281 -5.06 21.96 69.59
C VAL A 281 -5.98 20.78 69.26
N PHE A 282 -6.16 19.85 70.20
CA PHE A 282 -7.00 18.63 70.07
C PHE A 282 -8.22 18.76 70.99
N LEU A 283 -9.42 18.60 70.44
CA LEU A 283 -10.68 18.54 71.22
C LEU A 283 -11.16 17.09 71.26
N LEU A 284 -11.00 16.42 72.41
CA LEU A 284 -11.45 15.02 72.62
C LEU A 284 -12.95 15.04 72.88
N ASN A 285 -13.73 15.29 71.81
CA ASN A 285 -15.21 15.39 71.84
C ASN A 285 -15.76 14.69 70.58
N SER A 286 -16.71 13.77 70.75
CA SER A 286 -17.25 12.88 69.69
C SER A 286 -18.66 13.30 69.30
N ASN A 287 -19.12 14.45 69.78
CA ASN A 287 -20.42 15.07 69.40
C ASN A 287 -20.27 15.75 68.05
N GLY A 288 -21.38 15.96 67.34
CA GLY A 288 -21.44 16.78 66.13
C GLY A 288 -21.06 18.22 66.44
N MET A 289 -20.34 18.88 65.53
CA MET A 289 -19.93 20.29 65.75
C MET A 289 -19.78 20.99 64.41
N ASP A 290 -20.10 22.28 64.39
CA ASP A 290 -19.75 23.25 63.32
C ASP A 290 -18.59 24.10 63.84
N ILE A 291 -17.42 23.97 63.23
CA ILE A 291 -16.28 24.91 63.43
C ILE A 291 -16.37 25.95 62.32
N PHE A 292 -16.32 27.22 62.70
CA PHE A 292 -16.40 28.40 61.80
C PHE A 292 -15.13 29.22 61.98
N ILE A 293 -14.38 29.41 60.90
CA ILE A 293 -13.14 30.24 60.85
C ILE A 293 -13.45 31.46 59.98
N ASP A 294 -13.25 32.67 60.50
CA ASP A 294 -13.66 33.94 59.83
C ASP A 294 -12.85 35.12 60.35
N ASN A 295 -12.84 36.24 59.61
CA ASN A 295 -12.10 37.48 59.94
C ASN A 295 -13.08 38.66 60.00
N ASN A 296 -14.27 38.47 60.62
CA ASN A 296 -15.22 39.55 60.96
C ASN A 296 -14.67 40.31 62.17
N ALA A 297 -14.26 41.57 61.97
CA ALA A 297 -13.44 42.39 62.89
C ALA A 297 -12.00 41.85 62.90
N THR A 298 -11.72 40.84 63.73
CA THR A 298 -10.39 40.17 63.85
C THR A 298 -10.55 38.70 63.39
N GLN A 299 -9.42 38.00 63.22
CA GLN A 299 -9.40 36.56 62.84
C GLN A 299 -9.76 35.73 64.07
N TYR A 300 -10.61 34.71 63.91
CA TYR A 300 -11.03 33.80 64.99
C TYR A 300 -11.35 32.41 64.45
N LEU A 301 -11.41 31.44 65.36
CA LEU A 301 -11.99 30.08 65.14
C LEU A 301 -12.94 29.80 66.30
N GLU A 302 -14.18 29.38 66.01
CA GLU A 302 -15.17 29.02 67.05
C GLU A 302 -15.60 27.56 66.89
N TYR A 303 -15.83 26.88 68.02
CA TYR A 303 -16.44 25.53 68.13
C TYR A 303 -17.92 25.68 68.51
N ASN A 304 -18.82 25.12 67.68
CA ASN A 304 -20.26 24.96 68.00
C ASN A 304 -20.53 23.46 68.14
N ILE A 305 -20.57 22.96 69.37
CA ILE A 305 -20.64 21.51 69.71
C ILE A 305 -21.99 21.26 70.38
N ILE A 306 -22.69 20.19 69.97
CA ILE A 306 -24.10 19.93 70.39
C ILE A 306 -24.12 18.96 71.58
N GLY A 307 -22.97 18.75 72.23
CA GLY A 307 -22.91 17.92 73.46
C GLY A 307 -21.51 17.83 74.03
N GLY A 308 -21.38 17.11 75.14
CA GLY A 308 -20.09 16.75 75.74
C GLY A 308 -19.46 17.94 76.45
N VAL A 309 -18.16 17.83 76.72
CA VAL A 309 -17.36 18.83 77.49
C VAL A 309 -16.26 19.36 76.57
N LEU A 310 -15.69 20.52 76.94
CA LEU A 310 -14.52 21.13 76.27
C LEU A 310 -13.26 20.46 76.82
N ASP A 311 -12.88 19.33 76.24
CA ASP A 311 -11.73 18.49 76.70
C ASP A 311 -10.57 18.70 75.74
N PHE A 312 -9.68 19.64 76.05
CA PHE A 312 -8.58 20.11 75.16
C PHE A 312 -7.24 19.55 75.62
N TYR A 313 -6.43 19.13 74.65
CA TYR A 313 -4.96 18.92 74.79
C TYR A 313 -4.25 19.94 73.90
N PHE A 314 -3.41 20.79 74.50
CA PHE A 314 -2.48 21.70 73.78
C PHE A 314 -1.11 21.05 73.74
N ILE A 315 -0.49 21.03 72.56
CA ILE A 315 0.84 20.41 72.31
C ILE A 315 1.74 21.45 71.64
N ALA A 316 2.95 21.63 72.19
CA ALA A 316 3.79 22.85 72.02
C ALA A 316 4.65 22.78 70.75
N GLY A 317 4.80 21.61 70.13
CA GLY A 317 5.84 21.40 69.10
C GLY A 317 7.23 21.66 69.70
N PRO A 318 8.02 22.66 69.22
CA PRO A 318 7.61 23.62 68.21
C PRO A 318 7.83 23.30 66.71
N SER A 319 8.37 22.13 66.35
CA SER A 319 8.49 21.71 64.93
C SER A 319 7.18 21.04 64.48
N PRO A 320 6.83 21.09 63.18
CA PRO A 320 5.67 20.36 62.68
C PRO A 320 5.69 18.86 63.03
N ARG A 321 6.86 18.22 62.94
CA ARG A 321 7.06 16.80 63.32
C ARG A 321 6.89 16.63 64.84
N ASP A 322 7.32 17.60 65.65
CA ASP A 322 7.19 17.57 67.13
C ASP A 322 5.70 17.46 67.49
N VAL A 323 4.86 18.28 66.85
CA VAL A 323 3.38 18.29 67.08
C VAL A 323 2.82 16.92 66.70
N ALA A 324 3.23 16.36 65.56
CA ALA A 324 2.83 15.03 65.06
C ALA A 324 3.18 13.97 66.11
N ILE A 325 4.43 13.99 66.60
CA ILE A 325 4.96 13.03 67.63
C ILE A 325 4.17 13.21 68.93
N GLN A 326 3.91 14.46 69.34
CA GLN A 326 3.21 14.78 70.61
C GLN A 326 1.75 14.33 70.51
N TYR A 327 1.12 14.52 69.34
CA TYR A 327 -0.27 14.09 69.07
C TYR A 327 -0.34 12.56 69.10
N ALA A 328 0.73 11.86 68.69
CA ALA A 328 0.83 10.38 68.73
C ALA A 328 0.90 9.89 70.17
N GLU A 329 1.36 10.71 71.11
CA GLU A 329 1.36 10.39 72.57
C GLU A 329 -0.10 10.31 73.07
N ILE A 330 -1.00 11.07 72.46
CA ILE A 330 -2.44 11.16 72.83
C ILE A 330 -3.23 10.05 72.12
N THR A 331 -3.13 9.95 70.79
CA THR A 331 -3.87 8.96 69.97
C THR A 331 -3.32 7.54 70.20
N GLN A 332 -2.07 7.46 70.66
CA GLN A 332 -1.19 6.26 70.58
C GLN A 332 -0.69 6.14 69.15
N THR A 333 0.57 5.71 69.00
CA THR A 333 1.26 5.51 67.70
C THR A 333 0.43 4.56 66.83
N PRO A 334 0.47 4.71 65.49
CA PRO A 334 -0.31 3.83 64.61
C PRO A 334 0.25 2.40 64.60
N LEU A 335 -0.64 1.41 64.41
CA LEU A 335 -0.22 0.00 64.24
C LEU A 335 0.67 -0.08 63.00
N MET A 336 1.55 -1.09 62.97
CA MET A 336 2.48 -1.34 61.84
C MET A 336 1.68 -2.09 60.75
N THR A 337 2.11 -1.98 59.49
CA THR A 337 1.43 -2.50 58.29
C THR A 337 2.18 -3.74 57.79
N PRO A 338 1.50 -4.73 57.18
CA PRO A 338 2.20 -5.80 56.48
C PRO A 338 2.93 -5.23 55.25
N TYR A 339 4.10 -5.79 54.94
CA TYR A 339 4.99 -5.36 53.82
C TYR A 339 4.23 -5.51 52.50
N TRP A 340 3.54 -6.64 52.30
CA TRP A 340 2.81 -6.95 51.04
C TRP A 340 1.67 -5.95 50.83
N GLY A 341 1.19 -5.32 51.91
CA GLY A 341 0.07 -4.35 51.85
C GLY A 341 0.43 -3.14 51.03
N LEU A 342 1.71 -2.78 50.99
CA LEU A 342 2.23 -1.61 50.21
C LEU A 342 2.22 -1.93 48.72
N GLY A 343 2.02 -3.20 48.33
CA GLY A 343 1.81 -3.61 46.93
C GLY A 343 0.51 -3.04 46.38
N TYR A 344 0.35 -3.09 45.05
CA TYR A 344 -0.82 -2.53 44.33
C TYR A 344 -2.04 -3.43 44.55
N HIS A 345 -3.19 -2.81 44.79
CA HIS A 345 -4.52 -3.43 45.04
C HIS A 345 -5.45 -3.13 43.87
N GLN A 346 -6.18 -4.13 43.36
CA GLN A 346 -7.24 -3.96 42.33
C GLN A 346 -8.59 -4.37 42.93
N CYS A 347 -9.59 -3.49 42.83
CA CYS A 347 -10.99 -3.76 43.23
C CYS A 347 -11.95 -3.19 42.18
N LYS A 348 -13.18 -3.70 42.17
CA LYS A 348 -14.35 -3.08 41.49
C LYS A 348 -15.62 -3.54 42.19
N TYR A 349 -16.54 -2.61 42.42
CA TYR A 349 -17.97 -2.90 42.67
C TYR A 349 -18.54 -3.32 41.30
N GLY A 350 -18.99 -4.58 41.17
CA GLY A 350 -19.59 -5.10 39.93
C GLY A 350 -18.92 -6.36 39.40
N TYR A 351 -17.82 -6.83 40.02
CA TYR A 351 -17.17 -8.13 39.68
C TYR A 351 -18.17 -9.24 39.99
N GLN A 352 -18.79 -9.80 38.94
CA GLN A 352 -20.09 -10.50 39.03
C GLN A 352 -19.93 -11.94 39.54
N ASP A 353 -18.75 -12.55 39.36
CA ASP A 353 -18.52 -13.97 39.74
C ASP A 353 -17.01 -14.26 39.86
N VAL A 354 -16.67 -15.44 40.38
CA VAL A 354 -15.27 -15.95 40.56
C VAL A 354 -14.52 -15.90 39.22
N TYR A 355 -15.22 -16.02 38.09
CA TYR A 355 -14.60 -16.02 36.74
C TYR A 355 -14.01 -14.63 36.44
N GLU A 356 -14.75 -13.54 36.72
CA GLU A 356 -14.26 -12.17 36.43
C GLU A 356 -13.05 -11.86 37.31
N VAL A 357 -13.06 -12.26 38.59
CA VAL A 357 -11.94 -11.97 39.54
C VAL A 357 -10.67 -12.63 38.98
N ALA A 358 -10.75 -13.93 38.67
CA ALA A 358 -9.67 -14.73 38.03
C ALA A 358 -9.13 -14.01 36.78
N ALA A 359 -10.01 -13.59 35.87
CA ALA A 359 -9.63 -13.00 34.56
C ALA A 359 -8.84 -11.69 34.76
N VAL A 360 -9.24 -10.87 35.75
CA VAL A 360 -8.55 -9.59 36.09
C VAL A 360 -7.11 -9.90 36.52
N VAL A 361 -6.94 -10.85 37.43
CA VAL A 361 -5.61 -11.26 37.99
C VAL A 361 -4.70 -11.65 36.82
N ALA A 362 -5.14 -12.56 35.94
CA ALA A 362 -4.36 -13.11 34.81
C ALA A 362 -4.07 -12.01 33.78
N ASN A 363 -5.01 -11.09 33.57
CA ASN A 363 -4.86 -9.97 32.59
C ASN A 363 -3.78 -8.99 33.07
N TYR A 364 -3.59 -8.82 34.38
CA TYR A 364 -2.50 -7.98 34.96
C TYR A 364 -1.14 -8.63 34.65
N SER A 365 -1.00 -9.94 34.91
CA SER A 365 0.26 -10.70 34.70
C SER A 365 0.59 -10.80 33.20
N THR A 366 -0.42 -11.04 32.35
CA THR A 366 -0.27 -11.15 30.87
C THR A 366 0.26 -9.81 30.33
N ASN A 367 -0.21 -8.69 30.90
CA ASN A 367 0.15 -7.31 30.47
C ASN A 367 1.36 -6.78 31.27
N ASN A 368 1.99 -7.63 32.07
CA ASN A 368 3.26 -7.33 32.77
C ASN A 368 3.11 -6.03 33.60
N ILE A 369 2.00 -5.92 34.34
CA ILE A 369 1.77 -4.87 35.38
C ILE A 369 1.70 -5.59 36.73
N PRO A 370 2.62 -5.30 37.68
CA PRO A 370 2.58 -5.96 38.98
C PRO A 370 1.22 -5.77 39.67
N LEU A 371 0.69 -6.85 40.26
CA LEU A 371 -0.54 -6.85 41.09
C LEU A 371 -0.29 -7.72 42.33
N GLU A 372 -0.42 -7.12 43.52
CA GLU A 372 -0.13 -7.81 44.81
C GLU A 372 -1.41 -8.46 45.33
N THR A 373 -2.53 -7.72 45.29
CA THR A 373 -3.80 -8.06 45.99
C THR A 373 -4.98 -7.78 45.05
N ILE A 374 -5.86 -8.77 44.88
CA ILE A 374 -7.17 -8.61 44.17
C ILE A 374 -8.26 -8.61 45.23
N TRP A 375 -9.29 -7.78 45.04
CA TRP A 375 -10.41 -7.58 46.01
C TRP A 375 -11.73 -8.07 45.39
N THR A 376 -12.77 -8.13 46.21
CA THR A 376 -14.19 -8.26 45.80
C THR A 376 -15.07 -7.48 46.77
N ASP A 377 -15.95 -6.63 46.22
CA ASP A 377 -16.97 -5.84 46.96
C ASP A 377 -18.15 -6.75 47.29
N ILE A 378 -19.34 -6.16 47.49
CA ILE A 378 -20.59 -6.80 47.99
C ILE A 378 -21.04 -7.93 47.04
N ASP A 379 -20.53 -7.98 45.80
CA ASP A 379 -20.96 -8.96 44.77
C ASP A 379 -20.77 -10.41 45.26
N TYR A 380 -19.76 -10.69 46.10
CA TYR A 380 -19.44 -12.08 46.58
C TYR A 380 -20.62 -12.63 47.38
N MET A 381 -21.29 -11.78 48.15
CA MET A 381 -22.33 -12.16 49.14
C MET A 381 -23.56 -12.77 48.45
N ASP A 382 -24.36 -13.55 49.19
CA ASP A 382 -25.70 -14.01 48.78
C ASP A 382 -26.68 -12.83 48.92
N ARG A 383 -27.10 -12.25 47.79
CA ARG A 383 -28.06 -11.12 47.72
C ARG A 383 -27.63 -10.05 48.73
N ARG A 384 -26.32 -9.81 48.83
CA ARG A 384 -25.68 -8.69 49.57
C ARG A 384 -25.84 -8.87 51.08
N ARG A 385 -26.02 -10.10 51.56
CA ARG A 385 -26.12 -10.43 53.00
C ARG A 385 -24.73 -10.78 53.55
N ILE A 386 -24.27 -10.10 54.60
CA ILE A 386 -22.89 -10.28 55.14
C ILE A 386 -22.75 -11.70 55.69
N PHE A 387 -21.53 -12.23 55.64
CA PHE A 387 -21.17 -13.60 56.10
C PHE A 387 -22.03 -14.63 55.37
N THR A 388 -22.27 -14.41 54.08
CA THR A 388 -22.82 -15.39 53.11
C THR A 388 -22.01 -15.30 51.81
N ILE A 389 -22.11 -16.32 50.95
CA ILE A 389 -21.52 -16.34 49.58
C ILE A 389 -22.65 -16.63 48.59
N ASP A 390 -22.62 -15.96 47.43
CA ASP A 390 -23.53 -16.26 46.30
C ASP A 390 -23.31 -17.70 45.88
N PRO A 391 -24.27 -18.63 46.10
CA PRO A 391 -24.05 -20.05 45.85
C PRO A 391 -23.97 -20.39 44.36
N GLU A 392 -24.38 -19.47 43.48
CA GLU A 392 -24.37 -19.63 42.01
C GLU A 392 -23.10 -19.01 41.40
N ARG A 393 -22.71 -17.82 41.86
CA ARG A 393 -21.66 -16.97 41.23
C ARG A 393 -20.35 -17.06 42.02
N PHE A 394 -20.41 -17.36 43.32
CA PHE A 394 -19.24 -17.55 44.21
C PHE A 394 -19.38 -18.87 44.97
N PRO A 395 -19.59 -20.01 44.26
CA PRO A 395 -19.81 -21.29 44.92
C PRO A 395 -18.53 -21.68 45.67
N ALA A 396 -18.66 -22.21 46.88
CA ALA A 396 -17.54 -22.51 47.80
C ALA A 396 -16.36 -23.11 47.03
N ASN A 397 -16.61 -24.19 46.29
CA ASN A 397 -15.59 -25.02 45.58
C ASN A 397 -14.75 -24.14 44.65
N LEU A 398 -15.39 -23.29 43.85
CA LEU A 398 -14.71 -22.43 42.85
C LEU A 398 -14.09 -21.21 43.56
N TYR A 399 -14.69 -20.77 44.66
CA TYR A 399 -14.16 -19.66 45.51
C TYR A 399 -12.84 -20.13 46.14
N LYS A 400 -12.78 -21.39 46.57
CA LYS A 400 -11.55 -22.01 47.13
C LYS A 400 -10.47 -22.08 46.05
N ASP A 401 -10.81 -22.56 44.85
CA ASP A 401 -9.88 -22.70 43.70
C ASP A 401 -9.30 -21.33 43.34
N LEU A 402 -10.13 -20.29 43.38
CA LEU A 402 -9.73 -18.88 43.09
C LEU A 402 -8.69 -18.43 44.12
N VAL A 403 -8.99 -18.58 45.42
CA VAL A 403 -8.14 -18.06 46.53
C VAL A 403 -6.86 -18.90 46.63
N ASP A 404 -6.92 -20.20 46.32
CA ASP A 404 -5.74 -21.12 46.28
C ASP A 404 -4.77 -20.66 45.19
N THR A 405 -5.27 -20.34 44.00
CA THR A 405 -4.45 -19.90 42.83
C THR A 405 -3.86 -18.51 43.13
N ILE A 406 -4.66 -17.61 43.71
CA ILE A 406 -4.18 -16.28 44.16
C ILE A 406 -2.98 -16.50 45.09
N HIS A 407 -3.13 -17.34 46.12
CA HIS A 407 -2.08 -17.59 47.15
C HIS A 407 -0.87 -18.31 46.52
N ALA A 408 -1.10 -19.25 45.60
CA ALA A 408 -0.05 -20.04 44.91
C ALA A 408 0.85 -19.11 44.09
N ARG A 409 0.30 -18.01 43.57
CA ARG A 409 1.04 -16.97 42.79
C ARG A 409 1.69 -15.94 43.73
N ASP A 410 1.58 -16.13 45.05
CA ASP A 410 2.11 -15.24 46.12
C ASP A 410 1.36 -13.90 46.10
N GLN A 411 0.07 -13.92 45.72
CA GLN A 411 -0.83 -12.74 45.77
C GLN A 411 -1.80 -12.93 46.95
N HIS A 412 -2.59 -11.89 47.26
CA HIS A 412 -3.44 -11.79 48.46
C HIS A 412 -4.88 -11.46 48.05
N TYR A 413 -5.85 -11.80 48.90
CA TYR A 413 -7.30 -11.60 48.67
C TYR A 413 -7.91 -10.82 49.83
N ILE A 414 -8.64 -9.73 49.52
CA ILE A 414 -9.39 -8.88 50.48
C ILE A 414 -10.82 -8.71 49.99
N VAL A 415 -11.81 -8.82 50.88
CA VAL A 415 -13.24 -8.58 50.54
C VAL A 415 -13.85 -7.61 51.57
N MET A 416 -14.98 -7.02 51.19
CA MET A 416 -15.73 -5.99 51.98
C MET A 416 -16.60 -6.68 53.02
N VAL A 417 -16.72 -6.04 54.19
CA VAL A 417 -17.71 -6.37 55.27
C VAL A 417 -18.31 -5.05 55.73
N ASP A 418 -19.61 -5.08 56.09
CA ASP A 418 -20.40 -3.91 56.56
C ASP A 418 -21.15 -4.33 57.80
N PRO A 419 -21.70 -3.38 58.60
CA PRO A 419 -22.33 -3.71 59.87
C PRO A 419 -23.76 -4.22 59.74
N ALA A 420 -24.42 -3.98 58.60
CA ALA A 420 -25.84 -4.28 58.38
C ALA A 420 -26.06 -5.80 58.30
N VAL A 421 -26.92 -6.33 59.18
CA VAL A 421 -27.29 -7.77 59.28
C VAL A 421 -28.76 -7.93 58.85
N TYR A 422 -28.99 -8.55 57.70
CA TYR A 422 -30.32 -8.89 57.13
C TYR A 422 -31.13 -9.68 58.17
N TYR A 423 -32.38 -9.30 58.44
CA TYR A 423 -33.23 -9.93 59.49
C TYR A 423 -34.48 -10.59 58.93
N LYS A 424 -34.74 -10.46 57.62
CA LYS A 424 -36.01 -10.92 56.99
C LYS A 424 -35.93 -12.42 56.65
N GLU A 425 -34.73 -13.01 56.54
CA GLU A 425 -34.54 -14.48 56.43
C GLU A 425 -33.36 -14.91 57.29
N SER A 426 -33.34 -16.19 57.68
CA SER A 426 -32.26 -16.81 58.52
C SER A 426 -30.91 -16.71 57.81
N ASN A 427 -29.87 -16.35 58.56
CA ASN A 427 -28.46 -16.30 58.09
C ASN A 427 -27.56 -16.26 59.33
N PRO A 428 -26.34 -16.85 59.29
CA PRO A 428 -25.47 -16.92 60.48
C PRO A 428 -25.39 -15.64 61.31
N ALA A 429 -25.25 -14.47 60.67
CA ALA A 429 -25.03 -13.16 61.33
C ALA A 429 -26.26 -12.77 62.14
N LEU A 430 -27.45 -12.93 61.57
CA LEU A 430 -28.76 -12.69 62.24
C LEU A 430 -28.93 -13.68 63.39
N ASP A 431 -28.92 -14.99 63.08
CA ASP A 431 -29.20 -16.10 64.04
C ASP A 431 -28.32 -15.95 65.27
N GLU A 432 -26.99 -15.91 65.10
CA GLU A 432 -26.03 -15.75 66.22
C GLU A 432 -26.18 -14.36 66.85
N GLY A 433 -26.49 -13.35 66.04
CA GLY A 433 -26.73 -11.96 66.50
C GLY A 433 -27.82 -11.89 67.55
N LEU A 434 -28.99 -12.48 67.25
CA LEU A 434 -30.16 -12.54 68.18
C LEU A 434 -29.81 -13.38 69.40
N ARG A 435 -29.08 -14.48 69.22
CA ARG A 435 -28.70 -15.42 70.31
C ARG A 435 -27.83 -14.69 71.34
N TYR A 436 -26.80 -13.98 70.89
CA TYR A 436 -25.89 -13.17 71.76
C TYR A 436 -26.60 -11.89 72.19
N ASP A 437 -27.64 -11.46 71.47
CA ASP A 437 -28.54 -10.32 71.80
C ASP A 437 -27.73 -9.01 71.76
N ILE A 438 -27.01 -8.77 70.67
CA ILE A 438 -25.95 -7.72 70.55
C ILE A 438 -26.40 -6.60 69.60
N PHE A 439 -27.67 -6.59 69.16
CA PHE A 439 -28.20 -5.60 68.20
C PHE A 439 -28.73 -4.38 68.96
N MET A 440 -28.44 -3.18 68.43
CA MET A 440 -28.98 -1.89 68.91
C MET A 440 -30.50 -1.98 68.94
N LYS A 441 -31.12 -1.53 70.04
CA LYS A 441 -32.54 -1.76 70.37
C LYS A 441 -33.27 -0.43 70.52
N GLU A 442 -34.55 -0.45 70.17
CA GLU A 442 -35.52 0.66 70.34
C GLU A 442 -35.92 0.73 71.82
N ASN A 443 -36.56 1.83 72.24
CA ASN A 443 -37.07 2.02 73.63
C ASN A 443 -37.96 0.82 74.05
N ASN A 444 -38.85 0.36 73.15
CA ASN A 444 -39.79 -0.77 73.41
C ASN A 444 -39.02 -2.10 73.53
N GLY A 445 -37.71 -2.09 73.26
CA GLY A 445 -36.80 -3.24 73.51
C GLY A 445 -36.64 -4.13 72.29
N SER A 446 -37.43 -3.91 71.23
CA SER A 446 -37.30 -4.63 69.93
C SER A 446 -36.08 -4.07 69.18
N GLU A 447 -35.34 -4.92 68.48
CA GLU A 447 -34.10 -4.55 67.73
C GLU A 447 -34.43 -3.44 66.73
N TYR A 448 -33.58 -2.41 66.66
CA TYR A 448 -33.67 -1.27 65.73
C TYR A 448 -33.65 -1.78 64.28
N GLN A 449 -34.55 -1.23 63.45
CA GLN A 449 -34.73 -1.59 62.03
C GLN A 449 -34.21 -0.45 61.14
N GLY A 450 -33.36 -0.80 60.18
CA GLY A 450 -32.97 0.07 59.05
C GLY A 450 -33.05 -0.71 57.75
N VAL A 451 -32.54 -0.14 56.67
CA VAL A 451 -32.43 -0.82 55.35
C VAL A 451 -31.08 -0.42 54.73
N VAL A 452 -30.25 -1.40 54.42
CA VAL A 452 -29.01 -1.23 53.59
C VAL A 452 -29.10 -2.26 52.46
N TRP A 453 -27.98 -2.75 51.92
CA TRP A 453 -27.97 -3.40 50.58
C TRP A 453 -28.74 -4.73 50.59
N ALA A 454 -28.72 -5.49 51.68
CA ALA A 454 -29.40 -6.80 51.78
C ALA A 454 -30.92 -6.61 51.89
N GLY A 455 -31.35 -5.40 52.28
CA GLY A 455 -32.75 -5.05 52.58
C GLY A 455 -32.90 -4.65 54.04
N PRO A 456 -34.08 -4.89 54.66
CA PRO A 456 -34.25 -4.69 56.10
C PRO A 456 -33.11 -5.36 56.91
N SER A 457 -32.52 -4.62 57.84
CA SER A 457 -31.23 -4.93 58.51
C SER A 457 -31.23 -4.40 59.95
N HIS A 458 -30.51 -5.10 60.84
CA HIS A 458 -30.14 -4.65 62.21
C HIS A 458 -28.67 -4.19 62.20
N PHE A 459 -28.24 -3.54 63.27
CA PHE A 459 -26.88 -2.98 63.45
C PHE A 459 -26.33 -3.41 64.81
N PRO A 460 -25.21 -4.17 64.87
CA PRO A 460 -24.61 -4.55 66.14
C PRO A 460 -24.38 -3.35 67.08
N ASP A 461 -24.45 -3.61 68.39
CA ASP A 461 -24.09 -2.65 69.46
C ASP A 461 -22.68 -3.01 69.95
N TRP A 462 -21.66 -2.25 69.53
CA TRP A 462 -20.23 -2.50 69.83
C TRP A 462 -19.93 -2.25 71.32
N PHE A 463 -20.84 -1.62 72.07
CA PHE A 463 -20.74 -1.43 73.53
C PHE A 463 -21.17 -2.72 74.27
N HIS A 464 -21.95 -3.58 73.64
CA HIS A 464 -22.43 -4.86 74.24
C HIS A 464 -21.20 -5.71 74.59
N PRO A 465 -21.10 -6.23 75.83
CA PRO A 465 -19.92 -6.99 76.26
C PRO A 465 -19.71 -8.35 75.54
N ASP A 466 -20.67 -8.78 74.70
CA ASP A 466 -20.60 -10.02 73.90
C ASP A 466 -20.46 -9.71 72.40
N SER A 467 -20.49 -8.42 72.04
CA SER A 467 -20.38 -7.93 70.65
C SER A 467 -19.07 -8.41 70.01
N GLN A 468 -17.97 -8.42 70.77
CA GLN A 468 -16.63 -8.83 70.27
C GLN A 468 -16.64 -10.33 69.92
N GLN A 469 -17.17 -11.15 70.83
CA GLN A 469 -17.23 -12.63 70.67
C GLN A 469 -18.12 -12.94 69.45
N TYR A 470 -19.29 -12.32 69.37
CA TYR A 470 -20.24 -12.46 68.23
C TYR A 470 -19.50 -12.23 66.91
N TRP A 471 -18.84 -11.06 66.82
CA TRP A 471 -18.14 -10.60 65.59
C TRP A 471 -16.98 -11.55 65.26
N SER A 472 -16.13 -11.83 66.25
CA SER A 472 -14.96 -12.74 66.10
C SER A 472 -15.42 -14.11 65.57
N GLU A 473 -16.44 -14.69 66.20
CA GLU A 473 -16.95 -16.04 65.88
C GLU A 473 -17.54 -16.04 64.46
N GLN A 474 -18.23 -14.97 64.06
CA GLN A 474 -18.74 -14.79 62.68
C GLN A 474 -17.57 -14.94 61.70
N PHE A 475 -16.48 -14.20 61.94
CA PHE A 475 -15.25 -14.20 61.10
C PHE A 475 -14.66 -15.62 61.07
N LEU A 476 -14.57 -16.27 62.22
CA LEU A 476 -13.92 -17.61 62.37
C LEU A 476 -14.71 -18.66 61.57
N ALA A 477 -16.03 -18.54 61.53
CA ALA A 477 -16.94 -19.52 60.89
C ALA A 477 -16.97 -19.32 59.37
N PHE A 478 -16.78 -18.09 58.88
CA PHE A 478 -17.05 -17.69 57.47
C PHE A 478 -15.76 -17.70 56.64
N PHE A 479 -14.71 -16.99 57.07
CA PHE A 479 -13.46 -16.77 56.27
C PHE A 479 -12.48 -17.95 56.45
N ASP A 480 -12.99 -19.18 56.36
CA ASP A 480 -12.25 -20.43 56.72
C ASP A 480 -11.79 -21.18 55.47
N GLY A 481 -12.15 -20.71 54.27
CA GLY A 481 -11.79 -21.33 52.97
C GLY A 481 -12.71 -22.47 52.60
N THR A 482 -13.90 -22.53 53.22
CA THR A 482 -14.94 -23.58 53.02
C THR A 482 -16.32 -22.92 52.93
N ASN A 483 -16.71 -22.19 53.98
CA ASN A 483 -17.97 -21.40 54.07
C ASN A 483 -17.77 -20.04 53.40
N GLY A 484 -16.51 -19.58 53.28
CA GLY A 484 -16.16 -18.31 52.62
C GLY A 484 -14.66 -18.21 52.38
N PRO A 485 -14.16 -17.10 51.80
CA PRO A 485 -12.77 -17.01 51.35
C PRO A 485 -11.77 -16.75 52.50
N ASP A 486 -10.66 -17.49 52.49
CA ASP A 486 -9.53 -17.29 53.44
C ASP A 486 -8.83 -15.98 53.06
N ILE A 487 -9.39 -14.85 53.50
CA ILE A 487 -8.89 -13.48 53.19
C ILE A 487 -7.64 -13.21 54.02
N ASP A 488 -6.76 -12.32 53.51
CA ASP A 488 -5.42 -12.00 54.08
C ASP A 488 -5.47 -10.64 54.79
N ALA A 489 -6.58 -9.92 54.63
CA ALA A 489 -6.84 -8.57 55.17
C ALA A 489 -8.31 -8.24 54.94
N LEU A 490 -8.81 -7.20 55.61
CA LEU A 490 -10.25 -6.85 55.62
C LEU A 490 -10.46 -5.47 55.00
N TRP A 491 -11.62 -5.29 54.38
CA TRP A 491 -12.17 -4.00 53.91
C TRP A 491 -13.49 -3.76 54.66
N ILE A 492 -13.56 -2.66 55.41
CA ILE A 492 -14.80 -2.24 56.13
C ILE A 492 -15.40 -1.03 55.42
N ASP A 493 -16.68 -1.14 55.03
CA ASP A 493 -17.45 -0.08 54.32
C ASP A 493 -18.72 0.23 55.10
N MET A 494 -19.30 1.42 54.86
CA MET A 494 -20.68 1.79 55.29
C MET A 494 -20.82 1.62 56.81
N ASN A 495 -19.77 1.96 57.56
CA ASN A 495 -19.69 1.76 59.03
C ASN A 495 -19.97 3.08 59.75
N GLU A 496 -20.69 4.01 59.13
CA GLU A 496 -20.95 5.36 59.69
C GLU A 496 -21.89 5.31 60.90
N PRO A 497 -22.94 4.45 60.97
CA PRO A 497 -23.31 3.50 59.90
C PRO A 497 -24.17 4.09 58.78
N ALA A 498 -24.05 3.50 57.58
CA ALA A 498 -24.89 3.81 56.41
C ALA A 498 -26.27 3.15 56.60
N ASN A 499 -27.33 3.91 56.36
CA ASN A 499 -28.74 3.44 56.50
C ASN A 499 -29.58 4.17 55.46
N PHE A 500 -29.88 3.48 54.35
CA PHE A 500 -30.60 4.03 53.17
C PHE A 500 -32.02 4.40 53.58
N TYR A 501 -32.60 3.63 54.51
CA TYR A 501 -33.99 3.75 55.04
C TYR A 501 -34.26 5.23 55.40
N ASN A 502 -33.33 5.89 56.08
CA ASN A 502 -33.50 7.32 56.49
C ASN A 502 -33.12 8.23 55.32
N ARG A 503 -33.85 8.16 54.20
CA ARG A 503 -33.68 9.03 53.00
C ARG A 503 -35.03 9.49 52.47
N PRO A 504 -35.69 10.48 53.12
CA PRO A 504 -35.20 11.09 54.36
C PRO A 504 -35.62 10.30 55.59
N TYR A 505 -35.08 10.64 56.77
CA TYR A 505 -35.61 10.21 58.10
C TYR A 505 -37.00 10.81 58.26
N PRO A 506 -38.00 10.08 58.84
CA PRO A 506 -37.84 8.70 59.29
C PRO A 506 -38.32 7.68 58.25
N GLY A 507 -37.41 6.85 57.74
CA GLY A 507 -37.71 5.64 56.96
C GLY A 507 -38.52 5.97 55.71
N ASN A 508 -38.37 7.18 55.17
CA ASN A 508 -39.15 7.70 54.01
C ASN A 508 -40.65 7.52 54.26
N ASN A 509 -41.08 7.57 55.54
CA ASN A 509 -42.50 7.46 55.97
C ASN A 509 -43.14 6.18 55.40
N THR A 510 -42.36 5.09 55.31
CA THR A 510 -42.84 3.74 54.89
C THR A 510 -42.17 2.67 55.76
N THR A 511 -42.52 1.40 55.53
CA THR A 511 -41.98 0.21 56.27
C THR A 511 -40.62 -0.15 55.69
N PRO A 512 -39.76 -0.88 56.44
CA PRO A 512 -38.49 -1.37 55.89
C PRO A 512 -38.68 -2.19 54.60
N GLU A 513 -39.69 -3.06 54.56
CA GLU A 513 -39.95 -4.03 53.45
C GLU A 513 -40.28 -3.26 52.17
N ASN A 514 -41.10 -2.21 52.29
CA ASN A 514 -41.59 -1.42 51.12
C ASN A 514 -40.46 -0.54 50.59
N PHE A 515 -39.70 0.10 51.49
CA PHE A 515 -38.52 0.94 51.13
C PHE A 515 -37.50 0.11 50.36
N ALA A 516 -37.21 -1.10 50.85
CA ALA A 516 -36.28 -2.07 50.23
C ALA A 516 -36.73 -2.37 48.79
N GLU A 517 -37.99 -2.76 48.62
CA GLU A 517 -38.59 -3.13 47.31
C GLU A 517 -38.39 -1.97 46.32
N VAL A 518 -38.82 -0.77 46.70
CA VAL A 518 -38.79 0.46 45.85
C VAL A 518 -37.34 0.88 45.59
N ASP A 519 -36.49 0.91 46.63
CA ASP A 519 -35.08 1.39 46.55
C ASP A 519 -34.20 0.34 45.86
N GLY A 520 -34.62 -0.94 45.88
CA GLY A 520 -33.93 -2.05 45.18
C GLY A 520 -32.83 -2.65 46.04
N ASP A 521 -33.17 -3.02 47.27
CA ASP A 521 -32.26 -3.62 48.28
C ASP A 521 -32.78 -5.02 48.63
N PRO A 522 -32.23 -6.11 48.04
CA PRO A 522 -31.12 -6.03 47.09
C PRO A 522 -31.59 -5.92 45.65
N PRO A 523 -30.73 -5.48 44.71
CA PRO A 523 -31.05 -5.56 43.28
C PRO A 523 -30.80 -6.99 42.78
N ALA A 524 -31.37 -7.33 41.62
CA ALA A 524 -31.09 -8.60 40.92
C ALA A 524 -29.62 -8.59 40.46
N ALA A 525 -28.87 -9.65 40.78
CA ALA A 525 -27.51 -9.87 40.26
C ALA A 525 -27.62 -10.14 38.75
N PRO A 526 -26.56 -9.86 37.96
CA PRO A 526 -26.58 -10.18 36.53
C PRO A 526 -26.82 -11.68 36.30
N ALA A 527 -27.34 -12.03 35.12
CA ALA A 527 -27.58 -13.43 34.65
C ALA A 527 -26.32 -14.27 34.91
N VAL A 528 -26.50 -15.49 35.45
CA VAL A 528 -25.41 -16.46 35.72
C VAL A 528 -24.73 -16.78 34.38
N ARG A 529 -23.39 -16.78 34.37
CA ARG A 529 -22.56 -17.02 33.17
C ARG A 529 -22.08 -18.47 33.16
N ASP A 530 -21.78 -19.00 31.96
CA ASP A 530 -21.20 -20.36 31.75
C ASP A 530 -19.75 -20.36 32.26
N GLY A 531 -19.13 -19.17 32.34
CA GLY A 531 -17.74 -18.98 32.77
C GLY A 531 -17.22 -17.63 32.30
N PRO A 532 -15.89 -17.42 32.26
CA PRO A 532 -15.32 -16.18 31.74
C PRO A 532 -15.60 -16.02 30.24
N ASP A 533 -15.46 -14.80 29.72
CA ASP A 533 -15.73 -14.47 28.30
C ASP A 533 -14.50 -14.81 27.43
N ALA A 534 -13.41 -15.29 28.03
CA ALA A 534 -12.18 -15.75 27.35
C ALA A 534 -11.36 -16.63 28.28
N PRO A 535 -10.49 -17.53 27.74
CA PRO A 535 -9.61 -18.35 28.57
C PRO A 535 -8.80 -17.49 29.55
N ILE A 536 -8.49 -18.04 30.73
CA ILE A 536 -7.68 -17.38 31.79
C ILE A 536 -6.38 -18.16 31.95
N PRO A 537 -5.28 -17.73 31.29
CA PRO A 537 -3.98 -18.39 31.48
C PRO A 537 -3.57 -18.46 32.95
N GLY A 538 -3.11 -19.63 33.39
CA GLY A 538 -2.51 -19.86 34.72
C GLY A 538 -3.52 -20.24 35.79
N PHE A 539 -4.82 -20.26 35.45
CA PHE A 539 -5.91 -20.56 36.42
C PHE A 539 -6.52 -21.92 36.11
N PRO A 540 -7.03 -22.62 37.15
CA PRO A 540 -7.57 -23.97 36.98
C PRO A 540 -8.68 -24.05 35.92
N ALA A 541 -8.87 -25.23 35.34
CA ALA A 541 -9.94 -25.56 34.37
C ALA A 541 -11.32 -25.20 34.95
N SER A 542 -11.51 -25.46 36.25
CA SER A 542 -12.76 -25.22 37.02
C SER A 542 -13.22 -23.76 36.90
N LEU A 543 -12.29 -22.82 36.68
CA LEU A 543 -12.59 -21.35 36.59
C LEU A 543 -12.73 -20.92 35.12
N GLN A 544 -12.81 -21.88 34.20
CA GLN A 544 -13.01 -21.63 32.75
C GLN A 544 -13.60 -22.88 32.09
N PRO A 545 -14.73 -23.41 32.61
CA PRO A 545 -15.26 -24.70 32.15
C PRO A 545 -15.79 -24.63 30.72
N ASN A 546 -16.13 -23.41 30.27
CA ASN A 546 -16.65 -23.07 28.92
C ASN A 546 -15.50 -22.90 27.91
N TRP A 547 -14.24 -23.04 28.34
CA TRP A 547 -13.01 -22.90 27.50
C TRP A 547 -12.10 -24.12 27.66
N VAL A 548 -12.58 -25.22 28.25
CA VAL A 548 -11.77 -26.44 28.51
C VAL A 548 -12.60 -27.68 28.14
N SER B 1 9.10 -17.82 67.39
CA SER B 1 9.32 -17.10 68.69
C SER B 1 9.25 -15.58 68.46
N ARG B 2 9.23 -14.80 69.55
CA ARG B 2 8.91 -13.35 69.55
C ARG B 2 9.96 -12.56 70.34
N ARG B 3 11.25 -12.78 70.02
CA ARG B 3 12.41 -12.17 70.71
C ARG B 3 12.45 -10.65 70.50
N ASN B 4 11.95 -10.16 69.35
CA ASN B 4 12.03 -8.74 68.94
C ASN B 4 13.50 -8.30 69.07
N LEU B 5 14.40 -9.14 68.56
CA LEU B 5 15.88 -8.98 68.68
C LEU B 5 16.33 -7.86 67.75
N GLY B 6 16.96 -6.82 68.33
CA GLY B 6 17.55 -5.69 67.59
C GLY B 6 16.61 -4.52 67.44
N ALA B 7 15.46 -4.53 68.11
CA ALA B 7 14.44 -3.45 68.06
C ALA B 7 14.71 -2.43 69.18
N GLY B 8 14.13 -1.22 69.05
CA GLY B 8 14.05 -0.21 70.12
C GLY B 8 15.00 0.97 69.93
N HIS B 9 15.69 1.05 68.79
CA HIS B 9 16.71 2.09 68.50
C HIS B 9 16.05 3.42 68.15
N TRP B 10 14.83 3.39 67.57
CA TRP B 10 14.15 4.57 66.99
C TRP B 10 12.93 4.99 67.83
N LYS B 11 12.63 4.30 68.93
CA LYS B 11 11.61 4.72 69.93
C LYS B 11 12.00 6.11 70.48
N SER B 12 11.01 6.92 70.90
CA SER B 12 11.23 8.26 71.50
C SER B 12 11.37 8.12 73.01
N PRO B 13 11.96 9.12 73.70
CA PRO B 13 12.02 9.12 75.17
C PRO B 13 10.68 8.79 75.85
N LYS B 14 10.66 7.71 76.65
CA LYS B 14 9.52 7.33 77.52
C LYS B 14 9.54 8.21 78.77
N GLY B 15 8.62 9.18 78.84
CA GLY B 15 8.52 10.17 79.93
C GLY B 15 8.35 9.51 81.30
N LYS B 16 8.83 10.17 82.36
CA LYS B 16 8.91 9.63 83.74
C LYS B 16 7.50 9.25 84.22
N VAL B 17 7.20 7.95 84.24
CA VAL B 17 5.87 7.36 84.63
C VAL B 17 5.89 7.04 86.13
N ASP B 18 5.87 8.08 86.98
CA ASP B 18 5.78 8.01 88.46
C ASP B 18 4.51 7.22 88.82
N PRO B 19 4.60 5.91 89.13
CA PRO B 19 3.43 5.03 89.19
C PRO B 19 2.39 5.39 90.27
N ARG B 20 2.85 5.80 91.45
CA ARG B 20 1.98 6.10 92.63
C ARG B 20 1.35 7.49 92.50
N ALA B 21 1.84 8.32 91.57
CA ALA B 21 1.20 9.61 91.18
C ALA B 21 -0.12 9.31 90.47
N GLY B 22 -0.21 8.17 89.78
CA GLY B 22 -1.40 7.74 89.01
C GLY B 22 -1.92 8.86 88.12
N TRP B 23 -3.24 9.02 88.04
CA TRP B 23 -3.88 10.18 87.37
C TRP B 23 -3.80 11.40 88.30
N GLN B 24 -3.63 12.59 87.73
CA GLN B 24 -3.68 13.88 88.48
C GLN B 24 -5.12 14.16 88.91
N ASN B 25 -6.10 13.64 88.16
CA ASN B 25 -7.55 13.84 88.38
C ASN B 25 -7.97 13.13 89.67
N GLY B 26 -7.11 12.26 90.22
CA GLY B 26 -7.30 11.59 91.53
C GLY B 26 -8.21 10.38 91.43
N LYS B 27 -8.63 10.02 90.20
CA LYS B 27 -9.65 8.97 89.92
C LYS B 27 -8.93 7.69 89.45
N GLN B 28 -9.69 6.68 89.05
CA GLN B 28 -9.15 5.36 88.59
C GLN B 28 -9.21 5.27 87.06
N THR B 29 -9.66 6.32 86.38
CA THR B 29 -9.77 6.40 84.89
C THR B 29 -9.26 7.76 84.41
N GLY B 30 -8.75 7.81 83.19
CA GLY B 30 -8.21 9.04 82.56
C GLY B 30 -9.27 10.09 82.34
N SER B 31 -10.52 9.67 82.14
CA SER B 31 -11.70 10.56 81.90
C SER B 31 -12.16 11.20 83.21
N GLY B 32 -11.80 10.60 84.35
CA GLY B 32 -12.33 10.95 85.69
C GLY B 32 -13.76 10.45 85.84
N CYS B 33 -14.20 9.54 84.97
CA CYS B 33 -15.59 9.01 84.92
C CYS B 33 -15.61 7.56 85.43
N GLY B 34 -16.39 7.30 86.48
CA GLY B 34 -16.69 5.93 86.95
C GLY B 34 -17.55 5.18 85.93
N PRO B 35 -17.71 3.85 86.07
CA PRO B 35 -18.35 3.04 85.03
C PRO B 35 -19.83 3.34 84.78
N ASN B 36 -20.52 3.96 85.75
CA ASN B 36 -21.95 4.36 85.65
C ASN B 36 -22.07 5.89 85.56
N GLU B 37 -20.99 6.59 85.13
CA GLU B 37 -20.93 8.08 85.06
C GLU B 37 -20.69 8.52 83.61
N CYS B 38 -20.96 9.81 83.32
CA CYS B 38 -20.64 10.49 82.05
C CYS B 38 -21.37 9.82 80.87
N LYS B 39 -22.64 9.46 81.06
CA LYS B 39 -23.47 8.73 80.06
C LYS B 39 -24.29 9.74 79.25
N GLY B 40 -24.46 10.97 79.75
CA GLY B 40 -25.18 12.06 79.07
C GLY B 40 -26.37 12.54 79.87
N LEU B 41 -26.74 13.82 79.70
CA LEU B 41 -27.90 14.44 80.40
C LEU B 41 -29.19 13.89 79.81
N PRO B 42 -30.24 13.65 80.64
CA PRO B 42 -31.54 13.22 80.11
C PRO B 42 -32.35 14.41 79.57
N ASN B 43 -33.52 14.13 78.98
CA ASN B 43 -34.49 15.15 78.50
C ASN B 43 -33.87 15.95 77.35
N ARG B 44 -33.18 15.25 76.44
CA ARG B 44 -32.48 15.85 75.29
C ARG B 44 -33.25 15.50 74.01
N HIS B 45 -33.19 16.38 73.01
CA HIS B 45 -33.70 16.19 71.63
C HIS B 45 -32.58 15.53 70.80
N LEU B 46 -32.64 14.21 70.60
CA LEU B 46 -31.50 13.39 70.09
C LEU B 46 -31.58 13.21 68.57
N ILE B 47 -32.75 13.44 67.97
CA ILE B 47 -33.01 13.31 66.51
C ILE B 47 -32.74 14.66 65.83
N ARG B 48 -33.38 15.72 66.35
CA ARG B 48 -33.29 17.10 65.81
C ARG B 48 -33.04 18.05 66.98
N PRO B 49 -31.76 18.30 67.31
CA PRO B 49 -31.43 19.09 68.50
C PRO B 49 -31.68 20.59 68.32
N PRO B 50 -31.71 21.39 69.41
CA PRO B 50 -32.03 22.82 69.35
C PRO B 50 -31.12 23.61 68.40
N TYR B 51 -29.80 23.48 68.56
CA TYR B 51 -28.78 23.90 67.56
C TYR B 51 -28.52 22.70 66.64
N MET B 52 -28.84 22.83 65.36
CA MET B 52 -28.58 21.79 64.33
C MET B 52 -27.32 22.17 63.55
N ILE B 53 -26.40 21.21 63.40
CA ILE B 53 -25.12 21.38 62.64
C ILE B 53 -25.44 21.36 61.14
N GLN B 54 -24.52 21.87 60.33
CA GLN B 54 -24.60 21.87 58.85
C GLN B 54 -24.37 20.44 58.34
N ASN B 55 -25.30 19.53 58.65
CA ASN B 55 -25.22 18.11 58.25
C ASN B 55 -25.64 18.01 56.77
N GLY B 56 -24.73 17.57 55.91
CA GLY B 56 -24.99 17.37 54.47
C GLY B 56 -26.01 16.27 54.21
N ALA B 57 -26.16 15.31 55.12
CA ALA B 57 -27.04 14.13 54.94
C ALA B 57 -28.52 14.56 54.94
N GLY B 58 -28.88 15.59 55.71
CA GLY B 58 -30.27 16.08 55.78
C GLY B 58 -30.58 16.87 57.05
N PRO B 59 -31.88 17.10 57.35
CA PRO B 59 -32.30 18.03 58.40
C PRO B 59 -32.14 17.52 59.83
N THR B 60 -32.00 16.21 60.03
CA THR B 60 -31.80 15.56 61.36
C THR B 60 -30.43 14.91 61.42
N LEU B 61 -30.00 14.50 62.61
CA LEU B 61 -28.72 13.77 62.82
C LEU B 61 -28.88 12.32 62.34
N ALA B 62 -30.12 11.88 62.05
CA ALA B 62 -30.45 10.47 61.73
C ALA B 62 -30.47 10.23 60.21
N ASP B 63 -30.51 11.28 59.38
CA ASP B 63 -30.63 11.15 57.91
C ASP B 63 -29.45 10.34 57.35
N SER B 64 -29.77 9.24 56.64
CA SER B 64 -28.82 8.31 56.00
C SER B 64 -27.91 7.62 57.03
N THR B 65 -28.35 7.51 58.29
CA THR B 65 -27.61 6.77 59.36
C THR B 65 -28.60 6.19 60.37
N ALA B 66 -28.11 5.64 61.47
CA ALA B 66 -28.93 5.06 62.56
C ALA B 66 -29.55 6.17 63.40
N ASP B 67 -30.83 6.03 63.75
CA ASP B 67 -31.56 6.94 64.69
C ASP B 67 -30.64 7.25 65.87
N THR B 68 -30.55 8.54 66.24
CA THR B 68 -29.56 9.06 67.21
C THR B 68 -30.11 9.04 68.64
N ASP B 69 -31.28 8.42 68.87
CA ASP B 69 -31.94 8.30 70.20
C ASP B 69 -31.67 6.93 70.84
N LEU B 70 -31.11 5.98 70.08
CA LEU B 70 -30.97 4.55 70.48
C LEU B 70 -30.04 4.47 71.69
N VAL B 71 -30.49 3.79 72.75
CA VAL B 71 -29.73 3.56 74.01
C VAL B 71 -28.95 2.25 73.85
N GLN B 72 -27.62 2.33 73.99
CA GLN B 72 -26.68 1.20 73.82
C GLN B 72 -26.32 0.68 75.21
N SER B 73 -25.72 -0.51 75.28
CA SER B 73 -25.18 -1.10 76.54
C SER B 73 -24.39 -0.04 77.31
N GLY B 74 -24.64 0.09 78.62
CA GLY B 74 -24.01 1.10 79.49
C GLY B 74 -24.78 2.42 79.50
N GLY B 75 -25.82 2.56 78.68
CA GLY B 75 -26.72 3.74 78.65
C GLY B 75 -26.30 4.79 77.64
N TYR B 76 -25.18 4.62 76.93
CA TYR B 76 -24.71 5.57 75.89
C TYR B 76 -25.76 5.67 74.79
N VAL B 77 -26.05 6.89 74.30
CA VAL B 77 -27.03 7.13 73.22
C VAL B 77 -26.27 7.48 71.93
N GLN B 78 -26.81 7.09 70.77
CA GLN B 78 -26.15 7.20 69.44
C GLN B 78 -25.82 8.68 69.14
N TYR B 79 -26.65 9.62 69.61
CA TYR B 79 -26.40 11.08 69.55
C TYR B 79 -24.93 11.38 69.88
N ASP B 80 -24.42 10.79 70.96
CA ASP B 80 -23.08 11.09 71.55
C ASP B 80 -21.98 10.23 70.89
N THR B 81 -22.23 8.95 70.64
CA THR B 81 -21.21 7.94 70.24
C THR B 81 -21.28 7.63 68.74
N HIS B 82 -22.15 8.32 67.99
CA HIS B 82 -22.32 8.15 66.52
C HIS B 82 -20.96 8.27 65.80
N ASN B 83 -20.19 9.31 66.12
CA ASN B 83 -18.85 9.57 65.52
C ASN B 83 -17.86 8.45 65.88
N LEU B 84 -18.17 7.58 66.84
CA LEU B 84 -17.29 6.46 67.26
C LEU B 84 -17.79 5.13 66.69
N TYR B 85 -18.97 5.05 66.07
CA TYR B 85 -19.53 3.77 65.55
C TYR B 85 -18.58 3.19 64.49
N GLY B 86 -18.14 4.01 63.55
CA GLY B 86 -17.12 3.65 62.55
C GLY B 86 -15.88 3.07 63.22
N ALA B 87 -15.36 3.79 64.22
CA ALA B 87 -14.12 3.45 64.96
C ALA B 87 -14.28 2.14 65.72
N MET B 88 -15.42 1.93 66.38
CA MET B 88 -15.66 0.77 67.29
C MET B 88 -15.93 -0.51 66.46
N MET B 89 -16.66 -0.41 65.36
CA MET B 89 -16.75 -1.55 64.41
C MET B 89 -15.34 -1.92 63.95
N SER B 90 -14.56 -0.91 63.51
CA SER B 90 -13.19 -1.08 62.95
C SER B 90 -12.31 -1.80 63.98
N SER B 91 -12.32 -1.34 65.24
CA SER B 91 -11.63 -1.96 66.40
C SER B 91 -12.05 -3.42 66.58
N HIS B 92 -13.36 -3.71 66.54
CA HIS B 92 -13.95 -5.06 66.73
C HIS B 92 -13.51 -5.98 65.58
N SER B 93 -13.46 -5.46 64.36
CA SER B 93 -13.05 -6.18 63.12
C SER B 93 -11.54 -6.48 63.17
N HIS B 94 -10.71 -5.53 63.61
CA HIS B 94 -9.25 -5.72 63.80
C HIS B 94 -9.02 -6.96 64.67
N ASN B 95 -9.66 -6.98 65.84
CA ASN B 95 -9.55 -8.04 66.87
C ASN B 95 -10.03 -9.37 66.29
N ALA B 96 -11.04 -9.35 65.43
CA ALA B 96 -11.63 -10.54 64.76
C ALA B 96 -10.61 -11.11 63.75
N MET B 97 -9.95 -10.24 63.01
CA MET B 97 -8.87 -10.61 62.05
C MET B 97 -7.69 -11.22 62.84
N ARG B 98 -7.40 -10.68 64.03
CA ARG B 98 -6.31 -11.17 64.92
C ARG B 98 -6.67 -12.56 65.45
N ALA B 99 -7.94 -12.79 65.81
CA ALA B 99 -8.44 -14.09 66.30
C ALA B 99 -8.16 -15.21 65.27
N ARG B 100 -8.25 -14.92 63.97
CA ARG B 100 -8.16 -15.97 62.92
C ARG B 100 -6.72 -16.10 62.40
N ARG B 101 -5.88 -15.10 62.62
CA ARG B 101 -4.41 -15.15 62.36
C ARG B 101 -3.69 -14.37 63.47
N PRO B 102 -3.59 -14.95 64.69
CA PRO B 102 -3.08 -14.24 65.87
C PRO B 102 -1.64 -13.68 65.76
N ASP B 103 -0.80 -14.25 64.89
CA ASP B 103 0.65 -13.92 64.80
C ASP B 103 0.91 -12.80 63.78
N ASP B 104 -0.08 -12.49 62.93
CA ASP B 104 0.09 -11.54 61.79
C ASP B 104 -0.46 -10.16 62.16
N ARG B 105 0.16 -9.10 61.65
CA ARG B 105 -0.41 -7.74 61.63
C ARG B 105 -1.70 -7.78 60.80
N ALA B 106 -2.80 -7.28 61.36
CA ALA B 106 -4.12 -7.22 60.70
C ALA B 106 -4.22 -5.91 59.91
N LEU B 107 -4.28 -6.02 58.57
CA LEU B 107 -4.52 -4.87 57.67
C LEU B 107 -6.04 -4.68 57.52
N VAL B 108 -6.54 -3.54 57.97
CA VAL B 108 -7.99 -3.19 57.89
C VAL B 108 -8.12 -1.82 57.23
N ILE B 109 -8.76 -1.76 56.06
CA ILE B 109 -9.05 -0.52 55.28
C ILE B 109 -10.52 -0.16 55.53
N THR B 110 -10.77 0.82 56.40
CA THR B 110 -12.14 1.19 56.89
C THR B 110 -12.49 2.58 56.38
N ARG B 111 -13.80 2.88 56.27
CA ARG B 111 -14.28 4.20 55.79
C ARG B 111 -14.34 5.17 56.97
N SER B 112 -15.31 5.02 57.87
CA SER B 112 -15.54 5.93 59.01
C SER B 112 -14.51 5.68 60.13
N THR B 113 -13.88 6.74 60.62
CA THR B 113 -12.92 6.72 61.75
C THR B 113 -13.21 7.87 62.70
N PHE B 114 -12.59 7.83 63.87
CA PHE B 114 -12.50 8.95 64.84
C PHE B 114 -11.04 9.05 65.30
N ALA B 115 -10.66 10.21 65.84
CA ALA B 115 -9.35 10.45 66.49
C ALA B 115 -8.97 9.20 67.29
N GLY B 116 -7.74 8.71 67.13
CA GLY B 116 -7.22 7.55 67.90
C GLY B 116 -7.35 6.22 67.16
N SER B 117 -8.07 6.18 66.04
CA SER B 117 -8.35 4.93 65.26
C SER B 117 -7.08 4.42 64.58
N GLY B 118 -6.12 5.31 64.33
CA GLY B 118 -4.79 4.98 63.80
C GLY B 118 -4.14 3.81 64.50
N LYS B 119 -4.44 3.60 65.79
CA LYS B 119 -3.77 2.59 66.65
C LYS B 119 -4.20 1.16 66.26
N ASP B 120 -5.30 0.98 65.53
CA ASP B 120 -5.77 -0.38 65.18
C ASP B 120 -6.32 -0.51 63.75
N VAL B 121 -6.48 0.57 62.97
CA VAL B 121 -7.04 0.45 61.60
C VAL B 121 -6.45 1.49 60.65
N SER B 122 -6.50 1.18 59.35
CA SER B 122 -6.08 2.06 58.23
C SER B 122 -7.33 2.54 57.50
N HIS B 123 -7.17 3.42 56.50
CA HIS B 123 -8.28 4.20 55.89
C HIS B 123 -8.14 4.22 54.37
N TRP B 124 -9.26 4.20 53.65
CA TRP B 124 -9.38 4.69 52.25
C TRP B 124 -10.43 5.81 52.22
N LEU B 125 -10.26 6.79 51.35
CA LEU B 125 -10.99 8.10 51.39
C LEU B 125 -12.41 7.96 50.80
N GLY B 126 -12.91 6.74 50.62
CA GLY B 126 -14.33 6.49 50.28
C GLY B 126 -14.66 6.78 48.83
N ASP B 127 -15.93 7.09 48.55
CA ASP B 127 -16.54 7.17 47.19
C ASP B 127 -16.23 8.53 46.54
N ASN B 128 -15.06 8.65 45.91
CA ASN B 128 -14.69 9.83 45.08
C ASN B 128 -15.29 9.63 43.67
N VAL B 129 -14.99 10.53 42.73
CA VAL B 129 -15.51 10.46 41.33
C VAL B 129 -14.32 10.55 40.36
N SER B 130 -14.43 9.87 39.21
CA SER B 130 -13.43 9.89 38.09
C SER B 130 -13.39 11.29 37.47
N GLY B 131 -12.94 12.29 38.24
CA GLY B 131 -12.76 13.68 37.81
C GLY B 131 -11.44 14.24 38.30
N TRP B 132 -10.95 15.31 37.67
CA TRP B 132 -9.65 15.94 37.97
C TRP B 132 -9.65 16.58 39.37
N LEU B 133 -10.80 17.05 39.85
CA LEU B 133 -10.95 17.67 41.19
C LEU B 133 -10.59 16.67 42.30
N TRP B 134 -11.06 15.43 42.19
CA TRP B 134 -10.87 14.36 43.22
C TRP B 134 -9.42 13.90 43.23
N TYR B 135 -8.78 13.90 42.07
CA TYR B 135 -7.32 13.64 41.85
C TYR B 135 -6.51 14.77 42.52
N GLN B 136 -6.97 16.01 42.37
CA GLN B 136 -6.29 17.22 42.89
C GLN B 136 -6.32 17.22 44.43
N LEU B 137 -7.51 17.02 45.01
CA LEU B 137 -7.76 17.15 46.47
C LEU B 137 -7.23 15.91 47.22
N SER B 138 -6.95 14.82 46.50
CA SER B 138 -6.42 13.55 47.06
C SER B 138 -5.21 13.82 47.97
N ILE B 139 -4.36 14.77 47.58
CA ILE B 139 -3.09 15.08 48.30
C ILE B 139 -3.43 15.78 49.63
N SER B 140 -4.40 16.69 49.65
CA SER B 140 -4.88 17.32 50.92
C SER B 140 -5.26 16.20 51.90
N GLN B 141 -5.91 15.14 51.39
CA GLN B 141 -6.59 14.10 52.20
C GLN B 141 -5.56 13.09 52.76
N ILE B 142 -4.60 12.63 51.95
CA ILE B 142 -3.56 11.67 52.42
C ILE B 142 -2.70 12.37 53.48
N LEU B 143 -2.41 13.66 53.28
CA LEU B 143 -1.64 14.49 54.24
C LEU B 143 -2.41 14.64 55.55
N GLN B 144 -3.72 14.89 55.49
CA GLN B 144 -4.60 14.91 56.68
C GLN B 144 -4.33 13.66 57.52
N PHE B 145 -4.48 12.47 56.94
CA PHE B 145 -4.48 11.19 57.67
C PHE B 145 -3.06 10.84 58.12
N ALA B 146 -2.08 10.86 57.21
CA ALA B 146 -0.69 10.40 57.48
C ALA B 146 0.05 11.41 58.35
N SER B 147 -0.15 12.71 58.12
CA SER B 147 0.63 13.81 58.76
C SER B 147 -0.07 14.31 60.02
N LEU B 148 -1.40 14.38 60.04
CA LEU B 148 -2.17 15.02 61.15
C LEU B 148 -2.82 13.95 62.05
N TYR B 149 -3.56 12.99 61.48
CA TYR B 149 -4.55 12.15 62.23
C TYR B 149 -3.91 10.85 62.73
N GLN B 150 -2.62 10.62 62.43
CA GLN B 150 -1.84 9.42 62.85
C GLN B 150 -2.48 8.17 62.27
N ILE B 151 -2.93 8.23 61.00
CA ILE B 151 -3.40 7.06 60.20
C ILE B 151 -2.55 7.06 58.93
N PRO B 152 -1.35 6.46 58.97
CA PRO B 152 -0.36 6.63 57.90
C PRO B 152 -0.67 5.88 56.59
N VAL B 153 -1.40 4.77 56.68
CA VAL B 153 -1.83 3.97 55.48
C VAL B 153 -3.20 4.50 55.05
N VAL B 154 -3.21 5.22 53.92
CA VAL B 154 -4.37 6.01 53.44
C VAL B 154 -4.21 6.22 51.93
N GLY B 155 -5.32 6.12 51.20
CA GLY B 155 -5.40 6.44 49.76
C GLY B 155 -6.84 6.56 49.30
N PRO B 156 -7.09 7.28 48.18
CA PRO B 156 -8.41 7.30 47.56
C PRO B 156 -8.56 6.14 46.57
N ASP B 157 -9.72 6.02 45.94
CA ASP B 157 -9.92 5.10 44.79
C ASP B 157 -9.18 5.67 43.59
N VAL B 158 -8.06 5.07 43.22
CA VAL B 158 -7.21 5.48 42.06
C VAL B 158 -8.04 5.32 40.78
N CYS B 159 -8.12 6.40 40.01
CA CYS B 159 -8.90 6.58 38.75
C CYS B 159 -10.38 6.84 39.04
N GLY B 160 -10.76 6.95 40.33
CA GLY B 160 -12.09 7.42 40.75
C GLY B 160 -13.13 6.31 40.81
N PHE B 161 -13.94 6.30 41.87
CA PHE B 161 -15.04 5.34 42.12
C PHE B 161 -16.19 5.60 41.14
N GLY B 162 -16.90 6.72 41.32
CA GLY B 162 -18.06 7.09 40.50
C GLY B 162 -17.65 7.56 39.11
N GLY B 163 -18.57 7.49 38.15
CA GLY B 163 -18.40 8.03 36.79
C GLY B 163 -17.55 7.13 35.91
N ASN B 164 -17.21 7.61 34.71
CA ASN B 164 -16.34 6.94 33.72
C ASN B 164 -15.03 7.73 33.60
N VAL B 165 -13.90 7.09 33.90
CA VAL B 165 -12.55 7.72 33.82
C VAL B 165 -12.10 7.73 32.35
N THR B 166 -11.35 8.77 31.97
CA THR B 166 -10.66 8.92 30.67
C THR B 166 -9.27 8.26 30.79
N GLU B 167 -8.68 7.91 29.64
CA GLU B 167 -7.29 7.38 29.52
C GLU B 167 -6.31 8.31 30.24
N THR B 168 -6.40 9.62 30.00
CA THR B 168 -5.43 10.64 30.49
C THR B 168 -5.50 10.76 32.02
N LEU B 169 -6.69 10.88 32.61
CA LEU B 169 -6.90 11.06 34.07
C LEU B 169 -6.42 9.80 34.81
N CYS B 170 -6.67 8.61 34.25
CA CYS B 170 -6.33 7.31 34.88
C CYS B 170 -4.81 7.09 34.78
N ALA B 171 -4.20 7.41 33.64
CA ALA B 171 -2.73 7.40 33.44
C ALA B 171 -2.11 8.32 34.49
N ARG B 172 -2.66 9.53 34.65
CA ARG B 172 -2.18 10.54 35.65
C ARG B 172 -2.35 9.96 37.07
N TRP B 173 -3.51 9.36 37.36
CA TRP B 173 -3.82 8.85 38.72
C TRP B 173 -2.92 7.64 39.03
N ALA B 174 -2.60 6.82 38.04
CA ALA B 174 -1.73 5.62 38.18
C ALA B 174 -0.36 6.04 38.72
N THR B 175 0.19 7.14 38.20
CA THR B 175 1.56 7.63 38.56
C THR B 175 1.50 8.30 39.94
N LEU B 176 0.51 9.15 40.20
CA LEU B 176 0.31 9.79 41.54
C LEU B 176 -0.01 8.69 42.55
N GLY B 177 -0.85 7.71 42.16
CA GLY B 177 -1.30 6.59 43.00
C GLY B 177 -0.13 5.79 43.57
N SER B 178 0.97 5.73 42.83
CA SER B 178 2.21 5.00 43.19
C SER B 178 2.90 5.64 44.41
N PHE B 179 2.47 6.83 44.86
CA PHE B 179 3.05 7.54 46.03
C PHE B 179 2.00 7.77 47.12
N TYR B 180 0.92 6.98 47.12
CA TYR B 180 -0.04 6.82 48.24
C TYR B 180 0.43 5.65 49.12
N THR B 181 0.30 5.76 50.44
CA THR B 181 0.69 4.69 51.41
C THR B 181 -0.27 3.50 51.24
N PHE B 182 -1.50 3.76 50.79
CA PHE B 182 -2.48 2.74 50.34
C PHE B 182 -2.77 3.00 48.87
N PHE B 183 -2.45 2.03 48.00
CA PHE B 183 -2.51 2.16 46.52
C PHE B 183 -3.52 1.16 45.98
N ARG B 184 -4.68 1.66 45.55
CA ARG B 184 -5.84 0.82 45.18
C ARG B 184 -6.69 1.52 44.12
N ASN B 185 -6.87 0.85 42.98
CA ASN B 185 -7.85 1.18 41.93
C ASN B 185 -9.18 0.51 42.31
N HIS B 186 -10.25 1.29 42.39
CA HIS B 186 -11.63 0.83 42.68
C HIS B 186 -12.59 1.69 41.88
N ALA B 187 -13.76 1.14 41.51
CA ALA B 187 -14.76 1.78 40.62
C ALA B 187 -16.17 1.31 40.99
N GLU B 188 -17.16 2.16 40.68
CA GLU B 188 -18.61 1.94 40.86
C GLU B 188 -19.09 0.85 39.87
N ILE B 189 -20.20 0.18 40.18
CA ILE B 189 -20.77 -0.98 39.41
C ILE B 189 -21.12 -0.57 37.97
N TYR B 190 -21.55 0.67 37.74
CA TYR B 190 -22.00 1.17 36.41
C TYR B 190 -20.88 1.98 35.74
N ALA B 191 -19.69 2.03 36.36
CA ALA B 191 -18.47 2.57 35.74
C ALA B 191 -17.91 1.53 34.77
N ASN B 192 -17.44 1.98 33.60
CA ASN B 192 -16.68 1.13 32.65
C ASN B 192 -15.47 0.57 33.38
N PRO B 193 -14.99 -0.63 32.99
CA PRO B 193 -13.77 -1.19 33.55
C PRO B 193 -12.59 -0.20 33.46
N GLN B 194 -11.81 -0.09 34.53
CA GLN B 194 -10.66 0.86 34.60
C GLN B 194 -9.44 0.19 35.24
N GLU B 195 -9.29 -1.13 35.08
CA GLU B 195 -8.01 -1.84 35.36
C GLU B 195 -6.94 -1.20 34.48
N PHE B 196 -5.67 -1.16 34.92
CA PHE B 196 -4.57 -0.42 34.25
C PHE B 196 -4.31 -0.99 32.84
N TYR B 197 -4.64 -2.26 32.59
CA TYR B 197 -4.38 -2.96 31.29
C TYR B 197 -5.44 -2.59 30.23
N ARG B 198 -6.47 -1.80 30.56
CA ARG B 198 -7.58 -1.44 29.63
C ARG B 198 -7.11 -0.41 28.60
N TRP B 199 -6.09 0.39 28.92
CA TRP B 199 -5.49 1.42 28.01
C TRP B 199 -3.98 1.25 27.99
N PRO B 200 -3.33 1.20 26.79
CA PRO B 200 -1.87 1.11 26.71
C PRO B 200 -1.14 2.20 27.52
N THR B 201 -1.55 3.46 27.37
CA THR B 201 -0.97 4.63 28.09
C THR B 201 -1.10 4.42 29.60
N VAL B 202 -2.29 4.02 30.08
CA VAL B 202 -2.56 3.79 31.53
C VAL B 202 -1.70 2.62 32.01
N ALA B 203 -1.54 1.58 31.19
CA ALA B 203 -0.75 0.36 31.49
C ALA B 203 0.72 0.72 31.70
N GLN B 204 1.30 1.50 30.78
CA GLN B 204 2.71 1.94 30.85
C GLN B 204 2.87 2.94 32.00
N ALA B 205 1.90 3.83 32.22
CA ALA B 205 1.90 4.80 33.35
C ALA B 205 2.00 4.01 34.66
N ALA B 206 1.26 2.90 34.76
CA ALA B 206 1.26 1.98 35.93
C ALA B 206 2.64 1.31 36.05
N ARG B 207 3.16 0.75 34.94
CA ARG B 207 4.47 0.05 34.94
C ARG B 207 5.53 0.99 35.52
N ASN B 208 5.52 2.26 35.11
CA ASN B 208 6.47 3.32 35.54
C ASN B 208 6.27 3.62 37.02
N GLY B 209 5.04 3.91 37.43
CA GLY B 209 4.69 4.28 38.82
C GLY B 209 4.98 3.15 39.79
N ILE B 210 4.53 1.93 39.47
CA ILE B 210 4.66 0.74 40.36
C ILE B 210 6.14 0.37 40.47
N SER B 211 6.91 0.50 39.39
CA SER B 211 8.37 0.22 39.39
C SER B 211 9.07 1.12 40.40
N ILE B 212 8.83 2.44 40.33
CA ILE B 212 9.42 3.42 41.28
C ILE B 212 8.96 3.08 42.70
N ARG B 213 7.66 2.94 42.89
CA ARG B 213 7.04 2.59 44.20
C ARG B 213 7.75 1.37 44.80
N TYR B 214 7.96 0.31 44.02
CA TYR B 214 8.47 -0.99 44.50
C TYR B 214 9.97 -0.86 44.81
N GLN B 215 10.72 -0.10 44.00
CA GLN B 215 12.13 0.27 44.33
C GLN B 215 12.16 0.92 45.72
N LEU B 216 11.17 1.79 46.03
CA LEU B 216 11.09 2.55 47.31
C LEU B 216 10.18 1.83 48.32
N LEU B 217 9.88 0.54 48.17
CA LEU B 217 8.88 -0.11 49.06
C LEU B 217 9.45 -0.23 50.48
N ASP B 218 10.71 -0.64 50.62
CA ASP B 218 11.41 -0.74 51.93
C ASP B 218 11.59 0.66 52.51
N TYR B 219 11.79 1.66 51.66
CA TYR B 219 11.90 3.11 52.03
C TYR B 219 10.61 3.59 52.70
N ILE B 220 9.43 3.28 52.14
CA ILE B 220 8.11 3.69 52.73
C ILE B 220 7.77 2.77 53.91
N TYR B 221 8.13 1.48 53.82
CA TYR B 221 7.95 0.49 54.92
C TYR B 221 8.71 0.94 56.17
N THR B 222 9.88 1.55 55.97
CA THR B 222 10.74 2.09 57.06
C THR B 222 10.07 3.33 57.65
N ALA B 223 9.54 4.21 56.79
CA ALA B 223 8.88 5.48 57.20
C ALA B 223 7.68 5.14 58.08
N ILE B 224 6.88 4.16 57.66
CA ILE B 224 5.65 3.71 58.38
C ILE B 224 6.05 3.06 59.71
N TYR B 225 7.18 2.32 59.75
CA TYR B 225 7.73 1.73 61.00
C TYR B 225 8.15 2.86 61.96
N LYS B 226 8.89 3.86 61.48
CA LYS B 226 9.33 5.01 62.31
C LYS B 226 8.10 5.75 62.85
N GLN B 227 7.03 5.89 62.06
CA GLN B 227 5.76 6.50 62.54
C GLN B 227 5.17 5.59 63.62
N ASN B 228 5.11 4.29 63.37
CA ASN B 228 4.70 3.28 64.39
C ASN B 228 5.52 3.48 65.67
N GLN B 229 6.80 3.83 65.56
CA GLN B 229 7.74 3.92 66.70
C GLN B 229 7.53 5.21 67.50
N THR B 230 7.52 6.37 66.83
CA THR B 230 7.54 7.72 67.48
C THR B 230 6.32 8.59 67.09
N GLY B 231 5.62 8.25 66.01
CA GLY B 231 4.55 9.09 65.44
C GLY B 231 5.06 10.09 64.41
N THR B 232 6.35 10.01 64.02
CA THR B 232 6.93 10.90 62.97
C THR B 232 6.37 10.48 61.62
N PRO B 233 5.72 11.41 60.87
CA PRO B 233 4.86 11.05 59.74
C PRO B 233 5.56 10.44 58.51
N ALA B 234 4.89 9.49 57.85
CA ALA B 234 5.41 8.74 56.68
C ALA B 234 5.11 9.50 55.37
N LEU B 235 4.21 10.49 55.42
CA LEU B 235 3.99 11.53 54.38
C LEU B 235 4.15 12.89 55.04
N ASN B 236 4.80 13.86 54.38
CA ASN B 236 5.07 15.19 54.96
C ASN B 236 4.65 16.28 53.98
N PRO B 237 3.84 17.26 54.43
CA PRO B 237 3.66 18.49 53.68
C PRO B 237 5.03 19.15 53.49
N LEU B 238 5.17 20.05 52.52
CA LEU B 238 6.47 20.74 52.27
C LEU B 238 6.87 21.55 53.51
N PHE B 239 5.91 22.13 54.23
CA PHE B 239 6.23 23.02 55.38
C PHE B 239 6.78 22.19 56.54
N PHE B 240 6.48 20.90 56.61
CA PHE B 240 7.04 19.99 57.63
C PHE B 240 8.56 19.94 57.47
N ASN B 241 9.07 19.99 56.22
CA ASN B 241 10.51 19.96 55.89
C ASN B 241 11.11 21.37 55.84
N TYR B 242 10.29 22.39 55.53
CA TYR B 242 10.72 23.82 55.38
C TYR B 242 9.78 24.71 56.20
N PRO B 243 9.77 24.57 57.55
CA PRO B 243 8.82 25.32 58.39
C PRO B 243 8.96 26.85 58.32
N ASN B 244 10.14 27.36 57.94
CA ASN B 244 10.46 28.82 57.94
C ASN B 244 10.22 29.42 56.54
N ASP B 245 9.75 28.62 55.57
CA ASP B 245 9.50 29.08 54.18
C ASP B 245 7.99 29.26 53.98
N PRO B 246 7.46 30.50 54.06
CA PRO B 246 6.02 30.75 53.97
C PRO B 246 5.38 30.33 52.64
N ASN B 247 6.16 30.21 51.57
CA ASN B 247 5.68 29.78 50.23
C ASN B 247 5.12 28.36 50.30
N THR B 248 5.59 27.54 51.24
CA THR B 248 5.25 26.11 51.37
C THR B 248 3.96 25.92 52.19
N TYR B 249 3.57 26.94 52.97
CA TYR B 249 2.47 26.86 53.98
C TYR B 249 1.18 26.40 53.30
N PRO B 250 0.74 27.01 52.17
CA PRO B 250 -0.51 26.63 51.52
C PRO B 250 -0.42 25.50 50.48
N ILE B 251 0.76 24.93 50.24
CA ILE B 251 0.98 23.97 49.11
C ILE B 251 0.34 22.63 49.47
N ASP B 252 -0.54 22.12 48.60
CA ASP B 252 -1.23 20.82 48.75
C ASP B 252 -1.33 20.09 47.40
N LEU B 253 -0.54 20.51 46.39
CA LEU B 253 -0.47 19.83 45.06
C LEU B 253 0.88 19.12 44.93
N GLN B 254 1.75 19.25 45.94
CA GLN B 254 2.97 18.44 46.12
C GLN B 254 2.99 17.91 47.56
N PHE B 255 3.76 16.84 47.80
CA PHE B 255 3.98 16.27 49.15
C PHE B 255 5.30 15.50 49.15
N PHE B 256 5.82 15.22 50.34
CA PHE B 256 6.95 14.30 50.56
C PHE B 256 6.37 12.91 50.88
N TYR B 257 6.65 11.96 49.98
CA TYR B 257 6.60 10.49 50.20
C TYR B 257 7.76 10.15 51.13
N GLY B 258 7.46 9.77 52.38
CA GLY B 258 8.47 9.77 53.46
C GLY B 258 9.01 11.17 53.66
N ASP B 259 10.31 11.31 53.96
CA ASP B 259 10.94 12.59 54.37
C ASP B 259 11.53 13.32 53.16
N GLY B 260 11.89 12.58 52.10
CA GLY B 260 12.84 13.03 51.06
C GLY B 260 12.27 13.08 49.65
N ILE B 261 11.32 12.21 49.29
CA ILE B 261 10.82 12.09 47.89
C ILE B 261 9.73 13.14 47.64
N LEU B 262 10.08 14.17 46.85
CA LEU B 262 9.14 15.24 46.41
C LEU B 262 8.31 14.67 45.24
N VAL B 263 6.99 14.59 45.43
CA VAL B 263 6.00 14.16 44.40
C VAL B 263 5.31 15.41 43.86
N SER B 264 5.58 15.77 42.61
CA SER B 264 5.06 16.98 41.92
C SER B 264 4.28 16.56 40.67
N PRO B 265 3.06 16.00 40.83
CA PRO B 265 2.28 15.54 39.68
C PRO B 265 1.75 16.71 38.83
N VAL B 266 1.44 16.43 37.56
CA VAL B 266 0.65 17.33 36.66
C VAL B 266 -0.78 17.32 37.18
N THR B 267 -1.32 18.50 37.53
CA THR B 267 -2.62 18.68 38.22
C THR B 267 -3.70 19.16 37.24
N GLU B 268 -3.33 19.90 36.20
CA GLU B 268 -4.27 20.54 35.25
C GLU B 268 -4.75 19.49 34.23
N GLU B 269 -6.06 19.48 33.95
CA GLU B 269 -6.72 18.58 32.97
C GLU B 269 -6.13 18.81 31.58
N ASN B 270 -6.00 17.73 30.80
CA ASN B 270 -5.54 17.74 29.38
C ASN B 270 -4.40 18.74 29.23
N SER B 271 -3.29 18.47 29.94
CA SER B 271 -2.05 19.28 30.01
C SER B 271 -0.86 18.34 30.22
N THR B 272 0.29 18.71 29.65
CA THR B 272 1.59 17.99 29.84
C THR B 272 2.60 18.94 30.49
N SER B 273 2.16 20.08 31.01
CA SER B 273 3.00 21.07 31.73
C SER B 273 2.59 21.12 33.21
N VAL B 274 3.57 21.34 34.10
CA VAL B 274 3.35 21.47 35.57
C VAL B 274 4.21 22.61 36.11
N THR B 275 3.59 23.54 36.85
CA THR B 275 4.27 24.57 37.68
C THR B 275 4.29 24.06 39.11
N PHE B 276 5.49 23.92 39.70
CA PHE B 276 5.69 23.32 41.05
C PHE B 276 6.82 24.07 41.78
N TYR B 277 6.71 24.14 43.11
CA TYR B 277 7.65 24.88 43.99
C TYR B 277 8.82 23.97 44.36
N LEU B 278 10.05 24.48 44.18
CA LEU B 278 11.29 23.86 44.71
C LEU B 278 11.81 24.74 45.83
N PRO B 279 11.75 24.27 47.10
CA PRO B 279 12.36 24.98 48.22
C PRO B 279 13.84 25.34 48.01
N ASP B 280 14.37 26.25 48.82
CA ASP B 280 15.80 26.66 48.80
C ASP B 280 16.64 25.53 49.38
N ASP B 281 16.98 24.55 48.55
CA ASP B 281 17.72 23.31 48.94
C ASP B 281 18.23 22.62 47.68
N ILE B 282 19.16 21.68 47.84
CA ILE B 282 19.66 20.80 46.73
C ILE B 282 18.70 19.62 46.59
N PHE B 283 18.24 19.37 45.36
CA PHE B 283 17.40 18.20 44.97
C PHE B 283 18.11 17.45 43.84
N TYR B 284 17.68 16.22 43.57
CA TYR B 284 18.22 15.36 42.47
C TYR B 284 17.06 14.65 41.78
N GLU B 285 16.97 14.81 40.45
CA GLU B 285 15.96 14.15 39.59
C GLU B 285 15.94 12.64 39.91
N TRP B 286 14.76 12.02 39.92
CA TRP B 286 14.61 10.55 40.04
C TRP B 286 15.25 9.89 38.80
N GLY B 287 15.90 8.74 38.99
CA GLY B 287 16.41 7.88 37.89
C GLY B 287 17.75 8.35 37.37
N THR B 288 17.78 9.52 36.73
CA THR B 288 19.01 10.20 36.25
C THR B 288 19.87 10.58 37.46
N GLY B 289 19.26 11.10 38.52
CA GLY B 289 19.96 11.57 39.73
C GLY B 289 20.60 12.93 39.53
N LYS B 290 20.23 13.62 38.44
CA LYS B 290 20.84 14.91 38.00
C LYS B 290 20.53 16.00 39.03
N PRO B 291 21.55 16.68 39.61
CA PRO B 291 21.29 17.73 40.60
C PRO B 291 20.32 18.79 40.07
N VAL B 292 19.43 19.28 40.92
CA VAL B 292 18.49 20.40 40.64
C VAL B 292 18.51 21.32 41.87
N ARG B 293 19.10 22.50 41.74
CA ARG B 293 19.21 23.49 42.84
C ARG B 293 17.91 24.29 42.90
N GLY B 294 17.02 23.93 43.83
CA GLY B 294 15.84 24.73 44.18
C GLY B 294 16.25 26.06 44.77
N GLN B 295 15.49 27.12 44.47
CA GLN B 295 15.85 28.53 44.78
C GLN B 295 14.76 29.18 45.65
N GLY B 296 13.83 28.39 46.20
CA GLY B 296 12.64 28.90 46.91
C GLY B 296 11.73 29.67 45.97
N GLU B 297 11.53 29.11 44.77
CA GLU B 297 10.75 29.72 43.66
C GLU B 297 10.03 28.60 42.91
N TYR B 298 8.85 28.91 42.35
CA TYR B 298 8.10 28.02 41.42
C TYR B 298 8.92 27.82 40.15
N VAL B 299 8.99 26.57 39.67
CA VAL B 299 9.63 26.16 38.39
C VAL B 299 8.55 25.50 37.51
N SER B 300 8.69 25.59 36.19
CA SER B 300 7.74 25.05 35.19
C SER B 300 8.46 24.06 34.26
N LEU B 301 8.06 22.79 34.30
CA LEU B 301 8.44 21.75 33.30
C LEU B 301 7.31 21.61 32.28
N ASP B 302 7.67 21.44 31.01
CA ASP B 302 6.72 21.19 29.89
C ASP B 302 6.99 19.79 29.32
N ASN B 303 6.03 19.25 28.57
CA ASN B 303 6.13 17.96 27.83
C ASN B 303 6.33 16.80 28.82
N ILE B 304 5.60 16.83 29.93
CA ILE B 304 5.51 15.69 30.90
C ILE B 304 4.54 14.67 30.31
N ASP B 305 5.07 13.58 29.75
CA ASP B 305 4.30 12.47 29.12
C ASP B 305 3.26 11.98 30.14
N TYR B 306 2.11 11.48 29.65
CA TYR B 306 0.96 11.03 30.48
C TYR B 306 1.31 9.74 31.23
N THR B 307 2.42 9.07 30.87
CA THR B 307 2.95 7.86 31.55
C THR B 307 3.96 8.26 32.63
N ASP B 308 4.31 9.54 32.73
CA ASP B 308 5.42 10.04 33.59
C ASP B 308 4.87 10.94 34.71
N ILE B 309 5.66 11.08 35.77
CA ILE B 309 5.43 12.00 36.92
C ILE B 309 6.80 12.59 37.31
N THR B 310 6.84 13.87 37.70
CA THR B 310 8.06 14.57 38.18
C THR B 310 8.29 14.19 39.65
N ILE B 311 9.45 13.60 39.95
CA ILE B 311 9.87 13.13 41.29
C ILE B 311 11.32 13.58 41.51
N HIS B 312 11.63 14.14 42.68
CA HIS B 312 12.98 14.56 43.11
C HIS B 312 13.36 13.88 44.43
N TYR B 313 14.64 13.57 44.60
CA TYR B 313 15.27 13.27 45.91
C TYR B 313 15.59 14.59 46.62
N LYS B 314 15.25 14.72 47.90
CA LYS B 314 15.74 15.83 48.78
C LYS B 314 17.18 15.50 49.19
N GLY B 315 18.09 16.47 49.08
CA GLY B 315 19.47 16.35 49.59
C GLY B 315 19.50 16.17 51.09
N GLY B 316 20.57 15.54 51.60
CA GLY B 316 20.80 15.29 53.04
C GLY B 316 20.26 13.95 53.50
N ILE B 317 19.84 13.08 52.56
CA ILE B 317 19.16 11.79 52.89
C ILE B 317 19.80 10.66 52.08
N VAL B 318 19.92 9.48 52.71
CA VAL B 318 20.30 8.18 52.09
C VAL B 318 19.02 7.40 51.85
N TYR B 319 18.78 7.00 50.60
CA TYR B 319 17.55 6.30 50.14
C TYR B 319 17.89 4.84 49.85
N PRO B 320 17.51 3.88 50.72
CA PRO B 320 17.74 2.46 50.47
C PRO B 320 16.68 1.91 49.52
N GLN B 321 17.09 1.49 48.33
CA GLN B 321 16.18 1.06 47.23
C GLN B 321 16.49 -0.40 46.88
N ARG B 322 15.47 -1.18 46.56
CA ARG B 322 15.64 -2.50 45.89
C ARG B 322 16.24 -2.20 44.52
N ILE B 323 17.33 -2.89 44.16
CA ILE B 323 18.07 -2.66 42.88
C ILE B 323 17.05 -2.68 41.72
N GLU B 324 16.05 -3.56 41.77
CA GLU B 324 14.97 -3.67 40.74
C GLU B 324 13.60 -3.75 41.40
N SER B 325 12.56 -3.43 40.62
CA SER B 325 11.15 -3.80 40.90
C SER B 325 10.93 -5.27 40.53
N ALA B 326 9.79 -5.83 40.91
CA ALA B 326 9.37 -7.22 40.62
C ALA B 326 7.83 -7.28 40.58
N ASN B 327 7.28 -8.39 40.08
CA ASN B 327 5.82 -8.54 39.82
C ASN B 327 5.08 -8.81 41.15
N THR B 328 5.77 -9.37 42.16
CA THR B 328 5.23 -9.61 43.53
C THR B 328 6.20 -9.02 44.56
N THR B 329 5.71 -8.72 45.77
CA THR B 329 6.56 -8.22 46.89
C THR B 329 7.36 -9.39 47.46
N THR B 330 6.90 -10.63 47.24
CA THR B 330 7.65 -11.86 47.62
C THR B 330 8.91 -11.92 46.77
N ALA B 331 8.80 -11.68 45.46
CA ALA B 331 9.93 -11.61 44.52
C ALA B 331 10.79 -10.37 44.84
N LEU B 332 10.15 -9.25 45.18
CA LEU B 332 10.84 -7.96 45.45
C LEU B 332 11.83 -8.13 46.61
N ARG B 333 11.46 -8.89 47.64
CA ARG B 333 12.27 -9.08 48.88
C ARG B 333 13.54 -9.89 48.58
N GLN B 334 13.62 -10.51 47.39
CA GLN B 334 14.79 -11.33 46.95
C GLN B 334 15.73 -10.51 46.07
N LYS B 335 15.37 -9.27 45.72
CA LYS B 335 16.24 -8.30 44.99
C LYS B 335 17.19 -7.62 45.97
N GLY B 336 18.46 -7.44 45.56
CA GLY B 336 19.49 -6.75 46.35
C GLY B 336 19.20 -5.26 46.48
N PHE B 337 20.01 -4.54 47.26
CA PHE B 337 19.78 -3.10 47.58
C PHE B 337 20.71 -2.20 46.75
N ASN B 338 20.17 -1.07 46.28
CA ASN B 338 20.90 0.08 45.70
C ASN B 338 20.77 1.24 46.70
N ILE B 339 21.82 1.50 47.50
CA ILE B 339 21.81 2.58 48.53
C ILE B 339 22.15 3.90 47.82
N VAL B 340 21.15 4.76 47.64
CA VAL B 340 21.24 6.04 46.87
C VAL B 340 21.50 7.17 47.87
N VAL B 341 22.70 7.75 47.78
CA VAL B 341 23.20 8.86 48.65
C VAL B 341 22.99 10.18 47.91
N ALA B 342 22.16 11.07 48.48
CA ALA B 342 21.84 12.40 47.94
C ALA B 342 22.40 13.44 48.91
N PRO B 343 23.67 13.86 48.75
CA PRO B 343 24.29 14.82 49.68
C PRO B 343 23.46 16.11 49.83
N GLY B 344 23.44 16.67 51.04
CA GLY B 344 22.81 17.97 51.33
C GLY B 344 23.73 19.11 50.95
N LEU B 345 23.43 20.33 51.41
CA LEU B 345 24.28 21.52 51.12
C LEU B 345 25.61 21.41 51.89
N ASP B 346 25.64 20.61 52.96
CA ASP B 346 26.83 20.37 53.82
C ASP B 346 27.58 19.12 53.35
N GLY B 347 27.15 18.49 52.26
CA GLY B 347 27.81 17.30 51.66
C GLY B 347 27.52 16.02 52.43
N ARG B 348 26.70 16.08 53.48
CA ARG B 348 26.35 14.92 54.35
C ARG B 348 25.00 14.34 53.89
N ALA B 349 24.68 13.13 54.33
CA ALA B 349 23.39 12.45 54.08
C ALA B 349 23.13 11.42 55.18
N GLU B 350 21.86 11.30 55.60
CA GLU B 350 21.41 10.38 56.66
C GLU B 350 20.17 9.62 56.17
N GLY B 351 20.07 8.34 56.53
CA GLY B 351 18.92 7.49 56.14
C GLY B 351 18.89 6.21 56.94
N SER B 352 17.69 5.62 57.08
CA SER B 352 17.47 4.35 57.81
C SER B 352 16.90 3.30 56.86
N LEU B 353 17.05 2.03 57.23
CA LEU B 353 16.47 0.85 56.53
C LEU B 353 16.03 -0.15 57.60
N TYR B 354 14.73 -0.44 57.67
CA TYR B 354 14.12 -1.42 58.58
C TYR B 354 13.85 -2.71 57.78
N LEU B 355 14.34 -3.86 58.26
CA LEU B 355 14.08 -5.20 57.66
C LEU B 355 13.50 -6.12 58.74
N ASP B 356 12.55 -6.96 58.36
CA ASP B 356 11.92 -8.00 59.24
C ASP B 356 11.19 -9.00 58.34
N ASP B 357 10.35 -9.87 58.91
CA ASP B 357 9.72 -11.00 58.17
C ASP B 357 8.53 -10.47 57.35
N GLY B 358 8.09 -9.24 57.62
CA GLY B 358 7.15 -8.49 56.78
C GLY B 358 5.69 -8.70 57.18
N VAL B 359 5.42 -9.60 58.13
CA VAL B 359 4.06 -10.14 58.41
C VAL B 359 3.76 -10.13 59.93
N SER B 360 4.68 -10.62 60.76
CA SER B 360 4.43 -10.93 62.20
C SER B 360 4.25 -9.63 63.01
N VAL B 361 3.29 -9.64 63.95
CA VAL B 361 2.94 -8.48 64.81
C VAL B 361 4.09 -8.23 65.81
N VAL B 362 4.65 -9.30 66.38
CA VAL B 362 5.87 -9.25 67.23
C VAL B 362 6.96 -10.06 66.52
N GLN B 363 7.88 -9.35 65.86
CA GLN B 363 9.01 -9.92 65.08
C GLN B 363 9.92 -10.72 66.02
N ASP B 364 10.53 -11.80 65.51
CA ASP B 364 11.61 -12.54 66.22
C ASP B 364 12.92 -11.75 66.09
N THR B 365 13.25 -11.32 64.87
CA THR B 365 14.52 -10.63 64.50
C THR B 365 14.22 -9.45 63.58
N VAL B 366 14.87 -8.30 63.83
CA VAL B 366 14.72 -7.06 63.02
C VAL B 366 16.11 -6.50 62.76
N SER B 367 16.26 -5.76 61.67
CA SER B 367 17.45 -4.92 61.35
C SER B 367 17.01 -3.46 61.30
N GLU B 368 17.30 -2.68 62.35
CA GLU B 368 17.10 -1.21 62.39
C GLU B 368 18.42 -0.56 61.96
N ILE B 369 18.63 -0.40 60.65
CA ILE B 369 19.92 0.02 60.05
C ILE B 369 19.92 1.54 59.86
N ASP B 370 20.96 2.21 60.36
CA ASP B 370 21.23 3.65 60.11
C ASP B 370 22.39 3.75 59.12
N PHE B 371 22.24 4.64 58.13
CA PHE B 371 23.29 5.01 57.14
C PHE B 371 23.68 6.47 57.37
N VAL B 372 24.99 6.75 57.35
CA VAL B 372 25.56 8.13 57.39
C VAL B 372 26.63 8.22 56.31
N TYR B 373 26.57 9.27 55.49
CA TYR B 373 27.58 9.59 54.45
C TYR B 373 28.16 10.97 54.72
N GLU B 374 29.49 11.05 54.79
CA GLU B 374 30.27 12.31 54.84
C GLU B 374 31.72 12.01 54.44
N ASN B 375 32.34 12.92 53.67
CA ASN B 375 33.76 12.85 53.24
C ASN B 375 33.99 11.52 52.51
N GLY B 376 33.23 11.29 51.44
CA GLY B 376 33.41 10.18 50.48
C GLY B 376 33.18 8.80 51.08
N LYS B 377 32.57 8.71 52.27
CA LYS B 377 32.49 7.45 53.06
C LYS B 377 31.05 7.21 53.50
N LEU B 378 30.55 5.98 53.33
CA LEU B 378 29.20 5.53 53.79
C LEU B 378 29.36 4.61 54.98
N THR B 379 28.88 5.04 56.15
CA THR B 379 28.91 4.29 57.43
C THR B 379 27.53 3.64 57.65
N MET B 380 27.52 2.37 58.05
CA MET B 380 26.28 1.56 58.27
C MET B 380 26.33 1.00 59.69
N THR B 381 25.51 1.55 60.58
CA THR B 381 25.44 1.21 62.02
C THR B 381 24.01 0.73 62.33
N GLY B 382 23.76 0.29 63.57
CA GLY B 382 22.45 -0.17 64.04
C GLY B 382 22.44 -1.67 64.33
N SER B 383 21.31 -2.34 64.09
CA SER B 383 21.11 -3.78 64.35
C SER B 383 20.91 -4.52 63.02
N PHE B 384 21.28 -5.80 62.98
CA PHE B 384 21.39 -6.63 61.74
C PHE B 384 20.94 -8.07 62.04
N GLU B 385 19.92 -8.24 62.88
CA GLU B 385 19.52 -9.54 63.44
C GLU B 385 18.67 -10.32 62.42
N TYR B 386 18.06 -9.63 61.44
CA TYR B 386 17.17 -10.25 60.44
C TYR B 386 17.98 -10.79 59.26
N GLU B 387 17.99 -12.12 59.10
CA GLU B 387 18.55 -12.82 57.91
C GLU B 387 17.70 -12.48 56.68
N ALA B 388 18.17 -11.54 55.85
CA ALA B 388 17.47 -11.03 54.65
C ALA B 388 17.76 -11.94 53.44
N GLY B 389 18.89 -12.65 53.45
CA GLY B 389 19.36 -13.48 52.32
C GLY B 389 19.77 -12.63 51.11
N VAL B 390 20.00 -11.33 51.31
CA VAL B 390 20.38 -10.35 50.24
C VAL B 390 21.19 -9.24 50.90
N GLY B 391 22.06 -8.58 50.13
CA GLY B 391 22.90 -7.47 50.60
C GLY B 391 22.84 -6.27 49.68
N ILE B 392 23.71 -5.28 49.92
CA ILE B 392 23.89 -4.09 49.05
C ILE B 392 24.75 -4.51 47.84
N GLU B 393 24.27 -4.23 46.63
CA GLU B 393 24.94 -4.57 45.35
C GLU B 393 25.58 -3.31 44.76
N THR B 394 24.94 -2.15 44.92
CA THR B 394 25.44 -0.84 44.43
C THR B 394 25.32 0.23 45.52
N ILE B 395 26.26 1.16 45.54
CA ILE B 395 26.18 2.42 46.33
C ILE B 395 26.28 3.56 45.33
N THR B 396 25.16 4.26 45.09
CA THR B 396 25.03 5.41 44.18
C THR B 396 25.25 6.69 45.00
N VAL B 397 26.21 7.53 44.60
CA VAL B 397 26.43 8.87 45.22
C VAL B 397 26.09 9.94 44.18
N LEU B 398 25.15 10.83 44.50
CA LEU B 398 24.68 11.90 43.59
C LEU B 398 25.52 13.17 43.84
N GLY B 399 25.55 14.08 42.86
CA GLY B 399 26.28 15.36 42.94
C GLY B 399 27.78 15.18 43.05
N VAL B 400 28.35 14.22 42.32
CA VAL B 400 29.83 14.05 42.15
C VAL B 400 30.23 14.91 40.93
N GLU B 401 30.85 16.06 41.18
CA GLU B 401 31.05 17.16 40.19
C GLU B 401 32.01 16.72 39.08
N SER B 402 33.01 15.88 39.40
CA SER B 402 34.07 15.41 38.46
C SER B 402 34.37 13.92 38.68
N LYS B 403 34.75 13.22 37.61
CA LYS B 403 35.15 11.79 37.61
C LYS B 403 36.35 11.61 38.54
N PRO B 404 36.33 10.60 39.46
CA PRO B 404 37.46 10.35 40.34
C PRO B 404 38.61 9.58 39.65
N GLU B 405 39.81 9.63 40.26
CA GLU B 405 41.06 9.01 39.76
C GLU B 405 40.87 7.50 39.58
N GLY B 406 40.76 6.74 40.68
CA GLY B 406 40.61 5.28 40.67
C GLY B 406 39.37 4.85 39.89
N ASP B 407 39.49 3.78 39.09
CA ASP B 407 38.38 3.21 38.27
C ASP B 407 38.14 1.75 38.70
N GLU B 408 38.12 1.50 40.01
CA GLU B 408 37.92 0.15 40.63
C GLU B 408 36.47 0.03 41.10
N ASP B 409 35.65 -0.74 40.37
CA ASP B 409 34.23 -1.08 40.70
C ASP B 409 33.34 0.16 40.65
N VAL B 410 33.68 1.17 39.84
CA VAL B 410 32.97 2.49 39.81
C VAL B 410 32.65 2.89 38.36
N GLU B 411 31.37 3.16 38.09
CA GLU B 411 30.87 3.84 36.86
C GLU B 411 30.60 5.30 37.21
N TYR B 412 30.98 6.24 36.34
CA TYR B 412 30.65 7.67 36.47
C TYR B 412 29.86 8.13 35.24
N ASP B 413 28.62 8.53 35.47
CA ASP B 413 27.76 9.26 34.51
C ASP B 413 28.06 10.75 34.67
N ALA B 414 28.84 11.32 33.74
CA ALA B 414 29.34 12.72 33.79
C ALA B 414 28.18 13.70 33.55
N GLU B 415 27.27 13.35 32.64
CA GLU B 415 26.04 14.14 32.29
C GLU B 415 25.23 14.42 33.56
N ASN B 416 25.02 13.40 34.41
CA ASN B 416 24.09 13.43 35.57
C ASN B 416 24.86 13.59 36.89
N LYS B 417 26.19 13.74 36.83
CA LYS B 417 27.05 13.99 38.02
C LYS B 417 26.85 12.85 39.04
N LYS B 418 26.65 11.62 38.54
CA LYS B 418 26.25 10.44 39.34
C LYS B 418 27.38 9.39 39.32
N LEU B 419 27.82 8.96 40.50
CA LEU B 419 28.76 7.83 40.70
C LEU B 419 27.96 6.62 41.17
N VAL B 420 28.23 5.45 40.57
CA VAL B 420 27.70 4.11 40.99
C VAL B 420 28.90 3.25 41.37
N LYS B 421 28.92 2.70 42.59
CA LYS B 421 30.01 1.80 43.04
C LYS B 421 29.44 0.41 43.26
N HIS B 422 29.88 -0.55 42.44
CA HIS B 422 29.53 -1.99 42.57
C HIS B 422 30.21 -2.55 43.82
N VAL B 423 29.43 -3.19 44.69
CA VAL B 423 29.89 -3.79 45.98
C VAL B 423 29.11 -5.08 46.23
N ASP B 424 29.49 -5.83 47.26
CA ASP B 424 28.77 -7.05 47.73
C ASP B 424 28.84 -7.09 49.26
N VAL B 425 28.12 -6.17 49.91
CA VAL B 425 28.12 -5.97 51.39
C VAL B 425 26.86 -6.61 51.96
N PRO B 426 27.00 -7.65 52.82
CA PRO B 426 25.84 -8.24 53.49
C PRO B 426 25.36 -7.35 54.64
N LEU B 427 24.11 -7.54 55.06
CA LEU B 427 23.43 -6.75 56.11
C LEU B 427 23.42 -7.56 57.40
N THR B 428 24.59 -8.12 57.75
CA THR B 428 24.81 -9.09 58.86
C THR B 428 25.53 -8.39 60.03
N GLY B 429 26.10 -7.21 59.79
CA GLY B 429 26.79 -6.41 60.83
C GLY B 429 27.16 -5.02 60.33
N GLU B 430 27.48 -4.12 61.26
CA GLU B 430 27.95 -2.74 60.96
C GLU B 430 29.11 -2.83 59.94
N ASN B 431 29.33 -1.76 59.18
CA ASN B 431 30.32 -1.73 58.07
C ASN B 431 30.63 -0.28 57.72
N GLU B 432 31.77 -0.06 57.06
CA GLU B 432 32.17 1.24 56.47
C GLU B 432 32.58 0.98 55.02
N ILE B 433 32.15 1.82 54.08
CA ILE B 433 32.51 1.73 52.63
C ILE B 433 33.00 3.10 52.15
N THR B 434 34.24 3.18 51.70
CA THR B 434 34.85 4.36 51.02
C THR B 434 34.39 4.38 49.57
N ILE B 435 33.82 5.49 49.11
CA ILE B 435 33.38 5.68 47.69
C ILE B 435 34.33 6.69 47.01
N LEU B 436 34.65 7.82 47.66
CA LEU B 436 35.47 8.92 47.08
C LEU B 436 36.69 9.22 47.98
N PRO C 84 -23.21 94.04 76.07
CA PRO C 84 -22.50 94.48 77.28
C PRO C 84 -22.91 95.89 77.73
N GLY C 85 -23.20 96.77 76.76
CA GLY C 85 -23.62 98.16 77.00
C GLY C 85 -22.44 99.04 77.35
N ASP C 86 -22.66 100.00 78.24
CA ASP C 86 -21.72 101.10 78.54
C ASP C 86 -21.73 101.36 80.05
N ASP C 87 -20.65 100.99 80.73
CA ASP C 87 -20.43 101.22 82.18
C ASP C 87 -19.05 101.85 82.40
N LEU C 88 -18.01 101.32 81.75
CA LEU C 88 -16.62 101.83 81.84
C LEU C 88 -16.59 103.32 81.48
N TYR C 89 -17.39 103.74 80.50
CA TYR C 89 -17.29 105.08 79.85
C TYR C 89 -18.27 106.08 80.49
N VAL C 90 -19.34 105.61 81.13
CA VAL C 90 -20.44 106.48 81.67
C VAL C 90 -20.45 106.49 83.21
N LYS C 91 -19.79 105.52 83.86
CA LYS C 91 -19.73 105.44 85.35
C LYS C 91 -19.46 106.83 85.92
N ASP C 92 -20.19 107.21 86.97
CA ASP C 92 -19.99 108.47 87.74
C ASP C 92 -19.64 108.08 89.16
N LEU C 93 -18.37 108.26 89.54
CA LEU C 93 -17.83 107.95 90.89
C LEU C 93 -17.66 109.24 91.70
N SER C 94 -18.08 110.39 91.14
CA SER C 94 -17.89 111.75 91.73
C SER C 94 -18.36 111.77 93.19
N GLY C 95 -19.48 111.09 93.50
CA GLY C 95 -20.15 111.12 94.81
C GLY C 95 -19.65 110.03 95.76
N CYS C 96 -18.71 109.19 95.34
CA CYS C 96 -18.09 108.13 96.19
C CYS C 96 -17.09 108.78 97.14
N PRO C 97 -17.15 108.48 98.46
CA PRO C 97 -16.45 109.27 99.46
C PRO C 97 -14.93 109.02 99.51
N GLY C 98 -14.50 107.84 99.05
CA GLY C 98 -13.14 107.31 99.29
C GLY C 98 -13.05 106.72 100.68
N TYR C 99 -11.85 106.36 101.12
CA TYR C 99 -11.57 105.81 102.46
C TYR C 99 -10.62 106.76 103.19
N LYS C 100 -10.55 106.65 104.52
CA LYS C 100 -9.50 107.29 105.34
C LYS C 100 -8.89 106.23 106.25
N ALA C 101 -7.57 106.30 106.45
CA ALA C 101 -6.80 105.45 107.39
C ALA C 101 -6.99 105.99 108.81
N THR C 102 -7.65 105.22 109.67
CA THR C 102 -7.93 105.57 111.09
C THR C 102 -6.69 105.28 111.93
N LYS C 103 -6.33 104.00 112.05
CA LYS C 103 -5.17 103.48 112.83
C LYS C 103 -4.19 102.79 111.86
N HIS C 104 -2.88 102.96 112.10
CA HIS C 104 -1.78 102.36 111.30
C HIS C 104 -0.63 101.94 112.22
N TRP C 105 0.05 100.83 111.89
CA TRP C 105 1.19 100.30 112.67
C TRP C 105 2.24 99.67 111.73
N GLN C 106 3.50 99.61 112.19
CA GLN C 106 4.66 99.05 111.48
C GLN C 106 5.10 97.74 112.12
N THR C 107 5.80 96.88 111.37
CA THR C 107 6.54 95.70 111.86
C THR C 107 7.92 95.71 111.20
N ARG C 108 8.76 94.70 111.50
CA ARG C 108 10.16 94.60 110.98
C ARG C 108 10.16 94.53 109.45
N SER C 109 9.06 94.12 108.81
CA SER C 109 8.93 93.99 107.33
C SER C 109 7.52 94.33 106.84
N GLY C 110 6.82 95.25 107.51
CA GLY C 110 5.38 95.46 107.25
C GLY C 110 4.89 96.85 107.60
N PHE C 111 3.81 97.26 106.93
CA PHE C 111 2.98 98.45 107.24
C PHE C 111 1.51 98.07 107.10
N TYR C 112 0.72 98.37 108.14
CA TYR C 112 -0.70 97.93 108.29
C TYR C 112 -1.57 99.14 108.67
N ALA C 113 -2.77 99.23 108.11
CA ALA C 113 -3.73 100.33 108.34
C ALA C 113 -5.17 99.80 108.29
N ASP C 114 -6.00 100.22 109.25
CA ASP C 114 -7.48 100.07 109.20
C ASP C 114 -8.03 101.23 108.36
N LEU C 115 -8.82 100.90 107.33
CA LEU C 115 -9.49 101.89 106.44
C LEU C 115 -11.00 101.90 106.76
N THR C 116 -11.61 103.09 106.66
CA THR C 116 -13.07 103.34 106.85
C THR C 116 -13.53 104.30 105.75
N LEU C 117 -14.81 104.24 105.35
CA LEU C 117 -15.45 105.19 104.40
C LEU C 117 -15.30 106.63 104.93
N ALA C 118 -14.77 107.54 104.11
CA ALA C 118 -14.46 108.94 104.47
C ALA C 118 -15.71 109.83 104.35
N GLY C 119 -16.87 109.23 104.05
CA GLY C 119 -18.15 109.95 103.86
C GLY C 119 -19.31 108.99 103.60
N PRO C 120 -20.53 109.50 103.32
CA PRO C 120 -21.66 108.66 102.94
C PRO C 120 -21.37 107.81 101.69
N ALA C 121 -21.96 106.63 101.61
CA ALA C 121 -21.78 105.63 100.53
C ALA C 121 -22.40 106.15 99.22
N CYS C 122 -21.81 105.78 98.09
CA CYS C 122 -22.35 106.03 96.72
C CYS C 122 -23.10 104.78 96.23
N ASN C 123 -22.59 103.60 96.57
CA ASN C 123 -23.13 102.27 96.17
C ASN C 123 -23.46 102.29 94.67
N VAL C 124 -22.49 102.69 93.84
CA VAL C 124 -22.69 102.85 92.36
C VAL C 124 -22.99 101.48 91.74
N PHE C 125 -22.21 100.46 92.10
CA PHE C 125 -22.25 99.11 91.48
C PHE C 125 -22.15 98.04 92.57
N GLY C 126 -23.01 98.14 93.59
CA GLY C 126 -23.03 97.26 94.76
C GLY C 126 -22.84 98.04 96.06
N THR C 127 -22.76 97.33 97.19
CA THR C 127 -22.59 97.88 98.56
C THR C 127 -21.12 98.27 98.80
N ASP C 128 -20.86 99.57 98.99
CA ASP C 128 -19.59 100.09 99.55
C ASP C 128 -19.30 99.36 100.86
N LEU C 129 -18.16 98.66 100.96
CA LEU C 129 -17.72 98.02 102.23
C LEU C 129 -17.36 99.11 103.22
N PRO C 130 -18.03 99.18 104.39
CA PRO C 130 -17.78 100.24 105.37
C PRO C 130 -16.31 100.34 105.79
N ASP C 131 -15.65 99.19 105.93
CA ASP C 131 -14.26 99.08 106.47
C ASP C 131 -13.43 98.18 105.53
N LEU C 132 -12.12 98.42 105.50
CA LEU C 132 -11.13 97.64 104.72
C LEU C 132 -9.87 97.46 105.56
N LYS C 133 -9.05 96.47 105.22
CA LYS C 133 -7.67 96.30 105.75
C LYS C 133 -6.67 96.74 104.67
N LEU C 134 -5.57 97.36 105.09
CA LEU C 134 -4.34 97.53 104.27
C LEU C 134 -3.24 96.68 104.90
N GLU C 135 -2.68 95.74 104.12
CA GLU C 135 -1.52 94.90 104.52
C GLU C 135 -0.40 95.13 103.50
N VAL C 136 0.75 95.60 103.96
CA VAL C 136 1.96 95.83 103.12
C VAL C 136 3.08 94.93 103.65
N GLU C 137 3.57 94.02 102.81
CA GLU C 137 4.63 93.05 103.18
C GLU C 137 5.85 93.26 102.28
N TYR C 138 6.96 93.69 102.88
CA TYR C 138 8.32 93.63 102.27
C TYR C 138 8.81 92.18 102.37
N GLN C 139 8.53 91.37 101.34
CA GLN C 139 8.82 89.91 101.32
C GLN C 139 10.31 89.70 101.03
N THR C 140 10.78 90.21 99.89
CA THR C 140 12.21 90.26 99.48
C THR C 140 12.54 91.70 99.09
N SER C 141 13.81 91.99 98.82
CA SER C 141 14.28 93.34 98.39
C SER C 141 13.72 93.69 97.00
N ASP C 142 13.26 92.68 96.26
CA ASP C 142 12.76 92.81 94.86
C ASP C 142 11.24 92.92 94.86
N ARG C 143 10.54 92.28 95.81
CA ARG C 143 9.08 92.03 95.76
C ARG C 143 8.38 92.62 97.00
N LEU C 144 7.43 93.54 96.76
CA LEU C 144 6.59 94.22 97.78
C LEU C 144 5.12 93.80 97.59
N HIS C 145 4.50 93.24 98.63
CA HIS C 145 3.08 92.81 98.66
C HIS C 145 2.24 93.96 99.24
N VAL C 146 1.32 94.51 98.42
CA VAL C 146 0.34 95.56 98.81
C VAL C 146 -1.05 94.98 98.59
N LYS C 147 -1.79 94.76 99.68
CA LYS C 147 -3.10 94.07 99.69
C LYS C 147 -4.13 94.96 100.41
N ILE C 148 -5.19 95.35 99.70
CA ILE C 148 -6.38 96.05 100.26
C ILE C 148 -7.55 95.07 100.16
N LEU C 149 -8.12 94.68 101.29
CA LEU C 149 -9.21 93.67 101.38
C LEU C 149 -10.22 94.09 102.45
N ASP C 150 -11.25 93.25 102.64
CA ASP C 150 -12.29 93.36 103.70
C ASP C 150 -11.69 92.95 105.05
N THR C 151 -12.48 93.01 106.12
CA THR C 151 -12.00 92.89 107.53
C THR C 151 -12.23 91.47 108.08
N ASN C 152 -13.10 90.66 107.48
CA ASN C 152 -13.57 89.37 108.07
C ASN C 152 -13.44 88.22 107.07
N ASN C 153 -12.60 88.35 106.04
CA ASN C 153 -12.22 87.26 105.10
C ASN C 153 -13.47 86.61 104.49
N THR C 154 -14.33 87.41 103.86
CA THR C 154 -15.58 86.96 103.21
C THR C 154 -15.49 87.21 101.70
N VAL C 155 -15.04 88.39 101.28
CA VAL C 155 -14.80 88.72 99.84
C VAL C 155 -13.91 87.63 99.25
N TYR C 156 -14.23 87.19 98.03
CA TYR C 156 -13.53 86.07 97.32
C TYR C 156 -12.05 86.41 97.14
N GLN C 157 -11.18 85.45 97.42
CA GLN C 157 -9.73 85.49 97.10
C GLN C 157 -9.39 84.23 96.29
N VAL C 158 -8.42 84.33 95.38
CA VAL C 158 -8.00 83.20 94.51
C VAL C 158 -7.53 82.07 95.42
N PRO C 159 -8.06 80.84 95.26
CA PRO C 159 -7.67 79.72 96.12
C PRO C 159 -6.14 79.49 96.10
N ASP C 160 -5.60 79.15 97.27
CA ASP C 160 -4.16 78.79 97.48
C ASP C 160 -3.78 77.63 96.56
N SER C 161 -4.68 76.64 96.40
CA SER C 161 -4.48 75.41 95.59
C SER C 161 -4.22 75.76 94.13
N VAL C 162 -4.89 76.80 93.61
CA VAL C 162 -4.79 77.24 92.19
C VAL C 162 -3.50 78.06 92.01
N PHE C 163 -3.26 79.01 92.90
CA PHE C 163 -2.11 79.97 92.82
C PHE C 163 -1.44 80.03 94.18
N PRO C 164 -0.48 79.13 94.47
CA PRO C 164 0.30 79.19 95.71
C PRO C 164 1.01 80.55 95.83
N ARG C 165 0.91 81.21 96.98
CA ARG C 165 1.46 82.57 97.19
C ARG C 165 2.97 82.47 97.44
N PRO C 166 3.77 83.44 96.95
CA PRO C 166 5.18 83.52 97.32
C PRO C 166 5.28 84.17 98.70
N GLY C 167 6.44 84.08 99.35
CA GLY C 167 6.74 84.83 100.59
C GLY C 167 6.81 83.95 101.83
N PHE C 168 6.60 82.64 101.72
CA PHE C 168 6.70 81.72 102.89
C PHE C 168 8.10 81.78 103.48
N GLY C 169 8.20 82.19 104.75
CA GLY C 169 9.46 82.34 105.50
C GLY C 169 10.34 83.45 104.94
N GLU C 170 9.78 84.37 104.15
CA GLU C 170 10.52 85.51 103.55
C GLU C 170 10.07 86.81 104.23
N TRP C 171 11.03 87.70 104.49
CA TRP C 171 10.77 89.05 105.01
C TRP C 171 12.00 89.93 104.80
N CYS C 172 11.77 91.21 104.54
CA CYS C 172 12.81 92.21 104.15
C CYS C 172 12.63 93.46 105.01
N SER C 173 13.72 93.94 105.63
CA SER C 173 13.74 95.25 106.34
C SER C 173 13.43 96.33 105.30
N PRO C 174 12.45 97.23 105.54
CA PRO C 174 12.04 98.22 104.54
C PRO C 174 13.19 98.92 103.82
N LYS C 175 14.25 99.26 104.55
CA LYS C 175 15.41 100.06 104.05
C LYS C 175 16.29 99.20 103.14
N ASP C 176 16.18 97.87 103.22
CA ASP C 176 16.93 96.91 102.36
C ASP C 176 16.11 96.59 101.10
N SER C 177 14.87 97.08 101.01
CA SER C 177 13.97 96.87 99.84
C SER C 177 14.31 97.87 98.74
N LYS C 178 14.28 97.43 97.49
CA LYS C 178 14.41 98.29 96.28
C LYS C 178 13.15 99.16 96.15
N LEU C 179 12.02 98.69 96.67
CA LEU C 179 10.72 99.40 96.60
C LEU C 179 10.37 99.97 97.99
N LYS C 180 9.79 101.17 98.00
CA LYS C 180 9.38 101.92 99.21
C LYS C 180 7.87 102.18 99.13
N PHE C 181 7.13 101.84 100.18
CA PHE C 181 5.68 102.12 100.31
C PHE C 181 5.49 103.37 101.18
N ASP C 182 4.82 104.38 100.64
CA ASP C 182 4.31 105.58 101.38
C ASP C 182 2.79 105.59 101.23
N PHE C 183 2.11 106.34 102.10
CA PHE C 183 0.62 106.43 102.14
C PHE C 183 0.23 107.84 102.59
N GLN C 184 -1.00 108.24 102.23
CA GLN C 184 -1.73 109.40 102.79
C GLN C 184 -2.94 108.83 103.54
N ALA C 185 -3.18 109.30 104.77
CA ALA C 185 -4.22 108.74 105.66
C ALA C 185 -5.60 109.21 105.18
N ASP C 186 -5.70 110.44 104.66
CA ASP C 186 -7.01 111.12 104.43
C ASP C 186 -6.83 112.23 103.39
N PRO C 187 -7.46 112.15 102.20
CA PRO C 187 -8.16 110.93 101.76
C PRO C 187 -7.16 109.82 101.43
N PHE C 188 -7.49 108.57 101.75
CA PHE C 188 -6.55 107.42 101.63
C PHE C 188 -6.02 107.33 100.19
N SER C 189 -4.70 107.29 100.06
CA SER C 189 -3.95 107.04 98.80
C SER C 189 -2.59 106.45 99.18
N PHE C 190 -1.95 105.74 98.25
CA PHE C 190 -0.57 105.20 98.46
C PHE C 190 0.24 105.38 97.19
N THR C 191 1.56 105.43 97.38
CA THR C 191 2.60 105.53 96.32
C THR C 191 3.62 104.40 96.53
N VAL C 192 4.02 103.74 95.45
CA VAL C 192 5.15 102.76 95.40
C VAL C 192 6.26 103.42 94.60
N SER C 193 7.45 103.55 95.19
CA SER C 193 8.62 104.28 94.63
C SER C 193 9.90 103.44 94.77
N ARG C 194 10.92 103.79 93.99
CA ARG C 194 12.28 103.22 94.11
C ARG C 194 12.96 103.86 95.32
N THR C 195 13.53 103.04 96.21
CA THR C 195 14.21 103.45 97.46
C THR C 195 15.42 104.34 97.16
N ASP C 196 16.20 103.98 96.13
CA ASP C 196 17.50 104.63 95.81
C ASP C 196 17.25 106.01 95.19
N THR C 197 16.45 106.09 94.12
CA THR C 197 16.26 107.31 93.28
C THR C 197 15.09 108.14 93.79
N GLY C 198 14.11 107.52 94.46
CA GLY C 198 12.87 108.17 94.91
C GLY C 198 11.84 108.29 93.79
N GLU C 199 12.06 107.62 92.65
CA GLU C 199 11.16 107.71 91.46
C GLU C 199 9.87 106.93 91.75
N VAL C 200 8.72 107.56 91.48
CA VAL C 200 7.36 107.00 91.74
C VAL C 200 6.99 106.04 90.60
N LEU C 201 6.66 104.79 90.95
CA LEU C 201 6.35 103.68 89.99
C LEU C 201 4.83 103.44 89.93
N PHE C 202 4.12 103.68 91.04
CA PHE C 202 2.65 103.50 91.19
C PHE C 202 2.15 104.52 92.22
N ASP C 203 1.02 105.18 91.93
CA ASP C 203 0.61 106.42 92.64
C ASP C 203 -0.90 106.65 92.48
N THR C 204 -1.67 106.46 93.56
CA THR C 204 -3.14 106.65 93.61
C THR C 204 -3.49 108.01 94.25
N THR C 205 -2.54 108.95 94.34
CA THR C 205 -2.74 110.30 94.94
C THR C 205 -3.79 111.05 94.11
N GLY C 206 -4.80 111.62 94.78
CA GLY C 206 -5.88 112.41 94.16
C GLY C 206 -6.90 111.55 93.42
N ASN C 207 -6.84 110.22 93.58
CA ASN C 207 -7.73 109.25 92.91
C ASN C 207 -8.52 108.49 93.98
N LYS C 208 -9.84 108.43 93.82
CA LYS C 208 -10.76 107.74 94.77
C LYS C 208 -10.46 106.24 94.76
N LEU C 209 -10.35 105.64 95.94
CA LEU C 209 -10.53 104.19 96.16
C LEU C 209 -12.04 103.93 96.26
N VAL C 210 -12.59 103.09 95.38
CA VAL C 210 -13.97 102.55 95.49
C VAL C 210 -13.85 101.03 95.67
N PHE C 211 -14.41 100.51 96.76
CA PHE C 211 -14.44 99.07 97.11
C PHE C 211 -15.88 98.71 97.44
N GLU C 212 -16.52 97.90 96.58
CA GLU C 212 -17.95 97.51 96.68
C GLU C 212 -18.09 96.01 96.40
N SER C 213 -19.22 95.42 96.81
CA SER C 213 -19.54 93.98 96.73
C SER C 213 -19.24 93.42 95.34
N GLN C 214 -19.43 94.22 94.27
CA GLN C 214 -19.22 93.78 92.86
C GLN C 214 -18.54 94.88 92.05
N TYR C 215 -17.81 95.80 92.69
CA TYR C 215 -17.02 96.85 91.98
C TYR C 215 -15.86 97.32 92.85
N VAL C 216 -14.64 97.09 92.39
CA VAL C 216 -13.38 97.60 93.00
C VAL C 216 -12.70 98.47 91.95
N TYR C 217 -12.46 99.74 92.28
CA TYR C 217 -11.81 100.75 91.40
C TYR C 217 -10.54 101.26 92.07
N LEU C 218 -9.43 101.27 91.31
CA LEU C 218 -8.14 101.90 91.68
C LEU C 218 -7.54 102.53 90.41
N LYS C 219 -6.99 103.74 90.54
CA LYS C 219 -6.39 104.51 89.41
C LYS C 219 -5.00 104.99 89.83
N THR C 220 -3.97 104.67 89.04
CA THR C 220 -2.58 105.12 89.27
C THR C 220 -2.22 106.20 88.25
N HIS C 221 -1.38 107.16 88.66
CA HIS C 221 -0.64 108.06 87.73
C HIS C 221 0.43 107.24 87.02
N LEU C 222 0.74 107.60 85.78
CA LEU C 222 1.88 107.05 84.99
C LEU C 222 2.68 108.21 84.43
N PRO C 223 3.99 108.00 84.13
CA PRO C 223 4.72 108.98 83.33
C PRO C 223 3.97 109.23 82.02
N GLN C 224 4.16 110.42 81.43
CA GLN C 224 3.59 110.76 80.10
C GLN C 224 4.25 109.81 79.07
N ASN C 225 3.47 109.37 78.08
CA ASN C 225 3.92 108.45 77.00
C ASN C 225 4.61 107.24 77.62
N PRO C 226 3.89 106.43 78.43
CA PRO C 226 4.48 105.29 79.13
C PRO C 226 4.67 104.09 78.19
N HIS C 227 5.51 103.14 78.60
CA HIS C 227 5.81 101.88 77.87
C HIS C 227 5.35 100.70 78.74
N LEU C 228 4.11 100.25 78.53
CA LEU C 228 3.44 99.16 79.29
C LEU C 228 3.30 97.93 78.39
N TYR C 229 3.38 96.74 78.99
CA TYR C 229 3.34 95.42 78.29
C TYR C 229 2.58 94.43 79.17
N GLY C 230 1.69 93.63 78.57
CA GLY C 230 0.97 92.52 79.23
C GLY C 230 -0.52 92.78 79.37
N LEU C 231 -1.10 92.40 80.51
CA LEU C 231 -2.54 92.50 80.84
C LEU C 231 -3.35 91.75 79.78
N GLY C 232 -2.86 90.58 79.36
CA GLY C 232 -3.47 89.74 78.32
C GLY C 232 -4.57 88.86 78.89
N GLU C 233 -5.04 87.89 78.09
CA GLU C 233 -4.56 87.63 76.74
C GLU C 233 -5.20 88.63 75.76
N HIS C 234 -4.39 89.25 74.91
CA HIS C 234 -4.84 90.23 73.87
C HIS C 234 -4.05 90.01 72.57
N SER C 235 -4.54 90.57 71.46
CA SER C 235 -3.94 90.52 70.10
C SER C 235 -3.55 91.92 69.62
N ASP C 236 -3.49 92.88 70.55
CA ASP C 236 -3.17 94.31 70.29
C ASP C 236 -1.65 94.48 70.22
N ALA C 237 -1.19 95.69 69.89
CA ALA C 237 0.24 96.09 69.88
C ALA C 237 0.89 95.70 71.21
N PHE C 238 2.10 95.10 71.15
CA PHE C 238 2.82 94.57 72.34
C PHE C 238 2.99 95.68 73.39
N MET C 239 3.54 96.83 72.98
CA MET C 239 3.55 98.05 73.83
C MET C 239 2.13 98.61 73.81
N LEU C 240 1.44 98.61 74.97
CA LEU C 240 -0.01 98.93 75.07
C LEU C 240 -0.26 100.37 74.60
N ASN C 241 -1.39 100.57 73.91
CA ASN C 241 -1.96 101.91 73.60
C ASN C 241 -2.10 102.69 74.91
N THR C 242 -1.79 103.99 74.89
CA THR C 242 -1.73 104.88 76.08
C THR C 242 -2.97 105.78 76.11
N THR C 243 -3.71 105.89 75.00
CA THR C 243 -4.88 106.80 74.82
C THR C 243 -6.14 105.99 74.52
N ASN C 244 -7.20 106.20 75.31
CA ASN C 244 -8.57 105.63 75.12
C ASN C 244 -8.47 104.13 74.78
N TYR C 245 -7.72 103.37 75.58
CA TYR C 245 -7.43 101.93 75.39
C TYR C 245 -8.16 101.12 76.46
N THR C 246 -9.16 100.33 76.06
CA THR C 246 -9.86 99.35 76.92
C THR C 246 -9.17 97.99 76.80
N ARG C 247 -8.73 97.44 77.94
CA ARG C 247 -8.15 96.08 78.06
C ARG C 247 -9.01 95.29 79.04
N THR C 248 -9.82 94.35 78.53
CA THR C 248 -10.81 93.57 79.32
C THR C 248 -10.27 92.16 79.57
N ILE C 249 -9.96 91.84 80.84
CA ILE C 249 -9.53 90.49 81.28
C ILE C 249 -10.77 89.72 81.75
N TYR C 250 -11.24 88.81 80.90
CA TYR C 250 -12.32 87.84 81.19
C TYR C 250 -12.24 86.77 80.11
N THR C 251 -11.89 85.55 80.46
CA THR C 251 -11.59 84.45 79.51
C THR C 251 -12.84 84.22 78.64
N ARG C 252 -12.69 84.21 77.30
CA ARG C 252 -13.82 83.88 76.42
C ARG C 252 -13.36 83.21 75.11
N ASP C 253 -14.25 82.39 74.54
CA ASP C 253 -14.16 81.78 73.20
C ASP C 253 -14.27 82.87 72.14
N ALA C 254 -13.15 83.55 71.85
CA ALA C 254 -13.07 84.73 70.95
C ALA C 254 -12.49 84.32 69.59
N TYR C 255 -13.31 83.71 68.73
CA TYR C 255 -12.94 83.34 67.34
C TYR C 255 -12.35 84.55 66.60
N GLY C 256 -11.24 84.32 65.89
CA GLY C 256 -10.50 85.36 65.14
C GLY C 256 -9.67 86.26 66.03
N THR C 257 -9.39 85.82 67.27
CA THR C 257 -8.57 86.54 68.27
C THR C 257 -8.65 88.05 68.02
N PRO C 258 -9.85 88.65 68.14
CA PRO C 258 -10.08 90.02 67.70
C PRO C 258 -9.30 91.05 68.54
N GLN C 259 -8.69 92.03 67.86
CA GLN C 259 -8.00 93.18 68.48
C GLN C 259 -9.02 93.99 69.29
N GLY C 260 -8.61 94.49 70.47
CA GLY C 260 -9.42 95.36 71.34
C GLY C 260 -10.52 94.64 72.12
N GLU C 261 -10.43 93.30 72.25
CA GLU C 261 -11.47 92.45 72.90
C GLU C 261 -10.85 91.40 73.81
N ASN C 262 -11.61 90.95 74.83
CA ASN C 262 -11.23 89.86 75.77
C ASN C 262 -11.04 88.57 74.96
N LEU C 263 -9.92 87.88 75.16
CA LEU C 263 -9.59 86.58 74.51
C LEU C 263 -9.59 85.47 75.57
N TYR C 264 -8.88 84.36 75.31
CA TYR C 264 -9.03 83.05 76.00
C TYR C 264 -8.40 83.06 77.39
N GLY C 265 -7.32 83.81 77.58
CA GLY C 265 -6.51 83.79 78.82
C GLY C 265 -6.67 85.06 79.64
N ALA C 266 -6.27 85.02 80.91
CA ALA C 266 -6.36 86.14 81.87
C ALA C 266 -5.04 86.25 82.63
N HIS C 267 -4.27 87.31 82.36
CA HIS C 267 -2.90 87.53 82.91
C HIS C 267 -2.76 88.97 83.39
N PRO C 268 -3.35 89.33 84.55
CA PRO C 268 -3.31 90.72 85.05
C PRO C 268 -1.93 91.11 85.61
N ILE C 269 -0.89 90.91 84.78
CA ILE C 269 0.52 91.35 85.03
C ILE C 269 0.85 92.40 83.97
N TYR C 270 1.41 93.55 84.36
CA TYR C 270 2.00 94.52 83.39
C TYR C 270 3.45 94.84 83.78
N PHE C 271 4.32 94.88 82.77
CA PHE C 271 5.70 95.43 82.83
C PHE C 271 5.61 96.92 82.48
N ASP C 272 6.19 97.78 83.33
CA ASP C 272 6.32 99.24 83.11
C ASP C 272 7.80 99.53 82.82
N HIS C 273 8.15 99.79 81.55
CA HIS C 273 9.55 100.01 81.12
C HIS C 273 9.85 101.50 80.99
N ARG C 274 10.93 101.96 81.63
CA ARG C 274 11.38 103.37 81.61
C ARG C 274 12.88 103.44 81.33
N GLN C 275 13.37 104.61 80.93
CA GLN C 275 14.81 104.92 80.69
C GLN C 275 15.60 104.60 81.97
N THR C 276 14.98 104.81 83.13
CA THR C 276 15.60 104.72 84.48
C THR C 276 15.55 103.27 85.01
N GLY C 277 14.68 102.42 84.45
CA GLY C 277 14.57 101.00 84.83
C GLY C 277 13.22 100.40 84.53
N THR C 278 13.09 99.08 84.70
CA THR C 278 11.84 98.30 84.46
C THR C 278 11.31 97.80 85.79
N HIS C 279 9.97 97.78 85.94
CA HIS C 279 9.26 97.16 87.09
C HIS C 279 8.01 96.43 86.57
N GLY C 280 7.44 95.58 87.41
CA GLY C 280 6.19 94.84 87.15
C GLY C 280 5.14 95.14 88.20
N VAL C 281 3.86 95.16 87.79
CA VAL C 281 2.67 95.28 88.69
C VAL C 281 1.78 94.07 88.40
N PHE C 282 1.71 93.12 89.35
CA PHE C 282 0.84 91.93 89.27
C PHE C 282 -0.35 92.13 90.22
N LEU C 283 -1.57 91.94 89.71
CA LEU C 283 -2.84 91.94 90.48
C LEU C 283 -3.38 90.50 90.53
N LEU C 284 -3.22 89.82 91.68
CA LEU C 284 -3.70 88.43 91.89
C LEU C 284 -5.21 88.45 92.11
N ASN C 285 -5.97 88.60 91.02
CA ASN C 285 -7.44 88.76 91.00
C ASN C 285 -8.01 88.00 89.80
N SER C 286 -8.92 87.04 90.04
CA SER C 286 -9.47 86.12 89.02
C SER C 286 -10.89 86.51 88.62
N ASN C 287 -11.29 87.76 88.91
CA ASN C 287 -12.61 88.34 88.52
C ASN C 287 -12.49 89.01 87.16
N GLY C 288 -13.62 89.17 86.46
CA GLY C 288 -13.75 89.99 85.25
C GLY C 288 -13.38 91.43 85.57
N MET C 289 -12.58 92.07 84.72
CA MET C 289 -12.19 93.49 84.95
C MET C 289 -12.01 94.20 83.60
N ASP C 290 -12.40 95.48 83.56
CA ASP C 290 -11.96 96.44 82.51
C ASP C 290 -10.79 97.25 83.06
N ILE C 291 -9.65 97.20 82.37
CA ILE C 291 -8.50 98.12 82.59
C ILE C 291 -8.57 99.16 81.48
N PHE C 292 -8.47 100.45 81.83
CA PHE C 292 -8.54 101.59 80.90
C PHE C 292 -7.28 102.45 81.06
N ILE C 293 -6.54 102.63 79.95
CA ILE C 293 -5.30 103.46 79.88
C ILE C 293 -5.62 104.66 79.00
N ASP C 294 -5.41 105.88 79.52
CA ASP C 294 -5.80 107.14 78.85
C ASP C 294 -4.98 108.30 79.42
N ASN C 295 -4.90 109.40 78.69
CA ASN C 295 -4.19 110.64 79.11
C ASN C 295 -5.11 111.85 78.94
N ASN C 296 -6.34 111.78 79.47
CA ASN C 296 -7.24 112.96 79.58
C ASN C 296 -6.90 113.69 80.89
N ALA C 297 -6.38 114.92 80.76
CA ALA C 297 -5.66 115.69 81.80
C ALA C 297 -4.21 115.21 81.85
N THR C 298 -3.96 114.03 82.43
CA THR C 298 -2.62 113.39 82.51
C THR C 298 -2.77 111.88 82.31
N GLN C 299 -1.67 111.22 81.94
CA GLN C 299 -1.62 109.75 81.72
C GLN C 299 -1.99 109.00 83.00
N TYR C 300 -2.81 107.95 82.88
CA TYR C 300 -3.18 107.04 83.99
C TYR C 300 -3.52 105.64 83.45
N LEU C 301 -3.61 104.69 84.38
CA LEU C 301 -4.21 103.35 84.18
C LEU C 301 -5.17 103.11 85.35
N GLU C 302 -6.37 102.61 85.08
CA GLU C 302 -7.38 102.33 86.12
C GLU C 302 -7.84 100.87 86.00
N TYR C 303 -8.10 100.23 87.14
CA TYR C 303 -8.75 98.91 87.25
C TYR C 303 -10.23 99.12 87.58
N ASN C 304 -11.12 98.55 86.75
CA ASN C 304 -12.56 98.37 87.06
C ASN C 304 -12.79 96.86 87.22
N ILE C 305 -12.82 96.36 88.46
CA ILE C 305 -12.87 94.91 88.80
C ILE C 305 -14.23 94.61 89.43
N ILE C 306 -14.91 93.54 89.00
CA ILE C 306 -16.31 93.23 89.42
C ILE C 306 -16.33 92.26 90.61
N GLY C 307 -15.19 92.09 91.29
CA GLY C 307 -15.12 91.32 92.55
C GLY C 307 -13.70 91.23 93.08
N GLY C 308 -13.54 90.40 94.11
CA GLY C 308 -12.24 90.09 94.73
C GLY C 308 -11.70 91.25 95.54
N VAL C 309 -10.39 91.23 95.80
CA VAL C 309 -9.63 92.26 96.57
C VAL C 309 -8.53 92.82 95.68
N LEU C 310 -7.93 93.95 96.08
CA LEU C 310 -6.76 94.56 95.40
C LEU C 310 -5.49 93.92 95.96
N ASP C 311 -5.11 92.76 95.40
CA ASP C 311 -3.97 91.92 95.86
C ASP C 311 -2.79 92.14 94.92
N PHE C 312 -1.94 93.13 95.23
CA PHE C 312 -0.85 93.60 94.35
C PHE C 312 0.50 93.05 94.83
N TYR C 313 1.29 92.53 93.88
CA TYR C 313 2.75 92.33 94.03
C TYR C 313 3.45 93.33 93.11
N PHE C 314 4.29 94.19 93.69
CA PHE C 314 5.21 95.10 92.97
C PHE C 314 6.59 94.45 92.95
N ILE C 315 7.20 94.37 91.77
CA ILE C 315 8.52 93.72 91.53
C ILE C 315 9.46 94.76 90.91
N ALA C 316 10.66 94.89 91.47
CA ALA C 316 11.51 96.11 91.37
C ALA C 316 12.33 96.12 90.07
N GLY C 317 12.50 94.96 89.42
CA GLY C 317 13.52 94.79 88.36
C GLY C 317 14.93 94.94 88.94
N PRO C 318 15.76 95.90 88.48
CA PRO C 318 15.35 96.93 87.50
C PRO C 318 15.47 96.61 86.00
N SER C 319 16.19 95.55 85.61
CA SER C 319 16.31 95.15 84.19
C SER C 319 15.00 94.49 83.74
N PRO C 320 14.70 94.45 82.42
CA PRO C 320 13.50 93.76 81.94
C PRO C 320 13.50 92.26 82.31
N ARG C 321 14.67 91.61 82.28
CA ARG C 321 14.81 90.16 82.60
C ARG C 321 14.63 89.97 84.11
N ASP C 322 15.06 90.94 84.92
CA ASP C 322 14.88 90.94 86.40
C ASP C 322 13.39 90.84 86.72
N VAL C 323 12.56 91.67 86.09
CA VAL C 323 11.09 91.72 86.32
C VAL C 323 10.51 90.33 86.02
N ALA C 324 10.87 89.74 84.88
CA ALA C 324 10.43 88.38 84.45
C ALA C 324 10.90 87.36 85.49
N ILE C 325 12.18 87.39 85.87
CA ILE C 325 12.79 86.48 86.89
C ILE C 325 12.00 86.63 88.20
N GLN C 326 11.63 87.85 88.57
CA GLN C 326 10.92 88.16 89.84
C GLN C 326 9.46 87.70 89.75
N TYR C 327 8.84 87.81 88.57
CA TYR C 327 7.44 87.35 88.34
C TYR C 327 7.36 85.82 88.42
N ALA C 328 8.44 85.12 88.02
CA ALA C 328 8.54 83.63 88.07
C ALA C 328 8.56 83.14 89.54
N GLU C 329 9.06 83.96 90.46
CA GLU C 329 9.03 83.68 91.92
C GLU C 329 7.58 83.64 92.39
N ILE C 330 6.70 84.42 91.75
CA ILE C 330 5.24 84.54 92.09
C ILE C 330 4.46 83.43 91.36
N THR C 331 4.58 83.34 90.03
CA THR C 331 3.88 82.32 89.19
C THR C 331 4.46 80.92 89.43
N GLN C 332 5.63 80.84 90.04
CA GLN C 332 6.53 79.65 90.03
C GLN C 332 7.10 79.50 88.62
N THR C 333 8.29 78.95 88.55
CA THR C 333 9.09 78.72 87.33
C THR C 333 8.27 77.78 86.43
N PRO C 334 8.24 78.00 85.10
CA PRO C 334 7.46 77.15 84.20
C PRO C 334 8.04 75.73 84.09
N LEU C 335 7.21 74.76 83.69
CA LEU C 335 7.65 73.35 83.55
C LEU C 335 8.56 73.22 82.32
N MET C 336 9.44 72.23 82.33
CA MET C 336 10.33 71.92 81.18
C MET C 336 9.51 71.16 80.12
N THR C 337 9.86 71.36 78.85
CA THR C 337 9.21 70.77 77.65
C THR C 337 10.03 69.57 77.19
N PRO C 338 9.41 68.52 76.60
CA PRO C 338 10.18 67.44 75.99
C PRO C 338 10.84 67.94 74.70
N TYR C 339 12.06 67.48 74.42
CA TYR C 339 12.88 67.83 73.24
C TYR C 339 12.06 67.63 71.95
N TRP C 340 11.39 66.48 71.81
CA TRP C 340 10.65 66.10 70.58
C TRP C 340 9.49 67.06 70.33
N GLY C 341 8.94 67.67 71.39
CA GLY C 341 7.85 68.65 71.31
C GLY C 341 8.20 69.86 70.45
N LEU C 342 9.49 70.17 70.32
CA LEU C 342 10.02 71.37 69.62
C LEU C 342 10.05 71.14 68.11
N GLY C 343 9.95 69.89 67.65
CA GLY C 343 9.74 69.54 66.24
C GLY C 343 8.44 70.12 65.71
N TYR C 344 8.24 70.06 64.39
CA TYR C 344 7.10 70.68 63.68
C TYR C 344 5.87 69.77 63.82
N HIS C 345 4.74 70.36 64.20
CA HIS C 345 3.41 69.69 64.38
C HIS C 345 2.50 70.02 63.20
N GLN C 346 1.78 69.03 62.67
CA GLN C 346 0.70 69.24 61.66
C GLN C 346 -0.64 68.84 62.29
N CYS C 347 -1.67 69.68 62.13
CA CYS C 347 -3.06 69.39 62.52
C CYS C 347 -4.03 69.96 61.49
N LYS C 348 -5.26 69.45 61.48
CA LYS C 348 -6.41 70.05 60.76
C LYS C 348 -7.71 69.60 61.45
N TYR C 349 -8.64 70.53 61.66
CA TYR C 349 -10.06 70.25 61.97
C TYR C 349 -10.69 69.88 60.62
N GLY C 350 -10.97 68.59 60.41
CA GLY C 350 -11.50 68.08 59.13
C GLY C 350 -10.83 66.81 58.64
N TYR C 351 -9.80 66.29 59.33
CA TYR C 351 -9.20 64.96 59.02
C TYR C 351 -10.26 63.89 59.30
N GLN C 352 -10.90 63.39 58.23
CA GLN C 352 -12.21 62.68 58.28
C GLN C 352 -12.07 61.25 58.83
N ASP C 353 -10.87 60.65 58.78
CA ASP C 353 -10.66 59.24 59.19
C ASP C 353 -9.16 58.92 59.27
N VAL C 354 -8.84 57.69 59.67
CA VAL C 354 -7.45 57.16 59.86
C VAL C 354 -6.62 57.27 58.56
N TYR C 355 -7.26 57.24 57.38
CA TYR C 355 -6.57 57.22 56.07
C TYR C 355 -5.96 58.60 55.80
N GLU C 356 -6.73 59.68 56.02
CA GLU C 356 -6.29 61.07 55.74
C GLU C 356 -5.11 61.44 56.64
N VAL C 357 -5.11 61.01 57.90
CA VAL C 357 -4.00 61.28 58.87
C VAL C 357 -2.75 60.56 58.35
N ALA C 358 -2.88 59.27 58.01
CA ALA C 358 -1.80 58.42 57.43
C ALA C 358 -1.19 59.10 56.20
N ALA C 359 -2.04 59.49 55.24
CA ALA C 359 -1.64 60.11 53.95
C ALA C 359 -0.86 61.40 54.19
N VAL C 360 -1.36 62.26 55.09
CA VAL C 360 -0.69 63.56 55.46
C VAL C 360 0.74 63.25 55.92
N VAL C 361 0.90 62.31 56.85
CA VAL C 361 2.24 61.91 57.40
C VAL C 361 3.14 61.45 56.24
N ALA C 362 2.67 60.50 55.43
CA ALA C 362 3.42 59.90 54.30
C ALA C 362 3.79 61.00 53.28
N ASN C 363 2.92 61.98 53.08
CA ASN C 363 3.07 63.05 52.05
C ASN C 363 4.12 64.08 52.50
N TYR C 364 4.38 64.21 53.82
CA TYR C 364 5.46 65.06 54.38
C TYR C 364 6.83 64.40 54.06
N SER C 365 6.98 63.11 54.37
CA SER C 365 8.22 62.34 54.15
C SER C 365 8.51 62.20 52.65
N THR C 366 7.48 61.95 51.83
CA THR C 366 7.59 61.83 50.35
C THR C 366 8.17 63.13 49.79
N ASN C 367 7.70 64.29 50.29
CA ASN C 367 8.05 65.65 49.80
C ASN C 367 9.26 66.19 50.57
N ASN C 368 9.91 65.36 51.39
CA ASN C 368 11.15 65.73 52.14
C ASN C 368 10.91 67.00 52.95
N ILE C 369 9.81 67.05 53.71
CA ILE C 369 9.54 68.10 54.74
C ILE C 369 9.50 67.40 56.09
N PRO C 370 10.42 67.74 57.03
CA PRO C 370 10.40 67.15 58.36
C PRO C 370 9.05 67.37 59.05
N LEU C 371 8.49 66.29 59.61
CA LEU C 371 7.28 66.29 60.45
C LEU C 371 7.54 65.41 61.67
N GLU C 372 7.50 66.02 62.86
CA GLU C 372 7.80 65.35 64.14
C GLU C 372 6.50 64.72 64.66
N THR C 373 5.42 65.49 64.63
CA THR C 373 4.15 65.17 65.33
C THR C 373 2.98 65.41 64.39
N ILE C 374 2.04 64.46 64.33
CA ILE C 374 0.75 64.59 63.59
C ILE C 374 -0.37 64.60 64.64
N TRP C 375 -1.41 65.40 64.39
CA TRP C 375 -2.52 65.64 65.34
C TRP C 375 -3.84 65.14 64.76
N THR C 376 -4.86 64.99 65.60
CA THR C 376 -6.29 64.83 65.19
C THR C 376 -7.19 65.66 66.12
N ASP C 377 -8.13 66.40 65.52
CA ASP C 377 -9.10 67.27 66.23
C ASP C 377 -10.32 66.40 66.63
N ILE C 378 -11.47 67.03 66.86
CA ILE C 378 -12.71 66.38 67.41
C ILE C 378 -13.20 65.26 66.47
N ASP C 379 -12.65 65.17 65.25
CA ASP C 379 -13.09 64.22 64.20
C ASP C 379 -12.88 62.75 64.63
N TYR C 380 -11.96 62.49 65.57
CA TYR C 380 -11.60 61.11 66.01
C TYR C 380 -12.73 60.53 66.85
N MET C 381 -13.53 61.39 67.49
CA MET C 381 -14.55 61.00 68.50
C MET C 381 -15.78 60.41 67.79
N ASP C 382 -16.55 59.60 68.50
CA ASP C 382 -17.91 59.16 68.08
C ASP C 382 -18.87 60.34 68.25
N ARG C 383 -19.22 61.01 67.15
CA ARG C 383 -20.21 62.12 67.10
C ARG C 383 -19.79 63.20 68.11
N ARG C 384 -18.48 63.50 68.15
CA ARG C 384 -17.84 64.62 68.89
C ARG C 384 -18.07 64.48 70.40
N ARG C 385 -18.25 63.24 70.89
CA ARG C 385 -18.36 62.88 72.32
C ARG C 385 -16.96 62.51 72.86
N ILE C 386 -16.47 63.21 73.88
CA ILE C 386 -15.10 62.98 74.44
C ILE C 386 -15.02 61.54 74.98
N PHE C 387 -13.80 60.99 74.98
CA PHE C 387 -13.46 59.63 75.48
C PHE C 387 -14.29 58.57 74.73
N THR C 388 -14.54 58.80 73.44
CA THR C 388 -15.07 57.82 72.46
C THR C 388 -14.21 57.85 71.20
N ILE C 389 -14.30 56.81 70.38
CA ILE C 389 -13.73 56.79 68.99
C ILE C 389 -14.87 56.47 68.02
N ASP C 390 -14.91 57.18 66.89
CA ASP C 390 -15.80 56.86 65.75
C ASP C 390 -15.52 55.44 65.28
N PRO C 391 -16.43 54.46 65.48
CA PRO C 391 -16.15 53.06 65.17
C PRO C 391 -16.14 52.72 63.67
N GLU C 392 -16.45 53.68 62.81
CA GLU C 392 -16.52 53.52 61.33
C GLU C 392 -15.30 54.20 60.66
N ARG C 393 -14.90 55.37 61.16
CA ARG C 393 -13.83 56.22 60.56
C ARG C 393 -12.54 56.16 61.38
N PHE C 394 -12.61 55.76 62.65
CA PHE C 394 -11.44 55.61 63.57
C PHE C 394 -11.58 54.32 64.38
N PRO C 395 -11.87 53.15 63.75
CA PRO C 395 -11.97 51.89 64.47
C PRO C 395 -10.63 51.53 65.14
N ALA C 396 -10.70 50.91 66.32
CA ALA C 396 -9.58 50.65 67.25
C ALA C 396 -8.41 49.93 66.56
N ASN C 397 -8.69 48.98 65.66
CA ASN C 397 -7.65 48.13 65.02
C ASN C 397 -6.88 48.96 63.98
N LEU C 398 -7.56 49.85 63.24
CA LEU C 398 -6.93 50.76 62.24
C LEU C 398 -6.28 51.95 62.96
N TYR C 399 -6.89 52.44 64.03
CA TYR C 399 -6.34 53.55 64.87
C TYR C 399 -4.99 53.10 65.45
N LYS C 400 -4.93 51.87 65.99
CA LYS C 400 -3.71 51.24 66.54
C LYS C 400 -2.61 51.19 65.46
N ASP C 401 -2.95 50.72 64.26
CA ASP C 401 -2.00 50.57 63.11
C ASP C 401 -1.38 51.94 62.78
N LEU C 402 -2.19 52.99 62.70
CA LEU C 402 -1.75 54.38 62.39
C LEU C 402 -0.72 54.86 63.44
N VAL C 403 -1.07 54.74 64.72
CA VAL C 403 -0.24 55.25 65.86
C VAL C 403 1.06 54.43 65.94
N ASP C 404 0.96 53.10 65.79
CA ASP C 404 2.11 52.16 65.83
C ASP C 404 3.10 52.48 64.70
N THR C 405 2.61 52.90 63.54
CA THR C 405 3.45 53.24 62.34
C THR C 405 4.06 54.63 62.55
N ILE C 406 3.28 55.58 63.08
CA ILE C 406 3.78 56.94 63.46
C ILE C 406 4.97 56.75 64.43
N HIS C 407 4.79 55.96 65.49
CA HIS C 407 5.82 55.71 66.54
C HIS C 407 7.02 54.98 65.94
N ALA C 408 6.81 54.02 65.03
CA ALA C 408 7.86 53.25 64.33
C ALA C 408 8.73 54.18 63.47
N ARG C 409 8.14 55.25 62.92
CA ARG C 409 8.86 56.31 62.16
C ARG C 409 9.50 57.32 63.11
N ASP C 410 9.44 57.08 64.43
CA ASP C 410 9.95 57.98 65.50
C ASP C 410 9.18 59.31 65.45
N GLN C 411 7.91 59.27 65.06
CA GLN C 411 6.99 60.44 65.09
C GLN C 411 6.06 60.28 66.29
N HIS C 412 5.36 61.36 66.65
CA HIS C 412 4.53 61.46 67.87
C HIS C 412 3.08 61.79 67.46
N TYR C 413 2.13 61.51 68.35
CA TYR C 413 0.68 61.69 68.09
C TYR C 413 0.01 62.42 69.27
N ILE C 414 -0.87 63.37 68.95
CA ILE C 414 -1.62 64.24 69.91
C ILE C 414 -3.06 64.38 69.40
N VAL C 415 -4.06 64.34 70.29
CA VAL C 415 -5.48 64.63 69.93
C VAL C 415 -6.06 65.66 70.90
N MET C 416 -7.17 66.28 70.47
CA MET C 416 -7.91 67.32 71.23
C MET C 416 -8.74 66.66 72.33
N VAL C 417 -8.89 67.33 73.47
CA VAL C 417 -9.88 66.99 74.53
C VAL C 417 -10.46 68.31 75.06
N ASP C 418 -11.75 68.30 75.39
CA ASP C 418 -12.50 69.48 75.90
C ASP C 418 -13.29 69.00 77.13
N PRO C 419 -13.86 69.91 77.95
CA PRO C 419 -14.48 69.51 79.22
C PRO C 419 -15.92 68.98 79.09
N ALA C 420 -16.62 69.31 78.01
CA ALA C 420 -18.05 69.04 77.80
C ALA C 420 -18.28 67.53 77.67
N VAL C 421 -19.15 66.97 78.52
CA VAL C 421 -19.52 65.53 78.56
C VAL C 421 -20.97 65.39 78.10
N TYR C 422 -21.19 64.79 76.92
CA TYR C 422 -22.50 64.43 76.32
C TYR C 422 -23.31 63.64 77.35
N TYR C 423 -24.56 64.01 77.61
CA TYR C 423 -25.39 63.42 78.69
C TYR C 423 -26.68 62.77 78.16
N LYS C 424 -26.96 62.85 76.85
CA LYS C 424 -28.21 62.32 76.23
C LYS C 424 -28.15 60.78 76.14
N GLU C 425 -26.97 60.20 75.87
CA GLU C 425 -26.81 58.72 75.74
C GLU C 425 -25.57 58.26 76.53
N SER C 426 -25.57 57.00 76.98
CA SER C 426 -24.51 56.35 77.77
C SER C 426 -23.14 56.49 77.07
N ASN C 427 -22.14 56.99 77.79
CA ASN C 427 -20.71 57.02 77.36
C ASN C 427 -19.83 57.07 78.61
N PRO C 428 -18.65 56.42 78.61
CA PRO C 428 -17.81 56.32 79.81
C PRO C 428 -17.64 57.61 80.63
N ALA C 429 -17.45 58.75 79.97
CA ALA C 429 -17.25 60.08 80.60
C ALA C 429 -18.47 60.46 81.44
N LEU C 430 -19.68 60.32 80.89
CA LEU C 430 -20.98 60.62 81.57
C LEU C 430 -21.16 59.66 82.76
N ASP C 431 -21.11 58.36 82.48
CA ASP C 431 -21.47 57.27 83.44
C ASP C 431 -20.56 57.33 84.66
N GLU C 432 -19.25 57.52 84.45
CA GLU C 432 -18.26 57.67 85.56
C GLU C 432 -18.39 59.07 86.16
N GLY C 433 -18.63 60.08 85.32
CA GLY C 433 -18.90 61.48 85.75
C GLY C 433 -20.03 61.54 86.76
N LEU C 434 -21.14 60.82 86.50
CA LEU C 434 -22.33 60.77 87.38
C LEU C 434 -22.04 59.93 88.62
N ARG C 435 -21.27 58.84 88.48
CA ARG C 435 -20.93 57.91 89.59
C ARG C 435 -20.10 58.65 90.65
N TYR C 436 -19.10 59.41 90.21
CA TYR C 436 -18.19 60.22 91.09
C TYR C 436 -18.90 61.51 91.50
N ASP C 437 -19.92 61.93 90.76
CA ASP C 437 -20.84 63.06 91.10
C ASP C 437 -20.06 64.38 91.01
N ILE C 438 -19.32 64.59 89.91
CA ILE C 438 -18.23 65.61 89.84
C ILE C 438 -18.63 66.76 88.91
N PHE C 439 -19.87 66.78 88.40
CA PHE C 439 -20.36 67.81 87.44
C PHE C 439 -20.87 69.03 88.21
N MET C 440 -20.71 70.22 87.62
CA MET C 440 -21.26 71.48 88.16
C MET C 440 -22.79 71.33 88.23
N LYS C 441 -23.36 71.68 89.39
CA LYS C 441 -24.79 71.49 89.73
C LYS C 441 -25.51 72.84 89.65
N GLU C 442 -26.80 72.81 89.33
CA GLU C 442 -27.72 73.96 89.44
C GLU C 442 -28.15 74.08 90.91
N ASN C 443 -28.71 75.22 91.33
CA ASN C 443 -29.22 75.44 92.71
C ASN C 443 -30.09 74.25 93.16
N ASN C 444 -30.95 73.74 92.28
CA ASN C 444 -31.90 72.62 92.56
C ASN C 444 -31.15 71.29 92.71
N GLY C 445 -29.83 71.27 92.50
CA GLY C 445 -28.95 70.10 92.78
C GLY C 445 -28.87 69.15 91.59
N SER C 446 -29.51 69.48 90.47
CA SER C 446 -29.47 68.72 89.20
C SER C 446 -28.30 69.21 88.34
N GLU C 447 -27.75 68.32 87.50
CA GLU C 447 -26.58 68.58 86.62
C GLU C 447 -26.85 69.81 85.77
N TYR C 448 -25.96 70.82 85.82
CA TYR C 448 -26.03 72.01 84.96
C TYR C 448 -25.94 71.56 83.50
N GLN C 449 -26.80 72.12 82.64
CA GLN C 449 -26.92 71.73 81.21
C GLN C 449 -26.38 72.85 80.33
N GLY C 450 -25.45 72.48 79.45
CA GLY C 450 -25.00 73.30 78.32
C GLY C 450 -25.12 72.51 77.02
N VAL C 451 -24.71 73.11 75.91
CA VAL C 451 -24.64 72.47 74.57
C VAL C 451 -23.31 72.89 73.93
N VAL C 452 -22.50 71.91 73.53
CA VAL C 452 -21.31 72.10 72.67
C VAL C 452 -21.35 71.01 71.59
N TRP C 453 -20.21 70.65 70.99
CA TRP C 453 -20.15 69.93 69.69
C TRP C 453 -20.97 68.63 69.70
N ALA C 454 -20.88 67.84 70.78
CA ALA C 454 -21.57 66.52 70.93
C ALA C 454 -23.09 66.71 71.09
N GLY C 455 -23.53 67.91 71.50
CA GLY C 455 -24.92 68.22 71.84
C GLY C 455 -25.03 68.64 73.31
N PRO C 456 -26.18 68.35 73.97
CA PRO C 456 -26.34 68.67 75.39
C PRO C 456 -25.23 68.03 76.23
N SER C 457 -24.52 68.84 77.03
CA SER C 457 -23.30 68.45 77.78
C SER C 457 -23.36 68.96 79.23
N HIS C 458 -22.71 68.23 80.13
CA HIS C 458 -22.32 68.68 81.50
C HIS C 458 -20.86 69.14 81.47
N PHE C 459 -20.41 69.81 82.53
CA PHE C 459 -19.02 70.29 82.71
C PHE C 459 -18.52 69.82 84.07
N PRO C 460 -17.34 69.17 84.16
CA PRO C 460 -16.74 68.84 85.44
C PRO C 460 -16.54 70.07 86.34
N ASP C 461 -16.75 69.89 87.65
CA ASP C 461 -16.32 70.84 88.70
C ASP C 461 -14.92 70.44 89.16
N TRP C 462 -13.89 71.20 88.76
CA TRP C 462 -12.47 70.89 89.02
C TRP C 462 -12.11 71.15 90.49
N PHE C 463 -13.01 71.78 91.27
CA PHE C 463 -12.89 71.95 92.74
C PHE C 463 -13.32 70.67 93.47
N HIS C 464 -14.15 69.83 92.86
CA HIS C 464 -14.63 68.57 93.48
C HIS C 464 -13.42 67.70 93.84
N PRO C 465 -13.34 67.15 95.07
CA PRO C 465 -12.17 66.37 95.49
C PRO C 465 -11.94 65.07 94.71
N ASP C 466 -12.93 64.60 93.94
CA ASP C 466 -12.85 63.35 93.15
C ASP C 466 -12.75 63.66 91.65
N SER C 467 -12.73 64.94 91.27
CA SER C 467 -12.58 65.41 89.87
C SER C 467 -11.26 64.92 89.27
N GLN C 468 -10.16 64.88 90.05
CA GLN C 468 -8.82 64.45 89.55
C GLN C 468 -8.82 62.94 89.26
N GLN C 469 -9.27 62.14 90.24
CA GLN C 469 -9.40 60.66 90.11
C GLN C 469 -10.28 60.35 88.88
N TYR C 470 -11.43 61.02 88.77
CA TYR C 470 -12.38 60.89 87.63
C TYR C 470 -11.65 61.14 86.30
N TRP C 471 -10.92 62.26 86.20
CA TRP C 471 -10.27 62.70 84.94
C TRP C 471 -9.13 61.76 84.58
N SER C 472 -8.24 61.47 85.53
CA SER C 472 -7.08 60.56 85.37
C SER C 472 -7.56 59.18 84.86
N GLU C 473 -8.65 58.65 85.45
CA GLU C 473 -9.19 57.31 85.10
C GLU C 473 -9.78 57.32 83.68
N GLN C 474 -10.32 58.46 83.24
CA GLN C 474 -10.86 58.64 81.85
C GLN C 474 -9.69 58.55 80.84
N PHE C 475 -8.53 59.12 81.18
CA PHE C 475 -7.31 59.11 80.34
C PHE C 475 -6.72 57.70 80.29
N LEU C 476 -6.59 57.05 81.47
CA LEU C 476 -6.03 55.67 81.62
C LEU C 476 -6.84 54.68 80.78
N ALA C 477 -8.17 54.75 80.84
CA ALA C 477 -9.10 53.79 80.21
C ALA C 477 -9.13 53.97 78.69
N PHE C 478 -9.03 55.21 78.21
CA PHE C 478 -9.28 55.60 76.79
C PHE C 478 -7.99 55.57 75.96
N PHE C 479 -6.93 56.22 76.44
CA PHE C 479 -5.66 56.46 75.68
C PHE C 479 -4.69 55.29 75.90
N ASP C 480 -5.19 54.05 75.81
CA ASP C 480 -4.43 52.83 76.20
C ASP C 480 -3.94 52.07 74.94
N GLY C 481 -4.32 52.53 73.74
CA GLY C 481 -3.95 51.90 72.46
C GLY C 481 -4.92 50.80 72.03
N THR C 482 -5.98 50.58 72.82
CA THR C 482 -7.02 49.54 72.56
C THR C 482 -8.39 50.21 72.42
N ASN C 483 -8.81 50.97 73.44
CA ASN C 483 -10.10 51.71 73.48
C ASN C 483 -9.94 53.07 72.77
N GLY C 484 -8.70 53.54 72.60
CA GLY C 484 -8.36 54.78 71.90
C GLY C 484 -6.85 54.97 71.74
N PRO C 485 -6.39 56.10 71.16
CA PRO C 485 -5.01 56.26 70.74
C PRO C 485 -4.00 56.46 71.89
N ASP C 486 -2.88 55.73 71.84
CA ASP C 486 -1.73 55.90 72.78
C ASP C 486 -1.00 57.21 72.42
N ILE C 487 -1.53 58.34 72.89
CA ILE C 487 -1.04 59.72 72.58
C ILE C 487 0.24 60.00 73.37
N ASP C 488 1.06 60.93 72.88
CA ASP C 488 2.39 61.27 73.45
C ASP C 488 2.32 62.62 74.20
N ALA C 489 1.46 63.51 73.72
CA ALA C 489 1.14 64.81 74.37
C ALA C 489 -0.35 65.11 74.15
N LEU C 490 -0.86 66.12 74.84
CA LEU C 490 -2.32 66.45 74.89
C LEU C 490 -2.57 67.86 74.35
N TRP C 491 -3.76 68.04 73.76
CA TRP C 491 -4.32 69.31 73.25
C TRP C 491 -5.66 69.56 73.95
N ILE C 492 -5.80 70.69 74.65
CA ILE C 492 -7.05 71.10 75.35
C ILE C 492 -7.64 72.30 74.60
N ASP C 493 -8.91 72.19 74.20
CA ASP C 493 -9.67 73.24 73.47
C ASP C 493 -10.99 73.49 74.22
N MET C 494 -11.60 74.65 73.98
CA MET C 494 -12.97 75.01 74.45
C MET C 494 -13.06 74.88 75.98
N ASN C 495 -11.99 75.25 76.70
CA ASN C 495 -11.89 75.05 78.17
C ASN C 495 -12.11 76.36 78.93
N GLU C 496 -12.74 77.37 78.31
CA GLU C 496 -12.99 78.70 78.95
C GLU C 496 -13.95 78.58 80.14
N PRO C 497 -15.02 77.75 80.13
CA PRO C 497 -15.35 76.82 79.04
C PRO C 497 -16.24 77.39 77.90
N ALA C 498 -16.11 76.81 76.71
CA ALA C 498 -16.98 77.09 75.55
C ALA C 498 -18.35 76.43 75.78
N ASN C 499 -19.42 77.17 75.54
CA ASN C 499 -20.81 76.69 75.75
C ASN C 499 -21.70 77.33 74.69
N PHE C 500 -22.02 76.59 73.62
CA PHE C 500 -22.76 77.09 72.44
C PHE C 500 -24.17 77.51 72.87
N TYR C 501 -24.76 76.80 73.84
CA TYR C 501 -26.15 76.95 74.33
C TYR C 501 -26.45 78.43 74.64
N ASN C 502 -25.51 79.12 75.30
CA ASN C 502 -25.66 80.56 75.69
C ASN C 502 -25.26 81.46 74.51
N ARG C 503 -25.90 81.29 73.34
CA ARG C 503 -25.69 82.12 72.12
C ARG C 503 -27.03 82.64 71.61
N PRO C 504 -27.64 83.67 72.25
CA PRO C 504 -27.16 84.23 73.52
C PRO C 504 -27.76 83.53 74.75
N TYR C 505 -27.29 83.91 75.94
CA TYR C 505 -27.83 83.46 77.25
C TYR C 505 -29.24 84.07 77.43
N PRO C 506 -30.25 83.33 77.96
CA PRO C 506 -30.11 81.95 78.44
C PRO C 506 -30.66 80.86 77.51
N GLY C 507 -29.76 80.02 76.98
CA GLY C 507 -30.10 78.82 76.19
C GLY C 507 -30.86 79.15 74.91
N ASN C 508 -30.61 80.34 74.34
CA ASN C 508 -31.36 80.93 73.19
C ASN C 508 -32.87 80.81 73.43
N ASN C 509 -33.30 80.82 74.70
CA ASN C 509 -34.73 80.77 75.12
C ASN C 509 -35.39 79.52 74.52
N THR C 510 -34.66 78.39 74.49
CA THR C 510 -35.13 77.07 73.99
C THR C 510 -34.49 75.97 74.84
N THR C 511 -34.80 74.70 74.54
CA THR C 511 -34.24 73.52 75.25
C THR C 511 -32.85 73.21 74.71
N PRO C 512 -31.98 72.50 75.46
CA PRO C 512 -30.68 72.07 74.94
C PRO C 512 -30.80 71.14 73.72
N GLU C 513 -31.69 70.15 73.79
CA GLU C 513 -31.90 69.15 72.70
C GLU C 513 -32.42 69.88 71.45
N ASN C 514 -33.24 70.92 71.62
CA ASN C 514 -33.73 71.75 70.48
C ASN C 514 -32.57 72.57 69.92
N PHE C 515 -31.85 73.32 70.78
CA PHE C 515 -30.66 74.12 70.40
C PHE C 515 -29.65 73.22 69.67
N ALA C 516 -29.46 71.99 70.15
CA ALA C 516 -28.56 70.97 69.57
C ALA C 516 -28.96 70.63 68.13
N GLU C 517 -30.27 70.47 67.87
CA GLU C 517 -30.81 70.08 66.54
C GLU C 517 -30.64 71.25 65.56
N VAL C 518 -31.00 72.46 65.98
CA VAL C 518 -31.04 73.68 65.12
C VAL C 518 -29.60 74.14 64.81
N ASP C 519 -28.70 74.05 65.79
CA ASP C 519 -27.30 74.56 65.70
C ASP C 519 -26.39 73.51 65.04
N GLY C 520 -26.86 72.25 64.92
CA GLY C 520 -26.13 71.16 64.26
C GLY C 520 -25.02 70.62 65.14
N ASP C 521 -25.37 70.20 66.36
CA ASP C 521 -24.44 69.74 67.42
C ASP C 521 -24.81 68.31 67.83
N PRO C 522 -24.22 67.24 67.23
CA PRO C 522 -23.13 67.35 66.26
C PRO C 522 -23.58 67.45 64.81
N PRO C 523 -22.68 67.84 63.87
CA PRO C 523 -22.99 67.78 62.44
C PRO C 523 -22.97 66.33 61.93
N ALA C 524 -23.44 66.12 60.70
CA ALA C 524 -23.28 64.87 59.94
C ALA C 524 -21.79 64.72 59.59
N ALA C 525 -21.16 63.62 60.04
CA ALA C 525 -19.79 63.24 59.65
C ALA C 525 -19.80 62.93 58.14
N PRO C 526 -18.71 63.20 57.41
CA PRO C 526 -18.67 62.91 55.97
C PRO C 526 -18.93 61.41 55.69
N ALA C 527 -19.42 61.11 54.50
CA ALA C 527 -19.73 59.73 54.02
C ALA C 527 -18.50 58.85 54.19
N VAL C 528 -18.67 57.65 54.74
CA VAL C 528 -17.57 56.71 55.06
C VAL C 528 -16.86 56.36 53.74
N ARG C 529 -15.53 56.35 53.77
CA ARG C 529 -14.66 56.07 52.60
C ARG C 529 -14.18 54.62 52.66
N ASP C 530 -13.87 54.03 51.51
CA ASP C 530 -13.32 52.66 51.36
C ASP C 530 -11.81 52.68 51.64
N GLY C 531 -11.20 53.88 51.67
CA GLY C 531 -9.78 54.06 52.01
C GLY C 531 -9.26 55.41 51.52
N PRO C 532 -7.92 55.63 51.51
CA PRO C 532 -7.37 56.93 51.16
C PRO C 532 -7.56 57.33 49.69
N ASP C 533 -7.34 58.62 49.42
CA ASP C 533 -7.45 59.27 48.10
C ASP C 533 -6.52 58.57 47.09
N ALA C 534 -5.33 58.18 47.55
CA ALA C 534 -4.23 57.56 46.78
C ALA C 534 -3.49 56.56 47.68
N PRO C 535 -2.56 55.73 47.13
CA PRO C 535 -1.76 54.85 47.98
C PRO C 535 -0.93 55.67 48.98
N ILE C 536 -0.63 55.10 50.15
CA ILE C 536 0.18 55.73 51.23
C ILE C 536 1.48 54.95 51.38
N PRO C 537 2.60 55.43 50.81
CA PRO C 537 3.91 54.81 51.02
C PRO C 537 4.26 54.69 52.51
N GLY C 538 4.80 53.53 52.91
CA GLY C 538 5.40 53.30 54.24
C GLY C 538 4.38 53.00 55.33
N PHE C 539 3.11 52.82 54.98
CA PHE C 539 2.03 52.53 55.95
C PHE C 539 1.41 51.16 55.66
N PRO C 540 0.86 50.46 56.68
CA PRO C 540 0.31 49.11 56.48
C PRO C 540 -0.85 49.08 55.49
N ALA C 541 -1.06 47.92 54.84
CA ALA C 541 -2.10 47.69 53.80
C ALA C 541 -3.49 47.96 54.37
N SER C 542 -3.70 47.64 55.66
CA SER C 542 -4.96 47.86 56.42
C SER C 542 -5.44 49.31 56.25
N LEU C 543 -4.53 50.27 56.11
CA LEU C 543 -4.83 51.71 55.99
C LEU C 543 -4.82 52.15 54.52
N GLN C 544 -4.87 51.20 53.59
CA GLN C 544 -5.07 51.46 52.14
C GLN C 544 -5.67 50.22 51.48
N PRO C 545 -6.81 49.70 52.01
CA PRO C 545 -7.35 48.41 51.58
C PRO C 545 -7.90 48.44 50.14
N ASN C 546 -8.17 49.66 49.64
CA ASN C 546 -8.66 49.94 48.26
C ASN C 546 -7.48 50.09 47.30
N TRP C 547 -6.26 49.73 47.72
CA TRP C 547 -5.02 49.72 46.90
C TRP C 547 -4.24 48.43 47.12
N VAL C 548 -4.93 47.31 47.42
CA VAL C 548 -4.35 45.96 47.65
C VAL C 548 -4.86 45.03 46.55
N SER D 1 16.08 55.80 87.05
CA SER D 1 16.55 56.49 88.31
C SER D 1 16.54 58.01 88.12
N ARG D 2 16.61 58.74 89.23
CA ARG D 2 16.34 60.21 89.32
C ARG D 2 17.50 60.92 90.03
N ARG D 3 18.74 60.57 89.69
CA ARG D 3 19.96 61.11 90.35
C ARG D 3 20.12 62.61 90.06
N ASN D 4 19.73 63.06 88.87
CA ASN D 4 19.84 64.47 88.39
C ASN D 4 21.31 64.92 88.51
N LEU D 5 22.23 64.08 88.02
CA LEU D 5 23.70 64.29 88.14
C LEU D 5 24.12 65.42 87.19
N GLY D 6 24.74 66.47 87.74
CA GLY D 6 25.32 67.58 86.96
C GLY D 6 24.40 68.78 86.82
N ALA D 7 23.22 68.78 87.46
CA ALA D 7 22.21 69.86 87.38
C ALA D 7 22.47 70.92 88.47
N GLY D 8 21.92 72.13 88.29
CA GLY D 8 21.82 73.17 89.33
C GLY D 8 22.84 74.30 89.18
N HIS D 9 23.61 74.34 88.08
CA HIS D 9 24.65 75.37 87.81
C HIS D 9 24.00 76.70 87.42
N TRP D 10 22.78 76.67 86.86
CA TRP D 10 22.04 77.85 86.35
C TRP D 10 20.82 78.14 87.24
N LYS D 11 20.73 77.47 88.39
CA LYS D 11 19.63 77.61 89.39
C LYS D 11 19.66 79.01 90.00
N SER D 12 18.51 79.51 90.46
CA SER D 12 18.34 80.86 91.08
C SER D 12 18.98 80.90 92.46
N PRO D 13 19.43 82.08 92.94
CA PRO D 13 19.82 82.26 94.34
C PRO D 13 18.68 81.90 95.31
N LYS D 14 18.98 81.09 96.34
CA LYS D 14 18.01 80.58 97.34
C LYS D 14 17.31 81.75 98.03
N GLY D 15 18.08 82.67 98.63
CA GLY D 15 17.57 83.82 99.39
C GLY D 15 17.30 83.48 100.84
N LYS D 16 16.97 84.48 101.67
CA LYS D 16 16.75 84.34 103.13
C LYS D 16 15.42 83.62 103.40
N VAL D 17 15.48 82.31 103.65
CA VAL D 17 14.30 81.43 103.98
C VAL D 17 14.48 80.88 105.40
N ASP D 18 13.42 80.94 106.22
CA ASP D 18 13.42 80.53 107.65
C ASP D 18 11.99 80.19 108.08
N PRO D 19 11.60 78.90 108.09
CA PRO D 19 10.19 78.52 108.34
C PRO D 19 9.64 78.86 109.73
N ARG D 20 10.51 79.17 110.70
CA ARG D 20 10.11 79.71 112.03
C ARG D 20 9.20 80.94 111.82
N ALA D 21 9.61 81.87 110.95
CA ALA D 21 8.88 83.11 110.61
C ALA D 21 7.54 82.77 109.93
N GLY D 22 7.50 81.71 109.12
CA GLY D 22 6.31 81.27 108.37
C GLY D 22 5.81 82.37 107.45
N TRP D 23 4.49 82.51 107.35
CA TRP D 23 3.82 83.64 106.62
C TRP D 23 3.88 84.89 107.49
N GLN D 24 4.07 86.06 106.88
CA GLN D 24 4.03 87.39 107.57
C GLN D 24 2.61 87.64 108.11
N ASN D 25 1.59 87.10 107.45
CA ASN D 25 0.14 87.31 107.79
C ASN D 25 -0.22 86.57 109.09
N GLY D 26 0.64 85.64 109.54
CA GLY D 26 0.48 84.92 110.82
C GLY D 26 -0.47 83.73 110.70
N LYS D 27 -0.99 83.45 109.49
CA LYS D 27 -1.97 82.37 109.20
C LYS D 27 -1.22 81.13 108.73
N GLN D 28 -1.95 80.04 108.45
CA GLN D 28 -1.41 78.74 107.99
C GLN D 28 -1.48 78.65 106.45
N THR D 29 -1.87 79.74 105.78
CA THR D 29 -2.09 79.81 104.30
C THR D 29 -1.58 81.14 103.75
N GLY D 30 -1.10 81.14 102.50
CA GLY D 30 -0.52 82.31 101.82
C GLY D 30 -1.53 83.43 101.63
N SER D 31 -2.78 83.08 101.29
CA SER D 31 -3.89 84.03 101.03
C SER D 31 -4.35 84.71 102.32
N GLY D 32 -4.11 84.07 103.48
CA GLY D 32 -4.64 84.51 104.79
C GLY D 32 -6.05 84.01 105.02
N CYS D 33 -6.51 83.07 104.19
CA CYS D 33 -7.87 82.51 104.18
C CYS D 33 -7.82 81.07 104.71
N GLY D 34 -8.62 80.76 105.73
CA GLY D 34 -8.90 79.38 106.16
C GLY D 34 -9.71 78.63 105.11
N PRO D 35 -9.83 77.29 105.21
CA PRO D 35 -10.49 76.49 104.17
C PRO D 35 -11.99 76.75 104.01
N ASN D 36 -12.63 77.43 104.98
CA ASN D 36 -14.08 77.77 104.96
C ASN D 36 -14.26 79.29 104.86
N GLU D 37 -13.25 80.02 104.35
CA GLU D 37 -13.22 81.51 104.30
C GLU D 37 -13.03 81.98 102.85
N CYS D 38 -13.29 83.26 102.59
CA CYS D 38 -12.96 83.96 101.32
C CYS D 38 -13.67 83.28 100.14
N LYS D 39 -14.91 82.83 100.33
CA LYS D 39 -15.70 82.11 99.30
C LYS D 39 -16.66 83.07 98.58
N GLY D 40 -16.67 84.35 98.98
CA GLY D 40 -17.35 85.44 98.25
C GLY D 40 -18.61 85.91 98.94
N LEU D 41 -18.99 87.18 98.72
CA LEU D 41 -20.15 87.84 99.38
C LEU D 41 -21.45 87.25 98.83
N PRO D 42 -22.46 87.01 99.69
CA PRO D 42 -23.78 86.58 99.23
C PRO D 42 -24.57 87.78 98.68
N ASN D 43 -25.75 87.50 98.08
CA ASN D 43 -26.72 88.52 97.59
C ASN D 43 -26.06 89.32 96.45
N ARG D 44 -25.47 88.64 95.48
CA ARG D 44 -24.80 89.25 94.32
C ARG D 44 -25.57 88.87 93.04
N HIS D 45 -25.52 89.75 92.05
CA HIS D 45 -26.06 89.53 90.68
C HIS D 45 -24.96 88.85 89.85
N LEU D 46 -24.99 87.52 89.77
CA LEU D 46 -23.85 86.69 89.27
C LEU D 46 -23.96 86.44 87.76
N ILE D 47 -25.03 86.90 87.10
CA ILE D 47 -25.22 86.76 85.63
C ILE D 47 -25.00 88.13 84.97
N ARG D 48 -25.77 89.13 85.38
CA ARG D 48 -25.66 90.53 84.86
C ARG D 48 -25.35 91.44 86.05
N PRO D 49 -24.06 91.63 86.38
CA PRO D 49 -23.67 92.40 87.58
C PRO D 49 -23.89 93.90 87.45
N PRO D 50 -23.99 94.64 88.58
CA PRO D 50 -24.27 96.08 88.56
C PRO D 50 -23.36 96.85 87.58
N TYR D 51 -22.04 96.65 87.69
CA TYR D 51 -21.04 97.05 86.68
C TYR D 51 -20.81 95.86 85.76
N MET D 52 -21.21 95.99 84.49
CA MET D 52 -20.93 94.98 83.45
C MET D 52 -19.67 95.39 82.67
N ILE D 53 -18.68 94.51 82.64
CA ILE D 53 -17.39 94.67 81.88
C ILE D 53 -17.71 94.65 80.38
N GLN D 54 -16.75 95.09 79.56
CA GLN D 54 -16.88 95.11 78.09
C GLN D 54 -16.61 93.70 77.55
N ASN D 55 -17.55 92.78 77.81
CA ASN D 55 -17.48 91.35 77.40
C ASN D 55 -17.87 91.24 75.92
N GLY D 56 -16.92 90.82 75.07
CA GLY D 56 -17.12 90.64 73.62
C GLY D 56 -18.15 89.56 73.32
N ALA D 57 -18.32 88.59 74.23
CA ALA D 57 -19.21 87.41 74.05
C ALA D 57 -20.68 87.83 74.07
N GLY D 58 -21.02 88.94 74.73
CA GLY D 58 -22.38 89.51 74.78
C GLY D 58 -22.69 90.24 76.08
N PRO D 59 -23.99 90.41 76.43
CA PRO D 59 -24.42 91.33 77.48
C PRO D 59 -24.27 90.86 78.93
N THR D 60 -24.19 89.54 79.16
CA THR D 60 -24.02 88.93 80.51
C THR D 60 -22.61 88.32 80.62
N LEU D 61 -22.26 87.80 81.80
CA LEU D 61 -20.99 87.06 82.06
C LEU D 61 -21.13 85.62 81.57
N ALA D 62 -22.34 85.18 81.20
CA ALA D 62 -22.69 83.76 80.96
C ALA D 62 -22.69 83.44 79.46
N ASP D 63 -22.59 84.44 78.58
CA ASP D 63 -22.73 84.23 77.11
C ASP D 63 -21.52 83.43 76.59
N SER D 64 -21.79 82.39 75.80
CA SER D 64 -20.80 81.50 75.15
C SER D 64 -19.96 80.74 76.20
N THR D 65 -20.36 80.73 77.46
CA THR D 65 -19.66 79.98 78.55
C THR D 65 -20.69 79.44 79.55
N ALA D 66 -20.23 78.87 80.67
CA ALA D 66 -21.08 78.30 81.74
C ALA D 66 -21.71 79.42 82.56
N ASP D 67 -22.94 79.21 83.03
CA ASP D 67 -23.72 80.21 83.80
C ASP D 67 -22.93 80.58 85.05
N THR D 68 -22.73 81.88 85.30
CA THR D 68 -21.77 82.41 86.30
C THR D 68 -22.39 82.44 87.71
N ASP D 69 -23.56 81.86 87.93
CA ASP D 69 -24.19 81.76 89.28
C ASP D 69 -23.92 80.39 89.91
N LEU D 70 -23.43 79.42 89.12
CA LEU D 70 -23.27 78.00 89.55
C LEU D 70 -22.33 77.93 90.76
N VAL D 71 -22.76 77.23 91.80
CA VAL D 71 -21.97 77.03 93.06
C VAL D 71 -21.22 75.70 92.94
N GLN D 72 -19.90 75.74 93.14
CA GLN D 72 -18.96 74.61 92.97
C GLN D 72 -18.63 74.03 94.35
N SER D 73 -17.95 72.88 94.39
CA SER D 73 -17.41 72.24 95.61
C SER D 73 -16.62 73.27 96.42
N GLY D 74 -16.96 73.45 97.70
CA GLY D 74 -16.29 74.41 98.61
C GLY D 74 -17.04 75.73 98.72
N GLY D 75 -18.00 76.00 97.82
CA GLY D 75 -18.88 77.18 97.86
C GLY D 75 -18.51 78.26 96.84
N TYR D 76 -17.44 78.06 96.07
CA TYR D 76 -16.96 79.04 95.04
C TYR D 76 -18.01 79.15 93.93
N VAL D 77 -18.37 80.38 93.54
CA VAL D 77 -19.33 80.66 92.43
C VAL D 77 -18.52 80.96 91.16
N GLN D 78 -19.04 80.53 90.01
CA GLN D 78 -18.36 80.63 88.68
C GLN D 78 -18.03 82.09 88.35
N TYR D 79 -18.89 83.04 88.73
CA TYR D 79 -18.65 84.50 88.64
C TYR D 79 -17.19 84.78 89.04
N ASP D 80 -16.73 84.16 90.14
CA ASP D 80 -15.39 84.39 90.72
C ASP D 80 -14.31 83.53 90.04
N THR D 81 -14.60 82.25 89.73
CA THR D 81 -13.56 81.25 89.35
C THR D 81 -13.55 81.00 87.82
N HIS D 82 -14.41 81.68 87.06
CA HIS D 82 -14.55 81.52 85.58
C HIS D 82 -13.16 81.62 84.92
N ASN D 83 -12.40 82.67 85.25
CA ASN D 83 -11.06 82.95 84.69
C ASN D 83 -10.07 81.84 85.05
N LEU D 84 -10.43 80.97 86.02
CA LEU D 84 -9.58 79.85 86.51
C LEU D 84 -10.02 78.51 85.90
N TYR D 85 -11.17 78.45 85.22
CA TYR D 85 -11.74 77.16 84.76
C TYR D 85 -10.77 76.48 83.78
N GLY D 86 -10.30 77.22 82.78
CA GLY D 86 -9.28 76.75 81.82
C GLY D 86 -8.04 76.25 82.53
N ALA D 87 -7.47 77.10 83.41
CA ALA D 87 -6.24 76.82 84.19
C ALA D 87 -6.41 75.50 84.96
N MET D 88 -7.58 75.30 85.55
CA MET D 88 -7.87 74.18 86.48
C MET D 88 -8.12 72.89 85.69
N MET D 89 -8.77 72.97 84.53
CA MET D 89 -8.86 71.81 83.59
C MET D 89 -7.44 71.43 83.13
N SER D 90 -6.68 72.44 82.66
CA SER D 90 -5.28 72.34 82.20
C SER D 90 -4.44 71.60 83.25
N SER D 91 -4.51 72.04 84.51
CA SER D 91 -3.83 71.43 85.69
C SER D 91 -4.29 69.97 85.88
N HIS D 92 -5.59 69.72 85.76
CA HIS D 92 -6.17 68.36 85.93
C HIS D 92 -5.68 67.44 84.80
N SER D 93 -5.59 67.96 83.58
CA SER D 93 -5.19 67.19 82.36
C SER D 93 -3.69 66.89 82.39
N HIS D 94 -2.87 67.82 82.90
CA HIS D 94 -1.41 67.62 83.08
C HIS D 94 -1.19 66.42 84.02
N ASN D 95 -1.93 66.37 85.12
CA ASN D 95 -1.83 65.31 86.16
C ASN D 95 -2.37 63.99 85.61
N ALA D 96 -3.39 64.03 84.74
CA ALA D 96 -3.98 62.84 84.08
C ALA D 96 -2.95 62.23 83.12
N MET D 97 -2.23 63.08 82.40
CA MET D 97 -1.18 62.68 81.42
C MET D 97 0.05 62.14 82.15
N ARG D 98 0.33 62.63 83.36
CA ARG D 98 1.43 62.12 84.22
C ARG D 98 1.06 60.75 84.80
N ALA D 99 -0.20 60.51 85.14
CA ALA D 99 -0.69 59.22 85.70
C ALA D 99 -0.34 58.07 84.73
N ARG D 100 -0.55 58.26 83.43
CA ARG D 100 -0.39 57.19 82.41
C ARG D 100 1.08 57.09 81.95
N ARG D 101 1.88 58.14 82.16
CA ARG D 101 3.35 58.17 81.86
C ARG D 101 4.08 58.98 82.92
N PRO D 102 4.22 58.46 84.17
CA PRO D 102 4.69 59.27 85.30
C PRO D 102 6.19 59.63 85.32
N ASP D 103 7.00 59.03 84.44
CA ASP D 103 8.46 59.30 84.34
C ASP D 103 8.71 60.38 83.28
N ASP D 104 7.71 60.69 82.46
CA ASP D 104 7.82 61.60 81.28
C ASP D 104 7.31 62.99 81.63
N ARG D 105 7.93 64.03 81.06
CA ARG D 105 7.34 65.40 81.01
C ARG D 105 6.03 65.30 80.24
N ALA D 106 4.96 65.87 80.79
CA ALA D 106 3.63 65.94 80.13
C ALA D 106 3.53 67.26 79.36
N LEU D 107 3.47 67.17 78.02
CA LEU D 107 3.25 68.32 77.12
C LEU D 107 1.75 68.49 76.93
N VAL D 108 1.23 69.67 77.27
CA VAL D 108 -0.22 70.04 77.16
C VAL D 108 -0.32 71.41 76.50
N ILE D 109 -0.95 71.45 75.31
CA ILE D 109 -1.27 72.68 74.54
C ILE D 109 -2.73 73.04 74.87
N THR D 110 -2.93 74.05 75.74
CA THR D 110 -4.27 74.50 76.22
C THR D 110 -4.62 75.87 75.64
N ARG D 111 -5.92 76.17 75.53
CA ARG D 111 -6.42 77.46 75.03
C ARG D 111 -6.48 78.44 76.21
N SER D 112 -7.46 78.30 77.09
CA SER D 112 -7.65 79.21 78.25
C SER D 112 -6.59 78.92 79.32
N THR D 113 -5.92 79.98 79.80
CA THR D 113 -4.99 79.95 80.96
C THR D 113 -5.26 81.15 81.87
N PHE D 114 -4.80 81.06 83.12
CA PHE D 114 -4.69 82.18 84.09
C PHE D 114 -3.21 82.37 84.45
N ALA D 115 -2.86 83.48 85.10
CA ALA D 115 -1.54 83.68 85.74
C ALA D 115 -1.17 82.42 86.53
N GLY D 116 0.05 81.90 86.36
CA GLY D 116 0.55 80.76 87.14
C GLY D 116 0.39 79.42 86.42
N SER D 117 -0.37 79.39 85.31
CA SER D 117 -0.68 78.15 84.55
C SER D 117 0.58 77.63 83.84
N GLY D 118 1.57 78.49 83.62
CA GLY D 118 2.85 78.15 82.96
C GLY D 118 3.60 77.06 83.69
N LYS D 119 3.36 76.89 85.00
CA LYS D 119 4.04 75.87 85.85
C LYS D 119 3.53 74.45 85.54
N ASP D 120 2.45 74.28 84.76
CA ASP D 120 2.02 72.91 84.37
C ASP D 120 1.41 72.83 82.96
N VAL D 121 1.26 73.92 82.21
CA VAL D 121 0.73 73.85 80.81
C VAL D 121 1.41 74.87 79.89
N SER D 122 1.39 74.57 78.60
CA SER D 122 1.84 75.42 77.47
C SER D 122 0.60 75.91 76.71
N HIS D 123 0.77 76.80 75.74
CA HIS D 123 -0.35 77.56 75.10
C HIS D 123 -0.23 77.56 73.58
N TRP D 124 -1.36 77.56 72.88
CA TRP D 124 -1.47 78.06 71.49
C TRP D 124 -2.56 79.14 71.46
N LEU D 125 -2.43 80.11 70.55
CA LEU D 125 -3.15 81.41 70.60
C LEU D 125 -4.57 81.29 70.01
N GLY D 126 -5.10 80.07 69.88
CA GLY D 126 -6.51 79.79 69.54
C GLY D 126 -6.82 79.99 68.07
N ASP D 127 -8.09 80.28 67.77
CA ASP D 127 -8.66 80.34 66.40
C ASP D 127 -8.34 81.70 65.75
N ASN D 128 -7.21 81.79 65.04
CA ASN D 128 -6.81 82.97 64.23
C ASN D 128 -7.41 82.79 62.82
N VAL D 129 -7.02 83.65 61.87
CA VAL D 129 -7.50 83.61 60.45
C VAL D 129 -6.29 83.74 59.50
N SER D 130 -6.33 83.04 58.36
CA SER D 130 -5.34 83.10 57.26
C SER D 130 -5.31 84.52 56.67
N GLY D 131 -4.82 85.49 57.45
CA GLY D 131 -4.70 86.91 57.05
C GLY D 131 -3.42 87.50 57.61
N TRP D 132 -2.87 88.49 56.92
CA TRP D 132 -1.56 89.13 57.25
C TRP D 132 -1.61 89.81 58.63
N LEU D 133 -2.79 90.24 59.08
CA LEU D 133 -3.00 90.90 60.40
C LEU D 133 -2.69 89.90 61.53
N TRP D 134 -3.18 88.66 61.40
CA TRP D 134 -2.99 87.58 62.40
C TRP D 134 -1.54 87.10 62.40
N TYR D 135 -0.87 87.19 61.25
CA TYR D 135 0.57 86.90 61.05
C TYR D 135 1.41 87.98 61.76
N GLN D 136 1.05 89.24 61.55
CA GLN D 136 1.76 90.42 62.11
C GLN D 136 1.65 90.43 63.64
N LEU D 137 0.46 90.17 64.18
CA LEU D 137 0.15 90.35 65.62
C LEU D 137 0.62 89.13 66.43
N SER D 138 1.00 88.03 65.76
CA SER D 138 1.48 86.76 66.39
C SER D 138 2.70 87.02 67.30
N ILE D 139 3.55 87.98 66.94
CA ILE D 139 4.82 88.28 67.67
C ILE D 139 4.49 88.99 68.99
N SER D 140 3.49 89.88 69.01
CA SER D 140 2.94 90.48 70.26
C SER D 140 2.51 89.36 71.20
N GLN D 141 1.83 88.34 70.67
CA GLN D 141 1.16 87.28 71.46
C GLN D 141 2.21 86.32 72.02
N ILE D 142 3.21 85.91 71.22
CA ILE D 142 4.26 84.95 71.70
C ILE D 142 5.12 85.66 72.76
N LEU D 143 5.42 86.94 72.57
CA LEU D 143 6.21 87.77 73.52
C LEU D 143 5.43 87.95 74.82
N GLN D 144 4.12 88.15 74.73
CA GLN D 144 3.21 88.18 75.90
C GLN D 144 3.44 86.94 76.77
N PHE D 145 3.36 85.75 76.17
CA PHE D 145 3.32 84.45 76.90
C PHE D 145 4.72 84.06 77.38
N ALA D 146 5.71 84.08 76.50
CA ALA D 146 7.09 83.62 76.78
C ALA D 146 7.84 84.65 77.63
N SER D 147 7.67 85.95 77.35
CA SER D 147 8.49 87.06 77.91
C SER D 147 7.87 87.62 79.18
N LEU D 148 6.54 87.57 79.31
CA LEU D 148 5.78 88.23 80.40
C LEU D 148 5.10 87.19 81.31
N TYR D 149 4.30 86.28 80.73
CA TYR D 149 3.30 85.43 81.46
C TYR D 149 3.93 84.13 81.98
N GLN D 150 5.22 83.91 81.72
CA GLN D 150 5.99 82.71 82.15
C GLN D 150 5.33 81.45 81.60
N ILE D 151 4.96 81.49 80.32
CA ILE D 151 4.47 80.34 79.51
C ILE D 151 5.35 80.31 78.26
N PRO D 152 6.56 79.71 78.34
CA PRO D 152 7.56 79.81 77.27
C PRO D 152 7.10 79.21 75.93
N VAL D 153 6.48 78.02 75.96
CA VAL D 153 6.06 77.29 74.73
C VAL D 153 4.70 77.83 74.28
N VAL D 154 4.67 78.53 73.15
CA VAL D 154 3.49 79.29 72.64
C VAL D 154 3.61 79.50 71.12
N GLY D 155 2.49 79.49 70.42
CA GLY D 155 2.40 79.86 69.00
C GLY D 155 0.96 79.93 68.52
N PRO D 156 0.70 80.62 67.38
CA PRO D 156 -0.61 80.57 66.74
C PRO D 156 -0.73 79.35 65.80
N ASP D 157 -1.89 79.18 65.18
CA ASP D 157 -2.08 78.21 64.07
C ASP D 157 -1.37 78.80 62.85
N VAL D 158 -0.18 78.27 62.52
CA VAL D 158 0.66 78.72 61.37
C VAL D 158 -0.14 78.54 60.08
N CYS D 159 -0.14 79.58 59.24
CA CYS D 159 -0.93 79.72 57.98
C CYS D 159 -2.40 80.02 58.27
N GLY D 160 -2.80 80.02 59.55
CA GLY D 160 -4.11 80.54 60.02
C GLY D 160 -5.17 79.46 60.06
N PHE D 161 -6.01 79.49 61.10
CA PHE D 161 -7.11 78.53 61.35
C PHE D 161 -8.24 78.76 60.32
N GLY D 162 -8.86 79.94 60.36
CA GLY D 162 -10.03 80.31 59.54
C GLY D 162 -9.62 80.92 58.21
N GLY D 163 -10.56 80.98 57.26
CA GLY D 163 -10.34 81.46 55.89
C GLY D 163 -9.50 80.47 55.09
N ASN D 164 -9.22 80.81 53.83
CA ASN D 164 -8.31 80.05 52.93
C ASN D 164 -7.00 80.83 52.82
N VAL D 165 -5.89 80.22 53.22
CA VAL D 165 -4.55 80.86 53.13
C VAL D 165 -4.15 80.91 51.66
N THR D 166 -3.47 82.00 51.28
CA THR D 166 -2.77 82.17 49.97
C THR D 166 -1.41 81.47 50.07
N GLU D 167 -0.80 81.17 48.92
CA GLU D 167 0.54 80.54 48.78
C GLU D 167 1.58 81.41 49.49
N THR D 168 1.58 82.71 49.18
CA THR D 168 2.56 83.72 49.68
C THR D 168 2.51 83.83 51.20
N LEU D 169 1.31 83.88 51.79
CA LEU D 169 1.12 84.09 53.25
C LEU D 169 1.56 82.85 54.04
N CYS D 170 1.25 81.64 53.55
CA CYS D 170 1.59 80.35 54.22
C CYS D 170 3.11 80.12 54.14
N ALA D 171 3.75 80.58 53.06
CA ALA D 171 5.22 80.51 52.86
C ALA D 171 5.91 81.44 53.85
N ARG D 172 5.36 82.65 54.03
CA ARG D 172 5.86 83.66 55.01
C ARG D 172 5.63 83.13 56.44
N TRP D 173 4.49 82.50 56.70
CA TRP D 173 4.12 81.97 58.05
C TRP D 173 4.97 80.74 58.39
N ALA D 174 5.38 79.95 57.39
CA ALA D 174 6.24 78.76 57.54
C ALA D 174 7.62 79.16 58.08
N THR D 175 8.20 80.25 57.57
CA THR D 175 9.57 80.73 57.94
C THR D 175 9.51 81.48 59.28
N LEU D 176 8.48 82.32 59.50
CA LEU D 176 8.25 83.01 60.79
C LEU D 176 7.94 81.97 61.87
N GLY D 177 7.09 81.00 61.52
CA GLY D 177 6.61 79.94 62.43
C GLY D 177 7.73 79.05 62.95
N SER D 178 8.82 78.91 62.19
CA SER D 178 10.01 78.10 62.56
C SER D 178 10.70 78.69 63.79
N PHE D 179 10.40 79.93 64.15
CA PHE D 179 11.00 80.65 65.31
C PHE D 179 9.96 80.93 66.39
N TYR D 180 8.82 80.22 66.35
CA TYR D 180 7.87 80.07 67.49
C TYR D 180 8.32 78.89 68.35
N THR D 181 8.23 79.02 69.68
CA THR D 181 8.56 77.93 70.64
C THR D 181 7.58 76.76 70.46
N PHE D 182 6.37 77.05 69.97
CA PHE D 182 5.37 76.04 69.53
C PHE D 182 5.07 76.26 68.05
N PHE D 183 5.55 75.34 67.20
CA PHE D 183 5.47 75.44 65.72
C PHE D 183 4.47 74.40 65.20
N ARG D 184 3.28 74.88 64.82
CA ARG D 184 2.15 74.00 64.47
C ARG D 184 1.24 74.69 63.44
N ASN D 185 1.03 74.02 62.31
CA ASN D 185 0.06 74.37 61.24
C ASN D 185 -1.29 73.69 61.56
N HIS D 186 -2.36 74.47 61.62
CA HIS D 186 -3.74 73.98 61.91
C HIS D 186 -4.74 74.84 61.15
N ALA D 187 -5.90 74.26 60.80
CA ALA D 187 -6.92 74.92 59.95
C ALA D 187 -8.33 74.40 60.30
N GLU D 188 -9.33 75.26 60.09
CA GLU D 188 -10.78 74.97 60.27
C GLU D 188 -11.24 73.91 59.25
N ILE D 189 -12.32 73.20 59.53
CA ILE D 189 -12.91 72.11 58.69
C ILE D 189 -13.26 72.62 57.28
N TYR D 190 -13.77 73.85 57.12
CA TYR D 190 -14.26 74.38 55.82
C TYR D 190 -13.13 75.09 55.05
N ALA D 191 -11.93 75.17 55.63
CA ALA D 191 -10.72 75.70 54.98
C ALA D 191 -10.12 74.62 54.08
N ASN D 192 -9.58 75.01 52.92
CA ASN D 192 -8.83 74.13 51.99
C ASN D 192 -7.56 73.65 52.67
N PRO D 193 -7.11 72.40 52.40
CA PRO D 193 -5.88 71.88 53.00
C PRO D 193 -4.70 72.85 52.80
N GLN D 194 -3.90 73.06 53.85
CA GLN D 194 -2.77 74.03 53.83
C GLN D 194 -1.50 73.38 54.40
N GLU D 195 -1.34 72.06 54.27
CA GLU D 195 -0.07 71.37 54.57
C GLU D 195 1.03 72.02 53.73
N PHE D 196 2.30 71.93 54.15
CA PHE D 196 3.42 72.65 53.52
C PHE D 196 3.71 72.05 52.13
N TYR D 197 3.35 70.78 51.90
CA TYR D 197 3.59 70.08 50.61
C TYR D 197 2.53 70.44 49.56
N ARG D 198 1.56 71.31 49.89
CA ARG D 198 0.41 71.65 48.98
C ARG D 198 0.85 72.67 47.93
N TRP D 199 1.88 73.49 48.22
CA TRP D 199 2.49 74.45 47.25
C TRP D 199 4.00 74.25 47.21
N PRO D 200 4.64 74.33 46.02
CA PRO D 200 6.10 74.31 45.91
C PRO D 200 6.80 75.39 46.75
N THR D 201 6.32 76.64 46.70
CA THR D 201 6.93 77.81 47.40
C THR D 201 6.87 77.59 48.92
N VAL D 202 5.72 77.13 49.43
CA VAL D 202 5.50 76.88 50.88
C VAL D 202 6.39 75.71 51.32
N ALA D 203 6.49 74.67 50.48
CA ALA D 203 7.30 73.46 50.72
C ALA D 203 8.76 73.86 50.97
N GLN D 204 9.35 74.65 50.07
CA GLN D 204 10.76 75.13 50.18
C GLN D 204 10.89 76.04 51.41
N ALA D 205 9.95 76.99 51.59
CA ALA D 205 9.91 77.91 52.74
C ALA D 205 10.03 77.12 54.05
N ALA D 206 9.32 75.98 54.12
CA ALA D 206 9.27 75.06 55.28
C ALA D 206 10.62 74.34 55.42
N ARG D 207 11.15 73.78 54.32
CA ARG D 207 12.47 73.10 54.30
C ARG D 207 13.56 74.05 54.83
N ASN D 208 13.56 75.32 54.42
CA ASN D 208 14.54 76.35 54.85
C ASN D 208 14.35 76.65 56.34
N GLY D 209 13.13 77.03 56.73
CA GLY D 209 12.79 77.44 58.11
C GLY D 209 12.98 76.31 59.10
N ILE D 210 12.47 75.11 58.80
CA ILE D 210 12.61 73.91 59.69
C ILE D 210 14.09 73.53 59.81
N SER D 211 14.89 73.73 58.75
CA SER D 211 16.35 73.43 58.77
C SER D 211 17.04 74.35 59.78
N ILE D 212 16.79 75.66 59.70
CA ILE D 212 17.31 76.65 60.68
C ILE D 212 16.83 76.25 62.09
N ARG D 213 15.53 75.99 62.24
CA ARG D 213 14.88 75.66 63.54
C ARG D 213 15.57 74.44 64.18
N TYR D 214 15.84 73.40 63.40
CA TYR D 214 16.39 72.10 63.90
C TYR D 214 17.89 72.25 64.22
N GLN D 215 18.64 72.97 63.37
CA GLN D 215 20.04 73.37 63.65
C GLN D 215 20.10 74.13 64.98
N LEU D 216 19.05 74.88 65.34
CA LEU D 216 18.96 75.66 66.61
C LEU D 216 18.06 74.94 67.64
N LEU D 217 17.74 73.66 67.49
CA LEU D 217 16.76 73.03 68.42
C LEU D 217 17.33 73.06 69.84
N ASP D 218 18.55 72.53 70.05
CA ASP D 218 19.20 72.44 71.38
C ASP D 218 19.36 73.85 71.95
N TYR D 219 19.62 74.85 71.09
CA TYR D 219 19.74 76.28 71.44
C TYR D 219 18.47 76.74 72.18
N ILE D 220 17.30 76.54 71.57
CA ILE D 220 15.99 77.00 72.13
C ILE D 220 15.59 76.09 73.30
N TYR D 221 15.90 74.80 73.22
CA TYR D 221 15.69 73.80 74.31
C TYR D 221 16.43 74.25 75.57
N THR D 222 17.68 74.69 75.41
CA THR D 222 18.55 75.25 76.47
C THR D 222 17.94 76.54 77.03
N ALA D 223 17.48 77.45 76.15
CA ALA D 223 16.76 78.69 76.51
C ALA D 223 15.53 78.35 77.37
N ILE D 224 14.79 77.30 77.00
CA ILE D 224 13.55 76.90 77.74
C ILE D 224 13.97 76.30 79.09
N TYR D 225 14.97 75.42 79.11
CA TYR D 225 15.52 74.88 80.37
C TYR D 225 15.89 76.04 81.31
N LYS D 226 16.62 77.04 80.80
CA LYS D 226 17.10 78.20 81.61
C LYS D 226 15.90 79.00 82.14
N GLN D 227 14.80 79.09 81.39
CA GLN D 227 13.54 79.73 81.86
C GLN D 227 12.89 78.87 82.95
N ASN D 228 12.86 77.56 82.73
CA ASN D 228 12.47 76.55 83.77
C ASN D 228 13.29 76.78 85.05
N GLN D 229 14.57 77.14 84.93
CA GLN D 229 15.51 77.21 86.09
C GLN D 229 15.40 78.57 86.81
N THR D 230 15.32 79.70 86.09
CA THR D 230 15.35 81.08 86.67
C THR D 230 14.12 81.92 86.31
N GLY D 231 13.45 81.64 85.19
CA GLY D 231 12.39 82.48 84.63
C GLY D 231 12.90 83.45 83.58
N THR D 232 14.21 83.48 83.30
CA THR D 232 14.82 84.29 82.21
C THR D 232 14.23 83.81 80.88
N PRO D 233 13.55 84.69 80.12
CA PRO D 233 12.70 84.23 79.00
C PRO D 233 13.46 83.60 77.83
N ALA D 234 12.82 82.65 77.14
CA ALA D 234 13.32 81.93 75.95
C ALA D 234 12.99 82.73 74.69
N LEU D 235 12.07 83.69 74.80
CA LEU D 235 11.80 84.73 73.75
C LEU D 235 11.95 86.09 74.43
N ASN D 236 12.62 87.04 73.75
CA ASN D 236 12.91 88.38 74.32
C ASN D 236 12.55 89.46 73.31
N PRO D 237 11.71 90.45 73.69
CA PRO D 237 11.56 91.68 72.91
C PRO D 237 12.95 92.32 72.73
N LEU D 238 13.11 93.16 71.70
CA LEU D 238 14.39 93.87 71.45
C LEU D 238 14.78 94.71 72.68
N PHE D 239 13.81 95.27 73.41
CA PHE D 239 14.07 96.18 74.55
C PHE D 239 14.58 95.40 75.77
N PHE D 240 14.38 94.08 75.82
CA PHE D 240 14.96 93.22 76.89
C PHE D 240 16.49 93.20 76.75
N ASN D 241 16.99 93.24 75.51
CA ASN D 241 18.45 93.21 75.17
C ASN D 241 19.02 94.63 75.14
N TYR D 242 18.21 95.63 74.81
CA TYR D 242 18.62 97.06 74.68
C TYR D 242 17.64 97.96 75.42
N PRO D 243 17.57 97.87 76.77
CA PRO D 243 16.59 98.62 77.55
C PRO D 243 16.76 100.15 77.58
N ASN D 244 17.94 100.65 77.19
CA ASN D 244 18.26 102.11 77.20
C ASN D 244 18.06 102.71 75.80
N ASP D 245 17.57 101.92 74.84
CA ASP D 245 17.35 102.37 73.44
C ASP D 245 15.84 102.52 73.22
N PRO D 246 15.27 103.74 73.42
CA PRO D 246 13.82 103.92 73.32
C PRO D 246 13.24 103.57 71.95
N ASN D 247 14.07 103.45 70.91
CA ASN D 247 13.65 103.05 69.54
C ASN D 247 13.10 101.62 69.56
N THR D 248 13.55 100.79 70.50
CA THR D 248 13.19 99.35 70.62
C THR D 248 11.84 99.15 71.33
N TYR D 249 11.43 100.10 72.18
CA TYR D 249 10.33 99.94 73.16
C TYR D 249 9.02 99.53 72.49
N PRO D 250 8.57 100.21 71.40
CA PRO D 250 7.34 99.82 70.71
C PRO D 250 7.44 98.73 69.64
N ILE D 251 8.61 98.13 69.40
CA ILE D 251 8.82 97.16 68.28
C ILE D 251 8.19 95.82 68.64
N ASP D 252 7.25 95.34 67.81
CA ASP D 252 6.61 94.00 67.96
C ASP D 252 6.51 93.28 66.60
N LEU D 253 7.24 93.74 65.58
CA LEU D 253 7.32 93.07 64.24
C LEU D 253 8.71 92.42 64.07
N GLN D 254 9.58 92.57 65.07
CA GLN D 254 10.80 91.74 65.27
C GLN D 254 10.84 91.25 66.72
N PHE D 255 11.66 90.22 66.98
CA PHE D 255 11.87 89.64 68.33
C PHE D 255 13.17 88.84 68.35
N PHE D 256 13.64 88.49 69.55
CA PHE D 256 14.77 87.56 69.79
C PHE D 256 14.21 86.17 70.12
N TYR D 257 14.51 85.21 69.25
CA TYR D 257 14.41 83.74 69.49
C TYR D 257 15.62 83.35 70.35
N GLY D 258 15.39 82.90 71.57
CA GLY D 258 16.44 82.82 72.61
C GLY D 258 16.89 84.22 73.01
N ASP D 259 18.18 84.39 73.32
CA ASP D 259 18.77 85.68 73.76
C ASP D 259 19.44 86.40 72.57
N GLY D 260 19.72 85.68 71.47
CA GLY D 260 20.66 86.12 70.43
C GLY D 260 20.07 86.16 69.02
N ILE D 261 19.20 85.22 68.65
CA ILE D 261 18.68 85.10 67.25
C ILE D 261 17.62 86.18 67.02
N LEU D 262 17.96 87.20 66.22
CA LEU D 262 17.07 88.32 65.81
C LEU D 262 16.26 87.88 64.58
N VAL D 263 14.95 87.75 64.74
CA VAL D 263 13.99 87.34 63.67
C VAL D 263 13.32 88.62 63.14
N SER D 264 13.58 88.96 61.87
CA SER D 264 13.14 90.20 61.18
C SER D 264 12.35 89.82 59.93
N PRO D 265 11.10 89.31 60.07
CA PRO D 265 10.35 88.80 58.93
C PRO D 265 9.76 89.92 58.05
N VAL D 266 9.46 89.57 56.79
CA VAL D 266 8.68 90.42 55.85
C VAL D 266 7.22 90.41 56.35
N THR D 267 6.65 91.59 56.58
CA THR D 267 5.35 91.81 57.26
C THR D 267 4.28 92.33 56.28
N GLU D 268 4.68 93.11 55.27
CA GLU D 268 3.76 93.72 54.27
C GLU D 268 3.27 92.65 53.28
N GLU D 269 1.96 92.61 53.04
CA GLU D 269 1.27 91.67 52.12
C GLU D 269 1.85 91.81 50.70
N ASN D 270 2.24 90.67 50.10
CA ASN D 270 2.72 90.55 48.70
C ASN D 270 3.85 91.56 48.46
N SER D 271 4.82 91.59 49.38
CA SER D 271 6.09 92.37 49.31
C SER D 271 7.26 91.41 49.48
N THR D 272 8.39 91.72 48.85
CA THR D 272 9.69 91.01 48.98
C THR D 272 10.70 91.94 49.67
N SER D 273 10.20 93.03 50.28
CA SER D 273 11.01 94.05 51.01
C SER D 273 10.60 94.07 52.48
N VAL D 274 11.53 94.47 53.34
CA VAL D 274 11.33 94.63 54.81
C VAL D 274 12.20 95.79 55.30
N THR D 275 11.60 96.73 56.02
CA THR D 275 12.30 97.75 56.86
C THR D 275 12.28 97.24 58.30
N PHE D 276 13.45 97.03 58.91
CA PHE D 276 13.60 96.43 60.26
C PHE D 276 14.72 97.13 61.03
N TYR D 277 14.55 97.20 62.35
CA TYR D 277 15.48 97.88 63.28
C TYR D 277 16.68 96.98 63.57
N LEU D 278 17.89 97.54 63.44
CA LEU D 278 19.16 96.97 63.97
C LEU D 278 19.65 97.89 65.10
N PRO D 279 19.61 97.42 66.36
CA PRO D 279 20.15 98.20 67.49
C PRO D 279 21.63 98.56 67.30
N ASP D 280 22.17 99.43 68.16
CA ASP D 280 23.60 99.82 68.14
C ASP D 280 24.42 98.67 68.74
N ASP D 281 24.83 97.71 67.89
CA ASP D 281 25.53 96.46 68.30
C ASP D 281 26.02 95.75 67.05
N ILE D 282 27.03 94.88 67.19
CA ILE D 282 27.53 94.01 66.08
C ILE D 282 26.58 92.83 65.93
N PHE D 283 26.13 92.58 64.70
CA PHE D 283 25.29 91.43 64.29
C PHE D 283 26.02 90.66 63.18
N TYR D 284 25.57 89.45 62.88
CA TYR D 284 26.11 88.58 61.82
C TYR D 284 24.94 87.88 61.11
N GLU D 285 24.92 87.90 59.78
CA GLU D 285 23.87 87.24 58.96
C GLU D 285 23.80 85.75 59.32
N TRP D 286 22.61 85.16 59.32
CA TRP D 286 22.46 83.69 59.40
C TRP D 286 23.07 83.07 58.14
N GLY D 287 23.74 81.92 58.28
CA GLY D 287 24.26 81.11 57.15
C GLY D 287 25.63 81.57 56.70
N THR D 288 25.68 82.74 56.04
CA THR D 288 26.93 83.38 55.53
C THR D 288 27.83 83.74 56.71
N GLY D 289 27.25 84.25 57.79
CA GLY D 289 27.98 84.69 59.00
C GLY D 289 28.55 86.09 58.86
N LYS D 290 28.24 86.78 57.75
CA LYS D 290 28.84 88.09 57.39
C LYS D 290 28.51 89.13 58.45
N PRO D 291 29.51 89.84 59.02
CA PRO D 291 29.25 90.93 59.96
C PRO D 291 28.36 92.03 59.37
N VAL D 292 27.45 92.55 60.21
CA VAL D 292 26.57 93.72 59.90
C VAL D 292 26.53 94.60 61.16
N ARG D 293 27.26 95.72 61.14
CA ARG D 293 27.30 96.66 62.30
C ARG D 293 25.99 97.45 62.31
N GLY D 294 25.13 97.18 63.29
CA GLY D 294 23.93 97.99 63.56
C GLY D 294 24.31 99.35 64.10
N GLN D 295 23.61 100.41 63.70
CA GLN D 295 23.92 101.82 64.06
C GLN D 295 22.78 102.40 64.90
N GLY D 296 21.86 101.56 65.37
CA GLY D 296 20.69 101.97 66.17
C GLY D 296 19.67 102.71 65.33
N GLU D 297 19.32 102.17 64.16
CA GLU D 297 18.33 102.77 63.23
C GLU D 297 17.83 101.72 62.23
N TYR D 298 16.73 102.04 61.54
CA TYR D 298 16.01 101.13 60.62
C TYR D 298 16.81 100.96 59.33
N VAL D 299 16.92 99.70 58.88
CA VAL D 299 17.63 99.26 57.65
C VAL D 299 16.61 98.56 56.75
N SER D 300 16.82 98.58 55.43
CA SER D 300 15.91 97.98 54.41
C SER D 300 16.66 96.96 53.55
N LEU D 301 16.06 95.79 53.33
CA LEU D 301 16.50 94.76 52.34
C LEU D 301 15.36 94.56 51.34
N ASP D 302 15.67 94.18 50.09
CA ASP D 302 14.78 94.41 48.93
C ASP D 302 14.38 93.12 48.19
N ASN D 303 15.20 92.06 48.21
CA ASN D 303 14.91 90.83 47.42
C ASN D 303 14.96 89.61 48.33
N ILE D 304 14.01 89.52 49.26
CA ILE D 304 13.74 88.33 50.13
C ILE D 304 12.59 87.56 49.48
N ASP D 305 12.90 86.44 48.83
CA ASP D 305 11.91 85.52 48.21
C ASP D 305 10.95 85.04 49.30
N TYR D 306 9.79 84.51 48.91
CA TYR D 306 8.72 84.03 49.84
C TYR D 306 9.17 82.73 50.53
N THR D 307 10.31 82.16 50.11
CA THR D 307 10.94 80.95 50.72
C THR D 307 11.90 81.36 51.86
N ASP D 308 12.22 82.66 51.97
CA ASP D 308 13.33 83.16 52.83
C ASP D 308 12.81 84.07 53.96
N ILE D 309 13.66 84.29 54.95
CA ILE D 309 13.42 85.16 56.14
C ILE D 309 14.78 85.76 56.56
N THR D 310 14.77 87.00 57.03
CA THR D 310 15.97 87.73 57.50
C THR D 310 16.20 87.36 58.98
N ILE D 311 17.36 86.76 59.26
CA ILE D 311 17.78 86.23 60.60
C ILE D 311 19.24 86.66 60.85
N HIS D 312 19.52 87.22 62.03
CA HIS D 312 20.87 87.69 62.45
C HIS D 312 21.22 87.08 63.81
N TYR D 313 22.50 86.74 64.02
CA TYR D 313 23.09 86.46 65.35
C TYR D 313 23.42 87.78 66.04
N LYS D 314 23.11 87.91 67.32
CA LYS D 314 23.60 89.00 68.20
C LYS D 314 25.05 88.69 68.60
N GLY D 315 25.92 89.70 68.59
CA GLY D 315 27.29 89.59 69.10
C GLY D 315 27.30 89.35 70.60
N GLY D 316 28.36 88.71 71.11
CA GLY D 316 28.58 88.43 72.55
C GLY D 316 27.99 87.09 72.96
N ILE D 317 27.59 86.25 71.99
CA ILE D 317 26.93 84.93 72.26
C ILE D 317 27.61 83.82 71.44
N VAL D 318 27.80 82.66 72.07
CA VAL D 318 28.19 81.36 71.44
C VAL D 318 26.91 80.57 71.18
N TYR D 319 26.62 80.26 69.91
CA TYR D 319 25.39 79.56 69.46
C TYR D 319 25.71 78.10 69.17
N PRO D 320 25.34 77.15 70.06
CA PRO D 320 25.57 75.72 69.82
C PRO D 320 24.52 75.14 68.87
N GLN D 321 24.93 74.72 67.68
CA GLN D 321 24.04 74.27 66.58
C GLN D 321 24.35 72.82 66.22
N ARG D 322 23.31 72.06 65.84
CA ARG D 322 23.50 70.74 65.19
C ARG D 322 24.10 71.03 63.81
N ILE D 323 25.25 70.43 63.51
CA ILE D 323 26.02 70.64 62.24
C ILE D 323 25.04 70.63 61.06
N GLU D 324 24.05 69.74 61.09
CA GLU D 324 22.99 69.61 60.05
C GLU D 324 21.62 69.43 60.70
N SER D 325 20.56 69.73 59.94
CA SER D 325 19.16 69.34 60.26
C SER D 325 18.95 67.86 59.91
N ALA D 326 17.84 67.27 60.39
CA ALA D 326 17.38 65.90 60.09
C ALA D 326 15.86 65.91 59.95
N ASN D 327 15.26 64.78 59.57
CA ASN D 327 13.79 64.66 59.28
C ASN D 327 13.01 64.41 60.57
N THR D 328 13.62 63.79 61.58
CA THR D 328 13.04 63.61 62.94
C THR D 328 14.00 64.18 63.99
N THR D 329 13.52 64.45 65.21
CA THR D 329 14.35 64.96 66.33
C THR D 329 15.20 63.81 66.90
N THR D 330 14.82 62.53 66.65
CA THR D 330 15.61 61.34 67.06
C THR D 330 16.91 61.31 66.24
N ALA D 331 16.83 61.51 64.92
CA ALA D 331 17.98 61.56 63.99
C ALA D 331 18.79 62.83 64.22
N LEU D 332 18.12 63.96 64.50
CA LEU D 332 18.77 65.27 64.82
C LEU D 332 19.75 65.10 65.99
N ARG D 333 19.38 64.30 67.00
CA ARG D 333 20.17 64.10 68.25
C ARG D 333 21.45 63.30 67.96
N GLN D 334 21.54 62.59 66.82
CA GLN D 334 22.72 61.80 66.40
C GLN D 334 23.69 62.65 65.56
N LYS D 335 23.31 63.89 65.21
CA LYS D 335 24.17 64.86 64.48
C LYS D 335 25.15 65.51 65.47
N GLY D 336 26.38 65.76 65.02
CA GLY D 336 27.41 66.48 65.80
C GLY D 336 27.08 67.97 65.93
N PHE D 337 27.87 68.71 66.71
CA PHE D 337 27.63 70.14 67.01
C PHE D 337 28.55 71.03 66.16
N ASN D 338 27.98 72.11 65.60
CA ASN D 338 28.71 73.28 65.05
C ASN D 338 28.56 74.44 66.04
N ILE D 339 29.59 74.71 66.84
CA ILE D 339 29.56 75.79 67.87
C ILE D 339 29.90 77.11 67.16
N VAL D 340 28.91 77.97 66.97
CA VAL D 340 29.06 79.27 66.25
C VAL D 340 29.39 80.36 67.27
N VAL D 341 30.59 80.93 67.16
CA VAL D 341 31.12 82.04 68.03
C VAL D 341 30.90 83.36 67.30
N ALA D 342 30.00 84.20 67.83
CA ALA D 342 29.72 85.57 67.35
C ALA D 342 30.29 86.54 68.37
N PRO D 343 31.55 86.99 68.21
CA PRO D 343 32.17 87.95 69.12
C PRO D 343 31.35 89.24 69.25
N GLY D 344 31.29 89.80 70.46
CA GLY D 344 30.70 91.12 70.72
C GLY D 344 31.66 92.23 70.32
N LEU D 345 31.34 93.48 70.70
CA LEU D 345 32.19 94.67 70.44
C LEU D 345 33.46 94.57 71.29
N ASP D 346 33.42 93.81 72.39
CA ASP D 346 34.56 93.62 73.34
C ASP D 346 35.39 92.41 72.93
N GLY D 347 35.05 91.75 71.81
CA GLY D 347 35.80 90.60 71.26
C GLY D 347 35.42 89.27 71.90
N ARG D 348 34.63 89.29 72.99
CA ARG D 348 34.26 88.09 73.79
C ARG D 348 32.92 87.54 73.28
N ALA D 349 32.56 86.36 73.77
CA ALA D 349 31.25 85.70 73.54
C ALA D 349 30.99 84.66 74.63
N GLU D 350 29.74 84.54 75.09
CA GLU D 350 29.32 83.54 76.11
C GLU D 350 28.09 82.82 75.58
N GLY D 351 27.97 81.53 75.88
CA GLY D 351 26.84 80.68 75.44
C GLY D 351 26.76 79.41 76.25
N SER D 352 25.55 78.87 76.40
CA SER D 352 25.26 77.63 77.16
C SER D 352 24.68 76.56 76.23
N LEU D 353 24.85 75.30 76.61
CA LEU D 353 24.24 74.12 75.95
C LEU D 353 23.76 73.18 77.05
N TYR D 354 22.45 72.89 77.06
CA TYR D 354 21.82 71.88 77.94
C TYR D 354 21.59 70.61 77.12
N LEU D 355 22.16 69.48 77.58
CA LEU D 355 21.95 68.12 77.00
C LEU D 355 21.36 67.22 78.09
N ASP D 356 20.37 66.40 77.74
CA ASP D 356 19.79 65.36 78.64
C ASP D 356 19.11 64.31 77.75
N ASP D 357 18.27 63.44 78.33
CA ASP D 357 17.62 62.31 77.62
C ASP D 357 16.42 62.83 76.81
N GLY D 358 15.98 64.07 77.06
CA GLY D 358 15.06 64.84 76.21
C GLY D 358 13.60 64.64 76.56
N VAL D 359 13.28 63.79 77.53
CA VAL D 359 11.87 63.33 77.82
C VAL D 359 11.58 63.35 79.33
N SER D 360 12.46 62.79 80.17
CA SER D 360 12.18 62.52 81.61
C SER D 360 12.00 63.83 82.39
N VAL D 361 11.01 63.85 83.29
CA VAL D 361 10.68 65.00 84.18
C VAL D 361 11.87 65.24 85.14
N VAL D 362 12.42 64.17 85.72
CA VAL D 362 13.66 64.21 86.55
C VAL D 362 14.71 63.34 85.85
N GLN D 363 15.73 63.99 85.30
CA GLN D 363 16.83 63.34 84.53
C GLN D 363 17.72 62.57 85.50
N ASP D 364 18.35 61.49 85.03
CA ASP D 364 19.41 60.75 85.76
C ASP D 364 20.74 61.49 85.58
N THR D 365 21.02 61.97 84.36
CA THR D 365 22.26 62.69 84.00
C THR D 365 21.93 63.87 83.10
N VAL D 366 22.66 64.97 83.25
CA VAL D 366 22.52 66.22 82.44
C VAL D 366 23.91 66.80 82.19
N SER D 367 24.07 67.52 81.07
CA SER D 367 25.26 68.36 80.77
C SER D 367 24.80 69.82 80.74
N GLU D 368 25.17 70.59 81.77
CA GLU D 368 24.97 72.06 81.83
C GLU D 368 26.29 72.72 81.42
N ILE D 369 26.52 72.80 80.11
CA ILE D 369 27.81 73.23 79.49
C ILE D 369 27.81 74.74 79.31
N ASP D 370 28.90 75.40 79.71
CA ASP D 370 29.14 76.85 79.47
C ASP D 370 30.31 76.99 78.50
N PHE D 371 30.13 77.82 77.47
CA PHE D 371 31.18 78.19 76.49
C PHE D 371 31.56 79.65 76.73
N VAL D 372 32.86 79.95 76.73
CA VAL D 372 33.41 81.35 76.76
C VAL D 372 34.50 81.45 75.70
N TYR D 373 34.36 82.41 74.79
CA TYR D 373 35.36 82.77 73.75
C TYR D 373 36.01 84.10 74.12
N GLU D 374 37.33 84.13 74.05
CA GLU D 374 38.20 85.26 74.48
C GLU D 374 39.63 84.95 74.04
N ASN D 375 40.28 85.90 73.36
CA ASN D 375 41.72 85.82 72.99
C ASN D 375 41.95 84.61 72.08
N GLY D 376 41.02 84.36 71.13
CA GLY D 376 41.14 83.29 70.11
C GLY D 376 41.03 81.90 70.71
N LYS D 377 40.48 81.78 71.93
CA LYS D 377 40.34 80.50 72.69
C LYS D 377 38.87 80.28 73.03
N LEU D 378 38.37 79.06 72.80
CA LEU D 378 37.02 78.62 73.26
C LEU D 378 37.19 77.70 74.48
N THR D 379 36.74 78.17 75.65
CA THR D 379 36.76 77.40 76.92
C THR D 379 35.36 76.80 77.13
N MET D 380 35.31 75.49 77.43
CA MET D 380 34.07 74.72 77.67
C MET D 380 34.09 74.24 79.12
N THR D 381 33.17 74.74 79.95
CA THR D 381 33.09 74.44 81.41
C THR D 381 31.69 73.94 81.75
N GLY D 382 31.48 73.54 83.01
CA GLY D 382 30.18 73.09 83.55
C GLY D 382 30.17 71.59 83.80
N SER D 383 29.02 70.95 83.57
CA SER D 383 28.79 69.50 83.79
C SER D 383 28.66 68.78 82.44
N PHE D 384 29.05 67.51 82.41
CA PHE D 384 29.17 66.67 81.18
C PHE D 384 28.73 65.23 81.52
N GLU D 385 27.69 65.09 82.35
CA GLU D 385 27.26 63.78 82.91
C GLU D 385 26.43 63.00 81.88
N TYR D 386 25.80 63.66 80.90
CA TYR D 386 24.92 63.01 79.90
C TYR D 386 25.76 62.44 78.75
N GLU D 387 25.67 61.11 78.55
CA GLU D 387 26.34 60.35 77.45
C GLU D 387 25.63 60.70 76.12
N ALA D 388 26.05 61.78 75.47
CA ALA D 388 25.41 62.34 74.25
C ALA D 388 25.61 61.39 73.06
N GLY D 389 26.77 60.72 72.99
CA GLY D 389 27.16 59.84 71.87
C GLY D 389 27.51 60.65 70.63
N VAL D 390 27.74 61.95 70.78
CA VAL D 390 28.11 62.90 69.68
C VAL D 390 29.00 63.99 70.30
N GLY D 391 29.90 64.57 69.50
CA GLY D 391 30.83 65.62 69.94
C GLY D 391 30.71 66.88 69.10
N ILE D 392 31.64 67.81 69.28
CA ILE D 392 31.80 69.04 68.44
C ILE D 392 32.64 68.63 67.23
N GLU D 393 32.15 68.95 66.01
CA GLU D 393 32.83 68.62 64.74
C GLU D 393 33.45 69.91 64.15
N THR D 394 32.79 71.06 64.29
CA THR D 394 33.32 72.37 63.83
C THR D 394 33.12 73.43 64.92
N ILE D 395 34.03 74.42 64.96
CA ILE D 395 33.89 75.67 65.75
C ILE D 395 34.04 76.82 64.75
N THR D 396 32.96 77.57 64.55
CA THR D 396 32.86 78.71 63.60
C THR D 396 33.07 80.00 64.39
N VAL D 397 34.13 80.76 64.06
CA VAL D 397 34.40 82.10 64.63
C VAL D 397 34.10 83.14 63.54
N LEU D 398 33.17 84.06 63.82
CA LEU D 398 32.72 85.13 62.90
C LEU D 398 33.54 86.40 63.19
N GLY D 399 33.53 87.35 62.25
CA GLY D 399 34.20 88.66 62.39
C GLY D 399 35.71 88.55 62.43
N VAL D 400 36.28 87.57 61.71
CA VAL D 400 37.75 87.40 61.55
C VAL D 400 38.18 88.28 60.37
N GLU D 401 38.87 89.39 60.66
CA GLU D 401 39.18 90.51 59.72
C GLU D 401 40.09 90.01 58.59
N SER D 402 41.08 89.16 58.90
CA SER D 402 42.13 88.68 57.95
C SER D 402 42.29 87.16 58.09
N LYS D 403 42.83 86.50 57.06
CA LYS D 403 43.20 85.07 57.09
C LYS D 403 44.34 84.88 58.07
N PRO D 404 44.27 83.89 59.00
CA PRO D 404 45.38 83.59 59.90
C PRO D 404 46.52 82.85 59.17
N GLU D 405 47.74 82.91 59.73
CA GLU D 405 48.96 82.26 59.19
C GLU D 405 48.69 80.76 58.97
N GLY D 406 48.17 80.08 60.00
CA GLY D 406 47.99 78.61 60.02
C GLY D 406 46.86 78.13 59.13
N ASP D 407 47.04 76.96 58.51
CA ASP D 407 46.05 76.30 57.61
C ASP D 407 45.61 74.95 58.20
N GLU D 408 46.14 74.57 59.36
CA GLU D 408 45.92 73.25 60.02
C GLU D 408 44.46 73.18 60.52
N ASP D 409 43.65 72.34 59.87
CA ASP D 409 42.27 71.98 60.30
C ASP D 409 41.32 73.20 60.21
N VAL D 410 41.64 74.21 59.40
CA VAL D 410 40.92 75.53 59.41
C VAL D 410 40.64 75.99 57.98
N GLU D 411 39.41 76.49 57.75
CA GLU D 411 38.94 77.05 56.45
C GLU D 411 38.46 78.48 56.68
N TYR D 412 38.92 79.41 55.84
CA TYR D 412 38.61 80.86 55.91
C TYR D 412 37.78 81.28 54.68
N ASP D 413 36.56 81.76 54.93
CA ASP D 413 35.69 82.46 53.94
C ASP D 413 35.97 83.96 54.07
N ALA D 414 36.80 84.50 53.17
CA ALA D 414 37.29 85.90 53.19
C ALA D 414 36.15 86.89 52.93
N GLU D 415 35.18 86.49 52.10
CA GLU D 415 33.98 87.31 51.76
C GLU D 415 33.18 87.60 53.04
N ASN D 416 32.92 86.57 53.84
CA ASN D 416 32.02 86.63 55.02
C ASN D 416 32.84 86.75 56.31
N LYS D 417 34.17 86.92 56.22
CA LYS D 417 35.07 87.16 57.39
C LYS D 417 34.88 86.03 58.40
N LYS D 418 34.68 84.80 57.91
CA LYS D 418 34.24 83.62 58.70
C LYS D 418 35.33 82.55 58.67
N LEU D 419 35.71 82.03 59.84
CA LEU D 419 36.71 80.93 60.02
C LEU D 419 35.99 79.71 60.61
N VAL D 420 36.18 78.54 60.00
CA VAL D 420 35.64 77.23 60.49
C VAL D 420 36.83 76.33 60.81
N LYS D 421 36.96 75.91 62.08
CA LYS D 421 38.00 74.94 62.51
C LYS D 421 37.35 73.56 62.68
N HIS D 422 37.81 72.59 61.90
CA HIS D 422 37.44 71.15 62.02
C HIS D 422 38.13 70.56 63.27
N VAL D 423 37.35 69.90 64.13
CA VAL D 423 37.81 69.32 65.43
C VAL D 423 36.98 68.08 65.74
N ASP D 424 37.44 67.26 66.69
CA ASP D 424 36.71 66.08 67.20
C ASP D 424 36.76 66.16 68.72
N VAL D 425 36.04 67.14 69.29
CA VAL D 425 35.97 67.43 70.74
C VAL D 425 34.73 66.77 71.32
N PRO D 426 34.88 65.71 72.16
CA PRO D 426 33.73 65.10 72.83
C PRO D 426 33.16 66.00 73.94
N LEU D 427 31.90 65.76 74.30
CA LEU D 427 31.15 66.50 75.34
C LEU D 427 31.17 65.68 76.63
N THR D 428 32.35 65.16 76.97
CA THR D 428 32.63 64.19 78.07
C THR D 428 33.22 64.90 79.29
N GLY D 429 33.90 66.03 79.07
CA GLY D 429 34.52 66.85 80.14
C GLY D 429 34.91 68.22 79.64
N GLU D 430 35.39 69.09 80.54
CA GLU D 430 35.84 70.46 80.20
C GLU D 430 37.00 70.36 79.19
N ASN D 431 37.15 71.39 78.36
CA ASN D 431 38.20 71.45 77.31
C ASN D 431 38.51 72.92 77.02
N GLU D 432 39.69 73.17 76.46
CA GLU D 432 40.17 74.47 75.94
C GLU D 432 40.71 74.22 74.54
N ILE D 433 40.04 74.75 73.52
CA ILE D 433 40.43 74.66 72.09
C ILE D 433 40.86 76.06 71.63
N THR D 434 42.14 76.23 71.29
CA THR D 434 42.71 77.46 70.68
C THR D 434 42.32 77.46 69.20
N ILE D 435 41.79 78.58 68.69
CA ILE D 435 41.31 78.72 67.29
C ILE D 435 42.34 79.54 66.50
N LEU D 436 42.71 80.73 67.00
CA LEU D 436 43.79 81.59 66.44
C LEU D 436 44.68 82.12 67.57
N PRO E 84 63.34 -23.26 5.30
CA PRO E 84 62.54 -24.12 4.40
C PRO E 84 63.07 -24.09 2.97
N GLY E 85 63.35 -22.88 2.45
CA GLY E 85 63.84 -22.62 1.09
C GLY E 85 62.78 -21.96 0.23
N ASP E 86 62.73 -22.31 -1.05
CA ASP E 86 61.81 -21.71 -2.05
C ASP E 86 61.46 -22.75 -3.12
N ASP E 87 61.33 -24.03 -2.72
CA ASP E 87 61.01 -25.15 -3.65
C ASP E 87 59.73 -24.82 -4.43
N LEU E 88 58.72 -24.25 -3.76
CA LEU E 88 57.42 -23.86 -4.38
C LEU E 88 57.67 -22.91 -5.56
N TYR E 89 58.58 -21.95 -5.39
CA TYR E 89 58.76 -20.77 -6.28
C TYR E 89 59.77 -21.08 -7.40
N VAL E 90 60.70 -22.03 -7.18
CA VAL E 90 61.85 -22.28 -8.09
C VAL E 90 61.71 -23.63 -8.81
N LYS E 91 60.80 -24.50 -8.38
CA LYS E 91 60.64 -25.86 -8.95
C LYS E 91 60.58 -25.77 -10.48
N ASP E 92 61.23 -26.70 -11.17
CA ASP E 92 61.12 -26.90 -12.63
C ASP E 92 60.54 -28.29 -12.87
N LEU E 93 59.30 -28.35 -13.36
CA LEU E 93 58.58 -29.60 -13.69
C LEU E 93 58.54 -29.79 -15.21
N SER E 94 59.20 -28.91 -15.96
CA SER E 94 59.22 -28.89 -17.45
C SER E 94 59.59 -30.27 -18.01
N GLY E 95 60.55 -30.96 -17.37
CA GLY E 95 61.12 -32.24 -17.82
C GLY E 95 60.29 -33.45 -17.39
N CYS E 96 59.27 -33.26 -16.55
CA CYS E 96 58.33 -34.33 -16.10
C CYS E 96 57.37 -34.67 -17.24
N PRO E 97 57.18 -35.97 -17.57
CA PRO E 97 56.45 -36.37 -18.78
C PRO E 97 54.93 -36.38 -18.64
N GLY E 98 54.41 -36.31 -17.41
CA GLY E 98 52.99 -36.57 -17.10
C GLY E 98 52.64 -38.02 -17.34
N TYR E 99 51.34 -38.34 -17.34
CA TYR E 99 50.82 -39.71 -17.48
C TYR E 99 49.95 -39.79 -18.74
N LYS E 100 49.68 -41.02 -19.20
CA LYS E 100 48.72 -41.31 -20.29
C LYS E 100 47.84 -42.48 -19.85
N ALA E 101 46.55 -42.44 -20.20
CA ALA E 101 45.55 -43.50 -19.91
C ALA E 101 45.67 -44.59 -20.98
N THR E 102 46.05 -45.80 -20.58
CA THR E 102 46.32 -46.96 -21.48
C THR E 102 45.03 -47.79 -21.64
N LYS E 103 44.35 -48.09 -20.54
CA LYS E 103 43.06 -48.82 -20.49
C LYS E 103 42.07 -47.99 -19.67
N HIS E 104 40.83 -47.86 -20.14
CA HIS E 104 39.71 -47.16 -19.45
C HIS E 104 38.41 -47.94 -19.61
N TRP E 105 37.56 -47.93 -18.58
CA TRP E 105 36.27 -48.68 -18.55
C TRP E 105 35.26 -47.97 -17.63
N GLN E 106 33.97 -48.21 -17.88
CA GLN E 106 32.82 -47.59 -17.16
C GLN E 106 32.06 -48.66 -16.37
N THR E 107 31.32 -48.23 -15.35
CA THR E 107 30.31 -49.02 -14.62
C THR E 107 29.03 -48.20 -14.54
N ARG E 108 27.99 -48.71 -13.87
CA ARG E 108 26.67 -48.04 -13.73
C ARG E 108 26.82 -46.70 -12.98
N SER E 109 27.89 -46.49 -12.21
CA SER E 109 28.11 -45.27 -11.39
C SER E 109 29.59 -44.90 -11.32
N GLY E 110 30.41 -45.35 -12.29
CA GLY E 110 31.87 -45.27 -12.19
C GLY E 110 32.56 -45.09 -13.52
N PHE E 111 33.74 -44.47 -13.49
CA PHE E 111 34.73 -44.41 -14.59
C PHE E 111 36.11 -44.72 -14.00
N TYR E 112 36.88 -45.56 -14.70
CA TYR E 112 38.19 -46.10 -14.26
C TYR E 112 39.18 -46.05 -15.42
N ALA E 113 40.45 -45.84 -15.09
CA ALA E 113 41.57 -45.83 -16.07
C ALA E 113 42.86 -46.30 -15.41
N ASP E 114 43.68 -47.07 -16.14
CA ASP E 114 45.10 -47.35 -15.83
C ASP E 114 45.95 -46.22 -16.43
N LEU E 115 46.74 -45.55 -15.59
CA LEU E 115 47.63 -44.42 -15.97
C LEU E 115 49.08 -44.91 -15.91
N THR E 116 49.90 -44.53 -16.90
CA THR E 116 51.36 -44.84 -16.97
C THR E 116 52.09 -43.57 -17.41
N LEU E 117 53.35 -43.41 -16.99
CA LEU E 117 54.24 -42.28 -17.39
C LEU E 117 54.28 -42.19 -18.92
N ALA E 118 54.07 -41.00 -19.48
CA ALA E 118 54.02 -40.72 -20.93
C ALA E 118 55.43 -40.48 -21.49
N GLY E 119 56.48 -40.80 -20.71
CA GLY E 119 57.88 -40.55 -21.07
C GLY E 119 58.82 -40.88 -19.91
N PRO E 120 60.13 -40.59 -20.03
CA PRO E 120 61.07 -40.91 -18.97
C PRO E 120 60.84 -40.05 -17.71
N ALA E 121 61.17 -40.62 -16.55
CA ALA E 121 60.99 -40.01 -15.21
C ALA E 121 61.79 -38.71 -15.12
N CYS E 122 61.28 -37.72 -14.38
CA CYS E 122 62.00 -36.48 -13.99
C CYS E 122 62.60 -36.64 -12.59
N ASN E 123 61.88 -37.32 -11.69
CA ASN E 123 62.29 -37.58 -10.29
C ASN E 123 62.80 -36.28 -9.65
N VAL E 124 62.01 -35.20 -9.77
CA VAL E 124 62.38 -33.82 -9.31
C VAL E 124 62.45 -33.79 -7.78
N PHE E 125 61.56 -34.49 -7.07
CA PHE E 125 61.42 -34.43 -5.60
C PHE E 125 60.97 -35.79 -5.08
N GLY E 126 61.77 -36.83 -5.36
CA GLY E 126 61.44 -38.25 -5.13
C GLY E 126 61.28 -38.99 -6.46
N THR E 127 60.81 -40.23 -6.41
CA THR E 127 60.69 -41.14 -7.59
C THR E 127 59.27 -41.06 -8.17
N ASP E 128 59.15 -40.66 -9.45
CA ASP E 128 57.89 -40.76 -10.24
C ASP E 128 57.38 -42.21 -10.14
N LEU E 129 56.12 -42.38 -9.76
CA LEU E 129 55.46 -43.72 -9.78
C LEU E 129 55.23 -44.09 -11.23
N PRO E 130 55.70 -45.28 -11.69
CA PRO E 130 55.57 -45.67 -13.10
C PRO E 130 54.11 -45.73 -13.56
N ASP E 131 53.23 -46.30 -12.72
CA ASP E 131 51.79 -46.50 -13.02
C ASP E 131 50.93 -45.94 -11.89
N LEU E 132 49.66 -45.67 -12.19
CA LEU E 132 48.66 -45.14 -11.24
C LEU E 132 47.30 -45.76 -11.57
N LYS E 133 46.35 -45.66 -10.65
CA LYS E 133 44.91 -45.98 -10.87
C LYS E 133 44.13 -44.66 -10.82
N LEU E 134 43.23 -44.46 -11.80
CA LEU E 134 42.18 -43.43 -11.74
C LEU E 134 40.87 -44.14 -11.39
N GLU E 135 40.23 -43.73 -10.29
CA GLU E 135 38.90 -44.20 -9.83
C GLU E 135 37.97 -42.98 -9.74
N VAL E 136 36.83 -43.02 -10.45
CA VAL E 136 35.77 -41.97 -10.43
C VAL E 136 34.46 -42.63 -9.98
N GLU E 137 33.92 -42.20 -8.83
CA GLU E 137 32.64 -42.72 -8.29
C GLU E 137 31.61 -41.58 -8.25
N TYR E 138 30.51 -41.75 -8.98
CA TYR E 138 29.27 -40.95 -8.83
C TYR E 138 28.49 -41.54 -7.64
N GLN E 139 28.73 -41.00 -6.44
CA GLN E 139 28.21 -41.59 -5.17
C GLN E 139 26.76 -41.15 -4.98
N THR E 140 26.51 -39.83 -5.05
CA THR E 140 25.17 -39.19 -5.02
C THR E 140 25.12 -38.19 -6.17
N SER E 141 23.95 -37.59 -6.43
CA SER E 141 23.76 -36.55 -7.48
C SER E 141 24.52 -35.28 -7.10
N ASP E 142 24.94 -35.13 -5.83
CA ASP E 142 25.63 -33.92 -5.31
C ASP E 142 27.14 -34.19 -5.19
N ARG E 143 27.57 -35.44 -4.97
CA ARG E 143 28.98 -35.75 -4.58
C ARG E 143 29.63 -36.71 -5.58
N LEU E 144 30.79 -36.30 -6.11
CA LEU E 144 31.62 -37.02 -7.12
C LEU E 144 33.00 -37.29 -6.53
N HIS E 145 33.41 -38.55 -6.48
CA HIS E 145 34.71 -39.03 -5.94
C HIS E 145 35.68 -39.21 -7.10
N VAL E 146 36.74 -38.41 -7.13
CA VAL E 146 37.86 -38.54 -8.12
C VAL E 146 39.13 -38.88 -7.34
N LYS E 147 39.65 -40.08 -7.54
CA LYS E 147 40.80 -40.63 -6.79
C LYS E 147 41.88 -41.05 -7.80
N ILE E 148 43.07 -40.44 -7.70
CA ILE E 148 44.31 -40.86 -8.41
C ILE E 148 45.27 -41.40 -7.34
N LEU E 149 45.67 -42.67 -7.47
CA LEU E 149 46.52 -43.37 -6.46
C LEU E 149 47.46 -44.36 -7.15
N ASP E 150 48.31 -45.02 -6.36
CA ASP E 150 49.23 -46.10 -6.80
C ASP E 150 48.41 -47.37 -7.05
N THR E 151 49.03 -48.40 -7.64
CA THR E 151 48.36 -49.65 -8.07
C THR E 151 48.39 -50.71 -6.97
N ASN E 152 49.20 -50.51 -5.92
CA ASN E 152 49.65 -51.57 -4.97
C ASN E 152 49.13 -51.30 -3.55
N ASN E 153 48.35 -50.24 -3.34
CA ASN E 153 47.86 -49.82 -1.99
C ASN E 153 49.03 -49.80 -0.99
N THR E 154 50.15 -49.14 -1.34
CA THR E 154 51.34 -48.95 -0.46
C THR E 154 51.47 -47.48 -0.05
N VAL E 155 51.18 -46.54 -0.97
CA VAL E 155 51.18 -45.07 -0.72
C VAL E 155 50.22 -44.78 0.44
N TYR E 156 50.64 -43.96 1.40
CA TYR E 156 49.86 -43.61 2.62
C TYR E 156 48.48 -43.07 2.21
N GLN E 157 47.44 -43.61 2.84
CA GLN E 157 46.04 -43.10 2.78
C GLN E 157 45.59 -42.83 4.22
N VAL E 158 44.78 -41.79 4.42
CA VAL E 158 44.24 -41.41 5.74
C VAL E 158 43.46 -42.62 6.28
N PRO E 159 43.76 -43.12 7.49
CA PRO E 159 43.04 -44.26 8.04
C PRO E 159 41.52 -44.03 8.08
N ASP E 160 40.75 -45.08 7.80
CA ASP E 160 39.27 -45.11 7.91
C ASP E 160 38.84 -44.73 9.34
N SER E 161 39.62 -45.14 10.35
CA SER E 161 39.31 -44.93 11.79
C SER E 161 39.28 -43.44 12.12
N VAL E 162 40.12 -42.63 11.46
CA VAL E 162 40.31 -41.18 11.73
C VAL E 162 39.31 -40.37 10.89
N PHE E 163 39.09 -40.77 9.64
CA PHE E 163 38.16 -40.10 8.70
C PHE E 163 37.33 -41.17 7.98
N PRO E 164 36.18 -41.60 8.56
CA PRO E 164 35.30 -42.54 7.89
C PRO E 164 34.85 -41.95 6.55
N ARG E 165 34.92 -42.76 5.48
CA ARG E 165 34.63 -42.32 4.09
C ARG E 165 33.13 -42.28 3.89
N PRO E 166 32.61 -41.29 3.12
CA PRO E 166 31.22 -41.32 2.70
C PRO E 166 31.07 -42.33 1.54
N GLY E 167 29.84 -42.72 1.22
CA GLY E 167 29.49 -43.41 -0.05
C GLY E 167 29.13 -44.87 0.13
N PHE E 168 29.04 -45.38 1.37
CA PHE E 168 28.63 -46.78 1.63
C PHE E 168 27.19 -46.98 1.15
N GLY E 169 27.01 -47.92 0.20
CA GLY E 169 25.69 -48.31 -0.33
C GLY E 169 25.06 -47.24 -1.20
N GLU E 170 25.81 -46.19 -1.53
CA GLU E 170 25.34 -45.08 -2.40
C GLU E 170 25.98 -45.21 -3.77
N TRP E 171 25.18 -45.01 -4.82
CA TRP E 171 25.66 -44.91 -6.22
C TRP E 171 24.64 -44.08 -7.01
N CYS E 172 25.13 -43.32 -7.97
CA CYS E 172 24.36 -42.38 -8.82
C CYS E 172 24.69 -42.68 -10.28
N SER E 173 23.67 -42.84 -11.12
CA SER E 173 23.84 -42.95 -12.59
C SER E 173 24.46 -41.65 -13.07
N PRO E 174 25.54 -41.69 -13.87
CA PRO E 174 26.22 -40.47 -14.33
C PRO E 174 25.31 -39.32 -14.79
N LYS E 175 24.29 -39.62 -15.58
CA LYS E 175 23.34 -38.64 -16.18
C LYS E 175 22.45 -38.00 -15.10
N ASP E 176 22.28 -38.65 -13.95
CA ASP E 176 21.49 -38.14 -12.80
C ASP E 176 22.37 -37.32 -11.86
N SER E 177 23.67 -37.20 -12.16
CA SER E 177 24.65 -36.41 -11.35
C SER E 177 24.63 -34.95 -11.81
N LYS E 178 24.59 -34.02 -10.86
CA LYS E 178 24.82 -32.57 -11.09
C LYS E 178 26.23 -32.37 -11.66
N LEU E 179 27.19 -33.25 -11.30
CA LEU E 179 28.61 -33.18 -11.70
C LEU E 179 28.91 -34.22 -12.78
N LYS E 180 29.70 -33.82 -13.78
CA LYS E 180 30.09 -34.62 -14.97
C LYS E 180 31.62 -34.69 -15.02
N PHE E 181 32.18 -35.90 -15.11
CA PHE E 181 33.63 -36.15 -15.25
C PHE E 181 33.95 -36.37 -16.74
N ASP E 182 34.87 -35.57 -17.29
CA ASP E 182 35.48 -35.77 -18.63
C ASP E 182 37.00 -35.86 -18.44
N PHE E 183 37.68 -36.53 -19.38
CA PHE E 183 39.13 -36.82 -19.32
C PHE E 183 39.70 -36.77 -20.74
N GLN E 184 41.00 -36.50 -20.85
CA GLN E 184 41.84 -36.78 -22.04
C GLN E 184 42.82 -37.88 -21.62
N ALA E 185 43.06 -38.86 -22.49
CA ALA E 185 43.91 -40.04 -22.23
C ALA E 185 45.39 -39.64 -22.25
N ASP E 186 45.78 -38.77 -23.19
CA ASP E 186 47.18 -38.54 -23.58
C ASP E 186 47.33 -37.15 -24.19
N PRO E 187 47.99 -36.16 -23.54
CA PRO E 187 48.41 -36.28 -22.14
C PRO E 187 47.21 -36.36 -21.18
N PHE E 188 47.34 -37.13 -20.09
CA PHE E 188 46.24 -37.35 -19.14
C PHE E 188 45.87 -36.02 -18.44
N SER E 189 44.62 -35.61 -18.60
CA SER E 189 43.97 -34.47 -17.89
C SER E 189 42.51 -34.84 -17.66
N PHE E 190 41.87 -34.24 -16.67
CA PHE E 190 40.41 -34.39 -16.45
C PHE E 190 39.81 -33.02 -16.15
N THR E 191 38.49 -32.95 -16.30
CA THR E 191 37.67 -31.73 -16.08
C THR E 191 36.40 -32.16 -15.34
N VAL E 192 36.04 -31.42 -14.29
CA VAL E 192 34.74 -31.55 -13.57
C VAL E 192 33.87 -30.36 -13.98
N SER E 193 32.71 -30.64 -14.59
CA SER E 193 31.73 -29.63 -15.08
C SER E 193 30.33 -29.91 -14.54
N ARG E 194 29.44 -28.92 -14.61
CA ARG E 194 28.00 -29.04 -14.26
C ARG E 194 27.29 -29.74 -15.41
N THR E 195 26.49 -30.76 -15.10
CA THR E 195 25.79 -31.63 -16.09
C THR E 195 24.72 -30.83 -16.83
N ASP E 196 24.11 -29.83 -16.18
CA ASP E 196 23.02 -29.01 -16.77
C ASP E 196 23.63 -27.96 -17.72
N THR E 197 24.53 -27.10 -17.23
CA THR E 197 25.07 -25.92 -17.96
C THR E 197 26.34 -26.26 -18.75
N GLY E 198 27.07 -27.31 -18.37
CA GLY E 198 28.35 -27.67 -19.00
C GLY E 198 29.51 -26.82 -18.50
N GLU E 199 29.26 -25.91 -17.55
CA GLU E 199 30.29 -24.98 -16.99
C GLU E 199 31.36 -25.81 -16.27
N VAL E 200 32.64 -25.56 -16.59
CA VAL E 200 33.81 -26.28 -16.03
C VAL E 200 34.13 -25.69 -14.64
N LEU E 201 34.17 -26.56 -13.63
CA LEU E 201 34.40 -26.21 -12.20
C LEU E 201 35.84 -26.51 -11.78
N PHE E 202 36.45 -27.53 -12.39
CA PHE E 202 37.84 -27.99 -12.13
C PHE E 202 38.39 -28.58 -13.44
N ASP E 203 39.66 -28.31 -13.75
CA ASP E 203 40.20 -28.48 -15.13
C ASP E 203 41.73 -28.54 -15.11
N THR E 204 42.28 -29.75 -15.26
CA THR E 204 43.74 -30.00 -15.26
C THR E 204 44.27 -30.05 -16.70
N THR E 205 43.45 -29.64 -17.69
CA THR E 205 43.82 -29.57 -19.14
C THR E 205 45.06 -28.69 -19.30
N GLY E 206 46.08 -29.21 -20.00
CA GLY E 206 47.32 -28.48 -20.34
C GLY E 206 48.31 -28.40 -19.18
N ASN E 207 48.03 -29.11 -18.08
CA ASN E 207 48.83 -29.06 -16.83
C ASN E 207 49.27 -30.48 -16.46
N LYS E 208 50.56 -30.66 -16.18
CA LYS E 208 51.20 -31.98 -15.95
C LYS E 208 50.76 -32.54 -14.60
N LEU E 209 50.30 -33.79 -14.56
CA LEU E 209 50.21 -34.62 -13.33
C LEU E 209 51.62 -35.11 -13.00
N VAL E 210 52.17 -34.73 -11.85
CA VAL E 210 53.43 -35.30 -11.29
C VAL E 210 53.04 -36.04 -10.01
N PHE E 211 53.27 -37.36 -9.99
CA PHE E 211 52.99 -38.26 -8.84
C PHE E 211 54.30 -38.96 -8.47
N GLU E 212 54.96 -38.50 -7.40
CA GLU E 212 56.27 -39.01 -6.94
C GLU E 212 56.14 -39.48 -5.48
N SER E 213 57.13 -40.26 -5.03
CA SER E 213 57.19 -40.89 -3.68
C SER E 213 56.95 -39.85 -2.57
N GLN E 214 57.39 -38.60 -2.76
CA GLN E 214 57.25 -37.51 -1.75
C GLN E 214 56.84 -36.19 -2.42
N TYR E 215 56.21 -36.25 -3.59
CA TYR E 215 55.73 -35.06 -4.31
C TYR E 215 54.59 -35.44 -5.26
N VAL E 216 53.39 -34.95 -4.96
CA VAL E 216 52.20 -35.03 -5.85
C VAL E 216 51.84 -33.59 -6.25
N TYR E 217 51.79 -33.32 -7.55
CA TYR E 217 51.44 -31.99 -8.12
C TYR E 217 50.26 -32.12 -9.08
N LEU E 218 49.28 -31.24 -8.90
CA LEU E 218 48.07 -31.08 -9.75
C LEU E 218 47.70 -29.60 -9.79
N LYS E 219 47.42 -29.06 -10.97
CA LYS E 219 47.03 -27.64 -11.18
C LYS E 219 45.68 -27.62 -11.90
N THR E 220 44.75 -26.78 -11.46
CA THR E 220 43.43 -26.54 -12.13
C THR E 220 43.39 -25.12 -12.69
N HIS E 221 42.75 -24.95 -13.85
CA HIS E 221 42.24 -23.63 -14.32
C HIS E 221 41.13 -23.18 -13.36
N LEU E 222 41.09 -21.88 -13.07
CA LEU E 222 39.95 -21.19 -12.41
C LEU E 222 39.52 -20.03 -13.29
N PRO E 223 38.26 -19.55 -13.18
CA PRO E 223 37.85 -18.34 -13.90
C PRO E 223 38.63 -17.13 -13.37
N GLN E 224 38.73 -16.07 -14.18
CA GLN E 224 39.41 -14.81 -13.80
C GLN E 224 38.68 -14.19 -12.60
N ASN E 225 39.42 -13.65 -11.63
CA ASN E 225 38.86 -13.02 -10.40
C ASN E 225 37.97 -14.04 -9.68
N PRO E 226 38.52 -15.20 -9.26
CA PRO E 226 37.72 -16.23 -8.60
C PRO E 226 37.43 -15.83 -7.15
N HIS E 227 36.38 -16.43 -6.58
CA HIS E 227 35.96 -16.24 -5.16
C HIS E 227 36.09 -17.59 -4.46
N LEU E 228 37.21 -17.81 -3.77
CA LEU E 228 37.54 -19.07 -3.05
C LEU E 228 37.57 -18.78 -1.55
N TYR E 229 37.11 -19.75 -0.75
CA TYR E 229 37.07 -19.71 0.73
C TYR E 229 37.61 -21.05 1.26
N GLY E 230 38.41 -21.00 2.33
CA GLY E 230 38.84 -22.19 3.10
C GLY E 230 40.33 -22.46 2.98
N LEU E 231 40.70 -23.74 2.93
CA LEU E 231 42.10 -24.25 2.81
C LEU E 231 42.91 -23.80 4.02
N GLY E 232 42.26 -23.65 5.18
CA GLY E 232 42.88 -23.20 6.44
C GLY E 232 43.59 -24.35 7.16
N GLU E 233 43.92 -24.15 8.44
CA GLU E 233 43.57 -22.96 9.21
C GLU E 233 44.55 -21.83 8.87
N HIS E 234 44.02 -20.65 8.51
CA HIS E 234 44.78 -19.42 8.15
C HIS E 234 44.14 -18.18 8.79
N SER E 235 44.87 -17.07 8.84
CA SER E 235 44.45 -15.79 9.47
C SER E 235 44.36 -14.70 8.39
N ASP E 236 44.28 -15.10 7.12
CA ASP E 236 44.22 -14.23 5.93
C ASP E 236 42.76 -13.86 5.66
N ALA E 237 42.53 -12.95 4.69
CA ALA E 237 41.21 -12.55 4.16
C ALA E 237 40.38 -13.81 3.84
N PHE E 238 39.10 -13.82 4.23
CA PHE E 238 38.18 -14.98 4.11
C PHE E 238 38.08 -15.41 2.64
N MET E 239 37.82 -14.46 1.73
CA MET E 239 37.93 -14.70 0.27
C MET E 239 39.43 -14.65 -0.09
N LEU E 240 39.97 -15.78 -0.52
CA LEU E 240 41.44 -16.02 -0.66
C LEU E 240 42.03 -15.08 -1.71
N ASN E 241 43.25 -14.60 -1.46
CA ASN E 241 44.10 -13.89 -2.46
C ASN E 241 44.22 -14.76 -3.71
N THR E 242 44.20 -14.12 -4.89
CA THR E 242 44.18 -14.79 -6.21
C THR E 242 45.53 -14.57 -6.94
N THR E 243 46.38 -13.66 -6.44
CA THR E 243 47.70 -13.32 -7.03
C THR E 243 48.83 -13.65 -6.03
N ASN E 244 49.88 -14.33 -6.49
CA ASN E 244 51.11 -14.67 -5.71
C ASN E 244 50.73 -15.01 -4.25
N TYR E 245 49.76 -15.92 -4.07
CA TYR E 245 49.24 -16.34 -2.75
C TYR E 245 49.71 -17.78 -2.45
N THR E 246 50.46 -17.94 -1.37
CA THR E 246 50.88 -19.24 -0.81
C THR E 246 49.98 -19.58 0.38
N ARG E 247 49.38 -20.77 0.36
CA ARG E 247 48.54 -21.31 1.46
C ARG E 247 49.10 -22.67 1.86
N THR E 248 49.83 -22.72 2.98
CA THR E 248 50.53 -23.93 3.47
C THR E 248 49.66 -24.62 4.52
N ILE E 249 49.26 -25.86 4.26
CA ILE E 249 48.50 -26.71 5.20
C ILE E 249 49.48 -27.69 5.85
N TYR E 250 49.89 -27.39 7.09
CA TYR E 250 50.76 -28.25 7.91
C TYR E 250 50.68 -27.75 9.35
N THR E 251 50.07 -28.53 10.25
CA THR E 251 49.70 -28.10 11.61
C THR E 251 50.99 -27.70 12.36
N ARG E 252 51.00 -26.51 12.98
CA ARG E 252 52.15 -26.05 13.79
C ARG E 252 51.70 -25.07 14.85
N ASP E 253 52.50 -24.98 15.92
CA ASP E 253 52.42 -24.01 17.04
C ASP E 253 52.87 -22.64 16.51
N ALA E 254 51.94 -21.82 16.01
CA ALA E 254 52.19 -20.56 15.29
C ALA E 254 51.75 -19.36 16.13
N TYR E 255 52.51 -19.03 17.18
CA TYR E 255 52.24 -17.88 18.09
C TYR E 255 51.97 -16.64 17.23
N GLY E 256 50.94 -15.87 17.60
CA GLY E 256 50.51 -14.64 16.89
C GLY E 256 49.71 -14.93 15.64
N THR E 257 49.27 -16.18 15.45
CA THR E 257 48.45 -16.64 14.30
C THR E 257 48.83 -15.84 13.05
N PRO E 258 50.10 -15.88 12.61
CA PRO E 258 50.58 -14.94 11.59
C PRO E 258 49.87 -15.16 10.24
N GLN E 259 49.53 -14.05 9.58
CA GLN E 259 48.98 -14.02 8.20
C GLN E 259 50.02 -14.59 7.25
N GLY E 260 49.58 -15.38 6.26
CA GLY E 260 50.42 -15.91 5.18
C GLY E 260 51.27 -17.10 5.62
N GLU E 261 50.95 -17.72 6.75
CA GLU E 261 51.75 -18.83 7.35
C GLU E 261 50.83 -19.98 7.80
N ASN E 262 51.38 -21.19 7.84
CA ASN E 262 50.68 -22.41 8.33
C ASN E 262 50.42 -22.26 9.82
N LEU E 263 49.17 -22.49 10.24
CA LEU E 263 48.73 -22.35 11.65
C LEU E 263 48.38 -23.74 12.19
N TYR E 264 47.51 -23.80 13.20
CA TYR E 264 47.30 -24.96 14.11
C TYR E 264 46.55 -26.10 13.41
N GLY E 265 45.64 -25.78 12.49
CA GLY E 265 44.71 -26.75 11.88
C GLY E 265 45.01 -26.98 10.41
N ALA E 266 44.51 -28.09 9.87
CA ALA E 266 44.68 -28.52 8.46
C ALA E 266 43.32 -28.92 7.87
N HIS E 267 42.79 -28.11 6.94
CA HIS E 267 41.42 -28.24 6.39
C HIS E 267 41.45 -28.01 4.88
N PRO E 268 41.90 -29.02 4.07
CA PRO E 268 42.06 -28.82 2.62
C PRO E 268 40.73 -28.89 1.86
N ILE E 269 39.77 -28.07 2.29
CA ILE E 269 38.44 -27.86 1.63
C ILE E 269 38.42 -26.41 1.13
N TYR E 270 38.01 -26.20 -0.12
CA TYR E 270 37.72 -24.84 -0.64
C TYR E 270 36.30 -24.81 -1.24
N PHE E 271 35.55 -23.77 -0.88
CA PHE E 271 34.31 -23.35 -1.56
C PHE E 271 34.70 -22.44 -2.72
N ASP E 272 34.21 -22.76 -3.91
CA ASP E 272 34.34 -21.92 -5.13
C ASP E 272 32.96 -21.32 -5.41
N HIS E 273 32.78 -20.05 -5.08
CA HIS E 273 31.50 -19.30 -5.28
C HIS E 273 31.57 -18.53 -6.61
N ARG E 274 30.53 -18.65 -7.42
CA ARG E 274 30.38 -17.97 -8.73
C ARG E 274 28.96 -17.43 -8.85
N GLN E 275 28.77 -16.46 -9.75
CA GLN E 275 27.46 -15.87 -10.14
C GLN E 275 26.48 -17.01 -10.50
N THR E 276 26.97 -18.07 -11.13
CA THR E 276 26.17 -19.21 -11.66
C THR E 276 25.96 -20.31 -10.61
N GLY E 277 26.69 -20.31 -9.49
CA GLY E 277 26.49 -21.29 -8.40
C GLY E 277 27.74 -21.48 -7.55
N THR E 278 27.62 -22.23 -6.45
CA THR E 278 28.73 -22.61 -5.53
C THR E 278 29.00 -24.11 -5.63
N HIS E 279 30.28 -24.50 -5.56
CA HIS E 279 30.75 -25.90 -5.43
C HIS E 279 31.90 -25.99 -4.42
N GLY E 280 32.18 -27.20 -3.94
CA GLY E 280 33.30 -27.50 -3.04
C GLY E 280 34.28 -28.47 -3.68
N VAL E 281 35.57 -28.31 -3.37
CA VAL E 281 36.65 -29.26 -3.71
C VAL E 281 37.34 -29.63 -2.39
N PHE E 282 37.19 -30.88 -1.96
CA PHE E 282 37.81 -31.46 -0.76
C PHE E 282 38.88 -32.46 -1.19
N LEU E 283 40.12 -32.22 -0.75
CA LEU E 283 41.27 -33.16 -0.89
C LEU E 283 41.43 -33.89 0.44
N LEU E 284 41.17 -35.20 0.45
CA LEU E 284 41.31 -36.07 1.66
C LEU E 284 42.76 -36.53 1.74
N ASN E 285 43.63 -35.67 2.28
CA ASN E 285 45.10 -35.86 2.33
C ASN E 285 45.67 -35.12 3.54
N SER E 286 46.33 -35.85 4.46
CA SER E 286 46.84 -35.32 5.75
C SER E 286 48.34 -34.99 5.67
N ASN E 287 48.92 -34.98 4.47
CA ASN E 287 50.35 -34.61 4.25
C ASN E 287 50.50 -33.09 4.25
N GLY E 288 51.70 -32.59 4.56
CA GLY E 288 52.07 -31.18 4.36
C GLY E 288 51.90 -30.81 2.91
N MET E 289 51.41 -29.61 2.61
CA MET E 289 51.23 -29.19 1.21
C MET E 289 51.33 -27.67 1.09
N ASP E 290 51.91 -27.21 -0.02
CA ASP E 290 51.84 -25.79 -0.49
C ASP E 290 50.74 -25.74 -1.55
N ILE E 291 49.69 -24.97 -1.28
CA ILE E 291 48.73 -24.54 -2.32
C ILE E 291 49.14 -23.14 -2.76
N PHE E 292 49.30 -22.93 -4.06
CA PHE E 292 49.68 -21.64 -4.69
C PHE E 292 48.54 -21.23 -5.63
N ILE E 293 47.96 -20.06 -5.36
CA ILE E 293 46.89 -19.43 -6.20
C ILE E 293 47.50 -18.19 -6.86
N ASP E 294 47.51 -18.16 -8.19
CA ASP E 294 48.16 -17.09 -8.99
C ASP E 294 47.49 -16.98 -10.36
N ASN E 295 47.69 -15.85 -11.06
CA ASN E 295 47.13 -15.58 -12.41
C ASN E 295 48.24 -15.12 -13.37
N ASN E 296 49.50 -15.46 -13.08
CA ASN E 296 50.63 -15.30 -14.03
C ASN E 296 50.42 -16.30 -15.17
N ALA E 297 50.00 -15.81 -16.33
CA ALA E 297 49.34 -16.54 -17.45
C ALA E 297 47.83 -16.31 -17.33
N THR E 298 47.04 -17.36 -17.06
CA THR E 298 45.62 -17.27 -16.62
C THR E 298 45.54 -17.68 -15.14
N GLN E 299 44.37 -17.52 -14.53
CA GLN E 299 44.12 -17.86 -13.10
C GLN E 299 44.22 -19.37 -12.92
N TYR E 300 44.96 -19.81 -11.91
CA TYR E 300 45.11 -21.25 -11.55
C TYR E 300 45.22 -21.42 -10.03
N LEU E 301 44.90 -22.63 -9.57
CA LEU E 301 45.23 -23.13 -8.22
C LEU E 301 46.03 -24.42 -8.42
N GLU E 302 47.16 -24.57 -7.74
CA GLU E 302 48.01 -25.79 -7.80
C GLU E 302 48.19 -26.36 -6.39
N TYR E 303 48.19 -27.68 -6.29
CA TYR E 303 48.56 -28.44 -5.08
C TYR E 303 50.01 -28.93 -5.23
N ASN E 304 50.85 -28.63 -4.24
CA ASN E 304 52.20 -29.24 -4.04
C ASN E 304 52.16 -30.04 -2.74
N ILE E 305 51.94 -31.36 -2.84
CA ILE E 305 51.69 -32.26 -1.68
C ILE E 305 52.91 -33.18 -1.54
N ILE E 306 53.41 -33.38 -0.31
CA ILE E 306 54.69 -34.12 -0.06
C ILE E 306 54.39 -35.60 0.27
N GLY E 307 53.20 -36.09 -0.07
CA GLY E 307 52.87 -37.51 0.09
C GLY E 307 51.40 -37.81 -0.16
N GLY E 308 51.01 -39.07 0.01
CA GLY E 308 49.62 -39.52 -0.11
C GLY E 308 49.16 -39.51 -1.55
N VAL E 309 47.84 -39.56 -1.74
CA VAL E 309 47.16 -39.70 -3.06
C VAL E 309 46.26 -38.49 -3.30
N LEU E 310 45.88 -38.26 -4.57
CA LEU E 310 44.92 -37.22 -4.97
C LEU E 310 43.52 -37.78 -4.76
N ASP E 311 42.99 -37.62 -3.55
CA ASP E 311 41.66 -38.18 -3.13
C ASP E 311 40.68 -37.01 -3.02
N PHE E 312 39.95 -36.73 -4.10
CA PHE E 312 39.07 -35.54 -4.24
C PHE E 312 37.60 -35.95 -4.13
N TYR E 313 36.85 -35.20 -3.33
CA TYR E 313 35.36 -35.18 -3.36
C TYR E 313 34.92 -33.82 -3.89
N PHE E 314 34.31 -33.82 -5.08
CA PHE E 314 33.66 -32.62 -5.70
C PHE E 314 32.19 -32.62 -5.32
N ILE E 315 31.73 -31.55 -4.66
CA ILE E 315 30.33 -31.38 -4.18
C ILE E 315 29.69 -30.22 -4.95
N ALA E 316 28.50 -30.44 -5.51
CA ALA E 316 27.92 -29.64 -6.62
C ALA E 316 27.25 -28.36 -6.10
N GLY E 317 26.90 -28.28 -4.81
CA GLY E 317 26.00 -27.24 -4.30
C GLY E 317 24.58 -27.44 -4.83
N PRO E 318 23.97 -26.48 -5.57
CA PRO E 318 24.65 -25.27 -6.05
C PRO E 318 24.63 -24.00 -5.18
N SER E 319 23.83 -23.94 -4.11
CA SER E 319 23.82 -22.80 -3.16
C SER E 319 24.98 -22.95 -2.18
N PRO E 320 25.44 -21.85 -1.52
CA PRO E 320 26.50 -21.93 -0.50
C PRO E 320 26.19 -22.91 0.64
N ARG E 321 24.96 -22.88 1.16
CA ARG E 321 24.50 -23.79 2.24
C ARG E 321 24.46 -25.24 1.72
N ASP E 322 24.11 -25.43 0.45
CA ASP E 322 24.12 -26.77 -0.22
C ASP E 322 25.52 -27.38 -0.06
N VAL E 323 26.56 -26.63 -0.43
CA VAL E 323 27.99 -27.09 -0.39
C VAL E 323 28.34 -27.47 1.05
N ALA E 324 27.97 -26.63 2.03
CA ALA E 324 28.19 -26.85 3.48
C ALA E 324 27.48 -28.13 3.93
N ILE E 325 26.20 -28.29 3.56
CA ILE E 325 25.34 -29.46 3.90
C ILE E 325 25.98 -30.73 3.29
N GLN E 326 26.55 -30.60 2.09
CA GLN E 326 27.13 -31.74 1.32
C GLN E 326 28.55 -32.06 1.82
N TYR E 327 29.26 -31.06 2.35
CA TYR E 327 30.61 -31.27 2.96
C TYR E 327 30.44 -32.00 4.29
N ALA E 328 29.30 -31.83 4.98
CA ALA E 328 28.98 -32.49 6.27
C ALA E 328 28.70 -33.98 6.07
N GLU E 329 28.20 -34.37 4.89
CA GLU E 329 28.00 -35.80 4.51
C GLU E 329 29.36 -36.51 4.42
N ILE E 330 30.45 -35.76 4.21
CA ILE E 330 31.85 -36.28 4.10
C ILE E 330 32.50 -36.25 5.49
N THR E 331 32.58 -35.07 6.13
CA THR E 331 33.19 -34.89 7.48
C THR E 331 32.37 -35.62 8.53
N GLN E 332 31.09 -35.85 8.25
CA GLN E 332 30.04 -36.17 9.26
C GLN E 332 29.64 -34.85 9.93
N THR E 333 28.41 -34.82 10.42
CA THR E 333 27.73 -33.61 10.95
C THR E 333 28.36 -33.30 12.30
N PRO E 334 28.53 -32.01 12.68
CA PRO E 334 29.19 -31.66 13.94
C PRO E 334 28.40 -32.15 15.15
N LEU E 335 29.10 -32.47 16.25
CA LEU E 335 28.44 -32.85 17.53
C LEU E 335 27.67 -31.65 18.07
N MET E 336 26.63 -31.91 18.87
CA MET E 336 25.81 -30.87 19.55
C MET E 336 26.54 -30.39 20.81
N THR E 337 26.32 -29.12 21.17
CA THR E 337 26.98 -28.40 22.29
C THR E 337 26.03 -28.32 23.48
N PRO E 338 26.55 -28.31 24.73
CA PRO E 338 25.72 -27.99 25.89
C PRO E 338 25.33 -26.51 25.90
N TYR E 339 24.09 -26.23 26.32
CA TYR E 339 23.48 -24.88 26.41
C TYR E 339 24.37 -23.96 27.24
N TRP E 340 24.87 -24.42 28.39
CA TRP E 340 25.67 -23.60 29.34
C TRP E 340 27.00 -23.18 28.70
N GLY E 341 27.53 -23.98 27.77
CA GLY E 341 28.81 -23.70 27.08
C GLY E 341 28.74 -22.42 26.27
N LEU E 342 27.54 -22.04 25.82
CA LEU E 342 27.31 -20.79 25.04
C LEU E 342 27.41 -19.56 25.95
N GLY E 343 27.48 -19.75 27.27
CA GLY E 343 27.72 -18.66 28.23
C GLY E 343 29.15 -18.14 28.12
N TYR E 344 29.39 -16.96 28.70
CA TYR E 344 30.70 -16.26 28.65
C TYR E 344 31.73 -17.02 29.51
N HIS E 345 32.89 -17.30 28.92
CA HIS E 345 34.05 -17.99 29.55
C HIS E 345 35.13 -16.96 29.91
N GLN E 346 35.77 -17.12 31.07
CA GLN E 346 36.92 -16.28 31.53
C GLN E 346 38.11 -17.21 31.80
N CYS E 347 39.27 -16.88 31.27
CA CYS E 347 40.53 -17.63 31.50
C CYS E 347 41.71 -16.65 31.52
N LYS E 348 42.81 -17.04 32.15
CA LYS E 348 44.13 -16.39 32.01
C LYS E 348 45.21 -17.47 32.18
N TYR E 349 46.29 -17.34 31.43
CA TYR E 349 47.56 -18.07 31.69
C TYR E 349 48.26 -17.24 32.77
N GLY E 350 48.32 -17.75 34.01
CA GLY E 350 49.00 -17.07 35.12
C GLY E 350 48.13 -16.83 36.34
N TYR E 351 46.91 -17.38 36.39
CA TYR E 351 46.09 -17.41 37.63
C TYR E 351 46.88 -18.26 38.63
N GLN E 352 47.54 -17.61 39.58
CA GLN E 352 48.75 -18.15 40.29
C GLN E 352 48.34 -19.21 41.31
N ASP E 353 47.10 -19.17 41.83
CA ASP E 353 46.61 -20.13 42.85
C ASP E 353 45.08 -20.14 42.86
N VAL E 354 44.50 -20.99 43.72
CA VAL E 354 43.03 -21.14 43.96
C VAL E 354 42.40 -19.80 44.36
N TYR E 355 43.13 -18.93 45.08
CA TYR E 355 42.60 -17.64 45.63
C TYR E 355 42.27 -16.71 44.47
N GLU E 356 43.15 -16.63 43.46
CA GLU E 356 43.01 -15.71 42.31
C GLU E 356 41.81 -16.15 41.44
N VAL E 357 41.65 -17.46 41.20
CA VAL E 357 40.51 -18.00 40.40
C VAL E 357 39.21 -17.54 41.09
N ALA E 358 39.12 -17.74 42.41
CA ALA E 358 37.98 -17.31 43.27
C ALA E 358 37.76 -15.80 43.14
N ALA E 359 38.79 -14.99 43.38
CA ALA E 359 38.74 -13.51 43.35
C ALA E 359 38.15 -13.02 42.01
N VAL E 360 38.48 -13.69 40.89
CA VAL E 360 37.99 -13.30 39.53
C VAL E 360 36.47 -13.54 39.46
N VAL E 361 36.02 -14.71 39.90
CA VAL E 361 34.59 -15.14 39.84
C VAL E 361 33.74 -14.14 40.62
N ALA E 362 34.15 -13.80 41.85
CA ALA E 362 33.45 -12.86 42.77
C ALA E 362 33.42 -11.45 42.15
N ASN E 363 34.51 -11.04 41.49
CA ASN E 363 34.64 -9.67 40.91
C ASN E 363 33.69 -9.51 39.72
N TYR E 364 33.43 -10.58 38.96
CA TYR E 364 32.45 -10.58 37.84
C TYR E 364 31.04 -10.33 38.40
N SER E 365 30.64 -11.08 39.43
CA SER E 365 29.31 -10.97 40.09
C SER E 365 29.18 -9.64 40.85
N THR E 366 30.25 -9.17 41.49
CA THR E 366 30.29 -7.86 42.21
C THR E 366 30.00 -6.73 41.21
N ASN E 367 30.61 -6.79 40.02
CA ASN E 367 30.52 -5.72 38.99
C ASN E 367 29.33 -5.97 38.05
N ASN E 368 28.48 -6.95 38.36
CA ASN E 368 27.23 -7.25 37.64
C ASN E 368 27.52 -7.50 36.14
N ILE E 369 28.50 -8.36 35.87
CA ILE E 369 28.79 -8.87 34.49
C ILE E 369 28.62 -10.40 34.54
N PRO E 370 27.65 -10.95 33.77
CA PRO E 370 27.44 -12.40 33.75
C PRO E 370 28.74 -13.17 33.45
N LEU E 371 28.99 -14.22 34.24
CA LEU E 371 30.09 -15.18 34.05
C LEU E 371 29.52 -16.60 34.18
N GLU E 372 29.65 -17.41 33.13
CA GLU E 372 29.10 -18.79 33.10
C GLU E 372 30.18 -19.77 33.58
N THR E 373 31.41 -19.60 33.09
CA THR E 373 32.50 -20.59 33.22
C THR E 373 33.82 -19.88 33.50
N ILE E 374 34.53 -20.32 34.55
CA ILE E 374 35.91 -19.86 34.89
C ILE E 374 36.87 -21.00 34.51
N TRP E 375 38.06 -20.64 34.02
CA TRP E 375 39.09 -21.60 33.54
C TRP E 375 40.36 -21.49 34.39
N THR E 376 41.30 -22.40 34.17
CA THR E 376 42.71 -22.30 34.62
C THR E 376 43.61 -22.97 33.57
N ASP E 377 44.73 -22.31 33.24
CA ASP E 377 45.79 -22.83 32.33
C ASP E 377 46.72 -23.75 33.13
N ILE E 378 47.92 -23.98 32.61
CA ILE E 378 48.95 -24.93 33.12
C ILE E 378 49.32 -24.65 34.58
N ASP E 379 48.97 -23.47 35.10
CA ASP E 379 49.29 -23.00 36.49
C ASP E 379 48.78 -23.99 37.54
N TYR E 380 47.70 -24.73 37.28
CA TYR E 380 47.04 -25.62 38.28
C TYR E 380 47.93 -26.84 38.57
N MET E 381 48.83 -27.18 37.64
CA MET E 381 49.62 -28.43 37.65
C MET E 381 50.84 -28.27 38.57
N ASP E 382 51.30 -29.40 39.15
CA ASP E 382 52.59 -29.48 39.88
C ASP E 382 53.72 -29.32 38.86
N ARG E 383 54.32 -28.13 38.80
CA ARG E 383 55.48 -27.81 37.92
C ARG E 383 55.12 -28.20 36.49
N ARG E 384 53.90 -27.85 36.07
CA ARG E 384 53.40 -27.91 34.66
C ARG E 384 53.41 -29.35 34.14
N ARG E 385 53.35 -30.34 35.04
CA ARG E 385 53.22 -31.78 34.70
C ARG E 385 51.73 -32.12 34.63
N ILE E 386 51.28 -32.75 33.54
CA ILE E 386 49.85 -33.09 33.32
C ILE E 386 49.45 -34.18 34.32
N PHE E 387 48.16 -34.20 34.70
CA PHE E 387 47.54 -35.11 35.69
C PHE E 387 48.25 -34.99 37.04
N THR E 388 48.66 -33.77 37.40
CA THR E 388 49.15 -33.39 38.76
C THR E 388 48.45 -32.09 39.18
N ILE E 389 48.39 -31.82 40.48
CA ILE E 389 48.01 -30.49 41.05
C ILE E 389 49.18 -29.98 41.89
N ASP E 390 49.43 -28.67 41.83
CA ASP E 390 50.41 -27.96 42.67
C ASP E 390 49.95 -28.06 44.12
N PRO E 391 50.67 -28.79 45.00
CA PRO E 391 50.18 -29.07 46.35
C PRO E 391 50.25 -27.84 47.28
N GLU E 392 50.84 -26.75 46.83
CA GLU E 392 50.99 -25.48 47.60
C GLU E 392 49.95 -24.45 47.15
N ARG E 393 49.68 -24.35 45.85
CA ARG E 393 48.87 -23.27 45.21
C ARG E 393 47.48 -23.79 44.79
N PHE E 394 47.36 -25.09 44.48
CA PHE E 394 46.07 -25.75 44.12
C PHE E 394 45.89 -27.02 44.94
N PRO E 395 46.03 -26.94 46.29
CA PRO E 395 45.88 -28.12 47.14
C PRO E 395 44.46 -28.70 47.07
N ALA E 396 44.33 -30.02 47.06
CA ALA E 396 43.08 -30.78 46.83
C ALA E 396 41.91 -30.17 47.61
N ASN E 397 42.12 -29.86 48.89
CA ASN E 397 41.04 -29.40 49.82
C ASN E 397 40.53 -28.00 49.41
N LEU E 398 41.43 -27.08 49.04
CA LEU E 398 41.07 -25.70 48.62
C LEU E 398 40.59 -25.68 47.16
N TYR E 399 41.11 -26.60 46.33
CA TYR E 399 40.66 -26.78 44.93
C TYR E 399 39.21 -27.28 44.94
N LYS E 400 38.91 -28.28 45.78
CA LYS E 400 37.55 -28.83 45.98
C LYS E 400 36.59 -27.71 46.44
N ASP E 401 37.02 -26.88 47.39
CA ASP E 401 36.22 -25.74 47.92
C ASP E 401 35.87 -24.78 46.78
N LEU E 402 36.86 -24.48 45.92
CA LEU E 402 36.70 -23.59 44.73
C LEU E 402 35.62 -24.15 43.80
N VAL E 403 35.81 -25.38 43.32
CA VAL E 403 34.94 -26.03 42.29
C VAL E 403 33.53 -26.22 42.86
N ASP E 404 33.42 -26.59 44.15
CA ASP E 404 32.12 -26.79 44.85
C ASP E 404 31.34 -25.47 44.91
N THR E 405 32.03 -24.34 45.15
CA THR E 405 31.41 -23.00 45.27
C THR E 405 31.00 -22.53 43.86
N ILE E 406 31.88 -22.75 42.87
CA ILE E 406 31.57 -22.49 41.42
C ILE E 406 30.25 -23.20 41.07
N HIS E 407 30.13 -24.49 41.38
CA HIS E 407 28.95 -25.32 41.00
C HIS E 407 27.71 -24.89 41.80
N ALA E 408 27.87 -24.44 43.05
CA ALA E 408 26.79 -23.92 43.90
C ALA E 408 26.21 -22.63 43.30
N ARG E 409 27.05 -21.82 42.63
CA ARG E 409 26.65 -20.56 41.94
C ARG E 409 26.12 -20.84 40.52
N ASP E 410 25.96 -22.11 40.13
CA ASP E 410 25.50 -22.58 38.80
C ASP E 410 26.51 -22.17 37.72
N GLN E 411 27.78 -22.02 38.09
CA GLN E 411 28.88 -21.78 37.12
C GLN E 411 29.60 -23.11 36.87
N HIS E 412 30.53 -23.11 35.90
CA HIS E 412 31.23 -24.32 35.40
C HIS E 412 32.75 -24.08 35.48
N TYR E 413 33.54 -25.15 35.45
CA TYR E 413 35.03 -25.10 35.54
C TYR E 413 35.65 -25.92 34.41
N ILE E 414 36.66 -25.35 33.75
CA ILE E 414 37.42 -25.99 32.63
C ILE E 414 38.92 -25.77 32.91
N VAL E 415 39.76 -26.76 32.59
CA VAL E 415 41.23 -26.63 32.71
C VAL E 415 41.89 -27.24 31.46
N MET E 416 43.13 -26.81 31.23
CA MET E 416 43.97 -27.23 30.07
C MET E 416 44.53 -28.63 30.33
N VAL E 417 44.58 -29.45 29.28
CA VAL E 417 45.44 -30.67 29.21
C VAL E 417 46.20 -30.62 27.88
N ASP E 418 47.47 -30.98 27.89
CA ASP E 418 48.35 -31.12 26.69
C ASP E 418 48.82 -32.58 26.66
N PRO E 419 49.45 -33.03 25.55
CA PRO E 419 49.82 -34.45 25.42
C PRO E 419 51.16 -34.84 26.06
N ALA E 420 52.05 -33.88 26.33
CA ALA E 420 53.44 -34.09 26.80
C ALA E 420 53.42 -34.64 28.24
N VAL E 421 54.05 -35.81 28.44
CA VAL E 421 54.15 -36.51 29.76
C VAL E 421 55.62 -36.46 30.24
N TYR E 422 55.85 -35.69 31.32
CA TYR E 422 57.13 -35.55 32.06
C TYR E 422 57.66 -36.95 32.45
N TYR E 423 58.91 -37.28 32.13
CA TYR E 423 59.47 -38.65 32.32
C TYR E 423 60.65 -38.68 33.30
N LYS E 424 61.08 -37.54 33.86
CA LYS E 424 62.28 -37.48 34.73
C LYS E 424 61.96 -37.93 36.17
N GLU E 425 60.71 -37.77 36.63
CA GLU E 425 60.25 -38.23 37.96
C GLU E 425 58.90 -38.93 37.85
N SER E 426 58.63 -39.90 38.74
CA SER E 426 57.37 -40.68 38.80
C SER E 426 56.16 -39.75 38.86
N ASN E 427 55.16 -40.00 38.02
CA ASN E 427 53.84 -39.30 38.02
C ASN E 427 52.84 -40.23 37.33
N PRO E 428 51.55 -40.21 37.74
CA PRO E 428 50.56 -41.16 37.21
C PRO E 428 50.60 -41.37 35.69
N ALA E 429 50.69 -40.28 34.92
CA ALA E 429 50.65 -40.28 33.44
C ALA E 429 51.84 -41.06 32.87
N LEU E 430 53.04 -40.83 33.42
CA LEU E 430 54.28 -41.54 33.02
C LEU E 430 54.16 -43.02 33.40
N ASP E 431 53.91 -43.29 34.68
CA ASP E 431 53.91 -44.65 35.29
C ASP E 431 52.94 -45.55 34.51
N GLU E 432 51.71 -45.08 34.26
CA GLU E 432 50.68 -45.84 33.52
C GLU E 432 50.99 -45.83 32.02
N GLY E 433 51.49 -44.70 31.50
CA GLY E 433 51.95 -44.57 30.10
C GLY E 433 53.02 -45.62 29.79
N LEU E 434 53.99 -45.77 30.68
CA LEU E 434 55.06 -46.79 30.58
C LEU E 434 54.46 -48.19 30.71
N ARG E 435 53.59 -48.43 31.70
CA ARG E 435 53.01 -49.77 31.97
C ARG E 435 52.23 -50.24 30.74
N TYR E 436 51.36 -49.37 30.19
CA TYR E 436 50.51 -49.66 29.00
C TYR E 436 51.38 -49.66 27.74
N ASP E 437 52.53 -48.99 27.78
CA ASP E 437 53.54 -48.94 26.68
C ASP E 437 52.91 -48.24 25.47
N ILE E 438 52.42 -47.00 25.66
CA ILE E 438 51.55 -46.29 24.67
C ILE E 438 52.28 -45.08 24.07
N PHE E 439 53.52 -44.78 24.48
CA PHE E 439 54.29 -43.61 23.98
C PHE E 439 54.91 -43.94 22.62
N MET E 440 55.11 -42.92 21.80
CA MET E 440 55.83 -43.02 20.51
C MET E 440 57.29 -43.35 20.81
N LYS E 441 57.88 -44.23 20.00
CA LYS E 441 59.24 -44.79 20.18
C LYS E 441 60.13 -44.41 18.99
N GLU E 442 61.45 -44.39 19.19
CA GLU E 442 62.45 -44.23 18.10
C GLU E 442 62.77 -45.61 17.52
N ASN E 443 63.58 -45.67 16.45
CA ASN E 443 63.92 -46.92 15.72
C ASN E 443 64.47 -47.97 16.69
N ASN E 444 65.34 -47.56 17.64
CA ASN E 444 66.03 -48.45 18.61
C ASN E 444 65.05 -48.95 19.70
N GLY E 445 63.81 -48.45 19.70
CA GLY E 445 62.70 -48.97 20.53
C GLY E 445 62.59 -48.28 21.87
N SER E 446 63.39 -47.23 22.12
CA SER E 446 63.35 -46.43 23.37
C SER E 446 62.41 -45.24 23.19
N GLU E 447 61.74 -44.84 24.28
CA GLU E 447 60.70 -43.78 24.33
C GLU E 447 61.24 -42.53 23.61
N TYR E 448 60.46 -41.95 22.70
CA TYR E 448 60.83 -40.71 21.97
C TYR E 448 60.82 -39.54 22.97
N GLN E 449 61.87 -38.71 22.92
CA GLN E 449 62.15 -37.64 23.90
C GLN E 449 61.89 -36.28 23.24
N GLY E 450 61.06 -35.46 23.89
CA GLY E 450 60.90 -34.03 23.60
C GLY E 450 61.04 -33.21 24.87
N VAL E 451 60.86 -31.90 24.76
CA VAL E 451 60.84 -30.95 25.92
C VAL E 451 59.65 -30.01 25.70
N VAL E 452 58.71 -29.98 26.63
CA VAL E 452 57.65 -28.94 26.71
C VAL E 452 57.64 -28.41 28.16
N TRP E 453 56.54 -27.83 28.63
CA TRP E 453 56.55 -26.93 29.82
C TRP E 453 57.13 -27.63 31.06
N ALA E 454 56.81 -28.92 31.27
CA ALA E 454 57.25 -29.72 32.44
C ALA E 454 58.75 -30.04 32.33
N GLY E 455 59.32 -29.88 31.13
CA GLY E 455 60.69 -30.29 30.80
C GLY E 455 60.68 -31.52 29.90
N PRO E 456 61.70 -32.41 29.99
CA PRO E 456 61.77 -33.58 29.12
C PRO E 456 60.48 -34.40 29.22
N SER E 457 59.86 -34.69 28.07
CA SER E 457 58.51 -35.31 27.98
C SER E 457 58.48 -36.40 26.89
N HIS E 458 57.53 -37.33 27.03
CA HIS E 458 57.12 -38.33 26.01
C HIS E 458 55.79 -37.89 25.42
N PHE E 459 55.41 -38.46 24.28
CA PHE E 459 54.13 -38.17 23.57
C PHE E 459 53.40 -39.48 23.31
N PRO E 460 52.12 -39.61 23.72
CA PRO E 460 51.33 -40.81 23.42
C PRO E 460 51.18 -41.06 21.91
N ASP E 461 51.16 -42.34 21.53
CA ASP E 461 50.79 -42.82 20.18
C ASP E 461 49.28 -43.11 20.19
N TRP E 462 48.50 -42.25 19.53
CA TRP E 462 47.00 -42.32 19.51
C TRP E 462 46.54 -43.49 18.64
N PHE E 463 47.42 -44.04 17.80
CA PHE E 463 47.17 -45.26 17.00
C PHE E 463 47.27 -46.52 17.88
N HIS E 464 47.94 -46.44 19.04
CA HIS E 464 48.14 -47.59 19.96
C HIS E 464 46.78 -48.07 20.46
N PRO E 465 46.48 -49.39 20.36
CA PRO E 465 45.16 -49.91 20.75
C PRO E 465 44.80 -49.76 22.23
N ASP E 466 45.77 -49.42 23.08
CA ASP E 466 45.57 -49.24 24.55
C ASP E 466 45.73 -47.75 24.93
N SER E 467 45.90 -46.86 23.95
CA SER E 467 46.06 -45.39 24.15
C SER E 467 44.75 -44.78 24.69
N GLN E 468 43.58 -45.29 24.27
CA GLN E 468 42.26 -44.76 24.71
C GLN E 468 42.07 -45.08 26.19
N GLN E 469 42.14 -46.37 26.55
CA GLN E 469 42.02 -46.88 27.94
C GLN E 469 43.03 -46.14 28.84
N TYR E 470 44.27 -45.96 28.36
CA TYR E 470 45.33 -45.20 29.07
C TYR E 470 44.83 -43.78 29.39
N TRP E 471 44.36 -43.08 28.35
CA TRP E 471 43.95 -41.65 28.42
C TRP E 471 42.68 -41.53 29.26
N SER E 472 41.70 -42.41 29.02
CA SER E 472 40.42 -42.47 29.78
C SER E 472 40.72 -42.65 31.27
N GLU E 473 41.62 -43.58 31.62
CA GLU E 473 41.93 -43.92 33.04
C GLU E 473 42.64 -42.76 33.73
N GLN E 474 43.47 -42.00 33.00
CA GLN E 474 44.15 -40.77 33.51
C GLN E 474 43.10 -39.74 33.91
N PHE E 475 42.02 -39.62 33.12
CA PHE E 475 40.92 -38.64 33.33
C PHE E 475 40.07 -39.06 34.53
N LEU E 476 39.69 -40.35 34.57
CA LEU E 476 38.80 -40.93 35.62
C LEU E 476 39.45 -40.77 37.00
N ALA E 477 40.76 -41.02 37.10
CA ALA E 477 41.51 -41.01 38.38
C ALA E 477 41.79 -39.57 38.83
N PHE E 478 42.03 -38.63 37.89
CA PHE E 478 42.54 -37.27 38.19
C PHE E 478 41.39 -36.28 38.45
N PHE E 479 40.43 -36.15 37.52
CA PHE E 479 39.34 -35.14 37.55
C PHE E 479 38.16 -35.66 38.37
N ASP E 480 38.39 -36.09 39.60
CA ASP E 480 37.41 -36.84 40.43
C ASP E 480 36.93 -36.00 41.62
N GLY E 481 37.54 -34.84 41.86
CA GLY E 481 37.19 -33.93 42.97
C GLY E 481 38.03 -34.17 44.21
N THR E 482 38.91 -35.17 44.18
CA THR E 482 39.83 -35.55 45.30
C THR E 482 41.28 -35.32 44.86
N ASN E 483 41.71 -36.00 43.77
CA ASN E 483 43.09 -35.93 43.22
C ASN E 483 43.24 -34.69 42.33
N GLY E 484 42.12 -34.14 41.83
CA GLY E 484 42.11 -32.95 40.95
C GLY E 484 40.69 -32.45 40.72
N PRO E 485 40.51 -31.41 39.88
CA PRO E 485 39.23 -30.74 39.74
C PRO E 485 38.15 -31.56 38.99
N ASP E 486 36.91 -31.54 39.50
CA ASP E 486 35.73 -32.12 38.84
C ASP E 486 35.28 -31.16 37.74
N ILE E 487 35.97 -31.19 36.59
CA ILE E 487 35.78 -30.27 35.43
C ILE E 487 34.47 -30.63 34.71
N ASP E 488 33.88 -29.66 34.01
CA ASP E 488 32.58 -29.77 33.30
C ASP E 488 32.82 -29.90 31.78
N ALA E 489 33.97 -29.38 31.32
CA ALA E 489 34.41 -29.41 29.91
C ALA E 489 35.95 -29.34 29.88
N LEU E 490 36.54 -29.58 28.71
CA LEU E 490 38.01 -29.77 28.55
C LEU E 490 38.60 -28.73 27.62
N TRP E 491 39.83 -28.32 27.93
CA TRP E 491 40.71 -27.44 27.11
C TRP E 491 41.94 -28.24 26.70
N ILE E 492 42.11 -28.50 25.40
CA ILE E 492 43.31 -29.18 24.82
C ILE E 492 44.19 -28.11 24.18
N ASP E 493 45.44 -28.01 24.62
CA ASP E 493 46.43 -27.05 24.09
C ASP E 493 47.64 -27.83 23.60
N MET E 494 48.46 -27.24 22.73
CA MET E 494 49.81 -27.74 22.36
C MET E 494 49.72 -29.18 21.84
N ASN E 495 48.66 -29.49 21.08
CA ASN E 495 48.34 -30.87 20.64
C ASN E 495 48.78 -31.08 19.18
N GLU E 496 49.62 -30.21 18.62
CA GLU E 496 50.04 -30.25 17.20
C GLU E 496 50.83 -31.52 16.87
N PRO E 497 51.75 -32.05 17.74
CA PRO E 497 52.07 -31.51 19.06
C PRO E 497 53.14 -30.41 19.11
N ALA E 498 53.05 -29.53 20.11
CA ALA E 498 54.10 -28.53 20.45
C ALA E 498 55.25 -29.27 21.12
N ASN E 499 56.48 -29.01 20.68
CA ASN E 499 57.72 -29.61 21.22
C ASN E 499 58.81 -28.53 21.15
N PHE E 500 59.12 -27.90 22.29
CA PHE E 500 60.07 -26.76 22.39
C PHE E 500 61.49 -27.24 22.05
N TYR E 501 61.77 -28.51 22.31
CA TYR E 501 63.11 -29.15 22.15
C TYR E 501 63.63 -28.93 20.72
N ASN E 502 62.77 -29.07 19.71
CA ASN E 502 63.15 -28.93 18.29
C ASN E 502 63.09 -27.44 17.89
N ARG E 503 63.82 -26.58 18.61
CA ARG E 503 63.95 -25.12 18.32
C ARG E 503 65.42 -24.72 18.37
N PRO E 504 66.19 -24.99 17.28
CA PRO E 504 65.70 -25.73 16.11
C PRO E 504 65.90 -27.24 16.27
N TYR E 505 65.34 -28.03 15.34
CA TYR E 505 65.67 -29.46 15.16
C TYR E 505 67.14 -29.56 14.74
N PRO E 506 67.92 -30.54 15.26
CA PRO E 506 67.48 -31.49 16.27
C PRO E 506 67.88 -31.15 17.71
N GLY E 507 66.91 -30.82 18.55
CA GLY E 507 67.08 -30.66 20.01
C GLY E 507 68.06 -29.57 20.37
N ASN E 508 68.19 -28.55 19.50
CA ASN E 508 69.16 -27.43 19.63
C ASN E 508 70.59 -27.97 19.81
N ASN E 509 70.88 -29.17 19.30
CA ASN E 509 72.22 -29.81 19.34
C ASN E 509 72.69 -29.95 20.79
N THR E 510 71.76 -30.30 21.70
CA THR E 510 72.01 -30.50 23.16
C THR E 510 71.06 -31.59 23.67
N THR E 511 71.21 -31.94 24.96
CA THR E 511 70.43 -32.99 25.66
C THR E 511 69.08 -32.38 26.06
N PRO E 512 68.02 -33.18 26.31
CA PRO E 512 66.74 -32.63 26.76
C PRO E 512 66.85 -31.91 28.11
N GLU E 513 67.46 -32.57 29.10
CA GLU E 513 67.67 -32.03 30.48
C GLU E 513 68.24 -30.61 30.37
N ASN E 514 69.29 -30.43 29.55
CA ASN E 514 70.00 -29.13 29.42
C ASN E 514 69.10 -28.11 28.73
N PHE E 515 68.48 -28.48 27.59
CA PHE E 515 67.50 -27.61 26.88
C PHE E 515 66.49 -27.07 27.88
N ALA E 516 65.93 -27.95 28.72
CA ALA E 516 64.87 -27.66 29.71
C ALA E 516 65.36 -26.65 30.74
N GLU E 517 66.58 -26.84 31.28
CA GLU E 517 67.19 -25.91 32.28
C GLU E 517 67.42 -24.54 31.63
N VAL E 518 68.02 -24.52 30.44
CA VAL E 518 68.33 -23.26 29.70
C VAL E 518 67.03 -22.57 29.30
N ASP E 519 66.05 -23.31 28.76
CA ASP E 519 64.78 -22.78 28.19
C ASP E 519 63.80 -22.42 29.32
N GLY E 520 64.02 -22.93 30.53
CA GLY E 520 63.19 -22.66 31.72
C GLY E 520 61.92 -23.50 31.70
N ASP E 521 62.06 -24.82 31.59
CA ASP E 521 60.94 -25.80 31.49
C ASP E 521 61.02 -26.78 32.65
N PRO E 522 60.33 -26.54 33.78
CA PRO E 522 59.42 -25.41 33.96
C PRO E 522 60.04 -24.18 34.58
N PRO E 523 59.34 -23.02 34.58
CA PRO E 523 59.76 -21.87 35.38
C PRO E 523 59.48 -22.13 36.87
N ALA E 524 60.11 -21.35 37.74
CA ALA E 524 59.72 -21.18 39.16
C ALA E 524 58.32 -20.56 39.18
N ALA E 525 57.36 -21.24 39.81
CA ALA E 525 56.02 -20.68 40.14
C ALA E 525 56.23 -19.46 41.04
N PRO E 526 55.32 -18.46 41.01
CA PRO E 526 55.46 -17.28 41.87
C PRO E 526 55.37 -17.67 43.36
N ALA E 527 55.92 -16.83 44.24
CA ALA E 527 56.02 -17.05 45.70
C ALA E 527 54.62 -17.39 46.24
N VAL E 528 54.55 -18.41 47.09
CA VAL E 528 53.27 -18.87 47.72
C VAL E 528 52.69 -17.71 48.54
N ARG E 529 51.36 -17.55 48.48
CA ARG E 529 50.61 -16.43 49.11
C ARG E 529 49.89 -16.93 50.37
N ASP E 530 49.63 -16.03 51.32
CA ASP E 530 48.82 -16.28 52.54
C ASP E 530 47.34 -16.39 52.16
N GLY E 531 46.96 -15.74 51.06
CA GLY E 531 45.60 -15.79 50.49
C GLY E 531 45.45 -14.74 49.38
N PRO E 532 44.22 -14.36 48.98
CA PRO E 532 44.02 -13.31 47.99
C PRO E 532 44.39 -11.94 48.57
N ASP E 533 44.49 -10.91 47.72
CA ASP E 533 44.99 -9.56 48.11
C ASP E 533 43.83 -8.66 48.56
N ALA E 534 42.62 -9.22 48.61
CA ALA E 534 41.39 -8.59 49.14
C ALA E 534 40.39 -9.68 49.52
N PRO E 535 39.40 -9.41 50.38
CA PRO E 535 38.38 -10.42 50.71
C PRO E 535 37.63 -10.84 49.44
N ILE E 536 37.07 -12.05 49.42
CA ILE E 536 36.30 -12.61 48.28
C ILE E 536 34.87 -12.87 48.75
N PRO E 537 33.90 -11.98 48.44
CA PRO E 537 32.50 -12.22 48.77
C PRO E 537 31.94 -13.52 48.18
N GLY E 538 31.14 -14.25 48.98
CA GLY E 538 30.37 -15.43 48.54
C GLY E 538 31.22 -16.69 48.44
N PHE E 539 32.50 -16.62 48.81
CA PHE E 539 33.43 -17.77 48.77
C PHE E 539 33.81 -18.16 50.20
N PRO E 540 34.06 -19.46 50.48
CA PRO E 540 34.33 -19.92 51.84
C PRO E 540 35.56 -19.23 52.44
N ALA E 541 35.62 -19.19 53.78
CA ALA E 541 36.74 -18.64 54.59
C ALA E 541 38.07 -19.31 54.17
N SER E 542 38.02 -20.61 53.89
CA SER E 542 39.18 -21.47 53.49
C SER E 542 39.96 -20.83 52.34
N LEU E 543 39.27 -20.07 51.47
CA LEU E 543 39.86 -19.42 50.26
C LEU E 543 40.15 -17.94 50.53
N GLN E 544 40.17 -17.53 51.80
CA GLN E 544 40.55 -16.16 52.23
C GLN E 544 40.94 -16.17 53.71
N PRO E 545 41.87 -17.05 54.14
CA PRO E 545 42.18 -17.24 55.56
C PRO E 545 42.90 -16.03 56.18
N ASN E 546 43.50 -15.18 55.33
CA ASN E 546 44.27 -13.96 55.69
C ASN E 546 43.34 -12.73 55.82
N TRP E 547 42.03 -12.91 55.60
CA TRP E 547 41.01 -11.83 55.72
C TRP E 547 39.89 -12.25 56.69
N VAL E 548 40.10 -13.31 57.48
CA VAL E 548 39.16 -13.80 58.53
C VAL E 548 39.56 -13.16 59.87
N SER F 1 13.86 -41.83 30.13
CA SER F 1 15.21 -42.40 29.86
C SER F 1 15.85 -41.67 28.67
N ARG F 2 15.78 -42.27 27.47
CA ARG F 2 16.49 -41.81 26.24
C ARG F 2 15.57 -41.98 25.01
N ARG F 3 14.31 -41.54 25.13
CA ARG F 3 13.26 -41.73 24.09
C ARG F 3 13.56 -40.89 22.84
N ASN F 4 14.07 -39.66 23.02
CA ASN F 4 14.30 -38.68 21.93
C ASN F 4 12.94 -38.34 21.31
N LEU F 5 11.95 -38.14 22.17
CA LEU F 5 10.53 -37.87 21.83
C LEU F 5 10.43 -36.48 21.21
N GLY F 6 10.07 -36.41 19.92
CA GLY F 6 9.79 -35.14 19.22
C GLY F 6 10.88 -34.72 18.25
N ALA F 7 11.99 -35.47 18.18
CA ALA F 7 13.15 -35.18 17.30
C ALA F 7 12.88 -35.69 15.88
N GLY F 8 13.58 -35.14 14.88
CA GLY F 8 13.64 -35.67 13.51
C GLY F 8 13.01 -34.75 12.46
N HIS F 9 12.41 -33.62 12.86
CA HIS F 9 11.64 -32.73 11.94
C HIS F 9 12.60 -31.98 11.00
N TRP F 10 13.87 -31.83 11.40
CA TRP F 10 14.91 -31.03 10.69
C TRP F 10 16.04 -31.93 10.21
N LYS F 11 15.87 -33.26 10.24
CA LYS F 11 16.87 -34.26 9.76
C LYS F 11 17.13 -34.08 8.26
N SER F 12 18.29 -34.54 7.81
CA SER F 12 18.68 -34.63 6.37
C SER F 12 17.79 -35.66 5.67
N PRO F 13 17.34 -35.39 4.42
CA PRO F 13 16.88 -36.48 3.54
C PRO F 13 17.92 -37.61 3.49
N LYS F 14 17.55 -38.80 3.99
CA LYS F 14 18.40 -40.01 3.96
C LYS F 14 18.16 -40.75 2.64
N GLY F 15 18.98 -40.49 1.61
CA GLY F 15 18.84 -41.02 0.24
C GLY F 15 18.96 -42.53 0.18
N LYS F 16 18.94 -43.09 -1.04
CA LYS F 16 18.95 -44.55 -1.31
C LYS F 16 20.25 -45.17 -0.77
N VAL F 17 20.17 -45.85 0.38
CA VAL F 17 21.31 -46.56 1.06
C VAL F 17 20.99 -48.05 1.12
N ASP F 18 21.46 -48.82 0.14
CA ASP F 18 21.30 -50.29 0.02
C ASP F 18 22.60 -50.98 0.43
N PRO F 19 22.67 -51.59 1.64
CA PRO F 19 23.87 -52.35 2.06
C PRO F 19 24.36 -53.41 1.07
N ARG F 20 23.48 -53.98 0.23
CA ARG F 20 23.83 -55.00 -0.80
C ARG F 20 24.89 -54.41 -1.76
N ALA F 21 24.70 -53.18 -2.22
CA ALA F 21 25.62 -52.46 -3.13
C ALA F 21 26.98 -52.25 -2.45
N GLY F 22 26.99 -52.06 -1.12
CA GLY F 22 28.20 -51.85 -0.30
C GLY F 22 29.05 -50.71 -0.84
N TRP F 23 30.36 -50.76 -0.61
CA TRP F 23 31.35 -49.84 -1.22
C TRP F 23 31.41 -50.12 -2.74
N GLN F 24 31.44 -49.06 -3.56
CA GLN F 24 31.65 -49.18 -5.03
C GLN F 24 33.01 -49.81 -5.32
N ASN F 25 34.03 -49.49 -4.50
CA ASN F 25 35.44 -49.93 -4.70
C ASN F 25 35.54 -51.45 -4.59
N GLY F 26 34.48 -52.14 -4.15
CA GLY F 26 34.40 -53.61 -4.08
C GLY F 26 35.06 -54.16 -2.82
N LYS F 27 35.54 -53.27 -1.94
CA LYS F 27 36.39 -53.60 -0.77
C LYS F 27 35.55 -53.51 0.51
N GLN F 28 36.13 -53.89 1.65
CA GLN F 28 35.45 -53.93 2.98
C GLN F 28 35.64 -52.62 3.73
N THR F 29 36.39 -51.67 3.16
CA THR F 29 36.72 -50.36 3.78
C THR F 29 36.55 -49.24 2.75
N GLY F 30 36.30 -48.02 3.24
CA GLY F 30 35.99 -46.84 2.41
C GLY F 30 37.20 -46.37 1.63
N SER F 31 38.38 -46.47 2.24
CA SER F 31 39.68 -46.08 1.65
C SER F 31 40.10 -47.07 0.55
N GLY F 32 39.54 -48.29 0.57
CA GLY F 32 39.97 -49.40 -0.30
C GLY F 32 41.24 -50.06 0.21
N CYS F 33 41.66 -49.72 1.43
CA CYS F 33 42.91 -50.21 2.08
C CYS F 33 42.55 -51.26 3.16
N GLY F 34 43.04 -52.49 2.98
CA GLY F 34 43.03 -53.53 4.03
C GLY F 34 43.86 -53.08 5.24
N PRO F 35 43.78 -53.80 6.37
CA PRO F 35 44.39 -53.33 7.63
C PRO F 35 45.93 -53.30 7.64
N ASN F 36 46.57 -53.97 6.69
CA ASN F 36 48.06 -54.04 6.56
C ASN F 36 48.52 -53.32 5.28
N GLU F 37 47.71 -52.38 4.76
CA GLU F 37 47.98 -51.66 3.49
C GLU F 37 48.02 -50.15 3.75
N CYS F 38 48.51 -49.39 2.77
CA CYS F 38 48.44 -47.90 2.73
C CYS F 38 49.11 -47.30 3.98
N LYS F 39 50.26 -47.86 4.38
CA LYS F 39 51.09 -47.38 5.52
C LYS F 39 52.18 -46.44 5.00
N GLY F 40 52.36 -46.33 3.68
CA GLY F 40 53.28 -45.38 3.05
C GLY F 40 54.52 -46.06 2.49
N LEU F 41 55.16 -45.43 1.51
CA LEU F 41 56.31 -46.00 0.75
C LEU F 41 57.55 -45.99 1.63
N PRO F 42 58.42 -47.02 1.52
CA PRO F 42 59.70 -47.04 2.24
C PRO F 42 60.75 -46.13 1.60
N ASN F 43 61.88 -45.93 2.30
CA ASN F 43 63.09 -45.25 1.78
C ASN F 43 62.76 -43.79 1.46
N ARG F 44 62.05 -43.11 2.37
CA ARG F 44 61.66 -41.68 2.24
C ARG F 44 62.49 -40.85 3.21
N HIS F 45 62.79 -39.61 2.84
CA HIS F 45 63.42 -38.58 3.72
C HIS F 45 62.32 -37.93 4.56
N LEU F 46 62.12 -38.38 5.80
CA LEU F 46 60.93 -38.05 6.64
C LEU F 46 61.15 -36.78 7.46
N ILE F 47 62.39 -36.37 7.72
CA ILE F 47 62.73 -35.15 8.49
C ILE F 47 62.73 -33.95 7.54
N ARG F 48 63.60 -33.99 6.51
CA ARG F 48 63.75 -32.94 5.49
C ARG F 48 63.52 -33.58 4.12
N PRO F 49 62.29 -33.52 3.58
CA PRO F 49 61.95 -34.21 2.33
C PRO F 49 62.46 -33.49 1.09
N PRO F 50 62.53 -34.20 -0.06
CA PRO F 50 63.05 -33.62 -1.32
C PRO F 50 62.43 -32.27 -1.68
N TYR F 51 61.09 -32.18 -1.68
CA TYR F 51 60.33 -30.91 -1.76
C TYR F 51 59.95 -30.51 -0.34
N MET F 52 60.43 -29.35 0.11
CA MET F 52 60.14 -28.81 1.46
C MET F 52 59.08 -27.70 1.34
N ILE F 53 57.94 -27.89 2.01
CA ILE F 53 56.82 -26.92 2.10
C ILE F 53 57.33 -25.66 2.81
N GLN F 54 56.61 -24.55 2.68
CA GLN F 54 56.91 -23.28 3.39
C GLN F 54 56.48 -23.41 4.85
N ASN F 55 57.21 -24.22 5.62
CA ASN F 55 56.94 -24.46 7.07
C ASN F 55 57.44 -23.24 7.86
N GLY F 56 56.54 -22.49 8.49
CA GLY F 56 56.88 -21.31 9.30
C GLY F 56 57.71 -21.67 10.52
N ALA F 57 57.60 -22.92 11.00
CA ALA F 57 58.29 -23.43 12.20
C ALA F 57 59.81 -23.43 11.99
N GLY F 58 60.27 -23.82 10.80
CA GLY F 58 61.70 -23.85 10.43
C GLY F 58 61.96 -24.68 9.18
N PRO F 59 63.23 -25.07 8.93
CA PRO F 59 63.61 -25.73 7.68
C PRO F 59 63.23 -27.21 7.56
N THR F 60 62.80 -27.82 8.67
CA THR F 60 62.52 -29.27 8.83
C THR F 60 61.02 -29.45 9.10
N LEU F 61 60.46 -30.64 8.83
CA LEU F 61 59.06 -30.99 9.17
C LEU F 61 58.89 -31.14 10.69
N ALA F 62 60.00 -31.36 11.41
CA ALA F 62 60.03 -31.68 12.86
C ALA F 62 60.26 -30.44 13.73
N ASP F 63 60.49 -29.25 13.15
CA ASP F 63 60.75 -28.02 13.94
C ASP F 63 59.52 -27.68 14.79
N SER F 64 59.72 -27.52 16.11
CA SER F 64 58.70 -27.13 17.11
C SER F 64 57.63 -28.22 17.30
N THR F 65 57.88 -29.45 16.81
CA THR F 65 56.94 -30.60 16.94
C THR F 65 57.72 -31.92 17.03
N ALA F 66 57.01 -33.06 16.98
CA ALA F 66 57.60 -34.41 17.08
C ALA F 66 58.37 -34.73 15.79
N ASP F 67 59.56 -35.34 15.93
CA ASP F 67 60.33 -35.90 14.80
C ASP F 67 59.35 -36.62 13.88
N THR F 68 59.39 -36.33 12.58
CA THR F 68 58.42 -36.82 11.56
C THR F 68 58.81 -38.23 11.10
N ASP F 69 59.88 -38.84 11.63
CA ASP F 69 60.38 -40.18 11.20
C ASP F 69 59.82 -41.29 12.10
N LEU F 70 59.25 -40.93 13.26
CA LEU F 70 58.79 -41.90 14.29
C LEU F 70 57.77 -42.85 13.69
N VAL F 71 57.93 -44.16 13.92
CA VAL F 71 56.96 -45.19 13.48
C VAL F 71 55.95 -45.41 14.62
N GLN F 72 54.67 -45.37 14.29
CA GLN F 72 53.54 -45.51 15.26
C GLN F 72 52.92 -46.90 15.09
N SER F 73 52.10 -47.32 16.06
CA SER F 73 51.32 -48.58 16.04
C SER F 73 50.65 -48.76 14.67
N GLY F 74 50.90 -49.89 13.99
CA GLY F 74 50.35 -50.21 12.67
C GLY F 74 51.30 -49.83 11.53
N GLY F 75 52.43 -49.19 11.85
CA GLY F 75 53.48 -48.83 10.87
C GLY F 75 53.35 -47.43 10.30
N TYR F 76 52.33 -46.65 10.71
CA TYR F 76 52.11 -45.26 10.24
C TYR F 76 53.23 -44.38 10.78
N VAL F 77 53.87 -43.59 9.92
CA VAL F 77 55.00 -42.67 10.30
C VAL F 77 54.46 -41.25 10.48
N GLN F 78 55.04 -40.50 11.42
CA GLN F 78 54.60 -39.14 11.83
C GLN F 78 54.55 -38.18 10.63
N TYR F 79 55.48 -38.32 9.68
CA TYR F 79 55.51 -37.57 8.40
C TYR F 79 54.09 -37.50 7.83
N ASP F 80 53.42 -38.65 7.77
CA ASP F 80 52.10 -38.82 7.10
C ASP F 80 50.98 -38.28 8.00
N THR F 81 50.96 -38.67 9.28
CA THR F 81 49.79 -38.51 10.19
C THR F 81 49.99 -37.32 11.16
N HIS F 82 51.01 -36.50 10.97
CA HIS F 82 51.31 -35.32 11.84
C HIS F 82 50.09 -34.40 11.88
N ASN F 83 49.48 -34.12 10.74
CA ASN F 83 48.29 -33.23 10.62
C ASN F 83 47.08 -33.85 11.35
N LEU F 84 47.17 -35.12 11.75
CA LEU F 84 46.08 -35.87 12.44
C LEU F 84 46.36 -36.00 13.95
N TYR F 85 47.56 -35.62 14.43
CA TYR F 85 47.96 -35.84 15.84
C TYR F 85 47.02 -35.04 16.76
N GLY F 86 46.79 -33.76 16.43
CA GLY F 86 45.83 -32.90 17.15
C GLY F 86 44.43 -33.50 17.17
N ALA F 87 43.92 -33.89 16.00
CA ALA F 87 42.56 -34.45 15.80
C ALA F 87 42.40 -35.72 16.67
N MET F 88 43.40 -36.60 16.66
CA MET F 88 43.33 -37.94 17.30
C MET F 88 43.40 -37.77 18.83
N MET F 89 44.28 -36.92 19.34
CA MET F 89 44.26 -36.55 20.79
C MET F 89 42.88 -36.00 21.15
N SER F 90 42.35 -35.08 20.34
CA SER F 90 41.01 -34.47 20.51
C SER F 90 39.94 -35.56 20.62
N SER F 91 39.94 -36.53 19.70
CA SER F 91 39.02 -37.71 19.68
C SER F 91 39.15 -38.50 20.99
N HIS F 92 40.38 -38.78 21.42
CA HIS F 92 40.68 -39.56 22.66
C HIS F 92 40.24 -38.78 23.90
N SER F 93 40.45 -37.45 23.91
CA SER F 93 40.04 -36.53 25.00
C SER F 93 38.52 -36.47 25.11
N HIS F 94 37.82 -36.40 23.97
CA HIS F 94 36.33 -36.42 23.90
C HIS F 94 35.81 -37.72 24.54
N ASN F 95 36.32 -38.87 24.10
CA ASN F 95 35.90 -40.21 24.59
C ASN F 95 36.19 -40.31 26.10
N ALA F 96 37.32 -39.75 26.55
CA ALA F 96 37.74 -39.74 27.97
C ALA F 96 36.74 -38.91 28.79
N MET F 97 36.28 -37.77 28.25
CA MET F 97 35.28 -36.88 28.91
C MET F 97 33.91 -37.59 28.98
N ARG F 98 33.60 -38.42 27.98
CA ARG F 98 32.35 -39.23 27.94
C ARG F 98 32.43 -40.39 28.95
N ALA F 99 33.61 -40.99 29.15
CA ALA F 99 33.81 -42.09 30.13
C ALA F 99 33.45 -41.62 31.55
N ARG F 100 33.81 -40.39 31.91
CA ARG F 100 33.61 -39.85 33.29
C ARG F 100 32.21 -39.23 33.45
N ARG F 101 31.52 -38.88 32.35
CA ARG F 101 30.10 -38.41 32.36
C ARG F 101 29.38 -38.93 31.13
N PRO F 102 28.95 -40.22 31.13
CA PRO F 102 28.49 -40.88 29.90
C PRO F 102 27.18 -40.34 29.31
N ASP F 103 26.38 -39.64 30.11
CA ASP F 103 25.03 -39.15 29.71
C ASP F 103 25.13 -37.76 29.08
N ASP F 104 26.25 -37.05 29.30
CA ASP F 104 26.40 -35.61 28.99
C ASP F 104 27.15 -35.43 27.67
N ARG F 105 26.72 -34.46 26.86
CA ARG F 105 27.53 -33.92 25.74
C ARG F 105 28.86 -33.45 26.31
N ALA F 106 29.98 -33.93 25.76
CA ALA F 106 31.34 -33.50 26.15
C ALA F 106 31.72 -32.28 25.31
N LEU F 107 31.93 -31.14 25.97
CA LEU F 107 32.48 -29.90 25.35
C LEU F 107 34.01 -29.96 25.48
N VAL F 108 34.71 -30.03 24.34
CA VAL F 108 36.21 -30.01 24.29
C VAL F 108 36.60 -28.89 23.32
N ILE F 109 37.34 -27.88 23.80
CA ILE F 109 37.92 -26.83 22.92
C ILE F 109 39.40 -27.16 22.72
N THR F 110 39.80 -27.39 21.47
CA THR F 110 41.13 -27.92 21.08
C THR F 110 41.79 -26.92 20.13
N ARG F 111 43.12 -26.90 20.09
CA ARG F 111 43.89 -26.04 19.16
C ARG F 111 43.97 -26.72 17.79
N SER F 112 44.77 -27.78 17.66
CA SER F 112 45.02 -28.45 16.35
C SER F 112 43.83 -29.34 15.97
N THR F 113 43.32 -29.17 14.74
CA THR F 113 42.26 -30.00 14.14
C THR F 113 42.64 -30.39 12.70
N PHE F 114 42.03 -31.45 12.18
CA PHE F 114 42.02 -31.81 10.74
C PHE F 114 40.56 -31.82 10.27
N ALA F 115 40.31 -31.75 8.97
CA ALA F 115 38.99 -32.02 8.36
C ALA F 115 38.37 -33.24 9.05
N GLY F 116 37.10 -33.14 9.47
CA GLY F 116 36.34 -34.23 10.13
C GLY F 116 36.29 -34.09 11.65
N SER F 117 37.16 -33.26 12.24
CA SER F 117 37.31 -33.12 13.71
C SER F 117 36.06 -32.51 14.35
N GLY F 118 35.26 -31.78 13.57
CA GLY F 118 34.01 -31.14 14.02
C GLY F 118 33.01 -32.15 14.55
N LYS F 119 33.13 -33.44 14.17
CA LYS F 119 32.22 -34.51 14.64
C LYS F 119 32.46 -34.84 16.12
N ASP F 120 33.61 -34.48 16.72
CA ASP F 120 33.84 -34.79 18.15
C ASP F 120 34.49 -33.63 18.93
N VAL F 121 34.89 -32.52 18.31
CA VAL F 121 35.52 -31.41 19.10
C VAL F 121 35.19 -30.05 18.50
N SER F 122 35.24 -29.03 19.37
CA SER F 122 35.14 -27.59 19.06
C SER F 122 36.55 -27.00 19.06
N HIS F 123 36.69 -25.72 18.72
CA HIS F 123 38.01 -25.09 18.43
C HIS F 123 38.06 -23.67 19.02
N TRP F 124 39.24 -23.25 19.44
CA TRP F 124 39.59 -21.82 19.67
C TRP F 124 40.85 -21.52 18.83
N LEU F 125 40.98 -20.27 18.39
CA LEU F 125 41.86 -19.86 17.26
C LEU F 125 43.31 -19.62 17.72
N GLY F 126 43.64 -20.04 18.95
CA GLY F 126 45.03 -20.16 19.43
C GLY F 126 45.57 -18.86 20.02
N ASP F 127 46.90 -18.70 19.99
CA ASP F 127 47.63 -17.57 20.63
C ASP F 127 47.62 -16.34 19.70
N ASN F 128 46.56 -15.54 19.75
CA ASN F 128 46.47 -14.23 19.06
C ASN F 128 47.15 -13.17 19.94
N VAL F 129 47.11 -11.90 19.52
CA VAL F 129 47.75 -10.73 20.21
C VAL F 129 46.71 -9.63 20.42
N SER F 130 46.86 -8.82 21.47
CA SER F 130 45.98 -7.68 21.83
C SER F 130 46.22 -6.51 20.85
N GLY F 131 45.92 -6.73 19.57
CA GLY F 131 46.01 -5.71 18.51
C GLY F 131 44.78 -5.73 17.61
N TRP F 132 44.50 -4.62 16.93
CA TRP F 132 43.29 -4.44 16.09
C TRP F 132 43.30 -5.40 14.90
N LEU F 133 44.47 -5.81 14.41
CA LEU F 133 44.61 -6.74 13.26
C LEU F 133 43.91 -8.07 13.60
N TRP F 134 44.22 -8.61 14.78
CA TRP F 134 43.71 -9.92 15.28
C TRP F 134 42.21 -9.83 15.56
N TYR F 135 41.74 -8.66 15.99
CA TYR F 135 40.31 -8.30 16.19
C TYR F 135 39.56 -8.39 14.85
N GLN F 136 40.11 -7.78 13.81
CA GLN F 136 39.49 -7.67 12.46
C GLN F 136 39.44 -9.04 11.77
N LEU F 137 40.48 -9.85 11.92
CA LEU F 137 40.69 -11.08 11.12
C LEU F 137 40.05 -12.28 11.84
N SER F 138 39.53 -12.06 13.05
CA SER F 138 38.77 -13.07 13.85
C SER F 138 37.52 -13.51 13.08
N ILE F 139 36.91 -12.61 12.32
CA ILE F 139 35.65 -12.88 11.57
C ILE F 139 35.95 -13.86 10.43
N SER F 140 37.02 -13.63 9.66
CA SER F 140 37.54 -14.59 8.65
C SER F 140 37.64 -15.99 9.27
N GLN F 141 38.13 -16.09 10.51
CA GLN F 141 38.54 -17.36 11.16
C GLN F 141 37.32 -18.11 11.69
N ILE F 142 36.34 -17.43 12.28
CA ILE F 142 35.10 -18.09 12.79
C ILE F 142 34.27 -18.56 11.59
N LEU F 143 34.26 -17.79 10.50
CA LEU F 143 33.53 -18.13 9.25
C LEU F 143 34.15 -19.40 8.66
N GLN F 144 35.48 -19.46 8.59
CA GLN F 144 36.24 -20.66 8.18
C GLN F 144 35.69 -21.89 8.91
N PHE F 145 35.68 -21.85 10.24
CA PHE F 145 35.39 -23.04 11.09
C PHE F 145 33.89 -23.36 11.05
N ALA F 146 33.03 -22.40 11.37
CA ALA F 146 31.55 -22.61 11.46
C ALA F 146 30.95 -22.86 10.06
N SER F 147 31.37 -22.09 9.05
CA SER F 147 30.69 -21.99 7.73
C SER F 147 31.27 -23.00 6.72
N LEU F 148 32.56 -23.34 6.84
CA LEU F 148 33.30 -24.16 5.85
C LEU F 148 33.68 -25.53 6.45
N TYR F 149 34.30 -25.56 7.63
CA TYR F 149 35.03 -26.77 8.16
C TYR F 149 34.13 -27.63 9.05
N GLN F 150 32.87 -27.24 9.24
CA GLN F 150 31.86 -27.98 10.04
C GLN F 150 32.36 -28.12 11.48
N ILE F 151 32.94 -27.06 12.03
CA ILE F 151 33.28 -26.91 13.48
C ILE F 151 32.58 -25.63 13.96
N PRO F 152 31.28 -25.74 14.34
CA PRO F 152 30.44 -24.56 14.57
C PRO F 152 30.83 -23.70 15.79
N VAL F 153 31.30 -24.34 16.87
CA VAL F 153 31.69 -23.64 18.12
C VAL F 153 33.17 -23.28 18.01
N VAL F 154 33.45 -21.99 17.80
CA VAL F 154 34.80 -21.46 17.48
C VAL F 154 34.89 -20.00 17.94
N GLY F 155 36.09 -19.57 18.32
CA GLY F 155 36.33 -18.18 18.74
C GLY F 155 37.80 -17.96 19.11
N PRO F 156 38.30 -16.71 19.02
CA PRO F 156 39.64 -16.38 19.48
C PRO F 156 39.61 -16.01 20.97
N ASP F 157 40.78 -15.67 21.52
CA ASP F 157 40.89 -15.08 22.89
C ASP F 157 40.41 -13.63 22.78
N VAL F 158 39.21 -13.34 23.30
CA VAL F 158 38.63 -11.96 23.31
C VAL F 158 39.58 -11.06 24.11
N CYS F 159 39.90 -9.89 23.54
CA CYS F 159 40.87 -8.86 24.02
C CYS F 159 42.31 -9.31 23.81
N GLY F 160 42.52 -10.49 23.20
CA GLY F 160 43.83 -10.92 22.69
C GLY F 160 44.69 -11.55 23.77
N PHE F 161 45.42 -12.61 23.40
CA PHE F 161 46.28 -13.42 24.30
C PHE F 161 47.58 -12.66 24.57
N GLY F 162 48.32 -12.38 23.51
CA GLY F 162 49.64 -11.71 23.58
C GLY F 162 49.52 -10.22 23.84
N GLY F 163 50.54 -9.62 24.45
CA GLY F 163 50.69 -8.17 24.61
C GLY F 163 49.72 -7.60 25.64
N ASN F 164 49.77 -6.29 25.87
CA ASN F 164 48.85 -5.56 26.76
C ASN F 164 47.74 -4.94 25.93
N VAL F 165 46.48 -5.24 26.24
CA VAL F 165 45.30 -4.71 25.51
C VAL F 165 44.97 -3.31 26.06
N THR F 166 44.55 -2.41 25.17
CA THR F 166 44.05 -1.05 25.50
C THR F 166 42.59 -1.16 25.94
N GLU F 167 42.09 -0.14 26.64
CA GLU F 167 40.68 0.00 27.11
C GLU F 167 39.72 -0.10 25.92
N THR F 168 40.00 0.65 24.85
CA THR F 168 39.10 0.85 23.69
C THR F 168 39.00 -0.47 22.91
N LEU F 169 40.10 -1.19 22.73
CA LEU F 169 40.15 -2.44 21.92
C LEU F 169 39.39 -3.54 22.65
N CYS F 170 39.58 -3.67 23.96
CA CYS F 170 38.93 -4.73 24.79
C CYS F 170 37.41 -4.49 24.83
N ALA F 171 36.99 -3.22 24.92
CA ALA F 171 35.57 -2.79 24.86
C ALA F 171 34.97 -3.24 23.52
N ARG F 172 35.70 -2.98 22.42
CA ARG F 172 35.28 -3.36 21.04
C ARG F 172 35.24 -4.88 20.90
N TRP F 173 36.19 -5.60 21.50
CA TRP F 173 36.31 -7.08 21.41
C TRP F 173 35.25 -7.76 22.29
N ALA F 174 34.82 -7.09 23.37
CA ALA F 174 33.73 -7.52 24.26
C ALA F 174 32.41 -7.61 23.48
N THR F 175 32.09 -6.59 22.67
CA THR F 175 30.81 -6.47 21.94
C THR F 175 30.83 -7.42 20.73
N LEU F 176 31.95 -7.48 20.00
CA LEU F 176 32.12 -8.41 18.86
C LEU F 176 32.15 -9.86 19.38
N GLY F 177 32.87 -10.10 20.49
CA GLY F 177 33.03 -11.42 21.12
C GLY F 177 31.70 -12.07 21.48
N SER F 178 30.69 -11.26 21.77
CA SER F 178 29.31 -11.69 22.15
C SER F 178 28.58 -12.35 20.98
N PHE F 179 29.16 -12.33 19.78
CA PHE F 179 28.58 -12.97 18.55
C PHE F 179 29.51 -14.04 18.00
N TYR F 180 30.50 -14.48 18.80
CA TYR F 180 31.29 -15.71 18.56
C TYR F 180 30.54 -16.90 19.18
N THR F 181 30.49 -18.02 18.47
CA THR F 181 29.85 -19.28 18.95
C THR F 181 30.59 -19.76 20.20
N PHE F 182 31.89 -19.47 20.30
CA PHE F 182 32.72 -19.67 21.52
C PHE F 182 33.23 -18.31 21.99
N PHE F 183 32.68 -17.81 23.11
CA PHE F 183 32.93 -16.45 23.67
C PHE F 183 33.81 -16.57 24.90
N ARG F 184 35.11 -16.28 24.76
CA ARG F 184 36.10 -16.52 25.82
C ARG F 184 37.18 -15.42 25.81
N ASN F 185 37.35 -14.77 26.96
CA ASN F 185 38.49 -13.88 27.30
C ASN F 185 39.61 -14.76 27.88
N HIS F 186 40.81 -14.66 27.29
CA HIS F 186 42.03 -15.39 27.73
C HIS F 186 43.24 -14.49 27.44
N ALA F 187 44.31 -14.63 28.24
CA ALA F 187 45.50 -13.77 28.21
C ALA F 187 46.74 -14.56 28.65
N GLU F 188 47.89 -14.18 28.10
CA GLU F 188 49.23 -14.77 28.37
C GLU F 188 49.72 -14.29 29.74
N ILE F 189 50.63 -15.05 30.37
CA ILE F 189 51.10 -14.85 31.78
C ILE F 189 51.65 -13.42 31.95
N TYR F 190 52.35 -12.87 30.96
CA TYR F 190 53.08 -11.58 31.08
C TYR F 190 52.17 -10.40 30.73
N ALA F 191 50.96 -10.67 30.23
CA ALA F 191 49.94 -9.64 29.93
C ALA F 191 49.28 -9.18 31.25
N ASN F 192 48.99 -7.88 31.34
CA ASN F 192 48.22 -7.28 32.46
C ASN F 192 46.82 -7.88 32.47
N PRO F 193 46.16 -7.98 33.66
CA PRO F 193 44.79 -8.46 33.74
C PRO F 193 43.86 -7.71 32.77
N GLN F 194 42.96 -8.44 32.10
CA GLN F 194 42.03 -7.86 31.09
C GLN F 194 40.63 -8.47 31.24
N GLU F 195 40.26 -8.87 32.47
CA GLU F 195 38.85 -9.20 32.82
C GLU F 195 37.98 -7.98 32.53
N PHE F 196 36.71 -8.16 32.16
CA PHE F 196 35.82 -7.07 31.70
C PHE F 196 35.57 -6.06 32.84
N TYR F 197 35.77 -6.45 34.10
CA TYR F 197 35.55 -5.58 35.29
C TYR F 197 36.75 -4.66 35.56
N ARG F 198 37.82 -4.74 34.74
CA ARG F 198 39.09 -3.98 34.95
C ARG F 198 38.96 -2.53 34.44
N TRP F 199 38.03 -2.26 33.52
CA TRP F 199 37.74 -0.90 33.00
C TRP F 199 36.22 -0.66 32.97
N PRO F 200 35.75 0.55 33.35
CA PRO F 200 34.32 0.90 33.24
C PRO F 200 33.72 0.76 31.83
N THR F 201 34.45 1.22 30.80
CA THR F 201 33.99 1.19 29.38
C THR F 201 33.85 -0.27 28.94
N VAL F 202 34.82 -1.12 29.24
CA VAL F 202 34.81 -2.57 28.88
C VAL F 202 33.67 -3.25 29.66
N ALA F 203 33.54 -2.94 30.95
CA ALA F 203 32.51 -3.49 31.85
C ALA F 203 31.13 -3.31 31.22
N GLN F 204 30.80 -2.08 30.82
CA GLN F 204 29.50 -1.71 30.19
C GLN F 204 29.40 -2.35 28.80
N ALA F 205 30.50 -2.39 28.04
CA ALA F 205 30.58 -3.04 26.72
C ALA F 205 30.21 -4.52 26.85
N ALA F 206 30.64 -5.16 27.93
CA ALA F 206 30.38 -6.58 28.27
C ALA F 206 28.92 -6.76 28.69
N ARG F 207 28.41 -5.87 29.56
CA ARG F 207 26.98 -5.89 30.01
C ARG F 207 26.05 -5.82 28.79
N ASN F 208 26.32 -4.92 27.84
CA ASN F 208 25.50 -4.72 26.62
C ASN F 208 25.58 -5.98 25.74
N GLY F 209 26.79 -6.40 25.37
CA GLY F 209 27.05 -7.54 24.48
C GLY F 209 26.49 -8.84 25.01
N ILE F 210 26.81 -9.20 26.26
CA ILE F 210 26.37 -10.46 26.92
C ILE F 210 24.85 -10.46 27.06
N SER F 211 24.21 -9.29 27.25
CA SER F 211 22.73 -9.16 27.34
C SER F 211 22.08 -9.54 26.00
N ILE F 212 22.60 -9.00 24.90
CA ILE F 212 22.11 -9.34 23.53
C ILE F 212 22.36 -10.83 23.28
N ARG F 213 23.57 -11.31 23.55
CA ARG F 213 23.98 -12.73 23.36
C ARG F 213 23.04 -13.68 24.12
N TYR F 214 22.71 -13.36 25.38
CA TYR F 214 21.90 -14.24 26.26
C TYR F 214 20.42 -14.17 25.83
N GLN F 215 19.94 -12.99 25.45
CA GLN F 215 18.60 -12.84 24.81
C GLN F 215 18.53 -13.76 23.58
N LEU F 216 19.64 -13.91 22.86
CA LEU F 216 19.71 -14.72 21.60
C LEU F 216 20.37 -16.09 21.85
N LEU F 217 20.47 -16.57 23.08
CA LEU F 217 21.23 -17.83 23.35
C LEU F 217 20.49 -19.01 22.72
N ASP F 218 19.16 -19.05 22.86
CA ASP F 218 18.31 -20.16 22.35
C ASP F 218 18.32 -20.08 20.82
N TYR F 219 18.35 -18.87 20.27
CA TYR F 219 18.46 -18.59 18.82
C TYR F 219 19.70 -19.33 18.27
N ILE F 220 20.88 -19.10 18.86
CA ILE F 220 22.17 -19.67 18.36
C ILE F 220 22.26 -21.15 18.72
N TYR F 221 21.76 -21.56 19.89
CA TYR F 221 21.64 -22.98 20.31
C TYR F 221 20.90 -23.75 19.22
N THR F 222 19.76 -23.21 18.78
CA THR F 222 18.89 -23.77 17.71
C THR F 222 19.67 -23.85 16.38
N ALA F 223 20.40 -22.80 16.02
CA ALA F 223 21.29 -22.77 14.83
C ALA F 223 22.29 -23.93 14.92
N ILE F 224 22.96 -24.07 16.07
CA ILE F 224 24.00 -25.12 16.29
C ILE F 224 23.34 -26.49 16.15
N TYR F 225 22.15 -26.66 16.72
CA TYR F 225 21.35 -27.91 16.61
C TYR F 225 21.08 -28.23 15.13
N LYS F 226 20.65 -27.24 14.33
CA LYS F 226 20.33 -27.44 12.90
C LYS F 226 21.61 -27.87 12.15
N GLN F 227 22.76 -27.28 12.48
CA GLN F 227 24.06 -27.70 11.90
C GLN F 227 24.36 -29.15 12.31
N ASN F 228 24.11 -29.49 13.58
CA ASN F 228 24.16 -30.89 14.09
C ASN F 228 23.30 -31.77 13.18
N GLN F 229 22.11 -31.30 12.78
CA GLN F 229 21.08 -32.10 12.08
C GLN F 229 21.38 -32.22 10.57
N THR F 230 21.86 -31.15 9.92
CA THR F 230 22.03 -31.09 8.43
C THR F 230 23.41 -30.57 8.01
N GLY F 231 24.10 -29.78 8.84
CA GLY F 231 25.35 -29.09 8.47
C GLY F 231 25.10 -27.67 8.00
N THR F 232 23.83 -27.23 7.95
CA THR F 232 23.46 -25.82 7.65
C THR F 232 24.14 -24.94 8.70
N PRO F 233 25.08 -24.04 8.32
CA PRO F 233 25.94 -23.36 9.29
C PRO F 233 25.23 -22.38 10.24
N ALA F 234 25.73 -22.32 11.48
CA ALA F 234 25.23 -21.47 12.59
C ALA F 234 25.87 -20.07 12.55
N LEU F 235 26.94 -19.89 11.75
CA LEU F 235 27.46 -18.58 11.30
C LEU F 235 27.55 -18.62 9.77
N ASN F 236 27.19 -17.53 9.12
CA ASN F 236 27.06 -17.45 7.64
C ASN F 236 27.73 -16.18 7.13
N PRO F 237 28.66 -16.28 6.14
CA PRO F 237 29.13 -15.10 5.41
C PRO F 237 27.91 -14.41 4.79
N LEU F 238 28.02 -13.14 4.43
CA LEU F 238 26.91 -12.38 3.80
C LEU F 238 26.53 -13.02 2.46
N PHE F 239 27.49 -13.58 1.72
CA PHE F 239 27.24 -14.16 0.37
C PHE F 239 26.44 -15.48 0.49
N PHE F 240 26.48 -16.15 1.65
CA PHE F 240 25.63 -17.35 1.92
C PHE F 240 24.14 -16.96 1.84
N ASN F 241 23.79 -15.76 2.30
CA ASN F 241 22.39 -15.21 2.33
C ASN F 241 22.07 -14.48 1.03
N TYR F 242 23.06 -13.89 0.37
CA TYR F 242 22.91 -13.13 -0.90
C TYR F 242 23.94 -13.63 -1.91
N PRO F 243 23.81 -14.89 -2.39
CA PRO F 243 24.77 -15.49 -3.34
C PRO F 243 24.88 -14.78 -4.68
N ASN F 244 23.83 -14.06 -5.10
CA ASN F 244 23.74 -13.38 -6.42
C ASN F 244 24.21 -11.92 -6.34
N ASP F 245 24.68 -11.47 -5.17
CA ASP F 245 25.20 -10.09 -4.98
C ASP F 245 26.74 -10.15 -4.90
N PRO F 246 27.47 -9.77 -5.98
CA PRO F 246 28.93 -9.83 -5.99
C PRO F 246 29.61 -8.94 -4.92
N ASN F 247 28.95 -7.88 -4.47
CA ASN F 247 29.47 -6.93 -3.45
C ASN F 247 29.75 -7.67 -2.14
N THR F 248 29.01 -8.75 -1.85
CA THR F 248 29.11 -9.52 -0.59
C THR F 248 30.31 -10.48 -0.62
N TYR F 249 30.78 -10.89 -1.81
CA TYR F 249 31.71 -12.05 -1.97
C TYR F 249 32.97 -11.86 -1.11
N PRO F 250 33.65 -10.69 -1.11
CA PRO F 250 34.90 -10.53 -0.36
C PRO F 250 34.74 -10.04 1.09
N ILE F 251 33.51 -9.83 1.56
CA ILE F 251 33.22 -9.17 2.87
C ILE F 251 33.53 -10.15 4.01
N ASP F 252 34.47 -9.76 4.88
CA ASP F 252 34.88 -10.54 6.08
C ASP F 252 35.03 -9.61 7.30
N LEU F 253 34.41 -8.42 7.29
CA LEU F 253 34.35 -7.48 8.46
C LEU F 253 32.90 -7.35 8.93
N GLN F 254 31.97 -8.05 8.28
CA GLN F 254 30.59 -8.33 8.75
C GLN F 254 30.31 -9.82 8.58
N PHE F 255 29.47 -10.38 9.44
CA PHE F 255 28.98 -11.79 9.32
C PHE F 255 27.53 -11.86 9.83
N PHE F 256 26.86 -12.96 9.49
CA PHE F 256 25.53 -13.32 10.02
C PHE F 256 25.72 -14.30 11.18
N TYR F 257 25.26 -13.90 12.37
CA TYR F 257 25.11 -14.73 13.59
C TYR F 257 23.82 -15.54 13.45
N GLY F 258 23.93 -16.87 13.36
CA GLY F 258 22.82 -17.72 12.91
C GLY F 258 22.49 -17.36 11.48
N ASP F 259 21.19 -17.38 11.11
CA ASP F 259 20.73 -17.18 9.72
C ASP F 259 20.39 -15.71 9.45
N GLY F 260 20.30 -14.86 10.48
CA GLY F 260 19.50 -13.63 10.44
C GLY F 260 20.17 -12.39 11.01
N ILE F 261 20.90 -12.49 12.13
CA ILE F 261 21.42 -11.30 12.85
C ILE F 261 22.75 -10.85 12.22
N LEU F 262 22.74 -9.71 11.52
CA LEU F 262 23.90 -9.06 10.88
C LEU F 262 24.73 -8.33 11.95
N VAL F 263 25.96 -8.77 12.15
CA VAL F 263 26.95 -8.20 13.11
C VAL F 263 27.92 -7.32 12.31
N SER F 264 27.78 -6.01 12.41
CA SER F 264 28.59 -4.99 11.67
C SER F 264 29.39 -4.16 12.66
N PRO F 265 30.52 -4.68 13.21
CA PRO F 265 31.27 -3.97 14.24
C PRO F 265 32.17 -2.86 13.68
N VAL F 266 32.48 -1.88 14.51
CA VAL F 266 33.54 -0.84 14.26
C VAL F 266 34.87 -1.59 14.18
N THR F 267 35.60 -1.46 13.07
CA THR F 267 36.82 -2.25 12.76
C THR F 267 38.08 -1.39 12.82
N GLU F 268 37.97 -0.07 12.64
CA GLU F 268 39.14 0.86 12.58
C GLU F 268 39.49 1.33 14.01
N GLU F 269 40.79 1.39 14.30
CA GLU F 269 41.37 1.72 15.62
C GLU F 269 40.88 3.11 16.08
N ASN F 270 40.57 3.24 17.38
CA ASN F 270 40.20 4.51 18.05
C ASN F 270 39.29 5.32 17.11
N SER F 271 38.17 4.72 16.69
CA SER F 271 37.12 5.33 15.82
C SER F 271 35.73 5.02 16.41
N THR F 272 34.79 5.94 16.21
CA THR F 272 33.37 5.80 16.61
C THR F 272 32.49 5.76 15.35
N SER F 273 33.11 5.68 14.16
CA SER F 273 32.43 5.54 12.85
C SER F 273 32.65 4.13 12.29
N VAL F 274 31.66 3.62 11.54
CA VAL F 274 31.73 2.33 10.81
C VAL F 274 31.06 2.52 9.45
N THR F 275 31.75 2.13 8.38
CA THR F 275 31.17 1.95 7.02
C THR F 275 30.96 0.45 6.84
N PHE F 276 29.75 0.05 6.45
CA PHE F 276 29.32 -1.38 6.41
C PHE F 276 28.27 -1.57 5.33
N TYR F 277 28.27 -2.76 4.73
CA TYR F 277 27.38 -3.15 3.61
C TYR F 277 26.00 -3.55 4.16
N LEU F 278 24.94 -3.01 3.55
CA LEU F 278 23.54 -3.50 3.70
C LEU F 278 23.09 -4.07 2.36
N PRO F 279 22.94 -5.41 2.24
CA PRO F 279 22.36 -6.02 1.04
C PRO F 279 21.01 -5.42 0.63
N ASP F 280 20.59 -5.66 -0.61
CA ASP F 280 19.27 -5.22 -1.15
C ASP F 280 18.18 -6.06 -0.47
N ASP F 281 17.73 -5.62 0.70
CA ASP F 281 16.77 -6.36 1.57
C ASP F 281 16.31 -5.45 2.72
N ILE F 282 15.16 -5.79 3.31
CA ILE F 282 14.64 -5.09 4.53
C ILE F 282 15.42 -5.62 5.74
N PHE F 283 15.91 -4.69 6.57
CA PHE F 283 16.58 -4.96 7.86
C PHE F 283 15.87 -4.16 8.96
N TYR F 284 16.09 -4.52 10.22
CA TYR F 284 15.53 -3.83 11.40
C TYR F 284 16.62 -3.71 12.47
N GLU F 285 16.80 -2.51 13.01
CA GLU F 285 17.81 -2.22 14.06
C GLU F 285 17.50 -3.10 15.27
N TRP F 286 18.54 -3.68 15.90
CA TRP F 286 18.40 -4.38 17.20
C TRP F 286 17.84 -3.41 18.25
N GLY F 287 17.01 -3.91 19.17
CA GLY F 287 16.51 -3.16 20.34
C GLY F 287 15.31 -2.30 20.00
N THR F 288 15.52 -1.26 19.19
CA THR F 288 14.49 -0.30 18.70
C THR F 288 13.55 -1.01 17.72
N GLY F 289 14.11 -1.80 16.80
CA GLY F 289 13.34 -2.51 15.75
C GLY F 289 13.11 -1.67 14.52
N LYS F 290 13.62 -0.43 14.49
CA LYS F 290 13.40 0.56 13.40
C LYS F 290 13.77 -0.06 12.06
N PRO F 291 12.82 -0.20 11.10
CA PRO F 291 13.16 -0.68 9.76
C PRO F 291 14.31 0.15 9.15
N VAL F 292 15.19 -0.54 8.42
CA VAL F 292 16.31 0.06 7.62
C VAL F 292 16.32 -0.68 6.27
N ARG F 293 15.92 0.01 5.20
CA ARG F 293 15.88 -0.57 3.83
C ARG F 293 17.29 -0.51 3.25
N GLY F 294 17.99 -1.64 3.20
CA GLY F 294 19.24 -1.80 2.44
C GLY F 294 18.95 -1.77 0.95
N GLN F 295 19.82 -1.14 0.17
CA GLN F 295 19.66 -0.96 -1.30
C GLN F 295 20.84 -1.63 -2.03
N GLY F 296 21.59 -2.50 -1.35
CA GLY F 296 22.77 -3.17 -1.90
C GLY F 296 23.94 -2.21 -2.08
N GLU F 297 24.24 -1.40 -1.05
CA GLU F 297 25.41 -0.48 -1.06
C GLU F 297 25.85 -0.19 0.38
N TYR F 298 27.10 0.28 0.51
CA TYR F 298 27.75 0.61 1.81
C TYR F 298 27.05 1.80 2.44
N VAL F 299 26.82 1.71 3.75
CA VAL F 299 26.23 2.80 4.60
C VAL F 299 27.27 3.13 5.67
N SER F 300 27.28 4.38 6.13
CA SER F 300 28.19 4.90 7.20
C SER F 300 27.36 5.25 8.43
N LEU F 301 27.85 4.87 9.61
CA LEU F 301 27.22 5.19 10.91
C LEU F 301 28.29 5.84 11.81
N ASP F 302 27.95 6.96 12.44
CA ASP F 302 28.88 7.77 13.28
C ASP F 302 28.41 7.71 14.74
N ASN F 303 29.30 8.07 15.67
CA ASN F 303 29.00 8.21 17.12
C ASN F 303 28.57 6.85 17.70
N ILE F 304 29.24 5.77 17.28
CA ILE F 304 29.13 4.42 17.90
C ILE F 304 30.12 4.38 19.08
N ASP F 305 29.64 4.58 20.31
CA ASP F 305 30.47 4.56 21.53
C ASP F 305 31.18 3.21 21.63
N TYR F 306 32.22 3.12 22.46
CA TYR F 306 33.05 1.90 22.65
C TYR F 306 32.25 0.81 23.38
N THR F 307 31.15 1.18 24.02
CA THR F 307 30.25 0.27 24.77
C THR F 307 29.27 -0.43 23.80
N ASP F 308 29.10 0.08 22.59
CA ASP F 308 28.00 -0.33 21.67
C ASP F 308 28.55 -1.09 20.45
N ILE F 309 27.64 -1.71 19.70
CA ILE F 309 27.91 -2.38 18.39
C ILE F 309 26.63 -2.28 17.54
N THR F 310 26.80 -2.14 16.23
CA THR F 310 25.69 -2.12 15.24
C THR F 310 25.25 -3.56 14.99
N ILE F 311 23.96 -3.86 15.22
CA ILE F 311 23.33 -5.19 15.04
C ILE F 311 22.00 -4.98 14.30
N HIS F 312 21.73 -5.76 13.24
CA HIS F 312 20.45 -5.72 12.47
C HIS F 312 19.85 -7.12 12.37
N TYR F 313 18.52 -7.22 12.48
CA TYR F 313 17.70 -8.41 12.08
C TYR F 313 17.49 -8.40 10.56
N LYS F 314 17.81 -9.51 9.89
CA LYS F 314 17.41 -9.77 8.47
C LYS F 314 15.90 -10.04 8.42
N GLY F 315 15.20 -9.37 7.50
CA GLY F 315 13.78 -9.63 7.22
C GLY F 315 13.56 -11.07 6.77
N GLY F 316 12.37 -11.62 7.04
CA GLY F 316 11.93 -12.96 6.61
C GLY F 316 12.10 -14.00 7.71
N ILE F 317 12.49 -13.58 8.92
CA ILE F 317 12.86 -14.51 10.03
C ILE F 317 12.09 -14.15 11.30
N VAL F 318 11.62 -15.18 12.02
CA VAL F 318 11.10 -15.13 13.41
C VAL F 318 12.26 -15.44 14.34
N TYR F 319 12.65 -14.48 15.18
CA TYR F 319 13.79 -14.60 16.14
C TYR F 319 13.22 -14.91 17.52
N PRO F 320 13.39 -16.15 18.04
CA PRO F 320 12.92 -16.50 19.38
C PRO F 320 13.97 -16.02 20.38
N GLN F 321 13.57 -15.14 21.31
CA GLN F 321 14.49 -14.47 22.27
C GLN F 321 13.99 -14.66 23.70
N ARG F 322 14.90 -14.80 24.66
CA ARG F 322 14.57 -14.73 26.11
C ARG F 322 14.16 -13.28 26.39
N ILE F 323 12.97 -13.08 26.95
CA ILE F 323 12.38 -11.73 27.23
C ILE F 323 13.47 -10.84 27.86
N GLU F 324 14.29 -11.41 28.75
CA GLU F 324 15.42 -10.71 29.43
C GLU F 324 16.68 -11.57 29.39
N SER F 325 17.85 -10.96 29.64
CA SER F 325 19.13 -11.62 29.97
C SER F 325 19.13 -12.00 31.46
N ALA F 326 20.17 -12.71 31.91
CA ALA F 326 20.35 -13.16 33.31
C ALA F 326 21.84 -13.35 33.58
N ASN F 327 22.22 -13.64 34.83
CA ASN F 327 23.64 -13.70 35.26
C ASN F 327 24.21 -15.10 34.99
N THR F 328 23.37 -16.14 35.01
CA THR F 328 23.73 -17.54 34.63
C THR F 328 22.74 -18.06 33.58
N THR F 329 23.16 -19.02 32.75
CA THR F 329 22.30 -19.65 31.71
C THR F 329 21.20 -20.46 32.41
N THR F 330 21.44 -20.93 33.64
CA THR F 330 20.44 -21.62 34.50
C THR F 330 19.29 -20.66 34.81
N ALA F 331 19.60 -19.43 35.23
CA ALA F 331 18.60 -18.36 35.49
C ALA F 331 17.94 -17.95 34.17
N LEU F 332 18.73 -17.85 33.09
CA LEU F 332 18.24 -17.48 31.73
C LEU F 332 17.12 -18.43 31.29
N ARG F 333 17.24 -19.73 31.62
CA ARG F 333 16.32 -20.78 31.10
C ARG F 333 14.93 -20.68 31.76
N GLN F 334 14.81 -19.91 32.85
CA GLN F 334 13.54 -19.67 33.58
C GLN F 334 12.87 -18.36 33.10
N LYS F 335 13.47 -17.66 32.14
CA LYS F 335 12.94 -16.41 31.54
C LYS F 335 11.98 -16.74 30.39
N GLY F 336 10.85 -16.05 30.29
CA GLY F 336 9.89 -16.19 29.19
C GLY F 336 10.49 -15.78 27.85
N PHE F 337 9.79 -16.09 26.75
CA PHE F 337 10.24 -15.79 25.37
C PHE F 337 9.56 -14.52 24.87
N ASN F 338 10.35 -13.66 24.22
CA ASN F 338 9.91 -12.57 23.32
C ASN F 338 10.11 -13.05 21.88
N ILE F 339 9.03 -13.39 21.16
CA ILE F 339 9.09 -13.86 19.75
C ILE F 339 9.08 -12.64 18.82
N VAL F 340 10.25 -12.27 18.29
CA VAL F 340 10.43 -11.08 17.40
C VAL F 340 10.18 -11.51 15.95
N VAL F 341 9.11 -10.98 15.36
CA VAL F 341 8.73 -11.16 13.93
C VAL F 341 9.30 -9.99 13.14
N ALA F 342 10.21 -10.26 12.20
CA ALA F 342 10.84 -9.30 11.27
C ALA F 342 10.39 -9.64 9.86
N PRO F 343 9.26 -9.06 9.39
CA PRO F 343 8.72 -9.38 8.06
C PRO F 343 9.70 -9.17 6.91
N GLY F 344 9.75 -10.14 5.98
CA GLY F 344 10.49 -10.01 4.71
C GLY F 344 9.80 -9.03 3.78
N LEU F 345 10.34 -8.85 2.57
CA LEU F 345 9.77 -7.92 1.56
C LEU F 345 8.36 -8.39 1.16
N ASP F 346 8.06 -9.68 1.33
CA ASP F 346 6.75 -10.29 0.97
C ASP F 346 5.79 -10.28 2.18
N GLY F 347 6.24 -9.78 3.34
CA GLY F 347 5.42 -9.65 4.57
C GLY F 347 5.43 -10.92 5.42
N ARG F 348 6.07 -11.99 4.94
CA ARG F 348 6.17 -13.29 5.64
C ARG F 348 7.45 -13.29 6.50
N ALA F 349 7.46 -14.10 7.54
CA ALA F 349 8.62 -14.41 8.39
C ALA F 349 8.55 -15.88 8.78
N GLU F 350 9.70 -16.53 8.93
CA GLU F 350 9.83 -17.96 9.29
C GLU F 350 11.01 -18.09 10.26
N GLY F 351 10.88 -18.95 11.26
CA GLY F 351 11.94 -19.17 12.26
C GLY F 351 11.67 -20.40 13.10
N SER F 352 12.72 -20.92 13.75
CA SER F 352 12.69 -22.16 14.55
C SER F 352 13.20 -21.88 15.98
N LEU F 353 12.77 -22.72 16.92
CA LEU F 353 13.22 -22.71 18.34
C LEU F 353 13.38 -24.16 18.77
N TYR F 354 14.53 -24.51 19.34
CA TYR F 354 14.83 -25.87 19.86
C TYR F 354 14.99 -25.79 21.37
N LEU F 355 14.19 -26.56 22.11
CA LEU F 355 14.24 -26.67 23.59
C LEU F 355 14.52 -28.14 23.97
N ASP F 356 15.37 -28.34 24.98
CA ASP F 356 15.66 -29.67 25.59
C ASP F 356 16.31 -29.42 26.95
N ASP F 357 16.92 -30.43 27.56
CA ASP F 357 17.46 -30.34 28.95
C ASP F 357 18.83 -29.65 28.96
N GLY F 358 19.42 -29.38 27.78
CA GLY F 358 20.59 -28.49 27.61
C GLY F 358 21.94 -29.21 27.75
N VAL F 359 21.96 -30.47 28.16
CA VAL F 359 23.22 -31.18 28.58
C VAL F 359 23.31 -32.59 27.98
N SER F 360 22.24 -33.37 27.98
CA SER F 360 22.25 -34.82 27.65
C SER F 360 22.56 -35.05 26.16
N VAL F 361 23.37 -36.07 25.86
CA VAL F 361 23.76 -36.44 24.46
C VAL F 361 22.52 -36.98 23.75
N VAL F 362 21.76 -37.84 24.41
CA VAL F 362 20.47 -38.39 23.90
C VAL F 362 19.34 -37.88 24.81
N GLN F 363 18.57 -36.93 24.30
CA GLN F 363 17.43 -36.28 25.03
C GLN F 363 16.32 -37.32 25.24
N ASP F 364 15.63 -37.22 26.37
CA ASP F 364 14.34 -37.92 26.61
C ASP F 364 13.26 -37.20 25.80
N THR F 365 13.17 -35.86 25.93
CA THR F 365 12.13 -35.00 25.31
C THR F 365 12.77 -33.79 24.65
N VAL F 366 12.28 -33.40 23.47
CA VAL F 366 12.73 -32.18 22.72
C VAL F 366 11.49 -31.46 22.18
N SER F 367 11.61 -30.16 21.94
CA SER F 367 10.62 -29.32 21.23
C SER F 367 11.29 -28.70 20.00
N GLU F 368 11.00 -29.25 18.82
CA GLU F 368 11.40 -28.68 17.50
C GLU F 368 10.24 -27.82 16.99
N ILE F 369 10.20 -26.56 17.44
CA ILE F 369 9.09 -25.60 17.18
C ILE F 369 9.39 -24.84 15.89
N ASP F 370 8.39 -24.72 15.02
CA ASP F 370 8.46 -23.93 13.77
C ASP F 370 7.50 -22.74 13.90
N PHE F 371 8.00 -21.53 13.63
CA PHE F 371 7.19 -20.29 13.61
C PHE F 371 7.06 -19.81 12.16
N VAL F 372 5.83 -19.60 11.71
CA VAL F 372 5.48 -18.91 10.43
C VAL F 372 4.58 -17.74 10.77
N TYR F 373 4.88 -16.57 10.19
CA TYR F 373 4.04 -15.35 10.25
C TYR F 373 3.65 -14.98 8.82
N GLU F 374 2.35 -14.70 8.62
CA GLU F 374 1.79 -14.04 7.43
C GLU F 374 0.36 -13.61 7.76
N ASN F 375 -0.12 -12.54 7.12
CA ASN F 375 -1.51 -12.04 7.23
C ASN F 375 -1.82 -11.72 8.70
N GLY F 376 -0.88 -11.06 9.38
CA GLY F 376 -1.02 -10.59 10.77
C GLY F 376 -1.24 -11.71 11.77
N LYS F 377 -0.77 -12.93 11.48
CA LYS F 377 -1.05 -14.15 12.27
C LYS F 377 0.25 -14.94 12.47
N LEU F 378 0.53 -15.39 13.70
CA LEU F 378 1.72 -16.21 14.04
C LEU F 378 1.29 -17.65 14.33
N THR F 379 1.63 -18.58 13.42
CA THR F 379 1.36 -20.03 13.57
C THR F 379 2.60 -20.69 14.20
N MET F 380 2.38 -21.49 15.24
CA MET F 380 3.42 -22.28 15.95
C MET F 380 3.10 -23.77 15.72
N THR F 381 4.03 -24.52 15.13
CA THR F 381 3.86 -25.95 14.78
C THR F 381 5.12 -26.72 15.19
N GLY F 382 5.10 -28.04 14.97
CA GLY F 382 6.24 -28.95 15.24
C GLY F 382 6.02 -29.77 16.49
N SER F 383 7.06 -29.93 17.31
CA SER F 383 7.08 -30.81 18.51
C SER F 383 7.18 -29.96 19.78
N PHE F 384 6.52 -30.39 20.85
CA PHE F 384 6.40 -29.65 22.14
C PHE F 384 6.50 -30.63 23.31
N GLU F 385 7.43 -31.58 23.24
CA GLU F 385 7.58 -32.69 24.24
C GLU F 385 8.39 -32.20 25.45
N TYR F 386 9.28 -31.21 25.29
CA TYR F 386 10.12 -30.72 26.41
C TYR F 386 9.30 -29.77 27.30
N GLU F 387 9.18 -30.10 28.59
CA GLU F 387 8.47 -29.31 29.62
C GLU F 387 9.38 -28.17 30.09
N ALA F 388 9.22 -26.98 29.50
CA ALA F 388 10.14 -25.83 29.62
C ALA F 388 9.87 -25.06 30.91
N GLY F 389 8.66 -25.17 31.47
CA GLY F 389 8.25 -24.43 32.68
C GLY F 389 8.23 -22.93 32.45
N VAL F 390 8.17 -22.52 31.18
CA VAL F 390 8.12 -21.10 30.72
C VAL F 390 7.36 -21.10 29.38
N GLY F 391 6.81 -19.95 28.99
CA GLY F 391 6.09 -19.78 27.72
C GLY F 391 6.49 -18.49 27.03
N ILE F 392 5.68 -18.07 26.04
CA ILE F 392 5.82 -16.79 25.32
C ILE F 392 5.04 -15.73 26.11
N GLU F 393 5.69 -14.60 26.39
CA GLU F 393 5.13 -13.46 27.16
C GLU F 393 4.83 -12.31 26.20
N THR F 394 5.73 -12.03 25.24
CA THR F 394 5.54 -11.01 24.18
C THR F 394 5.74 -11.64 22.79
N ILE F 395 4.92 -11.23 21.82
CA ILE F 395 5.16 -11.39 20.37
C ILE F 395 5.38 -9.98 19.81
N THR F 396 6.57 -9.70 19.29
CA THR F 396 6.99 -8.38 18.74
C THR F 396 6.92 -8.44 17.22
N VAL F 397 6.09 -7.60 16.59
CA VAL F 397 5.97 -7.51 15.11
C VAL F 397 6.65 -6.20 14.67
N LEU F 398 7.68 -6.30 13.84
CA LEU F 398 8.43 -5.14 13.31
C LEU F 398 7.83 -4.71 11.97
N GLY F 399 8.13 -3.48 11.54
CA GLY F 399 7.69 -2.91 10.25
C GLY F 399 6.19 -2.67 10.18
N VAL F 400 5.52 -2.50 11.32
CA VAL F 400 4.07 -2.16 11.40
C VAL F 400 3.94 -0.66 11.16
N GLU F 401 3.45 -0.29 9.97
CA GLU F 401 3.56 1.07 9.37
C GLU F 401 2.67 2.07 10.11
N SER F 402 1.45 1.66 10.49
CA SER F 402 0.43 2.52 11.16
C SER F 402 -0.13 1.82 12.41
N LYS F 403 -0.71 2.62 13.31
CA LYS F 403 -1.27 2.21 14.63
C LYS F 403 -2.48 1.29 14.41
N PRO F 404 -2.56 0.13 15.08
CA PRO F 404 -3.71 -0.76 14.99
C PRO F 404 -4.94 -0.29 15.80
N GLU F 405 -6.14 -0.61 15.32
CA GLU F 405 -7.45 -0.20 15.92
C GLU F 405 -7.58 -0.80 17.32
N GLY F 406 -7.45 -2.13 17.43
CA GLY F 406 -7.55 -2.87 18.71
C GLY F 406 -6.38 -2.56 19.64
N ASP F 407 -6.69 -2.06 20.85
CA ASP F 407 -5.70 -1.75 21.92
C ASP F 407 -5.55 -2.96 22.86
N GLU F 408 -6.29 -4.05 22.60
CA GLU F 408 -6.34 -5.25 23.48
C GLU F 408 -4.94 -5.86 23.57
N ASP F 409 -4.22 -5.57 24.66
CA ASP F 409 -2.92 -6.20 25.06
C ASP F 409 -1.78 -5.74 24.14
N VAL F 410 -1.89 -4.58 23.50
CA VAL F 410 -0.95 -4.13 22.42
C VAL F 410 -0.30 -2.79 22.82
N GLU F 411 1.03 -2.77 22.88
CA GLU F 411 1.90 -1.57 22.81
C GLU F 411 2.27 -1.33 21.35
N TYR F 412 2.28 -0.07 20.90
CA TYR F 412 2.77 0.33 19.57
C TYR F 412 3.75 1.50 19.73
N ASP F 413 4.98 1.30 19.28
CA ASP F 413 6.03 2.33 19.14
C ASP F 413 5.96 2.87 17.69
N ALA F 414 5.35 4.04 17.51
CA ALA F 414 5.09 4.69 16.20
C ALA F 414 6.41 5.19 15.59
N GLU F 415 7.36 5.61 16.44
CA GLU F 415 8.71 6.07 16.02
C GLU F 415 9.39 4.93 15.25
N ASN F 416 9.45 3.74 15.86
CA ASN F 416 10.22 2.57 15.38
C ASN F 416 9.30 1.56 14.70
N LYS F 417 8.02 1.89 14.54
CA LYS F 417 7.02 1.05 13.80
C LYS F 417 7.01 -0.36 14.38
N LYS F 418 7.17 -0.46 15.71
CA LYS F 418 7.29 -1.75 16.46
C LYS F 418 6.00 -1.97 17.26
N LEU F 419 5.34 -3.11 17.04
CA LEU F 419 4.15 -3.58 17.79
C LEU F 419 4.59 -4.71 18.74
N VAL F 420 4.25 -4.60 20.02
CA VAL F 420 4.51 -5.62 21.07
C VAL F 420 3.17 -6.10 21.62
N LYS F 421 2.83 -7.37 21.41
CA LYS F 421 1.57 -7.99 21.91
C LYS F 421 1.90 -8.81 23.16
N HIS F 422 1.36 -8.40 24.31
CA HIS F 422 1.41 -9.14 25.59
C HIS F 422 0.52 -10.38 25.46
N VAL F 423 1.06 -11.56 25.78
CA VAL F 423 0.37 -12.88 25.65
C VAL F 423 0.90 -13.80 26.77
N ASP F 424 0.27 -14.96 26.93
CA ASP F 424 0.68 -16.02 27.90
C ASP F 424 0.42 -17.38 27.24
N VAL F 425 1.15 -17.67 26.16
CA VAL F 425 1.02 -18.92 25.35
C VAL F 425 2.08 -19.92 25.84
N PRO F 426 1.68 -21.08 26.40
CA PRO F 426 2.63 -22.13 26.73
C PRO F 426 3.22 -22.78 25.47
N LEU F 427 4.38 -23.40 25.61
CA LEU F 427 5.14 -24.10 24.53
C LEU F 427 4.85 -25.61 24.65
N THR F 428 3.56 -25.94 24.68
CA THR F 428 2.97 -27.23 25.11
C THR F 428 2.31 -27.95 23.93
N GLY F 429 1.95 -27.21 22.86
CA GLY F 429 1.34 -27.74 21.64
C GLY F 429 1.18 -26.64 20.59
N GLU F 430 0.82 -27.01 19.36
CA GLU F 430 0.63 -26.06 18.23
C GLU F 430 -0.34 -24.96 18.66
N ASN F 431 -0.15 -23.74 18.13
CA ASN F 431 -1.00 -22.57 18.45
C ASN F 431 -1.03 -21.63 17.25
N GLU F 432 -2.14 -20.93 17.06
CA GLU F 432 -2.31 -19.79 16.11
C GLU F 432 -2.71 -18.56 16.93
N ILE F 433 -1.88 -17.53 16.93
CA ILE F 433 -2.12 -16.23 17.64
C ILE F 433 -2.20 -15.12 16.59
N THR F 434 -3.37 -14.50 16.43
CA THR F 434 -3.61 -13.35 15.52
C THR F 434 -3.15 -12.08 16.21
N ILE F 435 -2.31 -11.26 15.54
CA ILE F 435 -1.73 -10.00 16.10
C ILE F 435 -2.37 -8.78 15.42
N LEU F 436 -2.48 -8.77 14.08
CA LEU F 436 -2.99 -7.61 13.29
C LEU F 436 -4.27 -8.01 12.53
N PRO G 84 71.71 50.65 24.64
CA PRO G 84 70.78 49.78 23.90
C PRO G 84 71.14 49.67 22.40
N GLY G 85 71.43 50.81 21.76
CA GLY G 85 71.81 50.91 20.34
C GLY G 85 70.74 51.63 19.53
N ASP G 86 70.75 51.41 18.21
CA ASP G 86 69.83 52.08 17.24
C ASP G 86 69.43 51.09 16.15
N ASP G 87 69.31 49.80 16.49
CA ASP G 87 69.04 48.69 15.53
C ASP G 87 67.75 49.00 14.76
N LEU G 88 66.74 49.57 15.41
CA LEU G 88 65.42 49.89 14.80
C LEU G 88 65.61 50.84 13.61
N TYR G 89 66.49 51.83 13.74
CA TYR G 89 66.59 52.98 12.81
C TYR G 89 67.62 52.69 11.71
N VAL G 90 68.64 51.86 11.97
CA VAL G 90 69.78 51.62 11.04
C VAL G 90 69.67 50.25 10.36
N LYS G 91 68.77 49.37 10.80
CA LYS G 91 68.63 47.99 10.24
C LYS G 91 68.52 48.07 8.71
N ASP G 92 69.10 47.10 8.01
CA ASP G 92 69.07 46.98 6.52
C ASP G 92 68.55 45.59 6.18
N LEU G 93 67.29 45.51 5.72
CA LEU G 93 66.59 44.24 5.39
C LEU G 93 66.52 44.07 3.86
N SER G 94 67.30 44.85 3.10
CA SER G 94 67.32 44.87 1.61
C SER G 94 67.74 43.50 1.07
N GLY G 95 68.66 42.81 1.76
CA GLY G 95 69.22 41.51 1.36
C GLY G 95 68.31 40.34 1.70
N CYS G 96 67.31 40.54 2.57
CA CYS G 96 66.38 39.48 3.05
C CYS G 96 65.40 39.10 1.94
N PRO G 97 65.27 37.79 1.62
CA PRO G 97 64.55 37.36 0.42
C PRO G 97 63.02 37.45 0.50
N GLY G 98 62.48 37.56 1.71
CA GLY G 98 61.05 37.31 1.99
C GLY G 98 60.73 35.85 1.77
N TYR G 99 59.44 35.51 1.78
CA TYR G 99 58.94 34.13 1.60
C TYR G 99 58.05 34.08 0.36
N LYS G 100 57.79 32.87 -0.12
CA LYS G 100 56.78 32.57 -1.17
C LYS G 100 55.98 31.34 -0.74
N ALA G 101 54.69 31.30 -1.08
CA ALA G 101 53.78 30.17 -0.76
C ALA G 101 53.94 29.09 -1.84
N THR G 102 54.37 27.89 -1.46
CA THR G 102 54.61 26.73 -2.35
C THR G 102 53.32 25.94 -2.57
N LYS G 103 52.45 25.89 -1.54
CA LYS G 103 51.14 25.17 -1.56
C LYS G 103 50.16 25.90 -0.65
N HIS G 104 48.87 25.83 -0.97
CA HIS G 104 47.75 26.44 -0.20
C HIS G 104 46.47 25.61 -0.38
N TRP G 105 45.61 25.57 0.64
CA TRP G 105 44.26 24.93 0.57
C TRP G 105 43.25 25.74 1.38
N GLN G 106 41.99 25.69 0.95
CA GLN G 106 40.82 26.33 1.60
C GLN G 106 40.02 25.25 2.33
N THR G 107 39.50 25.55 3.52
CA THR G 107 38.57 24.68 4.30
C THR G 107 37.25 25.43 4.47
N ARG G 108 36.30 24.84 5.21
CA ARG G 108 34.95 25.39 5.42
C ARG G 108 35.00 26.73 6.18
N SER G 109 36.07 26.98 6.95
CA SER G 109 36.24 28.21 7.76
C SER G 109 37.72 28.61 7.84
N GLY G 110 38.55 28.23 6.87
CA GLY G 110 40.01 28.44 6.97
C GLY G 110 40.71 28.58 5.63
N PHE G 111 41.92 29.15 5.66
CA PHE G 111 42.92 29.15 4.56
C PHE G 111 44.30 28.84 5.15
N TYR G 112 45.04 27.97 4.48
CA TYR G 112 46.35 27.42 4.93
C TYR G 112 47.35 27.51 3.79
N ALA G 113 48.65 27.63 4.09
CA ALA G 113 49.73 27.74 3.09
C ALA G 113 51.08 27.39 3.72
N ASP G 114 51.87 26.57 3.02
CA ASP G 114 53.31 26.32 3.30
C ASP G 114 54.13 27.47 2.68
N LEU G 115 54.94 28.15 3.49
CA LEU G 115 55.88 29.21 3.05
C LEU G 115 57.31 28.67 3.09
N THR G 116 58.13 29.03 2.10
CA THR G 116 59.60 28.77 2.06
C THR G 116 60.33 30.08 1.73
N LEU G 117 61.56 30.23 2.24
CA LEU G 117 62.50 31.31 1.84
C LEU G 117 62.47 31.46 0.30
N ALA G 118 62.16 32.66 -0.19
CA ALA G 118 62.03 32.99 -1.63
C ALA G 118 63.42 33.18 -2.26
N GLY G 119 64.48 33.17 -1.47
CA GLY G 119 65.87 33.34 -1.95
C GLY G 119 66.89 33.01 -0.87
N PRO G 120 68.18 33.33 -1.10
CA PRO G 120 69.23 33.08 -0.10
C PRO G 120 69.02 33.88 1.20
N ALA G 121 69.36 33.25 2.34
CA ALA G 121 69.20 33.77 3.72
C ALA G 121 69.99 35.08 3.88
N CYS G 122 69.44 36.04 4.63
CA CYS G 122 70.11 37.30 5.04
C CYS G 122 70.67 37.16 6.46
N ASN G 123 69.90 36.52 7.34
CA ASN G 123 70.27 36.22 8.75
C ASN G 123 70.73 37.50 9.48
N VAL G 124 70.04 38.62 9.25
CA VAL G 124 70.40 39.96 9.80
C VAL G 124 70.47 39.90 11.33
N PHE G 125 69.49 39.28 11.98
CA PHE G 125 69.31 39.33 13.46
C PHE G 125 68.96 37.94 13.98
N GLY G 126 69.76 36.95 13.59
CA GLY G 126 69.52 35.51 13.85
C GLY G 126 69.36 34.75 12.54
N THR G 127 69.05 33.45 12.63
CA THR G 127 68.96 32.52 11.48
C THR G 127 67.54 32.59 10.90
N ASP G 128 67.41 32.93 9.61
CA ASP G 128 66.13 32.87 8.85
C ASP G 128 65.63 31.42 8.91
N LEU G 129 64.38 31.22 9.34
CA LEU G 129 63.72 29.89 9.30
C LEU G 129 63.49 29.54 7.84
N PRO G 130 63.98 28.37 7.36
CA PRO G 130 63.77 27.96 5.96
C PRO G 130 62.29 27.84 5.58
N ASP G 131 61.44 27.35 6.49
CA ASP G 131 60.01 27.04 6.22
C ASP G 131 59.12 27.57 7.35
N LEU G 132 57.95 28.11 6.98
CA LEU G 132 56.89 28.60 7.90
C LEU G 132 55.54 27.97 7.50
N LYS G 133 54.55 28.07 8.37
CA LYS G 133 53.11 27.80 8.05
C LYS G 133 52.35 29.14 8.11
N LEU G 134 51.40 29.32 7.20
CA LEU G 134 50.30 30.32 7.33
C LEU G 134 49.03 29.56 7.71
N GLU G 135 48.37 29.98 8.79
CA GLU G 135 47.06 29.45 9.24
C GLU G 135 46.09 30.62 9.37
N VAL G 136 44.95 30.55 8.69
CA VAL G 136 43.89 31.60 8.71
C VAL G 136 42.58 30.92 9.13
N GLU G 137 42.05 31.27 10.31
CA GLU G 137 40.78 30.74 10.84
C GLU G 137 39.74 31.86 10.86
N TYR G 138 38.66 31.72 10.09
CA TYR G 138 37.41 32.50 10.25
C TYR G 138 36.67 31.92 11.46
N GLN G 139 36.92 32.47 12.65
CA GLN G 139 36.40 31.94 13.93
C GLN G 139 34.93 32.35 14.08
N THR G 140 34.67 33.66 14.18
CA THR G 140 33.30 34.25 14.15
C THR G 140 33.24 35.22 12.95
N SER G 141 32.06 35.78 12.68
CA SER G 141 31.85 36.83 11.65
C SER G 141 32.60 38.11 12.04
N ASP G 142 33.05 38.20 13.30
CA ASP G 142 33.73 39.40 13.88
C ASP G 142 35.24 39.20 13.97
N ARG G 143 35.70 37.97 14.20
CA ARG G 143 37.11 37.67 14.60
C ARG G 143 37.78 36.72 13.60
N LEU G 144 38.81 37.23 12.90
CA LEU G 144 39.68 36.47 11.96
C LEU G 144 41.03 36.18 12.64
N HIS G 145 41.44 34.92 12.69
CA HIS G 145 42.73 34.46 13.23
C HIS G 145 43.70 34.23 12.07
N VAL G 146 44.78 35.03 12.03
CA VAL G 146 45.88 34.91 11.05
C VAL G 146 47.17 34.63 11.83
N LYS G 147 47.75 33.45 11.62
CA LYS G 147 48.96 32.97 12.34
C LYS G 147 50.01 32.56 11.31
N ILE G 148 51.19 33.20 11.38
CA ILE G 148 52.43 32.77 10.64
C ILE G 148 53.42 32.27 11.70
N LEU G 149 53.72 30.97 11.67
CA LEU G 149 54.56 30.28 12.69
C LEU G 149 55.55 29.32 12.00
N ASP G 150 56.40 28.69 12.79
CA ASP G 150 57.39 27.67 12.36
C ASP G 150 56.63 26.38 11.97
N THR G 151 57.36 25.37 11.51
CA THR G 151 56.81 24.14 10.89
C THR G 151 56.60 23.04 11.94
N ASN G 152 57.41 23.01 13.00
CA ASN G 152 57.48 21.87 13.96
C ASN G 152 57.28 22.35 15.41
N ASN G 153 56.51 23.42 15.64
CA ASN G 153 56.06 23.87 16.98
C ASN G 153 57.24 23.90 17.97
N THR G 154 58.34 24.55 17.58
CA THR G 154 59.56 24.72 18.42
C THR G 154 59.64 26.17 18.93
N VAL G 155 59.40 27.14 18.05
CA VAL G 155 59.40 28.60 18.39
C VAL G 155 58.44 28.79 19.57
N TYR G 156 58.80 29.66 20.52
CA TYR G 156 58.01 29.99 21.72
C TYR G 156 56.64 30.50 21.27
N GLN G 157 55.58 30.09 21.99
CA GLN G 157 54.22 30.67 21.87
C GLN G 157 53.70 30.89 23.30
N VAL G 158 52.90 31.94 23.50
CA VAL G 158 52.40 32.29 24.84
C VAL G 158 51.66 31.06 25.36
N PRO G 159 52.02 30.52 26.55
CA PRO G 159 51.35 29.34 27.08
C PRO G 159 49.82 29.49 27.21
N ASP G 160 49.08 28.43 26.90
CA ASP G 160 47.61 28.34 27.05
C ASP G 160 47.20 28.68 28.49
N SER G 161 48.05 28.34 29.46
CA SER G 161 47.92 28.64 30.91
C SER G 161 47.63 30.12 31.13
N VAL G 162 48.48 30.98 30.57
CA VAL G 162 48.58 32.43 30.88
C VAL G 162 47.53 33.19 30.05
N PHE G 163 47.24 32.72 28.84
CA PHE G 163 46.29 33.33 27.88
C PHE G 163 45.54 32.23 27.13
N PRO G 164 44.42 31.70 27.69
CA PRO G 164 43.58 30.73 26.98
C PRO G 164 43.01 31.37 25.70
N ARG G 165 43.03 30.63 24.59
CA ARG G 165 42.68 31.15 23.25
C ARG G 165 41.16 31.16 23.09
N PRO G 166 40.62 32.10 22.28
CA PRO G 166 39.22 32.05 21.86
C PRO G 166 39.05 31.10 20.68
N GLY G 167 37.81 30.79 20.30
CA GLY G 167 37.49 30.09 19.05
C GLY G 167 37.27 28.60 19.22
N PHE G 168 37.19 28.11 20.46
CA PHE G 168 36.86 26.68 20.72
C PHE G 168 35.40 26.45 20.36
N GLY G 169 35.13 25.44 19.54
CA GLY G 169 33.77 25.06 19.08
C GLY G 169 33.18 26.09 18.15
N GLU G 170 33.97 27.07 17.69
CA GLU G 170 33.51 28.20 16.86
C GLU G 170 34.08 28.07 15.45
N TRP G 171 33.26 28.30 14.44
CA TRP G 171 33.70 28.46 13.03
C TRP G 171 32.67 29.27 12.25
N CYS G 172 33.12 29.89 11.15
CA CYS G 172 32.35 30.89 10.35
C CYS G 172 32.72 30.70 8.88
N SER G 173 31.72 30.59 8.00
CA SER G 173 31.92 30.48 6.53
C SER G 173 32.55 31.78 6.03
N PRO G 174 33.65 31.72 5.25
CA PRO G 174 34.37 32.92 4.82
C PRO G 174 33.45 34.08 4.39
N LYS G 175 32.42 33.80 3.60
CA LYS G 175 31.50 34.83 3.03
C LYS G 175 30.58 35.41 4.10
N ASP G 176 30.42 34.73 5.25
CA ASP G 176 29.59 35.20 6.40
C ASP G 176 30.45 36.02 7.37
N SER G 177 31.76 36.15 7.11
CA SER G 177 32.70 36.98 7.93
C SER G 177 32.67 38.44 7.47
N LYS G 178 32.75 39.38 8.42
CA LYS G 178 32.82 40.84 8.15
C LYS G 178 34.18 41.19 7.52
N LEU G 179 35.21 40.39 7.83
CA LEU G 179 36.60 40.57 7.31
C LEU G 179 36.91 39.46 6.28
N LYS G 180 37.66 39.82 5.24
CA LYS G 180 38.12 38.91 4.15
C LYS G 180 39.65 38.85 4.14
N PHE G 181 40.23 37.65 4.07
CA PHE G 181 41.69 37.40 3.95
C PHE G 181 42.04 37.16 2.48
N ASP G 182 43.02 37.91 1.97
CA ASP G 182 43.59 37.76 0.61
C ASP G 182 45.12 37.69 0.74
N PHE G 183 45.77 36.94 -0.13
CA PHE G 183 47.24 36.72 -0.11
C PHE G 183 47.78 36.82 -1.53
N GLN G 184 49.09 37.06 -1.65
CA GLN G 184 49.88 36.86 -2.89
C GLN G 184 50.96 35.82 -2.59
N ALA G 185 51.09 34.82 -3.46
CA ALA G 185 51.99 33.66 -3.31
C ALA G 185 53.45 34.13 -3.30
N ASP G 186 53.82 35.00 -4.25
CA ASP G 186 55.23 35.31 -4.59
C ASP G 186 55.32 36.73 -5.16
N PRO G 187 55.88 37.72 -4.44
CA PRO G 187 56.37 37.53 -3.06
C PRO G 187 55.19 37.34 -2.08
N PHE G 188 55.41 36.60 -0.99
CA PHE G 188 54.34 36.35 0.01
C PHE G 188 53.98 37.68 0.69
N SER G 189 52.71 38.04 0.59
CA SER G 189 52.05 39.17 1.30
C SER G 189 50.58 38.79 1.53
N PHE G 190 49.92 39.42 2.50
CA PHE G 190 48.49 39.20 2.78
C PHE G 190 47.81 40.53 3.07
N THR G 191 46.48 40.51 3.01
CA THR G 191 45.58 41.67 3.18
C THR G 191 44.35 41.22 3.97
N VAL G 192 43.95 42.02 4.98
CA VAL G 192 42.64 41.91 5.67
C VAL G 192 41.78 43.09 5.19
N SER G 193 40.62 42.78 4.61
CA SER G 193 39.67 43.79 4.06
C SER G 193 38.28 43.57 4.65
N ARG G 194 37.41 44.58 4.61
CA ARG G 194 35.96 44.45 4.91
C ARG G 194 35.30 43.75 3.73
N THR G 195 34.53 42.70 4.01
CA THR G 195 33.82 41.86 3.01
C THR G 195 32.77 42.69 2.26
N ASP G 196 32.13 43.66 2.93
CA ASP G 196 31.01 44.45 2.37
C ASP G 196 31.54 45.55 1.46
N THR G 197 32.43 46.42 1.97
CA THR G 197 32.93 47.64 1.27
C THR G 197 34.20 47.34 0.46
N GLY G 198 34.99 46.35 0.85
CA GLY G 198 36.26 45.98 0.19
C GLY G 198 37.45 46.77 0.71
N GLU G 199 37.25 47.66 1.68
CA GLU G 199 38.29 48.56 2.25
C GLU G 199 39.40 47.72 2.90
N VAL G 200 40.66 48.02 2.57
CA VAL G 200 41.87 47.33 3.13
C VAL G 200 42.13 47.89 4.53
N LEU G 201 42.23 47.01 5.54
CA LEU G 201 42.49 47.36 6.97
C LEU G 201 43.96 47.08 7.33
N PHE G 202 44.53 46.00 6.77
CA PHE G 202 45.90 45.50 7.03
C PHE G 202 46.45 44.97 5.70
N ASP G 203 47.72 45.27 5.40
CA ASP G 203 48.29 45.13 4.03
C ASP G 203 49.81 45.11 4.10
N THR G 204 50.43 43.96 3.82
CA THR G 204 51.90 43.75 3.78
C THR G 204 52.40 43.71 2.33
N THR G 205 51.53 44.02 1.36
CA THR G 205 51.87 44.09 -0.09
C THR G 205 53.12 44.97 -0.28
N GLY G 206 54.16 44.43 -0.92
CA GLY G 206 55.43 45.14 -1.22
C GLY G 206 56.36 45.22 -0.02
N ASN G 207 56.03 44.57 1.09
CA ASN G 207 56.81 44.63 2.36
C ASN G 207 57.32 43.22 2.67
N LYS G 208 58.62 43.10 2.99
CA LYS G 208 59.31 41.81 3.22
C LYS G 208 58.85 41.23 4.56
N LEU G 209 58.37 39.98 4.55
CA LEU G 209 58.27 39.13 5.76
C LEU G 209 59.68 38.62 6.09
N VAL G 210 60.19 38.94 7.28
CA VAL G 210 61.45 38.37 7.84
C VAL G 210 61.06 37.58 9.09
N PHE G 211 61.47 36.32 9.17
CA PHE G 211 61.16 35.39 10.29
C PHE G 211 62.44 34.65 10.68
N GLU G 212 63.10 35.12 11.74
CA GLU G 212 64.41 34.62 12.21
C GLU G 212 64.27 34.12 13.65
N SER G 213 65.28 33.38 14.13
CA SER G 213 65.34 32.79 15.49
C SER G 213 65.11 33.88 16.55
N GLN G 214 65.52 35.12 16.27
CA GLN G 214 65.53 36.24 17.24
C GLN G 214 64.92 37.52 16.65
N TYR G 215 64.29 37.45 15.47
CA TYR G 215 63.78 38.65 14.77
C TYR G 215 62.65 38.28 13.82
N VAL G 216 61.45 38.78 14.11
CA VAL G 216 60.24 38.69 13.26
C VAL G 216 59.82 40.12 12.91
N TYR G 217 59.68 40.39 11.62
CA TYR G 217 59.36 41.72 11.04
C TYR G 217 58.16 41.59 10.10
N LEU G 218 57.10 42.35 10.39
CA LEU G 218 55.90 42.52 9.51
C LEU G 218 55.55 44.02 9.48
N LYS G 219 55.29 44.55 8.29
CA LYS G 219 54.96 45.98 8.05
C LYS G 219 53.64 46.07 7.30
N THR G 220 52.68 46.85 7.82
CA THR G 220 51.37 47.10 7.16
C THR G 220 51.33 48.53 6.63
N HIS G 221 50.74 48.71 5.44
CA HIS G 221 50.26 50.01 4.92
C HIS G 221 49.13 50.48 5.86
N LEU G 222 48.94 51.80 5.97
CA LEU G 222 47.83 52.45 6.69
C LEU G 222 47.32 53.62 5.86
N PRO G 223 46.07 54.08 6.06
CA PRO G 223 45.61 55.30 5.39
C PRO G 223 46.52 56.46 5.82
N GLN G 224 46.58 57.49 4.99
CA GLN G 224 47.28 58.76 5.31
C GLN G 224 46.62 59.37 6.56
N ASN G 225 47.43 59.81 7.52
CA ASN G 225 46.98 60.43 8.79
C ASN G 225 46.00 59.49 9.49
N PRO G 226 46.45 58.30 9.94
CA PRO G 226 45.59 57.34 10.61
C PRO G 226 45.29 57.72 12.06
N HIS G 227 44.29 57.07 12.67
CA HIS G 227 43.90 57.24 14.10
C HIS G 227 44.05 55.89 14.80
N LEU G 228 45.20 55.68 15.45
CA LEU G 228 45.55 54.42 16.17
C LEU G 228 45.56 54.68 17.68
N TYR G 229 45.21 53.66 18.46
CA TYR G 229 45.11 53.71 19.95
C TYR G 229 45.61 52.38 20.53
N GLY G 230 46.45 52.45 21.56
CA GLY G 230 46.87 51.28 22.35
C GLY G 230 48.37 51.03 22.21
N LEU G 231 48.75 49.75 22.14
CA LEU G 231 50.16 49.29 22.04
C LEU G 231 50.95 49.82 23.24
N GLY G 232 50.30 49.93 24.41
CA GLY G 232 50.93 50.36 25.67
C GLY G 232 51.50 49.16 26.42
N GLU G 233 51.67 49.28 27.75
CA GLU G 233 51.36 50.47 28.52
C GLU G 233 52.34 51.59 28.15
N HIS G 234 51.82 52.73 27.70
CA HIS G 234 52.61 53.96 27.38
C HIS G 234 52.00 55.16 28.10
N SER G 235 52.69 56.31 28.06
CA SER G 235 52.28 57.60 28.68
C SER G 235 52.25 58.72 27.62
N ASP G 236 52.18 58.34 26.34
CA ASP G 236 52.15 59.27 25.17
C ASP G 236 50.70 59.67 24.88
N ALA G 237 50.49 60.48 23.85
CA ALA G 237 49.17 60.85 23.31
C ALA G 237 48.35 59.57 23.07
N PHE G 238 47.06 59.59 23.46
CA PHE G 238 46.11 58.46 23.35
C PHE G 238 46.00 58.03 21.89
N MET G 239 45.73 58.99 21.00
CA MET G 239 45.85 58.80 19.55
C MET G 239 47.34 58.86 19.19
N LEU G 240 47.89 57.74 18.69
CA LEU G 240 49.35 57.54 18.53
C LEU G 240 49.91 58.52 17.49
N ASN G 241 51.09 59.05 17.78
CA ASN G 241 51.94 59.76 16.78
C ASN G 241 52.06 58.87 15.54
N THR G 242 52.08 59.48 14.35
CA THR G 242 52.11 58.77 13.05
C THR G 242 53.43 59.04 12.31
N THR G 243 54.28 59.94 12.84
CA THR G 243 55.61 60.29 12.27
C THR G 243 56.72 59.96 13.28
N ASN G 244 57.78 59.28 12.82
CA ASN G 244 59.00 58.94 13.61
C ASN G 244 58.60 58.61 15.06
N TYR G 245 57.68 57.65 15.23
CA TYR G 245 57.14 57.23 16.55
C TYR G 245 57.58 55.80 16.84
N THR G 246 58.37 55.63 17.90
CA THR G 246 58.84 54.34 18.46
C THR G 246 57.94 53.95 19.63
N ARG G 247 57.28 52.79 19.54
CA ARG G 247 56.53 52.15 20.66
C ARG G 247 57.21 50.84 21.00
N THR G 248 57.89 50.78 22.15
CA THR G 248 58.61 49.59 22.64
C THR G 248 57.76 48.87 23.69
N ILE G 249 57.44 47.60 23.43
CA ILE G 249 56.67 46.74 24.37
C ILE G 249 57.64 45.75 25.02
N TYR G 250 58.05 46.08 26.24
CA TYR G 250 58.89 45.22 27.12
C TYR G 250 58.66 45.74 28.55
N THR G 251 58.18 44.89 29.46
CA THR G 251 57.80 45.29 30.83
C THR G 251 59.06 45.72 31.57
N ARG G 252 59.02 46.85 32.27
CA ARG G 252 60.23 47.41 32.94
C ARG G 252 59.82 48.43 34.01
N ASP G 253 60.67 48.57 35.02
CA ASP G 253 60.53 49.49 36.18
C ASP G 253 60.88 50.91 35.70
N ALA G 254 59.90 51.64 35.17
CA ALA G 254 60.07 52.94 34.49
C ALA G 254 59.59 54.08 35.39
N TYR G 255 60.40 54.46 36.39
CA TYR G 255 60.13 55.58 37.33
C TYR G 255 59.85 56.84 36.52
N GLY G 256 58.82 57.60 36.92
CA GLY G 256 58.38 58.84 36.27
C GLY G 256 57.61 58.57 34.99
N THR G 257 57.15 57.33 34.79
CA THR G 257 56.36 56.87 33.60
C THR G 257 56.76 57.69 32.38
N PRO G 258 58.02 57.60 31.90
CA PRO G 258 58.53 58.54 30.92
C PRO G 258 57.85 58.35 29.56
N GLN G 259 57.46 59.46 28.92
CA GLN G 259 56.88 59.48 27.55
C GLN G 259 57.91 58.91 26.59
N GLY G 260 57.46 58.25 25.52
CA GLY G 260 58.30 57.70 24.43
C GLY G 260 59.20 56.57 24.90
N GLU G 261 58.84 55.89 26.01
CA GLU G 261 59.64 54.78 26.61
C GLU G 261 58.72 53.64 27.01
N ASN G 262 59.27 52.42 27.11
CA ASN G 262 58.55 51.20 27.56
C ASN G 262 58.30 51.33 29.06
N LEU G 263 57.06 51.14 29.50
CA LEU G 263 56.64 51.20 30.92
C LEU G 263 56.33 49.79 31.43
N TYR G 264 55.47 49.68 32.44
CA TYR G 264 55.36 48.49 33.33
C TYR G 264 54.64 47.33 32.65
N GLY G 265 53.67 47.60 31.77
CA GLY G 265 52.75 46.60 31.18
C GLY G 265 53.01 46.37 29.71
N ALA G 266 52.44 45.30 29.15
CA ALA G 266 52.60 44.89 27.73
C ALA G 266 51.24 44.55 27.14
N HIS G 267 50.76 45.34 26.17
CA HIS G 267 49.40 45.24 25.58
C HIS G 267 49.48 45.41 24.06
N PRO G 268 49.84 44.33 23.31
CA PRO G 268 50.01 44.41 21.87
C PRO G 268 48.70 44.46 21.05
N ILE G 269 47.76 45.31 21.47
CA ILE G 269 46.45 45.56 20.79
C ILE G 269 46.47 47.02 20.31
N TYR G 270 46.05 47.28 19.07
CA TYR G 270 45.75 48.66 18.60
C TYR G 270 44.34 48.69 17.99
N PHE G 271 43.59 49.74 18.35
CA PHE G 271 42.32 50.14 17.69
C PHE G 271 42.70 51.05 16.51
N ASP G 272 42.08 50.81 15.36
CA ASP G 272 42.29 51.57 14.11
C ASP G 272 40.96 52.25 13.77
N HIS G 273 40.80 53.52 14.15
CA HIS G 273 39.53 54.25 13.96
C HIS G 273 39.55 55.00 12.63
N ARG G 274 38.52 54.77 11.81
CA ARG G 274 38.30 55.38 10.49
C ARG G 274 36.87 55.92 10.45
N GLN G 275 36.57 56.83 9.52
CA GLN G 275 35.20 57.40 9.34
C GLN G 275 34.26 56.29 8.85
N THR G 276 34.81 55.28 8.15
CA THR G 276 34.07 54.11 7.60
C THR G 276 33.79 53.04 8.68
N GLY G 277 34.47 53.11 9.84
CA GLY G 277 34.34 52.12 10.93
C GLY G 277 35.61 51.96 11.73
N THR G 278 35.53 51.25 12.87
CA THR G 278 36.67 50.89 13.75
C THR G 278 36.94 49.38 13.62
N HIS G 279 38.21 48.98 13.76
CA HIS G 279 38.65 47.56 13.85
C HIS G 279 39.80 47.46 14.86
N GLY G 280 40.12 46.24 15.29
CA GLY G 280 41.22 45.93 16.21
C GLY G 280 42.21 44.97 15.56
N VAL G 281 43.49 45.11 15.93
CA VAL G 281 44.60 44.21 15.51
C VAL G 281 45.35 43.81 16.78
N PHE G 282 45.18 42.57 17.22
CA PHE G 282 45.81 42.00 18.45
C PHE G 282 46.91 41.02 18.05
N LEU G 283 48.13 41.22 18.56
CA LEU G 283 49.28 40.31 18.38
C LEU G 283 49.53 39.54 19.70
N LEU G 284 49.11 38.27 19.76
CA LEU G 284 49.33 37.41 20.96
C LEU G 284 50.79 36.96 20.98
N ASN G 285 51.67 37.83 21.46
CA ASN G 285 53.15 37.67 21.47
C ASN G 285 53.72 38.40 22.70
N SER G 286 54.42 37.68 23.57
CA SER G 286 54.95 38.18 24.87
C SER G 286 56.44 38.52 24.79
N ASN G 287 57.02 38.55 23.59
CA ASN G 287 58.45 38.91 23.36
C ASN G 287 58.57 40.44 23.29
N GLY G 288 59.73 40.96 23.70
CA GLY G 288 60.10 42.37 23.48
C GLY G 288 59.90 42.74 22.02
N MET G 289 59.47 43.96 21.74
CA MET G 289 59.26 44.39 20.34
C MET G 289 59.32 45.92 20.25
N ASP G 290 59.97 46.42 19.19
CA ASP G 290 59.87 47.82 18.74
C ASP G 290 58.80 47.86 17.65
N ILE G 291 57.71 48.58 17.90
CA ILE G 291 56.72 49.00 16.88
C ILE G 291 57.12 50.42 16.44
N PHE G 292 57.13 50.65 15.12
CA PHE G 292 57.53 51.96 14.51
C PHE G 292 56.44 52.39 13.54
N ILE G 293 55.89 53.59 13.76
CA ILE G 293 54.81 54.22 12.95
C ILE G 293 55.39 55.48 12.30
N ASP G 294 55.43 55.53 10.97
CA ASP G 294 56.12 56.59 10.20
C ASP G 294 55.43 56.77 8.83
N ASN G 295 55.75 57.86 8.13
CA ASN G 295 55.06 58.34 6.90
C ASN G 295 56.06 58.59 5.77
N ASN G 296 57.24 57.94 5.79
CA ASN G 296 58.25 58.00 4.70
C ASN G 296 57.70 57.31 3.45
N ALA G 297 57.37 58.09 2.41
CA ALA G 297 56.73 57.67 1.14
C ALA G 297 55.23 57.42 1.40
N THR G 298 54.89 56.34 2.11
CA THR G 298 53.51 55.99 2.53
C THR G 298 53.46 55.92 4.06
N GLN G 299 52.25 56.04 4.63
CA GLN G 299 51.98 55.73 6.05
C GLN G 299 52.12 54.22 6.25
N TYR G 300 52.86 53.80 7.27
CA TYR G 300 52.98 52.36 7.65
C TYR G 300 53.12 52.22 9.16
N LEU G 301 52.88 51.01 9.65
CA LEU G 301 53.26 50.53 11.00
C LEU G 301 53.99 49.20 10.83
N GLU G 302 55.13 49.03 11.48
CA GLU G 302 55.92 47.77 11.44
C GLU G 302 56.09 47.22 12.87
N TYR G 303 56.16 45.90 12.98
CA TYR G 303 56.57 45.16 14.20
C TYR G 303 58.02 44.71 14.05
N ASN G 304 58.84 44.96 15.07
CA ASN G 304 60.19 44.36 15.24
C ASN G 304 60.16 43.56 16.54
N ILE G 305 59.93 42.25 16.44
CA ILE G 305 59.72 41.32 17.59
C ILE G 305 60.95 40.41 17.67
N ILE G 306 61.51 40.22 18.87
CA ILE G 306 62.80 39.50 19.08
C ILE G 306 62.55 38.01 19.36
N GLY G 307 61.32 37.53 19.14
CA GLY G 307 60.99 36.11 19.24
C GLY G 307 59.53 35.82 18.97
N GLY G 308 59.14 34.57 19.24
CA GLY G 308 57.75 34.09 19.10
C GLY G 308 57.33 34.04 17.65
N VAL G 309 56.02 34.02 17.42
CA VAL G 309 55.40 33.92 16.07
C VAL G 309 54.54 35.15 15.83
N LEU G 310 54.01 35.29 14.60
CA LEU G 310 53.02 36.33 14.24
C LEU G 310 51.64 35.73 14.46
N ASP G 311 51.09 35.93 15.66
CA ASP G 311 49.79 35.34 16.10
C ASP G 311 48.78 36.48 16.24
N PHE G 312 48.07 36.78 15.16
CA PHE G 312 47.14 37.93 15.01
C PHE G 312 45.69 37.45 15.13
N TYR G 313 44.89 38.23 15.87
CA TYR G 313 43.42 38.23 15.79
C TYR G 313 42.98 39.60 15.26
N PHE G 314 42.27 39.60 14.13
CA PHE G 314 41.61 40.79 13.54
C PHE G 314 40.16 40.79 13.99
N ILE G 315 39.68 41.93 14.50
CA ILE G 315 38.30 42.13 15.01
C ILE G 315 37.68 43.34 14.30
N ALA G 316 36.44 43.16 13.80
CA ALA G 316 35.83 43.91 12.68
C ALA G 316 35.12 45.20 13.15
N GLY G 317 34.87 45.34 14.45
CA GLY G 317 33.93 46.37 14.94
C GLY G 317 32.54 46.12 14.34
N PRO G 318 31.93 47.05 13.57
CA PRO G 318 32.58 48.29 13.11
C PRO G 318 32.53 49.52 14.04
N SER G 319 31.86 49.44 15.19
CA SER G 319 31.83 50.56 16.18
C SER G 319 33.01 50.41 17.15
N PRO G 320 33.44 51.49 17.82
CA PRO G 320 34.51 51.40 18.81
C PRO G 320 34.17 50.40 19.92
N ARG G 321 32.95 50.46 20.45
CA ARG G 321 32.43 49.53 21.51
C ARG G 321 32.43 48.09 20.98
N ASP G 322 32.02 47.89 19.72
CA ASP G 322 32.03 46.56 19.04
C ASP G 322 33.44 45.95 19.16
N VAL G 323 34.47 46.72 18.78
CA VAL G 323 35.89 46.27 18.83
C VAL G 323 36.24 45.92 20.29
N ALA G 324 35.85 46.76 21.25
CA ALA G 324 36.14 46.58 22.69
C ALA G 324 35.49 45.29 23.17
N ILE G 325 34.19 45.13 22.87
CA ILE G 325 33.38 43.91 23.17
C ILE G 325 34.07 42.71 22.51
N GLN G 326 34.51 42.86 21.26
CA GLN G 326 35.12 41.76 20.45
C GLN G 326 36.47 41.36 21.04
N TYR G 327 37.24 42.32 21.58
CA TYR G 327 38.57 42.09 22.20
C TYR G 327 38.38 41.33 23.53
N ALA G 328 37.29 41.59 24.24
CA ALA G 328 36.95 40.94 25.53
C ALA G 328 36.67 39.45 25.31
N GLU G 329 36.23 39.06 24.11
CA GLU G 329 36.05 37.63 23.71
C GLU G 329 37.42 36.95 23.68
N ILE G 330 38.47 37.70 23.36
CA ILE G 330 39.88 37.20 23.26
C ILE G 330 40.52 37.22 24.66
N THR G 331 40.55 38.38 25.33
CA THR G 331 41.16 38.55 26.69
C THR G 331 40.33 37.80 27.75
N GLN G 332 39.03 37.70 27.53
CA GLN G 332 37.99 37.33 28.53
C GLN G 332 37.54 38.62 29.22
N THR G 333 36.27 38.66 29.65
CA THR G 333 35.66 39.81 30.34
C THR G 333 36.44 40.08 31.63
N PRO G 334 36.63 41.35 32.00
CA PRO G 334 37.33 41.68 33.26
C PRO G 334 36.57 41.17 34.48
N LEU G 335 37.29 40.81 35.54
CA LEU G 335 36.69 40.42 36.85
C LEU G 335 35.88 41.61 37.38
N MET G 336 34.77 41.33 38.06
CA MET G 336 33.92 42.36 38.71
C MET G 336 34.64 42.85 39.97
N THR G 337 34.47 44.14 40.29
CA THR G 337 35.13 44.86 41.40
C THR G 337 34.20 44.92 42.62
N PRO G 338 34.74 44.91 43.86
CA PRO G 338 33.91 45.19 45.04
C PRO G 338 33.48 46.66 45.06
N TYR G 339 32.26 46.91 45.55
CA TYR G 339 31.61 48.24 45.64
C TYR G 339 32.48 49.20 46.46
N TRP G 340 32.90 48.78 47.66
CA TRP G 340 33.70 49.60 48.61
C TRP G 340 35.04 50.01 47.97
N GLY G 341 35.53 49.21 47.01
CA GLY G 341 36.76 49.50 46.25
C GLY G 341 36.69 50.84 45.55
N LEU G 342 35.51 51.23 45.06
CA LEU G 342 35.29 52.49 44.30
C LEU G 342 35.42 53.71 45.22
N GLY G 343 35.45 53.48 46.54
CA GLY G 343 35.67 54.54 47.54
C GLY G 343 37.08 55.07 47.48
N TYR G 344 37.31 56.25 48.09
CA TYR G 344 38.62 56.95 48.07
C TYR G 344 39.66 56.14 48.87
N HIS G 345 40.87 56.06 48.30
CA HIS G 345 42.05 55.32 48.83
C HIS G 345 43.13 56.34 49.21
N GLN G 346 43.79 56.15 50.35
CA GLN G 346 44.93 56.98 50.81
C GLN G 346 46.11 56.07 51.14
N CYS G 347 47.28 56.38 50.57
CA CYS G 347 48.56 55.65 50.80
C CYS G 347 49.71 56.65 50.89
N LYS G 348 50.81 56.24 51.50
CA LYS G 348 52.12 56.90 51.36
C LYS G 348 53.23 55.86 51.55
N TYR G 349 54.28 55.97 50.74
CA TYR G 349 55.61 55.39 51.01
C TYR G 349 56.25 56.33 52.05
N GLY G 350 56.51 55.86 53.26
CA GLY G 350 57.13 56.66 54.34
C GLY G 350 56.33 56.69 55.63
N TYR G 351 55.07 56.22 55.64
CA TYR G 351 54.27 56.02 56.89
C TYR G 351 55.08 55.09 57.79
N GLN G 352 55.60 55.64 58.90
CA GLN G 352 56.77 55.06 59.62
C GLN G 352 56.31 54.01 60.65
N ASP G 353 55.06 54.07 61.11
CA ASP G 353 54.55 53.17 62.18
C ASP G 353 53.01 53.15 62.19
N VAL G 354 52.44 52.26 62.99
CA VAL G 354 50.97 52.09 63.23
C VAL G 354 50.34 53.44 63.62
N TYR G 355 51.05 54.24 64.42
CA TYR G 355 50.55 55.55 64.94
C TYR G 355 50.20 56.48 63.78
N GLU G 356 51.12 56.65 62.83
CA GLU G 356 50.96 57.60 61.69
C GLU G 356 49.75 57.18 60.83
N VAL G 357 49.58 55.88 60.56
CA VAL G 357 48.48 55.37 59.71
C VAL G 357 47.15 55.69 60.41
N ALA G 358 47.06 55.45 61.73
CA ALA G 358 45.91 55.80 62.58
C ALA G 358 45.63 57.31 62.52
N ALA G 359 46.67 58.14 62.61
CA ALA G 359 46.59 59.62 62.63
C ALA G 359 46.01 60.14 61.31
N VAL G 360 46.41 59.54 60.19
CA VAL G 360 45.94 59.91 58.82
C VAL G 360 44.42 59.69 58.75
N VAL G 361 43.95 58.53 59.18
CA VAL G 361 42.53 58.12 59.15
C VAL G 361 41.71 59.12 59.99
N ALA G 362 42.12 59.39 61.23
CA ALA G 362 41.43 60.30 62.17
C ALA G 362 41.38 61.73 61.59
N ASN G 363 42.44 62.15 60.90
CA ASN G 363 42.58 63.52 60.34
C ASN G 363 41.68 63.69 59.11
N TYR G 364 41.33 62.60 58.42
CA TYR G 364 40.35 62.61 57.30
C TYR G 364 38.95 62.90 57.87
N SER G 365 38.53 62.17 58.90
CA SER G 365 37.18 62.26 59.50
C SER G 365 37.01 63.59 60.25
N THR G 366 38.06 64.07 60.91
CA THR G 366 38.10 65.39 61.62
C THR G 366 37.86 66.52 60.61
N ASN G 367 38.40 66.38 59.39
CA ASN G 367 38.32 67.41 58.33
C ASN G 367 37.15 67.12 57.38
N ASN G 368 36.29 66.16 57.74
CA ASN G 368 35.03 65.85 57.01
C ASN G 368 35.36 65.56 55.53
N ILE G 369 36.44 64.83 55.27
CA ILE G 369 36.82 64.31 53.93
C ILE G 369 36.64 62.80 53.96
N PRO G 370 35.66 62.24 53.21
CA PRO G 370 35.47 60.79 53.16
C PRO G 370 36.75 60.03 52.83
N LEU G 371 36.98 58.92 53.56
CA LEU G 371 38.08 57.95 53.34
C LEU G 371 37.50 56.54 53.50
N GLU G 372 37.65 55.70 52.47
CA GLU G 372 37.09 54.32 52.44
C GLU G 372 38.16 53.34 52.88
N THR G 373 39.39 53.53 52.41
CA THR G 373 40.51 52.55 52.52
C THR G 373 41.81 53.31 52.81
N ILE G 374 42.55 52.87 53.83
CA ILE G 374 43.93 53.38 54.14
C ILE G 374 44.91 52.26 53.79
N TRP G 375 46.10 52.63 53.30
CA TRP G 375 47.14 51.70 52.79
C TRP G 375 48.39 51.80 53.67
N THR G 376 49.28 50.81 53.56
CA THR G 376 50.70 50.90 54.00
C THR G 376 51.59 50.23 52.96
N ASP G 377 52.67 50.92 52.58
CA ASP G 377 53.70 50.46 51.61
C ASP G 377 54.69 49.55 52.37
N ILE G 378 55.95 49.52 51.93
CA ILE G 378 57.00 48.54 52.35
C ILE G 378 57.37 48.76 53.83
N ASP G 379 57.00 49.92 54.41
CA ASP G 379 57.36 50.35 55.78
C ASP G 379 56.88 49.36 56.84
N TYR G 380 55.76 48.64 56.61
CA TYR G 380 55.15 47.72 57.60
C TYR G 380 56.08 46.52 57.84
N MET G 381 56.84 46.12 56.82
CA MET G 381 57.70 44.90 56.83
C MET G 381 58.89 45.10 57.75
N ASP G 382 59.45 44.00 58.27
CA ASP G 382 60.75 43.99 58.98
C ASP G 382 61.87 44.19 57.95
N ARG G 383 62.49 45.36 57.95
CA ARG G 383 63.61 45.74 57.03
C ARG G 383 63.22 45.33 55.60
N ARG G 384 61.97 45.61 55.22
CA ARG G 384 61.46 45.55 53.82
C ARG G 384 61.48 44.10 53.30
N ARG G 385 61.33 43.12 54.19
CA ARG G 385 61.21 41.67 53.86
C ARG G 385 59.72 41.30 53.79
N ILE G 386 59.27 40.65 52.70
CA ILE G 386 57.84 40.30 52.50
C ILE G 386 57.47 39.21 53.51
N PHE G 387 56.19 39.19 53.90
CA PHE G 387 55.62 38.21 54.87
C PHE G 387 56.38 38.30 56.20
N THR G 388 56.68 39.52 56.65
CA THR G 388 57.13 39.86 58.02
C THR G 388 56.53 41.21 58.42
N ILE G 389 56.53 41.51 59.72
CA ILE G 389 56.14 42.84 60.29
C ILE G 389 57.29 43.37 61.15
N ASP G 390 57.62 44.65 60.96
CA ASP G 390 58.56 45.40 61.83
C ASP G 390 58.07 45.25 63.28
N PRO G 391 58.80 44.51 64.15
CA PRO G 391 58.31 44.20 65.49
C PRO G 391 58.34 45.42 66.44
N GLU G 392 58.99 46.51 66.04
CA GLU G 392 59.11 47.76 66.83
C GLU G 392 58.03 48.77 66.40
N ARG G 393 57.79 48.91 65.10
CA ARG G 393 56.98 50.01 64.50
C ARG G 393 55.59 49.51 64.05
N PHE G 394 55.46 48.21 63.78
CA PHE G 394 54.18 47.53 63.42
C PHE G 394 54.05 46.23 64.23
N PRO G 395 54.14 46.28 65.58
CA PRO G 395 54.01 45.08 66.41
C PRO G 395 52.61 44.50 66.33
N ALA G 396 52.49 43.16 66.32
CA ALA G 396 51.25 42.40 66.09
C ALA G 396 50.07 43.01 66.88
N ASN G 397 50.26 43.21 68.19
CA ASN G 397 49.19 43.63 69.14
C ASN G 397 48.63 44.99 68.70
N LEU G 398 49.48 45.95 68.35
CA LEU G 398 49.08 47.33 67.97
C LEU G 398 48.58 47.35 66.52
N TYR G 399 49.14 46.49 65.67
CA TYR G 399 48.73 46.33 64.24
C TYR G 399 47.27 45.85 64.22
N LYS G 400 46.94 44.87 65.07
CA LYS G 400 45.54 44.37 65.22
C LYS G 400 44.63 45.55 65.60
N ASP G 401 44.97 46.28 66.67
CA ASP G 401 44.16 47.41 67.20
C ASP G 401 43.89 48.41 66.07
N LEU G 402 44.88 48.66 65.21
CA LEU G 402 44.77 49.56 64.03
C LEU G 402 43.74 48.98 63.04
N VAL G 403 43.85 47.70 62.69
CA VAL G 403 42.99 47.06 61.66
C VAL G 403 41.57 46.91 62.23
N ASP G 404 41.44 46.38 63.45
CA ASP G 404 40.14 46.25 64.18
C ASP G 404 39.42 47.60 64.20
N THR G 405 40.12 48.69 64.50
CA THR G 405 39.55 50.05 64.61
C THR G 405 39.16 50.58 63.22
N ILE G 406 39.98 50.32 62.21
CA ILE G 406 39.68 50.67 60.79
C ILE G 406 38.40 49.94 60.36
N HIS G 407 38.29 48.65 60.68
CA HIS G 407 37.13 47.79 60.34
C HIS G 407 35.90 48.21 61.16
N ALA G 408 36.08 48.65 62.41
CA ALA G 408 35.01 49.17 63.29
C ALA G 408 34.34 50.38 62.64
N ARG G 409 35.13 51.22 61.97
CA ARG G 409 34.69 52.47 61.30
C ARG G 409 34.11 52.18 59.91
N ASP G 410 34.00 50.89 59.52
CA ASP G 410 33.52 50.43 58.19
C ASP G 410 34.48 50.92 57.09
N GLN G 411 35.78 51.01 57.40
CA GLN G 411 36.86 51.34 56.43
C GLN G 411 37.66 50.05 56.15
N HIS G 412 38.57 50.13 55.17
CA HIS G 412 39.29 48.94 54.63
C HIS G 412 40.80 49.18 54.72
N TYR G 413 41.60 48.13 54.56
CA TYR G 413 43.07 48.15 54.74
C TYR G 413 43.76 47.31 53.65
N ILE G 414 44.74 47.91 52.98
CA ILE G 414 45.54 47.30 51.86
C ILE G 414 47.02 47.53 52.15
N VAL G 415 47.86 46.52 51.90
CA VAL G 415 49.35 46.64 52.01
C VAL G 415 50.00 46.08 50.75
N MET G 416 51.24 46.50 50.50
CA MET G 416 52.06 46.14 49.30
C MET G 416 52.73 44.79 49.54
N VAL G 417 52.72 43.92 48.52
CA VAL G 417 53.58 42.71 48.40
C VAL G 417 54.36 42.80 47.09
N ASP G 418 55.57 42.24 47.07
CA ASP G 418 56.46 42.18 45.88
C ASP G 418 57.01 40.77 45.79
N PRO G 419 57.63 40.37 44.66
CA PRO G 419 58.06 38.98 44.47
C PRO G 419 59.40 38.65 45.14
N ALA G 420 60.24 39.66 45.39
CA ALA G 420 61.60 39.51 45.96
C ALA G 420 61.51 38.92 47.38
N VAL G 421 62.13 37.76 47.58
CA VAL G 421 62.19 37.00 48.87
C VAL G 421 63.62 37.04 49.40
N TYR G 422 63.85 37.72 50.53
CA TYR G 422 65.15 37.90 51.22
C TYR G 422 65.74 36.52 51.57
N TYR G 423 67.01 36.27 51.25
CA TYR G 423 67.66 34.93 51.42
C TYR G 423 68.88 34.98 52.36
N LYS G 424 69.29 36.16 52.80
CA LYS G 424 70.50 36.36 53.66
C LYS G 424 70.21 35.90 55.10
N GLU G 425 68.95 35.97 55.54
CA GLU G 425 68.51 35.61 56.91
C GLU G 425 67.23 34.77 56.83
N SER G 426 66.96 33.95 57.85
CA SER G 426 65.77 33.06 57.96
C SER G 426 64.49 33.91 58.02
N ASN G 427 63.51 33.61 57.17
CA ASN G 427 62.16 34.24 57.15
C ASN G 427 61.20 33.29 56.45
N PRO G 428 59.93 33.18 56.91
CA PRO G 428 58.99 32.18 56.38
C PRO G 428 58.97 32.10 54.84
N ALA G 429 59.03 33.25 54.16
CA ALA G 429 58.95 33.39 52.69
C ALA G 429 60.10 32.61 52.03
N LEU G 430 61.31 32.75 52.58
CA LEU G 430 62.51 32.00 52.12
C LEU G 430 62.36 30.53 52.49
N ASP G 431 62.23 30.25 53.80
CA ASP G 431 62.28 28.88 54.38
C ASP G 431 61.35 27.95 53.59
N GLU G 432 60.09 28.34 53.43
CA GLU G 432 59.04 27.55 52.70
C GLU G 432 59.33 27.56 51.19
N GLY G 433 59.76 28.69 50.65
CA GLY G 433 60.17 28.81 49.23
C GLY G 433 61.20 27.75 48.86
N LEU G 434 62.19 27.54 49.73
CA LEU G 434 63.28 26.54 49.55
C LEU G 434 62.71 25.12 49.74
N ARG G 435 61.81 24.94 50.72
CA ARG G 435 61.17 23.62 51.01
C ARG G 435 60.39 23.16 49.77
N TYR G 436 59.56 24.04 49.18
CA TYR G 436 58.74 23.73 47.98
C TYR G 436 59.62 23.74 46.73
N ASP G 437 60.74 24.47 46.77
CA ASP G 437 61.79 24.50 45.70
C ASP G 437 61.24 25.27 44.49
N ILE G 438 60.75 26.50 44.72
CA ILE G 438 59.90 27.24 43.75
C ILE G 438 60.60 28.50 43.24
N PHE G 439 61.89 28.69 43.55
CA PHE G 439 62.68 29.86 43.10
C PHE G 439 63.27 29.57 41.73
N MET G 440 63.38 30.63 40.90
CA MET G 440 64.10 30.63 39.61
C MET G 440 65.59 30.36 39.89
N LYS G 441 66.22 29.52 39.06
CA LYS G 441 67.59 29.00 39.26
C LYS G 441 68.42 29.23 38.00
N GLU G 442 69.75 29.34 38.15
CA GLU G 442 70.69 29.41 37.00
C GLU G 442 70.89 28.00 36.45
N ASN G 443 71.75 27.86 35.44
CA ASN G 443 72.12 26.58 34.78
C ASN G 443 72.70 25.60 35.80
N ASN G 444 73.56 26.07 36.72
CA ASN G 444 74.27 25.22 37.72
C ASN G 444 73.29 24.65 38.76
N GLY G 445 72.01 25.09 38.74
CA GLY G 445 70.92 24.53 39.56
C GLY G 445 70.70 25.30 40.86
N SER G 446 71.59 26.24 41.21
CA SER G 446 71.50 27.06 42.45
C SER G 446 70.45 28.17 42.25
N GLU G 447 69.92 28.71 43.36
CA GLU G 447 68.86 29.74 43.35
C GLU G 447 69.41 31.02 42.70
N TYR G 448 68.67 31.62 41.76
CA TYR G 448 69.07 32.88 41.07
C TYR G 448 69.05 34.03 42.08
N GLN G 449 70.10 34.86 42.05
CA GLN G 449 70.36 35.94 43.03
C GLN G 449 70.16 37.29 42.37
N GLY G 450 69.31 38.13 42.95
CA GLY G 450 69.21 39.57 42.64
C GLY G 450 69.35 40.38 43.91
N VAL G 451 69.08 41.68 43.84
CA VAL G 451 68.94 42.58 45.03
C VAL G 451 67.76 43.52 44.75
N VAL G 452 66.83 43.59 45.71
CA VAL G 452 65.74 44.61 45.76
C VAL G 452 65.76 45.22 47.18
N TRP G 453 64.62 45.56 47.78
CA TRP G 453 64.59 46.48 48.95
C TRP G 453 65.12 45.80 50.23
N ALA G 454 64.90 44.50 50.40
CA ALA G 454 65.34 43.74 51.60
C ALA G 454 66.86 43.51 51.56
N GLY G 455 67.46 43.55 50.37
CA GLY G 455 68.86 43.16 50.09
C GLY G 455 68.90 41.98 49.11
N PRO G 456 69.91 41.09 49.19
CA PRO G 456 69.96 39.90 48.34
C PRO G 456 68.65 39.09 48.41
N SER G 457 68.02 38.84 47.26
CA SER G 457 66.68 38.22 47.13
C SER G 457 66.66 37.15 46.03
N HIS G 458 65.73 36.19 46.17
CA HIS G 458 65.34 35.21 45.12
C HIS G 458 63.99 35.67 44.54
N PHE G 459 63.61 35.12 43.39
CA PHE G 459 62.35 35.44 42.68
C PHE G 459 61.61 34.13 42.40
N PRO G 460 60.38 33.93 42.95
CA PRO G 460 59.62 32.71 42.71
C PRO G 460 59.43 32.42 41.22
N ASP G 461 59.28 31.14 40.88
CA ASP G 461 58.98 30.64 39.51
C ASP G 461 57.48 30.32 39.44
N TRP G 462 56.70 31.17 38.78
CA TRP G 462 55.22 31.04 38.70
C TRP G 462 54.84 29.90 37.75
N PHE G 463 55.78 29.33 36.99
CA PHE G 463 55.59 28.12 36.16
C PHE G 463 55.67 26.85 37.03
N HIS G 464 56.31 26.93 38.19
CA HIS G 464 56.46 25.77 39.12
C HIS G 464 55.07 25.32 39.57
N PRO G 465 54.74 24.01 39.47
CA PRO G 465 53.41 23.52 39.83
C PRO G 465 53.04 23.66 41.33
N ASP G 466 54.02 23.96 42.20
CA ASP G 466 53.83 24.15 43.66
C ASP G 466 53.92 25.64 44.02
N SER G 467 54.06 26.52 43.03
CA SER G 467 54.21 27.98 43.22
C SER G 467 52.92 28.55 43.81
N GLN G 468 51.76 28.07 43.36
CA GLN G 468 50.42 28.55 43.80
C GLN G 468 50.18 28.15 45.26
N GLN G 469 50.54 26.91 45.62
CA GLN G 469 50.40 26.41 47.02
C GLN G 469 51.32 27.24 47.93
N TYR G 470 52.60 27.34 47.58
CA TYR G 470 53.61 28.14 48.32
C TYR G 470 53.01 29.52 48.62
N TRP G 471 52.51 30.18 47.58
CA TRP G 471 52.08 31.61 47.62
C TRP G 471 50.81 31.73 48.47
N SER G 472 49.80 30.92 48.21
CA SER G 472 48.52 30.93 48.98
C SER G 472 48.83 30.71 50.47
N GLU G 473 49.67 29.71 50.78
CA GLU G 473 50.04 29.33 52.17
C GLU G 473 50.75 30.50 52.86
N GLN G 474 51.63 31.21 52.16
CA GLN G 474 52.30 32.44 52.69
C GLN G 474 51.23 33.43 53.15
N PHE G 475 50.20 33.68 52.33
CA PHE G 475 49.10 34.63 52.62
C PHE G 475 48.26 34.12 53.81
N LEU G 476 47.91 32.83 53.81
CA LEU G 476 47.07 32.20 54.86
C LEU G 476 47.76 32.31 56.24
N ALA G 477 49.10 32.21 56.28
CA ALA G 477 49.90 32.20 57.52
C ALA G 477 50.18 33.63 58.01
N PHE G 478 50.19 34.62 57.11
CA PHE G 478 50.68 35.99 57.38
C PHE G 478 49.51 36.95 57.67
N PHE G 479 48.58 37.10 56.72
CA PHE G 479 47.53 38.15 56.74
C PHE G 479 46.33 37.69 57.59
N ASP G 480 46.57 37.20 58.80
CA ASP G 480 45.54 36.48 59.61
C ASP G 480 45.12 37.30 60.85
N GLY G 481 45.71 38.48 61.08
CA GLY G 481 45.41 39.34 62.24
C GLY G 481 46.42 39.18 63.36
N THR G 482 47.07 38.01 63.46
CA THR G 482 48.04 37.64 64.53
C THR G 482 49.47 37.87 64.02
N ASN G 483 49.83 37.21 62.92
CA ASN G 483 51.20 37.25 62.32
C ASN G 483 51.35 38.48 61.43
N GLY G 484 50.24 39.07 61.00
CA GLY G 484 50.21 40.26 60.13
C GLY G 484 48.80 40.79 59.94
N PRO G 485 48.58 41.81 59.08
CA PRO G 485 47.28 42.46 58.97
C PRO G 485 46.21 41.66 58.20
N ASP G 486 44.98 41.67 58.72
CA ASP G 486 43.77 41.12 58.07
C ASP G 486 43.31 42.09 56.98
N ILE G 487 44.05 42.14 55.86
CA ILE G 487 43.82 43.07 54.72
C ILE G 487 42.55 42.66 53.98
N ASP G 488 41.90 43.62 53.30
CA ASP G 488 40.59 43.46 52.62
C ASP G 488 40.79 43.39 51.10
N ALA G 489 41.96 43.81 50.63
CA ALA G 489 42.41 43.75 49.22
C ALA G 489 43.94 43.84 49.21
N LEU G 490 44.57 43.66 48.04
CA LEU G 490 46.04 43.54 47.91
C LEU G 490 46.57 44.62 46.95
N TRP G 491 47.80 45.06 47.20
CA TRP G 491 48.62 45.91 46.31
C TRP G 491 49.85 45.10 45.89
N ILE G 492 50.10 44.96 44.59
CA ILE G 492 51.31 44.29 44.04
C ILE G 492 52.18 45.33 43.35
N ASP G 493 53.45 45.43 43.77
CA ASP G 493 54.47 46.36 43.22
C ASP G 493 55.70 45.56 42.80
N MET G 494 56.49 46.12 41.88
CA MET G 494 57.85 45.64 41.52
C MET G 494 57.78 44.19 41.01
N ASN G 495 56.78 43.89 40.18
CA ASN G 495 56.44 42.52 39.72
C ASN G 495 56.89 42.31 38.27
N GLU G 496 57.73 43.22 37.73
CA GLU G 496 58.22 43.20 36.33
C GLU G 496 59.05 41.94 36.03
N PRO G 497 59.89 41.41 36.95
CA PRO G 497 60.14 41.96 38.28
C PRO G 497 61.20 43.06 38.34
N ALA G 498 61.15 43.89 39.38
CA ALA G 498 62.18 44.89 39.71
C ALA G 498 63.37 44.17 40.33
N ASN G 499 64.58 44.49 39.86
CA ASN G 499 65.86 43.94 40.37
C ASN G 499 66.90 45.08 40.34
N PHE G 500 67.21 45.65 41.50
CA PHE G 500 68.13 46.81 41.65
C PHE G 500 69.55 46.38 41.25
N TYR G 501 69.88 45.10 41.47
CA TYR G 501 71.23 44.49 41.28
C TYR G 501 71.71 44.69 39.84
N ASN G 502 70.81 44.56 38.85
CA ASN G 502 71.14 44.76 37.42
C ASN G 502 71.05 46.26 37.10
N ARG G 503 71.96 47.06 37.69
CA ARG G 503 72.07 48.53 37.45
C ARG G 503 73.54 48.94 37.43
N PRO G 504 74.25 48.71 36.30
CA PRO G 504 73.73 47.91 35.19
C PRO G 504 73.96 46.41 35.41
N TYR G 505 73.47 45.58 34.48
CA TYR G 505 73.80 44.14 34.36
C TYR G 505 75.28 44.02 33.98
N PRO G 506 76.05 43.02 34.48
CA PRO G 506 75.60 42.06 35.48
C PRO G 506 76.03 42.45 36.91
N GLY G 507 75.06 42.53 37.82
CA GLY G 507 75.26 42.74 39.27
C GLY G 507 76.07 43.97 39.61
N ASN G 508 76.22 44.93 38.69
CA ASN G 508 77.13 46.09 38.82
C ASN G 508 78.56 45.59 39.04
N ASN G 509 78.89 44.40 38.50
CA ASN G 509 80.23 43.76 38.54
C ASN G 509 80.72 43.65 40.00
N THR G 510 79.82 43.36 40.94
CA THR G 510 80.13 43.11 42.37
C THR G 510 79.16 42.04 42.88
N THR G 511 79.20 41.71 44.17
CA THR G 511 78.36 40.65 44.81
C THR G 511 76.99 41.23 45.14
N PRO G 512 75.96 40.39 45.42
CA PRO G 512 74.68 40.88 45.94
C PRO G 512 74.84 41.67 47.25
N GLU G 513 75.71 41.20 48.15
CA GLU G 513 75.92 41.74 49.52
C GLU G 513 76.54 43.15 49.41
N ASN G 514 77.56 43.32 48.59
CA ASN G 514 78.27 44.62 48.41
C ASN G 514 77.30 45.61 47.76
N PHE G 515 76.58 45.19 46.71
CA PHE G 515 75.57 46.01 46.00
C PHE G 515 74.50 46.49 47.00
N ALA G 516 73.96 45.56 47.80
CA ALA G 516 72.98 45.84 48.87
C ALA G 516 73.50 46.95 49.79
N GLU G 517 74.72 46.77 50.32
CA GLU G 517 75.34 47.67 51.32
C GLU G 517 75.44 49.09 50.75
N VAL G 518 76.01 49.21 49.55
CA VAL G 518 76.31 50.51 48.86
C VAL G 518 74.99 51.17 48.43
N ASP G 519 74.08 50.41 47.81
CA ASP G 519 72.79 50.91 47.28
C ASP G 519 71.85 51.28 48.43
N GLY G 520 72.03 50.65 49.60
CA GLY G 520 71.22 50.90 50.81
C GLY G 520 69.95 50.04 50.82
N ASP G 521 70.12 48.73 50.67
CA ASP G 521 69.03 47.71 50.68
C ASP G 521 69.26 46.72 51.82
N PRO G 522 68.59 46.86 52.98
CA PRO G 522 67.58 47.90 53.21
C PRO G 522 68.16 49.16 53.84
N PRO G 523 67.46 50.32 53.73
CA PRO G 523 67.91 51.54 54.39
C PRO G 523 67.52 51.52 55.88
N ALA G 524 68.15 52.38 56.68
CA ALA G 524 67.82 52.58 58.11
C ALA G 524 66.38 53.11 58.22
N ALA G 525 65.52 52.42 58.97
CA ALA G 525 64.17 52.90 59.33
C ALA G 525 64.31 54.12 60.23
N PRO G 526 63.35 55.07 60.22
CA PRO G 526 63.43 56.27 61.06
C PRO G 526 63.46 55.87 62.56
N ALA G 527 63.94 56.78 63.41
CA ALA G 527 64.02 56.61 64.88
C ALA G 527 62.65 56.15 65.40
N VAL G 528 62.64 55.14 66.29
CA VAL G 528 61.40 54.61 66.92
C VAL G 528 60.78 55.75 67.74
N ARG G 529 59.48 55.98 67.56
CA ARG G 529 58.69 57.03 68.26
C ARG G 529 57.95 56.40 69.44
N ASP G 530 57.65 57.20 70.47
CA ASP G 530 56.89 56.80 71.68
C ASP G 530 55.39 56.83 71.36
N GLY G 531 55.00 57.48 70.26
CA GLY G 531 53.62 57.55 69.76
C GLY G 531 53.47 58.62 68.68
N PRO G 532 52.22 58.96 68.29
CA PRO G 532 51.99 59.96 67.23
C PRO G 532 52.37 61.39 67.64
N ASP G 533 52.32 62.32 66.67
CA ASP G 533 52.56 63.78 66.84
C ASP G 533 51.60 64.36 67.89
N ALA G 534 50.30 64.06 67.73
CA ALA G 534 49.17 64.64 68.48
C ALA G 534 48.22 63.51 68.89
N PRO G 535 47.20 63.78 69.74
CA PRO G 535 46.17 62.79 70.03
C PRO G 535 45.47 62.34 68.74
N ILE G 536 45.01 61.08 68.71
CA ILE G 536 44.26 60.46 67.58
C ILE G 536 42.83 60.24 68.04
N PRO G 537 41.89 61.18 67.77
CA PRO G 537 40.49 61.01 68.15
C PRO G 537 39.85 59.74 67.58
N GLY G 538 39.12 59.00 68.42
CA GLY G 538 38.31 57.83 68.04
C GLY G 538 39.14 56.58 67.85
N PHE G 539 40.43 56.61 68.20
CA PHE G 539 41.39 55.47 68.09
C PHE G 539 41.88 55.08 69.49
N PRO G 540 42.02 53.77 69.78
CA PRO G 540 42.36 53.30 71.13
C PRO G 540 43.55 53.99 71.82
N ALA G 541 43.60 53.91 73.14
CA ALA G 541 44.71 54.41 74.00
C ALA G 541 46.04 53.78 73.57
N SER G 542 46.02 52.48 73.23
CA SER G 542 47.19 51.67 72.83
C SER G 542 47.95 52.31 71.65
N LEU G 543 47.27 53.10 70.81
CA LEU G 543 47.84 53.74 69.60
C LEU G 543 48.21 55.21 69.89
N GLN G 544 48.20 55.64 71.15
CA GLN G 544 48.62 57.00 71.57
C GLN G 544 49.02 56.98 73.04
N PRO G 545 50.00 56.13 73.44
CA PRO G 545 50.35 55.94 74.84
C PRO G 545 51.03 57.19 75.44
N ASN G 546 51.62 58.02 74.57
CA ASN G 546 52.29 59.30 74.90
C ASN G 546 51.26 60.42 75.10
N TRP G 547 49.95 60.13 74.97
CA TRP G 547 48.85 61.10 75.19
C TRP G 547 47.82 60.53 76.18
N VAL G 548 48.30 59.79 77.20
CA VAL G 548 47.47 59.13 78.26
C VAL G 548 48.02 59.53 79.64
N SER H 1 24.02 31.34 50.38
CA SER H 1 23.91 30.48 49.15
C SER H 1 24.27 31.29 47.90
N ARG H 2 24.36 30.61 46.75
CA ARG H 2 24.91 31.15 45.48
C ARG H 2 23.90 30.97 44.35
N ARG H 3 22.69 31.52 44.52
CA ARG H 3 21.55 31.35 43.57
C ARG H 3 21.80 32.15 42.29
N ASN H 4 22.35 33.36 42.40
CA ASN H 4 22.52 34.32 41.27
C ASN H 4 21.14 34.63 40.69
N LEU H 5 20.16 34.85 41.57
CA LEU H 5 18.74 35.10 41.21
C LEU H 5 18.62 36.51 40.65
N GLY H 6 18.11 36.63 39.42
CA GLY H 6 17.79 37.92 38.77
C GLY H 6 18.87 38.40 37.83
N ALA H 7 19.90 37.58 37.58
CA ALA H 7 21.06 37.90 36.72
C ALA H 7 20.84 37.36 35.31
N GLY H 8 21.56 37.91 34.33
CA GLY H 8 21.67 37.36 32.96
C GLY H 8 21.09 38.27 31.88
N HIS H 9 20.42 39.36 32.27
CA HIS H 9 19.65 40.25 31.35
C HIS H 9 20.60 41.04 30.44
N TRP H 10 21.85 41.23 30.86
CA TRP H 10 22.84 42.10 30.15
C TRP H 10 24.00 41.28 29.57
N LYS H 11 23.99 39.96 29.74
CA LYS H 11 25.01 39.02 29.18
C LYS H 11 25.06 39.20 27.65
N SER H 12 26.26 39.05 27.08
CA SER H 12 26.54 39.24 25.63
C SER H 12 25.97 38.07 24.83
N PRO H 13 25.61 38.26 23.54
CA PRO H 13 25.27 37.14 22.67
C PRO H 13 26.37 36.07 22.63
N LYS H 14 26.16 34.96 23.34
CA LYS H 14 27.13 33.84 23.48
C LYS H 14 27.35 33.17 22.12
N GLY H 15 28.60 33.14 21.64
CA GLY H 15 28.99 32.61 20.32
C GLY H 15 28.46 31.20 20.10
N LYS H 16 28.22 30.82 18.83
CA LYS H 16 27.66 29.51 18.44
C LYS H 16 28.68 28.40 18.71
N VAL H 17 28.64 27.79 19.90
CA VAL H 17 29.60 26.75 20.38
C VAL H 17 29.15 25.38 19.86
N ASP H 18 30.10 24.48 19.60
CA ASP H 18 29.90 23.13 19.03
C ASP H 18 31.14 22.29 19.28
N PRO H 19 31.25 21.60 20.45
CA PRO H 19 32.49 20.91 20.84
C PRO H 19 32.87 19.70 19.98
N ARG H 20 31.94 19.19 19.16
CA ARG H 20 32.22 18.20 18.10
C ARG H 20 33.24 18.82 17.13
N ALA H 21 33.03 20.09 16.76
CA ALA H 21 33.93 20.90 15.88
C ALA H 21 35.26 21.15 16.61
N GLY H 22 35.22 21.37 17.93
CA GLY H 22 36.41 21.57 18.78
C GLY H 22 37.27 22.72 18.29
N TRP H 23 38.59 22.59 18.40
CA TRP H 23 39.58 23.54 17.82
C TRP H 23 39.71 23.25 16.32
N GLN H 24 39.65 24.30 15.49
CA GLN H 24 39.89 24.20 14.02
C GLN H 24 41.28 23.60 13.75
N ASN H 25 42.29 23.98 14.54
CA ASN H 25 43.71 23.58 14.35
C ASN H 25 43.86 22.06 14.50
N GLY H 26 42.89 21.40 15.12
CA GLY H 26 42.79 19.93 15.19
C GLY H 26 43.50 19.34 16.40
N LYS H 27 44.02 20.20 17.29
CA LYS H 27 44.79 19.81 18.49
C LYS H 27 43.88 19.90 19.72
N GLN H 28 44.40 19.51 20.89
CA GLN H 28 43.65 19.47 22.18
C GLN H 28 43.85 20.78 22.96
N THR H 29 44.66 21.71 22.43
CA THR H 29 44.99 23.01 23.06
C THR H 29 44.83 24.15 22.04
N GLY H 30 44.47 25.34 22.51
CA GLY H 30 44.15 26.51 21.67
C GLY H 30 45.36 27.02 20.89
N SER H 31 46.54 26.93 21.50
CA SER H 31 47.84 27.36 20.89
C SER H 31 48.24 26.42 19.74
N GLY H 32 47.66 25.21 19.71
CA GLY H 32 48.08 24.11 18.83
C GLY H 32 49.38 23.49 19.30
N CYS H 33 49.79 23.79 20.54
CA CYS H 33 51.06 23.32 21.17
C CYS H 33 50.76 22.29 22.26
N GLY H 34 51.31 21.08 22.12
CA GLY H 34 51.36 20.06 23.19
C GLY H 34 52.19 20.53 24.37
N PRO H 35 52.22 19.78 25.50
CA PRO H 35 52.85 20.24 26.74
C PRO H 35 54.38 20.33 26.69
N ASN H 36 55.03 19.64 25.74
CA ASN H 36 56.51 19.60 25.57
C ASN H 36 56.90 20.43 24.34
N GLU H 37 55.97 21.20 23.77
CA GLU H 37 56.15 21.93 22.49
C GLU H 37 56.13 23.44 22.73
N CYS H 38 56.65 24.20 21.75
CA CYS H 38 56.59 25.68 21.69
C CYS H 38 57.26 26.28 22.94
N LYS H 39 58.44 25.76 23.30
CA LYS H 39 59.23 26.18 24.49
C LYS H 39 60.37 27.14 24.10
N GLY H 40 60.66 27.28 22.80
CA GLY H 40 61.64 28.24 22.26
C GLY H 40 62.81 27.56 21.57
N LEU H 41 63.45 28.23 20.60
CA LEU H 41 64.60 27.69 19.82
C LEU H 41 65.86 27.73 20.68
N PRO H 42 66.73 26.69 20.62
CA PRO H 42 67.99 26.69 21.36
C PRO H 42 69.02 27.57 20.65
N ASN H 43 70.20 27.74 21.26
CA ASN H 43 71.40 28.42 20.69
C ASN H 43 71.16 29.94 20.56
N ARG H 44 70.23 30.49 21.34
CA ARG H 44 69.87 31.94 21.29
C ARG H 44 70.70 32.74 22.31
N HIS H 45 70.99 34.00 21.96
CA HIS H 45 71.56 35.04 22.86
C HIS H 45 70.42 35.66 23.68
N LEU H 46 70.24 35.23 24.94
CA LEU H 46 69.04 35.54 25.75
C LEU H 46 69.22 36.82 26.59
N ILE H 47 70.46 37.30 26.79
CA ILE H 47 70.76 38.55 27.56
C ILE H 47 70.80 39.75 26.61
N ARG H 48 71.68 39.69 25.61
CA ARG H 48 71.86 40.74 24.57
C ARG H 48 71.63 40.11 23.20
N PRO H 49 70.40 40.22 22.65
CA PRO H 49 70.05 39.57 21.39
C PRO H 49 70.60 40.31 20.17
N PRO H 50 70.69 39.64 19.00
CA PRO H 50 71.20 40.26 17.77
C PRO H 50 70.48 41.56 17.41
N TYR H 51 69.15 41.56 17.42
CA TYR H 51 68.31 42.78 17.37
C TYR H 51 67.95 43.17 18.81
N MET H 52 68.42 44.33 19.27
CA MET H 52 68.11 44.86 20.62
C MET H 52 67.03 45.94 20.49
N ILE H 53 65.93 45.79 21.22
CA ILE H 53 64.81 46.76 21.28
C ILE H 53 65.30 48.03 21.98
N GLN H 54 64.55 49.13 21.84
CA GLN H 54 64.81 50.43 22.53
C GLN H 54 64.39 50.31 24.00
N ASN H 55 65.14 49.54 24.78
CA ASN H 55 64.86 49.31 26.23
C ASN H 55 65.43 50.48 27.04
N GLY H 56 64.56 51.31 27.63
CA GLY H 56 64.94 52.44 28.49
C GLY H 56 65.72 51.99 29.73
N ALA H 57 65.60 50.73 30.13
CA ALA H 57 66.27 50.15 31.33
C ALA H 57 67.79 50.08 31.14
N GLY H 58 68.26 49.84 29.91
CA GLY H 58 69.70 49.77 29.59
C GLY H 58 70.01 48.87 28.39
N PRO H 59 71.30 48.52 28.16
CA PRO H 59 71.74 47.94 26.90
C PRO H 59 71.30 46.49 26.64
N THR H 60 70.94 45.76 27.70
CA THR H 60 70.51 44.33 27.66
C THR H 60 69.04 44.23 28.06
N LEU H 61 68.47 43.02 27.98
CA LEU H 61 67.08 42.70 28.41
C LEU H 61 67.02 42.60 29.94
N ALA H 62 68.17 42.40 30.59
CA ALA H 62 68.30 42.01 32.02
C ALA H 62 68.39 43.24 32.93
N ASP H 63 68.65 44.44 32.38
CA ASP H 63 68.85 45.67 33.20
C ASP H 63 67.57 45.96 34.00
N SER H 64 67.72 46.19 35.31
CA SER H 64 66.64 46.57 36.26
C SER H 64 65.59 45.46 36.41
N THR H 65 65.89 44.23 35.97
CA THR H 65 64.98 43.05 36.05
C THR H 65 65.80 41.76 36.16
N ALA H 66 65.12 40.60 36.11
CA ALA H 66 65.73 39.26 36.24
C ALA H 66 66.45 38.89 34.94
N ASP H 67 67.65 38.31 35.05
CA ASP H 67 68.44 37.74 33.93
C ASP H 67 67.47 36.99 33.02
N THR H 68 67.59 37.19 31.70
CA THR H 68 66.62 36.70 30.67
C THR H 68 67.02 35.33 30.15
N ASP H 69 68.10 34.72 30.67
CA ASP H 69 68.56 33.36 30.26
C ASP H 69 67.95 32.30 31.16
N LEU H 70 67.35 32.71 32.28
CA LEU H 70 66.84 31.81 33.35
C LEU H 70 65.81 30.84 32.77
N VAL H 71 66.06 29.54 32.90
CA VAL H 71 65.12 28.46 32.47
C VAL H 71 64.17 28.19 33.63
N GLN H 72 62.86 28.25 33.36
CA GLN H 72 61.79 28.06 34.37
C GLN H 72 61.24 26.64 34.20
N SER H 73 60.38 26.21 35.13
CA SER H 73 59.63 24.93 35.07
C SER H 73 58.92 24.83 33.70
N GLY H 74 59.00 23.67 33.05
CA GLY H 74 58.45 23.42 31.70
C GLY H 74 59.42 23.79 30.59
N GLY H 75 60.57 24.40 30.91
CA GLY H 75 61.65 24.73 29.95
C GLY H 75 61.62 26.17 29.46
N TYR H 76 60.60 26.96 29.80
CA TYR H 76 60.39 28.34 29.29
C TYR H 76 61.51 29.26 29.80
N VAL H 77 62.13 30.04 28.89
CA VAL H 77 63.21 31.02 29.25
C VAL H 77 62.58 32.38 29.54
N GLN H 78 63.12 33.08 30.53
CA GLN H 78 62.64 34.40 31.03
C GLN H 78 62.59 35.40 29.86
N TYR H 79 63.55 35.31 28.93
CA TYR H 79 63.60 36.04 27.63
C TYR H 79 62.19 36.12 27.03
N ASP H 80 61.51 34.98 26.95
CA ASP H 80 60.18 34.83 26.28
C ASP H 80 59.04 35.25 27.22
N THR H 81 59.11 34.90 28.51
CA THR H 81 57.98 34.98 29.48
C THR H 81 58.09 36.23 30.37
N HIS H 82 59.14 37.04 30.21
CA HIS H 82 59.41 38.26 31.01
C HIS H 82 58.15 39.12 31.10
N ASN H 83 57.54 39.44 29.94
CA ASN H 83 56.33 40.31 29.85
C ASN H 83 55.14 39.65 30.55
N LEU H 84 55.24 38.37 30.92
CA LEU H 84 54.17 37.59 31.60
C LEU H 84 54.46 37.49 33.11
N TYR H 85 55.69 37.73 33.56
CA TYR H 85 56.07 37.54 34.98
C TYR H 85 55.11 38.33 35.88
N GLY H 86 54.90 39.61 35.57
CA GLY H 86 53.97 40.48 36.31
C GLY H 86 52.55 39.93 36.30
N ALA H 87 52.07 39.49 35.14
CA ALA H 87 50.73 38.92 34.93
C ALA H 87 50.52 37.68 35.80
N MET H 88 51.52 36.78 35.84
CA MET H 88 51.44 35.47 36.53
C MET H 88 51.60 35.62 38.05
N MET H 89 52.33 36.64 38.53
CA MET H 89 52.36 36.99 39.98
C MET H 89 50.97 37.49 40.39
N SER H 90 50.39 38.39 39.59
CA SER H 90 49.03 38.96 39.75
C SER H 90 47.99 37.83 39.85
N SER H 91 48.00 36.89 38.88
CA SER H 91 47.11 35.69 38.85
C SER H 91 47.30 34.87 40.14
N HIS H 92 48.54 34.52 40.47
CA HIS H 92 48.90 33.72 41.68
C HIS H 92 48.38 34.45 42.94
N SER H 93 48.61 35.76 43.02
CA SER H 93 48.26 36.62 44.18
C SER H 93 46.74 36.76 44.32
N HIS H 94 46.00 36.74 43.21
CA HIS H 94 44.51 36.82 43.18
C HIS H 94 43.92 35.56 43.81
N ASN H 95 44.41 34.39 43.39
CA ASN H 95 44.00 33.06 43.91
C ASN H 95 44.32 32.98 45.41
N ALA H 96 45.44 33.55 45.84
CA ALA H 96 45.88 33.58 47.25
C ALA H 96 44.86 34.40 48.07
N MET H 97 44.44 35.54 47.52
CA MET H 97 43.43 36.43 48.16
C MET H 97 42.08 35.71 48.21
N ARG H 98 41.74 34.96 47.16
CA ARG H 98 40.49 34.15 47.11
C ARG H 98 40.59 32.98 48.10
N ALA H 99 41.78 32.39 48.26
CA ALA H 99 42.03 31.28 49.21
C ALA H 99 41.63 31.73 50.62
N ARG H 100 41.97 32.97 51.02
CA ARG H 100 41.79 33.45 52.42
C ARG H 100 40.39 34.04 52.61
N ARG H 101 39.69 34.40 51.52
CA ARG H 101 38.27 34.82 51.52
C ARG H 101 37.56 34.26 50.28
N PRO H 102 37.21 32.95 50.29
CA PRO H 102 36.68 32.27 49.09
C PRO H 102 35.46 32.93 48.43
N ASP H 103 34.55 33.52 49.23
CA ASP H 103 33.23 34.02 48.78
C ASP H 103 33.32 35.47 48.29
N ASP H 104 34.43 36.16 48.57
CA ASP H 104 34.60 37.61 48.29
C ASP H 104 35.36 37.81 46.97
N ARG H 105 34.90 38.77 46.15
CA ARG H 105 35.68 39.31 45.00
C ARG H 105 37.02 39.82 45.53
N ALA H 106 38.14 39.31 44.98
CA ALA H 106 39.51 39.72 45.36
C ALA H 106 39.92 40.93 44.51
N LEU H 107 40.08 42.09 45.15
CA LEU H 107 40.60 43.34 44.51
C LEU H 107 42.13 43.30 44.62
N VAL H 108 42.82 43.38 43.47
CA VAL H 108 44.31 43.40 43.39
C VAL H 108 44.72 44.53 42.45
N ILE H 109 45.40 45.55 43.01
CA ILE H 109 46.01 46.69 42.26
C ILE H 109 47.48 46.31 42.00
N THR H 110 47.81 45.92 40.77
CA THR H 110 49.17 45.45 40.38
C THR H 110 49.81 46.48 39.44
N ARG H 111 51.14 46.44 39.32
CA ARG H 111 51.90 47.34 38.40
C ARG H 111 52.02 46.66 37.02
N SER H 112 52.91 45.68 36.85
CA SER H 112 53.19 45.04 35.54
C SER H 112 52.05 44.08 35.17
N THR H 113 51.54 44.20 33.94
CA THR H 113 50.44 43.37 33.38
C THR H 113 50.78 42.95 31.95
N PHE H 114 50.11 41.90 31.46
CA PHE H 114 50.08 41.51 30.03
C PHE H 114 48.61 41.48 29.59
N ALA H 115 48.36 41.52 28.28
CA ALA H 115 47.01 41.34 27.68
C ALA H 115 46.38 40.09 28.31
N GLY H 116 45.09 40.16 28.64
CA GLY H 116 44.36 39.05 29.29
C GLY H 116 44.25 39.21 30.79
N SER H 117 45.13 40.02 31.41
CA SER H 117 45.30 40.15 32.89
C SER H 117 44.04 40.77 33.53
N GLY H 118 43.25 41.51 32.75
CA GLY H 118 41.98 42.12 33.21
C GLY H 118 41.06 41.11 33.88
N LYS H 119 41.19 39.82 33.53
CA LYS H 119 40.25 38.77 34.00
C LYS H 119 40.45 38.48 35.51
N ASP H 120 41.63 38.75 36.07
CA ASP H 120 41.93 38.42 37.49
C ASP H 120 42.63 39.57 38.25
N VAL H 121 43.01 40.68 37.60
CA VAL H 121 43.77 41.77 38.28
C VAL H 121 43.36 43.16 37.77
N SER H 122 43.49 44.16 38.65
CA SER H 122 43.33 45.61 38.37
C SER H 122 44.71 46.28 38.37
N HIS H 123 44.79 47.55 37.95
CA HIS H 123 46.07 48.26 37.67
C HIS H 123 46.07 49.67 38.28
N TRP H 124 47.22 50.12 38.76
CA TRP H 124 47.51 51.57 38.94
C TRP H 124 48.78 51.90 38.12
N LEU H 125 48.91 53.13 37.65
CA LEU H 125 49.82 53.51 36.54
C LEU H 125 51.26 53.74 37.04
N GLY H 126 51.57 53.31 38.27
CA GLY H 126 52.94 53.28 38.79
C GLY H 126 53.45 54.64 39.22
N ASP H 127 54.77 54.80 39.22
CA ASP H 127 55.51 55.92 39.85
C ASP H 127 55.50 57.15 38.93
N ASN H 128 54.44 57.96 38.99
CA ASN H 128 54.34 59.26 38.27
C ASN H 128 55.06 60.33 39.10
N VAL H 129 54.92 61.61 38.74
CA VAL H 129 55.56 62.75 39.47
C VAL H 129 54.49 63.84 39.70
N SER H 130 54.62 64.57 40.82
CA SER H 130 53.81 65.76 41.17
C SER H 130 54.06 66.88 40.17
N GLY H 131 53.62 66.68 38.92
CA GLY H 131 53.74 67.66 37.81
C GLY H 131 52.51 67.63 36.94
N TRP H 132 52.25 68.74 36.23
CA TRP H 132 51.03 68.93 35.39
C TRP H 132 51.02 67.95 34.21
N LEU H 133 52.20 67.62 33.67
CA LEU H 133 52.39 66.65 32.55
C LEU H 133 51.73 65.32 32.92
N TRP H 134 52.08 64.78 34.09
CA TRP H 134 51.59 63.48 34.61
C TRP H 134 50.09 63.54 34.88
N TYR H 135 49.61 64.70 35.34
CA TYR H 135 48.17 65.01 35.55
C TYR H 135 47.46 64.97 34.19
N GLN H 136 48.08 65.53 33.15
CA GLN H 136 47.50 65.63 31.78
C GLN H 136 47.42 64.23 31.15
N LEU H 137 48.54 63.50 31.12
CA LEU H 137 48.66 62.21 30.39
C LEU H 137 47.85 61.12 31.10
N SER H 138 47.40 61.35 32.35
CA SER H 138 46.61 60.39 33.15
C SER H 138 45.38 59.90 32.36
N ILE H 139 44.73 60.80 31.60
CA ILE H 139 43.49 60.48 30.84
C ILE H 139 43.82 59.53 29.68
N SER H 140 44.93 59.74 28.98
CA SER H 140 45.42 58.81 27.93
C SER H 140 45.56 57.40 28.52
N GLN H 141 46.09 57.31 29.75
CA GLN H 141 46.50 56.04 30.39
C GLN H 141 45.27 55.27 30.89
N ILE H 142 44.35 55.92 31.59
CA ILE H 142 43.10 55.27 32.09
C ILE H 142 42.28 54.77 30.91
N LEU H 143 42.22 55.53 29.81
CA LEU H 143 41.46 55.17 28.58
C LEU H 143 42.10 53.94 27.93
N GLN H 144 43.44 53.89 27.88
CA GLN H 144 44.20 52.71 27.40
C GLN H 144 43.68 51.47 28.14
N PHE H 145 43.64 51.51 29.47
CA PHE H 145 43.37 50.30 30.31
C PHE H 145 41.88 49.97 30.26
N ALA H 146 41.01 50.94 30.56
CA ALA H 146 39.55 50.74 30.69
C ALA H 146 38.89 50.49 29.33
N SER H 147 39.29 51.24 28.30
CA SER H 147 38.64 51.27 26.96
C SER H 147 39.26 50.26 26.00
N LEU H 148 40.57 49.99 26.10
CA LEU H 148 41.32 49.17 25.11
C LEU H 148 41.70 47.81 25.71
N TYR H 149 42.34 47.80 26.89
CA TYR H 149 43.06 46.61 27.42
C TYR H 149 42.14 45.73 28.30
N GLN H 150 40.89 46.14 28.49
CA GLN H 150 39.88 45.37 29.28
C GLN H 150 40.35 45.20 30.72
N ILE H 151 40.93 46.26 31.30
CA ILE H 151 41.26 46.38 32.76
C ILE H 151 40.57 47.66 33.24
N PRO H 152 39.26 47.59 33.60
CA PRO H 152 38.44 48.77 33.82
C PRO H 152 38.83 49.61 35.05
N VAL H 153 39.30 48.97 36.14
CA VAL H 153 39.70 49.65 37.40
C VAL H 153 41.16 50.07 37.25
N VAL H 154 41.40 51.36 37.03
CA VAL H 154 42.73 51.94 36.69
C VAL H 154 42.79 53.38 37.21
N GLY H 155 43.98 53.79 37.66
CA GLY H 155 44.23 55.16 38.13
C GLY H 155 45.71 55.41 38.37
N PRO H 156 46.16 56.68 38.28
CA PRO H 156 47.50 57.05 38.71
C PRO H 156 47.53 57.35 40.21
N ASP H 157 48.71 57.64 40.76
CA ASP H 157 48.88 58.23 42.11
C ASP H 157 48.42 59.68 42.02
N VAL H 158 47.23 59.98 42.54
CA VAL H 158 46.62 61.34 42.57
C VAL H 158 47.56 62.25 43.37
N CYS H 159 47.87 63.43 42.80
CA CYS H 159 48.80 64.49 43.30
C CYS H 159 50.27 64.09 43.06
N GLY H 160 50.53 62.90 42.49
CA GLY H 160 51.84 62.50 41.97
C GLY H 160 52.71 61.85 43.03
N PHE H 161 53.43 60.78 42.66
CA PHE H 161 54.28 59.95 43.55
C PHE H 161 55.57 60.70 43.87
N GLY H 162 56.40 60.94 42.85
CA GLY H 162 57.70 61.63 42.99
C GLY H 162 57.53 63.13 43.18
N GLY H 163 58.51 63.76 43.83
CA GLY H 163 58.57 65.22 44.00
C GLY H 163 57.57 65.72 45.02
N ASN H 164 57.47 67.05 45.15
CA ASN H 164 56.56 67.75 46.11
C ASN H 164 55.45 68.43 45.32
N VAL H 165 54.19 68.04 45.58
CA VAL H 165 53.00 68.60 44.88
C VAL H 165 52.73 70.00 45.44
N THR H 166 52.26 70.91 44.58
CA THR H 166 51.72 72.23 44.95
C THR H 166 50.24 72.05 45.34
N GLU H 167 49.73 72.97 46.17
CA GLU H 167 48.31 73.05 46.61
C GLU H 167 47.38 72.99 45.40
N THR H 168 47.63 73.81 44.38
CA THR H 168 46.71 74.03 43.22
C THR H 168 46.70 72.78 42.34
N LEU H 169 47.87 72.17 42.07
CA LEU H 169 47.95 70.91 41.28
C LEU H 169 47.14 69.83 42.00
N CYS H 170 47.37 69.66 43.31
CA CYS H 170 46.78 68.57 44.12
C CYS H 170 45.25 68.76 44.21
N ALA H 171 44.78 70.01 44.30
CA ALA H 171 43.35 70.38 44.28
C ALA H 171 42.74 70.02 42.92
N ARG H 172 43.45 70.31 41.84
CA ARG H 172 43.06 69.96 40.46
C ARG H 172 43.03 68.43 40.31
N TRP H 173 44.00 67.73 40.88
CA TRP H 173 44.15 66.26 40.75
C TRP H 173 43.07 65.56 41.58
N ALA H 174 42.69 66.13 42.74
CA ALA H 174 41.62 65.63 43.63
C ALA H 174 40.30 65.53 42.86
N THR H 175 39.96 66.58 42.09
CA THR H 175 38.67 66.68 41.35
C THR H 175 38.71 65.76 40.12
N LEU H 176 39.81 65.74 39.36
CA LEU H 176 39.97 64.83 38.18
C LEU H 176 39.99 63.38 38.68
N GLY H 177 40.73 63.13 39.77
CA GLY H 177 40.90 61.80 40.39
C GLY H 177 39.58 61.18 40.82
N SER H 178 38.58 62.00 41.14
CA SER H 178 37.22 61.57 41.54
C SER H 178 36.51 60.87 40.37
N PHE H 179 37.06 60.92 39.14
CA PHE H 179 36.47 60.29 37.93
C PHE H 179 37.40 59.21 37.34
N TYR H 180 38.43 58.79 38.08
CA TYR H 180 39.19 57.54 37.80
C TYR H 180 38.43 56.37 38.42
N THR H 181 38.39 55.19 37.76
CA THR H 181 37.71 53.97 38.29
C THR H 181 38.44 53.48 39.54
N PHE H 182 39.74 53.75 39.64
CA PHE H 182 40.57 53.55 40.85
C PHE H 182 41.05 54.92 41.33
N PHE H 183 40.59 55.34 42.52
CA PHE H 183 40.86 56.68 43.10
C PHE H 183 41.76 56.54 44.32
N ARG H 184 43.01 56.95 44.20
CA ARG H 184 44.05 56.73 45.24
C ARG H 184 45.13 57.83 45.18
N ASN H 185 45.34 58.50 46.31
CA ASN H 185 46.45 59.45 46.58
C ASN H 185 47.63 58.66 47.16
N HIS H 186 48.82 58.78 46.55
CA HIS H 186 50.07 58.08 46.97
C HIS H 186 51.27 58.96 46.64
N ALA H 187 52.35 58.85 47.42
CA ALA H 187 53.55 59.72 47.37
C ALA H 187 54.81 58.95 47.81
N GLU H 188 55.96 59.39 47.33
CA GLU H 188 57.30 58.82 47.63
C GLU H 188 57.66 59.13 49.10
N ILE H 189 58.64 58.42 49.66
CA ILE H 189 59.08 58.54 51.09
C ILE H 189 59.58 59.96 51.38
N TYR H 190 60.22 60.63 50.41
CA TYR H 190 60.86 61.97 50.60
C TYR H 190 59.98 63.09 50.02
N ALA H 191 58.81 62.74 49.49
CA ALA H 191 57.72 63.70 49.16
C ALA H 191 57.12 64.21 50.48
N ASN H 192 56.81 65.50 50.55
CA ASN H 192 56.06 66.10 51.69
C ASN H 192 54.68 65.46 51.74
N PRO H 193 54.03 65.40 52.92
CA PRO H 193 52.67 64.87 53.02
C PRO H 193 51.71 65.59 52.06
N GLN H 194 50.82 64.84 51.42
CA GLN H 194 49.85 65.38 50.43
C GLN H 194 48.48 64.74 50.62
N GLU H 195 48.14 64.36 51.86
CA GLU H 195 46.75 63.99 52.24
C GLU H 195 45.87 65.21 51.94
N PHE H 196 44.59 65.01 51.61
CA PHE H 196 43.70 66.10 51.13
C PHE H 196 43.45 67.14 52.23
N TYR H 197 43.57 66.77 53.51
CA TYR H 197 43.34 67.67 54.67
C TYR H 197 44.54 68.60 54.92
N ARG H 198 45.66 68.42 54.20
CA ARG H 198 46.93 69.17 54.42
C ARG H 198 46.83 70.60 53.87
N TRP H 199 45.88 70.87 52.98
CA TRP H 199 45.60 72.23 52.42
C TRP H 199 44.09 72.47 52.44
N PRO H 200 43.63 73.69 52.78
CA PRO H 200 42.20 73.98 52.80
C PRO H 200 41.58 73.91 51.39
N THR H 201 42.30 74.38 50.37
CA THR H 201 41.88 74.37 48.95
C THR H 201 41.79 72.92 48.44
N VAL H 202 42.76 72.07 48.76
CA VAL H 202 42.79 70.63 48.36
C VAL H 202 41.70 69.87 49.11
N ALA H 203 41.48 70.20 50.39
CA ALA H 203 40.42 69.59 51.25
C ALA H 203 39.04 69.82 50.62
N GLN H 204 38.73 71.07 50.26
CA GLN H 204 37.41 71.46 49.70
C GLN H 204 37.23 70.83 48.31
N ALA H 205 38.26 70.88 47.46
CA ALA H 205 38.30 70.23 46.12
C ALA H 205 37.94 68.74 46.25
N ALA H 206 38.52 68.05 47.25
CA ALA H 206 38.25 66.64 47.60
C ALA H 206 36.79 66.45 48.02
N ARG H 207 36.28 67.26 48.96
CA ARG H 207 34.89 67.18 49.46
C ARG H 207 33.92 67.25 48.28
N ASN H 208 34.20 68.13 47.30
CA ASN H 208 33.39 68.37 46.08
C ASN H 208 33.46 67.13 45.18
N GLY H 209 34.68 66.73 44.80
CA GLY H 209 34.94 65.59 43.89
C GLY H 209 34.34 64.30 44.43
N ILE H 210 34.66 63.95 45.68
CA ILE H 210 34.23 62.67 46.33
C ILE H 210 32.69 62.66 46.40
N SER H 211 32.07 63.79 46.73
CA SER H 211 30.58 63.90 46.79
C SER H 211 29.97 63.53 45.43
N ILE H 212 30.50 64.09 44.33
CA ILE H 212 30.02 63.78 42.95
C ILE H 212 30.26 62.31 42.66
N ARG H 213 31.49 61.84 42.89
CA ARG H 213 31.89 60.42 42.69
C ARG H 213 30.90 59.51 43.41
N TYR H 214 30.60 59.81 44.68
CA TYR H 214 29.82 58.93 45.59
C TYR H 214 28.35 58.93 45.16
N GLN H 215 27.81 60.08 44.75
CA GLN H 215 26.45 60.17 44.14
C GLN H 215 26.41 59.25 42.91
N LEU H 216 27.53 59.14 42.17
CA LEU H 216 27.68 58.33 40.93
C LEU H 216 28.32 56.96 41.19
N LEU H 217 28.41 56.49 42.43
CA LEU H 217 29.19 55.24 42.74
C LEU H 217 28.45 54.01 42.20
N ASP H 218 27.12 53.98 42.27
CA ASP H 218 26.30 52.86 41.74
C ASP H 218 26.32 52.92 40.20
N TYR H 219 26.40 54.12 39.64
CA TYR H 219 26.48 54.42 38.19
C TYR H 219 27.74 53.77 37.58
N ILE H 220 28.91 54.09 38.14
CA ILE H 220 30.23 53.53 37.70
C ILE H 220 30.32 52.05 38.09
N TYR H 221 29.69 51.64 39.21
CA TYR H 221 29.58 50.22 39.64
C TYR H 221 28.83 49.41 38.58
N THR H 222 27.72 49.96 38.10
CA THR H 222 26.86 49.36 37.04
C THR H 222 27.66 49.29 35.73
N ALA H 223 28.38 50.38 35.41
CA ALA H 223 29.22 50.51 34.20
C ALA H 223 30.26 49.38 34.17
N ILE H 224 30.99 49.19 35.29
CA ILE H 224 32.06 48.16 35.44
C ILE H 224 31.42 46.76 35.42
N TYR H 225 30.22 46.60 35.99
CA TYR H 225 29.47 45.32 35.93
C TYR H 225 29.14 44.99 34.46
N LYS H 226 28.69 45.99 33.69
CA LYS H 226 28.33 45.83 32.25
C LYS H 226 29.59 45.47 31.45
N GLN H 227 30.76 45.99 31.83
CA GLN H 227 32.05 45.62 31.19
C GLN H 227 32.42 44.19 31.60
N ASN H 228 32.11 43.81 32.85
CA ASN H 228 32.28 42.41 33.33
C ASN H 228 31.39 41.47 32.51
N GLN H 229 30.19 41.91 32.12
CA GLN H 229 29.20 41.05 31.44
C GLN H 229 29.54 40.92 29.94
N THR H 230 29.79 42.05 29.25
CA THR H 230 29.92 42.10 27.77
C THR H 230 31.30 42.58 27.31
N GLY H 231 31.95 43.48 28.06
CA GLY H 231 33.21 44.13 27.66
C GLY H 231 32.98 45.55 27.18
N THR H 232 31.74 46.05 27.22
CA THR H 232 31.43 47.46 26.89
C THR H 232 32.11 48.33 27.94
N PRO H 233 33.07 49.21 27.55
CA PRO H 233 33.96 49.86 28.51
C PRO H 233 33.27 50.84 29.47
N ALA H 234 33.76 50.93 30.71
CA ALA H 234 33.20 51.77 31.81
C ALA H 234 33.84 53.15 31.79
N LEU H 235 34.93 53.34 31.03
CA LEU H 235 35.44 54.66 30.59
C LEU H 235 35.40 54.68 29.07
N ASN H 236 35.11 55.82 28.45
CA ASN H 236 34.96 55.94 26.97
C ASN H 236 35.64 57.20 26.47
N PRO H 237 36.57 57.08 25.50
CA PRO H 237 37.02 58.24 24.72
C PRO H 237 35.80 58.91 24.06
N LEU H 238 35.89 60.20 23.76
CA LEU H 238 34.79 60.97 23.11
C LEU H 238 34.39 60.30 21.79
N PHE H 239 35.35 59.70 21.05
CA PHE H 239 35.08 59.14 19.70
C PHE H 239 34.31 57.82 19.81
N PHE H 240 34.30 57.16 20.97
CA PHE H 240 33.48 55.94 21.20
C PHE H 240 32.00 56.32 21.08
N ASN H 241 31.63 57.50 21.57
CA ASN H 241 30.24 58.03 21.62
C ASN H 241 29.93 58.85 20.35
N TYR H 242 30.95 59.42 19.70
CA TYR H 242 30.82 60.22 18.45
C TYR H 242 31.88 59.77 17.45
N PRO H 243 31.78 58.53 16.93
CA PRO H 243 32.80 57.97 16.04
C PRO H 243 32.83 58.58 14.62
N ASN H 244 31.82 59.35 14.23
CA ASN H 244 31.74 59.97 12.88
C ASN H 244 32.16 61.44 12.94
N ASP H 245 32.63 61.92 14.10
CA ASP H 245 33.12 63.31 14.33
C ASP H 245 34.65 63.27 14.45
N PRO H 246 35.41 63.54 13.35
CA PRO H 246 36.87 63.48 13.38
C PRO H 246 37.56 64.47 14.33
N ASN H 247 36.84 65.49 14.83
CA ASN H 247 37.36 66.46 15.82
C ASN H 247 37.67 65.72 17.13
N THR H 248 36.93 64.65 17.44
CA THR H 248 37.00 63.91 18.74
C THR H 248 38.16 62.90 18.74
N TYR H 249 38.67 62.49 17.57
CA TYR H 249 39.59 61.34 17.41
C TYR H 249 40.87 61.54 18.23
N PRO H 250 41.50 62.73 18.25
CA PRO H 250 42.72 62.94 19.03
C PRO H 250 42.55 63.37 20.50
N ILE H 251 41.32 63.64 20.96
CA ILE H 251 41.07 64.25 22.30
C ILE H 251 41.44 63.24 23.38
N ASP H 252 42.36 63.62 24.28
CA ASP H 252 42.78 62.81 25.46
C ASP H 252 42.90 63.70 26.70
N LEU H 253 42.33 64.91 26.66
CA LEU H 253 42.25 65.83 27.84
C LEU H 253 40.78 65.92 28.32
N GLN H 254 39.89 65.13 27.71
CA GLN H 254 38.51 64.88 28.16
C GLN H 254 38.19 63.39 27.99
N PHE H 255 37.19 62.90 28.72
CA PHE H 255 36.72 61.49 28.62
C PHE H 255 35.32 61.36 29.22
N PHE H 256 34.67 60.25 28.88
CA PHE H 256 33.37 59.88 29.46
C PHE H 256 33.65 58.95 30.65
N TYR H 257 33.20 59.38 31.83
CA TYR H 257 33.02 58.54 33.04
C TYR H 257 31.75 57.72 32.81
N GLY H 258 31.89 56.40 32.64
CA GLY H 258 30.81 55.56 32.07
C GLY H 258 30.52 55.99 30.65
N ASP H 259 29.24 55.99 30.26
CA ASP H 259 28.79 56.24 28.86
C ASP H 259 28.42 57.71 28.66
N GLY H 260 28.07 58.43 29.73
CA GLY H 260 27.29 59.69 29.66
C GLY H 260 27.96 60.88 30.35
N ILE H 261 28.82 60.67 31.35
CA ILE H 261 29.36 61.80 32.17
C ILE H 261 30.69 62.27 31.57
N LEU H 262 30.64 63.45 30.93
CA LEU H 262 31.77 64.14 30.26
C LEU H 262 32.60 64.87 31.32
N VAL H 263 33.86 64.47 31.49
CA VAL H 263 34.84 65.09 32.44
C VAL H 263 35.78 65.98 31.63
N SER H 264 35.75 67.30 31.91
CA SER H 264 36.49 68.36 31.15
C SER H 264 37.36 69.15 32.13
N PRO H 265 38.44 68.56 32.67
CA PRO H 265 39.26 69.22 33.68
C PRO H 265 40.05 70.41 33.13
N VAL H 266 40.30 71.42 33.96
CA VAL H 266 41.31 72.51 33.69
C VAL H 266 42.68 71.83 33.65
N THR H 267 43.40 71.95 32.53
CA THR H 267 44.67 71.23 32.21
C THR H 267 45.87 72.17 32.25
N GLU H 268 45.66 73.48 32.14
CA GLU H 268 46.76 74.49 32.08
C GLU H 268 47.18 74.83 33.53
N GLU H 269 48.48 74.82 33.78
CA GLU H 269 49.11 75.11 35.10
C GLU H 269 48.61 76.46 35.65
N ASN H 270 47.88 76.42 36.78
CA ASN H 270 47.47 77.60 37.60
C ASN H 270 46.35 78.39 36.92
N SER H 271 45.76 77.87 35.85
CA SER H 271 44.67 78.52 35.08
C SER H 271 43.32 78.19 35.75
N THR H 272 42.35 79.11 35.63
CA THR H 272 40.94 78.92 36.05
C THR H 272 40.06 78.91 34.80
N SER H 273 40.68 78.88 33.62
CA SER H 273 40.01 78.74 32.30
C SER H 273 40.27 77.34 31.75
N VAL H 274 39.36 76.83 30.91
CA VAL H 274 39.52 75.55 30.19
C VAL H 274 38.82 75.70 28.83
N THR H 275 39.54 75.38 27.75
CA THR H 275 39.01 75.22 26.38
C THR H 275 38.77 73.73 26.14
N PHE H 276 37.51 73.32 25.98
CA PHE H 276 37.08 71.90 25.87
C PHE H 276 36.05 71.76 24.74
N TYR H 277 35.88 70.53 24.26
CA TYR H 277 35.05 70.15 23.10
C TYR H 277 33.69 69.63 23.58
N LEU H 278 32.60 70.19 23.02
CA LEU H 278 31.22 69.65 23.13
C LEU H 278 30.82 69.12 21.75
N PRO H 279 30.72 67.78 21.59
CA PRO H 279 30.19 67.19 20.35
C PRO H 279 28.80 67.71 19.97
N ASP H 280 28.39 67.45 18.73
CA ASP H 280 27.07 67.86 18.17
C ASP H 280 25.98 67.04 18.87
N ASP H 281 25.58 67.47 20.06
CA ASP H 281 24.61 66.76 20.95
C ASP H 281 24.11 67.73 22.02
N ILE H 282 23.07 67.34 22.74
CA ILE H 282 22.54 68.08 23.93
C ILE H 282 23.28 67.54 25.16
N PHE H 283 23.84 68.44 25.96
CA PHE H 283 24.47 68.15 27.27
C PHE H 283 23.75 68.98 28.35
N TYR H 284 23.84 68.53 29.59
CA TYR H 284 23.29 69.24 30.77
C TYR H 284 24.42 69.41 31.79
N GLU H 285 24.58 70.63 32.33
CA GLU H 285 25.58 70.95 33.38
C GLU H 285 25.29 70.08 34.61
N TRP H 286 26.34 69.57 35.26
CA TRP H 286 26.21 68.88 36.57
C TRP H 286 25.67 69.88 37.61
N GLY H 287 24.81 69.40 38.51
CA GLY H 287 24.31 70.17 39.67
C GLY H 287 23.16 71.08 39.29
N THR H 288 23.43 72.09 38.46
CA THR H 288 22.40 73.03 37.92
C THR H 288 21.42 72.24 37.05
N GLY H 289 21.93 71.35 36.18
CA GLY H 289 21.13 70.55 35.24
C GLY H 289 20.82 71.31 33.97
N LYS H 290 21.39 72.52 33.85
CA LYS H 290 21.07 73.53 32.80
C LYS H 290 21.45 72.98 31.43
N PRO H 291 20.53 73.00 30.45
CA PRO H 291 20.85 72.55 29.08
C PRO H 291 21.99 73.35 28.46
N VAL H 292 22.89 72.65 27.77
CA VAL H 292 24.03 73.21 26.98
C VAL H 292 24.05 72.46 25.63
N ARG H 293 23.67 73.13 24.55
CA ARG H 293 23.63 72.52 23.20
C ARG H 293 25.03 72.59 22.59
N GLY H 294 25.73 71.46 22.55
CA GLY H 294 26.99 71.33 21.80
C GLY H 294 26.72 71.37 20.31
N GLN H 295 27.64 71.96 19.54
CA GLN H 295 27.52 72.10 18.07
C GLN H 295 28.73 71.45 17.37
N GLY H 296 29.51 70.65 18.10
CA GLY H 296 30.70 69.96 17.58
C GLY H 296 31.87 70.92 17.40
N GLU H 297 32.16 71.72 18.43
CA GLU H 297 33.27 72.71 18.43
C GLU H 297 33.75 72.96 19.85
N TYR H 298 35.01 73.37 19.99
CA TYR H 298 35.65 73.78 21.26
C TYR H 298 34.96 75.05 21.78
N VAL H 299 34.59 75.04 23.07
CA VAL H 299 34.04 76.22 23.80
C VAL H 299 34.96 76.51 24.99
N SER H 300 34.91 77.74 25.50
CA SER H 300 35.79 78.24 26.58
C SER H 300 34.96 78.64 27.80
N LEU H 301 35.43 78.31 29.00
CA LEU H 301 34.77 78.57 30.30
C LEU H 301 35.84 79.13 31.26
N ASP H 302 35.54 80.24 31.94
CA ASP H 302 36.48 80.97 32.82
C ASP H 302 35.98 80.89 34.27
N ASN H 303 36.86 81.16 35.23
CA ASN H 303 36.54 81.28 36.68
C ASN H 303 36.14 79.91 37.23
N ILE H 304 36.79 78.85 36.75
CA ILE H 304 36.75 77.48 37.35
C ILE H 304 37.73 77.48 38.52
N ASP H 305 37.21 77.62 39.74
CA ASP H 305 38.02 77.62 40.99
C ASP H 305 38.81 76.32 41.05
N TYR H 306 39.90 76.29 41.83
CA TYR H 306 40.80 75.12 42.01
C TYR H 306 40.09 74.01 42.80
N THR H 307 38.92 74.33 43.36
CA THR H 307 38.06 73.39 44.13
C THR H 307 37.04 72.72 43.19
N ASP H 308 36.97 73.17 41.93
CA ASP H 308 35.88 72.78 40.99
C ASP H 308 36.44 72.08 39.75
N ILE H 309 35.54 71.40 39.04
CA ILE H 309 35.79 70.68 37.76
C ILE H 309 34.52 70.79 36.90
N THR H 310 34.66 70.97 35.59
CA THR H 310 33.53 70.99 34.62
C THR H 310 33.10 69.54 34.35
N ILE H 311 31.82 69.24 34.58
CA ILE H 311 31.18 67.93 34.33
C ILE H 311 29.84 68.20 33.64
N HIS H 312 29.52 67.41 32.60
CA HIS H 312 28.23 67.46 31.87
C HIS H 312 27.60 66.07 31.83
N TYR H 313 26.27 66.00 31.86
CA TYR H 313 25.47 64.83 31.45
C TYR H 313 25.31 64.85 29.93
N LYS H 314 25.57 63.72 29.27
CA LYS H 314 25.24 63.50 27.84
C LYS H 314 23.74 63.18 27.77
N GLY H 315 23.02 63.84 26.84
CA GLY H 315 21.61 63.56 26.54
C GLY H 315 21.39 62.12 26.13
N GLY H 316 20.19 61.58 26.39
CA GLY H 316 19.76 60.23 26.00
C GLY H 316 20.02 59.19 27.09
N ILE H 317 20.51 59.62 28.25
CA ILE H 317 20.91 58.71 29.37
C ILE H 317 20.10 59.04 30.63
N VAL H 318 19.68 58.00 31.35
CA VAL H 318 19.12 58.06 32.73
C VAL H 318 20.24 57.68 33.70
N TYR H 319 20.62 58.59 34.60
CA TYR H 319 21.73 58.42 35.57
C TYR H 319 21.17 58.15 36.97
N PRO H 320 21.19 56.89 37.47
CA PRO H 320 20.74 56.60 38.82
C PRO H 320 21.79 57.04 39.86
N GLN H 321 21.45 58.05 40.66
CA GLN H 321 22.38 58.69 41.62
C GLN H 321 21.86 58.48 43.04
N ARG H 322 22.76 58.25 43.99
CA ARG H 322 22.46 58.30 45.43
C ARG H 322 22.05 59.75 45.75
N ILE H 323 20.91 59.94 46.41
CA ILE H 323 20.34 61.28 46.75
C ILE H 323 21.45 62.15 47.36
N GLU H 324 22.25 61.59 48.28
CA GLU H 324 23.37 62.29 48.95
C GLU H 324 24.62 61.42 48.88
N SER H 325 25.79 62.05 49.00
CA SER H 325 27.07 61.39 49.37
C SER H 325 27.03 61.03 50.87
N ALA H 326 27.98 60.20 51.31
CA ALA H 326 28.18 59.82 52.73
C ALA H 326 29.68 59.67 52.98
N ASN H 327 30.09 59.50 54.24
CA ASN H 327 31.52 59.47 54.63
C ASN H 327 32.09 58.06 54.42
N THR H 328 31.23 57.03 54.30
CA THR H 328 31.63 55.64 53.92
C THR H 328 30.67 55.09 52.87
N THR H 329 31.11 54.13 52.06
CA THR H 329 30.29 53.47 51.01
C THR H 329 29.22 52.61 51.69
N THR H 330 29.46 52.17 52.94
CA THR H 330 28.49 51.45 53.79
C THR H 330 27.31 52.39 54.12
N ALA H 331 27.61 53.63 54.52
CA ALA H 331 26.61 54.68 54.80
C ALA H 331 25.92 55.09 53.49
N LEU H 332 26.69 55.29 52.42
CA LEU H 332 26.17 55.67 51.07
C LEU H 332 25.08 54.68 50.62
N ARG H 333 25.25 53.39 50.88
CA ARG H 333 24.32 52.32 50.44
C ARG H 333 22.97 52.44 51.16
N GLN H 334 22.89 53.24 52.23
CA GLN H 334 21.65 53.48 53.02
C GLN H 334 20.93 54.75 52.54
N LYS H 335 21.55 55.54 51.66
CA LYS H 335 20.91 56.72 51.03
C LYS H 335 20.03 56.27 49.87
N GLY H 336 18.89 56.94 49.67
CA GLY H 336 17.93 56.68 48.58
C GLY H 336 18.47 57.16 47.25
N PHE H 337 17.69 56.98 46.18
CA PHE H 337 18.13 57.29 44.79
C PHE H 337 17.44 58.56 44.29
N ASN H 338 18.24 59.42 43.65
CA ASN H 338 17.79 60.52 42.76
C ASN H 338 18.01 60.04 41.32
N ILE H 339 16.96 59.57 40.65
CA ILE H 339 17.04 59.08 39.24
C ILE H 339 16.96 60.31 38.32
N VAL H 340 18.10 60.70 37.72
CA VAL H 340 18.27 61.93 36.90
C VAL H 340 18.10 61.57 35.43
N VAL H 341 17.03 62.08 34.82
CA VAL H 341 16.67 61.86 33.39
C VAL H 341 17.23 63.03 32.57
N ALA H 342 18.17 62.74 31.67
CA ALA H 342 18.73 63.71 30.70
C ALA H 342 18.26 63.31 29.30
N PRO H 343 17.14 63.88 28.79
CA PRO H 343 16.63 63.53 27.46
C PRO H 343 17.60 63.87 26.32
N GLY H 344 17.68 63.00 25.32
CA GLY H 344 18.40 63.23 24.06
C GLY H 344 17.57 64.10 23.11
N LEU H 345 18.03 64.23 21.86
CA LEU H 345 17.39 65.09 20.83
C LEU H 345 16.04 64.49 20.38
N ASP H 346 15.83 63.19 20.61
CA ASP H 346 14.54 62.48 20.34
C ASP H 346 13.64 62.57 21.58
N GLY H 347 14.08 63.25 22.63
CA GLY H 347 13.33 63.44 23.90
C GLY H 347 13.30 62.19 24.76
N ARG H 348 14.01 61.13 24.35
CA ARG H 348 14.09 59.84 25.08
C ARG H 348 15.34 59.83 25.94
N ALA H 349 15.39 58.92 26.91
CA ALA H 349 16.58 58.62 27.73
C ALA H 349 16.52 57.16 28.20
N GLU H 350 17.66 56.49 28.24
CA GLU H 350 17.80 55.09 28.71
C GLU H 350 18.98 55.02 29.68
N GLY H 351 18.90 54.13 30.67
CA GLY H 351 19.98 53.87 31.64
C GLY H 351 19.66 52.66 32.48
N SER H 352 20.68 52.10 33.15
CA SER H 352 20.57 50.88 34.00
C SER H 352 21.07 51.18 35.41
N LEU H 353 20.65 50.35 36.37
CA LEU H 353 21.13 50.35 37.77
C LEU H 353 21.29 48.89 38.20
N TYR H 354 22.51 48.49 38.57
CA TYR H 354 22.84 47.15 39.11
C TYR H 354 22.96 47.24 40.63
N LEU H 355 22.18 46.44 41.36
CA LEU H 355 22.24 46.34 42.85
C LEU H 355 22.56 44.90 43.26
N ASP H 356 23.47 44.73 44.22
CA ASP H 356 23.83 43.43 44.83
C ASP H 356 24.49 43.70 46.19
N ASP H 357 25.02 42.67 46.85
CA ASP H 357 25.56 42.77 48.24
C ASP H 357 26.91 43.50 48.23
N GLY H 358 27.51 43.69 47.05
CA GLY H 358 28.64 44.62 46.83
C GLY H 358 30.01 43.96 47.02
N VAL H 359 30.06 42.68 47.42
CA VAL H 359 31.30 41.99 47.90
C VAL H 359 31.44 40.59 47.26
N SER H 360 30.35 39.81 47.18
CA SER H 360 30.38 38.36 46.82
C SER H 360 30.72 38.15 45.35
N VAL H 361 31.57 37.17 45.05
CA VAL H 361 31.96 36.79 43.66
C VAL H 361 30.72 36.22 42.95
N VAL H 362 29.91 35.42 43.65
CA VAL H 362 28.62 34.87 43.16
C VAL H 362 27.51 35.33 44.11
N GLN H 363 26.60 36.17 43.61
CA GLN H 363 25.52 36.83 44.40
C GLN H 363 24.38 35.84 44.64
N ASP H 364 23.65 36.01 45.74
CA ASP H 364 22.41 35.26 46.04
C ASP H 364 21.26 35.90 45.26
N THR H 365 21.16 37.24 45.32
CA THR H 365 20.08 38.05 44.70
C THR H 365 20.70 39.30 44.06
N VAL H 366 20.21 39.69 42.88
CA VAL H 366 20.67 40.90 42.14
C VAL H 366 19.47 41.60 41.50
N SER H 367 19.56 42.91 41.36
CA SER H 367 18.61 43.77 40.62
C SER H 367 19.33 44.36 39.41
N GLU H 368 19.13 43.75 38.24
CA GLU H 368 19.53 44.32 36.92
C GLU H 368 18.35 45.15 36.41
N ILE H 369 18.31 46.43 36.79
CA ILE H 369 17.18 47.35 36.50
C ILE H 369 17.53 48.17 35.27
N ASP H 370 16.56 48.36 34.36
CA ASP H 370 16.66 49.26 33.19
C ASP H 370 15.63 50.38 33.35
N PHE H 371 16.03 51.62 33.05
CA PHE H 371 15.17 52.82 33.02
C PHE H 371 14.98 53.24 31.56
N VAL H 372 13.73 53.51 31.18
CA VAL H 372 13.39 54.16 29.88
C VAL H 372 12.48 55.35 30.19
N TYR H 373 12.81 56.53 29.66
CA TYR H 373 11.99 57.75 29.75
C TYR H 373 11.58 58.17 28.34
N GLU H 374 10.26 58.29 28.11
CA GLU H 374 9.66 58.91 26.89
C GLU H 374 8.21 59.31 27.22
N ASN H 375 7.71 60.33 26.52
CA ASN H 375 6.31 60.84 26.62
C ASN H 375 6.03 61.24 28.08
N GLY H 376 6.99 61.90 28.72
CA GLY H 376 6.89 62.41 30.11
C GLY H 376 6.73 61.28 31.12
N LYS H 377 7.26 60.09 30.84
CA LYS H 377 7.02 58.86 31.65
C LYS H 377 8.32 58.08 31.83
N LEU H 378 8.66 57.73 33.08
CA LEU H 378 9.83 56.90 33.44
C LEU H 378 9.36 55.46 33.69
N THR H 379 9.80 54.53 32.85
CA THR H 379 9.48 53.08 32.97
C THR H 379 10.67 52.38 33.63
N MET H 380 10.40 51.51 34.61
CA MET H 380 11.42 50.73 35.37
C MET H 380 11.13 49.25 35.12
N THR H 381 12.03 48.56 34.41
CA THR H 381 11.90 47.11 34.07
C THR H 381 13.17 46.38 34.51
N GLY H 382 13.13 45.04 34.46
CA GLY H 382 14.26 44.16 34.74
C GLY H 382 13.99 43.30 35.96
N SER H 383 15.03 43.05 36.77
CA SER H 383 15.02 42.18 37.97
C SER H 383 15.13 43.04 39.24
N PHE H 384 14.63 42.54 40.37
CA PHE H 384 14.47 43.29 41.64
C PHE H 384 14.61 42.33 42.83
N GLU H 385 15.48 41.34 42.70
CA GLU H 385 15.63 40.23 43.69
C GLU H 385 16.44 40.74 44.89
N TYR H 386 17.30 41.75 44.72
CA TYR H 386 18.18 42.27 45.80
C TYR H 386 17.42 43.21 46.73
N GLU H 387 17.29 42.82 48.00
CA GLU H 387 16.61 43.58 49.08
C GLU H 387 17.48 44.79 49.46
N ALA H 388 17.26 45.95 48.82
CA ALA H 388 18.13 47.15 48.93
C ALA H 388 17.87 47.90 50.24
N GLY H 389 16.69 47.77 50.83
CA GLY H 389 16.28 48.49 52.05
C GLY H 389 16.23 50.00 51.84
N VAL H 390 16.27 50.45 50.58
CA VAL H 390 16.16 51.89 50.16
C VAL H 390 15.41 51.92 48.83
N GLY H 391 14.86 53.08 48.46
CA GLY H 391 14.11 53.24 47.19
C GLY H 391 14.43 54.55 46.50
N ILE H 392 13.64 54.89 45.48
CA ILE H 392 13.74 56.19 44.76
C ILE H 392 12.96 57.22 45.57
N GLU H 393 13.59 58.34 45.90
CA GLU H 393 12.99 59.43 46.71
C GLU H 393 12.66 60.63 45.80
N THR H 394 13.47 60.83 44.76
CA THR H 394 13.27 61.91 43.76
C THR H 394 13.51 61.35 42.35
N ILE H 395 12.82 61.92 41.37
CA ILE H 395 13.07 61.72 39.91
C ILE H 395 13.25 63.10 39.28
N THR H 396 14.46 63.38 38.80
CA THR H 396 14.87 64.68 38.21
C THR H 396 14.79 64.53 36.69
N VAL H 397 14.03 65.41 36.01
CA VAL H 397 13.94 65.47 34.53
C VAL H 397 14.51 66.82 34.08
N LEU H 398 15.54 66.80 33.24
CA LEU H 398 16.26 68.01 32.74
C LEU H 398 15.67 68.43 31.39
N GLY H 399 15.74 69.72 31.07
CA GLY H 399 15.35 70.28 29.76
C GLY H 399 13.86 70.55 29.65
N VAL H 400 13.16 70.63 30.78
CA VAL H 400 11.69 70.93 30.84
C VAL H 400 11.51 72.42 30.54
N GLU H 401 11.00 72.75 29.35
CA GLU H 401 11.10 74.12 28.75
C GLU H 401 10.29 75.16 29.56
N SER H 402 9.14 74.77 30.12
CA SER H 402 8.27 75.65 30.95
C SER H 402 7.58 74.85 32.06
N LYS H 403 7.17 75.55 33.13
CA LYS H 403 6.52 74.97 34.34
C LYS H 403 5.25 74.23 33.92
N PRO H 404 4.98 73.01 34.45
CA PRO H 404 3.72 72.31 34.20
C PRO H 404 2.56 72.86 35.04
N GLU H 405 1.33 72.46 34.69
CA GLU H 405 0.08 72.86 35.39
C GLU H 405 0.13 72.37 36.84
N GLY H 406 0.01 71.05 37.06
CA GLY H 406 -0.08 70.42 38.38
C GLY H 406 1.11 70.73 39.27
N ASP H 407 0.86 71.10 40.53
CA ASP H 407 1.88 71.41 41.57
C ASP H 407 1.94 70.24 42.59
N GLU H 408 1.65 69.02 42.15
CA GLU H 408 1.56 67.83 43.04
C GLU H 408 2.93 67.14 43.13
N ASP H 409 3.62 67.32 44.25
CA ASP H 409 4.91 66.65 44.60
C ASP H 409 6.02 67.04 43.61
N VAL H 410 6.00 68.26 43.06
CA VAL H 410 6.92 68.69 41.97
C VAL H 410 7.50 70.08 42.26
N GLU H 411 8.79 70.28 41.97
CA GLU H 411 9.53 71.56 42.06
C GLU H 411 10.13 71.89 40.68
N TYR H 412 9.91 73.10 40.17
CA TYR H 412 10.41 73.55 38.84
C TYR H 412 11.42 74.69 39.02
N ASP H 413 12.65 74.45 38.55
CA ASP H 413 13.76 75.43 38.49
C ASP H 413 13.72 76.07 37.10
N ALA H 414 13.15 77.27 37.00
CA ALA H 414 12.93 78.00 35.72
C ALA H 414 14.28 78.35 35.09
N GLU H 415 15.25 78.72 35.92
CA GLU H 415 16.62 79.13 35.47
C GLU H 415 17.27 77.97 34.69
N ASN H 416 17.21 76.75 35.23
CA ASN H 416 18.00 75.58 34.75
C ASN H 416 17.10 74.57 34.04
N LYS H 417 15.84 74.91 33.77
CA LYS H 417 14.86 74.03 33.08
C LYS H 417 14.81 72.65 33.74
N LYS H 418 14.97 72.57 35.06
CA LYS H 418 15.02 71.31 35.84
C LYS H 418 13.69 71.10 36.58
N LEU H 419 13.02 69.98 36.31
CA LEU H 419 11.85 69.50 37.09
C LEU H 419 12.34 68.42 38.07
N VAL H 420 11.90 68.52 39.33
CA VAL H 420 12.22 67.56 40.42
C VAL H 420 10.89 67.07 41.00
N LYS H 421 10.53 65.81 40.75
CA LYS H 421 9.33 65.15 41.33
C LYS H 421 9.77 64.34 42.56
N HIS H 422 9.15 64.61 43.70
CA HIS H 422 9.27 63.81 44.95
C HIS H 422 8.37 62.57 44.84
N VAL H 423 8.92 61.39 45.14
CA VAL H 423 8.21 60.08 45.05
C VAL H 423 8.73 59.18 46.17
N ASP H 424 8.10 58.02 46.38
CA ASP H 424 8.54 56.98 47.34
C ASP H 424 8.33 55.61 46.66
N VAL H 425 9.07 55.38 45.57
CA VAL H 425 8.97 54.16 44.70
C VAL H 425 10.01 53.14 45.18
N PRO H 426 9.58 51.98 45.73
CA PRO H 426 10.52 50.93 46.11
C PRO H 426 11.14 50.24 44.87
N LEU H 427 12.33 49.64 45.05
CA LEU H 427 13.10 48.94 43.99
C LEU H 427 12.81 47.44 44.07
N THR H 428 11.52 47.11 44.23
CA THR H 428 11.01 45.78 44.65
C THR H 428 10.35 45.08 43.46
N GLY H 429 10.14 45.81 42.35
CA GLY H 429 9.43 45.33 41.15
C GLY H 429 9.25 46.43 40.13
N GLU H 430 8.97 46.06 38.88
CA GLU H 430 8.74 47.00 37.74
C GLU H 430 7.71 48.06 38.15
N ASN H 431 7.69 49.20 37.43
CA ASN H 431 6.83 50.37 37.75
C ASN H 431 6.89 51.37 36.58
N GLU H 432 5.83 52.14 36.38
CA GLU H 432 5.81 53.36 35.52
C GLU H 432 5.38 54.56 36.39
N ILE H 433 6.16 55.64 36.38
CA ILE H 433 5.82 56.92 37.07
C ILE H 433 5.73 58.04 36.01
N THR H 434 4.52 58.55 35.78
CA THR H 434 4.26 59.74 34.93
C THR H 434 4.86 60.96 35.65
N ILE H 435 5.38 61.93 34.89
CA ILE H 435 6.04 63.15 35.45
C ILE H 435 5.38 64.40 34.87
N LEU H 436 5.09 64.43 33.57
CA LEU H 436 4.27 65.49 32.91
C LEU H 436 3.47 64.89 31.75
N PRO I 84 16.28 -54.30 -12.60
CA PRO I 84 15.42 -53.26 -11.98
C PRO I 84 15.60 -53.24 -10.46
N GLY I 85 15.34 -54.36 -9.79
CA GLY I 85 15.51 -54.53 -8.33
C GLY I 85 14.24 -55.09 -7.68
N ASP I 86 14.11 -54.85 -6.37
CA ASP I 86 13.12 -55.50 -5.48
C ASP I 86 12.26 -54.44 -4.78
N ASP I 87 12.36 -53.18 -5.19
CA ASP I 87 11.81 -52.02 -4.44
C ASP I 87 10.33 -52.28 -4.07
N LEU I 88 9.52 -52.75 -5.02
CA LEU I 88 8.07 -53.01 -4.79
C LEU I 88 7.90 -53.94 -3.58
N TYR I 89 8.75 -54.96 -3.47
CA TYR I 89 8.56 -56.12 -2.55
C TYR I 89 9.23 -55.88 -1.19
N VAL I 90 10.34 -55.12 -1.14
CA VAL I 90 11.19 -54.96 0.08
C VAL I 90 11.02 -53.55 0.68
N LYS I 91 10.30 -52.64 0.02
CA LYS I 91 10.08 -51.26 0.52
C LYS I 91 9.59 -51.34 1.98
N ASP I 92 10.06 -50.42 2.81
CA ASP I 92 9.64 -50.29 4.24
C ASP I 92 9.18 -48.85 4.44
N LEU I 93 7.86 -48.65 4.58
CA LEU I 93 7.23 -47.31 4.68
C LEU I 93 6.75 -47.06 6.11
N SER I 94 7.13 -47.93 7.06
CA SER I 94 6.66 -47.91 8.48
C SER I 94 7.07 -46.59 9.16
N GLY I 95 8.19 -45.98 8.74
CA GLY I 95 8.75 -44.74 9.30
C GLY I 95 8.11 -43.49 8.72
N CYS I 96 7.40 -43.62 7.60
CA CYS I 96 6.70 -42.50 6.90
C CYS I 96 5.50 -42.07 7.73
N PRO I 97 5.34 -40.76 8.00
CA PRO I 97 4.34 -40.29 8.97
C PRO I 97 2.92 -40.17 8.41
N GLY I 98 2.74 -40.26 7.10
CA GLY I 98 1.48 -39.87 6.43
C GLY I 98 1.19 -38.40 6.64
N TYR I 99 -0.03 -37.98 6.35
CA TYR I 99 -0.45 -36.55 6.39
C TYR I 99 -1.60 -36.39 7.38
N LYS I 100 -1.87 -35.14 7.75
CA LYS I 100 -3.07 -34.74 8.53
C LYS I 100 -3.65 -33.49 7.87
N ALA I 101 -4.98 -33.37 7.85
CA ALA I 101 -5.71 -32.18 7.34
C ALA I 101 -5.73 -31.12 8.46
N THR I 102 -5.28 -29.91 8.17
CA THR I 102 -5.12 -28.80 9.14
C THR I 102 -6.26 -27.78 8.97
N LYS I 103 -6.90 -27.79 7.80
CA LYS I 103 -7.98 -26.86 7.40
C LYS I 103 -8.80 -27.52 6.29
N HIS I 104 -10.13 -27.42 6.34
CA HIS I 104 -11.05 -28.02 5.34
C HIS I 104 -12.29 -27.14 5.16
N TRP I 105 -12.83 -27.10 3.94
CA TRP I 105 -14.05 -26.34 3.61
C TRP I 105 -14.81 -27.02 2.46
N GLN I 106 -16.13 -26.78 2.40
CA GLN I 106 -17.06 -27.33 1.39
C GLN I 106 -17.46 -26.22 0.42
N THR I 107 -17.96 -26.61 -0.76
CA THR I 107 -18.66 -25.72 -1.72
C THR I 107 -19.93 -26.45 -2.19
N ARG I 108 -20.69 -25.82 -3.08
CA ARG I 108 -21.97 -26.35 -3.63
C ARG I 108 -21.74 -27.65 -4.42
N SER I 109 -20.49 -27.98 -4.79
CA SER I 109 -20.12 -29.23 -5.50
C SER I 109 -18.67 -29.64 -5.18
N GLY I 110 -18.14 -29.22 -4.03
CA GLY I 110 -16.71 -29.36 -3.71
C GLY I 110 -16.45 -29.73 -2.27
N PHE I 111 -15.33 -30.41 -2.03
CA PHE I 111 -14.69 -30.57 -0.70
C PHE I 111 -13.19 -30.31 -0.89
N TYR I 112 -12.60 -29.56 0.05
CA TYR I 112 -11.20 -29.10 -0.01
C TYR I 112 -10.58 -29.21 1.39
N ALA I 113 -9.29 -29.54 1.44
CA ALA I 113 -8.50 -29.69 2.69
C ALA I 113 -7.02 -29.40 2.41
N ASP I 114 -6.40 -28.60 3.28
CA ASP I 114 -4.92 -28.47 3.38
C ASP I 114 -4.40 -29.69 4.16
N LEU I 115 -3.42 -30.41 3.58
CA LEU I 115 -2.76 -31.60 4.16
C LEU I 115 -1.31 -31.24 4.52
N THR I 116 -0.83 -31.67 5.68
CA THR I 116 0.57 -31.45 6.15
C THR I 116 1.12 -32.76 6.68
N LEU I 117 2.44 -32.99 6.56
CA LEU I 117 3.13 -34.18 7.14
C LEU I 117 2.77 -34.29 8.61
N ALA I 118 2.30 -35.47 9.05
CA ALA I 118 1.79 -35.74 10.43
C ALA I 118 2.96 -36.02 11.39
N GLY I 119 4.20 -35.97 10.90
CA GLY I 119 5.41 -36.26 11.69
C GLY I 119 6.68 -36.00 10.89
N PRO I 120 7.86 -36.37 11.43
CA PRO I 120 9.12 -36.22 10.69
C PRO I 120 9.15 -37.09 9.41
N ALA I 121 9.87 -36.61 8.40
CA ALA I 121 9.99 -37.19 7.04
C ALA I 121 10.73 -38.52 7.10
N CYS I 122 10.31 -39.48 6.27
CA CYS I 122 11.02 -40.77 6.01
C CYS I 122 11.91 -40.62 4.77
N ASN I 123 11.47 -39.83 3.79
CA ASN I 123 12.18 -39.58 2.50
C ASN I 123 12.75 -40.91 1.96
N VAL I 124 11.90 -41.93 1.84
CA VAL I 124 12.33 -43.32 1.47
C VAL I 124 12.81 -43.34 0.01
N PHE I 125 12.13 -42.61 -0.88
CA PHE I 125 12.35 -42.67 -2.34
C PHE I 125 12.22 -41.25 -2.91
N GLY I 126 12.99 -40.32 -2.37
CA GLY I 126 12.93 -38.88 -2.69
C GLY I 126 12.52 -38.05 -1.47
N THR I 127 12.25 -36.77 -1.66
CA THR I 127 11.87 -35.79 -0.58
C THR I 127 10.36 -35.84 -0.35
N ASP I 128 9.94 -36.09 0.90
CA ASP I 128 8.53 -35.93 1.35
C ASP I 128 8.14 -34.47 1.11
N LEU I 129 6.99 -34.23 0.47
CA LEU I 129 6.43 -32.87 0.29
C LEU I 129 5.77 -32.47 1.61
N PRO I 130 6.20 -31.36 2.25
CA PRO I 130 5.70 -30.99 3.58
C PRO I 130 4.17 -30.76 3.56
N ASP I 131 3.65 -30.20 2.46
CA ASP I 131 2.23 -29.78 2.34
C ASP I 131 1.66 -30.26 1.00
N LEU I 132 0.41 -30.71 1.02
CA LEU I 132 -0.37 -31.11 -0.18
C LEU I 132 -1.70 -30.37 -0.19
N LYS I 133 -2.39 -30.38 -1.32
CA LYS I 133 -3.79 -29.92 -1.47
C LYS I 133 -4.68 -31.13 -1.75
N LEU I 134 -5.82 -31.22 -1.09
CA LEU I 134 -6.93 -32.14 -1.46
C LEU I 134 -8.00 -31.31 -2.19
N GLU I 135 -8.42 -31.79 -3.36
CA GLU I 135 -9.52 -31.20 -4.16
C GLU I 135 -10.49 -32.31 -4.56
N VAL I 136 -11.74 -32.22 -4.09
CA VAL I 136 -12.85 -33.12 -4.46
C VAL I 136 -13.89 -32.30 -5.23
N GLU I 137 -14.13 -32.66 -6.49
CA GLU I 137 -15.15 -32.04 -7.36
C GLU I 137 -16.22 -33.08 -7.68
N TYR I 138 -17.44 -32.87 -7.20
CA TYR I 138 -18.66 -33.55 -7.69
C TYR I 138 -19.01 -32.91 -9.04
N GLN I 139 -18.51 -33.50 -10.14
CA GLN I 139 -18.59 -32.93 -11.51
C GLN I 139 -19.97 -33.25 -12.10
N THR I 140 -20.33 -34.53 -12.16
CA THR I 140 -21.68 -35.02 -12.53
C THR I 140 -22.19 -35.93 -11.41
N SER I 141 -23.44 -36.39 -11.50
CA SER I 141 -24.02 -37.43 -10.60
C SER I 141 -23.21 -38.73 -10.71
N ASP I 142 -22.56 -38.98 -11.85
CA ASP I 142 -21.84 -40.24 -12.15
C ASP I 142 -20.33 -40.12 -11.86
N ARG I 143 -19.74 -38.92 -11.96
CA ARG I 143 -18.26 -38.74 -11.95
C ARG I 143 -17.80 -37.86 -10.77
N LEU I 144 -16.97 -38.43 -9.89
CA LEU I 144 -16.37 -37.76 -8.70
C LEU I 144 -14.86 -37.63 -8.92
N HIS I 145 -14.35 -36.40 -8.95
CA HIS I 145 -12.92 -36.05 -9.17
C HIS I 145 -12.24 -35.82 -7.81
N VAL I 146 -11.27 -36.69 -7.47
CA VAL I 146 -10.50 -36.63 -6.20
C VAL I 146 -9.02 -36.45 -6.57
N LYS I 147 -8.43 -35.33 -6.14
CA LYS I 147 -7.06 -34.91 -6.55
C LYS I 147 -6.25 -34.54 -5.30
N ILE I 148 -5.15 -35.27 -5.07
CA ILE I 148 -4.11 -34.91 -4.06
C ILE I 148 -2.84 -34.51 -4.84
N LEU I 149 -2.39 -33.27 -4.65
CA LEU I 149 -1.27 -32.66 -5.43
C LEU I 149 -0.44 -31.76 -4.51
N ASP I 150 0.59 -31.10 -5.05
CA ASP I 150 1.44 -30.14 -4.30
C ASP I 150 0.67 -28.83 -4.14
N THR I 151 1.24 -27.84 -3.46
CA THR I 151 0.56 -26.57 -3.09
C THR I 151 0.78 -25.47 -4.14
N ASN I 152 1.83 -25.56 -4.96
CA ASN I 152 2.27 -24.45 -5.85
C ASN I 152 2.47 -24.92 -7.30
N ASN I 153 1.78 -25.98 -7.74
CA ASN I 153 1.68 -26.40 -9.16
C ASN I 153 3.07 -26.51 -9.79
N THR I 154 4.00 -27.24 -9.17
CA THR I 154 5.36 -27.52 -9.71
C THR I 154 5.48 -28.99 -10.12
N VAL I 155 4.93 -29.90 -9.31
CA VAL I 155 4.87 -31.36 -9.62
C VAL I 155 4.26 -31.53 -11.01
N TYR I 156 4.82 -32.43 -11.84
CA TYR I 156 4.34 -32.70 -13.22
C TYR I 156 2.86 -33.11 -13.17
N GLN I 157 2.06 -32.53 -14.06
CA GLN I 157 0.68 -32.98 -14.36
C GLN I 157 0.58 -33.19 -15.87
N VAL I 158 -0.18 -34.19 -16.29
CA VAL I 158 -0.37 -34.52 -17.74
C VAL I 158 -0.83 -33.24 -18.42
N PRO I 159 -0.16 -32.79 -19.50
CA PRO I 159 -0.59 -31.59 -20.22
C PRO I 159 -2.07 -31.68 -20.66
N ASP I 160 -2.78 -30.56 -20.58
CA ASP I 160 -4.18 -30.41 -21.05
C ASP I 160 -4.25 -30.72 -22.55
N SER I 161 -3.20 -30.39 -23.31
CA SER I 161 -3.05 -30.66 -24.77
C SER I 161 -3.31 -32.14 -25.07
N VAL I 162 -2.75 -33.04 -24.24
CA VAL I 162 -2.66 -34.50 -24.52
C VAL I 162 -3.94 -35.19 -24.02
N PHE I 163 -4.39 -34.84 -22.82
CA PHE I 163 -5.60 -35.41 -22.18
C PHE I 163 -6.47 -34.24 -21.70
N PRO I 164 -7.29 -33.64 -22.59
CA PRO I 164 -8.20 -32.56 -22.18
C PRO I 164 -9.13 -33.10 -21.08
N ARG I 165 -9.29 -32.33 -19.99
CA ARG I 165 -9.97 -32.80 -18.75
C ARG I 165 -11.48 -32.66 -18.94
N PRO I 166 -12.29 -33.54 -18.30
CA PRO I 166 -13.74 -33.39 -18.29
C PRO I 166 -14.17 -32.40 -17.20
N GLY I 167 -15.44 -31.97 -17.23
CA GLY I 167 -16.08 -31.24 -16.12
C GLY I 167 -16.12 -29.74 -16.34
N PHE I 168 -15.86 -29.27 -17.56
CA PHE I 168 -15.99 -27.83 -17.92
C PHE I 168 -17.46 -27.45 -17.93
N GLY I 169 -17.85 -26.53 -17.03
CA GLY I 169 -19.23 -26.01 -16.92
C GLY I 169 -20.16 -26.97 -16.18
N GLU I 170 -19.64 -28.11 -15.71
CA GLU I 170 -20.44 -29.15 -15.02
C GLU I 170 -20.21 -29.05 -13.51
N TRP I 171 -21.26 -29.26 -12.73
CA TRP I 171 -21.18 -29.43 -11.25
C TRP I 171 -22.44 -30.13 -10.76
N CYS I 172 -22.32 -30.85 -9.65
CA CYS I 172 -23.39 -31.72 -9.07
C CYS I 172 -23.40 -31.50 -7.56
N SER I 173 -24.59 -31.28 -6.98
CA SER I 173 -24.75 -31.15 -5.50
C SER I 173 -24.40 -32.49 -4.87
N PRO I 174 -23.57 -32.53 -3.81
CA PRO I 174 -23.14 -33.80 -3.20
C PRO I 174 -24.24 -34.85 -3.00
N LYS I 175 -25.41 -34.43 -2.51
CA LYS I 175 -26.56 -35.34 -2.21
C LYS I 175 -27.16 -35.89 -3.53
N ASP I 176 -26.95 -35.21 -4.65
CA ASP I 176 -27.44 -35.60 -6.00
C ASP I 176 -26.45 -36.58 -6.66
N SER I 177 -25.25 -36.76 -6.09
CA SER I 177 -24.20 -37.67 -6.62
C SER I 177 -24.49 -39.11 -6.19
N LYS I 178 -24.25 -40.07 -7.10
CA LYS I 178 -24.27 -41.53 -6.82
C LYS I 178 -23.09 -41.88 -5.92
N LEU I 179 -22.01 -41.10 -5.98
CA LEU I 179 -20.77 -41.29 -5.17
C LEU I 179 -20.72 -40.24 -4.07
N LYS I 180 -20.30 -40.67 -2.87
CA LYS I 180 -20.15 -39.83 -1.66
C LYS I 180 -18.67 -39.89 -1.22
N PHE I 181 -18.04 -38.73 -1.04
CA PHE I 181 -16.64 -38.60 -0.56
C PHE I 181 -16.64 -38.38 0.96
N ASP I 182 -15.94 -39.25 1.70
CA ASP I 182 -15.74 -39.15 3.17
C ASP I 182 -14.24 -39.12 3.45
N PHE I 183 -13.84 -38.44 4.53
CA PHE I 183 -12.43 -38.22 4.91
C PHE I 183 -12.28 -38.36 6.43
N GLN I 184 -11.13 -38.87 6.85
CA GLN I 184 -10.62 -38.80 8.24
C GLN I 184 -9.44 -37.81 8.23
N ALA I 185 -9.37 -36.92 9.23
CA ALA I 185 -8.44 -35.77 9.28
C ALA I 185 -7.03 -36.24 9.66
N ASP I 186 -6.93 -37.17 10.61
CA ASP I 186 -5.67 -37.52 11.31
C ASP I 186 -5.78 -38.92 11.91
N PRO I 187 -5.06 -39.93 11.37
CA PRO I 187 -4.29 -39.79 10.14
C PRO I 187 -5.21 -39.59 8.91
N PHE I 188 -4.76 -38.81 7.93
CA PHE I 188 -5.50 -38.55 6.68
C PHE I 188 -5.75 -39.87 5.94
N SER I 189 -7.03 -40.18 5.73
CA SER I 189 -7.53 -41.25 4.84
C SER I 189 -8.86 -40.77 4.25
N PHE I 190 -9.25 -41.29 3.09
CA PHE I 190 -10.54 -40.96 2.43
C PHE I 190 -11.21 -42.25 1.97
N THR I 191 -12.55 -42.22 1.93
CA THR I 191 -13.42 -43.30 1.42
C THR I 191 -14.31 -42.73 0.31
N VAL I 192 -14.49 -43.51 -0.76
CA VAL I 192 -15.49 -43.26 -1.83
C VAL I 192 -16.57 -44.34 -1.72
N SER I 193 -17.81 -43.94 -1.48
CA SER I 193 -18.97 -44.84 -1.22
C SER I 193 -20.13 -44.50 -2.15
N ARG I 194 -21.05 -45.45 -2.32
CA ARG I 194 -22.34 -45.24 -3.03
C ARG I 194 -23.27 -44.44 -2.11
N THR I 195 -23.82 -43.33 -2.59
CA THR I 195 -24.72 -42.42 -1.84
C THR I 195 -25.97 -43.20 -1.39
N ASP I 196 -26.46 -44.14 -2.20
CA ASP I 196 -27.75 -44.85 -1.98
C ASP I 196 -27.57 -45.96 -0.94
N THR I 197 -26.59 -46.85 -1.12
CA THR I 197 -26.40 -48.08 -0.29
C THR I 197 -25.37 -47.85 0.83
N GLY I 198 -24.47 -46.89 0.66
CA GLY I 198 -23.35 -46.66 1.59
C GLY I 198 -22.21 -47.66 1.41
N GLU I 199 -22.27 -48.50 0.36
CA GLU I 199 -21.20 -49.50 0.06
C GLU I 199 -19.91 -48.75 -0.26
N VAL I 200 -18.78 -49.20 0.31
CA VAL I 200 -17.43 -48.58 0.17
C VAL I 200 -16.76 -49.16 -1.08
N LEU I 201 -16.42 -48.30 -2.05
CA LEU I 201 -15.80 -48.65 -3.36
C LEU I 201 -14.29 -48.44 -3.32
N PHE I 202 -13.82 -47.51 -2.48
CA PHE I 202 -12.38 -47.12 -2.34
C PHE I 202 -12.17 -46.60 -0.91
N ASP I 203 -11.09 -47.04 -0.26
CA ASP I 203 -10.90 -46.89 1.21
C ASP I 203 -9.41 -46.98 1.54
N THR I 204 -8.80 -45.84 1.91
CA THR I 204 -7.37 -45.73 2.32
C THR I 204 -7.27 -45.66 3.86
N THR I 205 -8.38 -45.89 4.57
CA THR I 205 -8.42 -45.98 6.06
C THR I 205 -7.37 -47.01 6.52
N GLY I 206 -6.53 -46.63 7.49
CA GLY I 206 -5.49 -47.49 8.08
C GLY I 206 -4.25 -47.62 7.19
N ASN I 207 -4.17 -46.86 6.10
CA ASN I 207 -3.11 -46.99 5.07
C ASN I 207 -2.40 -45.65 4.90
N LYS I 208 -1.07 -45.65 4.85
CA LYS I 208 -0.22 -44.43 4.84
C LYS I 208 -0.31 -43.77 3.47
N LEU I 209 -0.49 -42.44 3.44
CA LEU I 209 -0.27 -41.60 2.23
C LEU I 209 1.19 -41.13 2.22
N VAL I 210 1.96 -41.56 1.24
CA VAL I 210 3.38 -41.15 1.05
C VAL I 210 3.43 -40.37 -0.27
N PHE I 211 3.92 -39.13 -0.23
CA PHE I 211 3.97 -38.20 -1.38
C PHE I 211 5.37 -37.58 -1.41
N GLU I 212 6.21 -38.03 -2.33
CA GLU I 212 7.64 -37.64 -2.44
C GLU I 212 7.92 -37.14 -3.85
N SER I 213 9.08 -36.50 -4.06
CA SER I 213 9.51 -35.89 -5.34
C SER I 213 9.50 -36.94 -6.45
N GLN I 214 9.67 -38.21 -6.09
CA GLN I 214 9.93 -39.32 -7.04
C GLN I 214 9.19 -40.59 -6.63
N TYR I 215 8.22 -40.49 -5.69
CA TYR I 215 7.45 -41.64 -5.14
C TYR I 215 6.15 -41.14 -4.52
N VAL I 216 5.02 -41.60 -5.09
CA VAL I 216 3.65 -41.36 -4.56
C VAL I 216 3.02 -42.73 -4.33
N TYR I 217 2.58 -43.00 -3.10
CA TYR I 217 2.02 -44.30 -2.64
C TYR I 217 0.63 -44.09 -2.06
N LEU I 218 -0.33 -44.87 -2.54
CA LEU I 218 -1.72 -44.94 -2.01
C LEU I 218 -2.22 -46.38 -2.12
N LYS I 219 -2.97 -46.84 -1.11
CA LYS I 219 -3.45 -48.24 -1.00
C LYS I 219 -4.93 -48.21 -0.59
N THR I 220 -5.77 -48.94 -1.33
CA THR I 220 -7.22 -49.08 -1.03
C THR I 220 -7.50 -50.49 -0.50
N HIS I 221 -8.47 -50.61 0.44
CA HIS I 221 -9.16 -51.89 0.75
C HIS I 221 -10.04 -52.27 -0.44
N LEU I 222 -10.08 -53.56 -0.78
CA LEU I 222 -11.03 -54.17 -1.74
C LEU I 222 -11.79 -55.28 -1.02
N PRO I 223 -13.00 -55.67 -1.49
CA PRO I 223 -13.69 -56.83 -0.95
C PRO I 223 -12.82 -58.09 -1.15
N GLN I 224 -13.05 -59.12 -0.35
CA GLN I 224 -12.42 -60.45 -0.50
C GLN I 224 -12.79 -60.99 -1.90
N ASN I 225 -11.83 -61.58 -2.62
CA ASN I 225 -12.00 -62.16 -3.97
C ASN I 225 -12.64 -61.12 -4.92
N PRO I 226 -11.98 -59.97 -5.16
CA PRO I 226 -12.54 -58.95 -6.06
C PRO I 226 -12.45 -59.34 -7.53
N HIS I 227 -13.20 -58.62 -8.37
CA HIS I 227 -13.24 -58.77 -9.84
C HIS I 227 -12.84 -57.43 -10.47
N LEU I 228 -11.55 -57.28 -10.80
CA LEU I 228 -10.93 -56.06 -11.38
C LEU I 228 -10.57 -56.31 -12.84
N TYR I 229 -10.69 -55.28 -13.68
CA TYR I 229 -10.42 -55.31 -15.14
C TYR I 229 -9.66 -54.04 -15.54
N GLY I 230 -8.58 -54.19 -16.32
CA GLY I 230 -7.84 -53.08 -16.94
C GLY I 230 -6.41 -52.98 -16.43
N LEU I 231 -5.92 -51.75 -16.24
CA LEU I 231 -4.56 -51.40 -15.75
C LEU I 231 -3.50 -51.94 -16.71
N GLY I 232 -3.84 -52.05 -18.01
CA GLY I 232 -2.94 -52.55 -19.06
C GLY I 232 -2.04 -51.43 -19.60
N GLU I 233 -1.46 -51.63 -20.78
CA GLU I 233 -1.64 -52.81 -21.62
C GLU I 233 -0.90 -54.00 -21.00
N HIS I 234 -1.63 -55.08 -20.67
CA HIS I 234 -1.07 -56.37 -20.17
C HIS I 234 -1.54 -57.51 -21.07
N SER I 235 -0.99 -58.71 -20.88
CA SER I 235 -1.33 -59.96 -21.63
C SER I 235 -1.78 -61.05 -20.64
N ASP I 236 -2.15 -60.64 -19.42
CA ASP I 236 -2.57 -61.52 -18.30
C ASP I 236 -4.08 -61.79 -18.39
N ALA I 237 -4.60 -62.60 -17.48
CA ALA I 237 -6.05 -62.91 -17.33
C ALA I 237 -6.85 -61.60 -17.29
N PHE I 238 -7.94 -61.53 -18.04
CA PHE I 238 -8.80 -60.31 -18.18
C PHE I 238 -9.26 -59.86 -16.80
N MET I 239 -9.82 -60.80 -16.02
CA MET I 239 -10.09 -60.58 -14.57
C MET I 239 -8.75 -60.74 -13.85
N LEU I 240 -8.26 -59.64 -13.29
CA LEU I 240 -6.89 -59.52 -12.71
C LEU I 240 -6.72 -60.51 -11.56
N ASN I 241 -5.53 -61.08 -11.43
CA ASN I 241 -5.08 -61.84 -10.23
C ASN I 241 -5.23 -60.95 -9.00
N THR I 242 -5.57 -61.55 -7.86
CA THR I 242 -5.87 -60.85 -6.59
C THR I 242 -4.81 -61.19 -5.53
N THR I 243 -3.92 -62.16 -5.80
CA THR I 243 -2.83 -62.59 -4.87
C THR I 243 -1.45 -62.45 -5.54
N ASN I 244 -0.53 -61.77 -4.87
CA ASN I 244 0.89 -61.57 -5.29
C ASN I 244 0.96 -61.24 -6.79
N TYR I 245 0.17 -60.25 -7.22
CA TYR I 245 0.07 -59.81 -8.63
C TYR I 245 0.72 -58.44 -8.78
N THR I 246 1.79 -58.37 -9.58
CA THR I 246 2.45 -57.12 -10.00
C THR I 246 1.89 -56.71 -11.37
N ARG I 247 1.39 -55.48 -11.47
CA ARG I 247 0.92 -54.83 -12.72
C ARG I 247 1.72 -53.53 -12.90
N THR I 248 2.74 -53.57 -13.75
CA THR I 248 3.65 -52.43 -14.02
C THR I 248 3.16 -51.68 -15.26
N ILE I 249 2.88 -50.39 -15.13
CA ILE I 249 2.48 -49.49 -16.25
C ILE I 249 3.65 -48.59 -16.60
N TYR I 250 4.34 -48.91 -17.68
CA TYR I 250 5.46 -48.12 -18.27
C TYR I 250 5.67 -48.63 -19.70
N THR I 251 5.42 -47.79 -20.70
CA THR I 251 5.37 -48.21 -22.13
C THR I 251 6.76 -48.74 -22.50
N ARG I 252 6.83 -49.89 -23.17
CA ARG I 252 8.12 -50.45 -23.63
C ARG I 252 7.92 -51.42 -24.80
N ASP I 253 8.96 -51.53 -25.62
CA ASP I 253 9.13 -52.51 -26.71
C ASP I 253 9.24 -53.90 -26.08
N ALA I 254 8.11 -54.61 -25.97
CA ALA I 254 7.99 -55.89 -25.23
C ALA I 254 7.70 -57.04 -26.20
N TYR I 255 8.71 -57.48 -26.95
CA TYR I 255 8.63 -58.63 -27.89
C TYR I 255 8.07 -59.86 -27.14
N GLY I 256 7.10 -60.54 -27.76
CA GLY I 256 6.44 -61.75 -27.19
C GLY I 256 5.33 -61.40 -26.21
N THR I 257 4.89 -60.14 -26.17
CA THR I 257 3.84 -59.60 -25.25
C THR I 257 3.82 -60.41 -23.96
N PRO I 258 4.95 -60.45 -23.21
CA PRO I 258 5.10 -61.40 -22.10
C PRO I 258 4.08 -61.13 -20.99
N GLN I 259 3.47 -62.19 -20.47
CA GLN I 259 2.58 -62.16 -19.28
C GLN I 259 3.41 -61.71 -18.08
N GLY I 260 2.79 -60.92 -17.18
CA GLY I 260 3.40 -60.47 -15.91
C GLY I 260 4.41 -59.35 -16.10
N GLU I 261 4.42 -58.68 -17.26
CA GLU I 261 5.40 -57.61 -17.59
C GLU I 261 4.72 -56.43 -18.26
N ASN I 262 5.36 -55.25 -18.18
CA ASN I 262 4.91 -54.00 -18.84
C ASN I 262 5.04 -54.17 -20.35
N LEU I 263 3.96 -53.89 -21.08
CA LEU I 263 3.91 -53.96 -22.57
C LEU I 263 3.82 -52.53 -23.13
N TYR I 264 3.24 -52.37 -24.33
CA TYR I 264 3.45 -51.20 -25.22
C TYR I 264 2.68 -49.96 -24.74
N GLY I 265 1.51 -50.13 -24.12
CA GLY I 265 0.59 -49.03 -23.77
C GLY I 265 0.47 -48.85 -22.28
N ALA I 266 -0.06 -47.69 -21.85
CA ALA I 266 -0.30 -47.30 -20.44
C ALA I 266 -1.75 -46.81 -20.28
N HIS I 267 -2.59 -47.59 -19.58
CA HIS I 267 -4.04 -47.34 -19.38
C HIS I 267 -4.40 -47.54 -17.91
N PRO I 268 -4.15 -46.54 -17.03
CA PRO I 268 -4.36 -46.69 -15.59
C PRO I 268 -5.84 -46.54 -15.17
N ILE I 269 -6.73 -47.28 -15.85
CA ILE I 269 -8.19 -47.37 -15.55
C ILE I 269 -8.48 -48.81 -15.10
N TYR I 270 -9.18 -49.01 -13.99
CA TYR I 270 -9.70 -50.34 -13.61
C TYR I 270 -11.20 -50.28 -13.38
N PHE I 271 -11.89 -51.29 -13.90
CA PHE I 271 -13.30 -51.62 -13.58
C PHE I 271 -13.29 -52.54 -12.36
N ASP I 272 -14.11 -52.22 -11.37
CA ASP I 272 -14.38 -53.04 -10.16
C ASP I 272 -15.84 -53.47 -10.24
N HIS I 273 -16.08 -54.72 -10.65
CA HIS I 273 -17.41 -55.34 -10.81
C HIS I 273 -17.76 -56.15 -9.56
N ARG I 274 -18.95 -55.93 -9.00
CA ARG I 274 -19.46 -56.63 -7.79
C ARG I 274 -20.91 -57.04 -8.05
N GLN I 275 -21.44 -57.97 -7.23
CA GLN I 275 -22.87 -58.41 -7.26
C GLN I 275 -23.78 -57.17 -7.23
N THR I 276 -23.37 -56.14 -6.48
CA THR I 276 -24.17 -54.91 -6.18
C THR I 276 -24.01 -53.85 -7.26
N GLY I 277 -23.00 -53.94 -8.12
CA GLY I 277 -22.78 -52.99 -9.23
C GLY I 277 -21.34 -52.89 -9.66
N THR I 278 -21.10 -52.20 -10.78
CA THR I 278 -19.77 -51.93 -11.38
C THR I 278 -19.41 -50.46 -11.18
N HIS I 279 -18.13 -50.17 -10.94
CA HIS I 279 -17.57 -48.78 -10.88
C HIS I 279 -16.19 -48.75 -11.53
N GLY I 280 -15.71 -47.55 -11.87
CA GLY I 280 -14.38 -47.32 -12.47
C GLY I 280 -13.52 -46.44 -11.57
N VAL I 281 -12.23 -46.74 -11.52
CA VAL I 281 -11.18 -45.91 -10.84
C VAL I 281 -10.12 -45.59 -11.89
N PHE I 282 -10.06 -44.33 -12.33
CA PHE I 282 -9.12 -43.83 -13.35
C PHE I 282 -8.11 -42.91 -12.66
N LEU I 283 -6.83 -43.27 -12.76
CA LEU I 283 -5.68 -42.45 -12.30
C LEU I 283 -5.08 -41.74 -13.52
N LEU I 284 -5.30 -40.43 -13.64
CA LEU I 284 -4.74 -39.61 -14.75
C LEU I 284 -3.30 -39.26 -14.40
N ASN I 285 -2.40 -40.22 -14.62
CA ASN I 285 -0.97 -40.12 -14.28
C ASN I 285 -0.18 -40.86 -15.37
N SER I 286 0.80 -40.19 -16.01
CA SER I 286 1.59 -40.72 -17.14
C SER I 286 2.99 -41.18 -16.66
N ASN I 287 3.26 -41.12 -15.35
CA ASN I 287 4.54 -41.61 -14.78
C ASN I 287 4.56 -43.14 -14.80
N GLY I 288 5.74 -43.73 -14.59
CA GLY I 288 5.88 -45.19 -14.35
C GLY I 288 5.29 -45.56 -13.01
N MET I 289 4.63 -46.71 -12.92
CA MET I 289 4.05 -47.15 -11.63
C MET I 289 4.02 -48.67 -11.56
N ASP I 290 4.25 -49.19 -10.35
CA ASP I 290 3.99 -50.59 -9.95
C ASP I 290 2.66 -50.62 -9.21
N ILE I 291 1.67 -51.32 -9.75
CA ILE I 291 0.41 -51.64 -9.02
C ILE I 291 0.56 -53.07 -8.49
N PHE I 292 0.27 -53.26 -7.20
CA PHE I 292 0.33 -54.57 -6.51
C PHE I 292 -1.04 -54.89 -5.92
N ILE I 293 -1.58 -56.06 -6.29
CA ILE I 293 -2.88 -56.59 -5.78
C ILE I 293 -2.57 -57.87 -5.00
N ASP I 294 -2.80 -57.86 -3.69
CA ASP I 294 -2.46 -59.00 -2.79
C ASP I 294 -3.49 -59.07 -1.65
N ASN I 295 -3.47 -60.19 -0.92
CA ASN I 295 -4.36 -60.49 0.24
C ASN I 295 -3.51 -60.82 1.47
N ASN I 296 -2.46 -60.03 1.73
CA ASN I 296 -1.66 -60.10 2.99
C ASN I 296 -2.49 -59.46 4.10
N ALA I 297 -3.01 -60.29 5.01
CA ALA I 297 -4.02 -59.93 6.05
C ALA I 297 -5.38 -59.73 5.38
N THR I 298 -5.60 -58.61 4.69
CA THR I 298 -6.84 -58.29 3.93
C THR I 298 -6.49 -58.03 2.46
N GLN I 299 -7.49 -58.06 1.58
CA GLN I 299 -7.35 -57.81 0.13
C GLN I 299 -7.17 -56.32 -0.11
N TYR I 300 -6.16 -55.93 -0.92
CA TYR I 300 -5.87 -54.52 -1.25
C TYR I 300 -5.33 -54.41 -2.68
N LEU I 301 -5.33 -53.18 -3.18
CA LEU I 301 -4.58 -52.72 -4.38
C LEU I 301 -3.81 -51.48 -3.96
N GLU I 302 -2.51 -51.42 -4.28
CA GLU I 302 -1.65 -50.25 -3.95
C GLU I 302 -1.06 -49.70 -5.25
N TYR I 303 -0.94 -48.37 -5.31
CA TYR I 303 -0.20 -47.63 -6.37
C TYR I 303 1.19 -47.27 -5.84
N ASN I 304 2.24 -47.70 -6.55
CA ASN I 304 3.63 -47.19 -6.37
C ASN I 304 3.98 -46.40 -7.63
N ILE I 305 3.77 -45.08 -7.60
CA ILE I 305 3.97 -44.16 -8.76
C ILE I 305 5.29 -43.39 -8.53
N ILE I 306 6.11 -43.23 -9.56
CA ILE I 306 7.48 -42.65 -9.42
C ILE I 306 7.46 -41.16 -9.76
N GLY I 307 6.27 -40.56 -9.88
CA GLY I 307 6.12 -39.10 -10.06
C GLY I 307 4.68 -38.68 -10.14
N GLY I 308 4.46 -37.39 -10.43
CA GLY I 308 3.14 -36.80 -10.70
C GLY I 308 2.30 -36.69 -9.44
N VAL I 309 0.99 -36.52 -9.62
CA VAL I 309 -0.01 -36.31 -8.53
C VAL I 309 -1.04 -37.45 -8.57
N LEU I 310 -1.80 -37.61 -7.47
CA LEU I 310 -2.91 -38.58 -7.35
C LEU I 310 -4.17 -37.92 -7.93
N ASP I 311 -4.39 -38.09 -9.23
CA ASP I 311 -5.50 -37.42 -9.97
C ASP I 311 -6.51 -38.50 -10.38
N PHE I 312 -7.47 -38.76 -9.52
CA PHE I 312 -8.48 -39.85 -9.65
C PHE I 312 -9.82 -39.30 -10.16
N TYR I 313 -10.43 -40.00 -11.11
CA TYR I 313 -11.88 -39.87 -11.43
C TYR I 313 -12.57 -41.18 -11.04
N PHE I 314 -13.54 -41.09 -10.13
CA PHE I 314 -14.43 -42.22 -9.74
C PHE I 314 -15.72 -42.11 -10.56
N ILE I 315 -16.09 -43.22 -11.20
CA ILE I 315 -17.31 -43.33 -12.05
C ILE I 315 -18.18 -44.46 -11.49
N ALA I 316 -19.47 -44.19 -11.28
CA ALA I 316 -20.38 -44.92 -10.37
C ALA I 316 -21.03 -46.13 -11.07
N GLY I 317 -20.99 -46.19 -12.40
CA GLY I 317 -21.82 -47.16 -13.16
C GLY I 317 -23.30 -46.83 -12.99
N PRO I 318 -24.14 -47.72 -12.40
CA PRO I 318 -23.71 -49.01 -11.82
C PRO I 318 -23.62 -50.24 -12.74
N SER I 319 -24.00 -50.15 -14.01
CA SER I 319 -23.85 -51.27 -14.99
C SER I 319 -22.45 -51.22 -15.61
N PRO I 320 -21.92 -52.36 -16.12
CA PRO I 320 -20.61 -52.35 -16.80
C PRO I 320 -20.55 -51.37 -17.97
N ARG I 321 -21.61 -51.33 -18.80
CA ARG I 321 -21.74 -50.39 -19.95
C ARG I 321 -21.79 -48.93 -19.46
N ASP I 322 -22.47 -48.67 -18.33
CA ASP I 322 -22.52 -47.31 -17.71
C ASP I 322 -21.10 -46.80 -17.42
N VAL I 323 -20.25 -47.64 -16.80
CA VAL I 323 -18.85 -47.28 -16.43
C VAL I 323 -18.09 -46.93 -17.70
N ALA I 324 -18.18 -47.78 -18.72
CA ALA I 324 -17.57 -47.60 -20.07
C ALA I 324 -18.06 -46.29 -20.69
N ILE I 325 -19.36 -46.03 -20.64
CA ILE I 325 -19.98 -44.77 -21.14
C ILE I 325 -19.43 -43.59 -20.32
N GLN I 326 -19.30 -43.77 -19.00
CA GLN I 326 -18.84 -42.70 -18.07
C GLN I 326 -17.33 -42.47 -18.28
N TYR I 327 -16.57 -43.51 -18.62
CA TYR I 327 -15.12 -43.40 -18.90
C TYR I 327 -14.91 -42.67 -20.23
N ALA I 328 -15.83 -42.85 -21.18
CA ALA I 328 -15.83 -42.18 -22.51
C ALA I 328 -16.01 -40.66 -22.34
N GLU I 329 -16.69 -40.23 -21.27
CA GLU I 329 -16.87 -38.79 -20.94
C GLU I 329 -15.51 -38.17 -20.57
N ILE I 330 -14.57 -38.99 -20.06
CA ILE I 330 -13.21 -38.55 -19.59
C ILE I 330 -12.22 -38.65 -20.76
N THR I 331 -12.09 -39.84 -21.38
CA THR I 331 -11.16 -40.09 -22.51
C THR I 331 -11.61 -39.33 -23.77
N GLN I 332 -12.92 -39.03 -23.84
CA GLN I 332 -13.67 -38.66 -25.08
C GLN I 332 -13.95 -39.93 -25.87
N THR I 333 -15.06 -39.96 -26.60
CA THR I 333 -15.55 -41.10 -27.39
C THR I 333 -14.53 -41.42 -28.47
N PRO I 334 -14.32 -42.70 -28.84
CA PRO I 334 -13.33 -43.05 -29.86
C PRO I 334 -13.77 -42.52 -31.23
N LEU I 335 -12.82 -42.17 -32.09
CA LEU I 335 -13.11 -41.73 -33.48
C LEU I 335 -13.77 -42.89 -34.23
N MET I 336 -14.54 -42.57 -35.27
CA MET I 336 -15.19 -43.57 -36.15
C MET I 336 -14.14 -44.10 -37.14
N THR I 337 -14.33 -45.34 -37.61
CA THR I 337 -13.44 -46.09 -38.50
C THR I 337 -14.02 -46.13 -39.91
N PRO I 338 -13.18 -46.16 -40.97
CA PRO I 338 -13.69 -46.39 -42.33
C PRO I 338 -14.29 -47.80 -42.43
N TYR I 339 -15.38 -47.92 -43.20
CA TYR I 339 -16.10 -49.19 -43.45
C TYR I 339 -15.12 -50.25 -43.97
N TRP I 340 -14.30 -49.88 -44.96
CA TRP I 340 -13.39 -50.81 -45.68
C TRP I 340 -12.31 -51.34 -44.72
N GLY I 341 -12.02 -50.60 -43.65
CA GLY I 341 -11.02 -50.98 -42.62
C GLY I 341 -11.38 -52.28 -41.90
N LEU I 342 -12.67 -52.61 -41.83
CA LEU I 342 -13.18 -53.85 -41.16
C LEU I 342 -12.96 -55.07 -42.06
N GLY I 343 -12.58 -54.85 -43.33
CA GLY I 343 -12.15 -55.94 -44.24
C GLY I 343 -10.85 -56.56 -43.77
N TYR I 344 -10.49 -57.72 -44.30
CA TYR I 344 -9.32 -58.52 -43.86
C TYR I 344 -8.02 -57.88 -44.39
N HIS I 345 -7.00 -57.82 -43.53
CA HIS I 345 -5.67 -57.22 -43.80
C HIS I 345 -4.60 -58.32 -43.89
N GLN I 346 -3.64 -58.17 -44.81
CA GLN I 346 -2.48 -59.09 -44.94
C GLN I 346 -1.21 -58.25 -44.91
N CYS I 347 -0.30 -58.60 -43.99
CA CYS I 347 1.06 -57.99 -43.86
C CYS I 347 2.08 -59.10 -43.65
N LYS I 348 3.35 -58.76 -43.86
CA LYS I 348 4.51 -59.56 -43.42
C LYS I 348 5.72 -58.63 -43.34
N TYR I 349 6.52 -58.79 -42.29
CA TYR I 349 7.91 -58.26 -42.21
C TYR I 349 8.75 -59.20 -43.10
N GLY I 350 9.27 -58.69 -44.21
CA GLY I 350 10.12 -59.46 -45.14
C GLY I 350 9.60 -59.53 -46.58
N TYR I 351 8.47 -58.90 -46.90
CA TYR I 351 8.02 -58.72 -48.30
C TYR I 351 9.14 -57.92 -48.99
N GLN I 352 9.93 -58.59 -49.83
CA GLN I 352 11.30 -58.16 -50.22
C GLN I 352 11.22 -57.08 -51.31
N ASP I 353 10.16 -57.05 -52.10
CA ASP I 353 10.04 -56.10 -53.25
C ASP I 353 8.58 -56.00 -53.71
N VAL I 354 8.33 -55.06 -54.64
CA VAL I 354 6.99 -54.79 -55.25
C VAL I 354 6.38 -56.09 -55.81
N TYR I 355 7.22 -57.01 -56.32
CA TYR I 355 6.77 -58.26 -56.97
C TYR I 355 6.09 -59.16 -55.93
N GLU I 356 6.66 -59.31 -54.73
CA GLU I 356 6.13 -60.24 -53.69
C GLU I 356 4.77 -59.71 -53.20
N VAL I 357 4.67 -58.40 -52.93
CA VAL I 357 3.40 -57.75 -52.48
C VAL I 357 2.34 -58.07 -53.55
N ALA I 358 2.69 -57.89 -54.83
CA ALA I 358 1.83 -58.17 -56.00
C ALA I 358 1.37 -59.63 -55.98
N ALA I 359 2.31 -60.56 -55.83
CA ALA I 359 2.05 -62.03 -55.92
C ALA I 359 1.10 -62.48 -54.81
N VAL I 360 1.22 -61.90 -53.60
CA VAL I 360 0.35 -62.24 -52.43
C VAL I 360 -1.10 -61.83 -52.75
N VAL I 361 -1.30 -60.64 -53.34
CA VAL I 361 -2.66 -60.08 -53.63
C VAL I 361 -3.37 -60.99 -54.63
N ALA I 362 -2.69 -61.40 -55.71
CA ALA I 362 -3.22 -62.28 -56.78
C ALA I 362 -3.47 -63.69 -56.25
N ASN I 363 -2.64 -64.16 -55.31
CA ASN I 363 -2.75 -65.53 -54.73
C ASN I 363 -3.95 -65.62 -53.78
N TYR I 364 -4.41 -64.49 -53.20
CA TYR I 364 -5.63 -64.43 -52.36
C TYR I 364 -6.88 -64.58 -53.25
N SER I 365 -7.00 -63.75 -54.30
CA SER I 365 -8.13 -63.79 -55.27
C SER I 365 -8.16 -65.13 -56.01
N THR I 366 -6.99 -65.66 -56.40
CA THR I 366 -6.85 -66.95 -57.13
C THR I 366 -7.41 -68.08 -56.25
N ASN I 367 -7.17 -68.03 -54.94
CA ASN I 367 -7.59 -69.09 -53.98
C ASN I 367 -8.96 -68.76 -53.38
N ASN I 368 -9.66 -67.75 -53.93
CA ASN I 368 -11.04 -67.36 -53.54
C ASN I 368 -11.10 -67.12 -52.03
N ILE I 369 -10.13 -66.37 -51.50
CA ILE I 369 -10.12 -65.85 -50.11
C ILE I 369 -10.19 -64.32 -50.18
N PRO I 370 -11.27 -63.70 -49.68
CA PRO I 370 -11.36 -62.24 -49.70
C PRO I 370 -10.13 -61.58 -49.06
N LEU I 371 -9.59 -60.56 -49.72
CA LEU I 371 -8.53 -59.66 -49.19
C LEU I 371 -8.93 -58.20 -49.47
N GLU I 372 -9.00 -57.38 -48.43
CA GLU I 372 -9.43 -55.95 -48.54
C GLU I 372 -8.20 -55.06 -48.65
N THR I 373 -7.18 -55.30 -47.83
CA THR I 373 -6.02 -54.41 -47.64
C THR I 373 -4.73 -55.24 -47.62
N ILE I 374 -3.74 -54.84 -48.41
CA ILE I 374 -2.36 -55.43 -48.42
C ILE I 374 -1.40 -54.37 -47.86
N TRP I 375 -0.37 -54.82 -47.13
CA TRP I 375 0.55 -53.96 -46.34
C TRP I 375 1.99 -54.16 -46.82
N THR I 376 2.90 -53.29 -46.37
CA THR I 376 4.37 -53.48 -46.37
C THR I 376 4.95 -52.87 -45.09
N ASP I 377 5.90 -53.60 -44.48
CA ASP I 377 6.66 -53.21 -43.27
C ASP I 377 7.91 -52.42 -43.71
N ILE I 378 8.97 -52.40 -42.88
CA ILE I 378 10.20 -51.56 -43.06
C ILE I 378 10.88 -51.87 -44.40
N ASP I 379 10.58 -53.01 -45.02
CA ASP I 379 11.21 -53.49 -46.28
C ASP I 379 11.12 -52.42 -47.40
N TYR I 380 10.03 -51.64 -47.47
CA TYR I 380 9.75 -50.72 -48.60
C TYR I 380 10.80 -49.59 -48.62
N MET I 381 11.33 -49.21 -47.46
CA MET I 381 12.22 -48.03 -47.28
C MET I 381 13.61 -48.29 -47.87
N ASP I 382 14.33 -47.22 -48.23
CA ASP I 382 15.78 -47.30 -48.58
C ASP I 382 16.56 -47.54 -47.29
N ARG I 383 17.03 -48.78 -47.10
CA ARG I 383 17.84 -49.23 -45.93
C ARG I 383 17.15 -48.77 -44.64
N ARG I 384 15.83 -49.01 -44.55
CA ARG I 384 15.02 -48.88 -43.31
C ARG I 384 14.99 -47.41 -42.83
N ARG I 385 15.28 -46.46 -43.71
CA ARG I 385 15.21 -45.00 -43.46
C ARG I 385 13.77 -44.52 -43.76
N ILE I 386 13.09 -43.91 -42.79
CA ILE I 386 11.67 -43.48 -42.96
C ILE I 386 11.64 -42.36 -44.02
N PHE I 387 10.49 -42.22 -44.69
CA PHE I 387 10.23 -41.26 -45.80
C PHE I 387 11.31 -41.42 -46.88
N THR I 388 11.66 -42.67 -47.20
CA THR I 388 12.44 -43.08 -48.41
C THR I 388 11.83 -44.37 -48.97
N ILE I 389 12.10 -44.68 -50.23
CA ILE I 389 11.69 -45.96 -50.89
C ILE I 389 12.96 -46.65 -51.39
N ASP I 390 13.02 -47.97 -51.28
CA ASP I 390 14.15 -48.77 -51.81
C ASP I 390 14.15 -48.63 -53.33
N PRO I 391 15.12 -47.89 -53.92
CA PRO I 391 15.05 -47.53 -55.34
C PRO I 391 15.30 -48.74 -56.28
N GLU I 392 15.82 -49.84 -55.76
CA GLU I 392 16.08 -51.09 -56.52
C GLU I 392 14.89 -52.05 -56.41
N ARG I 393 14.23 -52.10 -55.24
CA ARG I 393 13.22 -53.13 -54.87
C ARG I 393 11.81 -52.53 -54.84
N PHE I 394 11.67 -51.25 -54.48
CA PHE I 394 10.38 -50.50 -54.50
C PHE I 394 10.55 -49.21 -55.30
N PRO I 395 11.01 -49.30 -56.57
CA PRO I 395 11.20 -48.10 -57.40
C PRO I 395 9.86 -47.43 -57.70
N ALA I 396 9.84 -46.10 -57.74
CA ALA I 396 8.63 -45.24 -57.81
C ALA I 396 7.64 -45.76 -58.85
N ASN I 397 8.11 -45.97 -60.08
CA ASN I 397 7.27 -46.33 -61.26
C ASN I 397 6.57 -47.66 -60.99
N LEU I 398 7.29 -48.68 -60.52
CA LEU I 398 6.73 -50.03 -60.23
C LEU I 398 5.87 -49.98 -58.95
N TYR I 399 6.22 -49.12 -57.99
CA TYR I 399 5.45 -48.91 -56.74
C TYR I 399 4.08 -48.30 -57.09
N LYS I 400 4.06 -47.27 -57.94
CA LYS I 400 2.82 -46.62 -58.46
C LYS I 400 1.96 -47.66 -59.20
N ASP I 401 2.57 -48.56 -59.97
CA ASP I 401 1.87 -49.63 -60.74
C ASP I 401 1.25 -50.64 -59.78
N LEU I 402 1.92 -50.95 -58.67
CA LEU I 402 1.40 -51.89 -57.63
C LEU I 402 0.17 -51.26 -56.97
N VAL I 403 0.29 -50.03 -56.49
CA VAL I 403 -0.78 -49.32 -55.72
C VAL I 403 -2.00 -49.09 -56.63
N ASP I 404 -1.77 -48.64 -57.88
CA ASP I 404 -2.83 -48.35 -58.87
C ASP I 404 -3.67 -49.62 -59.14
N THR I 405 -3.01 -50.77 -59.34
CA THR I 405 -3.69 -52.07 -59.59
C THR I 405 -4.48 -52.48 -58.35
N ILE I 406 -3.88 -52.34 -57.16
CA ILE I 406 -4.57 -52.56 -55.85
C ILE I 406 -5.85 -51.71 -55.81
N HIS I 407 -5.74 -50.40 -56.11
CA HIS I 407 -6.88 -49.45 -56.06
C HIS I 407 -7.90 -49.80 -57.15
N ALA I 408 -7.44 -50.20 -58.34
CA ALA I 408 -8.29 -50.61 -59.49
C ALA I 408 -9.11 -51.83 -59.08
N ARG I 409 -8.56 -52.67 -58.20
CA ARG I 409 -9.22 -53.90 -57.66
C ARG I 409 -10.14 -53.56 -56.48
N ASP I 410 -10.27 -52.28 -56.12
CA ASP I 410 -11.05 -51.79 -54.94
C ASP I 410 -10.44 -52.34 -53.65
N GLN I 411 -9.12 -52.50 -53.62
CA GLN I 411 -8.36 -52.91 -52.42
C GLN I 411 -7.60 -51.68 -51.91
N HIS I 412 -6.92 -51.80 -50.77
CA HIS I 412 -6.26 -50.67 -50.08
C HIS I 412 -4.81 -51.05 -49.74
N TYR I 413 -3.96 -50.04 -49.57
CA TYR I 413 -2.52 -50.18 -49.24
C TYR I 413 -2.20 -49.40 -47.97
N ILE I 414 -1.54 -50.06 -47.00
CA ILE I 414 -1.05 -49.44 -45.73
C ILE I 414 0.44 -49.77 -45.61
N VAL I 415 1.24 -48.85 -45.04
CA VAL I 415 2.68 -49.11 -44.77
C VAL I 415 3.06 -48.57 -43.40
N MET I 416 4.17 -49.09 -42.87
CA MET I 416 4.73 -48.76 -41.54
C MET I 416 5.47 -47.43 -41.61
N VAL I 417 5.31 -46.61 -40.57
CA VAL I 417 6.20 -45.46 -40.25
C VAL I 417 6.58 -45.57 -38.77
N ASP I 418 7.81 -45.16 -38.42
CA ASP I 418 8.31 -45.14 -37.03
C ASP I 418 8.88 -43.75 -36.77
N PRO I 419 9.20 -43.36 -35.51
CA PRO I 419 9.64 -42.00 -35.21
C PRO I 419 11.12 -41.72 -35.52
N ALA I 420 11.96 -42.76 -35.59
CA ALA I 420 13.43 -42.69 -35.70
C ALA I 420 13.83 -42.14 -37.07
N VAL I 421 14.68 -41.11 -37.10
CA VAL I 421 15.13 -40.40 -38.34
C VAL I 421 16.65 -40.55 -38.45
N TYR I 422 17.12 -41.32 -39.44
CA TYR I 422 18.55 -41.53 -39.79
C TYR I 422 19.25 -40.18 -39.92
N TYR I 423 20.41 -39.99 -39.28
CA TYR I 423 21.13 -38.69 -39.25
C TYR I 423 22.52 -38.80 -39.90
N LYS I 424 22.98 -39.99 -40.28
CA LYS I 424 24.35 -40.22 -40.81
C LYS I 424 24.47 -39.77 -42.27
N GLU I 425 23.40 -39.89 -43.07
CA GLU I 425 23.35 -39.40 -44.48
C GLU I 425 22.07 -38.58 -44.69
N SER I 426 22.13 -37.57 -45.57
CA SER I 426 21.01 -36.69 -45.94
C SER I 426 19.78 -37.51 -46.38
N ASN I 427 18.63 -37.20 -45.80
CA ASN I 427 17.29 -37.72 -46.22
C ASN I 427 16.25 -36.65 -45.87
N PRO I 428 15.11 -36.57 -46.60
CA PRO I 428 14.12 -35.52 -46.36
C PRO I 428 13.75 -35.31 -44.89
N ALA I 429 13.50 -36.39 -44.14
CA ALA I 429 13.07 -36.36 -42.73
C ALA I 429 14.13 -35.70 -41.85
N LEU I 430 15.39 -36.13 -42.00
CA LEU I 430 16.56 -35.56 -41.28
C LEU I 430 16.69 -34.07 -41.59
N ASP I 431 16.79 -33.73 -42.88
CA ASP I 431 17.15 -32.37 -43.36
C ASP I 431 16.06 -31.36 -42.96
N GLU I 432 14.79 -31.69 -43.21
CA GLU I 432 13.63 -30.83 -42.83
C GLU I 432 13.50 -30.77 -41.30
N GLY I 433 13.77 -31.89 -40.62
CA GLY I 433 13.76 -31.99 -39.14
C GLY I 433 14.75 -31.03 -38.49
N LEU I 434 15.95 -30.91 -39.06
CA LEU I 434 17.04 -30.01 -38.57
C LEU I 434 16.74 -28.56 -38.96
N ARG I 435 16.03 -28.34 -40.07
CA ARG I 435 15.59 -26.99 -40.53
C ARG I 435 14.53 -26.46 -39.55
N TYR I 436 13.52 -27.26 -39.24
CA TYR I 436 12.44 -26.92 -38.28
C TYR I 436 12.95 -27.06 -36.84
N ASP I 437 14.02 -27.83 -36.63
CA ASP I 437 14.75 -27.95 -35.33
C ASP I 437 13.84 -28.62 -34.29
N ILE I 438 13.21 -29.73 -34.64
CA ILE I 438 12.10 -30.34 -33.84
C ILE I 438 12.58 -31.62 -33.14
N PHE I 439 13.88 -31.92 -33.16
CA PHE I 439 14.46 -33.15 -32.57
C PHE I 439 14.72 -32.94 -31.08
N MET I 440 14.48 -33.99 -30.29
CA MET I 440 14.83 -34.02 -28.84
C MET I 440 16.35 -33.81 -28.72
N LYS I 441 16.77 -33.00 -27.73
CA LYS I 441 18.17 -32.55 -27.57
C LYS I 441 18.65 -32.91 -26.16
N GLU I 442 19.94 -33.22 -26.00
CA GLU I 442 20.60 -33.38 -24.69
C GLU I 442 20.85 -31.98 -24.10
N ASN I 443 21.24 -31.91 -22.82
CA ASN I 443 21.48 -30.63 -22.08
C ASN I 443 22.35 -29.67 -22.91
N ASN I 444 23.38 -30.19 -23.60
CA ASN I 444 24.40 -29.39 -24.33
C ASN I 444 23.82 -28.79 -25.62
N GLY I 445 22.54 -29.03 -25.93
CA GLY I 445 21.82 -28.41 -27.06
C GLY I 445 21.94 -29.21 -28.34
N SER I 446 22.84 -30.21 -28.40
CA SER I 446 23.05 -31.08 -29.58
C SER I 446 21.92 -32.12 -29.66
N GLU I 447 21.56 -32.54 -30.87
CA GLU I 447 20.45 -33.49 -31.15
C GLU I 447 20.70 -34.78 -30.35
N TYR I 448 19.71 -35.28 -29.61
CA TYR I 448 19.80 -36.57 -28.87
C TYR I 448 20.01 -37.70 -29.89
N GLN I 449 20.95 -38.59 -29.60
CA GLN I 449 21.39 -39.70 -30.49
C GLN I 449 20.87 -41.04 -29.96
N GLY I 450 20.27 -41.84 -30.83
CA GLY I 450 19.92 -43.25 -30.58
C GLY I 450 20.22 -44.09 -31.80
N VAL I 451 19.94 -45.40 -31.74
CA VAL I 451 20.07 -46.34 -32.89
C VAL I 451 18.79 -47.17 -32.98
N VAL I 452 18.18 -47.21 -34.16
CA VAL I 452 17.07 -48.14 -34.51
C VAL I 452 17.38 -48.71 -35.90
N TRP I 453 16.39 -49.12 -36.70
CA TRP I 453 16.63 -50.06 -37.83
C TRP I 453 17.55 -49.44 -38.89
N ALA I 454 17.48 -48.13 -39.12
CA ALA I 454 18.27 -47.40 -40.15
C ALA I 454 19.72 -47.21 -39.70
N GLY I 455 20.00 -47.41 -38.41
CA GLY I 455 21.28 -47.09 -37.78
C GLY I 455 21.11 -45.92 -36.80
N PRO I 456 22.14 -45.06 -36.63
CA PRO I 456 22.03 -43.91 -35.75
C PRO I 456 20.90 -42.96 -36.19
N SER I 457 20.03 -42.57 -35.24
CA SER I 457 18.77 -41.80 -35.49
C SER I 457 18.55 -40.76 -34.39
N HIS I 458 17.86 -39.66 -34.74
CA HIS I 458 17.27 -38.67 -33.81
C HIS I 458 15.78 -38.99 -33.65
N PHE I 459 15.11 -38.40 -32.66
CA PHE I 459 13.67 -38.59 -32.38
C PHE I 459 12.98 -37.24 -32.33
N PRO I 460 11.89 -37.05 -33.09
CA PRO I 460 11.07 -35.83 -32.97
C PRO I 460 10.63 -35.55 -31.54
N ASP I 461 10.56 -34.27 -31.17
CA ASP I 461 9.91 -33.75 -29.93
C ASP I 461 8.50 -33.30 -30.31
N TRP I 462 7.47 -34.08 -29.93
CA TRP I 462 6.05 -33.86 -30.32
C TRP I 462 5.45 -32.66 -29.56
N PHE I 463 6.15 -32.14 -28.54
CA PHE I 463 5.79 -30.90 -27.81
C PHE I 463 6.19 -29.67 -28.61
N HIS I 464 7.16 -29.78 -29.52
CA HIS I 464 7.70 -28.65 -30.31
C HIS I 464 6.58 -28.07 -31.19
N PRO I 465 6.34 -26.74 -31.13
CA PRO I 465 5.21 -26.14 -31.85
C PRO I 465 5.26 -26.29 -33.39
N ASP I 466 6.41 -26.68 -33.96
CA ASP I 466 6.58 -26.86 -35.43
C ASP I 466 6.61 -28.35 -35.79
N SER I 467 6.57 -29.25 -34.80
CA SER I 467 6.69 -30.72 -35.01
C SER I 467 5.49 -31.26 -35.81
N GLN I 468 4.31 -30.64 -35.68
CA GLN I 468 3.10 -31.03 -36.47
C GLN I 468 3.28 -30.61 -37.93
N GLN I 469 3.68 -29.35 -38.17
CA GLN I 469 3.99 -28.84 -39.53
C GLN I 469 5.04 -29.76 -40.17
N TYR I 470 6.14 -30.02 -39.45
CA TYR I 470 7.27 -30.88 -39.91
C TYR I 470 6.74 -32.24 -40.37
N TRP I 471 5.91 -32.87 -39.52
CA TRP I 471 5.42 -34.27 -39.69
C TRP I 471 4.43 -34.31 -40.85
N SER I 472 3.43 -33.41 -40.85
CA SER I 472 2.40 -33.28 -41.90
C SER I 472 3.07 -33.11 -43.27
N GLU I 473 4.07 -32.23 -43.35
CA GLU I 473 4.76 -31.88 -44.62
C GLU I 473 5.57 -33.09 -45.13
N GLN I 474 6.13 -33.91 -44.23
CA GLN I 474 6.84 -35.16 -44.61
C GLN I 474 5.87 -36.10 -45.33
N PHE I 475 4.65 -36.25 -44.79
CA PHE I 475 3.59 -37.15 -45.33
C PHE I 475 3.11 -36.64 -46.68
N LEU I 476 2.88 -35.33 -46.79
CA LEU I 476 2.37 -34.64 -48.01
C LEU I 476 3.37 -34.82 -49.17
N ALA I 477 4.67 -34.77 -48.87
CA ALA I 477 5.78 -34.85 -49.85
C ALA I 477 6.06 -36.30 -50.26
N PHE I 478 5.94 -37.25 -49.32
CA PHE I 478 6.37 -38.65 -49.51
C PHE I 478 5.24 -39.52 -50.09
N PHE I 479 4.04 -39.49 -49.49
CA PHE I 479 2.94 -40.45 -49.80
C PHE I 479 2.06 -39.89 -50.93
N ASP I 480 2.66 -39.50 -52.05
CA ASP I 480 1.99 -38.72 -53.14
C ASP I 480 1.83 -39.58 -54.40
N GLY I 481 2.24 -40.85 -54.37
CA GLY I 481 2.19 -41.76 -55.54
C GLY I 481 3.25 -41.41 -56.58
N THR I 482 4.28 -40.64 -56.20
CA THR I 482 5.47 -40.31 -57.03
C THR I 482 6.74 -40.60 -56.23
N ASN I 483 6.95 -39.87 -55.12
CA ASN I 483 8.12 -40.02 -54.21
C ASN I 483 7.94 -41.27 -53.35
N GLY I 484 6.68 -41.61 -53.01
CA GLY I 484 6.33 -42.82 -52.25
C GLY I 484 4.88 -43.24 -52.51
N PRO I 485 4.36 -44.24 -51.77
CA PRO I 485 3.04 -44.81 -52.05
C PRO I 485 1.87 -43.94 -51.58
N ASP I 486 0.80 -43.90 -52.39
CA ASP I 486 -0.50 -43.24 -52.05
C ASP I 486 -1.26 -44.20 -51.12
N ILE I 487 -0.85 -44.24 -49.85
CA ILE I 487 -1.42 -45.15 -48.81
C ILE I 487 -2.83 -44.66 -48.46
N ASP I 488 -3.71 -45.57 -48.05
CA ASP I 488 -5.12 -45.29 -47.69
C ASP I 488 -5.26 -45.15 -46.17
N ALA I 489 -4.33 -45.74 -45.41
CA ALA I 489 -4.30 -45.77 -43.93
C ALA I 489 -2.85 -46.00 -43.47
N LEU I 490 -2.58 -45.77 -42.18
CA LEU I 490 -1.19 -45.68 -41.66
C LEU I 490 -0.96 -46.75 -40.58
N TRP I 491 0.27 -47.29 -40.57
CA TRP I 491 0.79 -48.23 -39.53
C TRP I 491 1.93 -47.53 -38.79
N ILE I 492 1.77 -47.35 -37.48
CA ILE I 492 2.81 -46.77 -36.59
C ILE I 492 3.35 -47.90 -35.72
N ASP I 493 4.68 -48.08 -35.73
CA ASP I 493 5.40 -49.12 -34.98
C ASP I 493 6.56 -48.45 -34.24
N MET I 494 7.01 -49.04 -33.13
CA MET I 494 8.26 -48.63 -32.43
C MET I 494 8.15 -47.19 -31.92
N ASN I 495 6.94 -46.77 -31.52
CA ASN I 495 6.61 -45.38 -31.08
C ASN I 495 6.67 -45.26 -29.55
N GLU I 496 7.30 -46.19 -28.84
CA GLU I 496 7.41 -46.15 -27.36
C GLU I 496 8.21 -44.94 -26.88
N PRO I 497 9.33 -44.51 -27.52
CA PRO I 497 9.88 -45.09 -28.75
C PRO I 497 10.89 -46.21 -28.50
N ALA I 498 11.01 -47.12 -29.47
CA ALA I 498 11.99 -48.22 -29.50
C ALA I 498 13.38 -47.62 -29.79
N ASN I 499 14.39 -48.01 -29.00
CA ASN I 499 15.80 -47.54 -29.16
C ASN I 499 16.74 -48.70 -28.83
N PHE I 500 17.23 -49.39 -29.87
CA PHE I 500 18.08 -50.60 -29.77
C PHE I 500 19.39 -50.25 -29.05
N TYR I 501 19.86 -49.01 -29.24
CA TYR I 501 21.14 -48.47 -28.71
C TYR I 501 21.22 -48.72 -27.19
N ASN I 502 20.13 -48.49 -26.45
CA ASN I 502 20.09 -48.66 -24.98
C ASN I 502 19.82 -50.14 -24.66
N ARG I 503 20.72 -51.05 -25.07
CA ARG I 503 20.62 -52.51 -24.83
C ARG I 503 21.98 -53.05 -24.39
N PRO I 504 22.42 -52.82 -23.12
CA PRO I 504 21.68 -51.97 -22.19
C PRO I 504 22.01 -50.47 -22.31
N TYR I 505 21.29 -49.61 -21.58
CA TYR I 505 21.68 -48.20 -21.31
C TYR I 505 22.99 -48.22 -20.53
N PRO I 506 23.97 -47.30 -20.78
CA PRO I 506 23.88 -46.30 -21.84
C PRO I 506 24.61 -46.74 -23.12
N GLY I 507 23.88 -46.83 -24.23
CA GLY I 507 24.41 -47.04 -25.60
C GLY I 507 25.32 -48.26 -25.68
N ASN I 508 25.10 -49.27 -24.84
CA ASN I 508 25.93 -50.49 -24.72
C ASN I 508 27.41 -50.14 -24.46
N ASN I 509 27.66 -48.92 -23.95
CA ASN I 509 29.01 -48.39 -23.60
C ASN I 509 29.88 -48.27 -24.86
N THR I 510 29.27 -47.90 -26.00
CA THR I 510 29.96 -47.67 -27.30
C THR I 510 29.27 -46.51 -28.05
N THR I 511 29.78 -46.18 -29.24
CA THR I 511 29.26 -45.07 -30.10
C THR I 511 28.05 -45.59 -30.88
N PRO I 512 27.16 -44.68 -31.36
CA PRO I 512 26.02 -45.10 -32.18
C PRO I 512 26.47 -45.88 -33.43
N GLU I 513 27.55 -45.42 -34.07
CA GLU I 513 28.11 -45.98 -35.32
C GLU I 513 28.54 -47.43 -35.08
N ASN I 514 29.22 -47.70 -33.96
CA ASN I 514 29.78 -49.04 -33.62
C ASN I 514 28.63 -50.00 -33.27
N PHE I 515 27.68 -49.56 -32.43
CA PHE I 515 26.48 -50.34 -32.04
C PHE I 515 25.69 -50.73 -33.31
N ALA I 516 25.50 -49.77 -34.22
CA ALA I 516 24.78 -49.94 -35.51
C ALA I 516 25.44 -51.06 -36.32
N GLU I 517 26.75 -50.95 -36.57
CA GLU I 517 27.54 -51.93 -37.37
C GLU I 517 27.35 -53.33 -36.77
N VAL I 518 27.64 -53.50 -35.48
CA VAL I 518 27.62 -54.80 -34.75
C VAL I 518 26.17 -55.36 -34.73
N ASP I 519 25.19 -54.53 -34.37
CA ASP I 519 23.78 -54.95 -34.15
C ASP I 519 23.09 -55.24 -35.50
N GLY I 520 23.65 -54.73 -36.61
CA GLY I 520 23.14 -54.95 -37.97
C GLY I 520 22.02 -53.98 -38.32
N ASP I 521 22.25 -52.67 -38.08
CA ASP I 521 21.28 -51.57 -38.28
C ASP I 521 21.81 -50.62 -39.36
N PRO I 522 21.39 -50.75 -40.64
CA PRO I 522 20.42 -51.74 -41.09
C PRO I 522 21.07 -53.03 -41.55
N PRO I 523 20.30 -54.13 -41.74
CA PRO I 523 20.84 -55.34 -42.34
C PRO I 523 20.91 -55.18 -43.86
N ALA I 524 21.69 -56.04 -44.52
CA ALA I 524 21.72 -56.19 -46.00
C ALA I 524 20.34 -56.70 -46.46
N ALA I 525 19.68 -55.95 -47.34
CA ALA I 525 18.44 -56.39 -48.02
C ALA I 525 18.78 -57.62 -48.87
N PRO I 526 17.84 -58.58 -49.06
CA PRO I 526 18.10 -59.72 -49.95
C PRO I 526 18.49 -59.27 -51.36
N ALA I 527 19.12 -60.17 -52.12
CA ALA I 527 19.60 -59.95 -53.50
C ALA I 527 18.44 -59.50 -54.38
N VAL I 528 18.67 -58.49 -55.22
CA VAL I 528 17.65 -57.93 -56.16
C VAL I 528 17.22 -59.04 -57.12
N ARG I 529 15.92 -59.21 -57.32
CA ARG I 529 15.31 -60.27 -58.16
C ARG I 529 15.03 -59.73 -59.56
N ASP I 530 14.94 -60.63 -60.54
CA ASP I 530 14.50 -60.33 -61.93
C ASP I 530 12.98 -60.10 -61.94
N GLY I 531 12.27 -60.66 -60.94
CA GLY I 531 10.82 -60.52 -60.77
C GLY I 531 10.29 -61.55 -59.78
N PRO I 532 8.96 -61.82 -59.76
CA PRO I 532 8.38 -62.79 -58.83
C PRO I 532 8.74 -64.25 -59.12
N ASP I 533 8.34 -65.16 -58.21
CA ASP I 533 8.51 -66.64 -58.31
C ASP I 533 7.78 -67.21 -59.54
N ALA I 534 6.64 -66.60 -59.90
CA ALA I 534 5.68 -67.10 -60.91
C ALA I 534 4.98 -65.91 -61.58
N PRO I 535 4.24 -66.12 -62.70
CA PRO I 535 3.38 -65.07 -63.25
C PRO I 535 2.37 -64.62 -62.17
N ILE I 536 1.92 -63.37 -62.25
CA ILE I 536 0.93 -62.78 -61.30
C ILE I 536 -0.32 -62.41 -62.09
N PRO I 537 -1.36 -63.27 -62.12
CA PRO I 537 -2.60 -62.95 -62.83
C PRO I 537 -3.17 -61.57 -62.45
N GLY I 538 -3.66 -60.82 -63.45
CA GLY I 538 -4.41 -59.56 -63.26
C GLY I 538 -3.52 -58.40 -62.84
N PHE I 539 -2.19 -58.59 -62.81
CA PHE I 539 -1.21 -57.54 -62.45
C PHE I 539 -0.40 -57.18 -63.70
N PRO I 540 -0.02 -55.89 -63.87
CA PRO I 540 0.73 -55.44 -65.04
C PRO I 540 1.98 -56.28 -65.37
N ALA I 541 2.38 -56.27 -66.65
CA ALA I 541 3.64 -56.88 -67.17
C ALA I 541 4.84 -56.32 -66.42
N SER I 542 4.81 -55.02 -66.09
CA SER I 542 5.88 -54.27 -65.39
C SER I 542 6.25 -54.95 -64.06
N LEU I 543 5.34 -55.71 -63.45
CA LEU I 543 5.53 -56.36 -62.14
C LEU I 543 5.81 -57.86 -62.29
N GLN I 544 6.11 -58.32 -63.52
CA GLN I 544 6.52 -59.73 -63.80
C GLN I 544 7.33 -59.78 -65.10
N PRO I 545 8.40 -58.95 -65.24
CA PRO I 545 9.08 -58.78 -66.53
C PRO I 545 9.86 -60.04 -66.96
N ASN I 546 10.18 -60.92 -66.01
CA ASN I 546 10.84 -62.24 -66.21
C ASN I 546 9.82 -63.29 -66.69
N TRP I 547 8.55 -62.91 -66.88
CA TRP I 547 7.44 -63.84 -67.25
C TRP I 547 6.71 -63.33 -68.49
N VAL I 548 7.28 -62.38 -69.23
CA VAL I 548 6.74 -61.88 -70.54
C VAL I 548 7.54 -62.53 -71.67
N SER J 1 -21.50 -33.63 -49.10
CA SER J 1 -21.44 -32.54 -48.06
C SER J 1 -21.23 -33.15 -46.67
N ARG J 2 -21.47 -32.37 -45.62
CA ARG J 2 -21.31 -32.78 -44.19
C ARG J 2 -22.50 -32.28 -43.37
N ARG J 3 -23.71 -32.39 -43.91
CA ARG J 3 -24.99 -32.01 -43.24
C ARG J 3 -25.20 -32.89 -41.99
N ASN J 4 -24.69 -34.12 -42.03
CA ASN J 4 -24.91 -35.18 -40.99
C ASN J 4 -26.42 -35.33 -40.79
N LEU J 5 -27.14 -35.32 -41.92
CA LEU J 5 -28.62 -35.30 -41.99
C LEU J 5 -29.15 -36.66 -41.54
N GLY J 6 -29.92 -36.69 -40.46
CA GLY J 6 -30.53 -37.91 -39.90
C GLY J 6 -29.66 -38.58 -38.85
N ALA J 7 -28.70 -37.85 -38.27
CA ALA J 7 -27.80 -38.32 -37.20
C ALA J 7 -28.26 -37.78 -35.85
N GLY J 8 -27.75 -38.34 -34.75
CA GLY J 8 -27.92 -37.82 -33.38
C GLY J 8 -29.00 -38.55 -32.58
N HIS J 9 -29.59 -39.62 -33.14
CA HIS J 9 -30.66 -40.43 -32.49
C HIS J 9 -30.07 -41.29 -31.37
N TRP J 10 -28.78 -41.63 -31.46
CA TRP J 10 -28.09 -42.57 -30.54
C TRP J 10 -27.09 -41.83 -29.64
N LYS J 11 -26.91 -40.52 -29.85
CA LYS J 11 -26.01 -39.65 -29.03
C LYS J 11 -26.55 -39.63 -27.59
N SER J 12 -25.66 -39.68 -26.60
CA SER J 12 -26.01 -39.68 -25.15
C SER J 12 -26.44 -38.29 -24.72
N PRO J 13 -27.19 -38.18 -23.59
CA PRO J 13 -27.55 -36.88 -23.04
C PRO J 13 -26.33 -36.05 -22.58
N LYS J 14 -26.18 -34.85 -23.13
CA LYS J 14 -25.23 -33.81 -22.63
C LYS J 14 -25.94 -33.02 -21.54
N GLY J 15 -25.70 -33.36 -20.27
CA GLY J 15 -26.44 -32.86 -19.10
C GLY J 15 -25.69 -31.80 -18.31
N LYS J 16 -26.41 -30.76 -17.86
CA LYS J 16 -25.96 -29.73 -16.89
C LYS J 16 -24.63 -29.09 -17.35
N VAL J 17 -24.60 -28.55 -18.56
CA VAL J 17 -23.39 -27.88 -19.16
C VAL J 17 -23.62 -26.36 -19.16
N ASP J 18 -23.29 -25.69 -18.06
CA ASP J 18 -23.43 -24.21 -17.86
C ASP J 18 -22.07 -23.54 -18.05
N PRO J 19 -21.80 -22.89 -19.22
CA PRO J 19 -20.47 -22.35 -19.51
C PRO J 19 -20.02 -21.15 -18.67
N ARG J 20 -20.95 -20.46 -17.98
CA ARG J 20 -20.63 -19.28 -17.12
C ARG J 20 -19.92 -19.74 -15.85
N ALA J 21 -20.18 -20.97 -15.40
CA ALA J 21 -19.56 -21.61 -14.21
C ALA J 21 -18.11 -22.01 -14.51
N GLY J 22 -17.79 -22.22 -15.78
CA GLY J 22 -16.45 -22.65 -16.25
C GLY J 22 -15.93 -23.81 -15.41
N TRP J 23 -14.61 -23.86 -15.19
CA TRP J 23 -13.93 -24.88 -14.34
C TRP J 23 -14.24 -24.61 -12.86
N GLN J 24 -14.54 -25.66 -12.09
CA GLN J 24 -14.66 -25.61 -10.61
C GLN J 24 -13.35 -25.09 -9.99
N ASN J 25 -12.20 -25.49 -10.55
CA ASN J 25 -10.85 -25.23 -9.97
C ASN J 25 -10.52 -23.73 -10.00
N GLY J 26 -11.29 -22.93 -10.75
CA GLY J 26 -11.21 -21.46 -10.77
C GLY J 26 -10.24 -20.94 -11.82
N LYS J 27 -9.48 -21.83 -12.47
CA LYS J 27 -8.43 -21.52 -13.46
C LYS J 27 -9.03 -21.54 -14.87
N GLN J 28 -8.21 -21.27 -15.89
CA GLN J 28 -8.61 -21.27 -17.32
C GLN J 28 -8.34 -22.64 -17.97
N THR J 29 -7.67 -23.56 -17.27
CA THR J 29 -7.32 -24.90 -17.78
C THR J 29 -7.89 -25.99 -16.86
N GLY J 30 -8.22 -27.15 -17.42
CA GLY J 30 -8.85 -28.28 -16.70
C GLY J 30 -7.94 -28.86 -15.64
N SER J 31 -6.61 -28.78 -15.85
CA SER J 31 -5.55 -29.31 -14.95
C SER J 31 -5.30 -28.33 -13.80
N GLY J 32 -5.74 -27.08 -13.93
CA GLY J 32 -5.45 -25.99 -12.98
C GLY J 32 -4.00 -25.54 -13.08
N CYS J 33 -3.31 -25.96 -14.15
CA CYS J 33 -1.89 -25.60 -14.43
C CYS J 33 -1.87 -24.52 -15.52
N GLY J 34 -1.30 -23.35 -15.21
CA GLY J 34 -0.91 -22.33 -16.19
C GLY J 34 0.16 -22.89 -17.14
N PRO J 35 0.46 -22.19 -18.26
CA PRO J 35 1.33 -22.74 -19.29
C PRO J 35 2.80 -22.93 -18.88
N ASN J 36 3.25 -22.25 -17.81
CA ASN J 36 4.62 -22.34 -17.27
C ASN J 36 4.64 -23.18 -15.98
N GLU J 37 3.53 -23.85 -15.64
CA GLU J 37 3.36 -24.60 -14.36
C GLU J 37 3.26 -26.10 -14.63
N CYS J 38 3.48 -26.90 -13.58
CA CYS J 38 3.33 -28.38 -13.54
C CYS J 38 4.27 -29.03 -14.57
N LYS J 39 5.50 -28.51 -14.70
CA LYS J 39 6.53 -29.02 -15.64
C LYS J 39 7.38 -30.09 -14.96
N GLY J 40 7.33 -30.19 -13.62
CA GLY J 40 8.03 -31.22 -12.82
C GLY J 40 9.05 -30.62 -11.88
N LEU J 41 9.28 -31.27 -10.74
CA LEU J 41 10.24 -30.80 -9.69
C LEU J 41 11.67 -30.95 -10.22
N PRO J 42 12.59 -30.02 -9.86
CA PRO J 42 14.00 -30.17 -10.21
C PRO J 42 14.72 -31.13 -9.24
N ASN J 43 15.96 -31.49 -9.57
CA ASN J 43 16.90 -32.23 -8.70
C ASN J 43 16.52 -33.72 -8.63
N ARG J 44 15.72 -34.20 -9.59
CA ARG J 44 15.23 -35.61 -9.62
C ARG J 44 16.26 -36.48 -10.34
N HIS J 45 16.30 -37.77 -10.03
CA HIS J 45 17.09 -38.82 -10.72
C HIS J 45 16.23 -39.42 -11.83
N LEU J 46 16.41 -38.97 -13.08
CA LEU J 46 15.45 -39.23 -14.19
C LEU J 46 15.81 -40.50 -14.98
N ILE J 47 17.02 -41.03 -14.82
CA ILE J 47 17.50 -42.28 -15.50
C ILE J 47 17.19 -43.48 -14.61
N ARG J 48 17.68 -43.44 -13.36
CA ARG J 48 17.52 -44.53 -12.36
C ARG J 48 16.97 -43.90 -11.08
N PRO J 49 15.63 -43.85 -10.93
CA PRO J 49 15.00 -43.20 -9.77
C PRO J 49 15.17 -43.97 -8.46
N PRO J 50 14.99 -43.32 -7.29
CA PRO J 50 15.21 -43.97 -5.99
C PRO J 50 14.32 -45.21 -5.80
N TYR J 51 13.03 -45.10 -6.15
CA TYR J 51 12.11 -46.25 -6.37
C TYR J 51 12.13 -46.61 -7.86
N MET J 52 12.76 -47.73 -8.21
CA MET J 52 12.73 -48.27 -9.59
C MET J 52 11.59 -49.28 -9.73
N ILE J 53 10.75 -49.09 -10.75
CA ILE J 53 9.60 -49.97 -11.09
C ILE J 53 10.14 -51.29 -11.67
N GLN J 54 9.30 -52.33 -11.71
CA GLN J 54 9.62 -53.66 -12.29
C GLN J 54 9.58 -53.54 -13.82
N ASN J 55 10.57 -52.86 -14.39
CA ASN J 55 10.69 -52.60 -15.85
C ASN J 55 11.33 -53.82 -16.52
N GLY J 56 10.61 -54.48 -17.42
CA GLY J 56 11.11 -55.65 -18.18
C GLY J 56 12.25 -55.28 -19.12
N ALA J 57 12.34 -54.01 -19.55
CA ALA J 57 13.38 -53.52 -20.49
C ALA J 57 14.76 -53.60 -19.83
N GLY J 58 14.85 -53.42 -18.51
CA GLY J 58 16.11 -53.51 -17.76
C GLY J 58 16.13 -52.62 -16.51
N PRO J 59 17.33 -52.40 -15.91
CA PRO J 59 17.45 -51.77 -14.60
C PRO J 59 17.14 -50.26 -14.56
N THR J 60 17.07 -49.62 -15.72
CA THR J 60 16.95 -48.16 -15.91
C THR J 60 15.62 -47.86 -16.62
N LEU J 61 15.06 -46.66 -16.46
CA LEU J 61 13.83 -46.22 -17.17
C LEU J 61 14.12 -46.10 -18.68
N ALA J 62 15.39 -45.98 -19.07
CA ALA J 62 15.85 -45.66 -20.44
C ALA J 62 16.17 -46.91 -21.26
N ASP J 63 16.18 -48.11 -20.67
CA ASP J 63 16.56 -49.34 -21.42
C ASP J 63 15.57 -49.57 -22.56
N SER J 64 16.09 -49.74 -23.78
CA SER J 64 15.34 -50.04 -25.03
C SER J 64 14.40 -48.88 -25.40
N THR J 65 14.65 -47.67 -24.89
CA THR J 65 13.89 -46.43 -25.26
C THR J 65 14.79 -45.19 -25.17
N ALA J 66 14.20 -44.00 -25.29
CA ALA J 66 14.89 -42.69 -25.23
C ALA J 66 15.30 -42.40 -23.79
N ASP J 67 16.51 -41.85 -23.59
CA ASP J 67 17.02 -41.35 -22.29
C ASP J 67 15.91 -40.51 -21.65
N THR J 68 15.62 -40.72 -20.36
CA THR J 68 14.45 -40.14 -19.65
C THR J 68 14.81 -38.79 -19.01
N ASP J 69 16.05 -38.31 -19.19
CA ASP J 69 16.53 -37.01 -18.64
C ASP J 69 16.24 -35.88 -19.64
N LEU J 70 15.90 -36.23 -20.88
CA LEU J 70 15.84 -35.29 -22.04
C LEU J 70 14.76 -34.24 -21.78
N VAL J 71 15.13 -32.96 -21.82
CA VAL J 71 14.20 -31.80 -21.67
C VAL J 71 13.60 -31.50 -23.04
N GLN J 72 12.27 -31.52 -23.14
CA GLN J 72 11.50 -31.28 -24.39
C GLN J 72 11.01 -29.82 -24.38
N SER J 73 10.44 -29.38 -25.50
CA SER J 73 9.82 -28.03 -25.65
C SER J 73 8.85 -27.78 -24.49
N GLY J 74 9.04 -26.67 -23.77
CA GLY J 74 8.18 -26.24 -22.64
C GLY J 74 8.63 -26.82 -21.31
N GLY J 75 9.81 -27.46 -21.24
CA GLY J 75 10.44 -27.91 -19.99
C GLY J 75 10.01 -29.31 -19.54
N TYR J 76 9.12 -29.99 -20.26
CA TYR J 76 8.70 -31.37 -19.94
C TYR J 76 9.89 -32.31 -20.14
N VAL J 77 10.16 -33.19 -19.17
CA VAL J 77 11.24 -34.23 -19.26
C VAL J 77 10.61 -35.58 -19.63
N GLN J 78 11.35 -36.41 -20.35
CA GLN J 78 10.91 -37.74 -20.87
C GLN J 78 10.49 -38.67 -19.72
N TYR J 79 11.17 -38.60 -18.58
CA TYR J 79 10.78 -39.29 -17.33
C TYR J 79 9.26 -39.26 -17.19
N ASP J 80 8.67 -38.07 -17.30
CA ASP J 80 7.24 -37.79 -17.01
C ASP J 80 6.37 -38.15 -18.21
N THR J 81 6.77 -37.76 -19.43
CA THR J 81 5.95 -37.77 -20.66
C THR J 81 6.23 -39.01 -21.52
N HIS J 82 7.12 -39.92 -21.08
CA HIS J 82 7.52 -41.15 -21.82
C HIS J 82 6.28 -41.95 -22.23
N ASN J 83 5.38 -42.22 -21.28
CA ASN J 83 4.13 -43.01 -21.50
C ASN J 83 3.20 -42.29 -22.51
N LEU J 84 3.45 -41.01 -22.78
CA LEU J 84 2.65 -40.20 -23.73
C LEU J 84 3.29 -40.16 -25.12
N TYR J 85 4.60 -40.45 -25.24
CA TYR J 85 5.38 -40.26 -26.50
C TYR J 85 4.67 -40.99 -27.65
N GLY J 86 4.27 -42.25 -27.43
CA GLY J 86 3.56 -43.06 -28.43
C GLY J 86 2.25 -42.43 -28.84
N ALA J 87 1.49 -41.93 -27.87
CA ALA J 87 0.18 -41.27 -28.07
C ALA J 87 0.38 -40.00 -28.93
N MET J 88 1.38 -39.21 -28.60
CA MET J 88 1.64 -37.88 -29.22
C MET J 88 2.18 -38.06 -30.65
N MET J 89 2.95 -39.12 -30.90
CA MET J 89 3.31 -39.49 -32.30
C MET J 89 2.03 -39.87 -33.06
N SER J 90 1.16 -40.67 -32.43
CA SER J 90 -0.10 -41.20 -33.02
C SER J 90 -1.05 -40.05 -33.35
N SER J 91 -1.22 -39.09 -32.43
CA SER J 91 -1.98 -37.82 -32.64
C SER J 91 -1.42 -37.05 -33.84
N HIS J 92 -0.10 -36.83 -33.86
CA HIS J 92 0.60 -36.07 -34.95
C HIS J 92 0.44 -36.80 -36.29
N SER J 93 0.47 -38.13 -36.30
CA SER J 93 0.38 -38.97 -37.52
C SER J 93 -1.05 -38.98 -38.05
N HIS J 94 -2.05 -38.82 -37.18
CA HIS J 94 -3.49 -38.72 -37.53
C HIS J 94 -3.75 -37.40 -38.27
N ASN J 95 -3.29 -36.28 -37.69
CA ASN J 95 -3.44 -34.92 -38.26
C ASN J 95 -2.74 -34.85 -39.62
N ALA J 96 -1.65 -35.60 -39.81
CA ALA J 96 -0.88 -35.67 -41.07
C ALA J 96 -1.65 -36.50 -42.11
N MET J 97 -2.40 -37.53 -41.68
CA MET J 97 -3.26 -38.37 -42.56
C MET J 97 -4.49 -37.56 -42.98
N ARG J 98 -5.05 -36.76 -42.07
CA ARG J 98 -6.18 -35.84 -42.35
C ARG J 98 -5.71 -34.74 -43.32
N ALA J 99 -4.52 -34.18 -43.10
CA ALA J 99 -3.91 -33.12 -43.95
C ALA J 99 -3.87 -33.57 -45.41
N ARG J 100 -3.57 -34.83 -45.69
CA ARG J 100 -3.40 -35.33 -47.09
C ARG J 100 -4.73 -35.84 -47.67
N ARG J 101 -5.71 -36.20 -46.82
CA ARG J 101 -7.09 -36.59 -47.24
C ARG J 101 -8.12 -36.03 -46.24
N PRO J 102 -8.43 -34.72 -46.27
CA PRO J 102 -9.21 -34.07 -45.21
C PRO J 102 -10.71 -34.40 -45.20
N ASP J 103 -11.23 -34.99 -46.27
CA ASP J 103 -12.65 -35.43 -46.38
C ASP J 103 -12.83 -36.78 -45.68
N ASP J 104 -11.73 -37.52 -45.44
CA ASP J 104 -11.75 -38.94 -45.03
C ASP J 104 -11.44 -39.09 -43.53
N ARG J 105 -12.04 -40.11 -42.90
CA ARG J 105 -11.60 -40.69 -41.61
C ARG J 105 -10.21 -41.31 -41.82
N ALA J 106 -9.25 -40.98 -40.96
CA ALA J 106 -7.88 -41.55 -41.01
C ALA J 106 -7.82 -42.77 -40.09
N LEU J 107 -7.61 -43.96 -40.67
CA LEU J 107 -7.33 -45.22 -39.94
C LEU J 107 -5.83 -45.25 -39.61
N VAL J 108 -5.50 -45.12 -38.33
CA VAL J 108 -4.11 -45.24 -37.82
C VAL J 108 -4.09 -46.38 -36.82
N ILE J 109 -3.41 -47.49 -37.14
CA ILE J 109 -3.19 -48.60 -36.17
C ILE J 109 -1.76 -48.44 -35.63
N THR J 110 -1.66 -48.14 -34.34
CA THR J 110 -0.40 -47.75 -33.66
C THR J 110 -0.09 -48.78 -32.57
N ARG J 111 1.16 -48.85 -32.11
CA ARG J 111 1.58 -49.78 -31.03
C ARG J 111 1.39 -49.09 -29.68
N SER J 112 2.27 -48.16 -29.29
CA SER J 112 2.21 -47.51 -27.96
C SER J 112 1.01 -46.55 -27.90
N THR J 113 0.22 -46.64 -26.82
CA THR J 113 -0.90 -45.72 -26.51
C THR J 113 -0.85 -45.30 -25.04
N PHE J 114 -1.51 -44.19 -24.69
CA PHE J 114 -1.90 -43.85 -23.30
C PHE J 114 -3.42 -43.67 -23.29
N ALA J 115 -4.04 -43.80 -22.12
CA ALA J 115 -5.44 -43.41 -21.85
C ALA J 115 -5.79 -42.16 -22.67
N GLY J 116 -6.92 -42.18 -23.39
CA GLY J 116 -7.43 -41.04 -24.19
C GLY J 116 -7.06 -41.12 -25.66
N SER J 117 -6.16 -42.03 -26.05
CA SER J 117 -5.64 -42.16 -27.44
C SER J 117 -6.72 -42.72 -28.38
N GLY J 118 -7.77 -43.32 -27.84
CA GLY J 118 -8.90 -43.86 -28.62
C GLY J 118 -9.62 -42.79 -29.43
N LYS J 119 -9.49 -41.52 -29.03
CA LYS J 119 -10.15 -40.36 -29.69
C LYS J 119 -9.52 -40.07 -31.05
N ASP J 120 -8.28 -40.51 -31.32
CA ASP J 120 -7.61 -40.19 -32.62
C ASP J 120 -6.89 -41.40 -33.23
N VAL J 121 -6.72 -42.54 -32.54
CA VAL J 121 -6.00 -43.71 -33.15
C VAL J 121 -6.57 -45.04 -32.66
N SER J 122 -6.32 -46.08 -33.45
CA SER J 122 -6.68 -47.49 -33.20
C SER J 122 -5.41 -48.28 -32.88
N HIS J 123 -5.52 -49.55 -32.51
CA HIS J 123 -4.40 -50.33 -31.90
C HIS J 123 -4.32 -51.73 -32.51
N TRP J 124 -3.09 -52.26 -32.58
CA TRP J 124 -2.79 -53.71 -32.72
C TRP J 124 -1.80 -54.08 -31.62
N LEU J 125 -1.80 -55.36 -31.19
CA LEU J 125 -1.30 -55.79 -29.86
C LEU J 125 0.19 -56.17 -29.94
N GLY J 126 0.85 -55.82 -31.05
CA GLY J 126 2.32 -55.83 -31.18
C GLY J 126 2.86 -57.19 -31.57
N ASP J 127 4.10 -57.47 -31.18
CA ASP J 127 4.87 -58.68 -31.57
C ASP J 127 4.52 -59.86 -30.65
N ASN J 128 3.41 -60.54 -30.94
CA ASN J 128 3.03 -61.83 -30.31
C ASN J 128 3.87 -62.94 -30.98
N VAL J 129 3.65 -64.21 -30.62
CA VAL J 129 4.39 -65.38 -31.16
C VAL J 129 3.37 -66.39 -31.69
N SER J 130 3.73 -67.13 -32.76
CA SER J 130 2.90 -68.22 -33.33
C SER J 130 2.81 -69.38 -32.34
N GLY J 131 2.05 -69.18 -31.25
CA GLY J 131 1.80 -70.18 -30.19
C GLY J 131 0.40 -70.05 -29.64
N TRP J 132 -0.13 -71.14 -29.05
CA TRP J 132 -1.54 -71.25 -28.58
C TRP J 132 -1.82 -70.29 -27.42
N LEU J 133 -0.84 -70.04 -26.53
CA LEU J 133 -0.96 -69.10 -25.39
C LEU J 133 -1.30 -67.68 -25.90
N TRP J 134 -0.62 -67.24 -26.96
CA TRP J 134 -0.83 -65.90 -27.58
C TRP J 134 -2.21 -65.83 -28.23
N TYR J 135 -2.62 -66.93 -28.90
CA TYR J 135 -3.99 -67.15 -29.45
C TYR J 135 -5.03 -66.99 -28.34
N GLN J 136 -4.80 -67.65 -27.20
CA GLN J 136 -5.74 -67.70 -26.05
C GLN J 136 -5.86 -66.32 -25.39
N LEU J 137 -4.73 -65.65 -25.14
CA LEU J 137 -4.70 -64.38 -24.36
C LEU J 137 -5.16 -63.19 -25.20
N SER J 138 -5.34 -63.36 -26.53
CA SER J 138 -5.76 -62.28 -27.46
C SER J 138 -7.13 -61.73 -27.06
N ILE J 139 -8.00 -62.54 -26.45
CA ILE J 139 -9.40 -62.15 -26.08
C ILE J 139 -9.33 -61.20 -24.88
N SER J 140 -8.51 -61.52 -23.87
CA SER J 140 -8.23 -60.60 -22.73
C SER J 140 -7.86 -59.23 -23.29
N GLN J 141 -7.01 -59.20 -24.31
CA GLN J 141 -6.36 -57.96 -24.82
C GLN J 141 -7.37 -57.12 -25.62
N ILE J 142 -8.11 -57.73 -26.55
CA ILE J 142 -9.12 -56.99 -27.37
C ILE J 142 -10.21 -56.42 -26.43
N LEU J 143 -10.61 -57.17 -25.40
CA LEU J 143 -11.64 -56.73 -24.42
C LEU J 143 -11.09 -55.53 -23.62
N GLN J 144 -9.80 -55.56 -23.27
CA GLN J 144 -9.10 -54.45 -22.59
C GLN J 144 -9.30 -53.16 -23.40
N PHE J 145 -8.98 -53.19 -24.70
CA PHE J 145 -8.96 -51.99 -25.56
C PHE J 145 -10.38 -51.56 -25.91
N ALA J 146 -11.18 -52.46 -26.49
CA ALA J 146 -12.56 -52.20 -26.97
C ALA J 146 -13.51 -51.87 -25.80
N SER J 147 -13.45 -52.63 -24.70
CA SER J 147 -14.47 -52.63 -23.61
C SER J 147 -14.08 -51.70 -22.46
N LEU J 148 -12.78 -51.46 -22.24
CA LEU J 148 -12.26 -50.67 -21.08
C LEU J 148 -11.63 -49.35 -21.55
N TYR J 149 -10.70 -49.37 -22.50
CA TYR J 149 -9.76 -48.25 -22.80
C TYR J 149 -10.33 -47.33 -23.89
N GLN J 150 -11.55 -47.60 -24.36
CA GLN J 150 -12.24 -46.81 -25.41
C GLN J 150 -11.36 -46.76 -26.67
N ILE J 151 -10.82 -47.92 -27.08
CA ILE J 151 -10.09 -48.10 -28.38
C ILE J 151 -10.74 -49.30 -29.08
N PRO J 152 -11.86 -49.08 -29.80
CA PRO J 152 -12.70 -50.18 -30.28
C PRO J 152 -12.04 -51.06 -31.34
N VAL J 153 -11.26 -50.46 -32.24
CA VAL J 153 -10.57 -51.18 -33.35
C VAL J 153 -9.24 -51.68 -32.80
N VAL J 154 -9.15 -53.00 -32.58
CA VAL J 154 -8.01 -53.67 -31.90
C VAL J 154 -7.96 -55.14 -32.33
N GLY J 155 -6.75 -55.68 -32.46
CA GLY J 155 -6.49 -57.10 -32.76
C GLY J 155 -5.01 -57.41 -32.66
N PRO J 156 -4.65 -58.71 -32.48
CA PRO J 156 -3.25 -59.14 -32.55
C PRO J 156 -2.85 -59.47 -33.99
N ASP J 157 -1.61 -59.93 -34.18
CA ASP J 157 -1.14 -60.54 -35.44
C ASP J 157 -1.73 -61.95 -35.49
N VAL J 158 -2.72 -62.16 -36.36
CA VAL J 158 -3.38 -63.48 -36.58
C VAL J 158 -2.35 -64.47 -37.12
N CYS J 159 -2.28 -65.66 -36.50
CA CYS J 159 -1.31 -66.76 -36.71
C CYS J 159 0.05 -66.43 -36.05
N GLY J 160 0.15 -65.32 -35.33
CA GLY J 160 1.32 -64.95 -34.51
C GLY J 160 2.45 -64.34 -35.33
N PHE J 161 3.14 -63.35 -34.76
CA PHE J 161 4.25 -62.60 -35.44
C PHE J 161 5.50 -63.50 -35.49
N GLY J 162 6.15 -63.73 -34.35
CA GLY J 162 7.41 -64.50 -34.25
C GLY J 162 7.18 -66.00 -34.31
N GLY J 163 8.21 -66.76 -34.69
CA GLY J 163 8.16 -68.23 -34.78
C GLY J 163 7.49 -68.69 -36.08
N ASN J 164 7.41 -70.00 -36.28
CA ASN J 164 6.68 -70.63 -37.42
C ASN J 164 5.34 -71.17 -36.90
N VAL J 165 4.23 -70.73 -37.48
CA VAL J 165 2.88 -71.21 -37.10
C VAL J 165 2.64 -72.58 -37.73
N THR J 166 1.88 -73.44 -37.04
CA THR J 166 1.40 -74.75 -37.53
C THR J 166 0.10 -74.52 -38.30
N GLU J 167 -0.25 -75.49 -39.16
CA GLU J 167 -1.50 -75.53 -39.97
C GLU J 167 -2.72 -75.37 -39.06
N THR J 168 -2.75 -76.11 -37.95
CA THR J 168 -3.92 -76.22 -37.03
C THR J 168 -4.11 -74.91 -36.25
N LEU J 169 -3.05 -74.29 -35.75
CA LEU J 169 -3.12 -73.04 -34.97
C LEU J 169 -3.57 -71.89 -35.88
N CYS J 170 -3.04 -71.80 -37.11
CA CYS J 170 -3.35 -70.70 -38.07
C CYS J 170 -4.80 -70.81 -38.55
N ALA J 171 -5.29 -72.04 -38.79
CA ALA J 171 -6.72 -72.33 -39.09
C ALA J 171 -7.59 -71.85 -37.93
N ARG J 172 -7.19 -72.17 -36.69
CA ARG J 172 -7.91 -71.76 -35.45
C ARG J 172 -7.87 -70.23 -35.33
N TRP J 173 -6.72 -69.62 -35.63
CA TRP J 173 -6.55 -68.15 -35.51
C TRP J 173 -7.32 -67.43 -36.62
N ALA J 174 -7.54 -68.07 -37.78
CA ALA J 174 -8.26 -67.50 -38.94
C ALA J 174 -9.74 -67.27 -38.57
N THR J 175 -10.34 -68.25 -37.88
CA THR J 175 -11.78 -68.25 -37.50
C THR J 175 -11.98 -67.31 -36.30
N LEU J 176 -11.12 -67.39 -35.28
CA LEU J 176 -11.17 -66.46 -34.11
C LEU J 176 -10.90 -65.03 -34.61
N GLY J 177 -9.88 -64.87 -35.46
CA GLY J 177 -9.43 -63.59 -36.03
C GLY J 177 -10.55 -62.83 -36.73
N SER J 178 -11.51 -63.55 -37.32
CA SER J 178 -12.67 -62.98 -38.06
C SER J 178 -13.62 -62.20 -37.14
N PHE J 179 -13.45 -62.26 -35.81
CA PHE J 179 -14.30 -61.52 -34.83
C PHE J 179 -13.44 -60.57 -33.98
N TYR J 180 -12.29 -60.15 -34.51
CA TYR J 180 -11.51 -58.98 -34.01
C TYR J 180 -11.99 -57.74 -34.78
N THR J 181 -12.11 -56.59 -34.10
CA THR J 181 -12.52 -55.30 -34.73
C THR J 181 -11.47 -54.88 -35.75
N PHE J 182 -10.21 -55.32 -35.53
CA PHE J 182 -9.07 -55.22 -36.48
C PHE J 182 -8.56 -56.63 -36.79
N PHE J 183 -8.65 -57.04 -38.06
CA PHE J 183 -8.36 -58.42 -38.54
C PHE J 183 -7.16 -58.38 -39.49
N ARG J 184 -5.96 -58.70 -38.98
CA ARG J 184 -4.70 -58.63 -39.74
C ARG J 184 -3.80 -59.83 -39.40
N ASN J 185 -3.37 -60.53 -40.44
CA ASN J 185 -2.30 -61.56 -40.43
C ASN J 185 -0.95 -60.86 -40.68
N HIS J 186 0.02 -61.06 -39.79
CA HIS J 186 1.37 -60.46 -39.86
C HIS J 186 2.37 -61.44 -39.23
N ALA J 187 3.64 -61.36 -39.64
CA ALA J 187 4.69 -62.36 -39.32
C ALA J 187 6.08 -61.72 -39.43
N GLU J 188 7.01 -62.21 -38.60
CA GLU J 188 8.43 -61.79 -38.55
C GLU J 188 9.14 -62.24 -39.85
N ILE J 189 10.28 -61.62 -40.18
CA ILE J 189 11.08 -61.82 -41.43
C ILE J 189 11.57 -63.28 -41.53
N TYR J 190 11.90 -63.93 -40.40
CA TYR J 190 12.48 -65.30 -40.38
C TYR J 190 11.39 -66.34 -40.14
N ALA J 191 10.13 -65.89 -40.03
CA ALA J 191 8.93 -66.76 -40.00
C ALA J 191 8.61 -67.22 -41.43
N ASN J 192 8.24 -68.48 -41.60
CA ASN J 192 7.76 -69.02 -42.91
C ASN J 192 6.47 -68.31 -43.27
N PRO J 193 6.17 -68.14 -44.58
CA PRO J 193 4.95 -67.43 -44.99
C PRO J 193 3.68 -68.08 -44.43
N GLN J 194 2.70 -67.28 -44.02
CA GLN J 194 1.49 -67.77 -43.29
C GLN J 194 0.22 -67.10 -43.83
N GLU J 195 0.23 -66.63 -45.08
CA GLU J 195 -1.01 -66.24 -45.80
C GLU J 195 -1.97 -67.44 -45.76
N PHE J 196 -3.28 -67.19 -45.72
CA PHE J 196 -4.30 -68.26 -45.53
C PHE J 196 -4.30 -69.25 -46.71
N TYR J 197 -3.74 -68.87 -47.87
CA TYR J 197 -3.69 -69.73 -49.10
C TYR J 197 -2.49 -70.71 -49.04
N ARG J 198 -1.65 -70.63 -48.01
CA ARG J 198 -0.45 -71.50 -47.85
C ARG J 198 -0.85 -72.93 -47.45
N TRP J 199 -2.02 -73.12 -46.84
CA TRP J 199 -2.55 -74.44 -46.39
C TRP J 199 -4.00 -74.57 -46.82
N PRO J 200 -4.42 -75.73 -47.39
CA PRO J 200 -5.82 -75.96 -47.74
C PRO J 200 -6.79 -75.75 -46.55
N THR J 201 -6.46 -76.32 -45.39
CA THR J 201 -7.27 -76.25 -44.13
C THR J 201 -7.40 -74.80 -43.67
N VAL J 202 -6.30 -74.04 -43.69
CA VAL J 202 -6.27 -72.62 -43.23
C VAL J 202 -7.06 -71.75 -44.23
N ALA J 203 -6.96 -72.04 -45.53
CA ALA J 203 -7.68 -71.33 -46.61
C ALA J 203 -9.19 -71.46 -46.38
N GLN J 204 -9.65 -72.68 -46.06
CA GLN J 204 -11.09 -73.01 -45.84
C GLN J 204 -11.56 -72.37 -44.54
N ALA J 205 -10.76 -72.42 -43.48
CA ALA J 205 -11.02 -71.75 -42.18
C ALA J 205 -11.24 -70.25 -42.42
N ALA J 206 -10.41 -69.64 -43.27
CA ALA J 206 -10.48 -68.20 -43.62
C ALA J 206 -11.77 -67.91 -44.40
N ARG J 207 -12.07 -68.70 -45.45
CA ARG J 207 -13.31 -68.56 -46.27
C ARG J 207 -14.52 -68.53 -45.33
N ASN J 208 -14.62 -69.49 -44.42
CA ASN J 208 -15.73 -69.63 -43.43
C ASN J 208 -15.77 -68.40 -42.54
N GLY J 209 -14.66 -68.10 -41.86
CA GLY J 209 -14.53 -66.98 -40.90
C GLY J 209 -14.86 -65.64 -41.54
N ILE J 210 -14.25 -65.33 -42.69
CA ILE J 210 -14.41 -64.01 -43.38
C ILE J 210 -15.85 -63.88 -43.89
N SER J 211 -16.45 -64.95 -44.40
CA SER J 211 -17.86 -64.95 -44.89
C SER J 211 -18.78 -64.47 -43.76
N ILE J 212 -18.66 -65.09 -42.58
CA ILE J 212 -19.45 -64.73 -41.37
C ILE J 212 -19.16 -63.27 -41.03
N ARG J 213 -17.88 -62.90 -40.90
CA ARG J 213 -17.44 -61.51 -40.62
C ARG J 213 -18.13 -60.54 -41.57
N TYR J 214 -18.13 -60.83 -42.86
CA TYR J 214 -18.59 -59.89 -43.94
C TYR J 214 -20.12 -59.80 -43.92
N GLN J 215 -20.80 -60.91 -43.64
CA GLN J 215 -22.26 -60.92 -43.41
C GLN J 215 -22.59 -60.02 -42.21
N LEU J 216 -21.70 -59.94 -41.22
CA LEU J 216 -21.91 -59.13 -39.98
C LEU J 216 -21.14 -57.81 -40.04
N LEU J 217 -20.69 -57.35 -41.21
CA LEU J 217 -19.76 -56.18 -41.28
C LEU J 217 -20.51 -54.90 -40.89
N ASP J 218 -21.71 -54.69 -41.42
CA ASP J 218 -22.57 -53.52 -41.07
C ASP J 218 -22.93 -53.61 -39.58
N TYR J 219 -23.10 -54.84 -39.05
CA TYR J 219 -23.45 -55.12 -37.64
C TYR J 219 -22.35 -54.61 -36.70
N ILE J 220 -21.08 -54.94 -36.97
CA ILE J 220 -19.93 -54.49 -36.12
C ILE J 220 -19.63 -53.01 -36.42
N TYR J 221 -19.81 -52.57 -37.67
CA TYR J 221 -19.66 -51.15 -38.10
C TYR J 221 -20.64 -50.27 -37.31
N THR J 222 -21.85 -50.78 -37.07
CA THR J 222 -22.92 -50.08 -36.33
C THR J 222 -22.49 -49.97 -34.85
N ALA J 223 -21.99 -51.06 -34.30
CA ALA J 223 -21.50 -51.16 -32.90
C ALA J 223 -20.38 -50.14 -32.68
N ILE J 224 -19.44 -50.01 -33.63
CA ILE J 224 -18.30 -49.05 -33.54
C ILE J 224 -18.85 -47.63 -33.58
N TYR J 225 -19.85 -47.35 -34.42
CA TYR J 225 -20.55 -46.04 -34.51
C TYR J 225 -21.25 -45.72 -33.17
N LYS J 226 -21.90 -46.71 -32.56
CA LYS J 226 -22.60 -46.52 -31.25
C LYS J 226 -21.56 -46.24 -30.14
N GLN J 227 -20.37 -46.85 -30.21
CA GLN J 227 -19.25 -46.53 -29.28
C GLN J 227 -18.73 -45.12 -29.58
N ASN J 228 -18.57 -44.77 -30.85
CA ASN J 228 -18.26 -43.39 -31.31
C ASN J 228 -19.26 -42.41 -30.68
N GLN J 229 -20.55 -42.76 -30.66
CA GLN J 229 -21.65 -41.86 -30.25
C GLN J 229 -21.69 -41.70 -28.72
N THR J 230 -21.62 -42.80 -27.96
CA THR J 230 -21.85 -42.85 -26.49
C THR J 230 -20.68 -43.48 -25.71
N GLY J 231 -19.91 -44.39 -26.33
CA GLY J 231 -18.83 -45.14 -25.65
C GLY J 231 -19.27 -46.52 -25.22
N THR J 232 -20.52 -46.90 -25.45
CA THR J 232 -21.01 -48.30 -25.26
C THR J 232 -20.15 -49.20 -26.15
N PRO J 233 -19.44 -50.21 -25.58
CA PRO J 233 -18.41 -50.95 -26.32
C PRO J 233 -18.91 -51.84 -27.47
N ALA J 234 -18.09 -51.97 -28.52
CA ALA J 234 -18.37 -52.75 -29.75
C ALA J 234 -17.93 -54.21 -29.56
N LEU J 235 -17.11 -54.49 -28.53
CA LEU J 235 -16.83 -55.85 -27.99
C LEU J 235 -17.21 -55.83 -26.51
N ASN J 236 -17.83 -56.91 -26.01
CA ASN J 236 -18.35 -56.98 -24.63
C ASN J 236 -17.92 -58.30 -23.98
N PRO J 237 -17.32 -58.23 -22.77
CA PRO J 237 -17.20 -59.42 -21.91
C PRO J 237 -18.59 -59.99 -21.59
N LEU J 238 -18.66 -61.29 -21.27
CA LEU J 238 -19.95 -61.96 -20.93
C LEU J 238 -20.63 -61.22 -19.78
N PHE J 239 -19.86 -60.78 -18.77
CA PHE J 239 -20.44 -60.15 -17.54
C PHE J 239 -21.04 -58.78 -17.88
N PHE J 240 -20.64 -58.14 -18.99
CA PHE J 240 -21.25 -56.86 -19.44
C PHE J 240 -22.73 -57.10 -19.80
N ASN J 241 -23.06 -58.28 -20.33
CA ASN J 241 -24.42 -58.70 -20.74
C ASN J 241 -25.12 -59.44 -19.59
N TYR J 242 -24.37 -60.15 -18.75
CA TYR J 242 -24.91 -60.91 -17.58
C TYR J 242 -24.17 -60.50 -16.31
N PRO J 243 -24.35 -59.25 -15.83
CA PRO J 243 -23.62 -58.74 -14.67
C PRO J 243 -23.91 -59.44 -13.33
N ASN J 244 -25.05 -60.13 -13.22
CA ASN J 244 -25.53 -60.77 -11.96
C ASN J 244 -25.09 -62.23 -11.89
N ASP J 245 -24.45 -62.76 -12.94
CA ASP J 245 -23.99 -64.17 -13.03
C ASP J 245 -22.50 -64.23 -12.73
N PRO J 246 -22.09 -64.56 -11.47
CA PRO J 246 -20.66 -64.56 -11.11
C PRO J 246 -19.81 -65.62 -11.83
N ASN J 247 -20.44 -66.57 -12.53
CA ASN J 247 -19.73 -67.57 -13.38
C ASN J 247 -19.09 -66.87 -14.57
N THR J 248 -19.64 -65.74 -15.02
CA THR J 248 -19.18 -64.98 -16.20
C THR J 248 -17.97 -64.11 -15.86
N TYR J 249 -17.82 -63.69 -14.59
CA TYR J 249 -16.85 -62.64 -14.16
C TYR J 249 -15.44 -62.96 -14.65
N PRO J 250 -14.91 -64.19 -14.45
CA PRO J 250 -13.53 -64.49 -14.84
C PRO J 250 -13.32 -64.99 -16.28
N ILE J 251 -14.37 -65.08 -17.09
CA ILE J 251 -14.33 -65.72 -18.44
C ILE J 251 -13.65 -64.76 -19.43
N ASP J 252 -12.57 -65.22 -20.08
CA ASP J 252 -11.79 -64.46 -21.08
C ASP J 252 -11.44 -65.34 -22.29
N LEU J 253 -12.02 -66.54 -22.41
CA LEU J 253 -11.84 -67.45 -23.58
C LEU J 253 -13.12 -67.50 -24.42
N GLN J 254 -14.12 -66.68 -24.06
CA GLN J 254 -15.30 -66.33 -24.87
C GLN J 254 -15.51 -64.81 -24.79
N PHE J 255 -16.19 -64.23 -25.79
CA PHE J 255 -16.54 -62.79 -25.82
C PHE J 255 -17.74 -62.55 -26.75
N PHE J 256 -18.39 -61.41 -26.56
CA PHE J 256 -19.51 -60.91 -27.41
C PHE J 256 -18.92 -59.95 -28.45
N TYR J 257 -19.03 -60.34 -29.72
CA TYR J 257 -18.79 -59.49 -30.92
C TYR J 257 -20.04 -58.62 -31.10
N GLY J 258 -19.90 -57.30 -30.94
CA GLY J 258 -21.05 -56.40 -30.71
C GLY J 258 -21.74 -56.77 -29.41
N ASP J 259 -23.06 -56.60 -29.33
CA ASP J 259 -23.85 -56.85 -28.10
C ASP J 259 -24.29 -58.32 -28.03
N GLY J 260 -24.34 -59.02 -29.16
CA GLY J 260 -25.16 -60.24 -29.35
C GLY J 260 -24.40 -61.47 -29.83
N ILE J 261 -23.40 -61.32 -30.71
CA ILE J 261 -22.68 -62.48 -31.31
C ILE J 261 -21.67 -63.04 -30.30
N LEU J 262 -22.03 -64.15 -29.65
CA LEU J 262 -21.20 -64.90 -28.68
C LEU J 262 -20.19 -65.78 -29.44
N VAL J 263 -18.89 -65.56 -29.20
CA VAL J 263 -17.76 -66.27 -29.86
C VAL J 263 -17.12 -67.23 -28.85
N SER J 264 -17.21 -68.54 -29.10
CA SER J 264 -16.71 -69.63 -28.23
C SER J 264 -15.74 -70.52 -29.01
N PRO J 265 -14.50 -70.03 -29.26
CA PRO J 265 -13.53 -70.81 -30.04
C PRO J 265 -12.97 -72.01 -29.27
N VAL J 266 -12.46 -73.02 -30.00
CA VAL J 266 -11.62 -74.13 -29.48
C VAL J 266 -10.28 -73.53 -29.06
N THR J 267 -9.85 -73.75 -27.81
CA THR J 267 -8.69 -73.09 -27.17
C THR J 267 -7.59 -74.10 -26.80
N GLU J 268 -7.91 -75.38 -26.61
CA GLU J 268 -6.92 -76.43 -26.28
C GLU J 268 -6.16 -76.79 -27.55
N GLU J 269 -4.85 -76.99 -27.44
CA GLU J 269 -3.94 -77.27 -28.59
C GLU J 269 -4.31 -78.60 -29.25
N ASN J 270 -4.51 -78.60 -30.56
CA ASN J 270 -4.69 -79.81 -31.41
C ASN J 270 -5.93 -80.59 -30.96
N SER J 271 -6.94 -79.89 -30.47
CA SER J 271 -8.23 -80.45 -29.99
C SER J 271 -9.35 -80.07 -30.96
N THR J 272 -10.36 -80.93 -31.10
CA THR J 272 -11.60 -80.68 -31.88
C THR J 272 -12.78 -80.54 -30.90
N SER J 273 -12.50 -80.42 -29.59
CA SER J 273 -13.51 -80.27 -28.52
C SER J 273 -13.30 -78.93 -27.81
N VAL J 274 -14.39 -78.24 -27.47
CA VAL J 274 -14.39 -77.01 -26.63
C VAL J 274 -15.45 -77.15 -25.54
N THR J 275 -15.11 -76.73 -24.32
CA THR J 275 -16.05 -76.54 -23.18
C THR J 275 -16.22 -75.03 -22.98
N PHE J 276 -17.44 -74.52 -23.17
CA PHE J 276 -17.76 -73.07 -23.11
C PHE J 276 -19.03 -72.84 -22.30
N TYR J 277 -19.07 -71.73 -21.57
CA TYR J 277 -20.21 -71.29 -20.73
C TYR J 277 -21.30 -70.69 -21.64
N LEU J 278 -22.55 -71.12 -21.44
CA LEU J 278 -23.76 -70.46 -21.98
C LEU J 278 -24.54 -69.85 -20.82
N PRO J 279 -24.64 -68.51 -20.72
CA PRO J 279 -25.43 -67.86 -19.67
C PRO J 279 -26.90 -68.34 -19.60
N ASP J 280 -27.61 -67.98 -18.54
CA ASP J 280 -29.06 -68.28 -18.38
C ASP J 280 -29.85 -67.32 -19.29
N ASP J 281 -30.06 -67.73 -20.55
CA ASP J 281 -30.71 -66.94 -21.63
C ASP J 281 -30.97 -67.85 -22.83
N ILE J 282 -31.84 -67.42 -23.76
CA ILE J 282 -32.06 -68.13 -25.05
C ILE J 282 -30.99 -67.66 -26.04
N PHE J 283 -30.33 -68.62 -26.68
CA PHE J 283 -29.37 -68.40 -27.79
C PHE J 283 -29.81 -69.21 -28.99
N TYR J 284 -29.19 -68.97 -30.15
CA TYR J 284 -29.50 -69.62 -31.44
C TYR J 284 -28.19 -69.87 -32.19
N GLU J 285 -28.00 -71.09 -32.69
CA GLU J 285 -26.80 -71.49 -33.47
C GLU J 285 -26.67 -70.55 -34.68
N TRP J 286 -25.45 -70.12 -35.01
CA TRP J 286 -25.14 -69.40 -36.27
C TRP J 286 -25.42 -70.33 -37.45
N GLY J 287 -26.07 -69.82 -38.51
CA GLY J 287 -26.31 -70.53 -39.78
C GLY J 287 -27.62 -71.30 -39.76
N THR J 288 -27.64 -72.42 -39.01
CA THR J 288 -28.84 -73.26 -38.78
C THR J 288 -29.95 -72.42 -38.12
N GLY J 289 -29.58 -71.57 -37.16
CA GLY J 289 -30.50 -70.75 -36.36
C GLY J 289 -31.13 -71.56 -35.22
N LYS J 290 -30.74 -72.83 -35.07
CA LYS J 290 -31.36 -73.79 -34.12
C LYS J 290 -31.32 -73.19 -32.70
N PRO J 291 -32.48 -72.98 -32.05
CA PRO J 291 -32.49 -72.49 -30.66
C PRO J 291 -31.64 -73.38 -29.74
N VAL J 292 -30.95 -72.75 -28.78
CA VAL J 292 -30.15 -73.43 -27.71
C VAL J 292 -30.38 -72.66 -26.41
N ARG J 293 -31.20 -73.22 -25.51
CA ARG J 293 -31.56 -72.60 -24.22
C ARG J 293 -30.39 -72.80 -23.24
N GLY J 294 -29.65 -71.72 -22.96
CA GLY J 294 -28.61 -71.69 -21.91
C GLY J 294 -29.25 -71.65 -20.52
N GLN J 295 -28.70 -72.43 -19.58
CA GLN J 295 -29.22 -72.58 -18.20
C GLN J 295 -28.15 -72.10 -17.20
N GLY J 296 -27.23 -71.25 -17.64
CA GLY J 296 -26.06 -70.82 -16.85
C GLY J 296 -25.14 -71.99 -16.56
N GLU J 297 -24.58 -72.59 -17.61
CA GLU J 297 -23.91 -73.91 -17.58
C GLU J 297 -22.73 -73.92 -18.56
N TYR J 298 -21.73 -74.76 -18.29
CA TYR J 298 -20.64 -75.11 -19.24
C TYR J 298 -21.13 -76.24 -20.14
N VAL J 299 -21.22 -75.96 -21.44
CA VAL J 299 -21.61 -76.94 -22.52
C VAL J 299 -20.33 -77.40 -23.21
N SER J 300 -20.35 -78.60 -23.79
CA SER J 300 -19.20 -79.24 -24.48
C SER J 300 -19.61 -79.72 -25.88
N LEU J 301 -19.02 -79.14 -26.92
CA LEU J 301 -19.20 -79.56 -28.34
C LEU J 301 -17.92 -80.27 -28.81
N ASP J 302 -18.09 -81.40 -29.51
CA ASP J 302 -16.99 -82.26 -30.02
C ASP J 302 -16.98 -82.20 -31.55
N ASN J 303 -15.92 -82.72 -32.17
CA ASN J 303 -15.76 -82.81 -33.65
C ASN J 303 -15.96 -81.44 -34.31
N ILE J 304 -15.44 -80.38 -33.68
CA ILE J 304 -15.33 -79.02 -34.28
C ILE J 304 -14.07 -79.02 -35.16
N ASP J 305 -14.25 -79.09 -36.48
CA ASP J 305 -13.15 -79.14 -37.48
C ASP J 305 -12.25 -77.92 -37.28
N TYR J 306 -11.00 -78.01 -37.71
CA TYR J 306 -10.01 -76.90 -37.67
C TYR J 306 -10.50 -75.74 -38.56
N THR J 307 -11.48 -76.01 -39.44
CA THR J 307 -12.10 -75.04 -40.38
C THR J 307 -13.23 -74.25 -39.71
N ASP J 308 -13.78 -74.74 -38.59
CA ASP J 308 -15.06 -74.25 -38.01
C ASP J 308 -14.82 -73.55 -36.66
N ILE J 309 -15.79 -72.74 -36.25
CA ILE J 309 -15.84 -72.03 -34.95
C ILE J 309 -17.29 -72.03 -34.47
N THR J 310 -17.50 -72.10 -33.15
CA THR J 310 -18.83 -72.05 -32.50
C THR J 310 -19.23 -70.59 -32.30
N ILE J 311 -20.35 -70.19 -32.91
CA ILE J 311 -20.95 -68.82 -32.86
C ILE J 311 -22.43 -68.97 -32.53
N HIS J 312 -22.95 -68.13 -31.61
CA HIS J 312 -24.37 -68.08 -31.20
C HIS J 312 -24.89 -66.63 -31.29
N TYR J 313 -26.15 -66.46 -31.68
CA TYR J 313 -26.92 -65.20 -31.51
C TYR J 313 -27.48 -65.17 -30.09
N LYS J 314 -27.33 -64.04 -29.39
CA LYS J 314 -28.05 -63.76 -28.12
C LYS J 314 -29.50 -63.40 -28.45
N GLY J 315 -30.46 -64.04 -27.77
CA GLY J 315 -31.88 -63.64 -27.83
C GLY J 315 -32.06 -62.17 -27.51
N GLY J 316 -33.09 -61.55 -28.11
CA GLY J 316 -33.53 -60.17 -27.81
C GLY J 316 -32.89 -59.14 -28.72
N ILE J 317 -32.26 -59.57 -29.82
CA ILE J 317 -31.55 -58.65 -30.76
C ILE J 317 -31.97 -58.97 -32.20
N VAL J 318 -32.12 -57.91 -33.00
CA VAL J 318 -32.27 -57.94 -34.48
C VAL J 318 -30.88 -57.69 -35.08
N TYR J 319 -30.31 -58.70 -35.73
CA TYR J 319 -28.94 -58.70 -36.31
C TYR J 319 -29.03 -58.40 -37.80
N PRO J 320 -28.81 -57.15 -38.26
CA PRO J 320 -28.82 -56.84 -39.69
C PRO J 320 -27.56 -57.44 -40.36
N GLN J 321 -27.75 -58.34 -41.31
CA GLN J 321 -26.68 -59.09 -42.02
C GLN J 321 -26.79 -58.82 -43.52
N ARG J 322 -25.65 -58.68 -44.20
CA ARG J 322 -25.61 -58.71 -45.69
C ARG J 322 -26.02 -60.12 -46.10
N ILE J 323 -26.96 -60.24 -47.05
CA ILE J 323 -27.56 -61.53 -47.49
C ILE J 323 -26.42 -62.50 -47.84
N GLU J 324 -25.36 -62.00 -48.48
CA GLU J 324 -24.18 -62.77 -48.93
C GLU J 324 -22.89 -62.03 -48.54
N SER J 325 -21.79 -62.76 -48.43
CA SER J 325 -20.41 -62.22 -48.41
C SER J 325 -20.03 -61.75 -49.82
N ALA J 326 -18.85 -61.15 -49.95
CA ALA J 326 -18.22 -60.76 -51.23
C ALA J 326 -16.70 -60.76 -51.05
N ASN J 327 -15.95 -60.64 -52.15
CA ASN J 327 -14.47 -60.69 -52.14
C ASN J 327 -13.92 -59.35 -51.64
N THR J 328 -14.65 -58.24 -51.85
CA THR J 328 -14.30 -56.88 -51.38
C THR J 328 -15.49 -56.23 -50.68
N THR J 329 -15.24 -55.28 -49.76
CA THR J 329 -16.27 -54.55 -48.99
C THR J 329 -17.08 -53.64 -49.93
N THR J 330 -16.49 -53.20 -51.05
CA THR J 330 -17.16 -52.40 -52.10
C THR J 330 -18.26 -53.25 -52.75
N ALA J 331 -17.97 -54.53 -53.02
CA ALA J 331 -18.93 -55.51 -53.57
C ALA J 331 -20.00 -55.83 -52.51
N LEU J 332 -19.56 -56.08 -51.27
CA LEU J 332 -20.44 -56.42 -50.10
C LEU J 332 -21.52 -55.33 -49.95
N ARG J 333 -21.18 -54.08 -50.23
CA ARG J 333 -22.08 -52.90 -50.01
C ARG J 333 -23.22 -52.88 -51.05
N GLN J 334 -23.09 -53.65 -52.14
CA GLN J 334 -24.11 -53.77 -53.23
C GLN J 334 -24.99 -55.01 -53.00
N LYS J 335 -24.73 -55.78 -51.94
CA LYS J 335 -25.58 -56.93 -51.51
C LYS J 335 -26.71 -56.41 -50.63
N GLY J 336 -27.90 -57.02 -50.73
CA GLY J 336 -29.08 -56.71 -49.92
C GLY J 336 -28.97 -57.28 -48.52
N PHE J 337 -29.93 -56.97 -47.65
CA PHE J 337 -29.90 -57.31 -46.20
C PHE J 337 -30.79 -58.53 -45.91
N ASN J 338 -30.29 -59.44 -45.07
CA ASN J 338 -31.07 -60.47 -44.33
C ASN J 338 -31.18 -60.02 -42.87
N ILE J 339 -32.36 -59.56 -42.45
CA ILE J 339 -32.60 -59.04 -41.08
C ILE J 339 -32.98 -60.23 -40.18
N VAL J 340 -32.00 -60.75 -39.43
CA VAL J 340 -32.15 -61.94 -38.54
C VAL J 340 -32.71 -61.47 -37.19
N VAL J 341 -33.96 -61.85 -36.91
CA VAL J 341 -34.67 -61.59 -35.63
C VAL J 341 -34.47 -62.82 -34.74
N ALA J 342 -33.72 -62.65 -33.65
CA ALA J 342 -33.51 -63.66 -32.58
C ALA J 342 -34.33 -63.21 -31.36
N PRO J 343 -35.54 -63.77 -31.16
CA PRO J 343 -36.40 -63.36 -30.04
C PRO J 343 -35.82 -63.72 -28.67
N GLY J 344 -35.93 -62.81 -27.70
CA GLY J 344 -35.57 -63.06 -26.29
C GLY J 344 -36.60 -63.94 -25.61
N LEU J 345 -36.50 -64.10 -24.28
CA LEU J 345 -37.41 -64.97 -23.49
C LEU J 345 -38.80 -64.35 -23.41
N ASP J 346 -38.94 -63.05 -23.74
CA ASP J 346 -40.23 -62.30 -23.77
C ASP J 346 -40.74 -62.23 -25.22
N GLY J 347 -40.14 -62.98 -26.15
CA GLY J 347 -40.58 -63.06 -27.56
C GLY J 347 -40.24 -61.80 -28.36
N ARG J 348 -39.67 -60.77 -27.72
CA ARG J 348 -39.34 -59.47 -28.35
C ARG J 348 -37.87 -59.50 -28.82
N ALA J 349 -37.50 -58.56 -29.68
CA ALA J 349 -36.14 -58.41 -30.25
C ALA J 349 -35.94 -56.96 -30.66
N GLU J 350 -34.76 -56.40 -30.35
CA GLU J 350 -34.39 -55.00 -30.65
C GLU J 350 -32.99 -55.01 -31.24
N GLY J 351 -32.73 -54.13 -32.22
CA GLY J 351 -31.43 -54.06 -32.90
C GLY J 351 -31.40 -52.88 -33.83
N SER J 352 -30.21 -52.38 -34.16
CA SER J 352 -30.00 -51.14 -34.94
C SER J 352 -29.15 -51.45 -36.18
N LEU J 353 -29.18 -50.53 -37.17
CA LEU J 353 -28.37 -50.58 -38.41
C LEU J 353 -27.99 -49.15 -38.79
N TYR J 354 -26.69 -48.89 -38.96
CA TYR J 354 -26.13 -47.58 -39.39
C TYR J 354 -25.59 -47.71 -40.81
N LEU J 355 -26.02 -46.81 -41.71
CA LEU J 355 -25.58 -46.75 -43.13
C LEU J 355 -25.08 -45.34 -43.43
N ASP J 356 -23.95 -45.23 -44.12
CA ASP J 356 -23.40 -43.96 -44.64
C ASP J 356 -22.45 -44.28 -45.80
N ASP J 357 -21.68 -43.30 -46.28
CA ASP J 357 -20.81 -43.45 -47.49
C ASP J 357 -19.59 -44.32 -47.15
N GLY J 358 -19.31 -44.53 -45.86
CA GLY J 358 -18.33 -45.51 -45.35
C GLY J 358 -16.92 -44.95 -45.19
N VAL J 359 -16.68 -43.68 -45.55
CA VAL J 359 -15.31 -43.09 -45.64
C VAL J 359 -15.27 -41.68 -45.02
N SER J 360 -16.26 -40.83 -45.27
CA SER J 360 -16.22 -39.37 -44.92
C SER J 360 -16.21 -39.17 -43.40
N VAL J 361 -15.36 -38.26 -42.93
CA VAL J 361 -15.23 -37.86 -41.48
C VAL J 361 -16.58 -37.36 -40.99
N VAL J 362 -17.25 -36.48 -41.75
CA VAL J 362 -18.65 -36.03 -41.46
C VAL J 362 -19.52 -36.28 -42.70
N GLN J 363 -20.55 -37.09 -42.52
CA GLN J 363 -21.40 -37.62 -43.62
C GLN J 363 -22.36 -36.53 -44.11
N ASP J 364 -22.68 -36.58 -45.41
CA ASP J 364 -23.77 -35.82 -46.06
C ASP J 364 -25.11 -36.35 -45.55
N THR J 365 -25.29 -37.66 -45.63
CA THR J 365 -26.54 -38.39 -45.31
C THR J 365 -26.22 -39.65 -44.50
N VAL J 366 -27.05 -39.97 -43.50
CA VAL J 366 -26.91 -41.20 -42.67
C VAL J 366 -28.31 -41.79 -42.46
N SER J 367 -28.38 -43.10 -42.23
CA SER J 367 -29.62 -43.85 -41.89
C SER J 367 -29.42 -44.56 -40.56
N GLU J 368 -29.82 -43.91 -39.47
CA GLU J 368 -29.82 -44.48 -38.09
C GLU J 368 -31.10 -45.30 -37.90
N ILE J 369 -31.09 -46.53 -38.42
CA ILE J 369 -32.29 -47.42 -38.51
C ILE J 369 -32.42 -48.18 -37.18
N ASP J 370 -33.63 -48.19 -36.61
CA ASP J 370 -33.99 -49.00 -35.42
C ASP J 370 -35.01 -50.06 -35.85
N PHE J 371 -34.74 -51.33 -35.50
CA PHE J 371 -35.63 -52.49 -35.73
C PHE J 371 -36.17 -52.98 -34.38
N VAL J 372 -37.49 -53.17 -34.29
CA VAL J 372 -38.18 -53.79 -33.12
C VAL J 372 -39.10 -54.90 -33.65
N TYR J 373 -39.03 -56.08 -33.03
CA TYR J 373 -39.91 -57.23 -33.35
C TYR J 373 -40.67 -57.63 -32.08
N GLU J 374 -42.00 -57.64 -32.18
CA GLU J 374 -42.92 -58.25 -31.18
C GLU J 374 -44.27 -58.55 -31.86
N ASN J 375 -44.97 -59.57 -31.35
CA ASN J 375 -46.35 -59.96 -31.78
C ASN J 375 -46.34 -60.27 -33.29
N GLY J 376 -45.26 -60.91 -33.76
CA GLY J 376 -45.12 -61.39 -35.15
C GLY J 376 -44.86 -60.27 -36.16
N LYS J 377 -44.61 -59.04 -35.71
CA LYS J 377 -44.43 -57.84 -36.58
C LYS J 377 -43.01 -57.29 -36.40
N LEU J 378 -42.38 -56.88 -37.49
CA LEU J 378 -41.05 -56.19 -37.50
C LEU J 378 -41.27 -54.72 -37.87
N THR J 379 -41.04 -53.82 -36.92
CA THR J 379 -41.18 -52.36 -37.07
C THR J 379 -39.79 -51.76 -37.28
N MET J 380 -39.63 -51.01 -38.38
CA MET J 380 -38.37 -50.34 -38.78
C MET J 380 -38.60 -48.83 -38.68
N THR J 381 -37.96 -48.17 -37.72
CA THR J 381 -38.10 -46.72 -37.44
C THR J 381 -36.73 -46.04 -37.53
N GLY J 382 -36.68 -44.75 -37.23
CA GLY J 382 -35.42 -43.97 -37.17
C GLY J 382 -35.23 -43.14 -38.44
N SER J 383 -33.99 -43.02 -38.91
CA SER J 383 -33.58 -42.14 -40.03
C SER J 383 -33.17 -43.00 -41.24
N PHE J 384 -33.40 -42.48 -42.45
CA PHE J 384 -33.23 -43.21 -43.74
C PHE J 384 -32.72 -42.24 -44.83
N GLU J 385 -31.81 -41.33 -44.49
CA GLU J 385 -31.37 -40.26 -45.41
C GLU J 385 -30.36 -40.81 -46.44
N TYR J 386 -29.61 -41.87 -46.10
CA TYR J 386 -28.54 -42.43 -46.96
C TYR J 386 -29.15 -43.26 -48.09
N GLU J 387 -28.92 -42.85 -49.34
CA GLU J 387 -29.35 -43.55 -50.58
C GLU J 387 -28.49 -44.82 -50.75
N ALA J 388 -28.94 -45.94 -50.16
CA ALA J 388 -28.16 -47.20 -50.04
C ALA J 388 -28.07 -47.91 -51.38
N GLY J 389 -29.12 -47.81 -52.21
CA GLY J 389 -29.23 -48.52 -53.51
C GLY J 389 -29.48 -50.00 -53.33
N VAL J 390 -29.82 -50.44 -52.11
CA VAL J 390 -30.21 -51.84 -51.77
C VAL J 390 -31.25 -51.79 -50.65
N GLY J 391 -31.98 -52.89 -50.44
CA GLY J 391 -32.98 -53.00 -49.36
C GLY J 391 -32.93 -54.36 -48.69
N ILE J 392 -33.91 -54.64 -47.84
CA ILE J 392 -34.13 -55.96 -47.18
C ILE J 392 -34.75 -56.90 -48.22
N GLU J 393 -34.08 -58.02 -48.51
CA GLU J 393 -34.52 -59.03 -49.50
C GLU J 393 -35.15 -60.22 -48.76
N THR J 394 -34.79 -60.40 -47.49
CA THR J 394 -35.25 -61.53 -46.64
C THR J 394 -35.36 -61.02 -45.20
N ILE J 395 -36.31 -61.53 -44.42
CA ILE J 395 -36.42 -61.31 -42.96
C ILE J 395 -36.52 -62.69 -42.30
N THR J 396 -35.54 -63.04 -41.48
CA THR J 396 -35.41 -64.36 -40.82
C THR J 396 -35.84 -64.22 -39.35
N VAL J 397 -36.84 -64.99 -38.91
CA VAL J 397 -37.30 -65.06 -37.49
C VAL J 397 -36.94 -66.44 -36.96
N LEU J 398 -36.17 -66.50 -35.87
CA LEU J 398 -35.69 -67.76 -35.24
C LEU J 398 -36.67 -68.17 -34.13
N GLY J 399 -36.63 -69.45 -33.73
CA GLY J 399 -37.45 -69.99 -32.61
C GLY J 399 -38.94 -70.05 -32.93
N VAL J 400 -39.30 -70.11 -34.21
CA VAL J 400 -40.70 -70.32 -34.67
C VAL J 400 -41.04 -71.80 -34.45
N GLU J 401 -41.94 -72.08 -33.51
CA GLU J 401 -42.18 -73.41 -32.89
C GLU J 401 -42.84 -74.37 -33.90
N SER J 402 -43.74 -73.86 -34.75
CA SER J 402 -44.52 -74.64 -35.75
C SER J 402 -44.70 -73.83 -37.04
N LYS J 403 -44.98 -74.53 -38.15
CA LYS J 403 -45.25 -73.92 -39.48
C LYS J 403 -46.36 -72.89 -39.35
N PRO J 404 -46.25 -71.72 -40.03
CA PRO J 404 -47.37 -70.77 -40.09
C PRO J 404 -48.44 -71.21 -41.09
N GLU J 405 -49.69 -70.78 -40.88
CA GLU J 405 -50.86 -71.11 -41.76
C GLU J 405 -50.52 -70.71 -43.21
N GLY J 406 -50.41 -69.41 -43.47
CA GLY J 406 -50.14 -68.85 -44.81
C GLY J 406 -48.82 -69.33 -45.38
N ASP J 407 -48.83 -69.82 -46.64
CA ASP J 407 -47.64 -70.23 -47.43
C ASP J 407 -47.39 -69.18 -48.52
N GLU J 408 -47.20 -67.92 -48.11
CA GLU J 408 -47.05 -66.74 -49.02
C GLU J 408 -45.73 -66.03 -48.71
N ASP J 409 -44.74 -66.18 -49.61
CA ASP J 409 -43.41 -65.51 -49.55
C ASP J 409 -42.60 -66.03 -48.35
N VAL J 410 -42.93 -67.22 -47.84
CA VAL J 410 -42.40 -67.73 -46.54
C VAL J 410 -41.85 -69.15 -46.72
N GLU J 411 -40.64 -69.39 -46.20
CA GLU J 411 -39.93 -70.70 -46.15
C GLU J 411 -39.77 -71.07 -44.67
N TYR J 412 -40.05 -72.32 -44.30
CA TYR J 412 -39.97 -72.80 -42.89
C TYR J 412 -39.09 -74.05 -42.79
N ASP J 413 -38.03 -73.95 -41.96
CA ASP J 413 -37.13 -75.07 -41.58
C ASP J 413 -37.65 -75.67 -40.27
N ALA J 414 -38.30 -76.84 -40.34
CA ALA J 414 -38.92 -77.54 -39.18
C ALA J 414 -37.84 -77.99 -38.18
N GLU J 415 -36.73 -78.53 -38.68
CA GLU J 415 -35.57 -79.01 -37.87
C GLU J 415 -35.04 -77.86 -37.01
N ASN J 416 -34.80 -76.69 -37.60
CA ASN J 416 -34.07 -75.56 -36.96
C ASN J 416 -35.04 -74.48 -36.47
N LYS J 417 -36.35 -74.71 -36.60
CA LYS J 417 -37.41 -73.78 -36.11
C LYS J 417 -37.15 -72.38 -36.67
N LYS J 418 -36.62 -72.30 -37.90
CA LYS J 418 -36.28 -71.03 -38.59
C LYS J 418 -37.34 -70.75 -39.65
N LEU J 419 -37.96 -69.58 -39.60
CA LEU J 419 -38.84 -69.01 -40.65
C LEU J 419 -38.05 -67.96 -41.43
N VAL J 420 -38.18 -67.97 -42.76
CA VAL J 420 -37.57 -66.95 -43.68
C VAL J 420 -38.68 -66.35 -44.53
N LYS J 421 -38.91 -65.04 -44.43
CA LYS J 421 -39.90 -64.31 -45.25
C LYS J 421 -39.16 -63.50 -46.31
N HIS J 422 -39.32 -63.88 -47.58
CA HIS J 422 -38.82 -63.13 -48.77
C HIS J 422 -39.62 -61.83 -48.89
N VAL J 423 -38.93 -60.71 -49.08
CA VAL J 423 -39.54 -59.35 -49.17
C VAL J 423 -38.66 -58.48 -50.06
N ASP J 424 -39.14 -57.28 -50.39
CA ASP J 424 -38.41 -56.26 -51.19
C ASP J 424 -38.74 -54.89 -50.58
N VAL J 425 -38.25 -54.66 -49.36
CA VAL J 425 -38.49 -53.44 -48.54
C VAL J 425 -37.31 -52.49 -48.72
N PRO J 426 -37.51 -51.30 -49.32
CA PRO J 426 -36.44 -50.31 -49.45
C PRO J 426 -36.09 -49.68 -48.09
N LEU J 427 -34.85 -49.20 -47.96
CA LEU J 427 -34.32 -48.56 -46.72
C LEU J 427 -34.44 -47.04 -46.85
N THR J 428 -35.59 -46.55 -47.32
CA THR J 428 -35.81 -45.13 -47.72
C THR J 428 -36.76 -44.44 -46.73
N GLY J 429 -37.39 -45.19 -45.82
CA GLY J 429 -38.33 -44.63 -44.82
C GLY J 429 -38.78 -45.69 -43.84
N GLU J 430 -39.51 -45.29 -42.79
CA GLU J 430 -40.09 -46.20 -41.77
C GLU J 430 -41.04 -47.18 -42.46
N ASN J 431 -41.22 -48.36 -41.86
CA ASN J 431 -41.99 -49.49 -42.44
C ASN J 431 -42.39 -50.42 -41.30
N GLU J 432 -43.55 -51.06 -41.42
CA GLU J 432 -44.00 -52.20 -40.58
C GLU J 432 -44.25 -53.37 -41.53
N ILE J 433 -43.61 -54.52 -41.28
CA ILE J 433 -43.79 -55.77 -42.08
C ILE J 433 -44.19 -56.88 -41.12
N THR J 434 -45.39 -57.44 -41.32
CA THR J 434 -45.98 -58.55 -40.52
C THR J 434 -45.42 -59.86 -41.06
N ILE J 435 -44.94 -60.74 -40.16
CA ILE J 435 -44.26 -62.03 -40.50
C ILE J 435 -45.15 -63.20 -40.06
N LEU J 436 -45.77 -63.11 -38.88
CA LEU J 436 -46.61 -64.20 -38.28
C LEU J 436 -47.97 -63.64 -37.84
N PRO K 84 24.83 19.08 6.53
CA PRO K 84 23.65 19.88 6.94
C PRO K 84 23.52 20.04 8.47
N GLY K 85 23.80 18.97 9.23
CA GLY K 85 23.71 18.95 10.70
C GLY K 85 22.38 18.38 11.17
N ASP K 86 22.08 18.56 12.46
CA ASP K 86 20.86 18.01 13.11
C ASP K 86 20.29 19.07 14.06
N ASP K 87 20.47 20.35 13.71
CA ASP K 87 20.02 21.51 14.54
C ASP K 87 18.56 21.31 14.96
N LEU K 88 17.71 20.83 14.05
CA LEU K 88 16.26 20.58 14.29
C LEU K 88 16.05 19.59 15.45
N TYR K 89 16.88 18.54 15.54
CA TYR K 89 16.66 17.36 16.42
C TYR K 89 17.32 17.56 17.78
N VAL K 90 18.43 18.30 17.86
CA VAL K 90 19.24 18.47 19.11
C VAL K 90 19.08 19.88 19.69
N LYS K 91 18.35 20.79 19.01
CA LYS K 91 18.15 22.17 19.50
C LYS K 91 17.61 22.11 20.94
N ASP K 92 18.07 23.01 21.80
CA ASP K 92 17.62 23.14 23.21
C ASP K 92 17.14 24.58 23.42
N LEU K 93 15.83 24.77 23.54
CA LEU K 93 15.17 26.09 23.71
C LEU K 93 14.71 26.25 25.16
N SER K 94 15.24 25.45 26.08
CA SER K 94 14.83 25.44 27.52
C SER K 94 15.19 26.76 28.18
N GLY K 95 16.34 27.34 27.82
CA GLY K 95 16.87 28.59 28.40
C GLY K 95 16.24 29.83 27.79
N CYS K 96 15.44 29.69 26.73
CA CYS K 96 14.76 30.82 26.03
C CYS K 96 13.54 31.27 26.86
N PRO K 97 13.40 32.59 27.12
CA PRO K 97 12.37 33.09 28.05
C PRO K 97 10.96 33.22 27.46
N GLY K 98 10.85 33.22 26.13
CA GLY K 98 9.62 33.62 25.43
C GLY K 98 9.31 35.08 25.70
N TYR K 99 8.08 35.51 25.41
CA TYR K 99 7.64 36.93 25.50
C TYR K 99 6.47 37.05 26.48
N LYS K 100 6.20 38.27 26.91
CA LYS K 100 4.99 38.66 27.66
C LYS K 100 4.41 39.94 27.03
N ALA K 101 3.09 40.10 27.07
CA ALA K 101 2.38 41.31 26.60
C ALA K 101 2.44 42.37 27.70
N THR K 102 2.98 43.56 27.39
CA THR K 102 3.10 44.73 28.31
C THR K 102 1.89 45.64 28.17
N LYS K 103 1.32 45.72 26.96
CA LYS K 103 0.15 46.55 26.60
C LYS K 103 -0.65 45.81 25.52
N HIS K 104 -1.97 46.04 25.47
CA HIS K 104 -2.88 45.48 24.44
C HIS K 104 -4.09 46.41 24.26
N TRP K 105 -4.57 46.55 23.02
CA TRP K 105 -5.78 47.35 22.67
C TRP K 105 -6.57 46.62 21.58
N GLN K 106 -7.86 46.95 21.47
CA GLN K 106 -8.81 46.38 20.50
C GLN K 106 -9.29 47.48 19.56
N THR K 107 -9.63 47.13 18.32
CA THR K 107 -10.35 47.99 17.35
C THR K 107 -11.65 47.29 16.96
N ARG K 108 -12.42 47.90 16.05
CA ARG K 108 -13.71 47.36 15.55
C ARG K 108 -13.50 46.00 14.88
N SER K 109 -12.28 45.69 14.41
CA SER K 109 -11.96 44.45 13.64
C SER K 109 -10.57 43.90 14.00
N GLY K 110 -9.99 44.29 15.14
CA GLY K 110 -8.57 43.98 15.42
C GLY K 110 -8.23 43.89 16.89
N PHE K 111 -7.15 43.17 17.19
CA PHE K 111 -6.48 43.09 18.52
C PHE K 111 -4.97 43.25 18.31
N TYR K 112 -4.35 44.07 19.15
CA TYR K 112 -2.93 44.52 19.05
C TYR K 112 -2.28 44.43 20.43
N ALA K 113 -0.96 44.18 20.48
CA ALA K 113 -0.19 44.08 21.73
C ALA K 113 1.30 44.35 21.46
N ASP K 114 1.95 45.07 22.37
CA ASP K 114 3.43 45.13 22.49
C ASP K 114 3.88 43.87 23.24
N LEU K 115 4.88 43.17 22.69
CA LEU K 115 5.51 41.98 23.31
C LEU K 115 6.96 42.33 23.66
N THR K 116 7.44 41.88 24.81
CA THR K 116 8.84 42.07 25.30
C THR K 116 9.36 40.72 25.81
N LEU K 117 10.66 40.48 25.67
CA LEU K 117 11.37 39.30 26.26
C LEU K 117 10.94 39.16 27.72
N ALA K 118 10.55 37.94 28.13
CA ALA K 118 10.00 37.64 29.47
C ALA K 118 11.13 37.36 30.48
N GLY K 119 12.37 37.26 30.01
CA GLY K 119 13.55 36.99 30.86
C GLY K 119 14.86 37.23 30.10
N PRO K 120 16.01 36.77 30.63
CA PRO K 120 17.28 36.90 29.92
C PRO K 120 17.25 36.15 28.57
N ALA K 121 17.97 36.68 27.58
CA ALA K 121 18.08 36.15 26.20
C ALA K 121 18.82 34.81 26.22
N CYS K 122 18.41 33.87 25.36
CA CYS K 122 19.10 32.56 25.12
C CYS K 122 20.01 32.68 23.90
N ASN K 123 19.59 33.44 22.89
CA ASN K 123 20.36 33.71 21.64
C ASN K 123 20.86 32.38 21.05
N VAL K 124 19.99 31.37 20.98
CA VAL K 124 20.38 29.96 20.62
C VAL K 124 20.85 29.91 19.16
N PHE K 125 20.19 30.64 18.25
CA PHE K 125 20.46 30.59 16.80
C PHE K 125 20.38 32.00 16.22
N GLY K 126 21.05 32.94 16.87
CA GLY K 126 20.99 34.39 16.57
C GLY K 126 20.64 35.18 17.82
N THR K 127 20.43 36.49 17.65
CA THR K 127 20.07 37.46 18.73
C THR K 127 18.55 37.51 18.88
N ASP K 128 18.02 37.14 20.05
CA ASP K 128 16.59 37.35 20.43
C ASP K 128 16.26 38.83 20.24
N LEU K 129 15.14 39.15 19.57
CA LEU K 129 14.66 40.54 19.43
C LEU K 129 14.04 40.96 20.75
N PRO K 130 14.46 42.10 21.35
CA PRO K 130 13.99 42.48 22.69
C PRO K 130 12.46 42.61 22.71
N ASP K 131 11.90 43.20 21.64
CA ASP K 131 10.47 43.60 21.54
C ASP K 131 9.90 43.11 20.20
N LEU K 132 8.59 42.85 20.17
CA LEU K 132 7.82 42.45 18.97
C LEU K 132 6.48 43.20 18.96
N LYS K 133 5.78 43.18 17.82
CA LYS K 133 4.37 43.61 17.70
C LYS K 133 3.51 42.38 17.43
N LEU K 134 2.36 42.29 18.08
CA LEU K 134 1.26 41.37 17.71
C LEU K 134 0.15 42.19 17.03
N GLU K 135 -0.21 41.83 15.80
CA GLU K 135 -1.30 42.45 15.00
C GLU K 135 -2.29 41.35 14.59
N VAL K 136 -3.55 41.48 15.01
CA VAL K 136 -4.64 40.52 14.68
C VAL K 136 -5.74 41.29 13.95
N GLU K 137 -5.98 40.94 12.67
CA GLU K 137 -7.03 41.56 11.83
C GLU K 137 -8.12 40.52 11.51
N TYR K 138 -9.33 40.77 12.00
CA TYR K 138 -10.58 40.12 11.50
C TYR K 138 -10.91 40.76 10.13
N GLN K 139 -10.39 40.18 9.05
CA GLN K 139 -10.48 40.75 7.67
C GLN K 139 -11.87 40.48 7.08
N THR K 140 -12.26 39.21 6.99
CA THR K 140 -13.62 38.76 6.62
C THR K 140 -14.07 37.73 7.66
N SER K 141 -15.31 37.25 7.57
CA SER K 141 -15.87 36.23 8.50
C SER K 141 -15.17 34.89 8.29
N ASP K 142 -14.39 34.75 7.21
CA ASP K 142 -13.68 33.50 6.81
C ASP K 142 -12.19 33.58 7.17
N ARG K 143 -11.59 34.76 7.11
CA ARG K 143 -10.11 34.95 7.14
C ARG K 143 -9.70 35.81 8.35
N LEU K 144 -8.82 35.26 9.18
CA LEU K 144 -8.17 35.95 10.34
C LEU K 144 -6.67 36.13 10.03
N HIS K 145 -6.16 37.35 10.14
CA HIS K 145 -4.73 37.69 10.00
C HIS K 145 -4.12 37.79 11.40
N VAL K 146 -3.12 36.95 11.69
CA VAL K 146 -2.30 36.99 12.92
C VAL K 146 -0.84 37.20 12.50
N LYS K 147 -0.26 38.32 12.90
CA LYS K 147 1.11 38.75 12.51
C LYS K 147 1.91 39.06 13.78
N ILE K 148 3.05 38.40 13.94
CA ILE K 148 4.07 38.69 15.00
C ILE K 148 5.35 39.11 14.28
N LEU K 149 5.73 40.38 14.42
CA LEU K 149 6.87 40.99 13.68
C LEU K 149 7.68 41.88 14.64
N ASP K 150 8.76 42.46 14.13
CA ASP K 150 9.63 43.45 14.84
C ASP K 150 8.87 44.78 14.96
N THR K 151 9.44 45.72 15.70
CA THR K 151 8.80 47.02 16.05
C THR K 151 9.09 48.08 14.97
N ASN K 152 10.18 47.97 14.20
CA ASN K 152 10.69 49.08 13.33
C ASN K 152 10.82 48.63 11.86
N ASN K 153 10.06 47.62 11.43
CA ASN K 153 9.91 47.24 10.00
C ASN K 153 11.30 47.07 9.35
N THR K 154 12.21 46.35 10.01
CA THR K 154 13.59 46.07 9.52
C THR K 154 13.70 44.60 9.07
N VAL K 155 13.07 43.67 9.80
CA VAL K 155 13.09 42.22 9.45
C VAL K 155 12.41 42.06 8.08
N TYR K 156 12.92 41.14 7.26
CA TYR K 156 12.43 40.87 5.88
C TYR K 156 10.97 40.44 5.94
N GLN K 157 10.14 41.03 5.09
CA GLN K 157 8.75 40.57 4.79
C GLN K 157 8.65 40.39 3.28
N VAL K 158 7.92 39.37 2.83
CA VAL K 158 7.80 39.07 1.38
C VAL K 158 7.30 40.33 0.68
N PRO K 159 7.97 40.79 -0.40
CA PRO K 159 7.53 42.00 -1.12
C PRO K 159 6.06 41.95 -1.57
N ASP K 160 5.41 43.12 -1.59
CA ASP K 160 4.01 43.30 -2.05
C ASP K 160 3.90 42.94 -3.54
N SER K 161 4.95 43.21 -4.32
CA SER K 161 5.00 42.99 -5.79
C SER K 161 4.96 41.49 -6.10
N VAL K 162 5.55 40.66 -5.24
CA VAL K 162 5.66 39.18 -5.43
C VAL K 162 4.37 38.53 -4.93
N PHE K 163 3.89 38.95 -3.75
CA PHE K 163 2.66 38.41 -3.10
C PHE K 163 1.80 39.56 -2.60
N PRO K 164 0.87 40.07 -3.44
CA PRO K 164 -0.07 41.12 -3.02
C PRO K 164 -1.00 40.56 -1.92
N ARG K 165 -1.16 41.33 -0.84
CA ARG K 165 -1.85 40.88 0.39
C ARG K 165 -3.35 40.99 0.21
N PRO K 166 -4.14 40.05 0.76
CA PRO K 166 -5.59 40.18 0.76
C PRO K 166 -6.01 41.20 1.84
N GLY K 167 -7.23 41.74 1.74
CA GLY K 167 -7.89 42.46 2.84
C GLY K 167 -7.85 43.98 2.67
N PHE K 168 -7.62 44.49 1.47
CA PHE K 168 -7.77 45.94 1.17
C PHE K 168 -9.26 46.29 1.24
N GLY K 169 -9.60 47.26 2.10
CA GLY K 169 -10.97 47.76 2.28
C GLY K 169 -11.91 46.71 2.85
N GLU K 170 -11.38 45.68 3.48
CA GLU K 170 -12.16 44.62 4.17
C GLU K 170 -11.93 44.71 5.68
N TRP K 171 -12.99 44.53 6.46
CA TRP K 171 -12.92 44.36 7.93
C TRP K 171 -14.18 43.64 8.42
N CYS K 172 -14.03 42.87 9.50
CA CYS K 172 -15.08 41.98 10.06
C CYS K 172 -15.14 42.21 11.58
N SER K 173 -16.33 42.49 12.12
CA SER K 173 -16.56 42.62 13.58
C SER K 173 -16.22 41.27 14.21
N PRO K 174 -15.41 41.24 15.30
CA PRO K 174 -14.97 39.97 15.90
C PRO K 174 -16.07 38.91 16.04
N LYS K 175 -17.25 39.29 16.55
CA LYS K 175 -18.37 38.36 16.84
C LYS K 175 -19.01 37.85 15.52
N ASP K 176 -18.78 38.54 14.40
CA ASP K 176 -19.29 38.14 13.05
C ASP K 176 -18.30 37.22 12.34
N SER K 177 -17.10 37.00 12.92
CA SER K 177 -16.05 36.11 12.37
C SER K 177 -16.31 34.66 12.78
N LYS K 178 -16.07 33.71 11.87
CA LYS K 178 -16.10 32.24 12.12
C LYS K 178 -14.97 31.86 13.09
N LEU K 179 -13.85 32.61 13.06
CA LEU K 179 -12.67 32.35 13.91
C LEU K 179 -12.56 33.43 14.99
N LYS K 180 -12.10 33.04 16.18
CA LYS K 180 -11.87 33.93 17.36
C LYS K 180 -10.39 33.84 17.77
N PHE K 181 -9.76 34.98 18.02
CA PHE K 181 -8.39 35.09 18.56
C PHE K 181 -8.48 35.29 20.08
N ASP K 182 -7.77 34.43 20.83
CA ASP K 182 -7.61 34.52 22.31
C ASP K 182 -6.11 34.42 22.62
N PHE K 183 -5.66 35.15 23.64
CA PHE K 183 -4.24 35.24 24.04
C PHE K 183 -4.13 35.14 25.57
N GLN K 184 -2.99 34.63 26.04
CA GLN K 184 -2.49 34.82 27.43
C GLN K 184 -1.35 35.84 27.34
N ALA K 185 -1.30 36.79 28.28
CA ALA K 185 -0.34 37.91 28.27
C ALA K 185 1.06 37.42 28.68
N ASP K 186 1.13 36.43 29.58
CA ASP K 186 2.36 36.09 30.32
C ASP K 186 2.23 34.68 30.92
N PRO K 187 2.98 33.66 30.40
CA PRO K 187 3.84 33.82 29.22
C PRO K 187 2.98 33.98 27.96
N PHE K 188 3.48 34.71 26.95
CA PHE K 188 2.71 35.01 25.72
C PHE K 188 2.45 33.72 24.95
N SER K 189 1.16 33.43 24.76
CA SER K 189 0.61 32.38 23.88
C SER K 189 -0.71 32.89 23.28
N PHE K 190 -1.20 32.24 22.23
CA PHE K 190 -2.51 32.57 21.61
C PHE K 190 -3.17 31.29 21.12
N THR K 191 -4.47 31.41 20.86
CA THR K 191 -5.39 30.34 20.42
C THR K 191 -6.26 30.89 19.29
N VAL K 192 -6.47 30.09 18.23
CA VAL K 192 -7.47 30.35 17.17
C VAL K 192 -8.54 29.26 17.30
N SER K 193 -9.80 29.67 17.51
CA SER K 193 -10.95 28.76 17.78
C SER K 193 -12.15 29.12 16.89
N ARG K 194 -13.10 28.21 16.77
CA ARG K 194 -14.40 28.45 16.09
C ARG K 194 -15.29 29.26 17.03
N THR K 195 -15.85 30.37 16.54
CA THR K 195 -16.74 31.28 17.29
C THR K 195 -18.00 30.51 17.74
N ASP K 196 -18.50 29.60 16.90
CA ASP K 196 -19.78 28.88 17.13
C ASP K 196 -19.56 27.79 18.18
N THR K 197 -18.66 26.83 17.91
CA THR K 197 -18.48 25.60 18.72
C THR K 197 -17.50 25.83 19.87
N GLY K 198 -16.47 26.68 19.66
CA GLY K 198 -15.39 26.93 20.64
C GLY K 198 -14.19 26.02 20.44
N GLU K 199 -14.24 25.08 19.47
CA GLU K 199 -13.17 24.09 19.21
C GLU K 199 -11.88 24.83 18.81
N VAL K 200 -10.77 24.46 19.44
CA VAL K 200 -9.43 25.10 19.23
C VAL K 200 -8.81 24.49 17.97
N LEU K 201 -8.43 25.34 17.01
CA LEU K 201 -7.86 24.98 15.68
C LEU K 201 -6.34 25.15 15.69
N PHE K 202 -5.82 26.02 16.56
CA PHE K 202 -4.40 26.43 16.66
C PHE K 202 -4.14 26.96 18.08
N ASP K 203 -3.01 26.60 18.69
CA ASP K 203 -2.82 26.72 20.16
C ASP K 203 -1.33 26.63 20.53
N THR K 204 -0.73 27.76 20.90
CA THR K 204 0.71 27.87 21.30
C THR K 204 0.84 27.82 22.83
N THR K 205 -0.27 27.65 23.56
CA THR K 205 -0.30 27.55 25.05
C THR K 205 0.77 26.55 25.50
N GLY K 206 1.63 26.97 26.45
CA GLY K 206 2.68 26.13 27.06
C GLY K 206 3.89 25.92 26.17
N ASN K 207 3.96 26.58 25.02
CA ASN K 207 5.06 26.45 24.02
C ASN K 207 5.77 27.80 23.91
N LYS K 208 7.09 27.78 23.75
CA LYS K 208 7.96 28.99 23.74
C LYS K 208 7.90 29.64 22.36
N LEU K 209 7.60 30.94 22.30
CA LEU K 209 7.85 31.81 21.13
C LEU K 209 9.32 32.24 21.18
N VAL K 210 10.10 31.87 20.18
CA VAL K 210 11.50 32.36 20.00
C VAL K 210 11.55 33.15 18.68
N PHE K 211 11.92 34.42 18.75
CA PHE K 211 12.06 35.35 17.60
C PHE K 211 13.45 35.96 17.62
N GLU K 212 14.30 35.55 16.67
CA GLU K 212 15.74 35.91 16.61
C GLU K 212 16.09 36.32 15.17
N SER K 213 17.24 36.98 14.99
CA SER K 213 17.72 37.51 13.70
C SER K 213 17.59 36.45 12.60
N GLN K 214 17.97 35.21 12.89
CA GLN K 214 18.02 34.09 11.89
C GLN K 214 17.29 32.84 12.42
N TYR K 215 16.40 32.99 13.39
CA TYR K 215 15.62 31.85 13.95
C TYR K 215 14.31 32.38 14.54
N VAL K 216 13.19 31.92 13.97
CA VAL K 216 11.82 32.14 14.52
C VAL K 216 11.19 30.75 14.71
N TYR K 217 10.65 30.49 15.91
CA TYR K 217 10.10 29.18 16.34
C TYR K 217 8.70 29.36 16.95
N LEU K 218 7.72 28.63 16.40
CA LEU K 218 6.35 28.55 16.93
C LEU K 218 5.87 27.09 16.86
N LYS K 219 5.14 26.65 17.88
CA LYS K 219 4.65 25.25 18.03
C LYS K 219 3.17 25.28 18.44
N THR K 220 2.30 24.70 17.62
CA THR K 220 0.85 24.57 17.90
C THR K 220 0.59 23.16 18.42
N HIS K 221 -0.32 23.04 19.39
CA HIS K 221 -1.00 21.76 19.74
C HIS K 221 -1.92 21.38 18.57
N LEU K 222 -2.07 20.08 18.31
CA LEU K 222 -3.07 19.51 17.35
C LEU K 222 -3.83 18.40 18.08
N PRO K 223 -5.02 17.99 17.57
CA PRO K 223 -5.69 16.81 18.09
C PRO K 223 -4.83 15.55 17.89
N GLN K 224 -5.16 14.49 18.62
CA GLN K 224 -4.58 13.14 18.43
C GLN K 224 -5.03 12.62 17.05
N ASN K 225 -4.11 12.00 16.30
CA ASN K 225 -4.33 11.43 14.95
C ASN K 225 -4.87 12.51 14.01
N PRO K 226 -4.12 13.62 13.81
CA PRO K 226 -4.59 14.72 12.97
C PRO K 226 -4.52 14.37 11.47
N HIS K 227 -5.28 15.09 10.66
CA HIS K 227 -5.38 14.92 9.18
C HIS K 227 -4.90 16.21 8.52
N LEU K 228 -3.60 16.28 8.20
CA LEU K 228 -2.93 17.48 7.63
C LEU K 228 -2.53 17.21 6.17
N TYR K 229 -2.62 18.24 5.34
CA TYR K 229 -2.32 18.20 3.89
C TYR K 229 -1.56 19.47 3.51
N GLY K 230 -0.51 19.34 2.70
CA GLY K 230 0.23 20.47 2.08
C GLY K 230 1.64 20.59 2.62
N LEU K 231 2.09 21.84 2.82
CA LEU K 231 3.45 22.19 3.30
C LEU K 231 4.50 21.63 2.34
N GLY K 232 4.15 21.49 1.05
CA GLY K 232 5.07 21.02 0.01
C GLY K 232 5.94 22.17 -0.50
N GLU K 233 6.57 21.99 -1.67
CA GLU K 233 6.38 20.83 -2.53
C GLU K 233 7.07 19.60 -1.93
N HIS K 234 6.36 18.47 -1.84
CA HIS K 234 6.89 17.18 -1.31
C HIS K 234 6.34 15.99 -2.12
N SER K 235 6.97 14.82 -1.98
CA SER K 235 6.61 13.56 -2.67
C SER K 235 6.18 12.48 -1.65
N ASP K 236 5.89 12.91 -0.42
CA ASP K 236 5.45 12.03 0.70
C ASP K 236 3.94 11.77 0.57
N ALA K 237 3.40 10.93 1.45
CA ALA K 237 1.94 10.67 1.62
C ALA K 237 1.21 12.02 1.65
N PHE K 238 0.04 12.10 1.01
CA PHE K 238 -0.77 13.34 0.87
C PHE K 238 -1.23 13.79 2.26
N MET K 239 -1.83 12.88 3.03
CA MET K 239 -2.09 13.09 4.48
C MET K 239 -0.73 12.97 5.20
N LEU K 240 -0.26 14.06 5.80
CA LEU K 240 1.12 14.16 6.33
C LEU K 240 1.30 13.17 7.47
N ASN K 241 2.44 12.47 7.47
CA ASN K 241 2.97 11.71 8.64
C ASN K 241 2.81 12.59 9.88
N THR K 242 2.48 11.97 11.02
CA THR K 242 2.17 12.66 12.30
C THR K 242 3.26 12.35 13.34
N THR K 243 4.15 11.38 13.06
CA THR K 243 5.26 10.96 13.96
C THR K 243 6.61 11.20 13.25
N ASN K 244 7.52 11.90 13.93
CA ASN K 244 8.94 12.09 13.49
C ASN K 244 8.95 12.47 12.01
N TYR K 245 8.22 13.52 11.64
CA TYR K 245 8.06 13.99 10.23
C TYR K 245 8.66 15.38 10.07
N THR K 246 9.74 15.45 9.28
CA THR K 246 10.44 16.69 8.86
C THR K 246 9.91 17.10 7.48
N ARG K 247 9.28 18.28 7.39
CA ARG K 247 8.95 18.98 6.12
C ARG K 247 9.84 20.22 6.01
N THR K 248 10.84 20.18 5.11
CA THR K 248 11.77 21.30 4.88
C THR K 248 11.31 22.08 3.64
N ILE K 249 10.92 23.34 3.82
CA ILE K 249 10.48 24.25 2.73
C ILE K 249 11.64 25.19 2.38
N TYR K 250 12.37 24.83 1.32
CA TYR K 250 13.47 25.61 0.72
C TYR K 250 13.67 25.09 -0.71
N THR K 251 13.42 25.92 -1.72
CA THR K 251 13.39 25.48 -3.14
C THR K 251 14.76 24.89 -3.47
N ARG K 252 14.78 23.74 -4.15
CA ARG K 252 16.01 22.94 -4.38
C ARG K 252 15.85 22.11 -5.66
N ASP K 253 16.93 22.01 -6.42
CA ASP K 253 17.07 21.08 -7.57
C ASP K 253 17.24 19.66 -7.03
N ALA K 254 16.13 19.00 -6.68
CA ALA K 254 16.09 17.68 -6.01
C ALA K 254 15.80 16.57 -7.03
N TYR K 255 16.82 16.08 -7.73
CA TYR K 255 16.70 14.98 -8.71
C TYR K 255 16.03 13.76 -8.07
N GLY K 256 15.13 13.11 -8.81
CA GLY K 256 14.40 11.91 -8.37
C GLY K 256 13.32 12.24 -7.35
N THR K 257 12.94 13.52 -7.27
CA THR K 257 11.92 14.07 -6.33
C THR K 257 11.89 13.23 -5.06
N PRO K 258 13.00 13.15 -4.30
CA PRO K 258 13.11 12.20 -3.19
C PRO K 258 12.09 12.50 -2.08
N GLN K 259 11.42 11.45 -1.59
CA GLN K 259 10.51 11.51 -0.43
C GLN K 259 11.31 12.00 0.79
N GLY K 260 10.69 12.84 1.63
CA GLY K 260 11.25 13.31 2.91
C GLY K 260 12.37 14.32 2.73
N GLU K 261 12.39 15.05 1.60
CA GLU K 261 13.41 16.09 1.31
C GLU K 261 12.74 17.31 0.67
N ASN K 262 13.36 18.49 0.82
CA ASN K 262 12.91 19.74 0.16
C ASN K 262 13.03 19.56 -1.35
N LEU K 263 11.93 19.82 -2.08
CA LEU K 263 11.88 19.73 -3.56
C LEU K 263 11.84 21.16 -4.14
N TYR K 264 11.28 21.30 -5.34
CA TYR K 264 11.41 22.49 -6.23
C TYR K 264 10.60 23.70 -5.72
N GLY K 265 9.43 23.46 -5.15
CA GLY K 265 8.43 24.51 -4.82
C GLY K 265 8.35 24.78 -3.32
N ALA K 266 7.77 25.92 -2.93
CA ALA K 266 7.62 26.35 -1.52
C ALA K 266 6.21 26.89 -1.30
N HIS K 267 5.39 26.16 -0.53
CA HIS K 267 3.95 26.43 -0.30
C HIS K 267 3.62 26.22 1.17
N PRO K 268 3.91 27.21 2.05
CA PRO K 268 3.69 27.06 3.49
C PRO K 268 2.21 27.17 3.90
N ILE K 269 1.33 26.46 3.18
CA ILE K 269 -0.11 26.28 3.51
C ILE K 269 -0.30 24.83 3.96
N TYR K 270 -1.01 24.61 5.08
CA TYR K 270 -1.59 23.28 5.42
C TYR K 270 -3.11 23.43 5.59
N PHE K 271 -3.83 22.44 5.07
CA PHE K 271 -5.25 22.12 5.37
C PHE K 271 -5.28 21.20 6.60
N ASP K 272 -6.15 21.52 7.56
CA ASP K 272 -6.37 20.72 8.79
C ASP K 272 -7.80 20.20 8.72
N HIS K 273 -7.97 18.92 8.36
CA HIS K 273 -9.30 18.28 8.19
C HIS K 273 -9.69 17.52 9.46
N ARG K 274 -10.88 17.81 9.99
CA ARG K 274 -11.46 17.15 11.19
C ARG K 274 -12.89 16.76 10.88
N GLN K 275 -13.46 15.81 11.62
CA GLN K 275 -14.86 15.34 11.46
C GLN K 275 -15.82 16.52 11.72
N THR K 276 -15.38 17.52 12.49
CA THR K 276 -16.16 18.72 12.87
C THR K 276 -16.00 19.84 11.81
N GLY K 277 -15.05 19.72 10.88
CA GLY K 277 -14.85 20.68 9.77
C GLY K 277 -13.40 20.78 9.33
N THR K 278 -13.14 21.66 8.35
CA THR K 278 -11.83 21.88 7.69
C THR K 278 -11.42 23.36 7.84
N HIS K 279 -10.16 23.63 8.17
CA HIS K 279 -9.59 25.00 8.21
C HIS K 279 -8.23 24.99 7.52
N GLY K 280 -7.72 26.19 7.20
CA GLY K 280 -6.39 26.39 6.58
C GLY K 280 -5.50 27.24 7.48
N VAL K 281 -4.20 26.97 7.45
CA VAL K 281 -3.15 27.78 8.13
C VAL K 281 -2.08 28.10 7.09
N PHE K 282 -2.02 29.36 6.65
CA PHE K 282 -1.04 29.88 5.67
C PHE K 282 -0.02 30.77 6.39
N LEU K 283 1.27 30.44 6.26
CA LEU K 283 2.40 31.28 6.72
C LEU K 283 3.00 32.00 5.51
N LEU K 284 2.81 33.32 5.38
CA LEU K 284 3.37 34.13 4.27
C LEU K 284 4.82 34.45 4.61
N ASN K 285 5.72 33.53 4.31
CA ASN K 285 7.15 33.59 4.70
C ASN K 285 7.96 32.81 3.66
N SER K 286 8.95 33.47 3.04
CA SER K 286 9.73 32.95 1.89
C SER K 286 11.11 32.47 2.34
N ASN K 287 11.33 32.34 3.66
CA ASN K 287 12.61 31.88 4.25
C ASN K 287 12.65 30.34 4.30
N GLY K 288 13.86 29.78 4.23
CA GLY K 288 14.11 28.36 4.56
C GLY K 288 13.50 28.03 5.91
N MET K 289 12.86 26.86 6.04
CA MET K 289 12.27 26.44 7.33
C MET K 289 12.19 24.91 7.39
N ASP K 290 12.43 24.35 8.58
CA ASP K 290 12.03 22.96 8.94
C ASP K 290 10.68 23.04 9.66
N ILE K 291 9.65 22.39 9.09
CA ILE K 291 8.39 22.07 9.83
C ILE K 291 8.55 20.66 10.39
N PHE K 292 8.27 20.49 11.67
CA PHE K 292 8.40 19.19 12.39
C PHE K 292 7.06 18.84 13.04
N ILE K 293 6.46 17.76 12.55
CA ILE K 293 5.16 17.19 13.02
C ILE K 293 5.50 15.91 13.80
N ASP K 294 5.16 15.87 15.08
CA ASP K 294 5.56 14.76 15.99
C ASP K 294 4.51 14.59 17.10
N ASN K 295 4.43 13.36 17.64
CA ASN K 295 3.58 12.97 18.77
C ASN K 295 4.51 12.39 19.85
N ASN K 296 5.01 13.25 20.74
CA ASN K 296 5.93 12.89 21.87
C ASN K 296 5.07 12.71 23.13
N ALA K 297 4.80 13.80 23.87
CA ALA K 297 3.89 13.82 25.04
C ALA K 297 2.46 14.03 24.54
N THR K 298 2.27 14.99 23.63
CA THR K 298 1.02 15.21 22.84
C THR K 298 1.40 15.51 21.39
N GLN K 299 0.41 15.48 20.49
CA GLN K 299 0.60 15.79 19.06
C GLN K 299 0.82 17.30 18.89
N TYR K 300 1.83 17.67 18.11
CA TYR K 300 2.13 19.08 17.76
C TYR K 300 2.66 19.17 16.33
N LEU K 301 2.67 20.39 15.80
CA LEU K 301 3.42 20.82 14.59
C LEU K 301 4.20 22.08 14.99
N GLU K 302 5.49 22.16 14.63
CA GLU K 302 6.34 23.33 14.93
C GLU K 302 6.96 23.87 13.63
N TYR K 303 7.10 25.19 13.55
CA TYR K 303 7.86 25.90 12.49
C TYR K 303 9.25 26.26 13.02
N ASN K 304 10.30 25.87 12.30
CA ASN K 304 11.69 26.34 12.52
C ASN K 304 12.11 27.16 11.30
N ILE K 305 11.99 28.50 11.38
CA ILE K 305 12.15 29.43 10.22
C ILE K 305 13.43 30.25 10.43
N ILE K 306 14.28 30.35 9.40
CA ILE K 306 15.63 30.99 9.54
C ILE K 306 15.55 32.49 9.17
N GLY K 307 14.36 33.09 9.22
CA GLY K 307 14.19 34.53 9.00
C GLY K 307 12.74 34.96 8.84
N GLY K 308 12.54 36.25 8.58
CA GLY K 308 11.23 36.84 8.31
C GLY K 308 10.40 36.89 9.58
N VAL K 309 9.09 37.08 9.42
CA VAL K 309 8.11 37.25 10.54
C VAL K 309 7.13 36.07 10.50
N LEU K 310 6.40 35.89 11.59
CA LEU K 310 5.24 34.95 11.69
C LEU K 310 4.01 35.65 11.09
N ASP K 311 3.81 35.50 9.78
CA ASP K 311 2.69 36.15 9.04
C ASP K 311 1.67 35.07 8.67
N PHE K 312 0.73 34.81 9.59
CA PHE K 312 -0.28 33.74 9.50
C PHE K 312 -1.59 34.31 8.95
N TYR K 313 -2.21 33.59 8.01
CA TYR K 313 -3.64 33.72 7.62
C TYR K 313 -4.34 32.42 8.03
N PHE K 314 -5.34 32.53 8.90
CA PHE K 314 -6.25 31.43 9.30
C PHE K 314 -7.55 31.57 8.52
N ILE K 315 -7.96 30.50 7.83
CA ILE K 315 -9.18 30.45 6.97
C ILE K 315 -10.06 29.32 7.50
N ALA K 316 -11.36 29.61 7.70
CA ALA K 316 -12.30 28.88 8.58
C ALA K 316 -12.95 27.69 7.87
N GLY K 317 -12.85 27.57 6.55
CA GLY K 317 -13.70 26.64 5.77
C GLY K 317 -15.17 26.95 6.01
N PRO K 318 -15.99 26.06 6.61
CA PRO K 318 -15.54 24.79 7.20
C PRO K 318 -15.48 23.56 6.28
N SER K 319 -15.98 23.64 5.04
CA SER K 319 -15.89 22.53 4.06
C SER K 319 -14.49 22.53 3.44
N PRO K 320 -14.01 21.37 2.92
CA PRO K 320 -12.69 21.32 2.28
C PRO K 320 -12.56 22.30 1.10
N ARG K 321 -13.59 22.40 0.25
CA ARG K 321 -13.66 23.37 -0.88
C ARG K 321 -13.69 24.81 -0.35
N ASP K 322 -14.37 25.04 0.78
CA ASP K 322 -14.46 26.38 1.41
C ASP K 322 -13.04 26.91 1.70
N VAL K 323 -12.19 26.06 2.28
CA VAL K 323 -10.77 26.43 2.63
C VAL K 323 -10.03 26.75 1.33
N ALA K 324 -10.19 25.91 0.30
CA ALA K 324 -9.57 26.07 -1.03
C ALA K 324 -9.97 27.43 -1.62
N ILE K 325 -11.27 27.71 -1.63
CA ILE K 325 -11.89 28.98 -2.12
C ILE K 325 -11.31 30.14 -1.30
N GLN K 326 -11.30 30.02 0.03
CA GLN K 326 -10.75 31.05 0.95
C GLN K 326 -9.25 31.28 0.68
N TYR K 327 -8.49 30.24 0.34
CA TYR K 327 -7.03 30.35 0.08
C TYR K 327 -6.78 31.11 -1.24
N ALA K 328 -7.67 30.93 -2.24
CA ALA K 328 -7.60 31.61 -3.56
C ALA K 328 -7.78 33.12 -3.39
N GLU K 329 -8.51 33.57 -2.36
CA GLU K 329 -8.66 35.01 -2.02
C GLU K 329 -7.31 35.58 -1.56
N ILE K 330 -6.42 34.73 -1.04
CA ILE K 330 -5.05 35.11 -0.56
C ILE K 330 -4.07 35.01 -1.75
N THR K 331 -4.02 33.86 -2.43
CA THR K 331 -3.11 33.61 -3.58
C THR K 331 -3.52 34.45 -4.79
N GLN K 332 -4.82 34.79 -4.88
CA GLN K 332 -5.54 35.18 -6.12
C GLN K 332 -5.85 33.89 -6.89
N THR K 333 -6.97 33.88 -7.61
CA THR K 333 -7.45 32.70 -8.37
C THR K 333 -6.44 32.39 -9.47
N PRO K 334 -6.26 31.10 -9.84
CA PRO K 334 -5.30 30.74 -10.89
C PRO K 334 -5.70 31.29 -12.27
N LEU K 335 -4.71 31.59 -13.11
CA LEU K 335 -4.93 32.01 -14.51
C LEU K 335 -5.70 30.89 -15.23
N MET K 336 -6.50 31.25 -16.25
CA MET K 336 -7.23 30.28 -17.09
C MET K 336 -6.27 29.68 -18.11
N THR K 337 -6.48 28.42 -18.49
CA THR K 337 -5.63 27.62 -19.40
C THR K 337 -6.19 27.68 -20.83
N PRO K 338 -5.34 27.60 -21.87
CA PRO K 338 -5.82 27.40 -23.24
C PRO K 338 -6.34 25.97 -23.41
N TYR K 339 -7.38 25.79 -24.22
CA TYR K 339 -8.07 24.50 -24.47
C TYR K 339 -7.03 23.49 -25.02
N TRP K 340 -6.28 23.87 -26.05
CA TRP K 340 -5.30 23.00 -26.76
C TRP K 340 -4.22 22.48 -25.79
N GLY K 341 -3.91 23.25 -24.73
CA GLY K 341 -2.91 22.87 -23.72
C GLY K 341 -3.28 21.57 -23.01
N LEU K 342 -4.57 21.27 -22.88
CA LEU K 342 -5.09 20.06 -22.19
C LEU K 342 -4.84 18.80 -23.04
N GLY K 343 -4.50 18.99 -24.33
CA GLY K 343 -4.07 17.92 -25.23
C GLY K 343 -2.79 17.25 -24.76
N TYR K 344 -2.50 16.06 -25.29
CA TYR K 344 -1.31 15.24 -24.95
C TYR K 344 -0.04 15.95 -25.42
N HIS K 345 0.97 15.99 -24.55
CA HIS K 345 2.30 16.59 -24.75
C HIS K 345 3.37 15.49 -24.82
N GLN K 346 4.27 15.57 -25.81
CA GLN K 346 5.43 14.65 -25.96
C GLN K 346 6.72 15.46 -25.92
N CYS K 347 7.69 15.02 -25.12
CA CYS K 347 9.02 15.65 -24.96
C CYS K 347 10.10 14.59 -24.70
N LYS K 348 11.35 14.94 -24.95
CA LYS K 348 12.54 14.16 -24.51
C LYS K 348 13.74 15.11 -24.40
N TYR K 349 14.50 14.99 -23.32
CA TYR K 349 15.89 15.50 -23.22
C TYR K 349 16.74 14.58 -24.10
N GLY K 350 17.24 15.09 -25.23
CA GLY K 350 18.10 14.32 -26.15
C GLY K 350 17.51 14.13 -27.55
N TYR K 351 16.45 14.86 -27.92
CA TYR K 351 16.02 15.00 -29.34
C TYR K 351 17.08 15.82 -30.07
N GLN K 352 17.93 15.14 -30.87
CA GLN K 352 19.28 15.63 -31.28
C GLN K 352 19.19 16.68 -32.39
N ASP K 353 18.11 16.72 -33.17
CA ASP K 353 17.99 17.65 -34.32
C ASP K 353 16.52 17.77 -34.76
N VAL K 354 16.24 18.74 -35.63
CA VAL K 354 14.91 19.00 -36.24
C VAL K 354 14.33 17.70 -36.84
N TYR K 355 15.19 16.81 -37.35
CA TYR K 355 14.75 15.56 -38.04
C TYR K 355 14.04 14.64 -37.04
N GLU K 356 14.60 14.46 -35.84
CA GLU K 356 14.02 13.53 -34.82
C GLU K 356 12.69 14.09 -34.30
N VAL K 357 12.60 15.40 -34.04
CA VAL K 357 11.33 16.04 -33.57
C VAL K 357 10.24 15.71 -34.59
N ALA K 358 10.53 15.87 -35.88
CA ALA K 358 9.61 15.59 -37.01
C ALA K 358 9.19 14.11 -37.00
N ALA K 359 10.14 13.18 -36.92
CA ALA K 359 9.91 11.72 -36.98
C ALA K 359 8.99 11.27 -35.83
N VAL K 360 9.14 11.87 -34.64
CA VAL K 360 8.32 11.56 -33.44
C VAL K 360 6.86 11.96 -33.74
N VAL K 361 6.66 13.18 -34.24
CA VAL K 361 5.31 13.72 -34.58
C VAL K 361 4.67 12.80 -35.63
N ALA K 362 5.39 12.48 -36.71
CA ALA K 362 4.91 11.60 -37.80
C ALA K 362 4.59 10.20 -37.26
N ASN K 363 5.39 9.70 -36.33
CA ASN K 363 5.25 8.33 -35.77
C ASN K 363 4.00 8.26 -34.88
N TYR K 364 3.63 9.37 -34.24
CA TYR K 364 2.39 9.46 -33.40
C TYR K 364 1.16 9.32 -34.31
N SER K 365 1.09 10.08 -35.41
CA SER K 365 -0.07 10.07 -36.35
C SER K 365 -0.15 8.73 -37.07
N THR K 366 0.98 8.24 -37.61
CA THR K 366 1.10 6.92 -38.30
C THR K 366 0.52 5.81 -37.43
N ASN K 367 0.74 5.88 -36.12
CA ASN K 367 0.28 4.85 -35.14
C ASN K 367 -1.07 5.24 -34.54
N ASN K 368 -1.72 6.28 -35.05
CA ASN K 368 -3.10 6.70 -34.70
C ASN K 368 -3.17 6.98 -33.19
N ILE K 369 -2.14 7.62 -32.63
CA ILE K 369 -2.11 8.12 -31.21
C ILE K 369 -2.18 9.63 -31.26
N PRO K 370 -3.28 10.25 -30.74
CA PRO K 370 -3.39 11.70 -30.73
C PRO K 370 -2.20 12.34 -30.02
N LEU K 371 -1.54 13.27 -30.71
CA LEU K 371 -0.46 14.15 -30.18
C LEU K 371 -0.86 15.60 -30.48
N GLU K 372 -0.97 16.45 -29.45
CA GLU K 372 -1.41 17.85 -29.60
C GLU K 372 -0.19 18.76 -29.74
N THR K 373 0.82 18.55 -28.89
CA THR K 373 1.99 19.44 -28.69
C THR K 373 3.25 18.59 -28.62
N ILE K 374 4.26 18.92 -29.42
CA ILE K 374 5.63 18.31 -29.38
C ILE K 374 6.57 19.36 -28.79
N TRP K 375 7.58 18.92 -28.03
CA TRP K 375 8.48 19.80 -27.25
C TRP K 375 9.92 19.65 -27.75
N THR K 376 10.83 20.49 -27.22
CA THR K 376 12.29 20.30 -27.33
C THR K 376 12.95 20.87 -26.06
N ASP K 377 13.78 20.05 -25.41
CA ASP K 377 14.61 20.43 -24.22
C ASP K 377 15.82 21.25 -24.72
N ILE K 378 16.85 21.35 -23.88
CA ILE K 378 18.07 22.21 -24.08
C ILE K 378 18.77 21.90 -25.41
N ASP K 379 18.40 20.83 -26.11
CA ASP K 379 19.09 20.31 -27.31
C ASP K 379 19.04 21.32 -28.46
N TYR K 380 18.00 22.15 -28.54
CA TYR K 380 17.79 23.12 -29.65
C TYR K 380 18.85 24.23 -29.59
N MET K 381 19.45 24.45 -28.42
CA MET K 381 20.36 25.60 -28.16
C MET K 381 21.72 25.34 -28.81
N ASP K 382 22.43 26.43 -29.17
CA ASP K 382 23.86 26.38 -29.55
C ASP K 382 24.69 26.12 -28.28
N ARG K 383 25.12 24.87 -28.11
CA ARG K 383 25.96 24.43 -26.96
C ARG K 383 25.25 24.80 -25.65
N ARG K 384 23.92 24.60 -25.61
CA ARG K 384 23.08 24.66 -24.38
C ARG K 384 23.05 26.09 -23.82
N ARG K 385 23.22 27.09 -24.68
CA ARG K 385 23.14 28.55 -24.33
C ARG K 385 21.73 29.06 -24.63
N ILE K 386 21.08 29.72 -23.67
CA ILE K 386 19.69 30.21 -23.85
C ILE K 386 19.68 31.32 -24.92
N PHE K 387 18.54 31.47 -25.60
CA PHE K 387 18.27 32.43 -26.70
C PHE K 387 19.30 32.25 -27.83
N THR K 388 19.64 30.99 -28.13
CA THR K 388 20.41 30.57 -29.33
C THR K 388 19.78 29.29 -29.91
N ILE K 389 20.10 28.99 -31.17
CA ILE K 389 19.75 27.70 -31.85
C ILE K 389 21.03 27.08 -32.40
N ASP K 390 21.14 25.77 -32.31
CA ASP K 390 22.24 24.97 -32.91
C ASP K 390 22.19 25.16 -34.42
N PRO K 391 23.19 25.82 -35.05
CA PRO K 391 23.13 26.14 -36.48
C PRO K 391 23.37 24.90 -37.38
N GLU K 392 23.78 23.78 -36.79
CA GLU K 392 24.03 22.49 -37.49
C GLU K 392 22.81 21.57 -37.37
N ARG K 393 22.21 21.47 -36.18
CA ARG K 393 21.19 20.46 -35.81
C ARG K 393 19.79 21.09 -35.73
N PHE K 394 19.71 22.40 -35.51
CA PHE K 394 18.43 23.16 -35.49
C PHE K 394 18.61 24.45 -36.30
N PRO K 395 19.08 24.38 -37.55
CA PRO K 395 19.27 25.57 -38.38
C PRO K 395 17.94 26.29 -38.68
N ALA K 396 17.99 27.62 -38.75
CA ALA K 396 16.83 28.54 -38.85
C ALA K 396 15.84 28.04 -39.91
N ASN K 397 16.32 27.77 -41.13
CA ASN K 397 15.47 27.42 -42.30
C ASN K 397 14.70 26.11 -42.03
N LEU K 398 15.35 25.09 -41.47
CA LEU K 398 14.74 23.75 -41.21
C LEU K 398 13.87 23.81 -39.94
N TYR K 399 14.19 24.72 -39.01
CA TYR K 399 13.43 24.90 -37.75
C TYR K 399 12.07 25.50 -38.08
N LYS K 400 12.03 26.47 -39.00
CA LYS K 400 10.78 27.10 -39.51
C LYS K 400 9.91 26.03 -40.18
N ASP K 401 10.49 25.21 -41.08
CA ASP K 401 9.78 24.14 -41.82
C ASP K 401 9.15 23.16 -40.82
N LEU K 402 9.86 22.87 -39.73
CA LEU K 402 9.38 21.97 -38.62
C LEU K 402 8.17 22.62 -37.93
N VAL K 403 8.32 23.85 -37.47
CA VAL K 403 7.27 24.62 -36.73
C VAL K 403 6.06 24.84 -37.65
N ASP K 404 6.31 25.15 -38.94
CA ASP K 404 5.26 25.40 -39.96
C ASP K 404 4.42 24.12 -40.19
N THR K 405 5.05 22.94 -40.24
CA THR K 405 4.36 21.64 -40.45
C THR K 405 3.55 21.29 -39.20
N ILE K 406 4.14 21.43 -38.00
CA ILE K 406 3.45 21.25 -36.69
C ILE K 406 2.18 22.10 -36.68
N HIS K 407 2.27 23.39 -37.03
CA HIS K 407 1.14 24.36 -37.01
C HIS K 407 0.09 24.01 -38.09
N ALA K 408 0.54 23.63 -39.30
CA ALA K 408 -0.34 23.22 -40.43
C ALA K 408 -1.12 21.95 -40.07
N ARG K 409 -0.55 21.08 -39.22
CA ARG K 409 -1.22 19.87 -38.71
C ARG K 409 -2.17 20.23 -37.55
N ASP K 410 -2.32 21.53 -37.24
CA ASP K 410 -3.05 22.08 -36.07
C ASP K 410 -2.44 21.52 -34.78
N GLN K 411 -1.13 21.30 -34.77
CA GLN K 411 -0.36 20.91 -33.55
C GLN K 411 0.38 22.14 -33.04
N HIS K 412 1.01 22.04 -31.87
CA HIS K 412 1.64 23.17 -31.13
C HIS K 412 3.08 22.82 -30.78
N TYR K 413 3.87 23.81 -30.38
CA TYR K 413 5.33 23.66 -30.15
C TYR K 413 5.75 24.43 -28.89
N ILE K 414 6.52 23.77 -28.02
CA ILE K 414 7.04 24.30 -26.72
C ILE K 414 8.52 23.89 -26.59
N VAL K 415 9.39 24.83 -26.16
CA VAL K 415 10.83 24.55 -25.88
C VAL K 415 11.17 25.06 -24.47
N MET K 416 12.29 24.60 -23.93
CA MET K 416 12.76 24.90 -22.55
C MET K 416 13.50 26.24 -22.56
N VAL K 417 13.36 27.01 -21.49
CA VAL K 417 14.24 28.17 -21.15
C VAL K 417 14.61 28.03 -19.66
N ASP K 418 15.83 28.44 -19.30
CA ASP K 418 16.35 28.46 -17.91
C ASP K 418 16.93 29.85 -17.66
N PRO K 419 17.31 30.22 -16.41
CA PRO K 419 17.77 31.58 -16.12
C PRO K 419 19.27 31.81 -16.39
N ALA K 420 20.05 30.73 -16.60
CA ALA K 420 21.51 30.78 -16.75
C ALA K 420 21.89 31.43 -18.10
N VAL K 421 22.68 32.50 -18.06
CA VAL K 421 23.19 33.24 -19.26
C VAL K 421 24.70 33.03 -19.36
N TYR K 422 25.14 32.28 -20.39
CA TYR K 422 26.56 31.97 -20.69
C TYR K 422 27.35 33.27 -20.90
N TYR K 423 28.47 33.46 -20.20
CA TYR K 423 29.21 34.76 -20.19
C TYR K 423 30.61 34.66 -20.82
N LYS K 424 31.12 33.45 -21.08
CA LYS K 424 32.50 33.25 -21.59
C LYS K 424 32.61 33.71 -23.06
N GLU K 425 31.51 33.69 -23.82
CA GLU K 425 31.51 34.10 -25.25
C GLU K 425 30.22 34.89 -25.56
N SER K 426 30.32 35.81 -26.52
CA SER K 426 29.23 36.75 -26.93
C SER K 426 27.98 35.96 -27.34
N ASN K 427 26.83 36.34 -26.79
CA ASN K 427 25.49 35.82 -27.17
C ASN K 427 24.47 36.89 -26.81
N PRO K 428 23.37 37.03 -27.58
CA PRO K 428 22.38 38.09 -27.35
C PRO K 428 22.01 38.28 -25.86
N ALA K 429 21.76 37.18 -25.15
CA ALA K 429 21.31 37.16 -23.73
C ALA K 429 22.36 37.85 -22.85
N LEU K 430 23.64 37.53 -23.06
CA LEU K 430 24.77 38.07 -22.26
C LEU K 430 24.95 39.55 -22.59
N ASP K 431 25.03 39.89 -23.88
CA ASP K 431 25.38 41.26 -24.37
C ASP K 431 24.29 42.24 -23.92
N GLU K 432 23.02 41.90 -24.11
CA GLU K 432 21.86 42.73 -23.66
C GLU K 432 21.81 42.71 -22.12
N GLY K 433 22.17 41.58 -21.50
CA GLY K 433 22.23 41.41 -20.04
C GLY K 433 23.16 42.42 -19.38
N LEU K 434 24.36 42.59 -19.92
CA LEU K 434 25.38 43.56 -19.43
C LEU K 434 24.93 45.00 -19.75
N ARG K 435 24.36 45.22 -20.94
CA ARG K 435 23.95 46.57 -21.42
C ARG K 435 22.85 47.12 -20.51
N TYR K 436 21.91 46.25 -20.09
CA TYR K 436 20.78 46.62 -19.19
C TYR K 436 21.23 46.53 -17.73
N ASP K 437 22.28 45.74 -17.45
CA ASP K 437 22.96 45.66 -16.12
C ASP K 437 22.02 44.98 -15.11
N ILE K 438 21.49 43.80 -15.47
CA ILE K 438 20.34 43.16 -14.76
C ILE K 438 20.78 41.88 -14.04
N PHE K 439 22.06 41.51 -14.10
CA PHE K 439 22.58 40.28 -13.45
C PHE K 439 22.81 40.54 -11.96
N MET K 440 22.62 39.51 -11.14
CA MET K 440 22.91 39.53 -9.69
C MET K 440 24.42 39.71 -9.53
N LYS K 441 24.82 40.59 -8.61
CA LYS K 441 26.22 41.06 -8.43
C LYS K 441 26.74 40.59 -7.07
N GLU K 442 28.06 40.43 -6.95
CA GLU K 442 28.77 40.19 -5.67
C GLU K 442 28.93 41.54 -4.93
N ASN K 443 29.52 41.55 -3.74
CA ASN K 443 29.77 42.78 -2.94
C ASN K 443 30.68 43.74 -3.72
N ASN K 444 31.72 43.23 -4.40
CA ASN K 444 32.72 44.02 -5.16
C ASN K 444 32.11 44.57 -6.45
N GLY K 445 30.82 44.31 -6.71
CA GLY K 445 30.06 44.89 -7.83
C GLY K 445 30.26 44.13 -9.13
N SER K 446 31.05 43.05 -9.12
CA SER K 446 31.29 42.19 -10.31
C SER K 446 30.14 41.20 -10.46
N GLU K 447 29.78 40.87 -11.70
CA GLU K 447 28.73 39.87 -12.06
C GLU K 447 28.97 38.59 -11.23
N TYR K 448 27.93 38.10 -10.54
CA TYR K 448 27.97 36.81 -9.79
C TYR K 448 28.17 35.66 -10.78
N GLN K 449 29.17 34.83 -10.53
CA GLN K 449 29.59 33.72 -11.45
C GLN K 449 29.10 32.37 -10.90
N GLY K 450 28.40 31.62 -11.74
CA GLY K 450 28.04 30.20 -11.51
C GLY K 450 28.36 29.38 -12.75
N VAL K 451 27.96 28.11 -12.75
CA VAL K 451 28.11 27.19 -13.92
C VAL K 451 26.86 26.33 -13.99
N VAL K 452 26.18 26.38 -15.14
CA VAL K 452 25.06 25.46 -15.49
C VAL K 452 25.44 24.82 -16.84
N TRP K 453 24.49 24.46 -17.70
CA TRP K 453 24.73 23.52 -18.83
C TRP K 453 25.67 24.13 -19.88
N ALA K 454 25.56 25.44 -20.14
CA ALA K 454 26.37 26.17 -21.14
C ALA K 454 27.82 26.33 -20.64
N GLY K 455 28.04 26.18 -19.33
CA GLY K 455 29.32 26.46 -18.65
C GLY K 455 29.20 27.70 -17.76
N PRO K 456 30.29 28.48 -17.58
CA PRO K 456 30.23 29.69 -16.77
C PRO K 456 29.05 30.58 -17.19
N SER K 457 28.14 30.86 -16.24
CA SER K 457 26.85 31.57 -16.44
C SER K 457 26.66 32.69 -15.41
N HIS K 458 25.85 33.70 -15.75
CA HIS K 458 25.28 34.72 -14.83
C HIS K 458 23.79 34.40 -14.63
N PHE K 459 23.12 35.15 -13.76
CA PHE K 459 21.71 34.93 -13.36
C PHE K 459 21.01 36.28 -13.23
N PRO K 460 19.95 36.55 -14.02
CA PRO K 460 19.19 37.79 -13.91
C PRO K 460 18.72 38.11 -12.48
N ASP K 461 18.71 39.39 -12.13
CA ASP K 461 18.07 39.93 -10.90
C ASP K 461 16.66 40.39 -11.30
N TRP K 462 15.66 39.59 -10.94
CA TRP K 462 14.23 39.84 -11.26
C TRP K 462 13.69 41.04 -10.49
N PHE K 463 14.40 41.51 -9.45
CA PHE K 463 14.07 42.74 -8.69
C PHE K 463 14.46 43.99 -9.50
N HIS K 464 15.48 43.90 -10.37
CA HIS K 464 15.96 45.02 -11.21
C HIS K 464 14.82 45.59 -12.04
N PRO K 465 14.59 46.92 -12.01
CA PRO K 465 13.45 47.52 -12.72
C PRO K 465 13.52 47.44 -14.26
N ASP K 466 14.63 46.95 -14.82
CA ASP K 466 14.83 46.77 -16.29
C ASP K 466 14.92 45.28 -16.65
N SER K 467 14.64 44.38 -15.70
CA SER K 467 14.73 42.91 -15.90
C SER K 467 13.56 42.41 -16.77
N GLN K 468 12.36 42.99 -16.62
CA GLN K 468 11.17 42.64 -17.43
C GLN K 468 11.41 43.01 -18.90
N GLN K 469 11.82 44.26 -19.14
CA GLN K 469 12.14 44.79 -20.50
C GLN K 469 13.21 43.89 -21.15
N TYR K 470 14.33 43.64 -20.45
CA TYR K 470 15.43 42.75 -20.89
C TYR K 470 14.88 41.38 -21.29
N TRP K 471 14.06 40.78 -20.41
CA TRP K 471 13.55 39.39 -20.57
C TRP K 471 12.55 39.35 -21.73
N SER K 472 11.61 40.29 -21.74
CA SER K 472 10.61 40.45 -22.83
C SER K 472 11.33 40.61 -24.19
N GLU K 473 12.35 41.46 -24.25
CA GLU K 473 13.09 41.78 -25.51
C GLU K 473 13.86 40.55 -26.02
N GLN K 474 14.40 39.72 -25.12
CA GLN K 474 15.06 38.44 -25.49
C GLN K 474 14.04 37.52 -26.17
N PHE K 475 12.83 37.41 -25.61
CA PHE K 475 11.74 36.56 -26.15
C PHE K 475 11.33 37.08 -27.54
N LEU K 476 11.08 38.39 -27.65
CA LEU K 476 10.59 39.05 -28.88
C LEU K 476 11.57 38.82 -30.03
N ALA K 477 12.88 38.91 -29.76
CA ALA K 477 13.97 38.84 -30.76
C ALA K 477 14.21 37.38 -31.19
N PHE K 478 13.95 36.42 -30.29
CA PHE K 478 14.40 35.01 -30.43
C PHE K 478 13.26 34.13 -30.99
N PHE K 479 12.08 34.17 -30.38
CA PHE K 479 10.96 33.24 -30.66
C PHE K 479 10.07 33.82 -31.78
N ASP K 480 10.69 34.27 -32.88
CA ASP K 480 10.02 35.08 -33.92
C ASP K 480 9.79 34.26 -35.20
N GLY K 481 10.35 33.04 -35.28
CA GLY K 481 10.23 32.16 -36.46
C GLY K 481 11.44 32.24 -37.37
N THR K 482 12.34 33.20 -37.14
CA THR K 482 13.56 33.46 -37.96
C THR K 482 14.81 33.10 -37.14
N ASN K 483 15.01 33.76 -36.00
CA ASN K 483 16.19 33.60 -35.10
C ASN K 483 16.00 32.37 -34.20
N GLY K 484 14.75 31.95 -33.99
CA GLY K 484 14.39 30.75 -33.19
C GLY K 484 12.92 30.40 -33.37
N PRO K 485 12.42 29.37 -32.66
CA PRO K 485 11.08 28.84 -32.90
C PRO K 485 9.93 29.75 -32.44
N ASP K 486 8.92 29.91 -33.30
CA ASP K 486 7.65 30.58 -32.97
C ASP K 486 6.83 29.66 -32.06
N ILE K 487 7.23 29.53 -30.80
CA ILE K 487 6.59 28.64 -29.77
C ILE K 487 5.18 29.18 -29.44
N ASP K 488 4.33 28.28 -28.94
CA ASP K 488 2.90 28.56 -28.59
C ASP K 488 2.72 28.60 -27.07
N ALA K 489 3.66 28.00 -26.33
CA ALA K 489 3.73 28.04 -24.85
C ALA K 489 5.19 27.83 -24.41
N LEU K 490 5.49 28.13 -23.14
CA LEU K 490 6.87 28.13 -22.59
C LEU K 490 7.05 26.98 -21.60
N TRP K 491 8.26 26.42 -21.59
CA TRP K 491 8.75 25.47 -20.56
C TRP K 491 9.88 26.15 -19.77
N ILE K 492 9.71 26.32 -18.47
CA ILE K 492 10.72 26.93 -17.55
C ILE K 492 11.32 25.83 -16.69
N ASP K 493 12.66 25.69 -16.69
CA ASP K 493 13.42 24.64 -15.96
C ASP K 493 14.61 25.28 -15.24
N MET K 494 15.09 24.63 -14.18
CA MET K 494 16.33 24.98 -13.45
C MET K 494 16.25 26.43 -12.91
N ASN K 495 15.05 26.85 -12.47
CA ASN K 495 14.73 28.24 -12.06
C ASN K 495 14.83 28.41 -10.54
N GLU K 496 15.37 27.43 -9.82
CA GLU K 496 15.45 27.40 -8.34
C GLU K 496 16.27 28.58 -7.79
N PRO K 497 17.42 28.99 -8.39
CA PRO K 497 17.98 28.41 -9.60
C PRO K 497 18.95 27.24 -9.39
N ALA K 498 19.06 26.36 -10.39
CA ALA K 498 20.09 25.29 -10.46
C ALA K 498 21.45 25.94 -10.74
N ASN K 499 22.44 25.63 -9.91
CA ASN K 499 23.84 26.09 -10.11
C ASN K 499 24.76 24.90 -9.82
N PHE K 500 25.24 24.23 -10.88
CA PHE K 500 26.09 23.02 -10.79
C PHE K 500 27.41 23.37 -10.07
N TYR K 501 27.89 24.60 -10.25
CA TYR K 501 29.19 25.09 -9.73
C TYR K 501 29.29 24.80 -8.22
N ASN K 502 28.21 25.05 -7.46
CA ASN K 502 28.18 24.85 -5.98
C ASN K 502 27.91 23.37 -5.68
N ARG K 503 28.78 22.47 -6.16
CA ARG K 503 28.73 21.00 -5.91
C ARG K 503 30.12 20.50 -5.51
N PRO K 504 30.56 20.72 -4.25
CA PRO K 504 29.82 21.50 -3.27
C PRO K 504 30.17 22.99 -3.33
N TYR K 505 29.44 23.81 -2.58
CA TYR K 505 29.84 25.22 -2.29
C TYR K 505 31.13 25.19 -1.48
N PRO K 506 32.12 26.09 -1.72
CA PRO K 506 32.04 27.13 -2.75
C PRO K 506 32.74 26.76 -4.06
N GLY K 507 31.98 26.53 -5.14
CA GLY K 507 32.49 26.39 -6.52
C GLY K 507 33.41 25.20 -6.70
N ASN K 508 33.22 24.15 -5.89
CA ASN K 508 34.11 22.95 -5.80
C ASN K 508 35.57 23.38 -5.57
N ASN K 509 35.77 24.56 -4.97
CA ASN K 509 37.11 25.12 -4.64
C ASN K 509 37.96 25.25 -5.90
N THR K 510 37.34 25.46 -7.06
CA THR K 510 38.03 25.69 -8.36
C THR K 510 37.37 26.89 -9.05
N THR K 511 37.85 27.25 -10.24
CA THR K 511 37.32 28.38 -11.07
C THR K 511 36.09 27.88 -11.82
N PRO K 512 35.23 28.79 -12.33
CA PRO K 512 34.09 28.38 -13.17
C PRO K 512 34.54 27.55 -14.39
N GLU K 513 35.59 28.01 -15.08
CA GLU K 513 36.09 27.42 -16.36
C GLU K 513 36.53 25.97 -16.12
N ASN K 514 37.23 25.72 -15.03
CA ASN K 514 37.78 24.37 -14.67
C ASN K 514 36.62 23.46 -14.23
N PHE K 515 35.65 23.99 -13.48
CA PHE K 515 34.45 23.21 -13.06
C PHE K 515 33.70 22.74 -14.31
N ALA K 516 33.40 23.66 -15.22
CA ALA K 516 32.67 23.42 -16.49
C ALA K 516 33.32 22.27 -17.28
N GLU K 517 34.66 22.30 -17.43
CA GLU K 517 35.42 21.37 -18.29
C GLU K 517 35.34 19.96 -17.69
N VAL K 518 35.65 19.82 -16.41
CA VAL K 518 35.63 18.51 -15.68
C VAL K 518 34.20 18.00 -15.60
N ASP K 519 33.23 18.87 -15.31
CA ASP K 519 31.79 18.53 -15.10
C ASP K 519 31.10 18.26 -16.44
N GLY K 520 31.66 18.78 -17.54
CA GLY K 520 31.16 18.56 -18.92
C GLY K 520 30.07 19.55 -19.27
N ASP K 521 30.35 20.85 -19.08
CA ASP K 521 29.39 21.96 -19.27
C ASP K 521 29.90 22.89 -20.38
N PRO K 522 29.45 22.74 -21.65
CA PRO K 522 28.52 21.69 -22.06
C PRO K 522 29.23 20.41 -22.54
N PRO K 523 28.51 19.28 -22.67
CA PRO K 523 29.07 18.08 -23.29
C PRO K 523 29.03 18.21 -24.82
N ALA K 524 29.75 17.32 -25.51
CA ALA K 524 29.70 17.14 -26.98
C ALA K 524 28.29 16.69 -27.38
N ALA K 525 27.62 17.46 -28.23
CA ALA K 525 26.37 17.06 -28.91
C ALA K 525 26.68 15.86 -29.80
N PRO K 526 25.69 14.99 -30.09
CA PRO K 526 25.93 13.86 -31.00
C PRO K 526 26.44 14.33 -32.37
N ALA K 527 27.12 13.43 -33.09
CA ALA K 527 27.63 13.65 -34.46
C ALA K 527 26.47 14.08 -35.38
N VAL K 528 26.67 15.13 -36.17
CA VAL K 528 25.67 15.67 -37.14
C VAL K 528 25.22 14.53 -38.05
N ARG K 529 23.91 14.42 -38.28
CA ARG K 529 23.26 13.34 -39.08
C ARG K 529 22.91 13.87 -40.47
N ASP K 530 22.90 12.97 -41.46
CA ASP K 530 22.51 13.23 -42.88
C ASP K 530 21.02 13.57 -42.92
N GLY K 531 20.24 13.02 -41.99
CA GLY K 531 18.80 13.25 -41.83
C GLY K 531 18.20 12.25 -40.85
N PRO K 532 16.86 12.06 -40.85
CA PRO K 532 16.25 11.03 -40.00
C PRO K 532 16.73 9.64 -40.45
N ASP K 533 16.52 8.61 -39.62
CA ASP K 533 16.96 7.22 -39.90
C ASP K 533 15.86 6.46 -40.65
N ALA K 534 14.71 7.10 -40.89
CA ALA K 534 13.62 6.59 -41.76
C ALA K 534 12.92 7.78 -42.43
N PRO K 535 12.14 7.55 -43.52
CA PRO K 535 11.35 8.63 -44.13
C PRO K 535 10.33 9.18 -43.12
N ILE K 536 9.88 10.42 -43.31
CA ILE K 536 8.93 11.13 -42.40
C ILE K 536 7.68 11.50 -43.19
N PRO K 537 6.59 10.69 -43.11
CA PRO K 537 5.35 10.98 -43.83
C PRO K 537 4.70 12.31 -43.41
N GLY K 538 4.26 13.10 -44.39
CA GLY K 538 3.50 14.34 -44.18
C GLY K 538 4.37 15.54 -43.84
N PHE K 539 5.69 15.36 -43.82
CA PHE K 539 6.68 16.44 -43.55
C PHE K 539 7.44 16.75 -44.83
N PRO K 540 7.91 18.01 -45.02
CA PRO K 540 8.52 18.43 -46.28
C PRO K 540 9.89 17.76 -46.52
N ALA K 541 10.35 17.80 -47.78
CA ALA K 541 11.57 17.12 -48.28
C ALA K 541 12.81 17.61 -47.53
N SER K 542 12.82 18.90 -47.15
CA SER K 542 13.94 19.56 -46.41
C SER K 542 14.26 18.82 -45.11
N LEU K 543 13.27 18.18 -44.47
CA LEU K 543 13.41 17.44 -43.19
C LEU K 543 13.62 15.94 -43.45
N GLN K 544 13.98 15.56 -44.68
CA GLN K 544 14.38 14.17 -45.04
C GLN K 544 15.14 14.19 -46.36
N PRO K 545 16.27 14.94 -46.45
CA PRO K 545 17.00 15.09 -47.72
C PRO K 545 17.67 13.78 -48.15
N ASN K 546 17.99 12.92 -47.17
CA ASN K 546 18.63 11.59 -47.33
C ASN K 546 17.59 10.53 -47.71
N TRP K 547 16.37 10.93 -48.08
CA TRP K 547 15.29 10.04 -48.62
C TRP K 547 14.63 10.73 -49.83
N VAL K 548 15.44 11.35 -50.70
CA VAL K 548 15.01 12.07 -51.93
C VAL K 548 16.08 11.85 -53.03
N SER L 1 -14.90 42.36 -30.23
CA SER L 1 -13.56 42.65 -29.62
C SER L 1 -13.39 41.86 -28.32
N ARG L 2 -13.56 42.52 -27.16
CA ARG L 2 -13.25 41.98 -25.80
C ARG L 2 -14.37 42.36 -24.82
N ARG L 3 -15.59 41.87 -25.06
CA ARG L 3 -16.81 42.25 -24.30
C ARG L 3 -16.98 41.37 -23.06
N ASN L 4 -16.58 40.09 -23.14
CA ASN L 4 -16.77 39.06 -22.10
C ASN L 4 -18.28 38.85 -21.88
N LEU L 5 -19.03 38.87 -22.98
CA LEU L 5 -20.52 38.73 -23.02
C LEU L 5 -20.90 37.29 -22.62
N GLY L 6 -21.73 37.15 -21.59
CA GLY L 6 -22.23 35.85 -21.08
C GLY L 6 -21.51 35.37 -19.83
N ALA L 7 -20.48 36.10 -19.38
CA ALA L 7 -19.61 35.73 -18.23
C ALA L 7 -20.17 36.31 -16.93
N GLY L 8 -19.79 35.71 -15.79
CA GLY L 8 -20.04 36.24 -14.43
C GLY L 8 -21.00 35.38 -13.63
N HIS L 9 -21.53 34.29 -14.20
CA HIS L 9 -22.58 33.43 -13.58
C HIS L 9 -21.98 32.63 -12.41
N TRP L 10 -20.70 32.30 -12.48
CA TRP L 10 -19.99 31.42 -11.51
C TRP L 10 -18.89 32.20 -10.76
N LYS L 11 -18.91 33.53 -10.78
CA LYS L 11 -17.88 34.37 -10.10
C LYS L 11 -18.11 34.35 -8.59
N SER L 12 -17.07 34.70 -7.82
CA SER L 12 -17.09 34.78 -6.34
C SER L 12 -18.10 35.81 -5.88
N PRO L 13 -18.95 35.49 -4.86
CA PRO L 13 -19.70 36.52 -4.15
C PRO L 13 -18.75 37.50 -3.45
N LYS L 14 -18.48 38.64 -4.08
CA LYS L 14 -17.47 39.64 -3.62
C LYS L 14 -18.16 40.98 -3.36
N GLY L 15 -18.50 41.26 -2.10
CA GLY L 15 -19.23 42.47 -1.67
C GLY L 15 -18.39 43.71 -1.79
N LYS L 16 -18.84 44.69 -2.59
CA LYS L 16 -18.16 45.98 -2.89
C LYS L 16 -17.28 46.40 -1.71
N VAL L 17 -15.97 46.55 -1.94
CA VAL L 17 -14.95 46.86 -0.91
C VAL L 17 -15.18 48.30 -0.42
N ASP L 18 -14.44 48.72 0.61
CA ASP L 18 -14.58 50.06 1.24
C ASP L 18 -13.21 50.75 1.27
N PRO L 19 -12.76 51.36 0.15
CA PRO L 19 -11.44 52.00 0.09
C PRO L 19 -11.23 53.17 1.06
N ARG L 20 -12.30 53.67 1.70
CA ARG L 20 -12.22 54.61 2.84
C ARG L 20 -11.49 53.92 4.01
N ALA L 21 -11.90 52.69 4.34
CA ALA L 21 -11.27 51.83 5.38
C ALA L 21 -9.83 51.51 4.99
N GLY L 22 -9.60 51.24 3.70
CA GLY L 22 -8.27 50.90 3.15
C GLY L 22 -7.67 49.68 3.84
N TRP L 23 -6.36 49.69 4.05
CA TRP L 23 -5.63 48.69 4.89
C TRP L 23 -5.89 49.00 6.38
N GLN L 24 -6.21 47.97 7.18
CA GLN L 24 -6.44 48.10 8.64
C GLN L 24 -5.13 48.53 9.32
N ASN L 25 -3.98 48.14 8.77
CA ASN L 25 -2.63 48.46 9.31
C ASN L 25 -2.36 49.97 9.23
N GLY L 26 -3.10 50.70 8.38
CA GLY L 26 -3.05 52.17 8.28
C GLY L 26 -1.91 52.66 7.40
N LYS L 27 -1.17 51.74 6.76
CA LYS L 27 -0.08 52.05 5.82
C LYS L 27 -0.64 51.97 4.39
N GLN L 28 0.17 52.33 3.39
CA GLN L 28 -0.26 52.43 1.97
C GLN L 28 0.08 51.13 1.22
N THR L 29 0.42 50.05 1.95
CA THR L 29 0.79 48.72 1.39
C THR L 29 0.26 47.60 2.29
N GLY L 30 0.01 46.43 1.71
CA GLY L 30 -0.52 45.24 2.41
C GLY L 30 0.43 44.70 3.47
N SER L 31 1.74 44.76 3.22
CA SER L 31 2.82 44.28 4.13
C SER L 31 2.96 45.20 5.35
N GLY L 32 2.50 46.45 5.25
CA GLY L 32 2.78 47.52 6.22
C GLY L 32 4.16 48.10 6.00
N CYS L 33 4.88 47.63 4.97
CA CYS L 33 6.29 47.97 4.67
C CYS L 33 6.33 49.05 3.57
N GLY L 34 6.91 50.20 3.88
CA GLY L 34 7.30 51.22 2.88
C GLY L 34 8.41 50.71 1.96
N PRO L 35 8.78 51.45 0.90
CA PRO L 35 9.67 50.95 -0.14
C PRO L 35 11.12 50.68 0.31
N ASN L 36 11.55 51.34 1.39
CA ASN L 36 12.94 51.29 1.92
C ASN L 36 12.97 50.48 3.22
N GLU L 37 11.88 49.78 3.54
CA GLU L 37 11.69 49.04 4.82
C GLU L 37 11.63 47.52 4.54
N CYS L 38 11.82 46.73 5.60
CA CYS L 38 11.62 45.26 5.63
C CYS L 38 12.54 44.58 4.60
N LYS L 39 13.80 45.03 4.50
CA LYS L 39 14.83 44.50 3.57
C LYS L 39 15.68 43.44 4.27
N GLY L 40 15.56 43.32 5.59
CA GLY L 40 16.23 42.28 6.39
C GLY L 40 17.24 42.87 7.36
N LEU L 41 17.53 42.15 8.45
CA LEU L 41 18.49 42.59 9.50
C LEU L 41 19.92 42.51 8.95
N PRO L 42 20.80 43.45 9.33
CA PRO L 42 22.22 43.37 8.99
C PRO L 42 22.95 42.31 9.82
N ASN L 43 24.23 42.06 9.50
CA ASN L 43 25.18 41.24 10.29
C ASN L 43 24.69 39.79 10.40
N ARG L 44 24.01 39.27 9.38
CA ARG L 44 23.52 37.86 9.35
C ARG L 44 24.54 36.98 8.60
N HIS L 45 24.58 35.71 8.98
CA HIS L 45 25.35 34.62 8.33
C HIS L 45 24.48 34.03 7.21
N LEU L 46 24.70 34.48 5.97
CA LEU L 46 23.75 34.30 4.84
C LEU L 46 24.06 33.03 4.05
N ILE L 47 25.24 32.42 4.27
CA ILE L 47 25.66 31.16 3.58
C ILE L 47 25.31 29.97 4.48
N ARG L 48 25.95 29.89 5.64
CA ARG L 48 25.72 28.86 6.70
C ARG L 48 25.18 29.57 7.93
N PRO L 49 23.85 29.63 8.11
CA PRO L 49 23.26 30.35 9.25
C PRO L 49 23.36 29.58 10.55
N PRO L 50 23.17 30.24 11.72
CA PRO L 50 23.28 29.57 13.02
C PRO L 50 22.38 28.33 13.13
N TYR L 51 21.07 28.46 12.83
CA TYR L 51 20.17 27.29 12.63
C TYR L 51 20.23 26.91 11.15
N MET L 52 20.79 25.73 10.85
CA MET L 52 20.79 25.18 9.47
C MET L 52 19.60 24.23 9.30
N ILE L 53 18.79 24.47 8.28
CA ILE L 53 17.63 23.62 7.88
C ILE L 53 18.17 22.29 7.33
N GLN L 54 17.33 21.27 7.29
CA GLN L 54 17.64 19.94 6.69
C GLN L 54 17.63 20.07 5.17
N ASN L 55 18.66 20.73 4.61
CA ASN L 55 18.77 20.99 3.15
C ASN L 55 19.36 19.75 2.48
N GLY L 56 18.60 19.10 1.60
CA GLY L 56 19.04 17.90 0.86
C GLY L 56 20.20 18.20 -0.09
N ALA L 57 20.37 19.46 -0.49
CA ALA L 57 21.35 19.90 -1.53
C ALA L 57 22.77 19.84 -0.97
N GLY L 58 22.98 20.22 0.29
CA GLY L 58 24.29 20.18 0.96
C GLY L 58 24.29 20.90 2.30
N PRO L 59 25.48 21.14 2.91
CA PRO L 59 25.58 21.70 4.26
C PRO L 59 25.28 23.20 4.40
N THR L 60 25.17 23.93 3.29
CA THR L 60 24.93 25.40 3.25
C THR L 60 23.63 25.68 2.49
N LEU L 61 23.18 26.93 2.50
CA LEU L 61 21.99 27.39 1.71
C LEU L 61 22.38 27.52 0.23
N ALA L 62 23.69 27.58 -0.08
CA ALA L 62 24.23 27.94 -1.41
C ALA L 62 24.44 26.70 -2.29
N ASP L 63 24.46 25.50 -1.71
CA ASP L 63 24.77 24.24 -2.45
C ASP L 63 23.76 24.06 -3.59
N SER L 64 24.28 23.82 -4.81
CA SER L 64 23.51 23.51 -6.04
C SER L 64 22.63 24.69 -6.46
N THR L 65 22.77 25.86 -5.83
CA THR L 65 21.98 27.09 -6.16
C THR L 65 22.91 28.31 -6.14
N ALA L 66 22.34 29.51 -6.18
CA ALA L 66 23.06 30.81 -6.15
C ALA L 66 23.47 31.14 -4.72
N ASP L 67 24.64 31.76 -4.54
CA ASP L 67 25.15 32.22 -3.23
C ASP L 67 24.07 33.07 -2.57
N THR L 68 23.80 32.83 -1.28
CA THR L 68 22.65 33.40 -0.54
C THR L 68 23.02 34.76 0.09
N ASP L 69 24.25 35.24 -0.09
CA ASP L 69 24.69 36.57 0.43
C ASP L 69 24.43 37.66 -0.63
N LEU L 70 24.14 37.26 -1.87
CA LEU L 70 24.02 38.20 -3.02
C LEU L 70 22.96 39.25 -2.68
N VAL L 71 23.29 40.53 -2.85
CA VAL L 71 22.38 41.69 -2.61
C VAL L 71 21.78 42.09 -3.96
N GLN L 72 20.45 42.05 -4.07
CA GLN L 72 19.67 42.35 -5.30
C GLN L 72 19.16 43.79 -5.25
N SER L 73 18.65 44.29 -6.38
CA SER L 73 18.04 45.63 -6.52
C SER L 73 17.01 45.84 -5.40
N GLY L 74 17.14 46.94 -4.65
CA GLY L 74 16.26 47.27 -3.51
C GLY L 74 16.84 46.84 -2.17
N GLY L 75 17.89 46.00 -2.19
CA GLY L 75 18.65 45.60 -0.99
C GLY L 75 18.30 44.20 -0.51
N TYR L 76 17.28 43.56 -1.11
CA TYR L 76 16.84 42.18 -0.78
C TYR L 76 18.01 41.22 -1.04
N VAL L 77 18.35 40.38 -0.05
CA VAL L 77 19.43 39.34 -0.14
C VAL L 77 18.79 38.00 -0.53
N GLN L 78 19.49 37.21 -1.34
CA GLN L 78 19.04 35.89 -1.87
C GLN L 78 18.61 34.96 -0.74
N TYR L 79 19.28 35.03 0.40
CA TYR L 79 18.93 34.30 1.65
C TYR L 79 17.42 34.42 1.88
N ASP L 80 16.87 35.62 1.72
CA ASP L 80 15.45 35.93 2.03
C ASP L 80 14.53 35.54 0.86
N THR L 81 14.95 35.79 -0.40
CA THR L 81 14.08 35.71 -1.59
C THR L 81 14.38 34.47 -2.44
N HIS L 82 15.26 33.58 -1.98
CA HIS L 82 15.66 32.35 -2.72
C HIS L 82 14.41 31.59 -3.16
N ASN L 83 13.50 31.30 -2.21
CA ASN L 83 12.25 30.53 -2.45
C ASN L 83 11.34 31.25 -3.47
N LEU L 84 11.63 32.52 -3.77
CA LEU L 84 10.84 33.37 -4.71
C LEU L 84 11.51 33.44 -6.08
N TYR L 85 12.80 33.07 -6.21
CA TYR L 85 13.54 33.24 -7.48
C TYR L 85 12.79 32.52 -8.62
N GLY L 86 12.37 31.28 -8.36
CA GLY L 86 11.59 30.48 -9.32
C GLY L 86 10.32 31.20 -9.74
N ALA L 87 9.54 31.68 -8.76
CA ALA L 87 8.26 32.41 -8.95
C ALA L 87 8.49 33.66 -9.80
N MET L 88 9.56 34.42 -9.52
CA MET L 88 9.83 35.74 -10.14
C MET L 88 10.30 35.54 -11.59
N MET L 89 11.12 34.53 -11.87
CA MET L 89 11.43 34.12 -13.28
C MET L 89 10.13 33.74 -13.99
N SER L 90 9.32 32.88 -13.36
CA SER L 90 7.98 32.44 -13.85
C SER L 90 7.14 33.67 -14.25
N SER L 91 7.04 34.67 -13.38
CA SER L 91 6.24 35.91 -13.59
C SER L 91 6.78 36.69 -14.81
N HIS L 92 8.08 36.96 -14.84
CA HIS L 92 8.77 37.68 -15.94
C HIS L 92 8.55 36.95 -17.27
N SER L 93 8.63 35.61 -17.26
CA SER L 93 8.42 34.72 -18.44
C SER L 93 6.98 34.83 -18.95
N HIS L 94 5.99 34.74 -18.06
CA HIS L 94 4.56 34.87 -18.40
C HIS L 94 4.36 36.19 -19.15
N ASN L 95 4.78 37.29 -18.54
CA ASN L 95 4.65 38.67 -19.09
C ASN L 95 5.33 38.74 -20.46
N ALA L 96 6.54 38.17 -20.60
CA ALA L 96 7.31 38.10 -21.85
C ALA L 96 6.51 37.35 -22.92
N MET L 97 5.86 36.25 -22.54
CA MET L 97 5.07 35.41 -23.48
C MET L 97 3.81 36.18 -23.90
N ARG L 98 3.23 36.97 -22.99
CA ARG L 98 2.05 37.82 -23.25
C ARG L 98 2.43 39.01 -24.14
N ALA L 99 3.66 39.54 -23.99
CA ALA L 99 4.19 40.66 -24.81
C ALA L 99 4.18 40.27 -26.29
N ARG L 100 4.46 39.00 -26.64
CA ARG L 100 4.66 38.57 -28.04
C ARG L 100 3.36 38.03 -28.66
N ARG L 101 2.40 37.61 -27.82
CA ARG L 101 1.02 37.25 -28.23
C ARG L 101 0.04 37.84 -27.21
N PRO L 102 -0.21 39.17 -27.25
CA PRO L 102 -0.94 39.85 -26.17
C PRO L 102 -2.39 39.38 -25.94
N ASP L 103 -3.02 38.81 -26.96
CA ASP L 103 -4.46 38.45 -26.96
C ASP L 103 -4.64 37.04 -26.38
N ASP L 104 -3.58 36.23 -26.41
CA ASP L 104 -3.63 34.79 -26.04
C ASP L 104 -3.31 34.63 -24.56
N ARG L 105 -4.03 33.71 -23.89
CA ARG L 105 -3.59 33.14 -22.60
C ARG L 105 -2.19 32.57 -22.79
N ALA L 106 -1.27 32.86 -21.88
CA ALA L 106 0.12 32.33 -21.89
C ALA L 106 0.17 31.07 -21.02
N LEU L 107 0.34 29.89 -21.65
CA LEU L 107 0.65 28.63 -20.95
C LEU L 107 2.15 28.60 -20.66
N VAL L 108 2.51 28.53 -19.38
CA VAL L 108 3.91 28.42 -18.88
C VAL L 108 3.97 27.24 -17.89
N ILE L 109 4.85 26.26 -18.16
CA ILE L 109 5.06 25.06 -17.29
C ILE L 109 6.42 25.26 -16.61
N THR L 110 6.42 25.61 -15.33
CA THR L 110 7.64 25.94 -14.54
C THR L 110 7.91 24.87 -13.48
N ARG L 111 9.15 24.77 -13.03
CA ARG L 111 9.57 23.82 -11.97
C ARG L 111 9.41 24.48 -10.59
N SER L 112 10.26 25.44 -10.23
CA SER L 112 10.23 26.11 -8.91
C SER L 112 9.07 27.11 -8.86
N THR L 113 8.22 27.03 -7.82
CA THR L 113 7.06 27.93 -7.56
C THR L 113 7.05 28.34 -6.08
N PHE L 114 6.42 29.47 -5.78
CA PHE L 114 6.05 29.88 -4.40
C PHE L 114 4.52 29.99 -4.34
N ALA L 115 3.94 29.99 -3.13
CA ALA L 115 2.51 30.28 -2.90
C ALA L 115 2.14 31.55 -3.68
N GLY L 116 1.03 31.52 -4.43
CA GLY L 116 0.53 32.66 -5.23
C GLY L 116 0.95 32.60 -6.69
N SER L 117 1.94 31.76 -7.04
CA SER L 117 2.48 31.60 -8.42
C SER L 117 1.39 31.11 -9.37
N GLY L 118 0.36 30.45 -8.84
CA GLY L 118 -0.78 29.94 -9.61
C GLY L 118 -1.45 31.04 -10.43
N LYS L 119 -1.34 32.30 -10.00
CA LYS L 119 -2.01 33.45 -10.66
C LYS L 119 -1.39 33.68 -12.05
N ASP L 120 -0.16 33.22 -12.32
CA ASP L 120 0.50 33.48 -13.63
C ASP L 120 1.26 32.26 -14.19
N VAL L 121 1.39 31.12 -13.51
CA VAL L 121 2.09 29.93 -14.07
C VAL L 121 1.47 28.60 -13.63
N SER L 122 1.73 27.58 -14.44
CA SER L 122 1.40 26.15 -14.20
C SER L 122 2.70 25.41 -13.88
N HIS L 123 2.63 24.12 -13.52
CA HIS L 123 3.74 23.36 -12.90
C HIS L 123 3.80 21.95 -13.50
N TRP L 124 5.02 21.42 -13.70
CA TRP L 124 5.27 19.96 -13.81
C TRP L 124 6.21 19.58 -12.66
N LEU L 125 6.15 18.32 -12.20
CA LEU L 125 6.71 17.88 -10.90
C LEU L 125 8.21 17.57 -11.00
N GLY L 126 8.90 18.07 -12.04
CA GLY L 126 10.36 18.00 -12.17
C GLY L 126 10.86 16.61 -12.54
N ASP L 127 12.07 16.26 -12.10
CA ASP L 127 12.83 15.06 -12.54
C ASP L 127 12.44 13.85 -11.67
N ASN L 128 11.38 13.12 -12.05
CA ASN L 128 10.98 11.84 -11.42
C ASN L 128 11.80 10.71 -12.05
N VAL L 129 11.58 9.47 -11.62
CA VAL L 129 12.25 8.25 -12.17
C VAL L 129 11.18 7.26 -12.63
N SER L 130 11.46 6.52 -13.72
CA SER L 130 10.62 5.45 -14.31
C SER L 130 10.52 4.27 -13.33
N GLY L 131 9.80 4.47 -12.22
CA GLY L 131 9.57 3.46 -11.18
C GLY L 131 8.17 3.56 -10.61
N TRP L 132 7.65 2.46 -10.06
CA TRP L 132 6.26 2.36 -9.55
C TRP L 132 6.05 3.33 -8.38
N LEU L 133 7.10 3.65 -7.61
CA LEU L 133 7.04 4.60 -6.47
C LEU L 133 6.59 5.99 -6.96
N TRP L 134 7.22 6.47 -8.04
CA TRP L 134 7.01 7.82 -8.63
C TRP L 134 5.62 7.89 -9.29
N TYR L 135 5.23 6.81 -9.96
CA TYR L 135 3.88 6.57 -10.51
C TYR L 135 2.85 6.69 -9.37
N GLN L 136 3.14 6.04 -8.24
CA GLN L 136 2.24 5.95 -7.06
C GLN L 136 2.10 7.32 -6.38
N LEU L 137 3.22 8.01 -6.12
CA LEU L 137 3.24 9.29 -5.34
C LEU L 137 2.72 10.45 -6.19
N SER L 138 2.54 10.25 -7.51
CA SER L 138 2.11 11.30 -8.48
C SER L 138 0.78 11.91 -8.05
N ILE L 139 -0.11 11.09 -7.49
CA ILE L 139 -1.49 11.50 -7.10
C ILE L 139 -1.40 12.49 -5.93
N SER L 140 -0.58 12.20 -4.92
CA SER L 140 -0.28 13.12 -3.78
C SER L 140 0.10 14.49 -4.35
N GLN L 141 0.95 14.50 -5.37
CA GLN L 141 1.63 15.72 -5.87
C GLN L 141 0.67 16.56 -6.70
N ILE L 142 -0.16 15.96 -7.56
CA ILE L 142 -1.16 16.69 -8.38
C ILE L 142 -2.24 17.27 -7.45
N LEU L 143 -2.64 16.51 -6.43
CA LEU L 143 -3.65 16.93 -5.42
C LEU L 143 -3.13 18.15 -4.65
N GLN L 144 -1.88 18.09 -4.18
CA GLN L 144 -1.18 19.23 -3.53
C GLN L 144 -1.37 20.51 -4.35
N PHE L 145 -1.05 20.47 -5.64
CA PHE L 145 -0.97 21.68 -6.51
C PHE L 145 -2.38 22.15 -6.88
N ALA L 146 -3.22 21.25 -7.38
CA ALA L 146 -4.58 21.56 -7.91
C ALA L 146 -5.56 21.83 -6.77
N SER L 147 -5.47 21.06 -5.67
CA SER L 147 -6.45 21.07 -4.55
C SER L 147 -6.03 22.07 -3.46
N LEU L 148 -4.72 22.21 -3.21
CA LEU L 148 -4.19 22.94 -2.02
C LEU L 148 -3.54 24.25 -2.46
N TYR L 149 -2.62 24.23 -3.43
CA TYR L 149 -1.71 25.38 -3.74
C TYR L 149 -2.28 26.31 -4.82
N GLN L 150 -3.49 26.05 -5.33
CA GLN L 150 -4.17 26.88 -6.37
C GLN L 150 -3.30 26.99 -7.63
N ILE L 151 -2.70 25.87 -8.05
CA ILE L 151 -1.98 25.71 -9.34
C ILE L 151 -2.62 24.51 -10.03
N PRO L 152 -3.77 24.71 -10.72
CA PRO L 152 -4.62 23.62 -11.18
C PRO L 152 -4.03 22.72 -12.28
N VAL L 153 -3.21 23.28 -13.18
CA VAL L 153 -2.56 22.53 -14.30
C VAL L 153 -1.22 22.01 -13.78
N VAL L 154 -1.14 20.69 -13.58
CA VAL L 154 0.00 20.02 -12.90
C VAL L 154 0.06 18.55 -13.35
N GLY L 155 1.28 18.03 -13.51
CA GLY L 155 1.53 16.62 -13.84
C GLY L 155 3.01 16.28 -13.71
N PRO L 156 3.35 15.00 -13.51
CA PRO L 156 4.75 14.57 -13.53
C PRO L 156 5.17 14.16 -14.95
N ASP L 157 6.43 13.78 -15.12
CA ASP L 157 6.94 13.21 -16.40
C ASP L 157 6.34 11.80 -16.51
N VAL L 158 5.27 11.66 -17.30
CA VAL L 158 4.56 10.37 -17.54
C VAL L 158 5.55 9.35 -18.10
N CYS L 159 5.54 8.13 -17.54
CA CYS L 159 6.47 7.01 -17.80
C CYS L 159 7.87 7.29 -17.21
N GLY L 160 8.08 8.46 -16.59
CA GLY L 160 9.24 8.75 -15.74
C GLY L 160 10.42 9.31 -16.53
N PHE L 161 11.13 10.27 -15.93
CA PHE L 161 12.27 11.02 -16.53
C PHE L 161 13.53 10.14 -16.49
N GLY L 162 13.99 9.79 -15.29
CA GLY L 162 15.22 9.01 -15.07
C GLY L 162 14.99 7.52 -15.26
N GLY L 163 16.04 6.77 -15.62
CA GLY L 163 16.01 5.31 -15.76
C GLY L 163 15.26 4.86 -17.02
N ASN L 164 15.25 3.56 -17.26
CA ASN L 164 14.56 2.90 -18.40
C ASN L 164 13.21 2.38 -17.92
N VAL L 165 12.12 2.80 -18.59
CA VAL L 165 10.72 2.40 -18.28
C VAL L 165 10.45 1.02 -18.90
N THR L 166 9.73 0.16 -18.17
CA THR L 166 9.20 -1.13 -18.65
C THR L 166 7.89 -0.85 -19.41
N GLU L 167 7.52 -1.75 -20.33
CA GLU L 167 6.28 -1.71 -21.14
C GLU L 167 5.07 -1.59 -20.20
N THR L 168 5.09 -2.35 -19.11
CA THR L 168 3.99 -2.49 -18.12
C THR L 168 3.76 -1.16 -17.38
N LEU L 169 4.83 -0.50 -16.94
CA LEU L 169 4.74 0.73 -16.12
C LEU L 169 4.29 1.91 -17.02
N CYS L 170 4.76 1.96 -18.27
CA CYS L 170 4.48 3.08 -19.20
C CYS L 170 3.01 3.03 -19.63
N ALA L 171 2.48 1.83 -19.90
CA ALA L 171 1.07 1.61 -20.28
C ALA L 171 0.17 1.98 -19.09
N ARG L 172 0.57 1.60 -17.88
CA ARG L 172 -0.14 1.95 -16.62
C ARG L 172 -0.09 3.47 -16.43
N TRP L 173 1.03 4.10 -16.72
CA TRP L 173 1.25 5.55 -16.55
C TRP L 173 0.60 6.34 -17.69
N ALA L 174 0.39 5.71 -18.85
CA ALA L 174 -0.35 6.29 -19.99
C ALA L 174 -1.83 6.47 -19.61
N THR L 175 -2.42 5.48 -18.93
CA THR L 175 -3.85 5.49 -18.53
C THR L 175 -4.05 6.46 -17.36
N LEU L 176 -3.31 6.30 -16.26
CA LEU L 176 -3.34 7.23 -15.09
C LEU L 176 -3.09 8.67 -15.57
N GLY L 177 -2.10 8.85 -16.43
CA GLY L 177 -1.64 10.16 -16.93
C GLY L 177 -2.73 10.90 -17.70
N SER L 178 -3.66 10.16 -18.31
CA SER L 178 -4.83 10.72 -19.03
C SER L 178 -5.73 11.52 -18.08
N PHE L 179 -5.52 11.42 -16.76
CA PHE L 179 -6.35 12.06 -15.71
C PHE L 179 -5.53 13.06 -14.88
N TYR L 180 -4.33 13.43 -15.36
CA TYR L 180 -3.55 14.62 -14.91
C TYR L 180 -4.02 15.86 -15.69
N THR L 181 -4.09 17.02 -15.03
CA THR L 181 -4.49 18.31 -15.68
C THR L 181 -3.40 18.73 -16.67
N PHE L 182 -2.15 18.36 -16.38
CA PHE L 182 -1.00 18.45 -17.32
C PHE L 182 -0.54 17.03 -17.64
N PHE L 183 -0.75 16.60 -18.89
CA PHE L 183 -0.46 15.24 -19.40
C PHE L 183 0.71 15.32 -20.39
N ARG L 184 1.88 14.83 -19.97
CA ARG L 184 3.14 15.03 -20.73
C ARG L 184 4.12 13.88 -20.45
N ASN L 185 4.47 13.15 -21.51
CA ASN L 185 5.56 12.14 -21.52
C ASN L 185 6.89 12.88 -21.74
N HIS L 186 7.87 12.62 -20.89
CA HIS L 186 9.23 13.23 -20.94
C HIS L 186 10.24 12.23 -20.36
N ALA L 187 11.50 12.31 -20.79
CA ALA L 187 12.56 11.34 -20.41
C ALA L 187 13.94 12.00 -20.48
N GLU L 188 14.88 11.50 -19.66
CA GLU L 188 16.30 11.94 -19.55
C GLU L 188 17.02 11.56 -20.85
N ILE L 189 18.14 12.24 -21.16
CA ILE L 189 18.94 12.02 -22.41
C ILE L 189 19.37 10.54 -22.51
N TYR L 190 19.71 9.92 -21.38
CA TYR L 190 20.31 8.55 -21.31
C TYR L 190 19.24 7.47 -21.22
N ALA L 191 17.95 7.84 -21.12
CA ALA L 191 16.82 6.90 -21.08
C ALA L 191 16.49 6.44 -22.50
N ASN L 192 16.14 5.16 -22.67
CA ASN L 192 15.64 4.59 -23.95
C ASN L 192 14.36 5.32 -24.33
N PRO L 193 14.11 5.57 -25.65
CA PRO L 193 12.89 6.23 -26.09
C PRO L 193 11.65 5.60 -25.44
N GLN L 194 10.70 6.41 -24.97
CA GLN L 194 9.48 5.94 -24.28
C GLN L 194 8.24 6.67 -24.83
N GLU L 195 8.25 7.04 -26.12
CA GLU L 195 7.04 7.52 -26.85
C GLU L 195 6.00 6.40 -26.81
N PHE L 196 4.71 6.73 -26.87
CA PHE L 196 3.61 5.75 -26.71
C PHE L 196 3.61 4.73 -27.85
N TYR L 197 4.18 5.04 -29.01
CA TYR L 197 4.16 4.16 -30.21
C TYR L 197 5.24 3.07 -30.13
N ARG L 198 6.05 3.06 -29.05
CA ARG L 198 7.26 2.21 -28.92
C ARG L 198 6.91 0.79 -28.47
N TRP L 199 5.81 0.62 -27.73
CA TRP L 199 5.25 -0.71 -27.36
C TRP L 199 3.78 -0.75 -27.75
N PRO L 200 3.29 -1.89 -28.31
CA PRO L 200 1.90 -2.00 -28.75
C PRO L 200 0.91 -1.84 -27.59
N THR L 201 1.25 -2.39 -26.41
CA THR L 201 0.43 -2.29 -25.17
C THR L 201 0.33 -0.83 -24.73
N VAL L 202 1.47 -0.11 -24.68
CA VAL L 202 1.52 1.32 -24.28
C VAL L 202 0.76 2.14 -25.31
N ALA L 203 0.88 1.78 -26.59
CA ALA L 203 0.17 2.41 -27.72
C ALA L 203 -1.34 2.31 -27.51
N GLN L 204 -1.84 1.12 -27.19
CA GLN L 204 -3.29 0.86 -27.01
C GLN L 204 -3.76 1.50 -25.69
N ALA L 205 -2.89 1.52 -24.67
CA ALA L 205 -3.14 2.16 -23.36
C ALA L 205 -3.35 3.67 -23.56
N ALA L 206 -2.47 4.27 -24.36
CA ALA L 206 -2.51 5.70 -24.76
C ALA L 206 -3.78 6.01 -25.56
N ARG L 207 -4.12 5.19 -26.56
CA ARG L 207 -5.36 5.34 -27.37
C ARG L 207 -6.59 5.36 -26.43
N ASN L 208 -6.66 4.41 -25.48
CA ASN L 208 -7.78 4.24 -24.53
C ASN L 208 -7.87 5.46 -23.61
N GLY L 209 -6.78 5.76 -22.88
CA GLY L 209 -6.71 6.86 -21.92
C GLY L 209 -7.00 8.21 -22.56
N ILE L 210 -6.34 8.50 -23.68
CA ILE L 210 -6.47 9.80 -24.40
C ILE L 210 -7.89 9.95 -24.94
N SER L 211 -8.53 8.86 -25.38
CA SER L 211 -9.93 8.87 -25.87
C SER L 211 -10.88 9.35 -24.76
N ILE L 212 -10.80 8.74 -23.57
CA ILE L 212 -11.59 9.15 -22.37
C ILE L 212 -11.27 10.62 -22.05
N ARG L 213 -9.98 10.95 -21.96
CA ARG L 213 -9.49 12.33 -21.65
C ARG L 213 -10.16 13.35 -22.58
N TYR L 214 -10.07 13.14 -23.90
CA TYR L 214 -10.53 14.10 -24.93
C TYR L 214 -12.07 14.16 -24.91
N GLN L 215 -12.74 13.04 -24.64
CA GLN L 215 -14.22 12.99 -24.41
C GLN L 215 -14.56 13.91 -23.23
N LEU L 216 -13.70 13.97 -22.21
CA LEU L 216 -13.88 14.76 -20.96
C LEU L 216 -13.12 16.09 -21.02
N LEU L 217 -12.60 16.51 -22.17
CA LEU L 217 -11.68 17.69 -22.18
C LEU L 217 -12.46 18.94 -21.77
N ASP L 218 -13.67 19.13 -22.33
CA ASP L 218 -14.54 20.30 -22.01
C ASP L 218 -14.95 20.23 -20.53
N TYR L 219 -15.14 19.01 -20.00
CA TYR L 219 -15.43 18.72 -18.57
C TYR L 219 -14.33 19.34 -17.70
N ILE L 220 -13.06 18.99 -17.97
CA ILE L 220 -11.88 19.42 -17.16
C ILE L 220 -11.58 20.90 -17.46
N TYR L 221 -11.80 21.33 -18.71
CA TYR L 221 -11.71 22.74 -19.15
C TYR L 221 -12.65 23.61 -18.31
N THR L 222 -13.88 23.11 -18.10
CA THR L 222 -14.95 23.77 -17.30
C THR L 222 -14.53 23.83 -15.83
N ALA L 223 -14.16 22.67 -15.26
CA ALA L 223 -13.64 22.54 -13.88
C ALA L 223 -12.52 23.55 -13.63
N ILE L 224 -11.58 23.70 -14.57
CA ILE L 224 -10.40 24.61 -14.44
C ILE L 224 -10.86 26.07 -14.53
N TYR L 225 -11.83 26.37 -15.39
CA TYR L 225 -12.44 27.73 -15.50
C TYR L 225 -13.09 28.09 -14.16
N LYS L 226 -13.80 27.15 -13.54
CA LYS L 226 -14.48 27.37 -12.24
C LYS L 226 -13.44 27.68 -11.17
N GLN L 227 -12.31 26.97 -11.16
CA GLN L 227 -11.18 27.24 -10.22
C GLN L 227 -10.63 28.64 -10.50
N ASN L 228 -10.52 29.02 -11.77
CA ASN L 228 -10.10 30.39 -12.20
C ASN L 228 -11.09 31.41 -11.63
N GLN L 229 -12.38 31.05 -11.58
CA GLN L 229 -13.48 31.96 -11.20
C GLN L 229 -13.55 32.09 -9.67
N THR L 230 -13.47 30.99 -8.92
CA THR L 230 -13.74 30.97 -7.45
C THR L 230 -12.63 30.29 -6.64
N GLY L 231 -11.84 29.40 -7.26
CA GLY L 231 -10.79 28.64 -6.56
C GLY L 231 -11.24 27.23 -6.19
N THR L 232 -12.48 26.84 -6.52
CA THR L 232 -13.00 25.46 -6.30
C THR L 232 -12.17 24.51 -7.16
N PRO L 233 -11.47 23.52 -6.55
CA PRO L 233 -10.44 22.75 -7.24
C PRO L 233 -10.93 21.88 -8.40
N ALA L 234 -10.16 21.86 -9.49
CA ALA L 234 -10.37 21.06 -10.73
C ALA L 234 -9.96 19.60 -10.49
N LEU L 235 -9.15 19.33 -9.46
CA LEU L 235 -8.90 17.96 -8.92
C LEU L 235 -9.30 17.95 -7.45
N ASN L 236 -9.85 16.83 -6.96
CA ASN L 236 -10.36 16.73 -5.57
C ASN L 236 -9.94 15.40 -4.95
N PRO L 237 -9.33 15.42 -3.74
CA PRO L 237 -9.22 14.23 -2.92
C PRO L 237 -10.62 13.69 -2.59
N LEU L 238 -10.73 12.39 -2.29
CA LEU L 238 -12.03 11.76 -1.95
C LEU L 238 -12.66 12.50 -0.76
N PHE L 239 -11.85 12.99 0.20
CA PHE L 239 -12.37 13.62 1.45
C PHE L 239 -12.97 15.00 1.13
N PHE L 240 -12.66 15.59 -0.02
CA PHE L 240 -13.30 16.85 -0.48
C PHE L 240 -14.80 16.61 -0.76
N ASN L 241 -15.14 15.42 -1.27
CA ASN L 241 -16.53 15.04 -1.64
C ASN L 241 -17.24 14.31 -0.49
N TYR L 242 -16.49 13.62 0.39
CA TYR L 242 -17.03 12.83 1.53
C TYR L 242 -16.30 13.22 2.83
N PRO L 243 -16.39 14.50 3.25
CA PRO L 243 -15.63 14.99 4.40
C PRO L 243 -15.94 14.33 5.76
N ASN L 244 -17.09 13.65 5.88
CA ASN L 244 -17.56 13.02 7.14
C ASN L 244 -17.25 11.51 7.14
N ASP L 245 -16.56 11.02 6.11
CA ASP L 245 -16.15 9.60 5.98
C ASP L 245 -14.66 9.48 6.27
N PRO L 246 -14.24 9.14 7.52
CA PRO L 246 -12.83 9.09 7.90
C PRO L 246 -11.98 8.07 7.12
N ASN L 247 -12.61 7.12 6.42
CA ASN L 247 -11.93 6.09 5.60
C ASN L 247 -11.18 6.76 4.43
N THR L 248 -11.60 7.96 4.00
CA THR L 248 -11.08 8.66 2.79
C THR L 248 -9.91 9.58 3.13
N TYR L 249 -9.73 9.96 4.40
CA TYR L 249 -8.77 11.02 4.82
C TYR L 249 -7.35 10.66 4.37
N PRO L 250 -6.86 9.42 4.57
CA PRO L 250 -5.49 9.08 4.16
C PRO L 250 -5.32 8.63 2.69
N ILE L 251 -6.40 8.60 1.90
CA ILE L 251 -6.38 7.99 0.54
C ILE L 251 -5.67 8.94 -0.43
N ASP L 252 -4.61 8.44 -1.09
CA ASP L 252 -3.84 9.19 -2.11
C ASP L 252 -3.46 8.26 -3.27
N LEU L 253 -4.11 7.10 -3.42
CA LEU L 253 -3.95 6.20 -4.60
C LEU L 253 -5.23 6.22 -5.44
N GLN L 254 -6.22 7.02 -5.04
CA GLN L 254 -7.38 7.45 -5.87
C GLN L 254 -7.58 8.96 -5.71
N PHE L 255 -8.25 9.57 -6.68
CA PHE L 255 -8.60 11.01 -6.66
C PHE L 255 -9.81 11.25 -7.57
N PHE L 256 -10.40 12.43 -7.46
CA PHE L 256 -11.46 12.93 -8.38
C PHE L 256 -10.80 13.84 -9.41
N TYR L 257 -10.88 13.43 -10.68
CA TYR L 257 -10.65 14.27 -11.88
C TYR L 257 -11.92 15.12 -12.05
N GLY L 258 -11.79 16.45 -11.92
CA GLY L 258 -12.95 17.34 -11.70
C GLY L 258 -13.67 16.97 -10.42
N ASP L 259 -14.99 17.18 -10.35
CA ASP L 259 -15.79 16.95 -9.12
C ASP L 259 -16.25 15.49 -9.04
N GLY L 260 -16.36 14.79 -10.19
CA GLY L 260 -17.21 13.61 -10.35
C GLY L 260 -16.48 12.32 -10.76
N ILE L 261 -15.42 12.41 -11.56
CA ILE L 261 -14.76 11.20 -12.13
C ILE L 261 -13.73 10.68 -11.13
N LEU L 262 -14.06 9.57 -10.48
CA LEU L 262 -13.17 8.80 -9.57
C LEU L 262 -12.19 8.00 -10.43
N VAL L 263 -10.89 8.19 -10.19
CA VAL L 263 -9.77 7.48 -10.88
C VAL L 263 -9.15 6.51 -9.87
N SER L 264 -9.25 5.21 -10.15
CA SER L 264 -8.78 4.11 -9.27
C SER L 264 -7.79 3.25 -10.06
N PRO L 265 -6.55 3.73 -10.23
CA PRO L 265 -5.55 3.04 -11.05
C PRO L 265 -4.96 1.82 -10.33
N VAL L 266 -4.55 0.80 -11.09
CA VAL L 266 -3.74 -0.35 -10.58
C VAL L 266 -2.39 0.22 -10.15
N THR L 267 -2.03 0.07 -8.87
CA THR L 267 -0.86 0.73 -8.23
C THR L 267 0.28 -0.27 -8.04
N GLU L 268 -0.06 -1.54 -7.82
CA GLU L 268 0.93 -2.62 -7.54
C GLU L 268 1.69 -2.94 -8.83
N GLU L 269 2.97 -3.29 -8.72
CA GLU L 269 3.88 -3.60 -9.86
C GLU L 269 3.47 -4.93 -10.48
N ASN L 270 3.53 -5.02 -11.82
CA ASN L 270 3.18 -6.21 -12.63
C ASN L 270 2.01 -6.95 -11.97
N SER L 271 0.85 -6.30 -11.90
CA SER L 271 -0.40 -6.81 -11.30
C SER L 271 -1.59 -6.30 -12.10
N THR L 272 -2.63 -7.13 -12.25
CA THR L 272 -3.89 -6.83 -12.97
C THR L 272 -5.03 -6.66 -11.98
N SER L 273 -4.72 -6.66 -10.67
CA SER L 273 -5.71 -6.51 -9.56
C SER L 273 -5.57 -5.13 -8.92
N VAL L 274 -6.70 -4.54 -8.53
CA VAL L 274 -6.79 -3.23 -7.82
C VAL L 274 -7.78 -3.36 -6.66
N THR L 275 -7.34 -3.01 -5.45
CA THR L 275 -8.20 -2.80 -4.25
C THR L 275 -8.34 -1.30 -4.04
N PHE L 276 -9.56 -0.78 -4.18
CA PHE L 276 -9.88 0.67 -4.14
C PHE L 276 -11.14 0.90 -3.30
N TYR L 277 -11.21 2.08 -2.67
CA TYR L 277 -12.33 2.50 -1.81
C TYR L 277 -13.45 3.08 -2.68
N LEU L 278 -14.70 2.68 -2.40
CA LEU L 278 -15.93 3.30 -2.95
C LEU L 278 -16.73 3.87 -1.78
N PRO L 279 -16.81 5.21 -1.62
CA PRO L 279 -17.63 5.82 -0.57
C PRO L 279 -19.11 5.39 -0.57
N ASP L 280 -19.83 5.66 0.52
CA ASP L 280 -21.28 5.38 0.63
C ASP L 280 -22.06 6.36 -0.26
N ASP L 281 -22.27 5.96 -1.53
CA ASP L 281 -22.90 6.78 -2.60
C ASP L 281 -23.11 5.89 -3.83
N ILE L 282 -23.93 6.34 -4.78
CA ILE L 282 -24.15 5.64 -6.07
C ILE L 282 -23.07 6.09 -7.06
N PHE L 283 -22.40 5.11 -7.69
CA PHE L 283 -21.39 5.30 -8.75
C PHE L 283 -21.82 4.49 -9.99
N TYR L 284 -21.32 4.87 -11.16
CA TYR L 284 -21.59 4.20 -12.45
C TYR L 284 -20.26 3.97 -13.17
N GLU L 285 -20.02 2.73 -13.63
CA GLU L 285 -18.82 2.32 -14.40
C GLU L 285 -18.70 3.24 -15.63
N TRP L 286 -17.49 3.72 -15.93
CA TRP L 286 -17.20 4.45 -17.19
C TRP L 286 -17.52 3.53 -18.39
N GLY L 287 -18.06 4.11 -19.46
CA GLY L 287 -18.31 3.42 -20.74
C GLY L 287 -19.64 2.69 -20.73
N THR L 288 -19.72 1.59 -19.98
CA THR L 288 -20.96 0.78 -19.79
C THR L 288 -22.03 1.67 -19.16
N GLY L 289 -21.69 2.35 -18.07
CA GLY L 289 -22.61 3.21 -17.28
C GLY L 289 -23.33 2.42 -16.22
N LYS L 290 -22.92 1.16 -16.00
CA LYS L 290 -23.60 0.18 -15.10
C LYS L 290 -23.51 0.68 -13.67
N PRO L 291 -24.65 0.86 -12.95
CA PRO L 291 -24.62 1.35 -11.58
C PRO L 291 -23.79 0.40 -10.69
N VAL L 292 -23.08 0.98 -9.72
CA VAL L 292 -22.33 0.27 -8.65
C VAL L 292 -22.55 1.06 -7.37
N ARG L 293 -23.31 0.51 -6.43
CA ARG L 293 -23.59 1.13 -5.12
C ARG L 293 -22.35 0.97 -4.25
N GLY L 294 -21.60 2.06 -4.03
CA GLY L 294 -20.56 2.13 -3.00
C GLY L 294 -21.22 2.10 -1.63
N GLN L 295 -20.72 1.27 -0.72
CA GLN L 295 -21.29 1.10 0.65
C GLN L 295 -20.32 1.67 1.70
N GLY L 296 -19.27 2.37 1.25
CA GLY L 296 -18.28 3.02 2.12
C GLY L 296 -17.26 2.04 2.68
N GLU L 297 -16.76 1.14 1.84
CA GLU L 297 -15.68 0.18 2.19
C GLU L 297 -14.92 -0.23 0.91
N TYR L 298 -13.78 -0.88 1.09
CA TYR L 298 -12.87 -1.33 0.01
C TYR L 298 -13.50 -2.48 -0.78
N VAL L 299 -13.34 -2.45 -2.10
CA VAL L 299 -13.77 -3.51 -3.05
C VAL L 299 -12.55 -3.86 -3.90
N SER L 300 -12.62 -4.96 -4.65
CA SER L 300 -11.53 -5.49 -5.52
C SER L 300 -12.07 -5.80 -6.92
N LEU L 301 -11.32 -5.41 -7.95
CA LEU L 301 -11.52 -5.84 -9.35
C LEU L 301 -10.26 -6.57 -9.81
N ASP L 302 -10.43 -7.68 -10.54
CA ASP L 302 -9.32 -8.50 -11.10
C ASP L 302 -9.35 -8.40 -12.63
N ASN L 303 -8.28 -8.86 -13.28
CA ASN L 303 -8.15 -8.96 -14.76
C ASN L 303 -8.35 -7.58 -15.40
N ILE L 304 -7.75 -6.54 -14.80
CA ILE L 304 -7.59 -5.20 -15.45
C ILE L 304 -6.32 -5.26 -16.31
N ASP L 305 -6.48 -5.25 -17.63
CA ASP L 305 -5.37 -5.24 -18.62
C ASP L 305 -4.48 -4.01 -18.35
N TYR L 306 -3.22 -4.09 -18.76
CA TYR L 306 -2.23 -2.98 -18.68
C TYR L 306 -2.65 -1.84 -19.64
N THR L 307 -3.62 -2.12 -20.52
CA THR L 307 -4.22 -1.13 -21.48
C THR L 307 -5.35 -0.35 -20.82
N ASP L 308 -5.90 -0.84 -19.70
CA ASP L 308 -7.18 -0.35 -19.12
C ASP L 308 -6.95 0.37 -17.79
N ILE L 309 -8.00 1.02 -17.28
CA ILE L 309 -8.01 1.74 -15.97
C ILE L 309 -9.44 1.82 -15.45
N THR L 310 -9.63 1.56 -14.14
CA THR L 310 -10.94 1.62 -13.44
C THR L 310 -11.33 3.08 -13.24
N ILE L 311 -12.53 3.43 -13.72
CA ILE L 311 -13.09 4.82 -13.70
C ILE L 311 -14.59 4.71 -13.42
N HIS L 312 -15.12 5.61 -12.59
CA HIS L 312 -16.56 5.70 -12.22
C HIS L 312 -17.01 7.16 -12.28
N TYR L 313 -18.22 7.40 -12.80
CA TYR L 313 -19.00 8.65 -12.58
C TYR L 313 -19.54 8.64 -11.16
N LYS L 314 -19.40 9.74 -10.43
CA LYS L 314 -20.09 9.97 -9.13
C LYS L 314 -21.55 10.35 -9.44
N GLY L 315 -22.51 9.67 -8.81
CA GLY L 315 -23.94 10.02 -8.89
C GLY L 315 -24.18 11.44 -8.39
N GLY L 316 -25.12 12.16 -9.02
CA GLY L 316 -25.51 13.54 -8.67
C GLY L 316 -24.93 14.57 -9.63
N ILE L 317 -24.24 14.14 -10.68
CA ILE L 317 -23.50 15.05 -11.62
C ILE L 317 -23.89 14.77 -13.07
N VAL L 318 -24.03 15.85 -13.85
CA VAL L 318 -24.18 15.85 -15.34
C VAL L 318 -22.80 16.10 -15.93
N TYR L 319 -22.31 15.15 -16.74
CA TYR L 319 -20.96 15.18 -17.39
C TYR L 319 -21.14 15.54 -18.87
N PRO L 320 -20.84 16.79 -19.28
CA PRO L 320 -20.91 17.17 -20.69
C PRO L 320 -19.70 16.66 -21.48
N GLN L 321 -19.89 15.62 -22.31
CA GLN L 321 -18.80 14.94 -23.06
C GLN L 321 -18.92 15.18 -24.56
N ARG L 322 -17.78 15.33 -25.23
CA ARG L 322 -17.68 15.21 -26.71
C ARG L 322 -18.05 13.76 -27.06
N ILE L 323 -19.00 13.57 -27.99
CA ILE L 323 -19.63 12.25 -28.30
C ILE L 323 -18.54 11.25 -28.69
N GLU L 324 -17.49 11.70 -29.37
CA GLU L 324 -16.28 10.89 -29.72
C GLU L 324 -15.02 11.68 -29.37
N SER L 325 -13.87 11.00 -29.34
CA SER L 325 -12.52 11.61 -29.33
C SER L 325 -12.12 12.02 -30.75
N ALA L 326 -11.03 12.78 -30.88
CA ALA L 326 -10.43 13.22 -32.17
C ALA L 326 -8.91 13.22 -32.04
N ASN L 327 -8.18 13.42 -33.14
CA ASN L 327 -6.69 13.34 -33.19
C ASN L 327 -6.07 14.70 -32.85
N THR L 328 -6.79 15.80 -33.01
CA THR L 328 -6.39 17.16 -32.53
C THR L 328 -7.52 17.77 -31.71
N THR L 329 -7.23 18.75 -30.85
CA THR L 329 -8.26 19.47 -30.04
C THR L 329 -9.09 20.33 -30.98
N THR L 330 -8.52 20.82 -32.10
CA THR L 330 -9.23 21.58 -33.16
C THR L 330 -10.35 20.69 -33.75
N ALA L 331 -10.03 19.46 -34.11
CA ALA L 331 -10.98 18.43 -34.60
C ALA L 331 -12.01 18.10 -33.49
N LEU L 332 -11.54 17.87 -32.26
CA LEU L 332 -12.39 17.55 -31.08
C LEU L 332 -13.51 18.59 -30.91
N ARG L 333 -13.23 19.87 -31.19
CA ARG L 333 -14.18 21.00 -30.95
C ARG L 333 -15.31 21.00 -31.99
N GLN L 334 -15.16 20.26 -33.10
CA GLN L 334 -16.20 20.10 -34.15
C GLN L 334 -17.08 18.86 -33.87
N LYS L 335 -16.72 18.04 -32.90
CA LYS L 335 -17.54 16.89 -32.41
C LYS L 335 -18.70 17.45 -31.58
N GLY L 336 -19.88 16.84 -31.70
CA GLY L 336 -21.09 17.18 -30.93
C GLY L 336 -21.01 16.65 -29.51
N PHE L 337 -22.02 16.94 -28.67
CA PHE L 337 -22.00 16.60 -27.23
C PHE L 337 -22.90 15.38 -26.96
N ASN L 338 -22.40 14.49 -26.10
CA ASN L 338 -23.15 13.41 -25.42
C ASN L 338 -23.25 13.76 -23.93
N ILE L 339 -24.39 14.30 -23.49
CA ILE L 339 -24.61 14.77 -22.10
C ILE L 339 -24.97 13.55 -21.24
N VAL L 340 -24.04 13.11 -20.39
CA VAL L 340 -24.18 11.92 -19.50
C VAL L 340 -24.76 12.38 -18.16
N VAL L 341 -26.01 11.96 -17.90
CA VAL L 341 -26.72 12.21 -16.62
C VAL L 341 -26.46 11.00 -15.71
N ALA L 342 -25.93 11.23 -14.53
CA ALA L 342 -25.67 10.21 -13.50
C ALA L 342 -26.45 10.59 -12.24
N PRO L 343 -27.72 10.17 -12.13
CA PRO L 343 -28.56 10.51 -10.98
C PRO L 343 -27.93 10.14 -9.64
N GLY L 344 -27.97 11.07 -8.68
CA GLY L 344 -27.58 10.82 -7.26
C GLY L 344 -28.62 9.95 -6.57
N LEU L 345 -28.46 9.73 -5.26
CA LEU L 345 -29.37 8.89 -4.45
C LEU L 345 -30.76 9.54 -4.39
N ASP L 346 -30.87 10.84 -4.65
CA ASP L 346 -32.14 11.61 -4.64
C ASP L 346 -32.76 11.65 -6.05
N GLY L 347 -32.12 11.03 -7.05
CA GLY L 347 -32.62 10.97 -8.44
C GLY L 347 -32.26 12.20 -9.26
N ARG L 348 -31.65 13.23 -8.65
CA ARG L 348 -31.26 14.50 -9.31
C ARG L 348 -29.80 14.40 -9.79
N ALA L 349 -29.40 15.30 -10.69
CA ALA L 349 -28.00 15.50 -11.12
C ALA L 349 -27.81 16.97 -11.51
N GLU L 350 -26.61 17.49 -11.30
CA GLU L 350 -26.24 18.89 -11.65
C GLU L 350 -24.87 18.89 -12.34
N GLY L 351 -24.65 19.82 -13.26
CA GLY L 351 -23.40 19.94 -14.01
C GLY L 351 -23.36 21.18 -14.87
N SER L 352 -22.14 21.66 -15.17
CA SER L 352 -21.86 22.88 -15.95
C SER L 352 -21.03 22.54 -17.19
N LEU L 353 -21.08 23.43 -18.19
CA LEU L 353 -20.31 23.34 -19.45
C LEU L 353 -19.89 24.76 -19.84
N TYR L 354 -18.58 25.00 -19.93
CA TYR L 354 -18.01 26.31 -20.35
C TYR L 354 -17.52 26.17 -21.80
N LEU L 355 -17.99 27.06 -22.69
CA LEU L 355 -17.59 27.13 -24.12
C LEU L 355 -17.07 28.53 -24.42
N ASP L 356 -15.99 28.63 -25.19
CA ASP L 356 -15.36 29.91 -25.61
C ASP L 356 -14.34 29.61 -26.73
N ASP L 357 -13.60 30.61 -27.22
CA ASP L 357 -12.70 30.47 -28.39
C ASP L 357 -11.46 29.64 -28.02
N GLY L 358 -11.28 29.33 -26.72
CA GLY L 358 -10.32 28.32 -26.23
C GLY L 358 -8.91 28.87 -26.05
N VAL L 359 -8.67 30.14 -26.43
CA VAL L 359 -7.31 30.73 -26.59
C VAL L 359 -7.24 32.13 -25.92
N SER L 360 -8.17 33.04 -26.22
CA SER L 360 -8.09 34.48 -25.83
C SER L 360 -8.14 34.61 -24.29
N VAL L 361 -7.37 35.57 -23.74
CA VAL L 361 -7.35 35.88 -22.27
C VAL L 361 -8.67 36.54 -21.88
N VAL L 362 -9.14 37.50 -22.68
CA VAL L 362 -10.48 38.15 -22.54
C VAL L 362 -11.33 37.72 -23.73
N GLN L 363 -12.37 36.90 -23.46
CA GLN L 363 -13.28 36.32 -24.47
C GLN L 363 -14.24 37.41 -24.96
N ASP L 364 -14.57 37.39 -26.25
CA ASP L 364 -15.61 38.26 -26.84
C ASP L 364 -16.98 37.74 -26.39
N THR L 365 -17.19 36.43 -26.50
CA THR L 365 -18.46 35.72 -26.20
C THR L 365 -18.14 34.42 -25.47
N VAL L 366 -18.96 34.04 -24.49
CA VAL L 366 -18.81 32.78 -23.69
C VAL L 366 -20.19 32.18 -23.45
N SER L 367 -20.24 30.87 -23.20
CA SER L 367 -21.46 30.11 -22.81
C SER L 367 -21.18 29.39 -21.49
N GLU L 368 -21.69 29.93 -20.38
CA GLU L 368 -21.67 29.30 -19.03
C GLU L 368 -22.99 28.54 -18.84
N ILE L 369 -23.05 27.31 -19.33
CA ILE L 369 -24.29 26.48 -19.39
C ILE L 369 -24.39 25.64 -18.10
N ASP L 370 -25.55 25.69 -17.44
CA ASP L 370 -25.88 24.86 -16.25
C ASP L 370 -26.92 23.81 -16.67
N PHE L 371 -26.68 22.55 -16.30
CA PHE L 371 -27.60 21.40 -16.50
C PHE L 371 -28.20 21.02 -15.15
N VAL L 372 -29.52 20.80 -15.13
CA VAL L 372 -30.24 20.22 -13.96
C VAL L 372 -31.15 19.11 -14.49
N TYR L 373 -30.98 17.90 -13.96
CA TYR L 373 -31.85 16.73 -14.25
C TYR L 373 -32.61 16.35 -12.97
N GLU L 374 -33.95 16.36 -13.06
CA GLU L 374 -34.87 15.75 -12.05
C GLU L 374 -36.20 15.42 -12.74
N ASN L 375 -36.81 14.29 -12.36
CA ASN L 375 -38.14 13.83 -12.83
C ASN L 375 -38.14 13.72 -14.36
N GLY L 376 -37.22 12.91 -14.89
CA GLY L 376 -37.14 12.51 -16.31
C GLY L 376 -36.89 13.68 -17.25
N LYS L 377 -36.54 14.85 -16.72
CA LYS L 377 -36.39 16.12 -17.50
C LYS L 377 -34.96 16.65 -17.32
N LEU L 378 -34.32 17.07 -18.41
CA LEU L 378 -32.99 17.73 -18.41
C LEU L 378 -33.17 19.20 -18.80
N THR L 379 -33.09 20.11 -17.83
CA THR L 379 -33.21 21.58 -18.03
C THR L 379 -31.82 22.14 -18.32
N MET L 380 -31.71 23.02 -19.31
CA MET L 380 -30.46 23.69 -19.73
C MET L 380 -30.66 25.21 -19.62
N THR L 381 -29.95 25.85 -18.69
CA THR L 381 -30.04 27.32 -18.41
C THR L 381 -28.62 27.91 -18.48
N GLY L 382 -28.50 29.22 -18.20
CA GLY L 382 -27.24 29.97 -18.21
C GLY L 382 -27.13 30.85 -19.44
N SER L 383 -25.91 31.03 -19.96
CA SER L 383 -25.61 31.89 -21.13
C SER L 383 -25.20 31.01 -22.32
N PHE L 384 -25.35 31.55 -23.54
CA PHE L 384 -25.16 30.82 -24.83
C PHE L 384 -24.65 31.79 -25.90
N GLU L 385 -23.76 32.70 -25.53
CA GLU L 385 -23.29 33.80 -26.42
C GLU L 385 -22.26 33.27 -27.42
N TYR L 386 -21.53 32.21 -27.08
CA TYR L 386 -20.45 31.64 -27.95
C TYR L 386 -21.07 30.69 -28.99
N GLU L 387 -20.86 31.01 -30.27
CA GLU L 387 -21.28 30.18 -31.43
C GLU L 387 -20.34 28.98 -31.56
N ALA L 388 -20.77 27.81 -31.08
CA ALA L 388 -19.97 26.57 -31.04
C ALA L 388 -19.89 25.93 -32.43
N GLY L 389 -20.99 25.98 -33.20
CA GLY L 389 -21.11 25.28 -34.49
C GLY L 389 -21.36 23.79 -34.30
N VAL L 390 -21.69 23.39 -33.07
CA VAL L 390 -22.09 22.00 -32.69
C VAL L 390 -23.20 22.12 -31.64
N GLY L 391 -24.00 21.07 -31.49
CA GLY L 391 -25.05 20.99 -30.46
C GLY L 391 -24.98 19.68 -29.71
N ILE L 392 -26.01 19.39 -28.91
CA ILE L 392 -26.19 18.08 -28.22
C ILE L 392 -26.83 17.12 -29.23
N GLU L 393 -26.20 15.98 -29.48
CA GLU L 393 -26.69 14.91 -30.39
C GLU L 393 -27.26 13.76 -29.56
N THR L 394 -26.77 13.59 -28.33
CA THR L 394 -27.14 12.47 -27.42
C THR L 394 -27.36 13.01 -26.00
N ILE L 395 -28.34 12.49 -25.28
CA ILE L 395 -28.51 12.62 -23.81
C ILE L 395 -28.63 11.21 -23.22
N THR L 396 -27.62 10.80 -22.42
CA THR L 396 -27.49 9.47 -21.77
C THR L 396 -27.88 9.60 -20.29
N VAL L 397 -28.97 8.94 -19.87
CA VAL L 397 -29.42 8.88 -18.44
C VAL L 397 -29.09 7.48 -17.89
N LEU L 398 -28.25 7.43 -16.85
CA LEU L 398 -27.80 6.17 -16.19
C LEU L 398 -28.77 5.81 -15.06
N GLY L 399 -28.71 4.57 -14.58
CA GLY L 399 -29.52 4.08 -13.45
C GLY L 399 -31.01 4.14 -13.77
N VAL L 400 -31.39 3.67 -14.96
CA VAL L 400 -32.80 3.49 -15.42
C VAL L 400 -33.14 2.01 -15.23
N GLU L 401 -33.84 1.66 -14.14
CA GLU L 401 -33.99 0.26 -13.68
C GLU L 401 -34.82 -0.54 -14.71
N SER L 402 -35.76 0.13 -15.39
CA SER L 402 -36.77 -0.49 -16.29
C SER L 402 -36.87 0.29 -17.61
N LYS L 403 -37.02 -0.43 -18.73
CA LYS L 403 -37.22 0.14 -20.08
C LYS L 403 -38.51 0.97 -20.10
N PRO L 404 -38.51 2.18 -20.68
CA PRO L 404 -39.72 2.98 -20.81
C PRO L 404 -40.66 2.51 -21.95
N GLU L 405 -41.83 3.15 -22.06
CA GLU L 405 -42.88 2.83 -23.06
C GLU L 405 -42.41 3.28 -24.46
N GLY L 406 -42.56 4.58 -24.77
CA GLY L 406 -42.26 5.17 -26.09
C GLY L 406 -40.89 4.80 -26.60
N ASP L 407 -40.80 4.17 -27.77
CA ASP L 407 -39.54 3.72 -28.43
C ASP L 407 -38.96 4.85 -29.28
N GLU L 408 -39.53 6.06 -29.19
CA GLU L 408 -39.17 7.24 -30.01
C GLU L 408 -37.81 7.79 -29.56
N ASP L 409 -36.76 7.51 -30.35
CA ASP L 409 -35.42 8.15 -30.29
C ASP L 409 -34.64 7.67 -29.06
N VAL L 410 -34.77 6.39 -28.68
CA VAL L 410 -34.20 5.86 -27.39
C VAL L 410 -33.73 4.40 -27.58
N GLU L 411 -32.45 4.14 -27.24
CA GLU L 411 -31.87 2.79 -27.00
C GLU L 411 -31.80 2.56 -25.48
N TYR L 412 -32.37 1.45 -25.00
CA TYR L 412 -32.22 0.98 -23.60
C TYR L 412 -31.26 -0.20 -23.57
N ASP L 413 -30.17 -0.06 -22.80
CA ASP L 413 -29.18 -1.12 -22.53
C ASP L 413 -29.55 -1.80 -21.20
N ALA L 414 -30.44 -2.80 -21.27
CA ALA L 414 -31.02 -3.50 -20.11
C ALA L 414 -29.92 -4.02 -19.18
N GLU L 415 -28.82 -4.53 -19.77
CA GLU L 415 -27.63 -5.07 -19.05
C GLU L 415 -27.07 -4.00 -18.09
N ASN L 416 -26.99 -2.75 -18.54
CA ASN L 416 -26.27 -1.65 -17.83
C ASN L 416 -27.25 -0.58 -17.32
N LYS L 417 -28.57 -0.82 -17.41
CA LYS L 417 -29.61 0.08 -16.87
C LYS L 417 -29.45 1.50 -17.44
N LYS L 418 -29.02 1.61 -18.70
CA LYS L 418 -28.67 2.88 -19.38
C LYS L 418 -29.73 3.20 -20.44
N LEU L 419 -30.15 4.47 -20.50
CA LEU L 419 -31.00 5.04 -21.58
C LEU L 419 -30.16 6.04 -22.38
N VAL L 420 -30.13 5.90 -23.71
CA VAL L 420 -29.45 6.83 -24.66
C VAL L 420 -30.52 7.45 -25.55
N LYS L 421 -30.85 8.72 -25.34
CA LYS L 421 -31.89 9.43 -26.14
C LYS L 421 -31.20 10.25 -27.24
N HIS L 422 -31.51 9.93 -28.50
CA HIS L 422 -31.05 10.68 -29.70
C HIS L 422 -31.84 11.99 -29.82
N VAL L 423 -31.14 13.11 -29.95
CA VAL L 423 -31.69 14.49 -30.03
C VAL L 423 -30.78 15.32 -30.95
N ASP L 424 -31.20 16.54 -31.30
CA ASP L 424 -30.39 17.50 -32.10
C ASP L 424 -30.65 18.91 -31.57
N VAL L 425 -30.18 19.16 -30.34
CA VAL L 425 -30.46 20.40 -29.56
C VAL L 425 -29.25 21.34 -29.66
N PRO L 426 -29.42 22.56 -30.21
CA PRO L 426 -28.32 23.51 -30.28
C PRO L 426 -27.97 24.11 -28.90
N LEU L 427 -26.87 24.87 -28.83
CA LEU L 427 -26.36 25.53 -27.61
C LEU L 427 -26.43 27.05 -27.85
N THR L 428 -27.60 27.51 -28.31
CA THR L 428 -27.88 28.90 -28.77
C THR L 428 -28.77 29.63 -27.77
N GLY L 429 -29.53 28.88 -26.95
CA GLY L 429 -30.42 29.41 -25.90
C GLY L 429 -30.87 28.31 -24.95
N GLU L 430 -31.47 28.70 -23.82
CA GLU L 430 -31.99 27.77 -22.78
C GLU L 430 -32.93 26.75 -23.43
N ASN L 431 -33.21 25.65 -22.73
CA ASN L 431 -33.96 24.49 -23.28
C ASN L 431 -34.28 23.54 -22.12
N GLU L 432 -35.39 22.79 -22.22
CA GLU L 432 -35.66 21.61 -21.37
C GLU L 432 -36.13 20.48 -22.31
N ILE L 433 -35.55 19.29 -22.14
CA ILE L 433 -35.84 18.07 -22.95
C ILE L 433 -36.26 16.96 -21.98
N THR L 434 -37.49 16.45 -22.13
CA THR L 434 -38.05 15.33 -21.34
C THR L 434 -37.45 14.03 -21.88
N ILE L 435 -37.04 13.13 -20.98
CA ILE L 435 -36.35 11.85 -21.33
C ILE L 435 -37.26 10.68 -20.97
N LEU L 436 -37.75 10.65 -19.73
CA LEU L 436 -38.58 9.56 -19.15
C LEU L 436 -39.97 10.10 -18.80
N PRO M 84 -64.97 -90.98 -88.31
CA PRO M 84 -63.80 -91.20 -89.17
C PRO M 84 -63.84 -92.55 -89.92
N GLY M 85 -64.29 -93.62 -89.24
CA GLY M 85 -64.42 -94.97 -89.80
C GLY M 85 -63.24 -95.85 -89.41
N ASP M 86 -63.03 -96.93 -90.16
CA ASP M 86 -62.01 -97.97 -89.82
C ASP M 86 -61.34 -98.44 -91.11
N ASP M 87 -61.16 -97.53 -92.09
CA ASP M 87 -60.59 -97.82 -93.43
C ASP M 87 -59.23 -98.51 -93.27
N LEU M 88 -58.40 -98.06 -92.32
CA LEU M 88 -57.05 -98.65 -92.05
C LEU M 88 -57.20 -100.15 -91.76
N TYR M 89 -58.23 -100.52 -91.00
CA TYR M 89 -58.38 -101.86 -90.36
C TYR M 89 -59.19 -102.80 -91.26
N VAL M 90 -60.14 -102.28 -92.06
CA VAL M 90 -61.09 -103.11 -92.86
C VAL M 90 -60.67 -103.15 -94.34
N LYS M 91 -59.67 -102.35 -94.75
CA LYS M 91 -59.28 -102.22 -96.18
C LYS M 91 -58.99 -103.62 -96.74
N ASP M 92 -59.31 -103.82 -98.03
CA ASP M 92 -59.08 -105.08 -98.77
C ASP M 92 -58.32 -104.73 -100.05
N LEU M 93 -57.02 -105.02 -100.09
CA LEU M 93 -56.13 -104.74 -101.24
C LEU M 93 -55.86 -106.03 -102.04
N SER M 94 -56.60 -107.12 -101.77
CA SER M 94 -56.41 -108.45 -102.41
C SER M 94 -56.59 -108.36 -103.94
N GLY M 95 -57.54 -107.55 -104.41
CA GLY M 95 -57.90 -107.40 -105.84
C GLY M 95 -57.01 -106.43 -106.60
N CYS M 96 -56.08 -105.76 -105.90
CA CYS M 96 -55.11 -104.81 -106.51
C CYS M 96 -53.96 -105.60 -107.12
N PRO M 97 -53.54 -105.27 -108.36
CA PRO M 97 -52.61 -106.10 -109.12
C PRO M 97 -51.13 -105.89 -108.78
N GLY M 98 -50.80 -104.79 -108.09
CA GLY M 98 -49.42 -104.29 -107.95
C GLY M 98 -48.89 -103.81 -109.29
N TYR M 99 -47.58 -103.61 -109.39
CA TYR M 99 -46.92 -103.11 -110.62
C TYR M 99 -45.89 -104.14 -111.10
N LYS M 100 -45.43 -103.97 -112.33
CA LYS M 100 -44.28 -104.72 -112.91
C LYS M 100 -43.40 -103.72 -113.66
N ALA M 101 -42.08 -103.85 -113.52
CA ALA M 101 -41.07 -103.07 -114.26
C ALA M 101 -40.99 -103.62 -115.69
N THR M 102 -41.11 -102.73 -116.68
CA THR M 102 -41.10 -103.05 -118.14
C THR M 102 -39.75 -102.71 -118.74
N LYS M 103 -39.21 -101.52 -118.41
CA LYS M 103 -37.89 -101.00 -118.83
C LYS M 103 -37.12 -100.61 -117.56
N HIS M 104 -35.79 -100.75 -117.57
CA HIS M 104 -34.89 -100.36 -116.45
C HIS M 104 -33.47 -100.11 -116.98
N TRP M 105 -32.83 -99.02 -116.54
CA TRP M 105 -31.47 -98.61 -116.97
C TRP M 105 -30.68 -98.05 -115.77
N GLN M 106 -29.36 -98.30 -115.76
CA GLN M 106 -28.42 -97.81 -114.71
C GLN M 106 -27.72 -96.53 -115.20
N THR M 107 -27.27 -95.71 -114.26
CA THR M 107 -26.35 -94.56 -114.50
C THR M 107 -25.14 -94.72 -113.57
N ARG M 108 -24.21 -93.78 -113.62
CA ARG M 108 -22.97 -93.78 -112.79
C ARG M 108 -23.34 -93.69 -111.30
N SER M 109 -24.51 -93.15 -110.96
CA SER M 109 -24.93 -92.87 -109.56
C SER M 109 -26.42 -93.15 -109.35
N GLY M 110 -27.03 -94.05 -110.11
CA GLY M 110 -28.49 -94.26 -109.99
C GLY M 110 -29.03 -95.45 -110.73
N PHE M 111 -30.30 -95.76 -110.47
CA PHE M 111 -31.10 -96.83 -111.11
C PHE M 111 -32.51 -96.29 -111.39
N TYR M 112 -33.05 -96.66 -112.55
CA TYR M 112 -34.31 -96.13 -113.12
C TYR M 112 -35.11 -97.30 -113.70
N ALA M 113 -36.43 -97.25 -113.57
CA ALA M 113 -37.35 -98.24 -114.16
C ALA M 113 -38.69 -97.59 -114.49
N ASP M 114 -39.32 -98.04 -115.59
CA ASP M 114 -40.75 -97.76 -115.92
C ASP M 114 -41.59 -98.88 -115.28
N LEU M 115 -42.69 -98.50 -114.61
CA LEU M 115 -43.59 -99.41 -113.84
C LEU M 115 -45.00 -99.32 -114.44
N THR M 116 -45.68 -100.46 -114.62
CA THR M 116 -47.06 -100.58 -115.15
C THR M 116 -47.89 -101.50 -114.23
N LEU M 117 -49.17 -101.17 -114.03
CA LEU M 117 -50.17 -102.10 -113.42
C LEU M 117 -49.95 -103.50 -114.01
N ALA M 118 -49.79 -104.50 -113.13
CA ALA M 118 -49.51 -105.92 -113.51
C ALA M 118 -50.83 -106.66 -113.81
N GLY M 119 -51.97 -105.98 -113.67
CA GLY M 119 -53.30 -106.57 -113.86
C GLY M 119 -54.40 -105.52 -113.85
N PRO M 120 -55.69 -105.92 -113.95
CA PRO M 120 -56.79 -104.96 -113.94
C PRO M 120 -56.82 -104.15 -112.63
N ALA M 121 -57.26 -102.89 -112.72
CA ALA M 121 -57.35 -101.93 -111.60
C ALA M 121 -58.25 -102.50 -110.50
N CYS M 122 -58.00 -102.13 -109.25
CA CYS M 122 -58.88 -102.39 -108.07
C CYS M 122 -59.63 -101.11 -107.69
N ASN M 123 -59.01 -99.95 -107.91
CA ASN M 123 -59.57 -98.59 -107.61
C ASN M 123 -60.29 -98.64 -106.25
N VAL M 124 -59.58 -99.08 -105.20
CA VAL M 124 -60.15 -99.25 -103.83
C VAL M 124 -60.39 -97.88 -103.18
N PHE M 125 -59.46 -96.94 -103.31
CA PHE M 125 -59.53 -95.59 -102.69
C PHE M 125 -59.10 -94.52 -103.69
N GLY M 126 -59.74 -94.52 -104.86
CA GLY M 126 -59.40 -93.65 -106.00
C GLY M 126 -58.96 -94.47 -107.21
N THR M 127 -58.44 -93.80 -108.23
CA THR M 127 -58.04 -94.40 -109.52
C THR M 127 -56.57 -94.84 -109.44
N ASP M 128 -56.31 -96.12 -109.71
CA ASP M 128 -54.93 -96.67 -109.89
C ASP M 128 -54.27 -95.92 -111.04
N LEU M 129 -53.06 -95.40 -110.82
CA LEU M 129 -52.20 -94.83 -111.90
C LEU M 129 -51.71 -95.99 -112.76
N PRO M 130 -52.02 -96.02 -114.08
CA PRO M 130 -51.58 -97.12 -114.94
C PRO M 130 -50.06 -97.25 -115.00
N ASP M 131 -49.35 -96.13 -114.93
CA ASP M 131 -47.88 -96.02 -115.14
C ASP M 131 -47.25 -95.18 -114.02
N LEU M 132 -46.09 -95.60 -113.52
CA LEU M 132 -45.27 -94.87 -112.52
C LEU M 132 -43.83 -94.80 -113.02
N LYS M 133 -43.01 -93.94 -112.40
CA LYS M 133 -41.52 -93.96 -112.54
C LYS M 133 -40.92 -94.49 -111.24
N LEU M 134 -39.79 -95.21 -111.35
CA LEU M 134 -38.87 -95.51 -110.23
C LEU M 134 -37.56 -94.76 -110.49
N GLU M 135 -37.16 -93.89 -109.57
CA GLU M 135 -35.92 -93.07 -109.63
C GLU M 135 -35.11 -93.31 -108.35
N VAL M 136 -33.94 -93.94 -108.50
CA VAL M 136 -33.00 -94.28 -107.39
C VAL M 136 -31.69 -93.50 -107.61
N GLU M 137 -31.36 -92.58 -106.70
CA GLU M 137 -30.13 -91.76 -106.74
C GLU M 137 -29.24 -92.15 -105.55
N TYR M 138 -28.02 -92.60 -105.84
CA TYR M 138 -26.90 -92.65 -104.86
C TYR M 138 -26.33 -91.24 -104.77
N GLN M 139 -26.86 -90.43 -103.85
CA GLN M 139 -26.52 -88.99 -103.71
C GLN M 139 -25.14 -88.87 -103.03
N THR M 140 -24.97 -89.52 -101.88
CA THR M 140 -23.68 -89.64 -101.14
C THR M 140 -23.53 -91.08 -100.68
N SER M 141 -22.42 -91.41 -100.02
CA SER M 141 -22.16 -92.75 -99.45
C SER M 141 -23.12 -93.05 -98.30
N ASP M 142 -23.74 -92.01 -97.72
CA ASP M 142 -24.63 -92.12 -96.53
C ASP M 142 -26.11 -92.08 -96.94
N ARG M 143 -26.45 -91.38 -98.03
CA ARG M 143 -27.87 -91.05 -98.36
C ARG M 143 -28.24 -91.63 -99.73
N LEU M 144 -29.31 -92.44 -99.75
CA LEU M 144 -29.90 -93.08 -100.95
C LEU M 144 -31.32 -92.52 -101.17
N HIS M 145 -31.58 -91.98 -102.36
CA HIS M 145 -32.90 -91.44 -102.76
C HIS M 145 -33.66 -92.54 -103.53
N VAL M 146 -34.83 -92.95 -103.02
CA VAL M 146 -35.75 -93.92 -103.66
C VAL M 146 -37.11 -93.23 -103.84
N LYS M 147 -37.46 -92.90 -105.08
CA LYS M 147 -38.65 -92.10 -105.45
C LYS M 147 -39.48 -92.91 -106.44
N ILE M 148 -40.74 -93.16 -106.09
CA ILE M 148 -41.78 -93.75 -106.97
C ILE M 148 -42.86 -92.68 -107.17
N LEU M 149 -43.03 -92.21 -108.42
CA LEU M 149 -43.97 -91.09 -108.75
C LEU M 149 -44.69 -91.39 -110.06
N ASP M 150 -45.61 -90.51 -110.45
CA ASP M 150 -46.35 -90.53 -111.74
C ASP M 150 -45.37 -90.16 -112.87
N THR M 151 -45.83 -90.22 -114.13
CA THR M 151 -44.97 -90.13 -115.34
C THR M 151 -44.95 -88.72 -115.93
N ASN M 152 -45.84 -87.81 -115.51
CA ASN M 152 -46.03 -86.48 -116.16
C ASN M 152 -46.15 -85.37 -115.11
N ASN M 153 -45.51 -85.53 -113.95
CA ASN M 153 -45.36 -84.47 -112.91
C ASN M 153 -46.69 -83.71 -112.71
N THR M 154 -47.75 -84.46 -112.35
CA THR M 154 -49.11 -83.91 -112.04
C THR M 154 -49.46 -84.21 -110.57
N VAL M 155 -49.08 -85.38 -110.05
CA VAL M 155 -49.24 -85.76 -108.61
C VAL M 155 -48.52 -84.71 -107.75
N TYR M 156 -49.15 -84.28 -106.65
CA TYR M 156 -48.60 -83.24 -105.74
C TYR M 156 -47.26 -83.70 -105.17
N GLN M 157 -46.26 -82.81 -105.24
CA GLN M 157 -44.95 -82.97 -104.55
C GLN M 157 -44.68 -81.72 -103.71
N VAL M 158 -44.13 -81.91 -102.52
CA VAL M 158 -43.85 -80.81 -101.57
C VAL M 158 -43.10 -79.73 -102.34
N PRO M 159 -43.55 -78.45 -102.30
CA PRO M 159 -42.83 -77.37 -102.96
C PRO M 159 -41.35 -77.33 -102.52
N ASP M 160 -40.45 -77.03 -103.47
CA ASP M 160 -39.00 -76.83 -103.23
C ASP M 160 -38.80 -75.62 -102.29
N SER M 161 -39.66 -74.60 -102.44
CA SER M 161 -39.73 -73.39 -101.57
C SER M 161 -39.72 -73.80 -100.09
N VAL M 162 -40.58 -74.76 -99.74
CA VAL M 162 -40.89 -75.14 -98.33
C VAL M 162 -39.87 -76.17 -97.85
N PHE M 163 -39.45 -77.11 -98.71
CA PHE M 163 -38.44 -78.14 -98.36
C PHE M 163 -37.42 -78.27 -99.49
N PRO M 164 -36.33 -77.45 -99.43
CA PRO M 164 -35.25 -77.55 -100.41
C PRO M 164 -34.58 -78.93 -100.34
N ARG M 165 -34.51 -79.64 -101.47
CA ARG M 165 -34.03 -81.03 -101.54
C ARG M 165 -32.51 -81.05 -101.36
N PRO M 166 -31.95 -82.10 -100.74
CA PRO M 166 -30.50 -82.29 -100.70
C PRO M 166 -30.04 -82.96 -101.99
N GLY M 167 -28.74 -82.87 -102.30
CA GLY M 167 -28.10 -83.64 -103.38
C GLY M 167 -27.81 -82.81 -104.63
N PHE M 168 -27.75 -81.47 -104.53
CA PHE M 168 -27.32 -80.61 -105.66
C PHE M 168 -25.81 -80.79 -105.88
N GLY M 169 -25.44 -81.23 -107.07
CA GLY M 169 -24.03 -81.43 -107.50
C GLY M 169 -23.37 -82.57 -106.74
N GLU M 170 -24.17 -83.45 -106.15
CA GLU M 170 -23.69 -84.62 -105.36
C GLU M 170 -24.08 -85.89 -106.12
N TRP M 171 -23.15 -86.83 -106.23
CA TRP M 171 -23.41 -88.16 -106.82
C TRP M 171 -22.35 -89.12 -106.29
N CYS M 172 -22.77 -90.37 -106.05
CA CYS M 172 -21.97 -91.44 -105.41
C CYS M 172 -22.05 -92.70 -106.29
N SER M 173 -20.90 -93.31 -106.58
CA SER M 173 -20.85 -94.59 -107.34
C SER M 173 -21.49 -95.67 -106.47
N PRO M 174 -22.42 -96.49 -107.01
CA PRO M 174 -23.18 -97.46 -106.21
C PRO M 174 -22.35 -98.31 -105.25
N LYS M 175 -21.18 -98.81 -105.67
CA LYS M 175 -20.30 -99.68 -104.85
C LYS M 175 -19.61 -98.87 -103.73
N ASP M 176 -19.63 -97.54 -103.81
CA ASP M 176 -19.05 -96.63 -102.80
C ASP M 176 -20.13 -96.23 -101.78
N SER M 177 -21.39 -96.59 -102.04
CA SER M 177 -22.54 -96.32 -101.14
C SER M 177 -22.55 -97.33 -99.99
N LYS M 178 -22.84 -96.87 -98.77
CA LYS M 178 -23.08 -97.73 -97.58
C LYS M 178 -24.39 -98.51 -97.76
N LEU M 179 -25.34 -97.97 -98.54
CA LEU M 179 -26.65 -98.63 -98.84
C LEU M 179 -26.63 -99.17 -100.27
N LYS M 180 -27.34 -100.28 -100.50
CA LYS M 180 -27.45 -100.99 -101.80
C LYS M 180 -28.94 -101.19 -102.14
N PHE M 181 -29.35 -100.77 -103.34
CA PHE M 181 -30.73 -100.93 -103.86
C PHE M 181 -30.79 -102.18 -104.76
N ASP M 182 -31.70 -103.11 -104.43
CA ASP M 182 -32.08 -104.27 -105.27
C ASP M 182 -33.59 -104.20 -105.52
N PHE M 183 -34.07 -104.81 -106.60
CA PHE M 183 -35.50 -104.83 -107.01
C PHE M 183 -35.84 -106.16 -107.67
N GLN M 184 -37.10 -106.55 -107.61
CA GLN M 184 -37.73 -107.59 -108.47
C GLN M 184 -38.63 -106.86 -109.47
N ALA M 185 -38.63 -107.27 -110.74
CA ALA M 185 -39.34 -106.60 -111.84
C ALA M 185 -40.83 -106.92 -111.77
N ASP M 186 -41.16 -108.17 -111.45
CA ASP M 186 -42.54 -108.73 -111.55
C ASP M 186 -42.69 -109.89 -110.57
N PRO M 187 -43.53 -109.77 -109.52
CA PRO M 187 -44.18 -108.51 -109.15
C PRO M 187 -43.16 -107.48 -108.63
N PHE M 188 -43.41 -106.19 -108.89
CA PHE M 188 -42.46 -105.11 -108.52
C PHE M 188 -42.35 -105.05 -106.99
N SER M 189 -41.11 -105.14 -106.52
CA SER M 189 -40.69 -104.90 -105.11
C SER M 189 -39.26 -104.37 -105.13
N PHE M 190 -38.79 -103.86 -104.00
CA PHE M 190 -37.39 -103.37 -103.84
C PHE M 190 -36.93 -103.61 -102.40
N THR M 191 -35.62 -103.54 -102.23
CA THR M 191 -34.88 -103.85 -100.98
C THR M 191 -33.75 -102.83 -100.85
N VAL M 192 -33.61 -102.23 -99.66
CA VAL M 192 -32.44 -101.40 -99.27
C VAL M 192 -31.61 -102.23 -98.28
N SER M 193 -30.33 -102.46 -98.58
CA SER M 193 -29.42 -103.29 -97.76
C SER M 193 -28.10 -102.57 -97.53
N ARG M 194 -27.38 -102.96 -96.48
CA ARG M 194 -25.99 -102.49 -96.20
C ARG M 194 -25.07 -103.13 -97.24
N THR M 195 -24.31 -102.32 -97.97
CA THR M 195 -23.34 -102.75 -99.01
C THR M 195 -22.30 -103.70 -98.39
N ASP M 196 -21.86 -103.43 -97.15
CA ASP M 196 -20.78 -104.18 -96.47
C ASP M 196 -21.29 -105.55 -96.01
N THR M 197 -22.33 -105.58 -95.18
CA THR M 197 -22.82 -106.80 -94.45
C THR M 197 -23.90 -107.53 -95.26
N GLY M 198 -24.61 -106.84 -96.15
CA GLY M 198 -25.71 -107.39 -96.95
C GLY M 198 -27.02 -107.46 -96.16
N GLU M 199 -27.07 -106.88 -94.95
CA GLU M 199 -28.26 -106.91 -94.06
C GLU M 199 -29.35 -106.02 -94.66
N VAL M 200 -30.56 -106.56 -94.77
CA VAL M 200 -31.75 -105.86 -95.35
C VAL M 200 -32.31 -104.90 -94.30
N LEU M 201 -32.47 -103.61 -94.66
CA LEU M 201 -32.98 -102.52 -93.78
C LEU M 201 -34.43 -102.17 -94.15
N PHE M 202 -34.79 -102.32 -95.42
CA PHE M 202 -36.13 -102.00 -95.99
C PHE M 202 -36.41 -103.02 -97.11
N ASP M 203 -37.62 -103.58 -97.14
CA ASP M 203 -37.95 -104.77 -97.96
C ASP M 203 -39.47 -104.83 -98.20
N THR M 204 -39.90 -104.64 -99.45
CA THR M 204 -41.33 -104.69 -99.85
C THR M 204 -41.64 -106.01 -100.57
N THR M 205 -40.70 -106.96 -100.62
CA THR M 205 -40.90 -108.33 -101.18
C THR M 205 -42.19 -108.94 -100.62
N GLY M 206 -43.05 -109.47 -101.50
CA GLY M 206 -44.30 -110.14 -101.12
C GLY M 206 -45.42 -109.17 -100.77
N ASN M 207 -45.15 -107.86 -100.84
CA ASN M 207 -46.10 -106.78 -100.47
C ASN M 207 -46.36 -105.92 -101.72
N LYS M 208 -47.63 -105.76 -102.07
CA LYS M 208 -48.05 -105.10 -103.33
C LYS M 208 -47.95 -103.58 -103.17
N LEU M 209 -47.44 -102.91 -104.21
CA LEU M 209 -47.49 -101.43 -104.37
C LEU M 209 -48.89 -101.05 -104.87
N VAL M 210 -49.62 -100.23 -104.12
CA VAL M 210 -50.88 -99.58 -104.58
C VAL M 210 -50.61 -98.06 -104.62
N PHE M 211 -50.75 -97.48 -105.81
CA PHE M 211 -50.54 -96.03 -106.10
C PHE M 211 -51.80 -95.52 -106.82
N GLU M 212 -52.60 -94.72 -106.12
CA GLU M 212 -53.92 -94.25 -106.61
C GLU M 212 -54.04 -92.74 -106.41
N SER M 213 -55.05 -92.12 -107.01
CA SER M 213 -55.32 -90.67 -106.98
C SER M 213 -55.28 -90.15 -105.54
N GLN M 214 -55.87 -90.88 -104.59
CA GLN M 214 -56.01 -90.45 -103.17
C GLN M 214 -55.58 -91.56 -102.21
N TYR M 215 -54.78 -92.53 -102.66
CA TYR M 215 -54.28 -93.62 -101.77
C TYR M 215 -53.00 -94.22 -102.34
N VAL M 216 -51.91 -94.09 -101.58
CA VAL M 216 -50.58 -94.70 -101.85
C VAL M 216 -50.22 -95.61 -100.68
N TYR M 217 -49.91 -96.87 -100.96
CA TYR M 217 -49.64 -97.93 -99.94
C TYR M 217 -48.34 -98.67 -100.25
N LEU M 218 -47.47 -98.75 -99.24
CA LEU M 218 -46.17 -99.48 -99.27
C LEU M 218 -45.96 -100.13 -97.91
N LYS M 219 -45.58 -101.41 -97.89
CA LYS M 219 -45.34 -102.20 -96.65
C LYS M 219 -43.93 -102.77 -96.69
N THR M 220 -43.16 -102.57 -95.62
CA THR M 220 -41.79 -103.15 -95.47
C THR M 220 -41.83 -104.23 -94.39
N HIS M 221 -41.05 -105.31 -94.59
CA HIS M 221 -40.67 -106.28 -93.53
C HIS M 221 -39.71 -105.57 -92.56
N LEU M 222 -39.74 -105.94 -91.27
CA LEU M 222 -38.73 -105.55 -90.26
C LEU M 222 -38.32 -106.80 -89.48
N PRO M 223 -37.19 -106.75 -88.73
CA PRO M 223 -36.82 -107.85 -87.85
C PRO M 223 -37.86 -108.04 -86.72
N GLN M 224 -37.89 -109.23 -86.13
CA GLN M 224 -38.59 -109.52 -84.86
C GLN M 224 -38.19 -108.46 -83.81
N ASN M 225 -39.16 -107.95 -83.05
CA ASN M 225 -38.95 -107.01 -81.90
C ASN M 225 -38.03 -105.87 -82.33
N PRO M 226 -38.44 -105.05 -83.33
CA PRO M 226 -37.59 -103.97 -83.83
C PRO M 226 -37.64 -102.75 -82.89
N HIS M 227 -36.70 -101.82 -83.07
CA HIS M 227 -36.54 -100.60 -82.24
C HIS M 227 -36.66 -99.38 -83.15
N LEU M 228 -37.89 -98.87 -83.33
CA LEU M 228 -38.24 -97.74 -84.22
C LEU M 228 -38.51 -96.49 -83.36
N TYR M 229 -38.09 -95.31 -83.84
CA TYR M 229 -38.25 -94.01 -83.15
C TYR M 229 -38.67 -92.95 -84.18
N GLY M 230 -39.62 -92.07 -83.82
CA GLY M 230 -40.03 -90.90 -84.63
C GLY M 230 -41.45 -91.04 -85.13
N LEU M 231 -41.72 -90.58 -86.36
CA LEU M 231 -43.05 -90.67 -87.02
C LEU M 231 -44.07 -89.86 -86.22
N GLY M 232 -43.63 -88.86 -85.45
CA GLY M 232 -44.50 -87.97 -84.67
C GLY M 232 -45.08 -86.85 -85.53
N GLU M 233 -45.50 -85.75 -84.90
CA GLU M 233 -45.41 -85.56 -83.46
C GLU M 233 -46.39 -86.50 -82.77
N HIS M 234 -45.94 -87.23 -81.74
CA HIS M 234 -46.77 -88.13 -80.88
C HIS M 234 -46.36 -88.00 -79.42
N SER M 235 -47.22 -88.47 -78.50
CA SER M 235 -47.04 -88.50 -77.03
C SER M 235 -46.99 -89.95 -76.52
N ASP M 236 -46.69 -90.91 -77.41
CA ASP M 236 -46.54 -92.35 -77.11
C ASP M 236 -45.12 -92.63 -76.61
N ALA M 237 -44.82 -93.90 -76.31
CA ALA M 237 -43.46 -94.41 -75.96
C ALA M 237 -42.47 -94.02 -77.07
N PHE M 238 -41.28 -93.56 -76.69
CA PHE M 238 -40.22 -93.07 -77.62
C PHE M 238 -39.86 -94.19 -78.61
N MET M 239 -39.56 -95.38 -78.09
CA MET M 239 -39.45 -96.60 -78.91
C MET M 239 -40.87 -97.05 -79.25
N LEU M 240 -41.24 -97.01 -80.55
CA LEU M 240 -42.63 -97.19 -81.02
C LEU M 240 -43.11 -98.61 -80.68
N ASN M 241 -44.37 -98.73 -80.24
CA ASN M 241 -45.12 -100.03 -80.16
C ASN M 241 -44.95 -100.76 -81.49
N THR M 242 -44.95 -102.09 -81.44
CA THR M 242 -44.66 -102.98 -82.61
C THR M 242 -45.87 -103.87 -82.91
N THR M 243 -46.83 -103.98 -81.98
CA THR M 243 -48.08 -104.77 -82.10
C THR M 243 -49.28 -103.82 -82.24
N ASN M 244 -50.03 -103.94 -83.33
CA ASN M 244 -51.31 -103.22 -83.58
C ASN M 244 -51.16 -101.76 -83.15
N TYR M 245 -50.24 -101.03 -83.80
CA TYR M 245 -49.89 -99.63 -83.46
C TYR M 245 -50.20 -98.71 -84.65
N THR M 246 -51.14 -97.79 -84.46
CA THR M 246 -51.53 -96.73 -85.45
C THR M 246 -50.75 -95.45 -85.11
N ARG M 247 -49.93 -94.97 -86.05
CA ARG M 247 -49.26 -93.65 -86.04
C ARG M 247 -49.88 -92.81 -87.16
N THR M 248 -50.75 -91.87 -86.83
CA THR M 248 -51.44 -91.00 -87.81
C THR M 248 -50.70 -89.66 -87.88
N ILE M 249 -50.20 -89.31 -89.06
CA ILE M 249 -49.47 -88.02 -89.31
C ILE M 249 -50.42 -87.11 -90.10
N TYR M 250 -50.98 -86.12 -89.42
CA TYR M 250 -51.89 -85.09 -89.98
C TYR M 250 -52.09 -84.02 -88.91
N THR M 251 -51.46 -82.86 -89.09
CA THR M 251 -51.40 -81.78 -88.08
C THR M 251 -52.83 -81.48 -87.62
N ARG M 252 -53.06 -81.39 -86.31
CA ARG M 252 -54.39 -81.08 -85.75
C ARG M 252 -54.26 -80.48 -84.35
N ASP M 253 -55.24 -79.69 -83.95
CA ASP M 253 -55.39 -79.06 -82.62
C ASP M 253 -55.87 -80.13 -81.64
N ALA M 254 -54.95 -80.87 -81.01
CA ALA M 254 -55.23 -82.04 -80.15
C ALA M 254 -54.99 -81.66 -78.68
N TYR M 255 -55.99 -81.04 -78.04
CA TYR M 255 -55.97 -80.66 -76.61
C TYR M 255 -55.65 -81.91 -75.78
N GLY M 256 -54.82 -81.74 -74.73
CA GLY M 256 -54.37 -82.82 -73.84
C GLY M 256 -53.37 -83.75 -74.53
N THR M 257 -52.79 -83.32 -75.66
CA THR M 257 -51.74 -84.04 -76.43
C THR M 257 -51.99 -85.55 -76.34
N PRO M 258 -53.15 -86.05 -76.81
CA PRO M 258 -53.59 -87.41 -76.51
C PRO M 258 -52.66 -88.48 -77.12
N GLN M 259 -52.31 -89.49 -76.32
CA GLN M 259 -51.55 -90.69 -76.77
C GLN M 259 -52.40 -91.43 -77.81
N GLY M 260 -51.76 -92.00 -78.83
CA GLY M 260 -52.43 -92.85 -79.83
C GLY M 260 -53.21 -92.05 -80.86
N GLU M 261 -53.04 -90.72 -80.89
CA GLU M 261 -53.76 -89.80 -81.81
C GLU M 261 -52.78 -88.86 -82.51
N ASN M 262 -53.21 -88.26 -83.62
CA ASN M 262 -52.41 -87.26 -84.39
C ASN M 262 -52.41 -85.94 -83.59
N LEU M 263 -51.22 -85.36 -83.42
CA LEU M 263 -51.02 -84.07 -82.70
C LEU M 263 -50.61 -82.99 -83.71
N TYR M 264 -49.95 -81.93 -83.24
CA TYR M 264 -49.83 -80.60 -83.90
C TYR M 264 -48.84 -80.66 -85.08
N GLY M 265 -47.82 -81.52 -85.02
CA GLY M 265 -46.71 -81.59 -85.99
C GLY M 265 -46.76 -82.86 -86.81
N ALA M 266 -45.98 -82.88 -87.91
CA ALA M 266 -45.88 -83.99 -88.89
C ALA M 266 -44.43 -84.17 -89.32
N HIS M 267 -43.81 -85.28 -88.91
CA HIS M 267 -42.37 -85.57 -89.11
C HIS M 267 -42.20 -87.02 -89.58
N PRO M 268 -42.43 -87.34 -90.87
CA PRO M 268 -42.42 -88.72 -91.35
C PRO M 268 -41.00 -89.34 -91.44
N ILE M 269 -40.19 -89.19 -90.39
CA ILE M 269 -38.83 -89.81 -90.27
C ILE M 269 -38.89 -90.85 -89.15
N TYR M 270 -38.35 -92.05 -89.39
CA TYR M 270 -38.10 -93.06 -88.34
C TYR M 270 -36.63 -93.49 -88.37
N PHE M 271 -36.05 -93.60 -87.17
CA PHE M 271 -34.76 -94.23 -86.87
C PHE M 271 -35.01 -95.72 -86.57
N ASP M 272 -34.33 -96.62 -87.28
CA ASP M 272 -34.41 -98.08 -87.06
C ASP M 272 -33.08 -98.49 -86.42
N HIS M 273 -33.06 -98.70 -85.09
CA HIS M 273 -31.83 -99.04 -84.32
C HIS M 273 -31.73 -100.55 -84.11
N ARG M 274 -30.58 -101.12 -84.44
CA ARG M 274 -30.31 -102.58 -84.33
C ARG M 274 -28.92 -102.76 -83.73
N GLN M 275 -28.57 -103.97 -83.30
CA GLN M 275 -27.28 -104.26 -82.63
C GLN M 275 -26.15 -104.12 -83.66
N THR M 276 -26.45 -104.29 -84.95
CA THR M 276 -25.50 -104.18 -86.08
C THR M 276 -25.35 -102.74 -86.58
N GLY M 277 -26.29 -101.84 -86.26
CA GLY M 277 -26.21 -100.42 -86.62
C GLY M 277 -27.56 -99.71 -86.55
N THR M 278 -27.56 -98.40 -86.84
CA THR M 278 -28.76 -97.53 -86.92
C THR M 278 -28.90 -96.99 -88.35
N HIS M 279 -30.13 -96.88 -88.83
CA HIS M 279 -30.44 -96.24 -90.13
C HIS M 279 -31.71 -95.37 -90.00
N GLY M 280 -31.89 -94.46 -90.95
CA GLY M 280 -33.06 -93.56 -91.02
C GLY M 280 -33.86 -93.83 -92.27
N VAL M 281 -35.18 -93.65 -92.20
CA VAL M 281 -36.12 -93.75 -93.35
C VAL M 281 -37.03 -92.51 -93.31
N PHE M 282 -36.78 -91.56 -94.21
CA PHE M 282 -37.53 -90.28 -94.31
C PHE M 282 -38.44 -90.32 -95.54
N LEU M 283 -39.75 -90.22 -95.33
CA LEU M 283 -40.76 -89.98 -96.39
C LEU M 283 -41.01 -88.47 -96.51
N LEU M 284 -40.54 -87.84 -97.59
CA LEU M 284 -40.82 -86.41 -97.92
C LEU M 284 -42.18 -86.34 -98.61
N ASN M 285 -43.25 -86.39 -97.80
CA ASN M 285 -44.67 -86.37 -98.23
C ASN M 285 -45.47 -85.59 -97.17
N SER M 286 -46.27 -84.61 -97.59
CA SER M 286 -46.96 -83.67 -96.65
C SER M 286 -48.47 -83.98 -96.60
N ASN M 287 -48.89 -85.13 -97.13
CA ASN M 287 -50.30 -85.60 -97.10
C ASN M 287 -50.59 -86.29 -95.77
N GLY M 288 -51.87 -86.34 -95.37
CA GLY M 288 -52.33 -87.19 -94.27
C GLY M 288 -51.96 -88.64 -94.52
N MET M 289 -51.59 -89.37 -93.47
CA MET M 289 -51.27 -90.82 -93.60
C MET M 289 -51.54 -91.54 -92.28
N ASP M 290 -51.97 -92.79 -92.36
CA ASP M 290 -51.93 -93.79 -91.26
C ASP M 290 -50.71 -94.68 -91.50
N ILE M 291 -49.75 -94.66 -90.57
CA ILE M 291 -48.67 -95.68 -90.49
C ILE M 291 -49.12 -96.74 -89.48
N PHE M 292 -48.98 -98.01 -89.84
CA PHE M 292 -49.43 -99.16 -89.03
C PHE M 292 -48.26 -100.14 -88.87
N ILE M 293 -47.83 -100.34 -87.61
CA ILE M 293 -46.72 -101.26 -87.21
C ILE M 293 -47.36 -102.45 -86.47
N ASP M 294 -47.12 -103.68 -86.93
CA ASP M 294 -47.79 -104.91 -86.43
C ASP M 294 -46.96 -106.16 -86.71
N ASN M 295 -47.23 -107.25 -85.99
CA ASN M 295 -46.52 -108.55 -86.09
C ASN M 295 -47.50 -109.74 -86.09
N ASN M 296 -48.75 -109.54 -86.55
CA ASN M 296 -49.68 -110.63 -86.93
C ASN M 296 -49.29 -111.08 -88.35
N ALA M 297 -48.73 -112.30 -88.45
CA ALA M 297 -47.75 -112.75 -89.47
C ALA M 297 -46.35 -112.44 -88.91
N THR M 298 -45.40 -112.00 -89.75
CA THR M 298 -44.07 -111.48 -89.31
C THR M 298 -44.21 -109.97 -89.02
N GLN M 299 -43.15 -109.34 -88.52
CA GLN M 299 -43.14 -107.89 -88.18
C GLN M 299 -43.17 -107.06 -89.48
N TYR M 300 -43.99 -106.02 -89.54
CA TYR M 300 -44.01 -105.06 -90.67
C TYR M 300 -44.33 -103.64 -90.19
N LEU M 301 -44.01 -102.67 -91.06
CA LEU M 301 -44.51 -101.28 -91.01
C LEU M 301 -45.10 -100.95 -92.39
N GLU M 302 -46.32 -100.42 -92.44
CA GLU M 302 -47.00 -100.03 -93.70
C GLU M 302 -47.37 -98.53 -93.66
N TYR M 303 -47.26 -97.86 -94.81
CA TYR M 303 -47.72 -96.48 -95.05
C TYR M 303 -49.09 -96.51 -95.74
N ASN M 304 -50.07 -95.78 -95.20
CA ASN M 304 -51.37 -95.50 -95.85
C ASN M 304 -51.49 -93.99 -96.06
N ILE M 305 -51.06 -93.51 -97.23
CA ILE M 305 -50.91 -92.07 -97.58
C ILE M 305 -52.05 -91.69 -98.55
N ILE M 306 -52.73 -90.56 -98.31
CA ILE M 306 -53.94 -90.19 -99.12
C ILE M 306 -53.57 -89.25 -100.26
N GLY M 307 -52.28 -89.16 -100.60
CA GLY M 307 -51.84 -88.35 -101.76
C GLY M 307 -50.32 -88.32 -101.89
N GLY M 308 -49.85 -87.64 -102.93
CA GLY M 308 -48.42 -87.42 -103.19
C GLY M 308 -47.77 -88.70 -103.69
N VAL M 309 -46.44 -88.73 -103.59
CA VAL M 309 -45.57 -89.81 -104.13
C VAL M 309 -44.81 -90.43 -102.96
N LEU M 310 -44.23 -91.61 -103.20
CA LEU M 310 -43.35 -92.33 -102.26
C LEU M 310 -41.93 -91.78 -102.45
N ASP M 311 -41.60 -90.70 -101.73
CA ASP M 311 -40.33 -89.93 -101.87
C ASP M 311 -39.46 -90.19 -100.64
N PHE M 312 -38.68 -91.28 -100.68
CA PHE M 312 -37.88 -91.82 -99.56
C PHE M 312 -36.42 -91.37 -99.68
N TYR M 313 -35.86 -90.93 -98.56
CA TYR M 313 -34.40 -90.81 -98.33
C TYR M 313 -34.00 -91.85 -97.28
N PHE M 314 -33.11 -92.77 -97.66
CA PHE M 314 -32.50 -93.78 -96.77
C PHE M 314 -31.12 -93.27 -96.34
N ILE M 315 -30.93 -93.10 -95.03
CA ILE M 315 -29.64 -92.65 -94.44
C ILE M 315 -29.06 -93.79 -93.59
N ALA M 316 -27.76 -94.07 -93.78
CA ALA M 316 -27.11 -95.37 -93.49
C ALA M 316 -26.53 -95.42 -92.07
N GLY M 317 -26.46 -94.30 -91.34
CA GLY M 317 -25.77 -94.25 -90.05
C GLY M 317 -24.28 -94.54 -90.22
N PRO M 318 -23.69 -95.58 -89.57
CA PRO M 318 -24.42 -96.55 -88.75
C PRO M 318 -24.64 -96.25 -87.25
N SER M 319 -23.99 -95.24 -86.68
CA SER M 319 -24.22 -94.82 -85.27
C SER M 319 -25.52 -94.02 -85.18
N PRO M 320 -26.21 -93.99 -84.02
CA PRO M 320 -27.44 -93.21 -83.88
C PRO M 320 -27.23 -91.72 -84.17
N ARG M 321 -26.09 -91.15 -83.75
CA ARG M 321 -25.69 -89.75 -84.05
C ARG M 321 -25.45 -89.58 -85.56
N ASP M 322 -24.88 -90.58 -86.24
CA ASP M 322 -24.61 -90.55 -87.70
C ASP M 322 -25.92 -90.27 -88.44
N VAL M 323 -27.00 -90.97 -88.06
CA VAL M 323 -28.34 -90.84 -88.70
C VAL M 323 -28.88 -89.42 -88.47
N ALA M 324 -28.78 -88.90 -87.24
CA ALA M 324 -29.18 -87.52 -86.89
C ALA M 324 -28.45 -86.52 -87.79
N ILE M 325 -27.13 -86.68 -87.91
CA ILE M 325 -26.23 -85.78 -88.69
C ILE M 325 -26.60 -85.89 -90.17
N GLN M 326 -26.93 -87.09 -90.65
CA GLN M 326 -27.29 -87.35 -92.06
C GLN M 326 -28.68 -86.80 -92.33
N TYR M 327 -29.58 -86.85 -91.34
CA TYR M 327 -30.95 -86.31 -91.47
C TYR M 327 -30.88 -84.77 -91.59
N ALA M 328 -29.93 -84.13 -90.90
CA ALA M 328 -29.71 -82.66 -90.91
C ALA M 328 -29.22 -82.19 -92.28
N GLU M 329 -28.60 -83.08 -93.06
CA GLU M 329 -28.20 -82.80 -94.47
C GLU M 329 -29.46 -82.64 -95.34
N ILE M 330 -30.56 -83.29 -94.94
CA ILE M 330 -31.87 -83.30 -95.66
C ILE M 330 -32.74 -82.14 -95.16
N THR M 331 -32.97 -82.04 -93.85
CA THR M 331 -33.81 -80.96 -93.23
C THR M 331 -33.09 -79.62 -93.30
N GLN M 332 -31.76 -79.65 -93.48
CA GLN M 332 -30.84 -78.52 -93.18
C GLN M 332 -30.69 -78.43 -91.67
N THR M 333 -29.51 -78.00 -91.23
CA THR M 333 -29.11 -77.92 -89.80
C THR M 333 -29.99 -76.87 -89.12
N PRO M 334 -30.36 -77.06 -87.84
CA PRO M 334 -31.23 -76.11 -87.15
C PRO M 334 -30.60 -74.73 -86.92
N LEU M 335 -31.43 -73.68 -86.88
CA LEU M 335 -31.00 -72.29 -86.56
C LEU M 335 -30.40 -72.27 -85.16
N MET M 336 -29.44 -71.38 -84.92
CA MET M 336 -28.83 -71.15 -83.59
C MET M 336 -29.81 -70.31 -82.75
N THR M 337 -29.75 -70.46 -81.43
CA THR M 337 -30.69 -69.87 -80.43
C THR M 337 -30.00 -68.71 -79.72
N PRO M 338 -30.74 -67.66 -79.27
CA PRO M 338 -30.15 -66.65 -78.39
C PRO M 338 -29.84 -67.25 -77.01
N TYR M 339 -28.75 -66.80 -76.38
CA TYR M 339 -28.26 -67.30 -75.07
C TYR M 339 -29.36 -67.08 -74.01
N TRP M 340 -29.99 -65.90 -74.01
CA TRP M 340 -31.00 -65.51 -72.99
C TRP M 340 -32.24 -66.38 -73.10
N GLY M 341 -32.51 -66.94 -74.29
CA GLY M 341 -33.64 -67.84 -74.56
C GLY M 341 -33.60 -69.08 -73.66
N LEU M 342 -32.41 -69.50 -73.23
CA LEU M 342 -32.18 -70.71 -72.40
C LEU M 342 -32.55 -70.45 -70.93
N GLY M 343 -32.71 -69.18 -70.56
CA GLY M 343 -33.27 -68.78 -69.26
C GLY M 343 -34.70 -69.28 -69.09
N TYR M 344 -35.24 -69.18 -67.87
CA TYR M 344 -36.59 -69.68 -67.51
C TYR M 344 -37.65 -68.72 -68.07
N HIS M 345 -38.76 -69.28 -68.55
CA HIS M 345 -39.91 -68.56 -69.18
C HIS M 345 -41.17 -68.79 -68.33
N GLN M 346 -41.89 -67.71 -68.01
CA GLN M 346 -43.19 -67.77 -67.27
C GLN M 346 -44.28 -67.22 -68.18
N CYS M 347 -45.39 -67.96 -68.29
CA CYS M 347 -46.60 -67.55 -69.06
C CYS M 347 -47.85 -68.02 -68.31
N LYS M 348 -48.98 -67.37 -68.61
CA LYS M 348 -50.34 -67.90 -68.30
C LYS M 348 -51.30 -67.35 -69.36
N TYR M 349 -52.22 -68.19 -69.80
CA TYR M 349 -53.49 -67.77 -70.47
C TYR M 349 -54.41 -67.30 -69.34
N GLY M 350 -54.68 -66.00 -69.27
CA GLY M 350 -55.56 -65.40 -68.25
C GLY M 350 -54.89 -64.31 -67.42
N TYR M 351 -53.65 -63.93 -67.74
CA TYR M 351 -53.04 -62.68 -67.22
C TYR M 351 -53.88 -61.53 -67.78
N GLN M 352 -54.69 -60.90 -66.91
CA GLN M 352 -55.89 -60.10 -67.29
C GLN M 352 -55.49 -58.68 -67.70
N ASP M 353 -54.34 -58.18 -67.24
CA ASP M 353 -53.88 -56.82 -67.57
C ASP M 353 -52.37 -56.67 -67.32
N VAL M 354 -51.82 -55.53 -67.71
CA VAL M 354 -50.42 -55.08 -67.46
C VAL M 354 -50.08 -55.24 -65.97
N TYR M 355 -51.03 -54.97 -65.07
CA TYR M 355 -50.78 -54.99 -63.60
C TYR M 355 -50.36 -56.40 -63.18
N GLU M 356 -51.02 -57.43 -63.71
CA GLU M 356 -50.76 -58.85 -63.31
C GLU M 356 -49.39 -59.31 -63.84
N VAL M 357 -49.04 -58.96 -65.08
CA VAL M 357 -47.73 -59.34 -65.70
C VAL M 357 -46.62 -58.75 -64.82
N ALA M 358 -46.74 -57.46 -64.47
CA ALA M 358 -45.82 -56.74 -63.56
C ALA M 358 -45.68 -57.50 -62.23
N ALA M 359 -46.79 -57.74 -61.55
CA ALA M 359 -46.81 -58.39 -60.22
C ALA M 359 -46.10 -59.76 -60.28
N VAL M 360 -46.33 -60.53 -61.35
CA VAL M 360 -45.70 -61.89 -61.53
C VAL M 360 -44.18 -61.73 -61.58
N VAL M 361 -43.70 -60.78 -62.40
CA VAL M 361 -42.25 -60.47 -62.56
C VAL M 361 -41.68 -60.09 -61.19
N ALA M 362 -42.31 -59.15 -60.48
CA ALA M 362 -41.87 -58.64 -59.17
C ALA M 362 -41.86 -59.77 -58.13
N ASN M 363 -42.80 -60.71 -58.20
CA ASN M 363 -42.98 -61.79 -57.19
C ASN M 363 -41.90 -62.86 -57.38
N TYR M 364 -41.37 -63.04 -58.59
CA TYR M 364 -40.27 -64.00 -58.88
C TYR M 364 -38.99 -63.48 -58.20
N SER M 365 -38.69 -62.18 -58.34
CA SER M 365 -37.48 -61.53 -57.78
C SER M 365 -37.55 -61.52 -56.25
N THR M 366 -38.71 -61.19 -55.67
CA THR M 366 -38.95 -61.12 -54.21
C THR M 366 -38.69 -62.49 -53.57
N ASN M 367 -39.08 -63.57 -54.25
CA ASN M 367 -38.94 -64.96 -53.75
C ASN M 367 -37.61 -65.56 -54.19
N ASN M 368 -36.73 -64.74 -54.79
CA ASN M 368 -35.36 -65.13 -55.20
C ASN M 368 -35.42 -66.41 -56.05
N ILE M 369 -36.28 -66.41 -57.08
CA ILE M 369 -36.33 -67.44 -58.15
C ILE M 369 -35.99 -66.73 -59.46
N PRO M 370 -34.88 -67.11 -60.15
CA PRO M 370 -34.54 -66.51 -61.43
C PRO M 370 -35.69 -66.61 -62.44
N LEU M 371 -36.02 -65.48 -63.07
CA LEU M 371 -36.95 -65.35 -64.22
C LEU M 371 -36.25 -64.53 -65.30
N GLU M 372 -36.14 -65.09 -66.51
CA GLU M 372 -35.44 -64.44 -67.65
C GLU M 372 -36.46 -63.71 -68.53
N THR M 373 -37.57 -64.37 -68.83
CA THR M 373 -38.60 -63.95 -69.81
C THR M 373 -39.99 -64.13 -69.18
N ILE M 374 -40.82 -63.09 -69.25
CA ILE M 374 -42.26 -63.14 -68.90
C ILE M 374 -43.04 -63.04 -70.20
N TRP M 375 -44.19 -63.71 -70.29
CA TRP M 375 -44.99 -63.84 -71.54
C TRP M 375 -46.38 -63.23 -71.34
N THR M 376 -47.15 -63.12 -72.42
CA THR M 376 -48.61 -62.85 -72.39
C THR M 376 -49.28 -63.59 -73.55
N ASP M 377 -50.36 -64.33 -73.25
CA ASP M 377 -51.21 -65.07 -74.23
C ASP M 377 -52.18 -64.05 -74.87
N ILE M 378 -53.28 -64.55 -75.42
CA ILE M 378 -54.27 -63.79 -76.25
C ILE M 378 -54.90 -62.63 -75.44
N ASP M 379 -54.65 -62.57 -74.13
CA ASP M 379 -55.26 -61.57 -73.20
C ASP M 379 -54.87 -60.14 -73.60
N TYR M 380 -53.69 -59.93 -74.18
CA TYR M 380 -53.15 -58.57 -74.48
C TYR M 380 -53.99 -57.90 -75.57
N MET M 381 -54.62 -58.68 -76.45
CA MET M 381 -55.28 -58.21 -77.70
C MET M 381 -56.60 -57.51 -77.37
N ASP M 382 -57.04 -56.60 -78.25
CA ASP M 382 -58.41 -56.04 -78.23
C ASP M 382 -59.38 -57.15 -78.66
N ARG M 383 -60.08 -57.73 -77.67
CA ARG M 383 -61.13 -58.77 -77.87
C ARG M 383 -60.56 -59.91 -78.72
N ARG M 384 -59.32 -60.32 -78.41
CA ARG M 384 -58.65 -61.53 -78.95
C ARG M 384 -58.37 -61.37 -80.45
N ARG M 385 -58.33 -60.13 -80.95
CA ARG M 385 -58.01 -59.81 -82.37
C ARG M 385 -56.51 -59.58 -82.50
N ILE M 386 -55.85 -60.27 -83.43
CA ILE M 386 -54.37 -60.17 -83.62
C ILE M 386 -54.01 -58.76 -84.08
N PHE M 387 -52.80 -58.30 -83.72
CA PHE M 387 -52.21 -56.98 -84.08
C PHE M 387 -53.12 -55.85 -83.57
N THR M 388 -53.74 -56.06 -82.42
CA THR M 388 -54.41 -55.03 -81.58
C THR M 388 -53.96 -55.18 -80.13
N ILE M 389 -54.19 -54.16 -79.29
CA ILE M 389 -54.07 -54.25 -77.81
C ILE M 389 -55.38 -53.79 -77.17
N ASP M 390 -55.82 -54.51 -76.14
CA ASP M 390 -56.96 -54.13 -75.28
C ASP M 390 -56.69 -52.74 -74.70
N PRO M 391 -57.41 -51.68 -75.15
CA PRO M 391 -57.07 -50.31 -74.76
C PRO M 391 -57.42 -49.96 -73.30
N GLU M 392 -58.05 -50.89 -72.58
CA GLU M 392 -58.44 -50.75 -71.16
C GLU M 392 -57.43 -51.46 -70.25
N ARG M 393 -57.01 -52.68 -70.64
CA ARG M 393 -56.24 -53.63 -69.78
C ARG M 393 -54.76 -53.66 -70.19
N PHE M 394 -54.45 -53.27 -71.43
CA PHE M 394 -53.07 -53.17 -71.97
C PHE M 394 -52.93 -51.84 -72.73
N PRO M 395 -53.30 -50.70 -72.13
CA PRO M 395 -53.22 -49.40 -72.81
C PRO M 395 -51.77 -49.06 -73.16
N ALA M 396 -51.54 -48.47 -74.34
CA ALA M 396 -50.19 -48.29 -74.95
C ALA M 396 -49.19 -47.76 -73.90
N ASN M 397 -49.54 -46.67 -73.21
CA ASN M 397 -48.67 -45.96 -72.25
C ASN M 397 -48.19 -46.92 -71.15
N LEU M 398 -49.09 -47.69 -70.55
CA LEU M 398 -48.79 -48.61 -69.40
C LEU M 398 -48.08 -49.87 -69.91
N TYR M 399 -48.34 -50.29 -71.16
CA TYR M 399 -47.71 -51.47 -71.81
C TYR M 399 -46.23 -51.15 -72.07
N LYS M 400 -45.94 -49.90 -72.43
CA LYS M 400 -44.56 -49.38 -72.64
C LYS M 400 -43.80 -49.45 -71.32
N ASP M 401 -44.38 -48.92 -70.23
CA ASP M 401 -43.74 -48.85 -68.89
C ASP M 401 -43.46 -50.27 -68.38
N LEU M 402 -44.36 -51.22 -68.66
CA LEU M 402 -44.17 -52.66 -68.34
C LEU M 402 -42.93 -53.17 -69.07
N VAL M 403 -42.89 -53.04 -70.40
CA VAL M 403 -41.83 -53.58 -71.30
C VAL M 403 -40.50 -52.90 -70.98
N ASP M 404 -40.50 -51.58 -70.79
CA ASP M 404 -39.30 -50.76 -70.44
C ASP M 404 -38.72 -51.24 -69.11
N THR M 405 -39.57 -51.50 -68.11
CA THR M 405 -39.15 -51.96 -66.76
C THR M 405 -38.56 -53.36 -66.86
N ILE M 406 -39.22 -54.25 -67.61
CA ILE M 406 -38.76 -55.65 -67.89
C ILE M 406 -37.37 -55.60 -68.54
N HIS M 407 -37.16 -54.74 -69.54
CA HIS M 407 -35.88 -54.60 -70.27
C HIS M 407 -34.82 -53.96 -69.36
N ALA M 408 -35.20 -52.99 -68.51
CA ALA M 408 -34.30 -52.32 -67.55
C ALA M 408 -33.75 -53.35 -66.54
N ARG M 409 -34.52 -54.39 -66.21
CA ARG M 409 -34.11 -55.49 -65.29
C ARG M 409 -33.33 -56.58 -66.05
N ASP M 410 -33.03 -56.36 -67.33
CA ASP M 410 -32.33 -57.32 -68.24
C ASP M 410 -33.19 -58.59 -68.42
N GLN M 411 -34.51 -58.45 -68.36
CA GLN M 411 -35.48 -59.52 -68.70
C GLN M 411 -36.07 -59.24 -70.09
N HIS M 412 -36.71 -60.25 -70.69
CA HIS M 412 -37.21 -60.24 -72.08
C HIS M 412 -38.73 -60.47 -72.04
N TYR M 413 -39.44 -60.12 -73.13
CA TYR M 413 -40.92 -60.18 -73.24
C TYR M 413 -41.32 -60.85 -74.56
N ILE M 414 -42.25 -61.82 -74.48
CA ILE M 414 -42.78 -62.63 -75.61
C ILE M 414 -44.31 -62.65 -75.51
N VAL M 415 -45.00 -62.50 -76.65
CA VAL M 415 -46.48 -62.56 -76.73
C VAL M 415 -46.90 -63.52 -77.84
N MET M 416 -48.12 -64.04 -77.74
CA MET M 416 -48.69 -65.03 -78.68
C MET M 416 -49.20 -64.30 -79.92
N VAL M 417 -49.10 -64.97 -81.08
CA VAL M 417 -49.75 -64.56 -82.37
C VAL M 417 -50.27 -65.84 -83.03
N ASP M 418 -51.38 -65.72 -83.76
CA ASP M 418 -52.04 -66.84 -84.48
C ASP M 418 -52.40 -66.33 -85.87
N PRO M 419 -52.81 -67.20 -86.82
CA PRO M 419 -53.07 -66.79 -88.20
C PRO M 419 -54.47 -66.20 -88.47
N ALA M 420 -55.41 -66.38 -87.55
CA ALA M 420 -56.82 -65.93 -87.70
C ALA M 420 -56.86 -64.40 -87.72
N VAL M 421 -57.48 -63.81 -88.75
CA VAL M 421 -57.67 -62.33 -88.90
C VAL M 421 -59.17 -62.03 -88.85
N TYR M 422 -59.63 -61.40 -87.77
CA TYR M 422 -61.03 -60.95 -87.52
C TYR M 422 -61.47 -60.06 -88.68
N TYR M 423 -62.64 -60.31 -89.28
CA TYR M 423 -63.07 -59.63 -90.53
C TYR M 423 -64.37 -58.84 -90.33
N LYS M 424 -65.00 -58.88 -89.15
CA LYS M 424 -66.35 -58.31 -88.90
C LYS M 424 -66.26 -56.83 -88.51
N GLU M 425 -65.08 -56.35 -88.11
CA GLU M 425 -64.83 -54.91 -87.85
C GLU M 425 -63.41 -54.56 -88.32
N SER M 426 -63.23 -53.32 -88.79
CA SER M 426 -61.93 -52.77 -89.26
C SER M 426 -60.84 -53.04 -88.21
N ASN M 427 -59.66 -53.46 -88.67
CA ASN M 427 -58.46 -53.72 -87.83
C ASN M 427 -57.25 -53.84 -88.75
N PRO M 428 -56.07 -53.31 -88.35
CA PRO M 428 -54.89 -53.34 -89.20
C PRO M 428 -54.71 -54.63 -90.02
N ALA M 429 -54.73 -55.78 -89.34
CA ALA M 429 -54.46 -57.11 -89.95
C ALA M 429 -55.46 -57.41 -91.06
N LEU M 430 -56.75 -57.07 -90.86
CA LEU M 430 -57.83 -57.28 -91.86
C LEU M 430 -57.61 -56.37 -93.06
N ASP M 431 -57.55 -55.05 -92.82
CA ASP M 431 -57.59 -54.00 -93.87
C ASP M 431 -56.38 -54.16 -94.79
N GLU M 432 -55.18 -54.35 -94.23
CA GLU M 432 -53.93 -54.57 -95.03
C GLU M 432 -53.99 -55.95 -95.71
N GLY M 433 -54.54 -56.97 -95.04
CA GLY M 433 -54.74 -58.31 -95.60
C GLY M 433 -55.59 -58.29 -96.87
N LEU M 434 -56.70 -57.55 -96.84
CA LEU M 434 -57.61 -57.35 -98.00
C LEU M 434 -56.89 -56.53 -99.08
N ARG M 435 -56.18 -55.46 -98.69
CA ARG M 435 -55.43 -54.59 -99.63
C ARG M 435 -54.45 -55.45 -100.42
N TYR M 436 -53.60 -56.24 -99.74
CA TYR M 436 -52.60 -57.13 -100.36
C TYR M 436 -53.30 -58.35 -100.99
N ASP M 437 -54.51 -58.65 -100.54
CA ASP M 437 -55.41 -59.70 -101.11
C ASP M 437 -54.78 -61.09 -100.88
N ILE M 438 -54.34 -61.37 -99.66
CA ILE M 438 -53.45 -62.53 -99.34
C ILE M 438 -54.21 -63.62 -98.56
N PHE M 439 -55.54 -63.54 -98.44
CA PHE M 439 -56.36 -64.51 -97.66
C PHE M 439 -56.78 -65.68 -98.55
N MET M 440 -56.83 -66.88 -97.98
CA MET M 440 -57.32 -68.11 -98.65
C MET M 440 -58.77 -67.85 -99.09
N LYS M 441 -59.13 -68.31 -100.29
CA LYS M 441 -60.42 -68.00 -100.94
C LYS M 441 -61.11 -69.31 -101.35
N GLU M 442 -62.44 -69.29 -101.40
CA GLU M 442 -63.27 -70.39 -101.97
C GLU M 442 -63.33 -70.20 -103.49
N ASN M 443 -63.94 -71.17 -104.18
CA ASN M 443 -64.04 -71.23 -105.67
C ASN M 443 -64.67 -69.93 -106.20
N ASN M 444 -65.73 -69.43 -105.56
CA ASN M 444 -66.48 -68.22 -105.98
C ASN M 444 -65.65 -66.95 -105.75
N GLY M 445 -64.43 -67.08 -105.21
CA GLY M 445 -63.43 -65.99 -105.14
C GLY M 445 -63.60 -65.10 -103.90
N SER M 446 -64.61 -65.35 -103.06
CA SER M 446 -64.82 -64.61 -101.79
C SER M 446 -63.91 -65.19 -100.71
N GLU M 447 -63.50 -64.36 -99.74
CA GLU M 447 -62.54 -64.73 -98.66
C GLU M 447 -63.12 -65.93 -97.90
N TYR M 448 -62.31 -66.97 -97.65
CA TYR M 448 -62.72 -68.18 -96.88
C TYR M 448 -62.99 -67.78 -95.43
N GLN M 449 -64.16 -68.19 -94.90
CA GLN M 449 -64.67 -67.84 -93.56
C GLN M 449 -64.49 -69.02 -92.60
N GLY M 450 -63.83 -68.78 -91.47
CA GLY M 450 -63.84 -69.64 -90.28
C GLY M 450 -64.17 -68.81 -89.05
N VAL M 451 -64.06 -69.41 -87.87
CA VAL M 451 -64.30 -68.75 -86.55
C VAL M 451 -63.24 -69.26 -85.59
N VAL M 452 -62.47 -68.35 -84.99
CA VAL M 452 -61.51 -68.66 -83.89
C VAL M 452 -61.77 -67.65 -82.77
N TRP M 453 -60.77 -67.29 -81.95
CA TRP M 453 -61.02 -66.62 -80.65
C TRP M 453 -61.71 -65.26 -80.82
N ALA M 454 -61.32 -64.46 -81.82
CA ALA M 454 -61.89 -63.10 -82.08
C ALA M 454 -63.31 -63.22 -82.65
N GLY M 455 -63.68 -64.41 -83.13
CA GLY M 455 -64.95 -64.66 -83.83
C GLY M 455 -64.67 -64.96 -85.31
N PRO M 456 -65.59 -64.58 -86.22
CA PRO M 456 -65.39 -64.81 -87.65
C PRO M 456 -64.07 -64.22 -88.16
N SER M 457 -63.23 -65.07 -88.78
CA SER M 457 -61.82 -64.78 -89.16
C SER M 457 -61.50 -65.31 -90.57
N HIS M 458 -60.54 -64.67 -91.25
CA HIS M 458 -59.86 -65.18 -92.47
C HIS M 458 -58.51 -65.79 -92.08
N PHE M 459 -57.90 -66.53 -93.00
CA PHE M 459 -56.56 -67.15 -92.83
C PHE M 459 -55.67 -66.72 -94.00
N PRO M 460 -54.50 -66.07 -93.74
CA PRO M 460 -53.56 -65.77 -94.81
C PRO M 460 -53.13 -67.02 -95.60
N ASP M 461 -52.92 -66.84 -96.91
CA ASP M 461 -52.35 -67.84 -97.83
C ASP M 461 -50.85 -67.59 -97.93
N TRP M 462 -50.02 -68.44 -97.32
CA TRP M 462 -48.56 -68.25 -97.21
C TRP M 462 -47.87 -68.52 -98.56
N PHE M 463 -48.59 -69.07 -99.54
CA PHE M 463 -48.11 -69.27 -100.93
C PHE M 463 -48.17 -67.95 -101.72
N HIS M 464 -49.03 -67.02 -101.33
CA HIS M 464 -49.25 -65.73 -102.05
C HIS M 464 -47.96 -64.92 -102.04
N PRO M 465 -47.48 -64.41 -103.21
CA PRO M 465 -46.21 -63.69 -103.27
C PRO M 465 -46.11 -62.45 -102.37
N ASP M 466 -47.24 -61.96 -101.85
CA ASP M 466 -47.29 -60.73 -101.00
C ASP M 466 -47.60 -61.07 -99.55
N SER M 467 -47.74 -62.36 -99.20
CA SER M 467 -48.06 -62.84 -97.83
C SER M 467 -46.95 -62.48 -96.85
N GLN M 468 -45.68 -62.47 -97.28
CA GLN M 468 -44.50 -62.19 -96.41
C GLN M 468 -44.42 -60.69 -96.11
N GLN M 469 -44.58 -59.84 -97.12
CA GLN M 469 -44.55 -58.36 -96.99
C GLN M 469 -45.71 -57.94 -96.07
N TYR M 470 -46.90 -58.49 -96.31
CA TYR M 470 -48.11 -58.31 -95.46
C TYR M 470 -47.76 -58.61 -94.00
N TRP M 471 -47.27 -59.83 -93.73
CA TRP M 471 -46.96 -60.34 -92.37
C TRP M 471 -45.86 -59.47 -91.75
N SER M 472 -44.81 -59.14 -92.52
CA SER M 472 -43.65 -58.34 -92.07
C SER M 472 -44.10 -56.94 -91.64
N GLU M 473 -44.93 -56.28 -92.46
CA GLU M 473 -45.41 -54.89 -92.20
C GLU M 473 -46.34 -54.87 -90.97
N GLN M 474 -47.09 -55.95 -90.76
CA GLN M 474 -47.97 -56.14 -89.56
C GLN M 474 -47.10 -56.10 -88.29
N PHE M 475 -45.98 -56.82 -88.30
CA PHE M 475 -45.04 -56.92 -87.15
C PHE M 475 -44.33 -55.57 -86.93
N LEU M 476 -43.85 -54.94 -88.01
CA LEU M 476 -43.12 -53.65 -87.96
C LEU M 476 -44.03 -52.55 -87.43
N ALA M 477 -45.31 -52.55 -87.84
CA ALA M 477 -46.33 -51.53 -87.49
C ALA M 477 -46.80 -51.71 -86.05
N PHE M 478 -46.86 -52.95 -85.53
CA PHE M 478 -47.54 -53.30 -84.26
C PHE M 478 -46.54 -53.36 -83.10
N PHE M 479 -45.42 -54.08 -83.27
CA PHE M 479 -44.49 -54.45 -82.17
C PHE M 479 -43.41 -53.39 -82.00
N ASP M 480 -43.80 -52.11 -81.96
CA ASP M 480 -42.87 -50.96 -82.12
C ASP M 480 -42.71 -50.18 -80.80
N GLY M 481 -43.41 -50.59 -79.73
CA GLY M 481 -43.35 -49.92 -78.41
C GLY M 481 -44.24 -48.70 -78.33
N THR M 482 -45.24 -48.60 -79.24
CA THR M 482 -46.27 -47.53 -79.27
C THR M 482 -47.64 -48.13 -79.59
N ASN M 483 -47.76 -48.81 -80.73
CA ASN M 483 -48.99 -49.51 -81.20
C ASN M 483 -49.12 -50.85 -80.47
N GLY M 484 -48.01 -51.41 -79.99
CA GLY M 484 -47.96 -52.69 -79.26
C GLY M 484 -46.59 -52.92 -78.63
N PRO M 485 -46.37 -54.06 -77.94
CA PRO M 485 -45.16 -54.28 -77.16
C PRO M 485 -43.93 -54.59 -78.03
N ASP M 486 -42.79 -53.98 -77.69
CA ASP M 486 -41.46 -54.25 -78.30
C ASP M 486 -40.99 -55.63 -77.82
N ILE M 487 -41.45 -56.70 -78.47
CA ILE M 487 -41.19 -58.11 -78.05
C ILE M 487 -39.75 -58.48 -78.42
N ASP M 488 -39.17 -59.44 -77.69
CA ASP M 488 -37.77 -59.92 -77.87
C ASP M 488 -37.75 -61.26 -78.63
N ALA M 489 -38.85 -62.02 -78.58
CA ALA M 489 -39.03 -63.28 -79.32
C ALA M 489 -40.53 -63.48 -79.55
N LEU M 490 -40.91 -64.49 -80.33
CA LEU M 490 -42.32 -64.69 -80.77
C LEU M 490 -42.86 -66.05 -80.31
N TRP M 491 -44.16 -66.08 -79.99
CA TRP M 491 -44.97 -67.29 -79.71
C TRP M 491 -46.03 -67.42 -80.81
N ILE M 492 -46.02 -68.53 -81.56
CA ILE M 492 -47.08 -68.87 -82.57
C ILE M 492 -47.93 -70.01 -82.00
N ASP M 493 -49.26 -69.80 -81.99
CA ASP M 493 -50.26 -70.79 -81.51
C ASP M 493 -51.34 -70.94 -82.58
N MET M 494 -52.02 -72.10 -82.60
CA MET M 494 -53.23 -72.34 -83.41
C MET M 494 -52.90 -72.13 -84.90
N ASN M 495 -51.70 -72.54 -85.31
CA ASN M 495 -51.17 -72.35 -86.68
C ASN M 495 -51.37 -73.62 -87.52
N GLU M 496 -52.20 -74.57 -87.06
CA GLU M 496 -52.43 -75.87 -87.76
C GLU M 496 -53.00 -75.64 -89.17
N PRO M 497 -54.00 -74.74 -89.39
CA PRO M 497 -54.54 -73.84 -88.38
C PRO M 497 -55.73 -74.40 -87.57
N ALA M 498 -55.88 -73.94 -86.33
CA ALA M 498 -57.09 -74.14 -85.51
C ALA M 498 -58.24 -73.34 -86.14
N ASN M 499 -59.44 -73.94 -86.18
CA ASN M 499 -60.67 -73.32 -86.71
C ASN M 499 -61.85 -73.91 -85.94
N PHE M 500 -62.35 -73.17 -84.94
CA PHE M 500 -63.42 -73.62 -84.02
C PHE M 500 -64.70 -73.90 -84.83
N TYR M 501 -64.91 -73.14 -85.92
CA TYR M 501 -66.12 -73.16 -86.78
C TYR M 501 -66.43 -74.61 -87.20
N ASN M 502 -65.41 -75.39 -87.60
CA ASN M 502 -65.60 -76.78 -88.09
C ASN M 502 -65.61 -77.74 -86.90
N ARG M 503 -66.58 -77.57 -85.99
CA ARG M 503 -66.79 -78.45 -84.81
C ARG M 503 -68.29 -78.76 -84.68
N PRO M 504 -68.85 -79.67 -85.52
CA PRO M 504 -68.12 -80.30 -86.62
C PRO M 504 -68.20 -79.51 -87.92
N TYR M 505 -67.40 -79.91 -88.93
CA TYR M 505 -67.54 -79.46 -90.34
C TYR M 505 -68.91 -79.91 -90.83
N PRO M 506 -69.66 -79.12 -91.63
CA PRO M 506 -69.25 -77.76 -92.04
C PRO M 506 -69.88 -76.64 -91.21
N GLY M 507 -69.08 -75.96 -90.37
CA GLY M 507 -69.49 -74.74 -89.66
C GLY M 507 -70.63 -75.00 -88.67
N ASN M 508 -70.71 -76.21 -88.12
CA ASN M 508 -71.81 -76.65 -87.22
C ASN M 508 -73.16 -76.37 -87.89
N ASN M 509 -73.20 -76.43 -89.23
CA ASN M 509 -74.41 -76.17 -90.05
C ASN M 509 -75.07 -74.87 -89.59
N THR M 510 -74.28 -73.82 -89.36
CA THR M 510 -74.75 -72.48 -88.96
C THR M 510 -73.82 -71.42 -89.56
N THR M 511 -74.11 -70.14 -89.31
CA THR M 511 -73.36 -68.98 -89.85
C THR M 511 -72.12 -68.78 -88.98
N PRO M 512 -71.07 -68.10 -89.49
CA PRO M 512 -69.92 -67.75 -88.66
C PRO M 512 -70.34 -66.93 -87.43
N GLU M 513 -71.29 -66.00 -87.63
CA GLU M 513 -71.75 -65.05 -86.58
C GLU M 513 -72.46 -65.83 -85.47
N ASN M 514 -73.37 -66.75 -85.83
CA ASN M 514 -74.18 -67.53 -84.84
C ASN M 514 -73.25 -68.45 -84.04
N PHE M 515 -72.33 -69.17 -84.70
CA PHE M 515 -71.34 -70.06 -84.06
C PHE M 515 -70.53 -69.27 -83.03
N ALA M 516 -69.96 -68.13 -83.45
CA ALA M 516 -69.10 -67.23 -82.64
C ALA M 516 -69.84 -66.84 -81.34
N GLU M 517 -71.13 -66.53 -81.43
CA GLU M 517 -71.96 -66.04 -80.30
C GLU M 517 -72.24 -67.18 -79.32
N VAL M 518 -72.63 -68.35 -79.84
CA VAL M 518 -72.98 -69.56 -79.03
C VAL M 518 -71.71 -70.11 -78.39
N ASP M 519 -70.61 -70.21 -79.14
CA ASP M 519 -69.33 -70.83 -78.71
C ASP M 519 -68.56 -69.88 -77.78
N GLY M 520 -68.88 -68.58 -77.81
CA GLY M 520 -68.28 -67.55 -76.94
C GLY M 520 -66.96 -67.02 -77.50
N ASP M 521 -66.98 -66.57 -78.76
CA ASP M 521 -65.81 -66.11 -79.52
C ASP M 521 -66.01 -64.66 -79.96
N PRO M 522 -65.51 -63.65 -79.21
CA PRO M 522 -64.71 -63.87 -78.00
C PRO M 522 -65.57 -63.86 -76.74
N PRO M 523 -65.06 -64.37 -75.60
CA PRO M 523 -65.74 -64.23 -74.32
C PRO M 523 -65.53 -62.80 -73.78
N ALA M 524 -66.36 -62.40 -72.81
CA ALA M 524 -66.19 -61.15 -72.02
C ALA M 524 -64.85 -61.21 -71.26
N ALA M 525 -64.01 -60.20 -71.43
CA ALA M 525 -62.76 -60.02 -70.64
C ALA M 525 -63.15 -59.75 -69.19
N PRO M 526 -62.31 -60.13 -68.20
CA PRO M 526 -62.60 -59.85 -66.80
C PRO M 526 -62.76 -58.34 -66.56
N ALA M 527 -63.63 -57.96 -65.62
CA ALA M 527 -63.91 -56.57 -65.21
C ALA M 527 -62.60 -55.83 -65.00
N VAL M 528 -62.49 -54.62 -65.56
CA VAL M 528 -61.28 -53.75 -65.45
C VAL M 528 -61.04 -53.49 -63.96
N ARG M 529 -59.75 -53.42 -63.58
CA ARG M 529 -59.29 -53.23 -62.18
C ARG M 529 -58.69 -51.83 -62.03
N ASP M 530 -58.65 -51.31 -60.80
CA ASP M 530 -58.03 -50.00 -60.45
C ASP M 530 -56.50 -50.14 -60.54
N GLY M 531 -56.00 -51.36 -60.36
CA GLY M 531 -54.56 -51.72 -60.42
C GLY M 531 -54.33 -53.13 -59.89
N PRO M 532 -53.08 -53.50 -59.55
CA PRO M 532 -52.81 -54.83 -58.98
C PRO M 532 -53.46 -54.96 -57.60
N ASP M 533 -53.51 -56.18 -57.05
CA ASP M 533 -54.19 -56.48 -55.76
C ASP M 533 -53.21 -56.31 -54.58
N ALA M 534 -51.93 -56.02 -54.87
CA ALA M 534 -50.90 -55.69 -53.85
C ALA M 534 -49.83 -54.80 -54.49
N PRO M 535 -49.06 -54.04 -53.69
CA PRO M 535 -47.95 -53.24 -54.22
C PRO M 535 -46.98 -54.10 -55.05
N ILE M 536 -46.39 -53.51 -56.10
CA ILE M 536 -45.42 -54.17 -57.03
C ILE M 536 -44.07 -53.50 -56.84
N PRO M 537 -43.15 -54.10 -56.04
CA PRO M 537 -41.81 -53.55 -55.85
C PRO M 537 -41.00 -53.43 -57.16
N GLY M 538 -40.29 -52.31 -57.31
CA GLY M 538 -39.33 -52.10 -58.41
C GLY M 538 -40.01 -51.75 -59.73
N PHE M 539 -41.35 -51.70 -59.75
CA PHE M 539 -42.15 -51.31 -60.94
C PHE M 539 -42.70 -49.90 -60.75
N PRO M 540 -42.85 -49.11 -61.84
CA PRO M 540 -43.25 -47.70 -61.75
C PRO M 540 -44.65 -47.52 -61.13
N ALA M 541 -44.94 -46.32 -60.61
CA ALA M 541 -46.19 -45.95 -59.94
C ALA M 541 -47.38 -46.14 -60.90
N SER M 542 -47.19 -45.82 -62.18
CA SER M 542 -48.17 -46.00 -63.28
C SER M 542 -48.79 -47.42 -63.25
N LEU M 543 -48.05 -48.43 -62.82
CA LEU M 543 -48.50 -49.86 -62.79
C LEU M 543 -48.97 -50.26 -61.39
N GLN M 544 -49.18 -49.30 -60.49
CA GLN M 544 -49.79 -49.51 -59.14
C GLN M 544 -50.39 -48.21 -58.63
N PRO M 545 -51.31 -47.56 -59.40
CA PRO M 545 -51.83 -46.24 -59.03
C PRO M 545 -52.77 -46.29 -57.81
N ASN M 546 -53.34 -47.47 -57.54
CA ASN M 546 -54.26 -47.75 -56.40
C ASN M 546 -53.46 -47.99 -55.11
N TRP M 547 -52.12 -47.94 -55.16
CA TRP M 547 -51.22 -48.20 -54.01
C TRP M 547 -50.31 -46.99 -53.71
N VAL M 548 -50.28 -45.99 -54.60
CA VAL M 548 -49.56 -44.70 -54.36
C VAL M 548 -50.33 -43.90 -53.30
N SER N 1 -19.94 -54.93 -88.09
CA SER N 1 -18.97 -55.87 -88.72
C SER N 1 -19.29 -57.32 -88.30
N ARG N 2 -19.27 -58.23 -89.27
CA ARG N 2 -19.76 -59.64 -89.13
C ARG N 2 -18.70 -60.59 -89.72
N ARG N 3 -17.48 -60.57 -89.15
CA ARG N 3 -16.30 -61.29 -89.69
C ARG N 3 -16.41 -62.80 -89.41
N ASN N 4 -17.13 -63.18 -88.34
CA ASN N 4 -17.27 -64.58 -87.86
C ASN N 4 -15.87 -65.12 -87.57
N LEU N 5 -15.10 -64.34 -86.79
CA LEU N 5 -13.67 -64.59 -86.49
C LEU N 5 -13.56 -65.75 -85.49
N GLY N 6 -12.92 -66.84 -85.90
CA GLY N 6 -12.62 -67.99 -85.03
C GLY N 6 -13.61 -69.15 -85.17
N ALA N 7 -14.55 -69.06 -86.13
CA ALA N 7 -15.60 -70.09 -86.36
C ALA N 7 -15.11 -71.14 -87.37
N GLY N 8 -15.81 -72.27 -87.42
CA GLY N 8 -15.67 -73.30 -88.49
C GLY N 8 -14.91 -74.54 -88.05
N HIS N 9 -14.47 -74.61 -86.78
CA HIS N 9 -13.64 -75.73 -86.22
C HIS N 9 -14.48 -77.01 -86.08
N TRP N 10 -15.80 -76.87 -85.93
CA TRP N 10 -16.75 -77.99 -85.65
C TRP N 10 -17.72 -78.19 -86.83
N LYS N 11 -17.53 -77.49 -87.95
CA LYS N 11 -18.40 -77.59 -89.16
C LYS N 11 -18.29 -78.99 -89.77
N SER N 12 -19.29 -79.37 -90.58
CA SER N 12 -19.33 -80.66 -91.33
C SER N 12 -18.25 -80.65 -92.41
N PRO N 13 -17.75 -81.83 -92.84
CA PRO N 13 -16.96 -81.92 -94.07
C PRO N 13 -17.83 -81.70 -95.32
N LYS N 14 -17.74 -80.50 -95.91
CA LYS N 14 -18.44 -80.13 -97.17
C LYS N 14 -17.59 -80.63 -98.34
N GLY N 15 -17.80 -81.89 -98.75
CA GLY N 15 -16.95 -82.62 -99.71
C GLY N 15 -17.22 -82.24 -101.16
N LYS N 16 -17.48 -83.23 -102.02
CA LYS N 16 -17.61 -83.10 -103.49
C LYS N 16 -18.82 -82.22 -103.82
N VAL N 17 -18.58 -80.93 -104.11
CA VAL N 17 -19.60 -79.89 -104.44
C VAL N 17 -19.43 -79.51 -105.92
N ASP N 18 -19.95 -80.33 -106.83
CA ASP N 18 -19.70 -80.26 -108.30
C ASP N 18 -20.96 -79.73 -109.01
N PRO N 19 -21.18 -78.40 -109.11
CA PRO N 19 -22.43 -77.86 -109.66
C PRO N 19 -22.62 -78.10 -111.17
N ARG N 20 -21.57 -78.49 -111.90
CA ARG N 20 -21.66 -78.91 -113.33
C ARG N 20 -22.54 -80.16 -113.44
N ALA N 21 -22.43 -81.08 -112.48
CA ALA N 21 -23.30 -82.29 -112.36
C ALA N 21 -24.74 -81.86 -112.07
N GLY N 22 -24.91 -80.78 -111.30
CA GLY N 22 -26.23 -80.24 -110.90
C GLY N 22 -27.06 -81.28 -110.18
N TRP N 23 -28.38 -81.27 -110.40
CA TRP N 23 -29.30 -82.34 -109.92
C TRP N 23 -29.09 -83.58 -110.80
N GLN N 24 -29.13 -84.77 -110.21
CA GLN N 24 -29.07 -86.06 -110.95
C GLN N 24 -30.29 -86.17 -111.87
N ASN N 25 -31.46 -85.71 -111.40
CA ASN N 25 -32.77 -85.79 -112.12
C ASN N 25 -32.71 -85.01 -113.43
N GLY N 26 -31.71 -84.15 -113.61
CA GLY N 26 -31.40 -83.46 -114.88
C GLY N 26 -32.24 -82.19 -115.07
N LYS N 27 -33.07 -81.85 -114.09
CA LYS N 27 -34.00 -80.69 -114.12
C LYS N 27 -33.33 -79.52 -113.36
N GLN N 28 -34.03 -78.39 -113.24
CA GLN N 28 -33.51 -77.13 -112.64
C GLN N 28 -33.99 -77.00 -111.18
N THR N 29 -34.70 -78.01 -110.66
CA THR N 29 -35.23 -78.05 -109.27
C THR N 29 -34.95 -79.43 -108.65
N GLY N 30 -34.91 -79.49 -107.31
CA GLY N 30 -34.68 -80.73 -106.54
C GLY N 30 -35.85 -81.70 -106.63
N SER N 31 -37.08 -81.19 -106.69
CA SER N 31 -38.34 -81.99 -106.78
C SER N 31 -38.46 -82.64 -108.17
N GLY N 32 -37.75 -82.11 -109.17
CA GLY N 32 -37.94 -82.46 -110.59
C GLY N 32 -39.20 -81.83 -111.16
N CYS N 33 -39.81 -80.89 -110.44
CA CYS N 33 -41.10 -80.24 -110.80
C CYS N 33 -40.83 -78.81 -111.30
N GLY N 34 -41.32 -78.50 -112.51
CA GLY N 34 -41.40 -77.11 -113.03
C GLY N 34 -42.36 -76.28 -112.18
N PRO N 35 -42.35 -74.94 -112.32
CA PRO N 35 -43.19 -74.08 -111.47
C PRO N 35 -44.71 -74.22 -111.69
N ASN N 36 -45.15 -74.82 -112.81
CA ASN N 36 -46.57 -75.09 -113.14
C ASN N 36 -46.88 -76.59 -113.02
N GLU N 37 -46.01 -77.37 -112.37
CA GLU N 37 -46.10 -78.85 -112.32
C GLU N 37 -46.34 -79.30 -110.87
N CYS N 38 -46.78 -80.54 -110.68
CA CYS N 38 -46.87 -81.24 -109.38
C CYS N 38 -47.79 -80.46 -108.41
N LYS N 39 -48.91 -79.96 -108.92
CA LYS N 39 -49.89 -79.16 -108.13
C LYS N 39 -51.00 -80.07 -107.62
N GLY N 40 -51.08 -81.31 -108.12
CA GLY N 40 -52.03 -82.34 -107.66
C GLY N 40 -53.04 -82.71 -108.75
N LEU N 41 -53.58 -83.93 -108.68
CA LEU N 41 -54.53 -84.48 -109.67
C LEU N 41 -55.88 -83.76 -109.53
N PRO N 42 -56.63 -83.55 -110.63
CA PRO N 42 -57.98 -83.01 -110.56
C PRO N 42 -59.01 -84.08 -110.19
N ASN N 43 -60.24 -83.67 -109.87
CA ASN N 43 -61.42 -84.57 -109.66
C ASN N 43 -61.24 -85.39 -108.39
N ARG N 44 -60.56 -84.84 -107.39
CA ARG N 44 -60.35 -85.51 -106.07
C ARG N 44 -61.42 -85.02 -105.09
N HIS N 45 -61.79 -85.88 -104.14
CA HIS N 45 -62.67 -85.56 -102.98
C HIS N 45 -61.76 -85.07 -101.85
N LEU N 46 -61.77 -83.76 -101.58
CA LEU N 46 -60.74 -83.04 -100.78
C LEU N 46 -61.16 -82.87 -99.32
N ILE N 47 -62.47 -82.96 -99.04
CA ILE N 47 -63.06 -82.82 -97.68
C ILE N 47 -63.06 -84.20 -97.00
N ARG N 48 -63.66 -85.19 -97.65
CA ARG N 48 -63.78 -86.59 -97.15
C ARG N 48 -63.29 -87.52 -98.26
N PRO N 49 -61.99 -87.87 -98.25
CA PRO N 49 -61.41 -88.66 -99.33
C PRO N 49 -61.75 -90.14 -99.24
N PRO N 50 -61.65 -90.92 -100.35
CA PRO N 50 -62.08 -92.31 -100.37
C PRO N 50 -61.50 -93.19 -99.26
N TYR N 51 -60.18 -93.09 -99.01
CA TYR N 51 -59.52 -93.61 -97.79
C TYR N 51 -59.44 -92.47 -96.77
N MET N 52 -60.15 -92.58 -95.67
CA MET N 52 -60.09 -91.59 -94.55
C MET N 52 -59.11 -92.10 -93.49
N ILE N 53 -58.17 -91.23 -93.09
CA ILE N 53 -57.16 -91.50 -92.03
C ILE N 53 -57.85 -91.44 -90.67
N GLN N 54 -57.21 -92.02 -89.65
CA GLN N 54 -57.66 -91.97 -88.23
C GLN N 54 -57.43 -90.56 -87.70
N ASN N 55 -58.21 -89.58 -88.18
CA ASN N 55 -58.16 -88.17 -87.74
C ASN N 55 -58.93 -88.04 -86.42
N GLY N 56 -58.24 -87.69 -85.33
CA GLY N 56 -58.85 -87.46 -84.01
C GLY N 56 -59.78 -86.25 -84.00
N ALA N 57 -59.62 -85.33 -84.96
CA ALA N 57 -60.40 -84.08 -85.09
C ALA N 57 -61.85 -84.37 -85.47
N GLY N 58 -62.09 -85.39 -86.31
CA GLY N 58 -63.45 -85.77 -86.76
C GLY N 58 -63.46 -86.58 -88.06
N PRO N 59 -64.66 -86.82 -88.64
CA PRO N 59 -64.79 -87.75 -89.76
C PRO N 59 -64.26 -87.23 -91.10
N THR N 60 -63.87 -85.95 -91.17
CA THR N 60 -63.30 -85.29 -92.38
C THR N 60 -61.91 -84.72 -92.07
N LEU N 61 -61.22 -84.21 -93.09
CA LEU N 61 -59.87 -83.60 -92.97
C LEU N 61 -60.00 -82.14 -92.53
N ALA N 62 -61.22 -81.58 -92.55
CA ALA N 62 -61.51 -80.14 -92.32
C ALA N 62 -61.99 -79.89 -90.87
N ASP N 63 -62.29 -80.94 -90.10
CA ASP N 63 -62.77 -80.81 -88.69
C ASP N 63 -61.70 -80.10 -87.84
N SER N 64 -62.11 -79.03 -87.14
CA SER N 64 -61.28 -78.19 -86.23
C SER N 64 -60.17 -77.46 -87.00
N THR N 65 -60.21 -77.45 -88.34
CA THR N 65 -59.19 -76.78 -89.18
C THR N 65 -59.85 -76.10 -90.39
N ALA N 66 -59.06 -75.61 -91.33
CA ALA N 66 -59.53 -74.94 -92.57
C ALA N 66 -59.97 -76.01 -93.59
N ASP N 67 -61.07 -75.76 -94.30
CA ASP N 67 -61.57 -76.60 -95.42
C ASP N 67 -60.40 -76.98 -96.34
N THR N 68 -60.31 -78.25 -96.71
CA THR N 68 -59.16 -78.83 -97.44
C THR N 68 -59.37 -78.79 -98.96
N ASP N 69 -60.45 -78.15 -99.45
CA ASP N 69 -60.72 -78.01 -100.91
C ASP N 69 -60.20 -76.65 -101.43
N LEU N 70 -59.79 -75.76 -100.51
CA LEU N 70 -59.37 -74.37 -100.82
C LEU N 70 -58.16 -74.40 -101.75
N VAL N 71 -58.22 -73.67 -102.85
CA VAL N 71 -57.10 -73.48 -103.82
C VAL N 71 -56.30 -72.26 -103.38
N GLN N 72 -54.98 -72.42 -103.25
CA GLN N 72 -54.03 -71.36 -102.82
C GLN N 72 -53.32 -70.81 -104.06
N SER N 73 -52.53 -69.76 -103.90
CA SER N 73 -51.67 -69.20 -104.97
C SER N 73 -50.81 -70.32 -105.56
N GLY N 74 -50.82 -70.46 -106.90
CA GLY N 74 -50.06 -71.48 -107.64
C GLY N 74 -50.85 -72.76 -107.86
N GLY N 75 -52.03 -72.89 -107.26
CA GLY N 75 -52.99 -73.99 -107.51
C GLY N 75 -52.95 -75.09 -106.46
N TYR N 76 -52.09 -74.99 -105.44
CA TYR N 76 -51.99 -75.99 -104.35
C TYR N 76 -53.29 -75.96 -103.54
N VAL N 77 -53.87 -77.14 -103.28
CA VAL N 77 -55.10 -77.32 -102.46
C VAL N 77 -54.69 -77.70 -101.03
N GLN N 78 -55.39 -77.15 -100.03
CA GLN N 78 -55.10 -77.35 -98.58
C GLN N 78 -54.99 -78.84 -98.25
N TYR N 79 -55.77 -79.69 -98.92
CA TYR N 79 -55.70 -81.18 -98.82
C TYR N 79 -54.24 -81.62 -98.75
N ASP N 80 -53.42 -81.12 -99.69
CA ASP N 80 -52.00 -81.50 -99.90
C ASP N 80 -51.08 -80.77 -98.92
N THR N 81 -51.30 -79.48 -98.64
CA THR N 81 -50.32 -78.56 -97.98
C THR N 81 -50.73 -78.25 -96.54
N HIS N 82 -51.79 -78.88 -96.03
CA HIS N 82 -52.32 -78.66 -94.65
C HIS N 82 -51.23 -78.92 -93.62
N ASN N 83 -50.43 -79.99 -93.80
CA ASN N 83 -49.35 -80.39 -92.87
C ASN N 83 -48.21 -79.37 -92.92
N LEU N 84 -48.21 -78.47 -93.92
CA LEU N 84 -47.17 -77.41 -94.11
C LEU N 84 -47.68 -76.06 -93.60
N TYR N 85 -48.99 -75.90 -93.33
CA TYR N 85 -49.58 -74.57 -93.01
C TYR N 85 -48.88 -73.98 -91.78
N GLY N 86 -48.79 -74.76 -90.70
CA GLY N 86 -48.08 -74.38 -89.47
C GLY N 86 -46.65 -73.99 -89.78
N ALA N 87 -45.97 -74.76 -90.62
CA ALA N 87 -44.53 -74.62 -90.95
C ALA N 87 -44.28 -73.33 -91.73
N MET N 88 -45.16 -72.99 -92.68
CA MET N 88 -45.02 -71.80 -93.57
C MET N 88 -45.38 -70.52 -92.79
N MET N 89 -46.36 -70.56 -91.89
CA MET N 89 -46.62 -69.43 -90.97
C MET N 89 -45.36 -69.19 -90.12
N SER N 90 -44.78 -70.26 -89.56
CA SER N 90 -43.54 -70.23 -88.75
C SER N 90 -42.41 -69.57 -89.55
N SER N 91 -42.19 -70.00 -90.79
CA SER N 91 -41.18 -69.44 -91.73
C SER N 91 -41.43 -67.94 -91.93
N HIS N 92 -42.66 -67.54 -92.26
CA HIS N 92 -43.07 -66.14 -92.51
C HIS N 92 -42.88 -65.30 -91.24
N SER N 93 -43.18 -65.89 -90.06
CA SER N 93 -43.10 -65.24 -88.73
C SER N 93 -41.64 -64.99 -88.34
N HIS N 94 -40.75 -65.93 -88.68
CA HIS N 94 -39.29 -65.80 -88.48
C HIS N 94 -38.80 -64.61 -89.29
N ASN N 95 -39.13 -64.57 -90.58
CA ASN N 95 -38.67 -63.53 -91.53
C ASN N 95 -39.19 -62.16 -91.07
N ALA N 96 -40.42 -62.09 -90.57
CA ALA N 96 -41.03 -60.87 -89.98
C ALA N 96 -40.18 -60.43 -88.77
N MET N 97 -39.81 -61.36 -87.90
CA MET N 97 -39.05 -61.08 -86.65
C MET N 97 -37.63 -60.61 -86.99
N ARG N 98 -37.03 -61.13 -88.07
CA ARG N 98 -35.71 -60.69 -88.60
C ARG N 98 -35.84 -59.26 -89.18
N ALA N 99 -36.90 -58.97 -89.93
CA ALA N 99 -37.10 -57.66 -90.58
C ALA N 99 -37.06 -56.52 -89.55
N ARG N 100 -37.53 -56.77 -88.32
CA ARG N 100 -37.66 -55.72 -87.27
C ARG N 100 -36.42 -55.67 -86.38
N ARG N 101 -35.64 -56.76 -86.32
CA ARG N 101 -34.32 -56.82 -85.62
C ARG N 101 -33.36 -57.66 -86.46
N PRO N 102 -32.89 -57.14 -87.61
CA PRO N 102 -32.20 -57.96 -88.61
C PRO N 102 -30.82 -58.51 -88.21
N ASP N 103 -30.22 -57.97 -87.14
CA ASP N 103 -28.86 -58.35 -86.66
C ASP N 103 -28.96 -59.53 -85.68
N ASP N 104 -30.17 -59.83 -85.20
CA ASP N 104 -30.41 -60.75 -84.06
C ASP N 104 -30.96 -62.10 -84.56
N ARG N 105 -30.57 -63.17 -83.89
CA ARG N 105 -31.26 -64.49 -84.00
C ARG N 105 -32.71 -64.29 -83.53
N ALA N 106 -33.68 -64.71 -84.36
CA ALA N 106 -35.12 -64.63 -84.04
C ALA N 106 -35.52 -65.94 -83.34
N LEU N 107 -35.90 -65.84 -82.07
CA LEU N 107 -36.44 -66.98 -81.29
C LEU N 107 -37.96 -67.05 -81.55
N VAL N 108 -38.41 -68.14 -82.18
CA VAL N 108 -39.86 -68.38 -82.42
C VAL N 108 -40.22 -69.75 -81.83
N ILE N 109 -41.21 -69.75 -80.91
CA ILE N 109 -41.82 -70.96 -80.29
C ILE N 109 -43.16 -71.18 -80.99
N THR N 110 -43.24 -72.17 -81.88
CA THR N 110 -44.44 -72.47 -82.70
C THR N 110 -45.05 -73.82 -82.27
N ARG N 111 -46.36 -73.97 -82.43
CA ARG N 111 -47.06 -75.26 -82.16
C ARG N 111 -46.84 -76.19 -83.36
N SER N 112 -47.55 -75.99 -84.47
CA SER N 112 -47.56 -76.92 -85.64
C SER N 112 -46.29 -76.72 -86.47
N THR N 113 -45.67 -77.84 -86.88
CA THR N 113 -44.41 -77.90 -87.67
C THR N 113 -44.46 -79.09 -88.65
N PHE N 114 -43.64 -79.03 -89.71
CA PHE N 114 -43.35 -80.16 -90.63
C PHE N 114 -41.85 -80.41 -90.59
N ALA N 115 -41.41 -81.57 -91.09
CA ALA N 115 -39.98 -81.90 -91.29
C ALA N 115 -39.31 -80.71 -91.98
N GLY N 116 -38.14 -80.30 -91.53
CA GLY N 116 -37.38 -79.16 -92.10
C GLY N 116 -37.58 -77.87 -91.34
N SER N 117 -38.64 -77.76 -90.51
CA SER N 117 -39.04 -76.53 -89.78
C SER N 117 -37.95 -76.07 -88.80
N GLY N 118 -37.12 -77.01 -88.32
CA GLY N 118 -36.00 -76.73 -87.38
C GLY N 118 -35.05 -75.67 -87.90
N LYS N 119 -34.93 -75.54 -89.22
CA LYS N 119 -34.00 -74.56 -89.86
C LYS N 119 -34.43 -73.11 -89.54
N ASP N 120 -35.67 -72.85 -89.14
CA ASP N 120 -36.10 -71.45 -88.85
C ASP N 120 -37.02 -71.31 -87.63
N VAL N 121 -37.44 -72.38 -86.93
CA VAL N 121 -38.29 -72.25 -85.71
C VAL N 121 -38.03 -73.37 -84.70
N SER N 122 -38.32 -73.06 -83.44
CA SER N 122 -38.29 -73.96 -82.27
C SER N 122 -39.74 -74.33 -81.92
N HIS N 123 -39.94 -75.15 -80.90
CA HIS N 123 -41.25 -75.83 -80.64
C HIS N 123 -41.55 -75.87 -79.13
N TRP N 124 -42.84 -75.80 -78.78
CA TRP N 124 -43.37 -76.28 -77.48
C TRP N 124 -44.50 -77.27 -77.77
N LEU N 125 -44.73 -78.22 -76.85
CA LEU N 125 -45.47 -79.48 -77.12
C LEU N 125 -46.99 -79.31 -76.93
N GLY N 126 -47.45 -78.07 -76.77
CA GLY N 126 -48.86 -77.67 -76.87
C GLY N 126 -49.61 -77.83 -75.56
N ASP N 127 -50.92 -78.11 -75.65
CA ASP N 127 -51.87 -78.11 -74.51
C ASP N 127 -51.85 -79.47 -73.81
N ASN N 128 -50.86 -79.70 -72.94
CA ASN N 128 -50.81 -80.86 -72.02
C ASN N 128 -51.75 -80.57 -70.84
N VAL N 129 -51.77 -81.46 -69.85
CA VAL N 129 -52.61 -81.35 -68.62
C VAL N 129 -51.69 -81.49 -67.40
N SER N 130 -52.08 -80.91 -66.26
CA SER N 130 -51.37 -80.97 -64.96
C SER N 130 -51.53 -82.38 -64.36
N GLY N 131 -50.91 -83.39 -64.99
CA GLY N 131 -51.00 -84.80 -64.57
C GLY N 131 -49.68 -85.53 -64.72
N TRP N 132 -49.51 -86.60 -63.96
CA TRP N 132 -48.26 -87.40 -63.91
C TRP N 132 -47.96 -88.05 -65.28
N LEU N 133 -48.98 -88.39 -66.06
CA LEU N 133 -48.83 -89.02 -67.40
C LEU N 133 -48.07 -88.04 -68.33
N TRP N 134 -48.45 -86.76 -68.30
CA TRP N 134 -47.93 -85.71 -69.23
C TRP N 134 -46.47 -85.38 -68.88
N TYR N 135 -46.16 -85.31 -67.58
CA TYR N 135 -44.80 -85.18 -67.00
C TYR N 135 -43.91 -86.33 -67.51
N GLN N 136 -44.43 -87.56 -67.45
CA GLN N 136 -43.69 -88.80 -67.85
C GLN N 136 -43.39 -88.76 -69.36
N LEU N 137 -44.39 -88.48 -70.19
CA LEU N 137 -44.29 -88.57 -71.68
C LEU N 137 -43.50 -87.36 -72.23
N SER N 138 -43.23 -86.34 -71.42
CA SER N 138 -42.46 -85.13 -71.81
C SER N 138 -41.11 -85.53 -72.42
N ILE N 139 -40.45 -86.55 -71.88
CA ILE N 139 -39.08 -87.00 -72.28
C ILE N 139 -39.14 -87.68 -73.66
N SER N 140 -40.20 -88.44 -73.97
CA SER N 140 -40.40 -89.01 -75.33
C SER N 140 -40.48 -87.88 -76.35
N GLN N 141 -41.13 -86.78 -75.99
CA GLN N 141 -41.48 -85.68 -76.93
C GLN N 141 -40.24 -84.82 -77.20
N ILE N 142 -39.51 -84.38 -76.17
CA ILE N 142 -38.28 -83.54 -76.32
C ILE N 142 -37.24 -84.32 -77.14
N LEU N 143 -37.06 -85.61 -76.83
CA LEU N 143 -36.15 -86.55 -77.53
C LEU N 143 -36.55 -86.65 -79.02
N GLN N 144 -37.85 -86.80 -79.31
CA GLN N 144 -38.38 -86.78 -80.69
C GLN N 144 -37.85 -85.56 -81.43
N PHE N 145 -38.04 -84.38 -80.86
CA PHE N 145 -37.77 -83.08 -81.54
C PHE N 145 -36.26 -82.83 -81.58
N ALA N 146 -35.57 -82.97 -80.44
CA ALA N 146 -34.13 -82.66 -80.30
C ALA N 146 -33.27 -83.73 -80.99
N SER N 147 -33.60 -85.01 -80.82
CA SER N 147 -32.77 -86.17 -81.24
C SER N 147 -33.15 -86.66 -82.64
N LEU N 148 -34.39 -86.42 -83.10
CA LEU N 148 -34.91 -87.04 -84.35
C LEU N 148 -35.23 -85.95 -85.39
N TYR N 149 -35.99 -84.91 -85.03
CA TYR N 149 -36.67 -84.00 -85.99
C TYR N 149 -35.83 -82.75 -86.31
N GLN N 150 -34.66 -82.64 -85.69
CA GLN N 150 -33.72 -81.49 -85.84
C GLN N 150 -34.42 -80.19 -85.43
N ILE N 151 -35.18 -80.22 -84.34
CA ILE N 151 -35.67 -79.00 -83.64
C ILE N 151 -35.19 -79.11 -82.20
N PRO N 152 -33.96 -78.63 -81.90
CA PRO N 152 -33.33 -78.85 -80.60
C PRO N 152 -33.97 -78.10 -79.42
N VAL N 153 -34.53 -76.91 -79.67
CA VAL N 153 -35.19 -76.09 -78.61
C VAL N 153 -36.66 -76.53 -78.53
N VAL N 154 -36.99 -77.30 -77.48
CA VAL N 154 -38.30 -77.97 -77.33
C VAL N 154 -38.54 -78.22 -75.83
N GLY N 155 -39.79 -78.06 -75.43
CA GLY N 155 -40.27 -78.43 -74.09
C GLY N 155 -41.79 -78.35 -74.02
N PRO N 156 -42.42 -78.92 -72.97
CA PRO N 156 -43.85 -78.78 -72.76
C PRO N 156 -44.14 -77.58 -71.83
N ASP N 157 -45.42 -77.42 -71.46
CA ASP N 157 -45.84 -76.45 -70.42
C ASP N 157 -45.53 -77.09 -69.06
N VAL N 158 -44.47 -76.62 -68.39
CA VAL N 158 -44.03 -77.16 -67.07
C VAL N 158 -45.16 -76.93 -66.07
N CYS N 159 -45.47 -77.98 -65.28
CA CYS N 159 -46.58 -78.07 -64.30
C CYS N 159 -47.93 -78.23 -65.01
N GLY N 160 -47.94 -78.13 -66.35
CA GLY N 160 -49.06 -78.59 -67.19
C GLY N 160 -50.03 -77.46 -67.49
N PHE N 161 -50.51 -77.41 -68.73
CA PHE N 161 -51.47 -76.39 -69.24
C PHE N 161 -52.82 -76.61 -68.56
N GLY N 162 -53.56 -77.63 -69.00
CA GLY N 162 -54.91 -77.95 -68.48
C GLY N 162 -54.86 -78.39 -67.03
N GLY N 163 -55.98 -78.24 -66.30
CA GLY N 163 -56.17 -78.76 -64.94
C GLY N 163 -55.45 -77.92 -63.89
N ASN N 164 -55.70 -78.24 -62.62
CA ASN N 164 -55.03 -77.62 -61.44
C ASN N 164 -53.88 -78.54 -60.99
N VAL N 165 -52.64 -78.05 -61.08
CA VAL N 165 -51.43 -78.82 -60.67
C VAL N 165 -51.37 -78.89 -59.14
N THR N 166 -51.00 -80.05 -58.61
CA THR N 166 -50.70 -80.27 -57.17
C THR N 166 -49.30 -79.74 -56.86
N GLU N 167 -49.02 -79.51 -55.58
CA GLU N 167 -47.71 -79.04 -55.06
C GLU N 167 -46.59 -79.98 -55.55
N THR N 168 -46.74 -81.28 -55.28
CA THR N 168 -45.72 -82.32 -55.57
C THR N 168 -45.39 -82.33 -57.08
N LEU N 169 -46.39 -82.44 -57.95
CA LEU N 169 -46.21 -82.59 -59.43
C LEU N 169 -45.42 -81.40 -59.98
N CYS N 170 -45.75 -80.17 -59.56
CA CYS N 170 -45.13 -78.90 -60.05
C CYS N 170 -43.68 -78.82 -59.58
N ALA N 171 -43.40 -79.23 -58.34
CA ALA N 171 -42.02 -79.27 -57.75
C ALA N 171 -41.18 -80.25 -58.57
N ARG N 172 -41.72 -81.43 -58.85
CA ARG N 172 -41.09 -82.48 -59.68
C ARG N 172 -40.91 -81.95 -61.12
N TRP N 173 -41.90 -81.23 -61.65
CA TRP N 173 -41.87 -80.73 -63.05
C TRP N 173 -40.86 -79.58 -63.17
N ALA N 174 -40.65 -78.80 -62.10
CA ALA N 174 -39.70 -77.67 -62.05
C ALA N 174 -38.26 -78.18 -62.18
N THR N 175 -37.92 -79.29 -61.51
CA THR N 175 -36.55 -79.89 -61.55
C THR N 175 -36.37 -80.59 -62.90
N LEU N 176 -37.35 -81.35 -63.39
CA LEU N 176 -37.30 -82.02 -64.72
C LEU N 176 -37.22 -80.93 -65.81
N GLY N 177 -38.02 -79.87 -65.68
CA GLY N 177 -38.14 -78.77 -66.66
C GLY N 177 -36.83 -78.03 -66.85
N SER N 178 -35.97 -78.03 -65.82
CA SER N 178 -34.64 -77.37 -65.82
C SER N 178 -33.69 -78.08 -66.80
N PHE N 179 -34.05 -79.27 -67.32
CA PHE N 179 -33.24 -80.05 -68.27
C PHE N 179 -33.97 -80.21 -69.61
N TYR N 180 -34.95 -79.34 -69.87
CA TYR N 180 -35.54 -79.10 -71.22
C TYR N 180 -34.76 -77.98 -71.91
N THR N 181 -34.60 -78.06 -73.23
CA THR N 181 -33.91 -77.02 -74.04
C THR N 181 -34.78 -75.76 -74.08
N PHE N 182 -36.10 -75.94 -74.11
CA PHE N 182 -37.11 -74.88 -73.87
C PHE N 182 -37.75 -75.13 -72.52
N PHE N 183 -37.65 -74.17 -71.60
CA PHE N 183 -38.09 -74.29 -70.18
C PHE N 183 -39.10 -73.18 -69.90
N ARG N 184 -40.39 -73.50 -70.03
CA ARG N 184 -41.52 -72.56 -69.82
C ARG N 184 -42.59 -73.21 -68.95
N ASN N 185 -42.98 -72.50 -67.88
CA ASN N 185 -44.23 -72.72 -67.11
C ASN N 185 -45.34 -71.94 -67.82
N HIS N 186 -46.46 -72.61 -68.12
CA HIS N 186 -47.66 -72.02 -68.78
C HIS N 186 -48.89 -72.80 -68.33
N ALA N 187 -50.04 -72.13 -68.22
CA ALA N 187 -51.29 -72.69 -67.67
C ALA N 187 -52.51 -72.11 -68.39
N GLU N 188 -53.59 -72.90 -68.45
CA GLU N 188 -54.92 -72.53 -69.02
C GLU N 188 -55.58 -71.47 -68.14
N ILE N 189 -56.53 -70.71 -68.70
CA ILE N 189 -57.24 -69.59 -68.02
C ILE N 189 -57.97 -70.12 -66.77
N TYR N 190 -58.54 -71.32 -66.84
CA TYR N 190 -59.40 -71.92 -65.78
C TYR N 190 -58.52 -72.53 -64.67
N ALA N 191 -57.21 -72.64 -64.90
CA ALA N 191 -56.25 -73.25 -63.95
C ALA N 191 -55.91 -72.25 -62.84
N ASN N 192 -55.72 -72.75 -61.62
CA ASN N 192 -55.15 -71.97 -60.47
C ASN N 192 -53.75 -71.52 -60.84
N PRO N 193 -53.31 -70.31 -60.41
CA PRO N 193 -51.94 -69.87 -60.65
C PRO N 193 -50.93 -70.96 -60.22
N GLN N 194 -49.86 -71.16 -61.00
CA GLN N 194 -48.86 -72.22 -60.73
C GLN N 194 -47.44 -71.69 -60.96
N GLU N 195 -47.22 -70.39 -60.76
CA GLU N 195 -45.87 -69.78 -60.71
C GLU N 195 -45.07 -70.51 -59.61
N PHE N 196 -43.75 -70.60 -59.73
CA PHE N 196 -42.90 -71.40 -58.80
C PHE N 196 -43.00 -70.82 -57.39
N TYR N 197 -43.24 -69.51 -57.23
CA TYR N 197 -43.31 -68.81 -55.92
C TYR N 197 -44.64 -69.08 -55.20
N ARG N 198 -45.58 -69.82 -55.80
CA ARG N 198 -46.94 -70.06 -55.22
C ARG N 198 -46.88 -71.13 -54.13
N TRP N 199 -45.88 -72.01 -54.15
CA TRP N 199 -45.65 -73.05 -53.11
C TRP N 199 -44.19 -73.03 -52.65
N PRO N 200 -43.90 -73.09 -51.34
CA PRO N 200 -42.52 -73.10 -50.86
C PRO N 200 -41.69 -74.28 -51.39
N THR N 201 -42.29 -75.48 -51.45
CA THR N 201 -41.65 -76.70 -52.02
C THR N 201 -41.29 -76.46 -53.48
N VAL N 202 -42.24 -76.00 -54.30
CA VAL N 202 -42.03 -75.76 -55.76
C VAL N 202 -40.96 -74.67 -55.93
N ALA N 203 -41.04 -73.61 -55.12
CA ALA N 203 -40.10 -72.46 -55.12
C ALA N 203 -38.67 -72.95 -54.91
N GLN N 204 -38.44 -73.79 -53.89
CA GLN N 204 -37.10 -74.36 -53.60
C GLN N 204 -36.71 -75.30 -54.75
N ALA N 205 -37.63 -76.18 -55.19
CA ALA N 205 -37.41 -77.12 -56.32
C ALA N 205 -36.88 -76.35 -57.52
N ALA N 206 -37.46 -75.16 -57.78
CA ALA N 206 -37.11 -74.26 -58.90
C ALA N 206 -35.74 -73.62 -58.67
N ARG N 207 -35.44 -73.19 -57.44
CA ARG N 207 -34.12 -72.58 -57.10
C ARG N 207 -33.02 -73.60 -57.43
N ASN N 208 -33.21 -74.86 -57.03
CA ASN N 208 -32.24 -75.97 -57.25
C ASN N 208 -32.09 -76.24 -58.75
N GLY N 209 -33.21 -76.55 -59.42
CA GLY N 209 -33.21 -76.86 -60.86
C GLY N 209 -32.55 -75.77 -61.68
N ILE N 210 -32.99 -74.52 -61.51
CA ILE N 210 -32.55 -73.36 -62.33
C ILE N 210 -31.07 -73.10 -62.05
N SER N 211 -30.61 -73.24 -60.80
CA SER N 211 -29.20 -73.06 -60.41
C SER N 211 -28.31 -74.04 -61.19
N ILE N 212 -28.69 -75.31 -61.24
CA ILE N 212 -27.97 -76.38 -62.02
C ILE N 212 -28.02 -76.00 -63.50
N ARG N 213 -29.22 -75.73 -64.04
CA ARG N 213 -29.45 -75.33 -65.45
C ARG N 213 -28.51 -74.17 -65.85
N TYR N 214 -28.42 -73.14 -65.00
CA TYR N 214 -27.66 -71.89 -65.30
C TYR N 214 -26.15 -72.18 -65.21
N GLN N 215 -25.72 -72.98 -64.23
CA GLN N 215 -24.33 -73.51 -64.17
C GLN N 215 -23.99 -74.20 -65.50
N LEU N 216 -24.95 -74.96 -66.07
CA LEU N 216 -24.75 -75.72 -67.35
C LEU N 216 -25.28 -74.94 -68.57
N LEU N 217 -25.55 -73.64 -68.47
CA LEU N 217 -26.23 -72.91 -69.59
C LEU N 217 -25.29 -72.86 -70.81
N ASP N 218 -24.01 -72.53 -70.61
CA ASP N 218 -22.99 -72.48 -71.69
C ASP N 218 -22.77 -73.89 -72.23
N TYR N 219 -22.87 -74.91 -71.37
CA TYR N 219 -22.74 -76.34 -71.74
C TYR N 219 -23.80 -76.69 -72.79
N ILE N 220 -25.08 -76.40 -72.52
CA ILE N 220 -26.22 -76.73 -73.43
C ILE N 220 -26.23 -75.74 -74.59
N TYR N 221 -25.89 -74.48 -74.36
CA TYR N 221 -25.69 -73.47 -75.43
C TYR N 221 -24.71 -74.01 -76.47
N THR N 222 -23.60 -74.59 -76.01
CA THR N 222 -22.53 -75.19 -76.84
C THR N 222 -23.07 -76.43 -77.56
N ALA N 223 -23.80 -77.30 -76.85
CA ALA N 223 -24.53 -78.46 -77.42
C ALA N 223 -25.39 -78.00 -78.60
N ILE N 224 -26.17 -76.93 -78.41
CA ILE N 224 -27.16 -76.43 -79.42
C ILE N 224 -26.38 -75.83 -80.61
N TYR N 225 -25.24 -75.18 -80.36
CA TYR N 225 -24.36 -74.63 -81.42
C TYR N 225 -23.84 -75.76 -82.31
N LYS N 226 -23.35 -76.85 -81.70
CA LYS N 226 -22.79 -78.01 -82.44
C LYS N 226 -23.88 -78.64 -83.31
N GLN N 227 -25.13 -78.72 -82.81
CA GLN N 227 -26.27 -79.23 -83.60
C GLN N 227 -26.54 -78.29 -84.78
N ASN N 228 -26.45 -76.98 -84.53
CA ASN N 228 -26.48 -75.93 -85.59
C ASN N 228 -25.35 -76.21 -86.60
N GLN N 229 -24.18 -76.68 -86.14
CA GLN N 229 -22.98 -76.86 -87.00
C GLN N 229 -23.04 -78.17 -87.80
N THR N 230 -23.44 -79.29 -87.18
CA THR N 230 -23.38 -80.66 -87.78
C THR N 230 -24.70 -81.44 -87.72
N GLY N 231 -25.60 -81.10 -86.79
CA GLY N 231 -26.85 -81.85 -86.56
C GLY N 231 -26.71 -82.87 -85.44
N THR N 232 -25.52 -83.04 -84.84
CA THR N 232 -25.30 -83.88 -83.63
C THR N 232 -26.17 -83.34 -82.50
N PRO N 233 -27.11 -84.14 -81.94
CA PRO N 233 -28.17 -83.60 -81.09
C PRO N 233 -27.72 -83.07 -79.73
N ALA N 234 -28.40 -82.02 -79.24
CA ALA N 234 -28.18 -81.36 -77.93
C ALA N 234 -28.91 -82.11 -76.81
N LEU N 235 -29.88 -82.98 -77.14
CA LEU N 235 -30.45 -84.00 -76.21
C LEU N 235 -30.26 -85.38 -76.85
N ASN N 236 -30.00 -86.40 -76.04
CA ASN N 236 -29.66 -87.76 -76.53
C ASN N 236 -30.38 -88.83 -75.71
N PRO N 237 -31.10 -89.76 -76.37
CA PRO N 237 -31.53 -91.00 -75.72
C PRO N 237 -30.29 -91.73 -75.19
N LEU N 238 -30.46 -92.58 -74.17
CA LEU N 238 -29.35 -93.37 -73.60
C LEU N 238 -28.73 -94.27 -74.69
N PHE N 239 -29.53 -94.78 -75.64
CA PHE N 239 -29.04 -95.71 -76.71
C PHE N 239 -28.14 -94.96 -77.69
N PHE N 240 -28.20 -93.63 -77.76
CA PHE N 240 -27.28 -92.81 -78.61
C PHE N 240 -25.84 -92.92 -78.08
N ASN N 241 -25.67 -92.94 -76.75
CA ASN N 241 -24.34 -93.06 -76.08
C ASN N 241 -23.96 -94.53 -75.92
N TYR N 242 -24.93 -95.45 -75.80
CA TYR N 242 -24.72 -96.90 -75.57
C TYR N 242 -25.51 -97.73 -76.59
N PRO N 243 -25.16 -97.62 -77.89
CA PRO N 243 -25.91 -98.32 -78.95
C PRO N 243 -25.86 -99.85 -78.91
N ASN N 244 -24.85 -100.44 -78.27
CA ASN N 244 -24.63 -101.92 -78.20
C ASN N 244 -25.25 -102.51 -76.93
N ASP N 245 -25.96 -101.70 -76.13
CA ASP N 245 -26.63 -102.13 -74.87
C ASP N 245 -28.14 -102.14 -75.07
N PRO N 246 -28.76 -103.32 -75.36
CA PRO N 246 -30.21 -103.40 -75.58
C PRO N 246 -31.12 -102.93 -74.43
N ASN N 247 -30.60 -102.88 -73.20
CA ASN N 247 -31.36 -102.42 -72.01
C ASN N 247 -31.81 -100.96 -72.21
N THR N 248 -31.05 -100.16 -72.98
CA THR N 248 -31.29 -98.71 -73.20
C THR N 248 -32.35 -98.46 -74.29
N TYR N 249 -32.55 -99.38 -75.23
CA TYR N 249 -33.31 -99.14 -76.49
C TYR N 249 -34.70 -98.58 -76.18
N PRO N 250 -35.49 -99.17 -75.26
CA PRO N 250 -36.83 -98.67 -74.96
C PRO N 250 -36.96 -97.60 -73.86
N ILE N 251 -35.84 -97.15 -73.27
CA ILE N 251 -35.87 -96.24 -72.09
C ILE N 251 -36.27 -94.85 -72.55
N ASP N 252 -37.32 -94.28 -71.94
CA ASP N 252 -37.76 -92.89 -72.20
C ASP N 252 -38.14 -92.18 -70.89
N LEU N 253 -37.72 -92.69 -69.73
CA LEU N 253 -37.90 -92.05 -68.40
C LEU N 253 -36.55 -91.53 -67.87
N GLN N 254 -35.48 -91.66 -68.67
CA GLN N 254 -34.19 -90.95 -68.51
C GLN N 254 -33.76 -90.39 -69.86
N PHE N 255 -32.83 -89.43 -69.86
CA PHE N 255 -32.22 -88.88 -71.10
C PHE N 255 -30.91 -88.16 -70.76
N PHE N 256 -30.06 -87.98 -71.78
CA PHE N 256 -28.86 -87.12 -71.71
C PHE N 256 -29.22 -85.71 -72.16
N TYR N 257 -29.02 -84.74 -71.26
CA TYR N 257 -28.99 -83.28 -71.50
C TYR N 257 -27.59 -82.93 -72.02
N GLY N 258 -27.49 -82.50 -73.27
CA GLY N 258 -26.20 -82.50 -73.99
C GLY N 258 -25.75 -83.94 -74.21
N ASP N 259 -24.45 -84.20 -74.15
CA ASP N 259 -23.84 -85.54 -74.43
C ASP N 259 -23.64 -86.32 -73.12
N GLY N 260 -23.59 -85.63 -71.97
CA GLY N 260 -22.97 -86.13 -70.74
C GLY N 260 -23.89 -86.16 -69.53
N ILE N 261 -24.80 -85.20 -69.37
CA ILE N 261 -25.61 -85.04 -68.13
C ILE N 261 -26.80 -86.00 -68.18
N LEU N 262 -26.74 -87.08 -67.39
CA LEU N 262 -27.80 -88.11 -67.25
C LEU N 262 -28.86 -87.55 -66.31
N VAL N 263 -30.10 -87.44 -66.80
CA VAL N 263 -31.28 -86.89 -66.05
C VAL N 263 -32.20 -88.07 -65.71
N SER N 264 -32.32 -88.39 -64.42
CA SER N 264 -33.10 -89.54 -63.89
C SER N 264 -34.13 -89.03 -62.89
N PRO N 265 -35.26 -88.45 -63.35
CA PRO N 265 -36.26 -87.88 -62.44
C PRO N 265 -37.08 -89.00 -61.77
N VAL N 266 -37.63 -88.70 -60.58
CA VAL N 266 -38.71 -89.51 -59.94
C VAL N 266 -39.95 -89.39 -60.83
N THR N 267 -40.45 -90.52 -61.34
CA THR N 267 -41.55 -90.57 -62.35
C THR N 267 -42.86 -91.00 -61.69
N GLU N 268 -42.82 -91.64 -60.51
CA GLU N 268 -43.99 -92.18 -59.77
C GLU N 268 -44.71 -91.05 -59.01
N GLU N 269 -46.04 -91.07 -59.05
CA GLU N 269 -46.94 -90.12 -58.33
C GLU N 269 -46.72 -90.24 -56.82
N ASN N 270 -46.53 -89.10 -56.15
CA ASN N 270 -46.38 -88.98 -54.67
C ASN N 270 -45.43 -90.07 -54.16
N SER N 271 -44.17 -90.00 -54.60
CA SER N 271 -43.08 -90.97 -54.27
C SER N 271 -41.75 -90.23 -54.17
N THR N 272 -40.86 -90.70 -53.29
CA THR N 272 -39.50 -90.13 -53.05
C THR N 272 -38.43 -91.16 -53.48
N SER N 273 -38.84 -92.22 -54.20
CA SER N 273 -37.94 -93.28 -54.73
C SER N 273 -37.95 -93.25 -56.27
N VAL N 274 -36.87 -93.74 -56.88
CA VAL N 274 -36.74 -93.92 -58.35
C VAL N 274 -35.88 -95.17 -58.61
N THR N 275 -36.32 -96.01 -59.54
CA THR N 275 -35.51 -97.08 -60.17
C THR N 275 -35.11 -96.58 -61.57
N PHE N 276 -33.82 -96.53 -61.85
CA PHE N 276 -33.23 -95.92 -63.08
C PHE N 276 -32.01 -96.72 -63.51
N TYR N 277 -31.75 -96.76 -64.81
CA TYR N 277 -30.69 -97.57 -65.44
C TYR N 277 -29.38 -96.77 -65.43
N LEU N 278 -28.27 -97.41 -65.05
CA LEU N 278 -26.90 -96.88 -65.27
C LEU N 278 -26.20 -97.81 -66.24
N PRO N 279 -25.92 -97.35 -67.48
CA PRO N 279 -25.10 -98.11 -68.44
C PRO N 279 -23.77 -98.61 -67.84
N ASP N 280 -23.13 -99.58 -68.51
CA ASP N 280 -21.80 -100.11 -68.14
C ASP N 280 -20.74 -99.05 -68.47
N ASP N 281 -20.45 -98.18 -67.49
CA ASP N 281 -19.61 -96.96 -67.65
C ASP N 281 -19.43 -96.31 -66.27
N ILE N 282 -18.42 -95.44 -66.14
CA ILE N 282 -18.20 -94.62 -64.92
C ILE N 282 -19.06 -93.37 -65.01
N PHE N 283 -19.84 -93.10 -63.96
CA PHE N 283 -20.64 -91.85 -63.76
C PHE N 283 -20.18 -91.20 -62.46
N TYR N 284 -20.51 -89.92 -62.27
CA TYR N 284 -20.21 -89.13 -61.05
C TYR N 284 -21.47 -88.34 -60.66
N GLU N 285 -21.89 -88.46 -59.39
CA GLU N 285 -23.02 -87.71 -58.82
C GLU N 285 -22.81 -86.22 -59.08
N TRP N 286 -23.87 -85.50 -59.49
CA TRP N 286 -23.87 -84.02 -59.52
C TRP N 286 -23.65 -83.50 -58.09
N GLY N 287 -22.98 -82.34 -57.96
CA GLY N 287 -22.77 -81.65 -56.67
C GLY N 287 -21.57 -82.21 -55.93
N THR N 288 -21.74 -83.37 -55.28
CA THR N 288 -20.66 -84.13 -54.60
C THR N 288 -19.54 -84.45 -55.61
N GLY N 289 -19.92 -84.94 -56.80
CA GLY N 289 -18.97 -85.42 -57.83
C GLY N 289 -18.51 -86.85 -57.54
N LYS N 290 -19.15 -87.52 -56.57
CA LYS N 290 -18.76 -88.86 -56.06
C LYS N 290 -18.85 -89.88 -57.20
N PRO N 291 -17.77 -90.62 -57.52
CA PRO N 291 -17.85 -91.66 -58.54
C PRO N 291 -18.99 -92.65 -58.25
N VAL N 292 -19.67 -93.10 -59.31
CA VAL N 292 -20.70 -94.18 -59.27
C VAL N 292 -20.48 -95.04 -60.52
N ARG N 293 -20.01 -96.27 -60.34
CA ARG N 293 -19.72 -97.21 -61.45
C ARG N 293 -21.04 -97.89 -61.85
N GLY N 294 -21.55 -97.58 -63.03
CA GLY N 294 -22.68 -98.30 -63.65
C GLY N 294 -22.25 -99.68 -64.13
N GLN N 295 -23.12 -100.68 -63.97
CA GLN N 295 -22.84 -102.10 -64.31
C GLN N 295 -23.71 -102.54 -65.50
N GLY N 296 -24.47 -101.63 -66.11
CA GLY N 296 -25.51 -101.95 -67.11
C GLY N 296 -26.67 -102.66 -66.46
N GLU N 297 -27.13 -102.14 -65.32
CA GLU N 297 -28.23 -102.72 -64.48
C GLU N 297 -29.06 -101.58 -63.89
N TYR N 298 -30.36 -101.81 -63.69
CA TYR N 298 -31.24 -100.88 -62.94
C TYR N 298 -30.77 -100.81 -61.49
N VAL N 299 -30.73 -99.58 -60.95
CA VAL N 299 -30.32 -99.23 -59.56
C VAL N 299 -31.47 -98.45 -58.92
N SER N 300 -31.65 -98.56 -57.61
CA SER N 300 -32.71 -97.87 -56.83
C SER N 300 -32.08 -96.82 -55.91
N LEU N 301 -32.78 -95.71 -55.71
CA LEU N 301 -32.35 -94.55 -54.90
C LEU N 301 -33.58 -94.01 -54.16
N ASP N 302 -33.54 -93.95 -52.83
CA ASP N 302 -34.69 -93.62 -51.95
C ASP N 302 -34.49 -92.23 -51.33
N ASN N 303 -35.56 -91.66 -50.78
CA ASN N 303 -35.55 -90.41 -49.99
C ASN N 303 -35.02 -89.26 -50.85
N ILE N 304 -35.54 -89.13 -52.06
CA ILE N 304 -35.34 -87.96 -52.97
C ILE N 304 -36.49 -86.98 -52.72
N ASP N 305 -36.22 -85.86 -52.06
CA ASP N 305 -37.23 -84.84 -51.68
C ASP N 305 -37.82 -84.23 -52.97
N TYR N 306 -39.06 -83.75 -52.90
CA TYR N 306 -39.82 -83.17 -54.04
C TYR N 306 -39.10 -81.91 -54.58
N THR N 307 -38.07 -81.43 -53.88
CA THR N 307 -37.23 -80.27 -54.30
C THR N 307 -36.01 -80.74 -55.10
N ASP N 308 -35.70 -82.04 -55.06
CA ASP N 308 -34.41 -82.60 -55.57
C ASP N 308 -34.66 -83.44 -56.83
N ILE N 309 -33.56 -83.81 -57.49
CA ILE N 309 -33.57 -84.63 -58.75
C ILE N 309 -32.20 -85.30 -58.88
N THR N 310 -32.17 -86.55 -59.36
CA THR N 310 -30.95 -87.36 -59.59
C THR N 310 -30.30 -86.96 -60.92
N ILE N 311 -29.07 -86.47 -60.86
CA ILE N 311 -28.25 -86.04 -62.04
C ILE N 311 -26.85 -86.64 -61.89
N HIS N 312 -26.31 -87.23 -62.98
CA HIS N 312 -24.92 -87.74 -63.06
C HIS N 312 -24.20 -87.09 -64.24
N TYR N 313 -22.88 -86.87 -64.09
CA TYR N 313 -21.93 -86.64 -65.20
C TYR N 313 -21.56 -87.99 -65.82
N LYS N 314 -21.63 -88.12 -67.15
CA LYS N 314 -21.05 -89.29 -67.87
C LYS N 314 -19.53 -89.11 -67.85
N GLY N 315 -18.79 -90.20 -67.59
CA GLY N 315 -17.33 -90.25 -67.73
C GLY N 315 -16.90 -90.01 -69.17
N GLY N 316 -15.69 -89.48 -69.36
CA GLY N 316 -15.05 -89.26 -70.67
C GLY N 316 -15.25 -87.83 -71.17
N ILE N 317 -15.85 -86.96 -70.36
CA ILE N 317 -16.29 -85.60 -70.79
C ILE N 317 -15.75 -84.54 -69.81
N VAL N 318 -15.42 -83.37 -70.36
CA VAL N 318 -15.12 -82.10 -69.62
C VAL N 318 -16.38 -81.24 -69.69
N TYR N 319 -16.87 -80.75 -68.56
CA TYR N 319 -18.12 -79.96 -68.45
C TYR N 319 -17.77 -78.52 -68.09
N PRO N 320 -17.90 -77.56 -69.04
CA PRO N 320 -17.61 -76.16 -68.76
C PRO N 320 -18.81 -75.47 -68.08
N GLN N 321 -18.69 -75.23 -66.77
CA GLN N 321 -19.78 -74.70 -65.92
C GLN N 321 -19.43 -73.28 -65.47
N ARG N 322 -20.41 -72.38 -65.48
CA ARG N 322 -20.33 -71.07 -64.78
C ARG N 322 -20.19 -71.41 -63.29
N ILE N 323 -19.21 -70.81 -62.61
CA ILE N 323 -18.82 -71.24 -61.23
C ILE N 323 -20.01 -71.04 -60.28
N GLU N 324 -20.88 -70.06 -60.54
CA GLU N 324 -22.15 -69.83 -59.79
C GLU N 324 -23.32 -69.70 -60.76
N SER N 325 -24.55 -69.87 -60.26
CA SER N 325 -25.79 -69.41 -60.91
C SER N 325 -26.02 -67.93 -60.58
N ALA N 326 -26.99 -67.30 -61.26
CA ALA N 326 -27.36 -65.87 -61.11
C ALA N 326 -28.83 -65.70 -61.49
N ASN N 327 -29.41 -64.54 -61.20
CA ASN N 327 -30.88 -64.29 -61.33
C ASN N 327 -31.23 -63.95 -62.79
N THR N 328 -30.29 -63.41 -63.57
CA THR N 328 -30.44 -63.14 -65.03
C THR N 328 -29.26 -63.75 -65.80
N THR N 329 -29.43 -64.09 -67.08
CA THR N 329 -28.34 -64.64 -67.94
C THR N 329 -27.33 -63.52 -68.24
N THR N 330 -27.76 -62.26 -68.20
CA THR N 330 -26.86 -61.07 -68.34
C THR N 330 -25.86 -61.07 -67.18
N ALA N 331 -26.33 -61.41 -65.97
CA ALA N 331 -25.49 -61.51 -64.76
C ALA N 331 -24.65 -62.80 -64.82
N LEU N 332 -25.26 -63.91 -65.26
CA LEU N 332 -24.60 -65.23 -65.40
C LEU N 332 -23.33 -65.10 -66.25
N ARG N 333 -23.38 -64.30 -67.32
CA ARG N 333 -22.28 -64.16 -68.33
C ARG N 333 -21.06 -63.47 -67.69
N GLN N 334 -21.22 -62.81 -66.55
CA GLN N 334 -20.12 -62.11 -65.80
C GLN N 334 -19.54 -63.02 -64.71
N LYS N 335 -20.03 -64.26 -64.58
CA LYS N 335 -19.51 -65.29 -63.64
C LYS N 335 -18.39 -66.08 -64.33
N GLY N 336 -17.29 -66.36 -63.61
CA GLY N 336 -16.15 -67.16 -64.08
C GLY N 336 -16.54 -68.61 -64.27
N PHE N 337 -15.60 -69.45 -64.71
CA PHE N 337 -15.87 -70.87 -65.07
C PHE N 337 -15.28 -71.83 -64.03
N ASN N 338 -16.02 -72.90 -63.77
CA ASN N 338 -15.59 -74.14 -63.07
C ASN N 338 -15.54 -75.26 -64.12
N ILE N 339 -14.35 -75.58 -64.64
CA ILE N 339 -14.17 -76.65 -65.67
C ILE N 339 -14.16 -77.99 -64.94
N VAL N 340 -15.22 -78.78 -65.08
CA VAL N 340 -15.44 -80.06 -64.35
C VAL N 340 -14.97 -81.21 -65.26
N VAL N 341 -13.84 -81.82 -64.88
CA VAL N 341 -13.22 -82.98 -65.58
C VAL N 341 -13.82 -84.26 -64.98
N ALA N 342 -14.53 -85.03 -65.80
CA ALA N 342 -15.12 -86.34 -65.45
C ALA N 342 -14.41 -87.42 -66.26
N PRO N 343 -13.29 -87.99 -65.74
CA PRO N 343 -12.50 -88.95 -66.51
C PRO N 343 -13.29 -90.20 -66.91
N GLY N 344 -13.06 -90.70 -68.13
CA GLY N 344 -13.63 -91.96 -68.62
C GLY N 344 -12.95 -93.15 -67.96
N LEU N 345 -13.28 -94.37 -68.40
CA LEU N 345 -12.64 -95.62 -67.90
C LEU N 345 -11.17 -95.67 -68.32
N ASP N 346 -10.79 -94.89 -69.35
CA ASP N 346 -9.41 -94.81 -69.90
C ASP N 346 -8.63 -93.65 -69.23
N GLY N 347 -9.23 -92.97 -68.25
CA GLY N 347 -8.60 -91.87 -67.48
C GLY N 347 -8.62 -90.54 -68.23
N ARG N 348 -9.19 -90.49 -69.43
CA ARG N 348 -9.22 -89.30 -70.32
C ARG N 348 -10.59 -88.63 -70.25
N ALA N 349 -10.66 -87.37 -70.68
CA ALA N 349 -11.92 -86.60 -70.79
C ALA N 349 -11.77 -85.57 -71.92
N GLU N 350 -12.83 -85.38 -72.70
CA GLU N 350 -12.91 -84.41 -73.81
C GLU N 350 -14.18 -83.58 -73.63
N GLY N 351 -14.16 -82.33 -74.08
CA GLY N 351 -15.30 -81.41 -73.93
C GLY N 351 -15.02 -80.08 -74.60
N SER N 352 -16.08 -79.41 -75.06
CA SER N 352 -16.03 -78.12 -75.79
C SER N 352 -16.80 -77.05 -75.01
N LEU N 353 -16.44 -75.79 -75.27
CA LEU N 353 -17.10 -74.58 -74.72
C LEU N 353 -17.14 -73.53 -75.84
N TYR N 354 -18.34 -73.07 -76.20
CA TYR N 354 -18.59 -72.04 -77.24
C TYR N 354 -18.96 -70.73 -76.54
N LEU N 355 -18.27 -69.63 -76.89
CA LEU N 355 -18.51 -68.27 -76.35
C LEU N 355 -18.69 -67.30 -77.53
N ASP N 356 -19.69 -66.42 -77.46
CA ASP N 356 -19.98 -65.37 -78.46
C ASP N 356 -20.86 -64.29 -77.79
N ASP N 357 -21.38 -63.33 -78.56
CA ASP N 357 -22.08 -62.13 -78.00
C ASP N 357 -23.48 -62.54 -77.54
N GLY N 358 -23.95 -63.75 -77.91
CA GLY N 358 -25.14 -64.41 -77.35
C GLY N 358 -26.43 -64.09 -78.09
N VAL N 359 -26.39 -63.18 -79.08
CA VAL N 359 -27.59 -62.54 -79.69
C VAL N 359 -27.49 -62.49 -81.22
N SER N 360 -26.36 -62.08 -81.78
CA SER N 360 -26.18 -61.80 -83.24
C SER N 360 -26.29 -63.09 -84.07
N VAL N 361 -26.96 -63.00 -85.21
CA VAL N 361 -27.17 -64.17 -86.13
C VAL N 361 -25.82 -64.54 -86.75
N VAL N 362 -25.04 -63.53 -87.17
CA VAL N 362 -23.63 -63.67 -87.64
C VAL N 362 -22.73 -62.91 -86.66
N GLN N 363 -21.90 -63.65 -85.91
CA GLN N 363 -20.99 -63.11 -84.87
C GLN N 363 -19.82 -62.39 -85.53
N ASP N 364 -19.33 -61.32 -84.90
CA ASP N 364 -18.03 -60.68 -85.26
C ASP N 364 -16.89 -61.59 -84.79
N THR N 365 -16.93 -62.02 -83.52
CA THR N 365 -15.87 -62.83 -82.85
C THR N 365 -16.53 -63.96 -82.08
N VAL N 366 -15.93 -65.16 -82.15
CA VAL N 366 -16.38 -66.39 -81.43
C VAL N 366 -15.15 -67.06 -80.81
N SER N 367 -15.36 -67.86 -79.78
CA SER N 367 -14.34 -68.76 -79.16
C SER N 367 -14.87 -70.20 -79.19
N GLU N 368 -14.49 -70.98 -80.19
CA GLU N 368 -14.72 -72.44 -80.25
C GLU N 368 -13.56 -73.14 -79.52
N ILE N 369 -13.76 -73.49 -78.24
CA ILE N 369 -12.68 -73.97 -77.32
C ILE N 369 -12.84 -75.48 -77.14
N ASP N 370 -11.74 -76.23 -77.24
CA ASP N 370 -11.70 -77.70 -77.01
C ASP N 370 -10.84 -77.97 -75.79
N PHE N 371 -11.37 -78.75 -74.83
CA PHE N 371 -10.65 -79.23 -73.62
C PHE N 371 -10.34 -80.72 -73.80
N VAL N 372 -9.07 -81.09 -73.56
CA VAL N 372 -8.62 -82.52 -73.47
C VAL N 372 -7.86 -82.67 -72.15
N TYR N 373 -8.26 -83.64 -71.33
CA TYR N 373 -7.57 -84.03 -70.07
C TYR N 373 -7.07 -85.47 -70.22
N GLU N 374 -5.75 -85.64 -70.06
CA GLU N 374 -5.08 -86.95 -69.86
C GLU N 374 -3.77 -86.72 -69.12
N ASN N 375 -3.35 -87.68 -68.29
CA ASN N 375 -2.06 -87.65 -67.55
C ASN N 375 -2.02 -86.37 -66.70
N GLY N 376 -3.05 -86.16 -65.88
CA GLY N 376 -3.16 -85.09 -64.87
C GLY N 376 -3.08 -83.69 -65.45
N LYS N 377 -3.35 -83.53 -66.75
CA LYS N 377 -3.10 -82.26 -67.50
C LYS N 377 -4.35 -81.89 -68.32
N LEU N 378 -4.82 -80.65 -68.20
CA LEU N 378 -5.96 -80.10 -68.99
C LEU N 378 -5.41 -79.19 -70.08
N THR N 379 -5.51 -79.63 -71.34
CA THR N 379 -5.07 -78.87 -72.54
C THR N 379 -6.28 -78.13 -73.13
N MET N 380 -6.14 -76.82 -73.34
CA MET N 380 -7.22 -75.93 -73.86
C MET N 380 -6.76 -75.42 -75.23
N THR N 381 -7.39 -75.88 -76.32
CA THR N 381 -7.05 -75.53 -77.72
C THR N 381 -8.28 -74.94 -78.40
N GLY N 382 -8.11 -74.49 -79.65
CA GLY N 382 -9.20 -73.96 -80.50
C GLY N 382 -9.08 -72.46 -80.69
N SER N 383 -10.22 -71.77 -80.73
CA SER N 383 -10.32 -70.30 -80.99
C SER N 383 -10.65 -69.54 -79.70
N PHE N 384 -10.21 -68.28 -79.60
CA PHE N 384 -10.36 -67.43 -78.38
C PHE N 384 -10.57 -65.97 -78.79
N GLU N 385 -11.30 -65.74 -79.89
CA GLU N 385 -11.46 -64.40 -80.50
C GLU N 385 -12.49 -63.57 -79.71
N TYR N 386 -13.43 -64.21 -79.02
CA TYR N 386 -14.48 -63.50 -78.23
C TYR N 386 -13.89 -63.02 -76.89
N GLU N 387 -13.90 -61.71 -76.66
CA GLU N 387 -13.51 -61.07 -75.37
C GLU N 387 -14.64 -61.27 -74.35
N ALA N 388 -14.49 -62.25 -73.46
CA ALA N 388 -15.54 -62.70 -72.52
C ALA N 388 -15.55 -61.81 -71.26
N GLY N 389 -14.42 -61.18 -70.93
CA GLY N 389 -14.25 -60.37 -69.71
C GLY N 389 -14.33 -61.22 -68.45
N VAL N 390 -14.20 -62.54 -68.59
CA VAL N 390 -14.13 -63.53 -67.47
C VAL N 390 -13.22 -64.67 -67.94
N GLY N 391 -12.66 -65.43 -67.00
CA GLY N 391 -11.80 -66.60 -67.28
C GLY N 391 -12.19 -67.78 -66.43
N ILE N 392 -11.36 -68.83 -66.42
CA ILE N 392 -11.53 -70.03 -65.55
C ILE N 392 -10.98 -69.67 -64.17
N GLU N 393 -11.76 -69.97 -63.13
CA GLU N 393 -11.43 -69.67 -61.70
C GLU N 393 -11.12 -70.97 -60.97
N THR N 394 -11.68 -72.09 -61.43
CA THR N 394 -11.45 -73.42 -60.82
C THR N 394 -11.42 -74.49 -61.92
N ILE N 395 -10.64 -75.54 -61.69
CA ILE N 395 -10.60 -76.80 -62.49
C ILE N 395 -10.84 -77.96 -61.52
N THR N 396 -11.98 -78.64 -61.66
CA THR N 396 -12.45 -79.74 -60.78
C THR N 396 -12.17 -81.07 -61.50
N VAL N 397 -11.31 -81.91 -60.92
CA VAL N 397 -11.01 -83.27 -61.44
C VAL N 397 -11.70 -84.29 -60.52
N LEU N 398 -12.61 -85.09 -61.07
CA LEU N 398 -13.35 -86.13 -60.34
C LEU N 398 -12.55 -87.44 -60.42
N GLY N 399 -12.86 -88.40 -59.54
CA GLY N 399 -12.26 -89.75 -59.57
C GLY N 399 -10.81 -89.75 -59.12
N VAL N 400 -10.37 -88.74 -58.38
CA VAL N 400 -8.99 -88.69 -57.78
C VAL N 400 -9.01 -89.57 -56.53
N GLU N 401 -8.43 -90.77 -56.62
CA GLU N 401 -8.57 -91.85 -55.61
C GLU N 401 -7.86 -91.47 -54.30
N SER N 402 -6.71 -90.78 -54.37
CA SER N 402 -5.87 -90.41 -53.20
C SER N 402 -5.40 -88.94 -53.32
N LYS N 403 -5.25 -88.28 -52.17
CA LYS N 403 -4.80 -86.87 -52.02
C LYS N 403 -3.46 -86.67 -52.69
N PRO N 404 -3.26 -85.59 -53.50
CA PRO N 404 -1.94 -85.26 -54.04
C PRO N 404 -0.97 -84.77 -52.96
N GLU N 405 0.33 -85.02 -53.17
CA GLU N 405 1.44 -84.65 -52.25
C GLU N 405 1.46 -83.13 -52.06
N GLY N 406 1.52 -82.37 -53.16
CA GLY N 406 1.59 -80.89 -53.17
C GLY N 406 0.27 -80.27 -52.72
N ASP N 407 0.34 -79.29 -51.81
CA ASP N 407 -0.82 -78.57 -51.22
C ASP N 407 -0.85 -77.13 -51.75
N GLU N 408 -0.56 -76.94 -53.04
CA GLU N 408 -0.48 -75.61 -53.70
C GLU N 408 -1.73 -75.40 -54.54
N ASP N 409 -2.58 -74.44 -54.14
CA ASP N 409 -3.76 -73.94 -54.91
C ASP N 409 -4.82 -75.05 -55.07
N VAL N 410 -4.79 -76.09 -54.23
CA VAL N 410 -5.60 -77.34 -54.43
C VAL N 410 -6.29 -77.72 -53.11
N GLU N 411 -7.57 -78.06 -53.18
CA GLU N 411 -8.36 -78.67 -52.06
C GLU N 411 -8.94 -79.99 -52.54
N TYR N 412 -8.92 -81.00 -51.67
CA TYR N 412 -9.29 -82.41 -51.95
C TYR N 412 -10.41 -82.81 -50.98
N ASP N 413 -11.54 -83.29 -51.53
CA ASP N 413 -12.65 -83.93 -50.81
C ASP N 413 -12.45 -85.45 -50.89
N ALA N 414 -12.00 -86.07 -49.79
CA ALA N 414 -11.64 -87.51 -49.71
C ALA N 414 -12.89 -88.39 -49.85
N GLU N 415 -14.01 -87.97 -49.25
CA GLU N 415 -15.31 -88.69 -49.28
C GLU N 415 -15.74 -88.88 -50.75
N ASN N 416 -15.62 -87.83 -51.56
CA ASN N 416 -16.18 -87.75 -52.94
C ASN N 416 -15.06 -87.89 -53.99
N LYS N 417 -13.82 -88.09 -53.56
CA LYS N 417 -12.65 -88.39 -54.43
C LYS N 417 -12.51 -87.30 -55.50
N LYS N 418 -12.63 -86.05 -55.07
CA LYS N 418 -12.79 -84.86 -55.94
C LYS N 418 -11.71 -83.83 -55.59
N LEU N 419 -10.94 -83.40 -56.59
CA LEU N 419 -9.88 -82.36 -56.47
C LEU N 419 -10.39 -81.07 -57.11
N VAL N 420 -10.32 -79.96 -56.37
CA VAL N 420 -10.66 -78.60 -56.86
C VAL N 420 -9.36 -77.79 -56.87
N LYS N 421 -8.91 -77.37 -58.05
CA LYS N 421 -7.67 -76.59 -58.25
C LYS N 421 -8.06 -75.15 -58.56
N HIS N 422 -7.65 -74.22 -57.69
CA HIS N 422 -7.82 -72.75 -57.82
C HIS N 422 -6.82 -72.21 -58.84
N VAL N 423 -7.31 -71.53 -59.88
CA VAL N 423 -6.50 -70.94 -60.99
C VAL N 423 -7.13 -69.60 -61.40
N ASP N 424 -6.46 -68.87 -62.28
CA ASP N 424 -6.93 -67.58 -62.85
C ASP N 424 -6.50 -67.55 -64.32
N VAL N 425 -6.98 -68.51 -65.11
CA VAL N 425 -6.61 -68.73 -66.53
C VAL N 425 -7.58 -67.94 -67.40
N PRO N 426 -7.09 -66.96 -68.21
CA PRO N 426 -7.97 -66.26 -69.16
C PRO N 426 -8.30 -67.14 -70.37
N LEU N 427 -9.34 -66.74 -71.11
CA LEU N 427 -9.84 -67.44 -72.32
C LEU N 427 -9.42 -66.64 -73.55
N THR N 428 -8.18 -66.13 -73.53
CA THR N 428 -7.58 -65.21 -74.55
C THR N 428 -6.74 -66.01 -75.54
N GLY N 429 -6.37 -67.24 -75.20
CA GLY N 429 -5.50 -68.12 -76.01
C GLY N 429 -5.32 -69.48 -75.35
N GLU N 430 -4.84 -70.45 -76.13
CA GLU N 430 -4.62 -71.85 -75.69
C GLU N 430 -3.70 -71.89 -74.46
N ASN N 431 -3.69 -73.01 -73.75
CA ASN N 431 -3.04 -73.16 -72.43
C ASN N 431 -3.01 -74.65 -72.06
N GLU N 432 -2.08 -75.02 -71.17
CA GLU N 432 -2.03 -76.36 -70.50
C GLU N 432 -1.94 -76.12 -68.99
N ILE N 433 -2.89 -76.69 -68.23
CA ILE N 433 -2.93 -76.63 -66.74
C ILE N 433 -2.61 -78.02 -66.20
N THR N 434 -1.43 -78.19 -65.60
CA THR N 434 -1.04 -79.42 -64.87
C THR N 434 -1.80 -79.43 -63.55
N ILE N 435 -2.67 -80.42 -63.33
CA ILE N 435 -3.50 -80.56 -62.10
C ILE N 435 -2.76 -81.50 -61.14
N LEU N 436 -2.37 -82.69 -61.63
CA LEU N 436 -1.50 -83.67 -60.93
C LEU N 436 -0.61 -84.39 -61.96
N PRO O 84 -56.71 -17.25 -69.17
CA PRO O 84 -55.62 -17.56 -70.13
C PRO O 84 -55.77 -18.94 -70.77
N GLY O 85 -56.17 -19.96 -69.98
CA GLY O 85 -56.43 -21.33 -70.45
C GLY O 85 -55.34 -22.29 -70.05
N ASP O 86 -55.17 -23.37 -70.83
CA ASP O 86 -54.28 -24.51 -70.53
C ASP O 86 -53.53 -24.95 -71.80
N ASP O 87 -53.32 -24.04 -72.74
CA ASP O 87 -52.75 -24.34 -74.09
C ASP O 87 -51.43 -25.10 -73.93
N LEU O 88 -50.55 -24.64 -73.04
CA LEU O 88 -49.20 -25.23 -72.79
C LEU O 88 -49.34 -26.71 -72.47
N TYR O 89 -50.32 -27.07 -71.64
CA TYR O 89 -50.47 -28.40 -71.00
C TYR O 89 -51.29 -29.34 -71.89
N VAL O 90 -52.23 -28.82 -72.70
CA VAL O 90 -53.22 -29.64 -73.48
C VAL O 90 -52.87 -29.66 -74.97
N LYS O 91 -51.91 -28.83 -75.42
CA LYS O 91 -51.49 -28.77 -76.84
C LYS O 91 -51.19 -30.19 -77.34
N ASP O 92 -51.59 -30.48 -78.58
CA ASP O 92 -51.29 -31.76 -79.29
C ASP O 92 -50.57 -31.40 -80.59
N LEU O 93 -49.27 -31.69 -80.67
CA LEU O 93 -48.39 -31.36 -81.81
C LEU O 93 -48.07 -32.61 -82.63
N SER O 94 -48.69 -33.75 -82.31
CA SER O 94 -48.45 -35.08 -82.93
C SER O 94 -48.68 -35.02 -84.46
N GLY O 95 -49.66 -34.23 -84.91
CA GLY O 95 -50.04 -34.09 -86.32
C GLY O 95 -49.12 -33.16 -87.10
N CYS O 96 -48.30 -32.36 -86.41
CA CYS O 96 -47.34 -31.41 -87.04
C CYS O 96 -46.21 -32.20 -87.70
N PRO O 97 -45.85 -31.89 -88.96
CA PRO O 97 -44.91 -32.72 -89.72
C PRO O 97 -43.43 -32.47 -89.38
N GLY O 98 -43.12 -31.32 -88.78
CA GLY O 98 -41.74 -30.84 -88.64
C GLY O 98 -41.20 -30.39 -89.99
N TYR O 99 -39.89 -30.17 -90.07
CA TYR O 99 -39.20 -29.68 -91.30
C TYR O 99 -38.16 -30.71 -91.74
N LYS O 100 -37.61 -30.51 -92.93
CA LYS O 100 -36.45 -31.28 -93.44
C LYS O 100 -35.56 -30.34 -94.26
N ALA O 101 -34.24 -30.50 -94.13
CA ALA O 101 -33.22 -29.74 -94.87
C ALA O 101 -33.19 -30.23 -96.32
N THR O 102 -33.63 -29.40 -97.27
CA THR O 102 -33.64 -29.71 -98.74
C THR O 102 -32.22 -29.58 -99.28
N LYS O 103 -31.57 -28.45 -98.99
CA LYS O 103 -30.15 -28.19 -99.37
C LYS O 103 -29.42 -27.59 -98.15
N HIS O 104 -28.09 -27.72 -98.14
CA HIS O 104 -27.18 -27.09 -97.16
C HIS O 104 -25.86 -26.72 -97.86
N TRP O 105 -25.22 -25.64 -97.41
CA TRP O 105 -23.84 -25.25 -97.81
C TRP O 105 -23.06 -24.80 -96.59
N GLN O 106 -21.74 -24.67 -96.74
CA GLN O 106 -20.77 -24.38 -95.65
C GLN O 106 -19.95 -23.15 -96.07
N THR O 107 -19.48 -22.37 -95.10
CA THR O 107 -18.54 -21.23 -95.31
C THR O 107 -17.38 -21.38 -94.33
N ARG O 108 -16.39 -20.48 -94.42
CA ARG O 108 -15.19 -20.45 -93.55
C ARG O 108 -15.60 -20.37 -92.07
N SER O 109 -16.77 -19.81 -91.75
CA SER O 109 -17.25 -19.59 -90.35
C SER O 109 -18.76 -19.79 -90.22
N GLY O 110 -19.37 -20.60 -91.08
CA GLY O 110 -20.84 -20.68 -91.15
C GLY O 110 -21.36 -21.97 -91.74
N PHE O 111 -22.60 -22.32 -91.38
CA PHE O 111 -23.39 -23.46 -91.92
C PHE O 111 -24.82 -22.97 -92.18
N TYR O 112 -25.33 -23.27 -93.38
CA TYR O 112 -26.62 -22.76 -93.92
C TYR O 112 -27.41 -23.92 -94.53
N ALA O 113 -28.73 -23.93 -94.33
CA ALA O 113 -29.65 -24.98 -94.81
C ALA O 113 -31.03 -24.38 -95.10
N ASP O 114 -31.56 -24.63 -96.30
CA ASP O 114 -32.99 -24.40 -96.65
C ASP O 114 -33.82 -25.47 -95.94
N LEU O 115 -34.86 -25.06 -95.22
CA LEU O 115 -35.83 -25.97 -94.53
C LEU O 115 -37.17 -25.86 -95.24
N THR O 116 -37.86 -26.99 -95.40
CA THR O 116 -39.23 -27.10 -95.98
C THR O 116 -40.07 -28.01 -95.07
N LEU O 117 -41.39 -27.80 -95.04
CA LEU O 117 -42.38 -28.65 -94.31
C LEU O 117 -42.18 -30.11 -94.75
N ALA O 118 -41.97 -31.00 -93.77
CA ALA O 118 -41.71 -32.45 -93.97
C ALA O 118 -42.99 -33.19 -94.39
N GLY O 119 -44.16 -32.54 -94.28
CA GLY O 119 -45.46 -33.12 -94.64
C GLY O 119 -46.60 -32.10 -94.54
N PRO O 120 -47.86 -32.57 -94.54
CA PRO O 120 -49.03 -31.68 -94.41
C PRO O 120 -48.99 -30.82 -93.14
N ALA O 121 -49.49 -29.58 -93.23
CA ALA O 121 -49.59 -28.60 -92.12
C ALA O 121 -50.54 -29.14 -91.04
N CYS O 122 -50.22 -28.89 -89.77
CA CYS O 122 -51.10 -29.08 -88.59
C CYS O 122 -51.86 -27.77 -88.28
N ASN O 123 -51.22 -26.63 -88.56
CA ASN O 123 -51.73 -25.25 -88.30
C ASN O 123 -52.42 -25.20 -86.93
N VAL O 124 -51.79 -25.75 -85.89
CA VAL O 124 -52.38 -25.90 -84.52
C VAL O 124 -52.69 -24.52 -83.91
N PHE O 125 -51.83 -23.53 -84.10
CA PHE O 125 -51.96 -22.18 -83.47
C PHE O 125 -51.47 -21.12 -84.44
N GLY O 126 -52.12 -21.05 -85.62
CA GLY O 126 -51.70 -20.19 -86.75
C GLY O 126 -51.22 -21.02 -87.91
N THR O 127 -50.69 -20.37 -88.96
CA THR O 127 -50.28 -21.01 -90.24
C THR O 127 -48.83 -21.49 -90.15
N ASP O 128 -48.61 -22.79 -90.29
CA ASP O 128 -47.25 -23.39 -90.49
C ASP O 128 -46.60 -22.67 -91.68
N LEU O 129 -45.43 -22.06 -91.48
CA LEU O 129 -44.65 -21.44 -92.59
C LEU O 129 -44.13 -22.57 -93.47
N PRO O 130 -44.41 -22.55 -94.79
CA PRO O 130 -44.00 -23.64 -95.67
C PRO O 130 -42.47 -23.85 -95.72
N ASP O 131 -41.69 -22.77 -95.59
CA ASP O 131 -40.21 -22.82 -95.74
C ASP O 131 -39.54 -21.92 -94.68
N LEU O 132 -38.36 -22.34 -94.22
CA LEU O 132 -37.52 -21.61 -93.24
C LEU O 132 -36.07 -21.60 -93.73
N LYS O 133 -35.27 -20.67 -93.20
CA LYS O 133 -33.80 -20.61 -93.40
C LYS O 133 -33.10 -20.94 -92.08
N LEU O 134 -32.10 -21.82 -92.13
CA LEU O 134 -31.15 -22.05 -91.01
C LEU O 134 -29.90 -21.22 -91.30
N GLU O 135 -29.43 -20.45 -90.30
CA GLU O 135 -28.17 -19.67 -90.37
C GLU O 135 -27.35 -19.95 -89.10
N VAL O 136 -26.14 -20.50 -89.26
CA VAL O 136 -25.21 -20.81 -88.14
C VAL O 136 -23.92 -20.00 -88.38
N GLU O 137 -23.64 -19.04 -87.50
CA GLU O 137 -22.43 -18.17 -87.56
C GLU O 137 -21.53 -18.50 -86.38
N TYR O 138 -20.38 -19.14 -86.63
CA TYR O 138 -19.28 -19.28 -85.64
C TYR O 138 -18.60 -17.93 -85.50
N GLN O 139 -19.06 -17.11 -84.55
CA GLN O 139 -18.69 -15.65 -84.46
C GLN O 139 -17.32 -15.51 -83.78
N THR O 140 -17.19 -16.04 -82.57
CA THR O 140 -15.90 -16.16 -81.83
C THR O 140 -15.74 -17.62 -81.42
N SER O 141 -14.59 -17.98 -80.83
CA SER O 141 -14.34 -19.33 -80.26
C SER O 141 -15.34 -19.62 -79.13
N ASP O 142 -15.95 -18.58 -78.56
CA ASP O 142 -16.83 -18.65 -77.36
C ASP O 142 -18.31 -18.59 -77.75
N ARG O 143 -18.66 -17.89 -78.83
CA ARG O 143 -20.07 -17.53 -79.19
C ARG O 143 -20.45 -18.11 -80.55
N LEU O 144 -21.45 -19.01 -80.55
CA LEU O 144 -22.09 -19.61 -81.75
C LEU O 144 -23.51 -19.05 -81.93
N HIS O 145 -23.81 -18.48 -83.10
CA HIS O 145 -25.12 -17.89 -83.47
C HIS O 145 -25.88 -18.92 -84.32
N VAL O 146 -27.02 -19.40 -83.81
CA VAL O 146 -27.93 -20.35 -84.52
C VAL O 146 -29.26 -19.65 -84.71
N LYS O 147 -29.68 -19.48 -85.97
CA LYS O 147 -30.88 -18.69 -86.35
C LYS O 147 -31.74 -19.51 -87.31
N ILE O 148 -32.93 -19.91 -86.86
CA ILE O 148 -34.03 -20.46 -87.70
C ILE O 148 -35.10 -19.37 -87.83
N LEU O 149 -35.39 -18.95 -89.07
CA LEU O 149 -36.27 -17.79 -89.39
C LEU O 149 -37.04 -18.07 -90.68
N ASP O 150 -37.86 -17.11 -91.12
CA ASP O 150 -38.58 -17.15 -92.42
C ASP O 150 -37.58 -16.89 -93.56
N THR O 151 -38.04 -16.96 -94.81
CA THR O 151 -37.19 -16.88 -96.02
C THR O 151 -37.12 -15.44 -96.56
N ASN O 152 -38.12 -14.60 -96.24
CA ASN O 152 -38.30 -13.28 -96.91
C ASN O 152 -38.43 -12.15 -95.87
N ASN O 153 -37.86 -12.31 -94.66
CA ASN O 153 -37.65 -11.21 -93.68
C ASN O 153 -38.95 -10.44 -93.44
N THR O 154 -40.04 -11.14 -93.09
CA THR O 154 -41.37 -10.56 -92.79
C THR O 154 -41.71 -10.76 -91.32
N VAL O 155 -41.43 -11.96 -90.78
CA VAL O 155 -41.65 -12.28 -89.34
C VAL O 155 -40.87 -11.25 -88.52
N TYR O 156 -41.44 -10.83 -87.38
CA TYR O 156 -40.85 -9.79 -86.49
C TYR O 156 -39.49 -10.27 -85.97
N GLN O 157 -38.48 -9.41 -86.06
CA GLN O 157 -37.18 -9.56 -85.38
C GLN O 157 -36.96 -8.34 -84.48
N VAL O 158 -36.29 -8.52 -83.35
CA VAL O 158 -36.04 -7.42 -82.37
C VAL O 158 -35.27 -6.34 -83.13
N PRO O 159 -35.76 -5.09 -83.17
CA PRO O 159 -35.06 -4.02 -83.90
C PRO O 159 -33.60 -3.86 -83.44
N ASP O 160 -32.72 -3.55 -84.39
CA ASP O 160 -31.25 -3.37 -84.16
C ASP O 160 -31.03 -2.20 -83.20
N SER O 161 -31.93 -1.21 -83.19
CA SER O 161 -31.87 0.01 -82.35
C SER O 161 -32.06 -0.35 -80.87
N VAL O 162 -32.90 -1.34 -80.58
CA VAL O 162 -33.23 -1.78 -79.19
C VAL O 162 -32.13 -2.71 -78.68
N PHE O 163 -31.72 -3.69 -79.50
CA PHE O 163 -30.71 -4.72 -79.14
C PHE O 163 -29.69 -4.84 -80.26
N PRO O 164 -28.65 -3.97 -80.27
CA PRO O 164 -27.60 -4.04 -81.29
C PRO O 164 -26.91 -5.40 -81.21
N ARG O 165 -26.73 -6.07 -82.34
CA ARG O 165 -26.27 -7.48 -82.42
C ARG O 165 -24.76 -7.53 -82.28
N PRO O 166 -24.20 -8.57 -81.63
CA PRO O 166 -22.76 -8.78 -81.62
C PRO O 166 -22.32 -9.44 -82.93
N GLY O 167 -21.00 -9.54 -83.15
CA GLY O 167 -20.42 -10.34 -84.25
C GLY O 167 -20.00 -9.51 -85.44
N PHE O 168 -20.04 -8.17 -85.36
CA PHE O 168 -19.59 -7.29 -86.47
C PHE O 168 -18.09 -7.49 -86.67
N GLY O 169 -17.69 -7.86 -87.88
CA GLY O 169 -16.28 -8.09 -88.29
C GLY O 169 -15.64 -9.23 -87.53
N GLU O 170 -16.45 -10.09 -86.89
CA GLU O 170 -15.96 -11.29 -86.16
C GLU O 170 -16.32 -12.53 -86.99
N TRP O 171 -15.42 -13.52 -86.98
CA TRP O 171 -15.64 -14.87 -87.55
C TRP O 171 -14.59 -15.82 -86.99
N CYS O 172 -14.94 -17.10 -86.88
CA CYS O 172 -14.14 -18.16 -86.24
C CYS O 172 -14.26 -19.44 -87.07
N SER O 173 -13.14 -20.11 -87.34
CA SER O 173 -13.11 -21.44 -88.01
C SER O 173 -13.79 -22.45 -87.09
N PRO O 174 -14.73 -23.28 -87.60
CA PRO O 174 -15.45 -24.23 -86.76
C PRO O 174 -14.58 -25.04 -85.78
N LYS O 175 -13.41 -25.49 -86.24
CA LYS O 175 -12.45 -26.32 -85.46
C LYS O 175 -11.77 -25.47 -84.38
N ASP O 176 -11.74 -24.15 -84.55
CA ASP O 176 -11.21 -23.16 -83.57
C ASP O 176 -12.31 -22.77 -82.56
N SER O 177 -13.57 -23.15 -82.80
CA SER O 177 -14.72 -22.86 -81.89
C SER O 177 -14.82 -23.94 -80.80
N LYS O 178 -15.07 -23.50 -79.55
CA LYS O 178 -15.32 -24.39 -78.37
C LYS O 178 -16.61 -25.18 -78.56
N LEU O 179 -17.57 -24.62 -79.31
CA LEU O 179 -18.89 -25.25 -79.61
C LEU O 179 -18.91 -25.71 -81.07
N LYS O 180 -19.43 -26.91 -81.32
CA LYS O 180 -19.60 -27.54 -82.65
C LYS O 180 -21.10 -27.70 -82.94
N PHE O 181 -21.53 -27.32 -84.15
CA PHE O 181 -22.93 -27.47 -84.64
C PHE O 181 -23.01 -28.71 -85.53
N ASP O 182 -23.90 -29.65 -85.19
CA ASP O 182 -24.28 -30.81 -86.03
C ASP O 182 -25.80 -30.77 -86.24
N PHE O 183 -26.27 -31.35 -87.34
CA PHE O 183 -27.69 -31.34 -87.77
C PHE O 183 -28.03 -32.68 -88.43
N GLN O 184 -29.33 -33.01 -88.47
CA GLN O 184 -29.91 -34.12 -89.26
C GLN O 184 -30.89 -33.50 -90.26
N ALA O 185 -30.84 -33.92 -91.52
CA ALA O 185 -31.60 -33.35 -92.65
C ALA O 185 -33.10 -33.65 -92.50
N ASP O 186 -33.42 -34.90 -92.13
CA ASP O 186 -34.81 -35.45 -92.18
C ASP O 186 -34.95 -36.55 -91.14
N PRO O 187 -35.77 -36.38 -90.07
CA PRO O 187 -36.42 -35.11 -89.76
C PRO O 187 -35.42 -34.10 -89.17
N PHE O 188 -35.61 -32.81 -89.46
CA PHE O 188 -34.66 -31.73 -89.09
C PHE O 188 -34.55 -31.64 -87.56
N SER O 189 -33.34 -31.83 -87.06
CA SER O 189 -32.93 -31.60 -85.66
C SER O 189 -31.49 -31.10 -85.67
N PHE O 190 -31.07 -30.36 -84.63
CA PHE O 190 -29.67 -29.90 -84.47
C PHE O 190 -29.21 -30.09 -83.03
N THR O 191 -27.90 -30.27 -82.88
CA THR O 191 -27.19 -30.51 -81.61
C THR O 191 -26.11 -29.43 -81.47
N VAL O 192 -25.89 -28.93 -80.25
CA VAL O 192 -24.75 -28.03 -79.89
C VAL O 192 -23.90 -28.79 -78.86
N SER O 193 -22.64 -29.03 -79.19
CA SER O 193 -21.71 -29.88 -78.39
C SER O 193 -20.38 -29.15 -78.20
N ARG O 194 -19.64 -29.50 -77.14
CA ARG O 194 -18.27 -28.99 -76.89
C ARG O 194 -17.32 -29.66 -77.89
N THR O 195 -16.56 -28.86 -78.64
CA THR O 195 -15.61 -29.32 -79.69
C THR O 195 -14.53 -30.22 -79.07
N ASP O 196 -14.09 -29.92 -77.84
CA ASP O 196 -12.98 -30.64 -77.16
C ASP O 196 -13.47 -32.00 -76.65
N THR O 197 -14.56 -32.05 -75.88
CA THR O 197 -15.03 -33.26 -75.14
C THR O 197 -16.11 -34.01 -75.94
N GLY O 198 -16.84 -33.32 -76.83
CA GLY O 198 -17.95 -33.90 -77.61
C GLY O 198 -19.24 -34.03 -76.79
N GLU O 199 -19.29 -33.44 -75.58
CA GLU O 199 -20.50 -33.44 -74.72
C GLU O 199 -21.59 -32.56 -75.38
N VAL O 200 -22.84 -33.04 -75.35
CA VAL O 200 -24.04 -32.39 -75.96
C VAL O 200 -24.64 -31.39 -74.96
N LEU O 201 -24.70 -30.11 -75.34
CA LEU O 201 -25.18 -28.98 -74.50
C LEU O 201 -26.65 -28.66 -74.80
N PHE O 202 -27.09 -28.85 -76.05
CA PHE O 202 -28.45 -28.53 -76.56
C PHE O 202 -28.76 -29.48 -77.72
N ASP O 203 -29.90 -30.18 -77.65
CA ASP O 203 -30.21 -31.35 -78.52
C ASP O 203 -31.72 -31.41 -78.79
N THR O 204 -32.14 -31.14 -80.02
CA THR O 204 -33.55 -31.18 -80.47
C THR O 204 -33.84 -32.48 -81.23
N THR O 205 -32.92 -33.46 -81.17
CA THR O 205 -33.05 -34.79 -81.83
C THR O 205 -34.36 -35.45 -81.38
N GLY O 206 -35.12 -36.00 -82.34
CA GLY O 206 -36.40 -36.70 -82.10
C GLY O 206 -37.49 -35.77 -81.57
N ASN O 207 -37.35 -34.45 -81.78
CA ASN O 207 -38.32 -33.43 -81.30
C ASN O 207 -38.75 -32.55 -82.48
N LYS O 208 -40.06 -32.50 -82.74
CA LYS O 208 -40.66 -31.71 -83.85
C LYS O 208 -40.27 -30.23 -83.70
N LEU O 209 -39.77 -29.63 -84.77
CA LEU O 209 -39.76 -28.16 -84.97
C LEU O 209 -41.16 -27.75 -85.46
N VAL O 210 -41.79 -26.77 -84.80
CA VAL O 210 -43.11 -26.20 -85.22
C VAL O 210 -42.95 -24.70 -85.33
N PHE O 211 -43.08 -24.15 -86.54
CA PHE O 211 -42.85 -22.72 -86.87
C PHE O 211 -44.07 -22.16 -87.58
N GLU O 212 -44.85 -21.33 -86.87
CA GLU O 212 -46.17 -20.81 -87.33
C GLU O 212 -46.20 -19.29 -87.15
N SER O 213 -47.19 -18.63 -87.78
CA SER O 213 -47.39 -17.16 -87.76
C SER O 213 -47.44 -16.65 -86.32
N GLN O 214 -47.94 -17.48 -85.40
CA GLN O 214 -48.28 -17.07 -84.02
C GLN O 214 -47.82 -18.11 -82.98
N TYR O 215 -47.00 -19.08 -83.39
CA TYR O 215 -46.52 -20.17 -82.51
C TYR O 215 -45.20 -20.74 -83.05
N VAL O 216 -44.14 -20.66 -82.26
CA VAL O 216 -42.80 -21.24 -82.56
C VAL O 216 -42.43 -22.15 -81.38
N TYR O 217 -42.23 -23.44 -81.65
CA TYR O 217 -41.93 -24.50 -80.65
C TYR O 217 -40.58 -25.13 -80.97
N LEU O 218 -39.72 -25.24 -79.95
CA LEU O 218 -38.45 -26.03 -79.96
C LEU O 218 -38.27 -26.68 -78.59
N LYS O 219 -37.80 -27.93 -78.56
CA LYS O 219 -37.59 -28.69 -77.30
C LYS O 219 -36.17 -29.26 -77.31
N THR O 220 -35.39 -28.99 -76.27
CA THR O 220 -34.03 -29.56 -76.07
C THR O 220 -34.10 -30.71 -75.06
N HIS O 221 -33.30 -31.76 -75.29
CA HIS O 221 -32.90 -32.73 -74.25
C HIS O 221 -32.00 -32.00 -73.25
N LEU O 222 -32.15 -32.31 -71.96
CA LEU O 222 -31.19 -31.94 -70.87
C LEU O 222 -30.74 -33.22 -70.17
N PRO O 223 -29.53 -33.24 -69.55
CA PRO O 223 -29.17 -34.35 -68.68
C PRO O 223 -30.08 -34.39 -67.44
N GLN O 224 -30.18 -35.56 -66.80
CA GLN O 224 -31.00 -35.81 -65.59
C GLN O 224 -30.58 -34.81 -64.49
N ASN O 225 -31.54 -34.37 -63.67
CA ASN O 225 -31.32 -33.39 -62.57
C ASN O 225 -30.39 -32.26 -63.03
N PRO O 226 -30.79 -31.46 -64.05
CA PRO O 226 -29.95 -30.35 -64.51
C PRO O 226 -29.92 -29.20 -63.50
N HIS O 227 -28.99 -28.27 -63.70
CA HIS O 227 -28.81 -27.03 -62.88
C HIS O 227 -28.90 -25.81 -63.82
N LEU O 228 -30.10 -25.25 -63.95
CA LEU O 228 -30.41 -24.13 -64.87
C LEU O 228 -30.68 -22.87 -64.04
N TYR O 229 -30.37 -21.71 -64.61
CA TYR O 229 -30.39 -20.38 -63.93
C TYR O 229 -30.86 -19.33 -64.94
N GLY O 230 -31.80 -18.47 -64.54
CA GLY O 230 -32.25 -17.30 -65.32
C GLY O 230 -33.66 -17.46 -65.86
N LEU O 231 -33.88 -17.03 -67.11
CA LEU O 231 -35.19 -17.01 -67.82
C LEU O 231 -36.21 -16.20 -67.00
N GLY O 232 -35.76 -15.09 -66.40
CA GLY O 232 -36.56 -14.19 -65.56
C GLY O 232 -37.30 -13.15 -66.40
N GLU O 233 -37.80 -12.09 -65.77
CA GLU O 233 -37.74 -11.88 -64.32
C GLU O 233 -38.73 -12.81 -63.60
N HIS O 234 -38.28 -13.57 -62.60
CA HIS O 234 -39.11 -14.47 -61.76
C HIS O 234 -38.71 -14.35 -60.28
N SER O 235 -39.48 -14.98 -59.39
CA SER O 235 -39.32 -14.93 -57.91
C SER O 235 -39.16 -16.34 -57.33
N ASP O 236 -38.88 -17.33 -58.18
CA ASP O 236 -38.73 -18.77 -57.83
C ASP O 236 -37.30 -19.05 -57.36
N ALA O 237 -37.01 -20.30 -57.02
CA ALA O 237 -35.65 -20.81 -56.71
C ALA O 237 -34.69 -20.37 -57.84
N PHE O 238 -33.48 -19.95 -57.47
CA PHE O 238 -32.42 -19.46 -58.41
C PHE O 238 -32.03 -20.61 -59.35
N MET O 239 -31.79 -21.80 -58.79
CA MET O 239 -31.68 -23.06 -59.57
C MET O 239 -33.11 -23.52 -59.90
N LEU O 240 -33.46 -23.49 -61.19
CA LEU O 240 -34.85 -23.66 -61.68
C LEU O 240 -35.34 -25.09 -61.36
N ASN O 241 -36.58 -25.21 -60.88
CA ASN O 241 -37.35 -26.49 -60.82
C ASN O 241 -37.19 -27.22 -62.16
N THR O 242 -37.11 -28.55 -62.13
CA THR O 242 -36.81 -29.41 -63.30
C THR O 242 -38.03 -30.28 -63.66
N THR O 243 -39.04 -30.33 -62.78
CA THR O 243 -40.29 -31.12 -62.93
C THR O 243 -41.51 -30.18 -62.96
N ASN O 244 -42.35 -30.32 -63.99
CA ASN O 244 -43.63 -29.57 -64.15
C ASN O 244 -43.42 -28.08 -63.83
N TYR O 245 -42.39 -27.46 -64.42
CA TYR O 245 -42.04 -26.03 -64.18
C TYR O 245 -42.44 -25.19 -65.40
N THR O 246 -43.44 -24.33 -65.22
CA THR O 246 -43.85 -23.28 -66.17
C THR O 246 -43.08 -21.99 -65.84
N ARG O 247 -42.38 -21.45 -66.84
CA ARG O 247 -41.63 -20.17 -66.75
C ARG O 247 -42.12 -19.28 -67.89
N THR O 248 -42.98 -18.30 -67.57
CA THR O 248 -43.66 -17.43 -68.57
C THR O 248 -42.93 -16.09 -68.64
N ILE O 249 -42.45 -15.73 -69.83
CA ILE O 249 -41.75 -14.43 -70.11
C ILE O 249 -42.71 -13.55 -70.91
N TYR O 250 -43.36 -12.61 -70.20
CA TYR O 250 -44.21 -11.54 -70.76
C TYR O 250 -44.32 -10.45 -69.69
N THR O 251 -43.83 -9.25 -69.98
CA THR O 251 -43.66 -8.14 -69.00
C THR O 251 -45.05 -7.70 -68.52
N ARG O 252 -45.25 -7.63 -67.20
CA ARG O 252 -46.58 -7.29 -66.63
C ARG O 252 -46.44 -6.74 -65.21
N ASP O 253 -47.37 -5.87 -64.84
CA ASP O 253 -47.58 -5.33 -63.48
C ASP O 253 -48.07 -6.46 -62.56
N ALA O 254 -47.17 -7.09 -61.81
CA ALA O 254 -47.43 -8.27 -60.96
C ALA O 254 -47.15 -7.93 -59.48
N TYR O 255 -48.12 -7.35 -58.78
CA TYR O 255 -48.04 -7.00 -57.34
C TYR O 255 -47.80 -8.27 -56.51
N GLY O 256 -46.94 -8.16 -55.49
CA GLY O 256 -46.51 -9.27 -54.62
C GLY O 256 -45.50 -10.18 -55.30
N THR O 257 -44.88 -9.73 -56.39
CA THR O 257 -43.85 -10.47 -57.19
C THR O 257 -44.12 -11.98 -57.06
N PRO O 258 -45.29 -12.47 -57.51
CA PRO O 258 -45.71 -13.85 -57.22
C PRO O 258 -44.81 -14.92 -57.84
N GLN O 259 -44.48 -15.93 -57.05
CA GLN O 259 -43.77 -17.17 -57.48
C GLN O 259 -44.61 -17.86 -58.57
N GLY O 260 -43.96 -18.48 -59.54
CA GLY O 260 -44.59 -19.30 -60.60
C GLY O 260 -45.39 -18.47 -61.60
N GLU O 261 -45.23 -17.14 -61.61
CA GLU O 261 -45.99 -16.20 -62.49
C GLU O 261 -45.01 -15.27 -63.20
N ASN O 262 -45.46 -14.70 -64.32
CA ASN O 262 -44.70 -13.70 -65.13
C ASN O 262 -44.69 -12.37 -64.38
N LEU O 263 -43.51 -11.73 -64.31
CA LEU O 263 -43.28 -10.45 -63.58
C LEU O 263 -42.89 -9.35 -64.58
N TYR O 264 -42.17 -8.32 -64.10
CA TYR O 264 -42.01 -7.00 -64.78
C TYR O 264 -41.05 -7.08 -65.96
N GLY O 265 -39.99 -7.91 -65.87
CA GLY O 265 -38.87 -7.95 -66.83
C GLY O 265 -38.90 -9.21 -67.70
N ALA O 266 -38.23 -9.16 -68.86
CA ALA O 266 -38.14 -10.25 -69.85
C ALA O 266 -36.67 -10.52 -70.19
N HIS O 267 -36.13 -11.68 -69.79
CA HIS O 267 -34.70 -12.03 -69.91
C HIS O 267 -34.57 -13.50 -70.29
N PRO O 268 -34.78 -13.84 -71.59
CA PRO O 268 -34.73 -15.23 -72.05
C PRO O 268 -33.29 -15.77 -72.18
N ILE O 269 -32.53 -15.67 -71.09
CA ILE O 269 -31.15 -16.21 -70.93
C ILE O 269 -31.20 -17.25 -69.81
N TYR O 270 -30.68 -18.47 -70.06
CA TYR O 270 -30.42 -19.46 -68.98
C TYR O 270 -28.94 -19.86 -69.01
N PHE O 271 -28.34 -19.94 -67.83
CA PHE O 271 -27.03 -20.60 -67.57
C PHE O 271 -27.32 -22.08 -67.29
N ASP O 272 -26.55 -22.97 -67.92
CA ASP O 272 -26.61 -24.44 -67.72
C ASP O 272 -25.29 -24.85 -67.08
N HIS O 273 -25.28 -25.05 -65.76
CA HIS O 273 -24.06 -25.40 -64.99
C HIS O 273 -23.96 -26.92 -64.81
N ARG O 274 -22.90 -27.52 -65.35
CA ARG O 274 -22.59 -28.96 -65.26
C ARG O 274 -21.22 -29.10 -64.60
N GLN O 275 -20.94 -30.29 -64.04
CA GLN O 275 -19.65 -30.61 -63.35
C GLN O 275 -18.50 -30.51 -64.36
N THR O 276 -18.82 -30.56 -65.65
CA THR O 276 -17.87 -30.51 -66.80
C THR O 276 -17.70 -29.08 -67.31
N GLY O 277 -18.37 -28.10 -66.69
CA GLY O 277 -18.30 -26.67 -67.08
C GLY O 277 -19.68 -26.07 -67.29
N THR O 278 -19.72 -24.76 -67.59
CA THR O 278 -20.95 -23.93 -67.71
C THR O 278 -21.05 -23.39 -69.15
N HIS O 279 -22.27 -23.35 -69.69
CA HIS O 279 -22.60 -22.65 -70.97
C HIS O 279 -23.85 -21.81 -70.76
N GLY O 280 -24.14 -20.92 -71.71
CA GLY O 280 -25.36 -20.10 -71.75
C GLY O 280 -26.16 -20.35 -73.01
N VAL O 281 -27.48 -20.16 -72.94
CA VAL O 281 -28.40 -20.17 -74.10
C VAL O 281 -29.25 -18.90 -74.00
N PHE O 282 -28.98 -17.95 -74.90
CA PHE O 282 -29.74 -16.68 -75.04
C PHE O 282 -30.62 -16.79 -76.29
N LEU O 283 -31.94 -16.62 -76.10
CA LEU O 283 -32.94 -16.49 -77.18
C LEU O 283 -33.24 -15.00 -77.34
N LEU O 284 -32.78 -14.38 -78.44
CA LEU O 284 -33.03 -12.96 -78.74
C LEU O 284 -34.43 -12.84 -79.37
N ASN O 285 -35.46 -12.82 -78.51
CA ASN O 285 -36.89 -12.88 -78.89
C ASN O 285 -37.72 -12.13 -77.83
N SER O 286 -38.50 -11.12 -78.24
CA SER O 286 -39.27 -10.20 -77.36
C SER O 286 -40.76 -10.55 -77.37
N ASN O 287 -41.15 -11.61 -78.07
CA ASN O 287 -42.55 -12.13 -78.06
C ASN O 287 -42.81 -12.81 -76.72
N GLY O 288 -44.07 -12.80 -76.26
CA GLY O 288 -44.52 -13.61 -75.11
C GLY O 288 -44.19 -15.07 -75.34
N MET O 289 -43.77 -15.79 -74.30
CA MET O 289 -43.46 -17.24 -74.41
C MET O 289 -43.68 -17.94 -73.07
N ASP O 290 -44.10 -19.20 -73.13
CA ASP O 290 -44.07 -20.18 -72.02
C ASP O 290 -42.88 -21.11 -72.24
N ILE O 291 -41.92 -21.12 -71.30
CA ILE O 291 -40.88 -22.18 -71.20
C ILE O 291 -41.39 -23.21 -70.19
N PHE O 292 -41.30 -24.50 -70.53
CA PHE O 292 -41.71 -25.64 -69.66
C PHE O 292 -40.52 -26.58 -69.47
N ILE O 293 -40.14 -26.84 -68.22
CA ILE O 293 -39.02 -27.75 -67.83
C ILE O 293 -39.64 -28.93 -67.08
N ASP O 294 -39.46 -30.15 -67.59
CA ASP O 294 -40.13 -31.38 -67.06
C ASP O 294 -39.28 -32.61 -67.38
N ASN O 295 -39.49 -33.68 -66.59
CA ASN O 295 -38.83 -35.00 -66.74
C ASN O 295 -39.92 -36.06 -66.96
N ASN O 296 -40.53 -36.07 -68.15
CA ASN O 296 -41.41 -37.16 -68.63
C ASN O 296 -40.58 -38.05 -69.57
N ALA O 297 -40.26 -39.26 -69.12
CA ALA O 297 -39.26 -40.19 -69.72
C ALA O 297 -37.86 -39.62 -69.47
N THR O 298 -37.42 -38.63 -70.26
CA THR O 298 -36.11 -37.94 -70.13
C THR O 298 -36.34 -36.47 -69.76
N GLN O 299 -35.29 -35.79 -69.32
CA GLN O 299 -35.31 -34.35 -68.95
C GLN O 299 -35.31 -33.50 -70.23
N TYR O 300 -36.19 -32.49 -70.29
CA TYR O 300 -36.27 -31.53 -71.43
C TYR O 300 -36.63 -30.13 -70.93
N LEU O 301 -36.38 -29.15 -71.79
CA LEU O 301 -36.90 -27.76 -71.71
C LEU O 301 -37.43 -27.39 -73.10
N GLU O 302 -38.61 -26.76 -73.17
CA GLU O 302 -39.26 -26.37 -74.44
C GLU O 302 -39.63 -24.88 -74.39
N TYR O 303 -39.52 -24.22 -75.54
CA TYR O 303 -39.99 -22.83 -75.81
C TYR O 303 -41.32 -22.91 -76.54
N ASN O 304 -42.37 -22.30 -75.98
CA ASN O 304 -43.67 -22.03 -76.64
C ASN O 304 -43.75 -20.51 -76.84
N ILE O 305 -43.35 -20.02 -78.02
CA ILE O 305 -43.22 -18.57 -78.35
C ILE O 305 -44.34 -18.21 -79.33
N ILE O 306 -45.03 -17.09 -79.09
CA ILE O 306 -46.27 -16.71 -79.85
C ILE O 306 -45.90 -15.78 -81.02
N GLY O 307 -44.61 -15.70 -81.36
CA GLY O 307 -44.15 -15.00 -82.58
C GLY O 307 -42.63 -14.98 -82.70
N GLY O 308 -42.13 -14.20 -83.65
CA GLY O 308 -40.69 -13.96 -83.84
C GLY O 308 -39.98 -15.15 -84.47
N VAL O 309 -38.66 -15.15 -84.41
CA VAL O 309 -37.79 -16.23 -84.97
C VAL O 309 -37.03 -16.88 -83.81
N LEU O 310 -36.43 -18.05 -84.07
CA LEU O 310 -35.52 -18.73 -83.12
C LEU O 310 -34.12 -18.15 -83.33
N ASP O 311 -33.80 -17.09 -82.58
CA ASP O 311 -32.52 -16.34 -82.70
C ASP O 311 -31.68 -16.66 -81.46
N PHE O 312 -30.87 -17.71 -81.55
CA PHE O 312 -30.08 -18.30 -80.43
C PHE O 312 -28.62 -17.87 -80.54
N TYR O 313 -28.05 -17.43 -79.41
CA TYR O 313 -26.59 -17.36 -79.18
C TYR O 313 -26.22 -18.37 -78.10
N PHE O 314 -25.40 -19.35 -78.46
CA PHE O 314 -24.77 -20.32 -77.52
C PHE O 314 -23.41 -19.76 -77.09
N ILE O 315 -23.16 -19.73 -75.78
CA ILE O 315 -21.87 -19.23 -75.21
C ILE O 315 -21.26 -20.35 -74.35
N ALA O 316 -19.97 -20.61 -74.57
CA ALA O 316 -19.25 -21.87 -74.23
C ALA O 316 -18.74 -21.87 -72.78
N GLY O 317 -18.64 -20.71 -72.12
CA GLY O 317 -17.92 -20.57 -70.84
C GLY O 317 -16.45 -20.94 -71.02
N PRO O 318 -15.91 -21.98 -70.34
CA PRO O 318 -16.69 -22.92 -69.53
C PRO O 318 -16.85 -22.62 -68.03
N SER O 319 -16.23 -21.56 -67.50
CA SER O 319 -16.44 -21.11 -66.10
C SER O 319 -17.75 -20.33 -66.01
N PRO O 320 -18.43 -20.31 -64.84
CA PRO O 320 -19.62 -19.46 -64.66
C PRO O 320 -19.35 -17.99 -65.02
N ARG O 321 -18.19 -17.45 -64.65
CA ARG O 321 -17.80 -16.04 -64.94
C ARG O 321 -17.57 -15.86 -66.45
N ASP O 322 -17.03 -16.89 -67.13
CA ASP O 322 -16.78 -16.86 -68.59
C ASP O 322 -18.11 -16.65 -69.33
N VAL O 323 -19.17 -17.38 -68.95
CA VAL O 323 -20.52 -17.29 -69.57
C VAL O 323 -21.06 -15.87 -69.34
N ALA O 324 -20.92 -15.34 -68.11
CA ALA O 324 -21.35 -13.97 -67.73
C ALA O 324 -20.62 -12.94 -68.61
N ILE O 325 -19.29 -13.05 -68.69
CA ILE O 325 -18.44 -12.16 -69.53
C ILE O 325 -18.88 -12.30 -70.99
N GLN O 326 -19.18 -13.52 -71.43
CA GLN O 326 -19.57 -13.84 -72.84
C GLN O 326 -20.94 -13.24 -73.15
N TYR O 327 -21.89 -13.32 -72.21
CA TYR O 327 -23.27 -12.79 -72.37
C TYR O 327 -23.22 -11.25 -72.44
N ALA O 328 -22.26 -10.64 -71.75
CA ALA O 328 -22.02 -9.17 -71.73
C ALA O 328 -21.53 -8.70 -73.10
N GLU O 329 -20.89 -9.57 -73.88
CA GLU O 329 -20.48 -9.28 -75.29
C GLU O 329 -21.74 -9.13 -76.15
N ILE O 330 -22.82 -9.85 -75.79
CA ILE O 330 -24.14 -9.82 -76.50
C ILE O 330 -24.95 -8.61 -76.00
N THR O 331 -25.14 -8.47 -74.68
CA THR O 331 -25.93 -7.37 -74.05
C THR O 331 -25.20 -6.04 -74.16
N GLN O 332 -23.87 -6.08 -74.28
CA GLN O 332 -22.93 -4.97 -73.99
C GLN O 332 -22.81 -4.86 -72.46
N THR O 333 -21.67 -4.35 -72.00
CA THR O 333 -21.33 -4.21 -70.56
C THR O 333 -22.29 -3.19 -69.94
N PRO O 334 -22.70 -3.38 -68.67
CA PRO O 334 -23.60 -2.42 -68.02
C PRO O 334 -22.92 -1.06 -67.77
N LEU O 335 -23.69 0.03 -67.83
CA LEU O 335 -23.20 1.40 -67.55
C LEU O 335 -22.65 1.46 -66.12
N MET O 336 -21.71 2.36 -65.87
CA MET O 336 -21.11 2.55 -64.53
C MET O 336 -22.05 3.39 -63.68
N THR O 337 -22.05 3.16 -62.37
CA THR O 337 -22.96 3.75 -61.36
C THR O 337 -22.24 4.87 -60.61
N PRO O 338 -22.94 5.97 -60.24
CA PRO O 338 -22.35 6.98 -59.36
C PRO O 338 -22.05 6.39 -57.98
N TYR O 339 -20.92 6.80 -57.39
CA TYR O 339 -20.45 6.35 -56.05
C TYR O 339 -21.53 6.62 -55.01
N TRP O 340 -22.03 7.86 -54.94
CA TRP O 340 -23.05 8.29 -53.96
C TRP O 340 -24.30 7.41 -54.08
N GLY O 341 -24.55 6.85 -55.27
CA GLY O 341 -25.69 5.96 -55.55
C GLY O 341 -25.73 4.75 -54.63
N LEU O 342 -24.56 4.28 -54.18
CA LEU O 342 -24.41 3.06 -53.35
C LEU O 342 -24.79 3.34 -51.89
N GLY O 343 -24.91 4.62 -51.51
CA GLY O 343 -25.44 5.05 -50.20
C GLY O 343 -26.87 4.58 -50.02
N TYR O 344 -27.35 4.57 -48.76
CA TYR O 344 -28.69 4.03 -48.40
C TYR O 344 -29.79 4.98 -48.90
N HIS O 345 -30.86 4.40 -49.47
CA HIS O 345 -32.03 5.11 -50.05
C HIS O 345 -33.26 4.91 -49.17
N GLN O 346 -34.00 5.99 -48.88
CA GLN O 346 -35.29 5.98 -48.15
C GLN O 346 -36.38 6.50 -49.09
N CYS O 347 -37.49 5.77 -49.19
CA CYS O 347 -38.69 6.17 -49.97
C CYS O 347 -39.94 5.67 -49.25
N LYS O 348 -41.08 6.32 -49.51
CA LYS O 348 -42.42 5.81 -49.15
C LYS O 348 -43.42 6.32 -50.19
N TYR O 349 -44.36 5.46 -50.56
CA TYR O 349 -45.64 5.83 -51.22
C TYR O 349 -46.55 6.34 -50.08
N GLY O 350 -46.87 7.63 -50.08
CA GLY O 350 -47.73 8.26 -49.04
C GLY O 350 -47.14 9.53 -48.44
N TYR O 351 -45.82 9.73 -48.51
CA TYR O 351 -45.17 11.01 -48.11
C TYR O 351 -46.01 12.15 -48.71
N GLN O 352 -46.74 12.87 -47.86
CA GLN O 352 -47.96 13.64 -48.24
C GLN O 352 -47.60 15.07 -48.68
N ASP O 353 -46.46 15.60 -48.23
CA ASP O 353 -46.03 17.00 -48.53
C ASP O 353 -44.53 17.16 -48.28
N VAL O 354 -43.99 18.34 -48.61
CA VAL O 354 -42.56 18.72 -48.42
C VAL O 354 -42.16 18.54 -46.94
N TYR O 355 -43.09 18.79 -46.00
CA TYR O 355 -42.83 18.75 -44.54
C TYR O 355 -42.40 17.33 -44.13
N GLU O 356 -43.08 16.30 -44.65
CA GLU O 356 -42.85 14.88 -44.25
C GLU O 356 -41.51 14.40 -44.82
N VAL O 357 -41.17 14.77 -46.06
CA VAL O 357 -39.88 14.39 -46.71
C VAL O 357 -38.74 14.98 -45.87
N ALA O 358 -38.85 16.26 -45.49
CA ALA O 358 -37.89 16.99 -44.63
C ALA O 358 -37.75 16.28 -43.29
N ALA O 359 -38.87 16.02 -42.61
CA ALA O 359 -38.93 15.38 -41.27
C ALA O 359 -38.23 14.02 -41.28
N VAL O 360 -38.39 13.24 -42.34
CA VAL O 360 -37.77 11.88 -42.45
C VAL O 360 -36.24 12.04 -42.47
N VAL O 361 -35.73 13.01 -43.24
CA VAL O 361 -34.27 13.26 -43.45
C VAL O 361 -33.64 13.65 -42.10
N ALA O 362 -34.26 14.58 -41.37
CA ALA O 362 -33.78 15.09 -40.07
C ALA O 362 -33.79 13.95 -39.04
N ASN O 363 -34.82 13.10 -39.07
CA ASN O 363 -35.03 12.01 -38.09
C ASN O 363 -33.96 10.92 -38.28
N TYR O 364 -33.46 10.72 -39.50
CA TYR O 364 -32.34 9.79 -39.78
C TYR O 364 -31.08 10.33 -39.09
N SER O 365 -30.74 11.60 -39.31
CA SER O 365 -29.53 12.26 -38.75
C SER O 365 -29.63 12.38 -37.24
N THR O 366 -30.81 12.72 -36.71
CA THR O 366 -31.10 12.81 -35.25
C THR O 366 -30.81 11.44 -34.61
N ASN O 367 -31.20 10.34 -35.27
CA ASN O 367 -31.07 8.96 -34.74
C ASN O 367 -29.71 8.36 -35.14
N ASN O 368 -28.83 9.15 -35.77
CA ASN O 368 -27.47 8.74 -36.18
C ASN O 368 -27.56 7.47 -37.05
N ILE O 369 -28.45 7.50 -38.05
CA ILE O 369 -28.54 6.47 -39.12
C ILE O 369 -28.17 7.14 -40.44
N PRO O 370 -27.04 6.75 -41.07
CA PRO O 370 -26.70 7.27 -42.39
C PRO O 370 -27.89 7.22 -43.37
N LEU O 371 -28.14 8.35 -44.03
CA LEU O 371 -29.08 8.48 -45.18
C LEU O 371 -28.38 9.30 -46.26
N GLU O 372 -28.26 8.72 -47.45
CA GLU O 372 -27.58 9.35 -48.61
C GLU O 372 -28.61 10.07 -49.49
N THR O 373 -29.73 9.40 -49.78
CA THR O 373 -30.72 9.83 -50.79
C THR O 373 -32.13 9.69 -50.21
N ILE O 374 -32.96 10.73 -50.36
CA ILE O 374 -34.40 10.73 -49.99
C ILE O 374 -35.22 10.80 -51.28
N TRP O 375 -36.38 10.13 -51.29
CA TRP O 375 -37.22 9.94 -52.50
C TRP O 375 -38.61 10.56 -52.30
N THR O 376 -39.38 10.66 -53.37
CA THR O 376 -40.84 10.93 -53.36
C THR O 376 -41.50 10.13 -54.48
N ASP O 377 -42.60 9.43 -54.15
CA ASP O 377 -43.43 8.65 -55.11
C ASP O 377 -44.39 9.62 -55.82
N ILE O 378 -45.54 9.14 -56.27
CA ILE O 378 -46.51 9.88 -57.14
C ILE O 378 -47.12 11.07 -56.38
N ASP O 379 -46.89 11.16 -55.07
CA ASP O 379 -47.53 12.18 -54.17
C ASP O 379 -47.13 13.60 -54.57
N TYR O 380 -45.92 13.80 -55.11
CA TYR O 380 -45.35 15.15 -55.43
C TYR O 380 -46.15 15.77 -56.57
N MET O 381 -46.69 14.94 -57.45
CA MET O 381 -47.42 15.35 -58.68
C MET O 381 -48.78 15.97 -58.30
N ASP O 382 -49.25 16.91 -59.12
CA ASP O 382 -50.63 17.48 -59.04
C ASP O 382 -51.62 16.38 -59.46
N ARG O 383 -52.31 15.78 -58.50
CA ARG O 383 -53.32 14.71 -58.74
C ARG O 383 -52.71 13.63 -59.64
N ARG O 384 -51.45 13.27 -59.35
CA ARG O 384 -50.76 12.05 -59.89
C ARG O 384 -50.55 12.20 -61.40
N ARG O 385 -50.48 13.44 -61.90
CA ARG O 385 -50.16 13.79 -63.31
C ARG O 385 -48.66 14.03 -63.46
N ILE O 386 -47.99 13.31 -64.37
CA ILE O 386 -46.50 13.40 -64.55
C ILE O 386 -46.15 14.82 -65.00
N PHE O 387 -44.94 15.26 -64.65
CA PHE O 387 -44.36 16.57 -65.02
C PHE O 387 -45.27 17.71 -64.54
N THR O 388 -45.83 17.56 -63.33
CA THR O 388 -46.50 18.64 -62.56
C THR O 388 -46.13 18.51 -61.08
N ILE O 389 -46.30 19.58 -60.31
CA ILE O 389 -46.18 19.57 -58.81
C ILE O 389 -47.53 19.97 -58.23
N ASP O 390 -47.99 19.24 -57.21
CA ASP O 390 -49.14 19.60 -56.35
C ASP O 390 -48.89 21.00 -55.77
N PRO O 391 -49.69 22.01 -56.16
CA PRO O 391 -49.40 23.40 -55.77
C PRO O 391 -49.68 23.73 -54.30
N GLU O 392 -50.37 22.84 -53.57
CA GLU O 392 -50.75 23.02 -52.14
C GLU O 392 -49.78 22.29 -51.21
N ARG O 393 -49.27 21.12 -51.63
CA ARG O 393 -48.50 20.17 -50.77
C ARG O 393 -47.03 20.10 -51.20
N PHE O 394 -46.72 20.45 -52.45
CA PHE O 394 -45.32 20.51 -53.00
C PHE O 394 -45.14 21.80 -53.78
N PRO O 395 -45.46 22.99 -53.18
CA PRO O 395 -45.33 24.27 -53.88
C PRO O 395 -43.87 24.61 -54.23
N ALA O 396 -43.67 25.31 -55.36
CA ALA O 396 -42.36 25.54 -56.03
C ALA O 396 -41.32 26.09 -55.05
N ASN O 397 -41.70 27.06 -54.21
CA ASN O 397 -40.78 27.77 -53.28
C ASN O 397 -40.34 26.82 -52.16
N LEU O 398 -41.29 26.09 -51.55
CA LEU O 398 -40.98 25.14 -50.43
C LEU O 398 -40.26 23.91 -51.00
N TYR O 399 -40.60 23.48 -52.22
CA TYR O 399 -39.97 22.32 -52.89
C TYR O 399 -38.48 22.63 -53.11
N LYS O 400 -38.17 23.84 -53.59
CA LYS O 400 -36.78 24.35 -53.76
C LYS O 400 -36.07 24.31 -52.40
N ASP O 401 -36.70 24.87 -51.35
CA ASP O 401 -36.12 24.95 -49.97
C ASP O 401 -35.80 23.54 -49.46
N LEU O 402 -36.68 22.56 -49.71
CA LEU O 402 -36.45 21.14 -49.34
C LEU O 402 -35.19 20.61 -50.03
N VAL O 403 -35.12 20.75 -51.36
CA VAL O 403 -34.04 20.16 -52.21
C VAL O 403 -32.72 20.87 -51.92
N ASP O 404 -32.71 22.21 -51.86
CA ASP O 404 -31.50 23.04 -51.59
C ASP O 404 -30.84 22.58 -50.29
N THR O 405 -31.64 22.22 -49.29
CA THR O 405 -31.19 21.83 -47.92
C THR O 405 -30.69 20.38 -47.93
N ILE O 406 -31.36 19.50 -48.67
CA ILE O 406 -30.89 18.11 -48.95
C ILE O 406 -29.47 18.20 -49.53
N HIS O 407 -29.27 19.01 -50.58
CA HIS O 407 -27.98 19.18 -51.29
C HIS O 407 -26.93 19.83 -50.38
N ALA O 408 -27.33 20.78 -49.52
CA ALA O 408 -26.46 21.47 -48.55
C ALA O 408 -25.85 20.45 -47.57
N ARG O 409 -26.61 19.41 -47.22
CA ARG O 409 -26.21 18.31 -46.30
C ARG O 409 -25.43 17.23 -47.04
N ASP O 410 -25.04 17.47 -48.30
CA ASP O 410 -24.37 16.51 -49.21
C ASP O 410 -25.24 15.26 -49.41
N GLN O 411 -26.57 15.42 -49.38
CA GLN O 411 -27.55 14.33 -49.66
C GLN O 411 -28.09 14.52 -51.07
N HIS O 412 -28.80 13.52 -51.59
CA HIS O 412 -29.33 13.47 -52.98
C HIS O 412 -30.85 13.29 -52.93
N TYR O 413 -31.54 13.59 -54.03
CA TYR O 413 -33.03 13.55 -54.15
C TYR O 413 -33.42 12.85 -55.47
N ILE O 414 -34.33 11.88 -55.39
CA ILE O 414 -34.88 11.12 -56.55
C ILE O 414 -36.42 11.16 -56.47
N VAL O 415 -37.10 11.21 -57.61
CA VAL O 415 -38.59 11.10 -57.67
C VAL O 415 -38.99 10.17 -58.82
N MET O 416 -40.27 9.79 -58.83
CA MET O 416 -40.87 8.80 -59.75
C MET O 416 -41.38 9.52 -61.01
N VAL O 417 -41.18 8.90 -62.16
CA VAL O 417 -41.85 9.24 -63.45
C VAL O 417 -42.39 7.95 -64.04
N ASP O 418 -43.54 8.02 -64.73
CA ASP O 418 -44.20 6.86 -65.39
C ASP O 418 -44.66 7.35 -66.76
N PRO O 419 -45.02 6.45 -67.70
CA PRO O 419 -45.26 6.85 -69.09
C PRO O 419 -46.65 7.43 -69.38
N ALA O 420 -47.63 7.18 -68.50
CA ALA O 420 -49.05 7.58 -68.66
C ALA O 420 -49.19 9.10 -68.53
N VAL O 421 -49.67 9.76 -69.59
CA VAL O 421 -49.87 11.25 -69.67
C VAL O 421 -51.38 11.54 -69.62
N TYR O 422 -51.82 12.32 -68.63
CA TYR O 422 -53.22 12.78 -68.43
C TYR O 422 -53.67 13.60 -69.64
N TYR O 423 -54.81 13.25 -70.26
CA TYR O 423 -55.29 13.89 -71.51
C TYR O 423 -56.60 14.67 -71.32
N LYS O 424 -57.17 14.70 -70.11
CA LYS O 424 -58.50 15.34 -69.85
C LYS O 424 -58.35 16.85 -69.65
N GLU O 425 -57.32 17.29 -68.93
CA GLU O 425 -57.04 18.74 -68.69
C GLU O 425 -55.63 19.06 -69.20
N SER O 426 -55.43 20.30 -69.67
CA SER O 426 -54.15 20.81 -70.24
C SER O 426 -53.03 20.64 -69.21
N ASN O 427 -51.87 20.14 -69.67
CA ASN O 427 -50.62 20.01 -68.87
C ASN O 427 -49.46 19.92 -69.84
N PRO O 428 -48.24 20.41 -69.49
CA PRO O 428 -47.10 20.36 -70.40
C PRO O 428 -46.88 19.01 -71.11
N ALA O 429 -47.10 17.89 -70.42
CA ALA O 429 -46.81 16.52 -70.92
C ALA O 429 -47.80 16.17 -72.05
N LEU O 430 -49.09 16.45 -71.86
CA LEU O 430 -50.14 16.26 -72.88
C LEU O 430 -49.90 17.24 -74.04
N ASP O 431 -49.83 18.53 -73.72
CA ASP O 431 -49.75 19.64 -74.70
C ASP O 431 -48.64 19.36 -75.71
N GLU O 432 -47.41 19.13 -75.22
CA GLU O 432 -46.20 18.95 -76.07
C GLU O 432 -46.26 17.60 -76.76
N GLY O 433 -46.81 16.58 -76.10
CA GLY O 433 -47.02 15.23 -76.67
C GLY O 433 -47.80 15.30 -77.97
N LEU O 434 -48.94 16.01 -77.94
CA LEU O 434 -49.83 16.23 -79.11
C LEU O 434 -49.09 17.04 -80.20
N ARG O 435 -48.36 18.09 -79.81
CA ARG O 435 -47.64 18.99 -80.75
C ARG O 435 -46.57 18.20 -81.51
N TYR O 436 -45.86 17.29 -80.83
CA TYR O 436 -44.82 16.40 -81.41
C TYR O 436 -45.47 15.15 -82.01
N ASP O 437 -46.71 14.84 -81.60
CA ASP O 437 -47.59 13.79 -82.18
C ASP O 437 -46.97 12.41 -81.90
N ILE O 438 -46.45 12.20 -80.68
CA ILE O 438 -45.56 11.06 -80.32
C ILE O 438 -46.34 10.00 -79.52
N PHE O 439 -47.68 10.08 -79.52
CA PHE O 439 -48.57 9.16 -78.74
C PHE O 439 -48.96 7.97 -79.63
N MET O 440 -49.04 6.78 -78.99
CA MET O 440 -49.55 5.55 -79.64
C MET O 440 -50.99 5.80 -80.04
N LYS O 441 -51.36 5.44 -81.27
CA LYS O 441 -52.68 5.74 -81.88
C LYS O 441 -53.39 4.43 -82.21
N GLU O 442 -54.73 4.46 -82.14
CA GLU O 442 -55.61 3.35 -82.59
C GLU O 442 -55.56 3.31 -84.13
N ASN O 443 -56.08 2.24 -84.74
CA ASN O 443 -56.20 2.09 -86.22
C ASN O 443 -56.86 3.33 -86.82
N ASN O 444 -57.92 3.86 -86.20
CA ASN O 444 -58.71 5.03 -86.69
C ASN O 444 -57.87 6.33 -86.62
N GLY O 445 -56.67 6.29 -86.03
CA GLY O 445 -55.70 7.40 -86.07
C GLY O 445 -55.84 8.34 -84.90
N SER O 446 -56.78 8.08 -83.98
CA SER O 446 -56.96 8.86 -82.72
C SER O 446 -56.03 8.29 -81.63
N GLU O 447 -55.69 9.12 -80.65
CA GLU O 447 -54.70 8.82 -79.57
C GLU O 447 -55.27 7.69 -78.70
N TYR O 448 -54.56 6.57 -78.58
CA TYR O 448 -54.98 5.39 -77.78
C TYR O 448 -55.21 5.82 -76.32
N GLN O 449 -56.29 5.32 -75.73
CA GLN O 449 -56.81 5.74 -74.41
C GLN O 449 -56.61 4.60 -73.42
N GLY O 450 -55.95 4.89 -72.29
CA GLY O 450 -55.91 4.01 -71.11
C GLY O 450 -56.37 4.77 -69.90
N VAL O 451 -56.34 4.12 -68.73
CA VAL O 451 -56.49 4.79 -67.40
C VAL O 451 -55.36 4.27 -66.50
N VAL O 452 -54.62 5.20 -65.89
CA VAL O 452 -53.64 4.92 -64.80
C VAL O 452 -53.87 6.01 -63.72
N TRP O 453 -52.89 6.31 -62.87
CA TRP O 453 -53.15 6.96 -61.56
C TRP O 453 -53.83 8.34 -61.72
N ALA O 454 -53.49 9.10 -62.77
CA ALA O 454 -53.99 10.48 -63.02
C ALA O 454 -55.42 10.44 -63.60
N GLY O 455 -55.84 9.27 -64.09
CA GLY O 455 -57.14 9.08 -64.78
C GLY O 455 -56.94 8.70 -66.24
N PRO O 456 -57.87 9.07 -67.14
CA PRO O 456 -57.70 8.82 -68.58
C PRO O 456 -56.34 9.34 -69.07
N SER O 457 -55.54 8.46 -69.68
CA SER O 457 -54.12 8.69 -70.04
C SER O 457 -53.83 8.18 -71.46
N HIS O 458 -52.86 8.81 -72.14
CA HIS O 458 -52.21 8.34 -73.38
C HIS O 458 -50.83 7.79 -73.00
N PHE O 459 -50.19 7.05 -73.92
CA PHE O 459 -48.86 6.42 -73.72
C PHE O 459 -47.95 6.79 -74.90
N PRO O 460 -46.78 7.42 -74.65
CA PRO O 460 -45.87 7.78 -75.73
C PRO O 460 -45.45 6.54 -76.53
N ASP O 461 -45.19 6.75 -77.82
CA ASP O 461 -44.60 5.74 -78.76
C ASP O 461 -43.08 5.98 -78.83
N TRP O 462 -42.29 5.09 -78.23
CA TRP O 462 -40.82 5.26 -78.06
C TRP O 462 -40.10 5.05 -79.38
N PHE O 463 -40.79 4.48 -80.38
CA PHE O 463 -40.28 4.31 -81.78
C PHE O 463 -40.36 5.64 -82.53
N HIS O 464 -41.31 6.51 -82.18
CA HIS O 464 -41.55 7.80 -82.88
C HIS O 464 -40.25 8.59 -82.96
N PRO O 465 -39.88 9.12 -84.15
CA PRO O 465 -38.60 9.81 -84.32
C PRO O 465 -38.38 11.01 -83.37
N ASP O 466 -39.46 11.66 -82.92
CA ASP O 466 -39.44 12.89 -82.09
C ASP O 466 -39.77 12.57 -80.62
N SER O 467 -39.90 11.29 -80.27
CA SER O 467 -40.25 10.83 -78.89
C SER O 467 -39.13 11.18 -77.91
N GLN O 468 -37.87 11.07 -78.33
CA GLN O 468 -36.68 11.38 -77.47
C GLN O 468 -36.66 12.88 -77.15
N GLN O 469 -36.82 13.73 -78.18
CA GLN O 469 -36.82 15.21 -78.04
C GLN O 469 -37.96 15.63 -77.10
N TYR O 470 -39.16 15.10 -77.31
CA TYR O 470 -40.36 15.35 -76.47
C TYR O 470 -40.01 15.03 -75.00
N TRP O 471 -39.44 13.85 -74.77
CA TRP O 471 -39.18 13.30 -73.42
C TRP O 471 -38.08 14.14 -72.74
N SER O 472 -36.98 14.38 -73.46
CA SER O 472 -35.83 15.19 -72.98
C SER O 472 -36.34 16.57 -72.56
N GLU O 473 -37.13 17.23 -73.41
CA GLU O 473 -37.63 18.62 -73.19
C GLU O 473 -38.54 18.67 -71.96
N GLN O 474 -39.32 17.61 -71.71
CA GLN O 474 -40.17 17.50 -70.49
C GLN O 474 -39.29 17.51 -69.24
N PHE O 475 -38.18 16.75 -69.25
CA PHE O 475 -37.21 16.68 -68.13
C PHE O 475 -36.57 18.07 -67.92
N LEU O 476 -36.05 18.66 -69.00
CA LEU O 476 -35.36 19.98 -68.99
C LEU O 476 -36.26 21.05 -68.38
N ALA O 477 -37.52 21.14 -68.83
CA ALA O 477 -38.50 22.17 -68.42
C ALA O 477 -38.96 21.95 -66.98
N PHE O 478 -39.12 20.69 -66.53
CA PHE O 478 -39.77 20.32 -65.25
C PHE O 478 -38.76 20.25 -64.10
N PHE O 479 -37.69 19.47 -64.27
CA PHE O 479 -36.72 19.12 -63.18
C PHE O 479 -35.62 20.20 -63.13
N ASP O 480 -36.01 21.47 -62.97
CA ASP O 480 -35.10 22.64 -63.09
C ASP O 480 -34.92 23.35 -61.74
N GLY O 481 -35.75 23.05 -60.73
CA GLY O 481 -35.74 23.73 -59.42
C GLY O 481 -36.80 24.82 -59.32
N THR O 482 -37.36 25.25 -60.46
CA THR O 482 -38.39 26.32 -60.55
C THR O 482 -39.77 25.67 -60.72
N ASN O 483 -39.94 24.88 -61.78
CA ASN O 483 -41.22 24.21 -62.14
C ASN O 483 -41.36 22.90 -61.36
N GLY O 484 -40.24 22.28 -60.98
CA GLY O 484 -40.21 21.01 -60.23
C GLY O 484 -38.83 20.75 -59.63
N PRO O 485 -38.64 19.57 -59.00
CA PRO O 485 -37.42 19.30 -58.23
C PRO O 485 -36.16 19.05 -59.08
N ASP O 486 -35.02 19.59 -58.63
CA ASP O 486 -33.69 19.37 -59.25
C ASP O 486 -33.16 18.00 -58.81
N ILE O 487 -33.70 16.91 -59.37
CA ILE O 487 -33.37 15.51 -59.01
C ILE O 487 -31.95 15.17 -59.47
N ASP O 488 -31.31 14.21 -58.80
CA ASP O 488 -29.91 13.77 -59.01
C ASP O 488 -29.87 12.39 -59.69
N ALA O 489 -30.95 11.62 -59.57
CA ALA O 489 -31.17 10.31 -60.24
C ALA O 489 -32.68 10.12 -60.45
N LEU O 490 -33.07 9.14 -61.25
CA LEU O 490 -34.49 8.97 -61.69
C LEU O 490 -35.04 7.63 -61.21
N TRP O 491 -36.35 7.61 -60.95
CA TRP O 491 -37.17 6.41 -60.64
C TRP O 491 -38.24 6.25 -61.73
N ILE O 492 -38.19 5.14 -62.48
CA ILE O 492 -39.20 4.77 -63.51
C ILE O 492 -40.06 3.64 -62.96
N ASP O 493 -41.38 3.84 -62.95
CA ASP O 493 -42.38 2.85 -62.46
C ASP O 493 -43.48 2.69 -63.50
N MET O 494 -44.19 1.56 -63.47
CA MET O 494 -45.44 1.30 -64.25
C MET O 494 -45.14 1.36 -65.75
N ASN O 495 -43.94 0.98 -66.16
CA ASN O 495 -43.44 1.13 -67.56
C ASN O 495 -43.58 -0.20 -68.33
N GLU O 496 -44.48 -1.10 -67.90
CA GLU O 496 -44.72 -2.40 -68.59
C GLU O 496 -45.35 -2.20 -69.97
N PRO O 497 -46.25 -1.21 -70.23
CA PRO O 497 -46.78 -0.28 -69.23
C PRO O 497 -47.99 -0.81 -68.46
N ALA O 498 -48.16 -0.33 -67.22
CA ALA O 498 -49.35 -0.55 -66.38
C ALA O 498 -50.53 0.23 -66.97
N ASN O 499 -51.67 -0.43 -67.11
CA ASN O 499 -52.94 0.17 -67.61
C ASN O 499 -54.08 -0.46 -66.79
N PHE O 500 -54.60 0.31 -65.83
CA PHE O 500 -55.64 -0.12 -64.86
C PHE O 500 -56.94 -0.38 -65.64
N TYR O 501 -57.13 0.35 -66.75
CA TYR O 501 -58.36 0.35 -67.59
C TYR O 501 -58.66 -1.07 -68.07
N ASN O 502 -57.63 -1.85 -68.44
CA ASN O 502 -57.80 -3.25 -68.92
C ASN O 502 -57.83 -4.19 -67.71
N ARG O 503 -58.79 -3.99 -66.80
CA ARG O 503 -59.05 -4.88 -65.63
C ARG O 503 -60.54 -5.16 -65.51
N PRO O 504 -61.11 -6.06 -66.37
CA PRO O 504 -60.37 -6.71 -67.44
C PRO O 504 -60.38 -5.89 -68.74
N TYR O 505 -59.60 -6.34 -69.74
CA TYR O 505 -59.74 -5.94 -71.17
C TYR O 505 -61.13 -6.38 -71.65
N PRO O 506 -61.85 -5.58 -72.47
CA PRO O 506 -61.45 -4.25 -72.90
C PRO O 506 -62.08 -3.14 -72.05
N GLY O 507 -61.25 -2.41 -71.30
CA GLY O 507 -61.64 -1.18 -70.58
C GLY O 507 -62.76 -1.42 -69.58
N ASN O 508 -62.87 -2.65 -69.06
CA ASN O 508 -63.94 -3.11 -68.14
C ASN O 508 -65.34 -2.82 -68.72
N ASN O 509 -65.46 -2.75 -70.05
CA ASN O 509 -66.74 -2.58 -70.79
C ASN O 509 -67.41 -1.26 -70.38
N THR O 510 -66.62 -0.20 -70.18
CA THR O 510 -67.09 1.17 -69.84
C THR O 510 -66.13 2.19 -70.48
N THR O 511 -66.39 3.48 -70.30
CA THR O 511 -65.53 4.59 -70.80
C THR O 511 -64.33 4.74 -69.86
N PRO O 512 -63.23 5.40 -70.29
CA PRO O 512 -62.14 5.75 -69.39
C PRO O 512 -62.60 6.63 -68.22
N GLU O 513 -63.45 7.63 -68.50
CA GLU O 513 -63.94 8.63 -67.51
C GLU O 513 -64.71 7.90 -66.40
N ASN O 514 -65.56 6.94 -66.77
CA ASN O 514 -66.35 6.15 -65.79
C ASN O 514 -65.40 5.25 -65.00
N PHE O 515 -64.52 4.51 -65.68
CA PHE O 515 -63.50 3.62 -65.03
C PHE O 515 -62.68 4.43 -64.02
N ALA O 516 -62.26 5.63 -64.41
CA ALA O 516 -61.47 6.57 -63.56
C ALA O 516 -62.23 6.84 -62.25
N GLU O 517 -63.45 7.38 -62.34
CA GLU O 517 -64.27 7.78 -61.16
C GLU O 517 -64.39 6.59 -60.19
N VAL O 518 -64.83 5.43 -60.71
CA VAL O 518 -65.17 4.22 -59.91
C VAL O 518 -63.90 3.65 -59.28
N ASP O 519 -62.77 3.67 -60.00
CA ASP O 519 -61.49 3.03 -59.57
C ASP O 519 -60.71 3.98 -58.67
N GLY O 520 -61.05 5.28 -58.69
CA GLY O 520 -60.42 6.31 -57.85
C GLY O 520 -59.09 6.77 -58.44
N ASP O 521 -59.10 7.16 -59.72
CA ASP O 521 -57.92 7.61 -60.49
C ASP O 521 -58.16 9.04 -60.95
N PRO O 522 -57.68 10.08 -60.22
CA PRO O 522 -56.85 9.91 -59.02
C PRO O 522 -57.67 9.83 -57.74
N PRO O 523 -57.10 9.29 -56.64
CA PRO O 523 -57.74 9.37 -55.32
C PRO O 523 -57.61 10.80 -54.78
N ALA O 524 -58.41 11.14 -53.78
CA ALA O 524 -58.32 12.40 -53.01
C ALA O 524 -57.05 12.37 -52.16
N ALA O 525 -56.18 13.37 -52.32
CA ALA O 525 -54.99 13.58 -51.46
C ALA O 525 -55.44 13.81 -50.02
N PRO O 526 -54.59 13.51 -49.01
CA PRO O 526 -54.88 13.89 -47.63
C PRO O 526 -55.09 15.40 -47.47
N ALA O 527 -55.81 15.80 -46.40
CA ALA O 527 -56.12 17.20 -46.04
C ALA O 527 -54.83 18.00 -45.96
N VAL O 528 -54.79 19.19 -46.57
CA VAL O 528 -53.63 20.12 -46.49
C VAL O 528 -53.31 20.34 -45.00
N ARG O 529 -52.04 20.22 -44.62
CA ARG O 529 -51.53 20.46 -43.24
C ARG O 529 -50.97 21.89 -43.15
N ASP O 530 -50.80 22.38 -41.91
CA ASP O 530 -50.15 23.69 -41.60
C ASP O 530 -48.63 23.47 -41.50
N GLY O 531 -48.18 22.23 -41.30
CA GLY O 531 -46.75 21.86 -41.30
C GLY O 531 -46.53 20.45 -40.75
N PRO O 532 -45.28 20.09 -40.38
CA PRO O 532 -44.97 18.76 -39.89
C PRO O 532 -45.52 18.47 -38.48
N ASP O 533 -45.43 17.22 -38.04
CA ASP O 533 -45.90 16.74 -36.71
C ASP O 533 -45.08 17.39 -35.59
N ALA O 534 -43.80 17.65 -35.83
CA ALA O 534 -42.81 18.14 -34.83
C ALA O 534 -41.86 19.12 -35.51
N PRO O 535 -41.06 19.91 -34.75
CA PRO O 535 -40.00 20.71 -35.35
C PRO O 535 -39.05 19.80 -36.15
N ILE O 536 -38.42 20.34 -37.19
CA ILE O 536 -37.42 19.61 -38.03
C ILE O 536 -36.05 20.25 -37.81
N PRO O 537 -35.18 19.64 -36.98
CA PRO O 537 -33.83 20.16 -36.76
C PRO O 537 -33.02 20.32 -38.06
N GLY O 538 -32.35 21.47 -38.22
CA GLY O 538 -31.39 21.74 -39.31
C GLY O 538 -32.05 21.97 -40.66
N PHE O 539 -33.37 22.17 -40.69
CA PHE O 539 -34.15 22.49 -41.92
C PHE O 539 -34.75 23.89 -41.76
N PRO O 540 -34.92 24.64 -42.87
CA PRO O 540 -35.32 26.05 -42.79
C PRO O 540 -36.72 26.25 -42.18
N ALA O 541 -36.99 27.46 -41.70
CA ALA O 541 -38.24 27.87 -41.00
C ALA O 541 -39.44 27.64 -41.91
N SER O 542 -39.29 27.91 -43.22
CA SER O 542 -40.34 27.78 -44.27
C SER O 542 -40.96 26.38 -44.26
N LEU O 543 -40.21 25.36 -43.83
CA LEU O 543 -40.65 23.93 -43.83
C LEU O 543 -41.15 23.52 -42.44
N GLN O 544 -41.43 24.50 -41.56
CA GLN O 544 -42.07 24.28 -40.23
C GLN O 544 -42.66 25.60 -39.72
N PRO O 545 -43.59 26.24 -40.47
CA PRO O 545 -44.10 27.56 -40.10
C PRO O 545 -45.01 27.51 -38.86
N ASN O 546 -45.63 26.35 -38.61
CA ASN O 546 -46.51 26.07 -37.45
C ASN O 546 -45.68 25.86 -36.17
N TRP O 547 -44.35 25.84 -36.29
CA TRP O 547 -43.39 25.63 -35.18
C TRP O 547 -42.47 26.85 -35.00
N VAL O 548 -42.85 28.01 -35.56
CA VAL O 548 -42.18 29.32 -35.36
C VAL O 548 -42.93 30.09 -34.27
N SER P 1 -12.39 18.67 -67.83
CA SER P 1 -11.72 17.82 -68.88
C SER P 1 -11.94 16.32 -68.57
N ARG P 2 -11.66 15.46 -69.56
CA ARG P 2 -11.94 14.00 -69.52
C ARG P 2 -10.76 13.23 -70.16
N ARG P 3 -9.56 13.42 -69.62
CA ARG P 3 -8.32 12.76 -70.11
C ARG P 3 -8.42 11.23 -69.99
N ASN P 4 -9.19 10.74 -69.02
CA ASN P 4 -9.37 9.28 -68.74
C ASN P 4 -7.99 8.68 -68.45
N LEU P 5 -7.17 9.44 -67.72
CA LEU P 5 -5.75 9.12 -67.40
C LEU P 5 -5.71 7.95 -66.41
N GLY P 6 -5.08 6.84 -66.81
CA GLY P 6 -4.78 5.68 -65.93
C GLY P 6 -5.80 4.57 -66.03
N ALA P 7 -6.63 4.56 -67.09
CA ALA P 7 -7.72 3.57 -67.32
C ALA P 7 -7.26 2.47 -68.29
N GLY P 8 -7.96 1.34 -68.31
CA GLY P 8 -7.86 0.30 -69.36
C GLY P 8 -7.14 -0.97 -68.91
N HIS P 9 -6.71 -1.05 -67.64
CA HIS P 9 -5.88 -2.16 -67.10
C HIS P 9 -6.72 -3.43 -66.92
N TRP P 10 -8.04 -3.29 -66.76
CA TRP P 10 -8.96 -4.40 -66.39
C TRP P 10 -9.94 -4.72 -67.53
N LYS P 11 -9.80 -4.09 -68.70
CA LYS P 11 -10.58 -4.41 -69.94
C LYS P 11 -10.34 -5.86 -70.33
N SER P 12 -11.30 -6.48 -71.02
CA SER P 12 -11.22 -7.88 -71.51
C SER P 12 -10.47 -7.91 -72.84
N PRO P 13 -9.94 -9.08 -73.26
CA PRO P 13 -9.40 -9.23 -74.61
C PRO P 13 -10.37 -8.76 -75.71
N LYS P 14 -10.08 -7.61 -76.34
CA LYS P 14 -10.82 -7.06 -77.51
C LYS P 14 -10.58 -7.98 -78.72
N GLY P 15 -11.61 -8.72 -79.14
CA GLY P 15 -11.52 -9.83 -80.11
C GLY P 15 -11.13 -9.38 -81.51
N LYS P 16 -10.89 -10.33 -82.41
CA LYS P 16 -10.42 -10.10 -83.80
C LYS P 16 -11.54 -9.45 -84.63
N VAL P 17 -11.71 -8.13 -84.47
CA VAL P 17 -12.75 -7.30 -85.16
C VAL P 17 -12.15 -6.71 -86.44
N ASP P 18 -12.28 -7.42 -87.56
CA ASP P 18 -11.84 -6.98 -88.91
C ASP P 18 -13.01 -6.32 -89.63
N PRO P 19 -13.03 -4.98 -89.78
CA PRO P 19 -14.20 -4.27 -90.30
C PRO P 19 -14.47 -4.43 -91.81
N ARG P 20 -13.53 -5.02 -92.57
CA ARG P 20 -13.69 -5.26 -94.04
C ARG P 20 -14.60 -6.48 -94.25
N ALA P 21 -14.55 -7.46 -93.34
CA ALA P 21 -15.41 -8.67 -93.31
C ALA P 21 -16.86 -8.29 -93.01
N GLY P 22 -17.08 -7.20 -92.27
CA GLY P 22 -18.40 -6.66 -91.93
C GLY P 22 -19.24 -7.70 -91.21
N TRP P 23 -20.55 -7.74 -91.51
CA TRP P 23 -21.49 -8.79 -91.02
C TRP P 23 -21.32 -10.05 -91.89
N GLN P 24 -21.28 -11.23 -91.26
CA GLN P 24 -21.35 -12.55 -91.95
C GLN P 24 -22.67 -12.63 -92.74
N ASN P 25 -23.71 -11.96 -92.23
CA ASN P 25 -25.04 -11.75 -92.87
C ASN P 25 -24.88 -11.46 -94.37
N GLY P 26 -23.96 -10.56 -94.73
CA GLY P 26 -23.88 -9.91 -96.05
C GLY P 26 -24.67 -8.61 -96.09
N LYS P 27 -25.36 -8.28 -94.98
CA LYS P 27 -26.31 -7.14 -94.87
C LYS P 27 -25.59 -5.96 -94.21
N GLN P 28 -26.28 -4.82 -94.09
CA GLN P 28 -25.79 -3.56 -93.46
C GLN P 28 -26.28 -3.46 -92.01
N THR P 29 -26.96 -4.50 -91.50
CA THR P 29 -27.52 -4.54 -90.12
C THR P 29 -27.33 -5.94 -89.52
N GLY P 30 -27.18 -6.02 -88.21
CA GLY P 30 -26.84 -7.26 -87.47
C GLY P 30 -27.97 -8.26 -87.46
N SER P 31 -29.22 -7.79 -87.54
CA SER P 31 -30.45 -8.64 -87.58
C SER P 31 -30.61 -9.24 -88.98
N GLY P 32 -29.94 -8.68 -89.99
CA GLY P 32 -30.12 -9.02 -91.40
C GLY P 32 -31.39 -8.41 -91.97
N CYS P 33 -31.96 -7.41 -91.29
CA CYS P 33 -33.26 -6.77 -91.64
C CYS P 33 -33.00 -5.34 -92.16
N GLY P 34 -33.63 -4.97 -93.27
CA GLY P 34 -33.71 -3.57 -93.74
C GLY P 34 -34.68 -2.76 -92.89
N PRO P 35 -34.76 -1.42 -93.06
CA PRO P 35 -35.60 -0.58 -92.19
C PRO P 35 -37.11 -0.76 -92.43
N ASN P 36 -37.50 -1.35 -93.57
CA ASN P 36 -38.92 -1.63 -93.94
C ASN P 36 -39.19 -3.14 -93.85
N GLU P 37 -38.32 -3.90 -93.16
CA GLU P 37 -38.37 -5.38 -93.10
C GLU P 37 -38.57 -5.84 -91.65
N CYS P 38 -38.98 -7.11 -91.48
CA CYS P 38 -39.06 -7.82 -90.19
C CYS P 38 -39.98 -7.07 -89.22
N LYS P 39 -41.10 -6.54 -89.73
CA LYS P 39 -42.09 -5.74 -88.95
C LYS P 39 -43.20 -6.65 -88.44
N GLY P 40 -43.30 -7.89 -88.94
CA GLY P 40 -44.24 -8.91 -88.45
C GLY P 40 -45.27 -9.29 -89.50
N LEU P 41 -45.86 -10.47 -89.38
CA LEU P 41 -46.81 -11.03 -90.38
C LEU P 41 -48.16 -10.34 -90.25
N PRO P 42 -48.89 -10.11 -91.38
CA PRO P 42 -50.23 -9.55 -91.30
C PRO P 42 -51.24 -10.66 -90.94
N ASN P 43 -52.48 -10.26 -90.61
CA ASN P 43 -53.63 -11.17 -90.40
C ASN P 43 -53.40 -12.02 -89.14
N ARG P 44 -52.90 -11.39 -88.07
CA ARG P 44 -52.63 -12.06 -86.77
C ARG P 44 -53.70 -11.63 -85.76
N HIS P 45 -54.02 -12.52 -84.81
CA HIS P 45 -54.87 -12.25 -83.62
C HIS P 45 -53.98 -11.63 -82.54
N LEU P 46 -53.92 -10.28 -82.49
CA LEU P 46 -52.93 -9.49 -81.72
C LEU P 46 -53.37 -9.32 -80.24
N ILE P 47 -54.65 -9.50 -79.93
CA ILE P 47 -55.23 -9.32 -78.57
C ILE P 47 -55.30 -10.67 -77.85
N ARG P 48 -56.04 -11.62 -78.44
CA ARG P 48 -56.16 -13.02 -77.95
C ARG P 48 -55.62 -13.94 -79.03
N PRO P 49 -54.32 -14.33 -78.96
CA PRO P 49 -53.71 -15.19 -79.98
C PRO P 49 -54.14 -16.65 -79.85
N PRO P 50 -54.00 -17.47 -80.92
CA PRO P 50 -54.50 -18.84 -80.94
C PRO P 50 -53.84 -19.73 -79.88
N TYR P 51 -52.51 -19.64 -79.77
CA TYR P 51 -51.78 -20.09 -78.55
C TYR P 51 -51.71 -18.91 -77.58
N MET P 52 -52.41 -19.02 -76.45
CA MET P 52 -52.36 -18.01 -75.36
C MET P 52 -51.44 -18.52 -74.25
N ILE P 53 -50.45 -17.70 -73.88
CA ILE P 53 -49.47 -17.95 -72.78
C ILE P 53 -50.20 -17.96 -71.43
N GLN P 54 -49.52 -18.49 -70.40
CA GLN P 54 -50.00 -18.48 -68.99
C GLN P 54 -49.79 -17.07 -68.42
N ASN P 55 -50.60 -16.10 -68.89
CA ASN P 55 -50.53 -14.69 -68.45
C ASN P 55 -51.29 -14.54 -67.13
N GLY P 56 -50.59 -14.17 -66.06
CA GLY P 56 -51.17 -13.97 -64.72
C GLY P 56 -52.15 -12.81 -64.67
N ALA P 57 -51.97 -11.81 -65.55
CA ALA P 57 -52.79 -10.57 -65.61
C ALA P 57 -54.21 -10.89 -66.08
N GLY P 58 -54.38 -11.91 -66.93
CA GLY P 58 -55.72 -12.35 -67.39
C GLY P 58 -55.68 -13.15 -68.69
N PRO P 59 -56.84 -13.28 -69.37
CA PRO P 59 -56.97 -14.18 -70.53
C PRO P 59 -56.47 -13.63 -71.87
N THR P 60 -56.05 -12.36 -71.89
CA THR P 60 -55.66 -11.58 -73.10
C THR P 60 -54.24 -11.04 -72.87
N LEU P 61 -53.51 -10.74 -73.96
CA LEU P 61 -52.16 -10.13 -73.89
C LEU P 61 -52.24 -8.69 -73.40
N ALA P 62 -53.44 -8.10 -73.37
CA ALA P 62 -53.71 -6.67 -73.14
C ALA P 62 -54.07 -6.37 -71.69
N ASP P 63 -54.42 -7.39 -70.89
CA ASP P 63 -54.91 -7.20 -69.50
C ASP P 63 -53.82 -6.49 -68.68
N SER P 64 -54.19 -5.40 -68.01
CA SER P 64 -53.31 -4.60 -67.11
C SER P 64 -52.18 -3.91 -67.90
N THR P 65 -52.29 -3.84 -69.25
CA THR P 65 -51.29 -3.15 -70.11
C THR P 65 -51.97 -2.51 -71.31
N ALA P 66 -51.18 -2.05 -72.29
CA ALA P 66 -51.64 -1.38 -73.53
C ALA P 66 -52.15 -2.43 -74.52
N ASP P 67 -53.25 -2.13 -75.22
CA ASP P 67 -53.82 -2.96 -76.30
C ASP P 67 -52.64 -3.44 -77.17
N THR P 68 -52.53 -4.75 -77.42
CA THR P 68 -51.37 -5.36 -78.13
C THR P 68 -51.56 -5.32 -79.66
N ASP P 69 -52.63 -4.71 -80.17
CA ASP P 69 -52.88 -4.55 -81.63
C ASP P 69 -52.30 -3.23 -82.15
N LEU P 70 -51.92 -2.32 -81.25
CA LEU P 70 -51.53 -0.92 -81.58
C LEU P 70 -50.32 -0.92 -82.52
N VAL P 71 -50.43 -0.21 -83.66
CA VAL P 71 -49.35 -0.04 -84.65
C VAL P 71 -48.54 1.20 -84.28
N GLN P 72 -47.23 1.03 -84.08
CA GLN P 72 -46.29 2.10 -83.65
C GLN P 72 -45.53 2.60 -84.89
N SER P 73 -44.79 3.70 -84.74
CA SER P 73 -43.88 4.27 -85.77
C SER P 73 -43.04 3.16 -86.40
N GLY P 74 -43.03 3.07 -87.74
CA GLY P 74 -42.25 2.07 -88.49
C GLY P 74 -43.00 0.76 -88.67
N GLY P 75 -44.24 0.67 -88.18
CA GLY P 75 -45.17 -0.46 -88.47
C GLY P 75 -45.13 -1.57 -87.44
N TYR P 76 -44.29 -1.45 -86.39
CA TYR P 76 -44.18 -2.46 -85.29
C TYR P 76 -45.48 -2.45 -84.47
N VAL P 77 -46.01 -3.65 -84.15
CA VAL P 77 -47.25 -3.81 -83.33
C VAL P 77 -46.85 -4.16 -81.88
N GLN P 78 -47.65 -3.68 -80.93
CA GLN P 78 -47.41 -3.83 -79.46
C GLN P 78 -47.24 -5.31 -79.09
N TYR P 79 -48.04 -6.19 -79.68
CA TYR P 79 -47.91 -7.68 -79.59
C TYR P 79 -46.43 -8.07 -79.50
N ASP P 80 -45.65 -7.66 -80.49
CA ASP P 80 -44.22 -8.04 -80.68
C ASP P 80 -43.32 -7.27 -79.69
N THR P 81 -43.55 -5.96 -79.51
CA THR P 81 -42.61 -5.03 -78.85
C THR P 81 -42.99 -4.77 -77.38
N HIS P 82 -44.06 -5.39 -76.88
CA HIS P 82 -44.59 -5.15 -75.51
C HIS P 82 -43.48 -5.29 -74.47
N ASN P 83 -42.67 -6.35 -74.58
CA ASN P 83 -41.56 -6.67 -73.65
C ASN P 83 -40.44 -5.62 -73.74
N LEU P 84 -40.44 -4.78 -74.78
CA LEU P 84 -39.39 -3.75 -75.01
C LEU P 84 -39.85 -2.38 -74.52
N TYR P 85 -41.15 -2.16 -74.31
CA TYR P 85 -41.72 -0.82 -73.97
C TYR P 85 -41.04 -0.30 -72.71
N GLY P 86 -40.90 -1.15 -71.68
CA GLY P 86 -40.18 -0.85 -70.43
C GLY P 86 -38.75 -0.48 -70.71
N ALA P 87 -38.04 -1.35 -71.44
CA ALA P 87 -36.64 -1.14 -71.87
C ALA P 87 -36.53 0.23 -72.56
N MET P 88 -37.42 0.50 -73.53
CA MET P 88 -37.32 1.66 -74.45
C MET P 88 -37.68 2.96 -73.72
N MET P 89 -38.59 2.91 -72.73
CA MET P 89 -38.85 4.08 -71.85
C MET P 89 -37.60 4.36 -71.00
N SER P 90 -36.98 3.31 -70.46
CA SER P 90 -35.76 3.38 -69.64
C SER P 90 -34.60 4.02 -70.43
N SER P 91 -34.43 3.63 -71.70
CA SER P 91 -33.42 4.17 -72.65
C SER P 91 -33.68 5.65 -72.95
N HIS P 92 -34.94 6.06 -73.11
CA HIS P 92 -35.33 7.47 -73.39
C HIS P 92 -35.13 8.32 -72.14
N SER P 93 -35.45 7.77 -70.97
CA SER P 93 -35.38 8.47 -69.66
C SER P 93 -33.91 8.67 -69.25
N HIS P 94 -33.04 7.70 -69.56
CA HIS P 94 -31.58 7.80 -69.31
C HIS P 94 -30.98 8.95 -70.15
N ASN P 95 -31.37 9.05 -71.42
CA ASN P 95 -30.86 10.09 -72.36
C ASN P 95 -31.39 11.46 -71.93
N ALA P 96 -32.62 11.52 -71.44
CA ALA P 96 -33.24 12.75 -70.90
C ALA P 96 -32.43 13.24 -69.69
N MET P 97 -32.04 12.32 -68.81
CA MET P 97 -31.23 12.62 -67.59
C MET P 97 -29.82 13.06 -68.00
N ARG P 98 -29.29 12.52 -69.10
CA ARG P 98 -27.95 12.90 -69.63
C ARG P 98 -28.03 14.30 -70.26
N ALA P 99 -29.14 14.65 -70.90
CA ALA P 99 -29.33 15.97 -71.56
C ALA P 99 -29.30 17.09 -70.51
N ARG P 100 -29.79 16.82 -69.29
CA ARG P 100 -29.95 17.84 -68.22
C ARG P 100 -28.69 17.90 -67.34
N ARG P 101 -27.85 16.86 -67.39
CA ARG P 101 -26.53 16.80 -66.70
C ARG P 101 -25.59 15.91 -67.52
N PRO P 102 -25.04 16.40 -68.66
CA PRO P 102 -24.30 15.54 -69.59
C PRO P 102 -22.88 15.13 -69.16
N ASP P 103 -22.37 15.67 -68.05
CA ASP P 103 -21.04 15.32 -67.48
C ASP P 103 -21.17 14.13 -66.51
N ASP P 104 -22.39 13.87 -66.03
CA ASP P 104 -22.68 12.95 -64.90
C ASP P 104 -23.24 11.64 -65.43
N ARG P 105 -22.80 10.51 -64.86
CA ARG P 105 -23.49 9.20 -64.99
C ARG P 105 -24.93 9.39 -64.49
N ALA P 106 -25.91 8.93 -65.28
CA ALA P 106 -27.35 9.01 -64.95
C ALA P 106 -27.77 7.68 -64.28
N LEU P 107 -28.04 7.73 -62.97
CA LEU P 107 -28.63 6.59 -62.22
C LEU P 107 -30.13 6.56 -62.50
N VAL P 108 -30.62 5.46 -63.09
CA VAL P 108 -32.06 5.30 -63.44
C VAL P 108 -32.52 3.94 -62.89
N ILE P 109 -33.32 3.97 -61.82
CA ILE P 109 -33.96 2.78 -61.19
C ILE P 109 -35.29 2.57 -61.89
N THR P 110 -35.46 1.45 -62.60
CA THR P 110 -36.62 1.16 -63.47
C THR P 110 -37.20 -0.22 -63.14
N ARG P 111 -38.49 -0.42 -63.41
CA ARG P 111 -39.19 -1.68 -63.11
C ARG P 111 -39.01 -2.63 -64.30
N SER P 112 -39.80 -2.46 -65.36
CA SER P 112 -39.77 -3.37 -66.54
C SER P 112 -38.47 -3.17 -67.31
N THR P 113 -37.82 -4.29 -67.65
CA THR P 113 -36.58 -4.36 -68.46
C THR P 113 -36.70 -5.52 -69.45
N PHE P 114 -35.96 -5.45 -70.55
CA PHE P 114 -35.69 -6.58 -71.48
C PHE P 114 -34.17 -6.83 -71.47
N ALA P 115 -33.74 -8.00 -71.93
CA ALA P 115 -32.31 -8.35 -72.14
C ALA P 115 -31.59 -7.16 -72.81
N GLY P 116 -30.40 -6.81 -72.31
CA GLY P 116 -29.59 -5.72 -72.88
C GLY P 116 -29.79 -4.38 -72.17
N SER P 117 -30.85 -4.22 -71.37
CA SER P 117 -31.22 -2.93 -70.71
C SER P 117 -30.19 -2.55 -69.65
N GLY P 118 -29.35 -3.49 -69.22
CA GLY P 118 -28.26 -3.26 -68.28
C GLY P 118 -27.29 -2.18 -68.75
N LYS P 119 -27.21 -1.94 -70.07
CA LYS P 119 -26.25 -0.97 -70.69
C LYS P 119 -26.66 0.48 -70.41
N ASP P 120 -27.92 0.77 -70.05
CA ASP P 120 -28.35 2.17 -69.79
C ASP P 120 -29.25 2.31 -68.54
N VAL P 121 -29.70 1.22 -67.90
CA VAL P 121 -30.57 1.35 -66.68
C VAL P 121 -30.26 0.26 -65.65
N SER P 122 -30.50 0.59 -64.39
CA SER P 122 -30.47 -0.30 -63.19
C SER P 122 -31.92 -0.66 -62.84
N HIS P 123 -32.11 -1.61 -61.92
CA HIS P 123 -33.43 -2.23 -61.62
C HIS P 123 -33.69 -2.20 -60.11
N TRP P 124 -34.96 -2.10 -59.71
CA TRP P 124 -35.45 -2.55 -58.39
C TRP P 124 -36.59 -3.55 -58.66
N LEU P 125 -36.82 -4.47 -57.72
CA LEU P 125 -37.57 -5.74 -57.96
C LEU P 125 -39.08 -5.54 -57.77
N GLY P 126 -39.55 -4.29 -57.67
CA GLY P 126 -40.96 -3.92 -57.75
C GLY P 126 -41.71 -4.11 -56.44
N ASP P 127 -43.03 -4.28 -56.52
CA ASP P 127 -43.98 -4.32 -55.38
C ASP P 127 -43.94 -5.69 -54.70
N ASN P 128 -43.00 -5.87 -53.76
CA ASN P 128 -42.93 -7.06 -52.86
C ASN P 128 -43.88 -6.82 -51.67
N VAL P 129 -43.85 -7.70 -50.67
CA VAL P 129 -44.70 -7.64 -49.45
C VAL P 129 -43.82 -7.86 -48.21
N SER P 130 -44.16 -7.21 -47.09
CA SER P 130 -43.47 -7.33 -45.79
C SER P 130 -43.66 -8.73 -45.22
N GLY P 131 -42.98 -9.73 -45.80
CA GLY P 131 -43.03 -11.14 -45.37
C GLY P 131 -41.70 -11.83 -45.61
N TRP P 132 -41.42 -12.88 -44.83
CA TRP P 132 -40.14 -13.63 -44.83
C TRP P 132 -39.89 -14.32 -46.17
N LEU P 133 -40.95 -14.65 -46.92
CA LEU P 133 -40.85 -15.27 -48.27
C LEU P 133 -40.16 -14.28 -49.23
N TRP P 134 -40.59 -13.02 -49.22
CA TRP P 134 -40.08 -11.93 -50.09
C TRP P 134 -38.65 -11.56 -49.66
N TYR P 135 -38.36 -11.69 -48.37
CA TYR P 135 -37.00 -11.58 -47.77
C TYR P 135 -36.13 -12.71 -48.30
N GLN P 136 -36.63 -13.96 -48.23
CA GLN P 136 -35.90 -15.19 -48.62
C GLN P 136 -35.54 -15.19 -50.10
N LEU P 137 -36.49 -14.78 -50.96
CA LEU P 137 -36.41 -14.96 -52.44
C LEU P 137 -35.73 -13.75 -53.09
N SER P 138 -35.41 -12.71 -52.31
CA SER P 138 -34.69 -11.49 -52.78
C SER P 138 -33.28 -11.85 -53.28
N ILE P 139 -32.66 -12.90 -52.73
CA ILE P 139 -31.28 -13.32 -53.09
C ILE P 139 -31.32 -13.98 -54.49
N SER P 140 -32.27 -14.87 -54.74
CA SER P 140 -32.52 -15.43 -56.10
C SER P 140 -32.57 -14.29 -57.12
N GLN P 141 -33.34 -13.23 -56.80
CA GLN P 141 -33.68 -12.13 -57.74
C GLN P 141 -32.44 -11.26 -58.00
N ILE P 142 -31.74 -10.82 -56.95
CA ILE P 142 -30.53 -9.95 -57.11
C ILE P 142 -29.47 -10.73 -57.90
N LEU P 143 -29.35 -12.04 -57.66
CA LEU P 143 -28.38 -12.92 -58.38
C LEU P 143 -28.79 -13.03 -59.86
N GLN P 144 -30.08 -13.09 -60.15
CA GLN P 144 -30.60 -13.09 -61.55
C GLN P 144 -30.06 -11.86 -62.30
N PHE P 145 -30.24 -10.67 -61.73
CA PHE P 145 -29.96 -9.38 -62.43
C PHE P 145 -28.45 -9.14 -62.52
N ALA P 146 -27.75 -9.18 -61.38
CA ALA P 146 -26.31 -8.84 -61.26
C ALA P 146 -25.46 -9.93 -61.92
N SER P 147 -25.79 -11.21 -61.74
CA SER P 147 -24.93 -12.38 -62.11
C SER P 147 -25.30 -12.96 -63.47
N LEU P 148 -26.54 -12.77 -63.94
CA LEU P 148 -27.07 -13.38 -65.19
C LEU P 148 -27.40 -12.29 -66.23
N TYR P 149 -28.21 -11.29 -65.86
CA TYR P 149 -28.86 -10.37 -66.84
C TYR P 149 -28.02 -9.11 -67.10
N GLN P 150 -26.84 -9.01 -66.48
CA GLN P 150 -25.87 -7.88 -66.66
C GLN P 150 -26.53 -6.56 -66.25
N ILE P 151 -27.38 -6.58 -65.22
CA ILE P 151 -27.94 -5.38 -64.55
C ILE P 151 -27.42 -5.39 -63.11
N PRO P 152 -26.20 -4.86 -62.89
CA PRO P 152 -25.46 -5.11 -61.66
C PRO P 152 -26.08 -4.46 -60.41
N VAL P 153 -26.69 -3.28 -60.58
CA VAL P 153 -27.34 -2.52 -59.47
C VAL P 153 -28.81 -2.93 -59.40
N VAL P 154 -29.17 -3.66 -58.35
CA VAL P 154 -30.50 -4.31 -58.20
C VAL P 154 -30.78 -4.50 -56.71
N GLY P 155 -32.05 -4.44 -56.31
CA GLY P 155 -32.50 -4.73 -54.94
C GLY P 155 -34.01 -4.66 -54.82
N PRO P 156 -34.61 -5.29 -53.80
CA PRO P 156 -36.04 -5.16 -53.51
C PRO P 156 -36.34 -3.90 -52.69
N ASP P 157 -37.61 -3.69 -52.36
CA ASP P 157 -38.04 -2.74 -51.30
C ASP P 157 -37.71 -3.40 -49.95
N VAL P 158 -36.65 -2.94 -49.29
CA VAL P 158 -36.19 -3.47 -47.98
C VAL P 158 -37.29 -3.19 -46.94
N CYS P 159 -37.66 -4.22 -46.18
CA CYS P 159 -38.75 -4.28 -45.18
C CYS P 159 -40.11 -4.43 -45.88
N GLY P 160 -40.13 -4.48 -47.21
CA GLY P 160 -41.31 -4.86 -48.03
C GLY P 160 -42.20 -3.67 -48.37
N PHE P 161 -42.77 -3.68 -49.58
CA PHE P 161 -43.71 -2.64 -50.09
C PHE P 161 -45.10 -2.86 -49.47
N GLY P 162 -45.76 -3.95 -49.85
CA GLY P 162 -47.10 -4.32 -49.36
C GLY P 162 -47.10 -4.71 -47.90
N GLY P 163 -48.26 -4.59 -47.23
CA GLY P 163 -48.49 -5.10 -45.87
C GLY P 163 -47.83 -4.23 -44.80
N ASN P 164 -47.87 -4.69 -43.55
CA ASN P 164 -47.18 -4.06 -42.40
C ASN P 164 -46.02 -4.95 -41.96
N VAL P 165 -44.80 -4.40 -41.89
CA VAL P 165 -43.58 -5.15 -41.48
C VAL P 165 -43.54 -5.23 -39.95
N THR P 166 -43.03 -6.35 -39.43
CA THR P 166 -42.72 -6.56 -37.99
C THR P 166 -41.32 -5.99 -37.70
N GLU P 167 -41.07 -5.59 -36.45
CA GLU P 167 -39.75 -5.09 -35.96
C GLU P 167 -38.66 -6.10 -36.31
N THR P 168 -38.92 -7.39 -36.09
CA THR P 168 -37.95 -8.50 -36.24
C THR P 168 -37.58 -8.68 -37.73
N LEU P 169 -38.57 -8.63 -38.63
CA LEU P 169 -38.38 -8.84 -40.09
C LEU P 169 -37.62 -7.66 -40.70
N CYS P 170 -37.97 -6.42 -40.33
CA CYS P 170 -37.37 -5.17 -40.88
C CYS P 170 -35.91 -5.03 -40.42
N ALA P 171 -35.57 -5.56 -39.24
CA ALA P 171 -34.20 -5.58 -38.66
C ALA P 171 -33.34 -6.58 -39.44
N ARG P 172 -33.88 -7.76 -39.71
CA ARG P 172 -33.24 -8.81 -40.53
C ARG P 172 -33.00 -8.25 -41.95
N TRP P 173 -33.99 -7.53 -42.49
CA TRP P 173 -33.96 -7.02 -43.89
C TRP P 173 -32.94 -5.86 -44.00
N ALA P 174 -32.90 -4.96 -43.01
CA ALA P 174 -31.93 -3.83 -42.93
C ALA P 174 -30.50 -4.35 -43.09
N THR P 175 -30.19 -5.49 -42.46
CA THR P 175 -28.82 -6.09 -42.42
C THR P 175 -28.56 -6.80 -43.75
N LEU P 176 -29.50 -7.61 -44.22
CA LEU P 176 -29.42 -8.25 -45.57
C LEU P 176 -29.37 -7.15 -46.63
N GLY P 177 -30.19 -6.10 -46.47
CA GLY P 177 -30.31 -4.96 -47.40
C GLY P 177 -28.99 -4.25 -47.61
N SER P 178 -28.10 -4.29 -46.61
CA SER P 178 -26.77 -3.64 -46.63
C SER P 178 -25.85 -4.28 -47.67
N PHE P 179 -26.18 -5.47 -48.19
CA PHE P 179 -25.36 -6.21 -49.19
C PHE P 179 -26.10 -6.38 -50.51
N TYR P 180 -27.14 -5.56 -50.75
CA TYR P 180 -27.75 -5.35 -52.09
C TYR P 180 -26.98 -4.22 -52.79
N THR P 181 -26.72 -4.35 -54.09
CA THR P 181 -26.03 -3.32 -54.91
C THR P 181 -26.89 -2.05 -54.95
N PHE P 182 -28.22 -2.21 -54.82
CA PHE P 182 -29.21 -1.13 -54.61
C PHE P 182 -29.91 -1.36 -53.27
N PHE P 183 -29.70 -0.44 -52.32
CA PHE P 183 -30.15 -0.54 -50.91
C PHE P 183 -31.21 0.52 -50.66
N ARG P 184 -32.47 0.10 -50.57
CA ARG P 184 -33.63 1.03 -50.56
C ARG P 184 -34.81 0.42 -49.80
N ASN P 185 -35.24 1.13 -48.75
CA ASN P 185 -36.49 0.88 -47.97
C ASN P 185 -37.62 1.66 -48.65
N HIS P 186 -38.73 0.98 -48.96
CA HIS P 186 -39.93 1.59 -49.58
C HIS P 186 -41.17 0.80 -49.13
N ALA P 187 -42.32 1.47 -49.08
CA ALA P 187 -43.59 0.95 -48.52
C ALA P 187 -44.79 1.56 -49.28
N GLU P 188 -45.88 0.79 -49.41
CA GLU P 188 -47.14 1.26 -50.05
C GLU P 188 -47.77 2.32 -49.14
N ILE P 189 -48.80 3.02 -49.65
CA ILE P 189 -49.49 4.16 -48.97
C ILE P 189 -50.19 3.70 -47.68
N TYR P 190 -50.72 2.47 -47.65
CA TYR P 190 -51.53 1.94 -46.52
C TYR P 190 -50.65 1.14 -45.55
N ALA P 191 -49.36 0.98 -45.86
CA ALA P 191 -48.34 0.42 -44.95
C ALA P 191 -48.04 1.44 -43.85
N ASN P 192 -47.89 0.98 -42.60
CA ASN P 192 -47.40 1.80 -41.47
C ASN P 192 -45.97 2.23 -41.79
N PRO P 193 -45.50 3.38 -41.26
CA PRO P 193 -44.13 3.84 -41.52
C PRO P 193 -43.07 2.81 -41.08
N GLN P 194 -42.05 2.57 -41.90
CA GLN P 194 -41.01 1.53 -41.64
C GLN P 194 -39.60 2.09 -41.87
N GLU P 195 -39.40 3.41 -41.73
CA GLU P 195 -38.06 4.03 -41.64
C GLU P 195 -37.28 3.35 -40.51
N PHE P 196 -35.96 3.25 -40.61
CA PHE P 196 -35.14 2.43 -39.70
C PHE P 196 -35.19 2.97 -38.26
N TYR P 197 -35.51 4.25 -38.08
CA TYR P 197 -35.57 4.92 -36.75
C TYR P 197 -36.89 4.63 -36.01
N ARG P 198 -37.84 3.93 -36.63
CA ARG P 198 -39.19 3.70 -36.08
C ARG P 198 -39.14 2.65 -34.96
N TRP P 199 -38.22 1.68 -35.04
CA TRP P 199 -37.94 0.67 -33.98
C TRP P 199 -36.48 0.80 -33.53
N PRO P 200 -36.16 0.57 -32.24
CA PRO P 200 -34.77 0.62 -31.77
C PRO P 200 -33.91 -0.55 -32.28
N THR P 201 -34.49 -1.76 -32.34
CA THR P 201 -33.84 -3.00 -32.86
C THR P 201 -33.50 -2.82 -34.35
N VAL P 202 -34.39 -2.18 -35.12
CA VAL P 202 -34.21 -1.93 -36.58
C VAL P 202 -33.16 -0.83 -36.77
N ALA P 203 -33.22 0.24 -35.96
CA ALA P 203 -32.26 1.36 -35.95
C ALA P 203 -30.84 0.80 -35.82
N GLN P 204 -30.61 -0.04 -34.81
CA GLN P 204 -29.26 -0.61 -34.50
C GLN P 204 -28.84 -1.58 -35.61
N ALA P 205 -29.77 -2.40 -36.11
CA ALA P 205 -29.53 -3.35 -37.24
C ALA P 205 -29.04 -2.56 -38.46
N ALA P 206 -29.64 -1.41 -38.75
CA ALA P 206 -29.28 -0.50 -39.86
C ALA P 206 -27.88 0.09 -39.63
N ARG P 207 -27.64 0.66 -38.44
CA ARG P 207 -26.33 1.26 -38.07
C ARG P 207 -25.21 0.24 -38.34
N ASN P 208 -25.37 -1.00 -37.87
CA ASN P 208 -24.40 -2.12 -38.04
C ASN P 208 -24.24 -2.43 -39.53
N GLY P 209 -25.37 -2.65 -40.22
CA GLY P 209 -25.42 -3.03 -41.64
C GLY P 209 -24.79 -1.97 -42.54
N ILE P 210 -25.21 -0.71 -42.40
CA ILE P 210 -24.74 0.43 -43.22
C ILE P 210 -23.25 0.66 -42.94
N SER P 211 -22.82 0.51 -41.68
CA SER P 211 -21.39 0.64 -41.29
C SER P 211 -20.55 -0.35 -42.12
N ILE P 212 -20.95 -1.62 -42.16
CA ILE P 212 -20.22 -2.69 -42.92
C ILE P 212 -20.24 -2.33 -44.41
N ARG P 213 -21.40 -1.98 -44.96
CA ARG P 213 -21.61 -1.60 -46.39
C ARG P 213 -20.65 -0.46 -46.75
N TYR P 214 -20.57 0.57 -45.90
CA TYR P 214 -19.85 1.84 -46.19
C TYR P 214 -18.33 1.60 -46.12
N GLN P 215 -17.87 0.85 -45.12
CA GLN P 215 -16.47 0.35 -45.07
C GLN P 215 -16.16 -0.37 -46.39
N LEU P 216 -17.14 -1.09 -46.95
CA LEU P 216 -16.99 -1.87 -48.21
C LEU P 216 -17.48 -1.09 -49.45
N LEU P 217 -17.71 0.22 -49.38
CA LEU P 217 -18.36 0.96 -50.50
C LEU P 217 -17.43 1.00 -51.72
N ASP P 218 -16.12 1.23 -51.50
CA ASP P 218 -15.11 1.26 -52.60
C ASP P 218 -14.95 -0.16 -53.15
N TYR P 219 -15.10 -1.18 -52.29
CA TYR P 219 -15.02 -2.63 -52.64
C TYR P 219 -16.08 -2.96 -53.69
N ILE P 220 -17.34 -2.59 -53.46
CA ILE P 220 -18.49 -2.90 -54.38
C ILE P 220 -18.47 -1.95 -55.58
N TYR P 221 -18.13 -0.68 -55.36
CA TYR P 221 -17.88 0.32 -56.44
C TYR P 221 -16.88 -0.25 -57.45
N THR P 222 -15.80 -0.87 -56.96
CA THR P 222 -14.74 -1.52 -57.77
C THR P 222 -15.30 -2.74 -58.51
N ALA P 223 -16.08 -3.57 -57.81
CA ALA P 223 -16.72 -4.78 -58.36
C ALA P 223 -17.67 -4.39 -59.50
N ILE P 224 -18.43 -3.30 -59.33
CA ILE P 224 -19.37 -2.77 -60.36
C ILE P 224 -18.57 -2.17 -61.52
N TYR P 225 -17.48 -1.43 -61.23
CA TYR P 225 -16.58 -0.91 -62.29
C TYR P 225 -16.05 -2.08 -63.14
N LYS P 226 -15.60 -3.17 -62.51
CA LYS P 226 -15.03 -4.34 -63.23
C LYS P 226 -16.11 -4.98 -64.12
N GLN P 227 -17.37 -5.05 -63.65
CA GLN P 227 -18.51 -5.55 -64.45
C GLN P 227 -18.72 -4.64 -65.66
N ASN P 228 -18.65 -3.32 -65.44
CA ASN P 228 -18.69 -2.29 -66.51
C ASN P 228 -17.61 -2.59 -67.56
N GLN P 229 -16.42 -3.02 -67.12
CA GLN P 229 -15.22 -3.17 -67.99
C GLN P 229 -15.24 -4.51 -68.75
N THR P 230 -15.71 -5.60 -68.12
CA THR P 230 -15.61 -6.99 -68.67
C THR P 230 -16.94 -7.77 -68.59
N GLY P 231 -17.82 -7.43 -67.65
CA GLY P 231 -19.08 -8.18 -67.40
C GLY P 231 -18.93 -9.21 -66.30
N THR P 232 -17.75 -9.31 -65.67
CA THR P 232 -17.52 -10.20 -64.50
C THR P 232 -18.43 -9.69 -63.37
N PRO P 233 -19.34 -10.54 -62.85
CA PRO P 233 -20.39 -10.10 -61.92
C PRO P 233 -19.96 -9.51 -60.56
N ALA P 234 -20.69 -8.50 -60.09
CA ALA P 234 -20.48 -7.74 -58.83
C ALA P 234 -21.20 -8.44 -57.66
N LEU P 235 -22.19 -9.29 -57.95
CA LEU P 235 -22.72 -10.33 -57.02
C LEU P 235 -22.46 -11.70 -57.67
N ASN P 236 -22.18 -12.72 -56.88
CA ASN P 236 -21.81 -14.07 -57.38
C ASN P 236 -22.53 -15.14 -56.59
N PRO P 237 -23.27 -16.05 -57.26
CA PRO P 237 -23.71 -17.29 -56.61
C PRO P 237 -22.49 -18.03 -56.05
N LEU P 238 -22.68 -18.88 -55.04
CA LEU P 238 -21.59 -19.67 -54.44
C LEU P 238 -20.93 -20.53 -55.53
N PHE P 239 -21.71 -21.04 -56.49
CA PHE P 239 -21.20 -21.97 -57.54
C PHE P 239 -20.30 -21.21 -58.53
N PHE P 240 -20.40 -19.88 -58.61
CA PHE P 240 -19.51 -19.04 -59.46
C PHE P 240 -18.07 -19.13 -58.93
N ASN P 241 -17.90 -19.36 -57.62
CA ASN P 241 -16.57 -19.43 -56.95
C ASN P 241 -16.14 -20.88 -56.71
N TYR P 242 -17.09 -21.80 -56.54
CA TYR P 242 -16.84 -23.25 -56.30
C TYR P 242 -17.64 -24.06 -57.32
N PRO P 243 -17.33 -23.91 -58.63
CA PRO P 243 -18.07 -24.60 -59.69
C PRO P 243 -17.98 -26.13 -59.70
N ASN P 244 -17.01 -26.71 -58.98
CA ASN P 244 -16.76 -28.18 -58.93
C ASN P 244 -17.40 -28.80 -57.67
N ASP P 245 -18.08 -28.00 -56.86
CA ASP P 245 -18.76 -28.42 -55.60
C ASP P 245 -20.27 -28.43 -55.82
N PRO P 246 -20.89 -29.61 -56.12
CA PRO P 246 -22.32 -29.66 -56.44
C PRO P 246 -23.27 -29.25 -55.29
N ASN P 247 -22.77 -29.13 -54.07
CA ASN P 247 -23.57 -28.72 -52.87
C ASN P 247 -23.96 -27.25 -52.99
N THR P 248 -23.23 -26.47 -53.78
CA THR P 248 -23.44 -25.00 -53.94
C THR P 248 -24.50 -24.73 -55.01
N TYR P 249 -24.68 -25.63 -55.99
CA TYR P 249 -25.46 -25.40 -57.23
C TYR P 249 -26.87 -24.87 -56.90
N PRO P 250 -27.63 -25.47 -55.96
CA PRO P 250 -28.97 -25.00 -55.65
C PRO P 250 -29.08 -23.89 -54.57
N ILE P 251 -27.96 -23.42 -54.02
CA ILE P 251 -27.94 -22.47 -52.87
C ILE P 251 -28.32 -21.07 -53.37
N ASP P 252 -29.42 -20.53 -52.84
CA ASP P 252 -29.91 -19.15 -53.15
C ASP P 252 -30.24 -18.39 -51.87
N LEU P 253 -29.82 -18.89 -50.69
CA LEU P 253 -30.05 -18.22 -49.38
C LEU P 253 -28.74 -17.64 -48.85
N GLN P 254 -27.63 -17.91 -49.54
CA GLN P 254 -26.32 -17.24 -49.40
C GLN P 254 -25.87 -16.73 -50.76
N PHE P 255 -25.01 -15.72 -50.78
CA PHE P 255 -24.38 -15.17 -52.00
C PHE P 255 -23.07 -14.47 -51.63
N PHE P 256 -22.21 -14.29 -52.64
CA PHE P 256 -20.99 -13.44 -52.56
C PHE P 256 -21.35 -12.02 -52.99
N TYR P 257 -21.10 -11.06 -52.09
CA TYR P 257 -21.09 -9.60 -52.33
C TYR P 257 -19.69 -9.23 -52.82
N GLY P 258 -19.58 -8.70 -54.03
CA GLY P 258 -18.32 -8.71 -54.79
C GLY P 258 -17.88 -10.14 -55.03
N ASP P 259 -16.57 -10.40 -55.05
CA ASP P 259 -16.01 -11.75 -55.37
C ASP P 259 -15.79 -12.55 -54.10
N GLY P 260 -15.77 -11.90 -52.92
CA GLY P 260 -15.09 -12.41 -51.72
C GLY P 260 -15.97 -12.49 -50.47
N ILE P 261 -16.92 -11.56 -50.30
CA ILE P 261 -17.68 -11.41 -49.03
C ILE P 261 -18.91 -12.33 -49.08
N LEU P 262 -18.85 -13.43 -48.32
CA LEU P 262 -19.97 -14.40 -48.15
C LEU P 262 -21.01 -13.78 -47.22
N VAL P 263 -22.21 -13.51 -47.73
CA VAL P 263 -23.38 -13.02 -46.94
C VAL P 263 -24.26 -14.23 -46.62
N SER P 264 -24.43 -14.53 -45.33
CA SER P 264 -25.11 -15.73 -44.79
C SER P 264 -26.18 -15.31 -43.78
N PRO P 265 -27.29 -14.69 -44.25
CA PRO P 265 -28.29 -14.12 -43.34
C PRO P 265 -29.17 -15.18 -42.67
N VAL P 266 -29.75 -14.85 -41.51
CA VAL P 266 -30.82 -15.66 -40.84
C VAL P 266 -32.08 -15.56 -41.70
N THR P 267 -32.58 -16.71 -42.17
CA THR P 267 -33.67 -16.85 -43.18
C THR P 267 -34.98 -17.30 -42.51
N GLU P 268 -34.91 -18.11 -41.45
CA GLU P 268 -36.10 -18.65 -40.73
C GLU P 268 -36.76 -17.54 -39.92
N GLU P 269 -38.10 -17.50 -39.93
CA GLU P 269 -38.93 -16.50 -39.21
C GLU P 269 -38.73 -16.65 -37.70
N ASN P 270 -38.54 -15.53 -36.99
CA ASN P 270 -38.45 -15.44 -35.51
C ASN P 270 -37.46 -16.50 -35.00
N SER P 271 -36.24 -16.49 -35.56
CA SER P 271 -35.11 -17.39 -35.23
C SER P 271 -33.84 -16.56 -35.05
N THR P 272 -32.98 -16.93 -34.09
CA THR P 272 -31.62 -16.36 -33.89
C THR P 272 -30.58 -17.36 -34.37
N SER P 273 -31.01 -18.53 -34.85
CA SER P 273 -30.14 -19.59 -35.42
C SER P 273 -30.10 -19.45 -36.94
N VAL P 274 -28.99 -19.90 -37.55
CA VAL P 274 -28.83 -20.02 -39.03
C VAL P 274 -28.07 -21.32 -39.30
N THR P 275 -28.52 -22.08 -40.30
CA THR P 275 -27.77 -23.18 -40.96
C THR P 275 -27.31 -22.65 -42.33
N PHE P 276 -26.02 -22.69 -42.61
CA PHE P 276 -25.43 -22.13 -43.86
C PHE P 276 -24.24 -22.97 -44.29
N TYR P 277 -23.86 -22.84 -45.57
CA TYR P 277 -22.81 -23.65 -46.22
C TYR P 277 -21.50 -22.85 -46.26
N LEU P 278 -20.41 -23.50 -45.84
CA LEU P 278 -19.00 -23.02 -45.98
C LEU P 278 -18.29 -23.93 -46.97
N PRO P 279 -17.99 -23.45 -48.20
CA PRO P 279 -17.23 -24.22 -49.18
C PRO P 279 -15.85 -24.71 -48.71
N ASP P 280 -15.23 -25.59 -49.49
CA ASP P 280 -13.87 -26.14 -49.23
C ASP P 280 -12.82 -25.07 -49.52
N ASP P 281 -12.64 -24.15 -48.56
CA ASP P 281 -11.70 -23.00 -48.66
C ASP P 281 -11.46 -22.42 -47.26
N ILE P 282 -10.45 -21.57 -47.12
CA ILE P 282 -10.20 -20.78 -45.86
C ILE P 282 -11.07 -19.52 -45.91
N PHE P 283 -11.80 -19.26 -44.83
CA PHE P 283 -12.63 -18.05 -44.61
C PHE P 283 -12.16 -17.39 -43.31
N TYR P 284 -12.52 -16.11 -43.14
CA TYR P 284 -12.25 -15.32 -41.91
C TYR P 284 -13.52 -14.57 -41.55
N GLU P 285 -13.91 -14.59 -40.27
CA GLU P 285 -15.09 -13.86 -39.74
C GLU P 285 -14.91 -12.36 -40.03
N TRP P 286 -16.00 -11.65 -40.32
CA TRP P 286 -15.99 -10.16 -40.40
C TRP P 286 -15.66 -9.59 -39.03
N GLY P 287 -14.99 -8.44 -38.97
CA GLY P 287 -14.73 -7.67 -37.74
C GLY P 287 -13.59 -8.27 -36.93
N THR P 288 -13.81 -9.46 -36.36
CA THR P 288 -12.82 -10.23 -35.56
C THR P 288 -11.67 -10.68 -36.45
N GLY P 289 -11.97 -11.17 -37.67
CA GLY P 289 -10.97 -11.68 -38.63
C GLY P 289 -10.55 -13.11 -38.31
N LYS P 290 -11.17 -13.73 -37.29
CA LYS P 290 -10.85 -15.10 -36.81
C LYS P 290 -10.98 -16.08 -37.97
N PRO P 291 -9.92 -16.83 -38.33
CA PRO P 291 -10.02 -17.87 -39.35
C PRO P 291 -11.08 -18.93 -39.01
N VAL P 292 -11.56 -19.63 -40.03
CA VAL P 292 -12.57 -20.74 -39.92
C VAL P 292 -12.51 -21.54 -41.23
N ARG P 293 -11.87 -22.71 -41.19
CA ARG P 293 -11.62 -23.56 -42.38
C ARG P 293 -12.93 -24.29 -42.72
N GLY P 294 -13.55 -23.92 -43.84
CA GLY P 294 -14.68 -24.66 -44.43
C GLY P 294 -14.18 -25.89 -45.17
N GLN P 295 -14.88 -27.02 -45.02
CA GLN P 295 -14.50 -28.32 -45.64
C GLN P 295 -15.65 -28.82 -46.52
N GLY P 296 -16.30 -27.92 -47.28
CA GLY P 296 -17.46 -28.21 -48.13
C GLY P 296 -18.60 -28.81 -47.33
N GLU P 297 -19.00 -28.11 -46.26
CA GLU P 297 -19.92 -28.60 -45.21
C GLU P 297 -20.97 -27.53 -44.88
N TYR P 298 -22.13 -27.95 -44.37
CA TYR P 298 -23.15 -27.07 -43.76
C TYR P 298 -22.82 -26.87 -42.28
N VAL P 299 -22.60 -25.63 -41.87
CA VAL P 299 -22.27 -25.22 -40.47
C VAL P 299 -23.52 -24.57 -39.85
N SER P 300 -23.75 -24.82 -38.56
CA SER P 300 -24.84 -24.22 -37.75
C SER P 300 -24.26 -23.22 -36.75
N LEU P 301 -24.90 -22.06 -36.61
CA LEU P 301 -24.44 -20.92 -35.76
C LEU P 301 -25.65 -20.39 -34.98
N ASP P 302 -25.53 -20.31 -33.65
CA ASP P 302 -26.64 -19.94 -32.73
C ASP P 302 -26.41 -18.53 -32.19
N ASN P 303 -27.47 -17.92 -31.65
CA ASN P 303 -27.44 -16.63 -30.89
C ASN P 303 -26.95 -15.49 -31.81
N ILE P 304 -27.44 -15.45 -33.05
CA ILE P 304 -27.30 -14.27 -33.96
C ILE P 304 -28.49 -13.34 -33.66
N ASP P 305 -28.21 -12.21 -33.00
CA ASP P 305 -29.19 -11.16 -32.61
C ASP P 305 -29.81 -10.58 -33.90
N TYR P 306 -31.02 -10.01 -33.78
CA TYR P 306 -31.80 -9.41 -34.90
C TYR P 306 -31.07 -8.17 -35.46
N THR P 307 -30.09 -7.63 -34.72
CA THR P 307 -29.29 -6.44 -35.10
C THR P 307 -28.03 -6.86 -35.88
N ASP P 308 -27.81 -8.16 -36.07
CA ASP P 308 -26.54 -8.72 -36.58
C ASP P 308 -26.79 -9.54 -37.86
N ILE P 309 -25.71 -9.83 -38.58
CA ILE P 309 -25.70 -10.71 -39.79
C ILE P 309 -24.35 -11.42 -39.86
N THR P 310 -24.34 -12.65 -40.38
CA THR P 310 -23.14 -13.51 -40.50
C THR P 310 -22.45 -13.19 -41.83
N ILE P 311 -21.27 -12.54 -41.78
CA ILE P 311 -20.42 -12.26 -42.98
C ILE P 311 -19.06 -12.93 -42.77
N HIS P 312 -18.45 -13.43 -43.85
CA HIS P 312 -17.09 -14.00 -43.89
C HIS P 312 -16.31 -13.35 -45.05
N TYR P 313 -14.98 -13.25 -44.91
CA TYR P 313 -14.04 -12.99 -46.03
C TYR P 313 -13.66 -14.32 -46.67
N LYS P 314 -13.71 -14.41 -47.99
CA LYS P 314 -13.11 -15.54 -48.76
C LYS P 314 -11.59 -15.35 -48.76
N GLY P 315 -10.83 -16.42 -48.53
CA GLY P 315 -9.36 -16.42 -48.63
C GLY P 315 -8.92 -16.13 -50.06
N GLY P 316 -7.71 -15.60 -50.23
CA GLY P 316 -7.08 -15.33 -51.53
C GLY P 316 -7.44 -13.97 -52.08
N ILE P 317 -7.98 -13.07 -51.25
CA ILE P 317 -8.43 -11.71 -51.70
C ILE P 317 -7.93 -10.63 -50.73
N VAL P 318 -7.53 -9.49 -51.32
CA VAL P 318 -7.23 -8.20 -50.64
C VAL P 318 -8.49 -7.32 -50.73
N TYR P 319 -9.10 -7.01 -49.58
CA TYR P 319 -10.33 -6.20 -49.45
C TYR P 319 -9.94 -4.77 -49.06
N PRO P 320 -9.98 -3.80 -49.99
CA PRO P 320 -9.73 -2.40 -49.65
C PRO P 320 -10.96 -1.80 -48.96
N GLN P 321 -10.81 -1.42 -47.69
CA GLN P 321 -11.92 -0.94 -46.82
C GLN P 321 -11.64 0.49 -46.37
N ARG P 322 -12.70 1.29 -46.22
CA ARG P 322 -12.60 2.61 -45.54
C ARG P 322 -12.38 2.31 -44.07
N ILE P 323 -11.33 2.89 -43.48
CA ILE P 323 -10.92 2.65 -42.06
C ILE P 323 -12.17 2.75 -41.18
N GLU P 324 -13.06 3.71 -41.48
CA GLU P 324 -14.33 3.95 -40.76
C GLU P 324 -15.47 4.21 -41.75
N SER P 325 -16.70 4.07 -41.29
CA SER P 325 -17.93 4.59 -41.92
C SER P 325 -18.10 6.08 -41.60
N ALA P 326 -18.94 6.78 -42.36
CA ALA P 326 -19.41 8.16 -42.11
C ALA P 326 -20.90 8.23 -42.44
N ASN P 327 -21.54 9.36 -42.13
CA ASN P 327 -23.02 9.54 -42.27
C ASN P 327 -23.37 9.79 -43.75
N THR P 328 -22.47 10.41 -44.53
CA THR P 328 -22.64 10.65 -46.00
C THR P 328 -21.51 9.97 -46.77
N THR P 329 -21.70 9.72 -48.06
CA THR P 329 -20.65 9.14 -48.95
C THR P 329 -19.58 10.19 -49.25
N THR P 330 -19.92 11.48 -49.08
CA THR P 330 -18.99 12.62 -49.24
C THR P 330 -17.94 12.60 -48.11
N ALA P 331 -18.38 12.35 -46.88
CA ALA P 331 -17.53 12.25 -45.67
C ALA P 331 -16.77 10.91 -45.68
N LEU P 332 -17.41 9.84 -46.17
CA LEU P 332 -16.79 8.50 -46.36
C LEU P 332 -15.53 8.62 -47.23
N ARG P 333 -15.56 9.48 -48.26
CA ARG P 333 -14.47 9.63 -49.27
C ARG P 333 -13.26 10.36 -48.68
N GLN P 334 -13.40 10.99 -47.51
CA GLN P 334 -12.31 11.71 -46.78
C GLN P 334 -11.71 10.82 -45.69
N LYS P 335 -12.28 9.62 -45.47
CA LYS P 335 -11.73 8.59 -44.56
C LYS P 335 -10.59 7.84 -45.26
N GLY P 336 -9.53 7.51 -44.53
CA GLY P 336 -8.39 6.72 -45.01
C GLY P 336 -8.79 5.29 -45.30
N PHE P 337 -7.82 4.46 -45.71
CA PHE P 337 -8.06 3.06 -46.14
C PHE P 337 -7.43 2.07 -45.15
N ASN P 338 -8.16 1.01 -44.83
CA ASN P 338 -7.68 -0.22 -44.16
C ASN P 338 -7.66 -1.34 -45.20
N ILE P 339 -6.47 -1.85 -45.54
CA ILE P 339 -6.31 -2.95 -46.55
C ILE P 339 -6.29 -4.28 -45.82
N VAL P 340 -7.41 -5.01 -45.84
CA VAL P 340 -7.56 -6.35 -45.20
C VAL P 340 -7.04 -7.40 -46.18
N VAL P 341 -5.86 -7.95 -45.89
CA VAL P 341 -5.28 -9.12 -46.59
C VAL P 341 -5.84 -10.39 -45.93
N ALA P 342 -6.46 -11.27 -46.72
CA ALA P 342 -7.08 -12.55 -46.26
C ALA P 342 -6.44 -13.69 -47.06
N PRO P 343 -5.32 -14.27 -46.56
CA PRO P 343 -4.59 -15.30 -47.29
C PRO P 343 -5.45 -16.51 -47.68
N GLY P 344 -5.25 -17.03 -48.90
CA GLY P 344 -5.83 -18.32 -49.35
C GLY P 344 -5.09 -19.49 -48.72
N LEU P 345 -5.30 -20.70 -49.24
CA LEU P 345 -4.62 -21.93 -48.75
C LEU P 345 -3.15 -21.92 -49.18
N ASP P 346 -2.81 -21.17 -50.23
CA ASP P 346 -1.43 -21.05 -50.80
C ASP P 346 -0.73 -19.82 -50.19
N GLY P 347 -1.29 -19.21 -49.14
CA GLY P 347 -0.69 -18.09 -48.40
C GLY P 347 -0.73 -16.77 -49.14
N ARG P 348 -1.20 -16.76 -50.40
CA ARG P 348 -1.27 -15.55 -51.27
C ARG P 348 -2.64 -14.90 -51.14
N ALA P 349 -2.75 -13.65 -51.62
CA ALA P 349 -4.01 -12.89 -51.75
C ALA P 349 -3.82 -11.84 -52.86
N GLU P 350 -4.90 -11.50 -53.57
CA GLU P 350 -4.91 -10.41 -54.59
C GLU P 350 -6.29 -9.75 -54.61
N GLY P 351 -6.32 -8.43 -54.74
CA GLY P 351 -7.55 -7.61 -54.78
C GLY P 351 -7.31 -6.30 -55.49
N SER P 352 -8.38 -5.59 -55.85
CA SER P 352 -8.33 -4.33 -56.63
C SER P 352 -9.03 -3.19 -55.88
N LEU P 353 -8.62 -1.96 -56.15
CA LEU P 353 -9.27 -0.71 -55.67
C LEU P 353 -9.34 0.27 -56.85
N TYR P 354 -10.54 0.74 -57.16
CA TYR P 354 -10.81 1.76 -58.21
C TYR P 354 -11.17 3.07 -57.51
N LEU P 355 -10.43 4.14 -57.80
CA LEU P 355 -10.68 5.52 -57.31
C LEU P 355 -10.90 6.45 -58.51
N ASP P 356 -11.90 7.33 -58.43
CA ASP P 356 -12.17 8.40 -59.43
C ASP P 356 -13.04 9.46 -58.74
N ASP P 357 -13.60 10.40 -59.50
CA ASP P 357 -14.35 11.56 -58.92
C ASP P 357 -15.77 11.12 -58.50
N GLY P 358 -16.19 9.91 -58.88
CA GLY P 358 -17.37 9.22 -58.31
C GLY P 358 -18.68 9.56 -59.01
N VAL P 359 -18.68 10.47 -60.01
CA VAL P 359 -19.91 10.98 -60.68
C VAL P 359 -19.75 11.02 -62.21
N SER P 360 -18.63 11.53 -62.73
CA SER P 360 -18.44 11.85 -64.18
C SER P 360 -18.48 10.58 -65.03
N VAL P 361 -19.14 10.66 -66.20
CA VAL P 361 -19.35 9.50 -67.12
C VAL P 361 -17.98 9.11 -67.71
N VAL P 362 -17.19 10.10 -68.12
CA VAL P 362 -15.76 9.93 -68.52
C VAL P 362 -14.91 10.71 -67.52
N GLN P 363 -14.07 10.00 -66.76
CA GLN P 363 -13.22 10.54 -65.68
C GLN P 363 -12.00 11.24 -66.30
N ASP P 364 -11.52 12.30 -65.66
CA ASP P 364 -10.25 12.99 -66.00
C ASP P 364 -9.08 12.15 -65.51
N THR P 365 -9.15 11.68 -64.25
CA THR P 365 -8.09 10.91 -63.56
C THR P 365 -8.71 9.71 -62.83
N VAL P 366 -8.07 8.54 -62.93
CA VAL P 366 -8.53 7.27 -62.28
C VAL P 366 -7.31 6.53 -61.72
N SER P 367 -7.52 5.78 -60.63
CA SER P 367 -6.51 4.88 -60.00
C SER P 367 -7.03 3.45 -60.07
N GLU P 368 -6.65 2.71 -61.11
CA GLU P 368 -6.89 1.25 -61.24
C GLU P 368 -5.79 0.51 -60.48
N ILE P 369 -5.96 0.32 -59.17
CA ILE P 369 -4.92 -0.18 -58.23
C ILE P 369 -5.05 -1.70 -58.10
N ASP P 370 -3.94 -2.43 -58.24
CA ASP P 370 -3.87 -3.90 -57.96
C ASP P 370 -2.98 -4.12 -56.73
N PHE P 371 -3.49 -4.86 -55.76
CA PHE P 371 -2.77 -5.33 -54.55
C PHE P 371 -2.47 -6.81 -54.72
N VAL P 372 -1.22 -7.24 -54.42
CA VAL P 372 -0.83 -8.67 -54.32
C VAL P 372 -0.05 -8.85 -53.01
N TYR P 373 -0.40 -9.89 -52.24
CA TYR P 373 0.29 -10.30 -51.01
C TYR P 373 0.86 -11.71 -51.20
N GLU P 374 2.18 -11.86 -51.01
CA GLU P 374 2.85 -13.17 -50.80
C GLU P 374 4.13 -12.94 -49.99
N ASN P 375 4.49 -13.92 -49.14
CA ASN P 375 5.76 -13.95 -48.35
C ASN P 375 5.86 -12.68 -47.50
N GLY P 376 4.80 -12.38 -46.73
CA GLY P 376 4.76 -11.29 -45.75
C GLY P 376 4.87 -9.90 -46.36
N LYS P 377 4.68 -9.79 -47.68
CA LYS P 377 4.86 -8.52 -48.43
C LYS P 377 3.54 -8.19 -49.16
N LEU P 378 3.09 -6.94 -49.07
CA LEU P 378 1.95 -6.38 -49.85
C LEU P 378 2.52 -5.47 -50.94
N THR P 379 2.35 -5.85 -52.20
CA THR P 379 2.80 -5.08 -53.38
C THR P 379 1.58 -4.33 -53.95
N MET P 380 1.75 -3.05 -54.28
CA MET P 380 0.69 -2.16 -54.83
C MET P 380 1.16 -1.68 -56.20
N THR P 381 0.46 -2.12 -57.26
CA THR P 381 0.82 -1.85 -58.68
C THR P 381 -0.40 -1.25 -59.39
N GLY P 382 -0.18 -0.69 -60.59
CA GLY P 382 -1.24 -0.20 -61.49
C GLY P 382 -1.14 1.30 -61.72
N SER P 383 -2.28 1.99 -61.71
CA SER P 383 -2.42 3.44 -61.99
C SER P 383 -2.88 4.18 -60.73
N PHE P 384 -2.45 5.44 -60.59
CA PHE P 384 -2.59 6.28 -59.37
C PHE P 384 -2.76 7.75 -59.78
N GLU P 385 -3.54 8.02 -60.83
CA GLU P 385 -3.67 9.37 -61.43
C GLU P 385 -4.66 10.20 -60.61
N TYR P 386 -5.62 9.57 -59.92
CA TYR P 386 -6.68 10.27 -59.15
C TYR P 386 -6.13 10.71 -57.79
N GLU P 387 -6.13 12.04 -57.54
CA GLU P 387 -5.73 12.68 -56.26
C GLU P 387 -6.84 12.47 -55.23
N ALA P 388 -6.72 11.43 -54.40
CA ALA P 388 -7.75 11.00 -53.43
C ALA P 388 -7.79 11.96 -52.23
N GLY P 389 -6.63 12.48 -51.81
CA GLY P 389 -6.48 13.30 -50.60
C GLY P 389 -6.48 12.45 -49.33
N VAL P 390 -6.41 11.12 -49.49
CA VAL P 390 -6.37 10.13 -48.39
C VAL P 390 -5.37 9.04 -48.78
N GLY P 391 -4.92 8.23 -47.81
CA GLY P 391 -3.99 7.11 -48.06
C GLY P 391 -4.37 5.88 -47.26
N ILE P 392 -3.48 4.88 -47.26
CA ILE P 392 -3.58 3.66 -46.42
C ILE P 392 -3.03 4.03 -45.03
N GLU P 393 -3.86 3.88 -43.99
CA GLU P 393 -3.53 4.16 -42.57
C GLU P 393 -3.22 2.84 -41.85
N THR P 394 -3.95 1.77 -42.19
CA THR P 394 -3.75 0.40 -41.64
C THR P 394 -3.71 -0.63 -42.77
N ILE P 395 -2.85 -1.63 -42.62
CA ILE P 395 -2.85 -2.89 -43.44
C ILE P 395 -3.07 -4.05 -42.45
N THR P 396 -4.22 -4.73 -42.58
CA THR P 396 -4.62 -5.86 -41.71
C THR P 396 -4.32 -7.17 -42.46
N VAL P 397 -3.58 -8.08 -41.81
CA VAL P 397 -3.24 -9.43 -42.34
C VAL P 397 -3.85 -10.47 -41.38
N LEU P 398 -4.72 -11.33 -41.90
CA LEU P 398 -5.48 -12.34 -41.12
C LEU P 398 -4.75 -13.69 -41.20
N GLY P 399 -5.08 -14.62 -40.29
CA GLY P 399 -4.54 -16.00 -40.28
C GLY P 399 -3.07 -16.05 -39.91
N VAL P 400 -2.56 -15.04 -39.22
CA VAL P 400 -1.15 -15.00 -38.68
C VAL P 400 -1.12 -15.87 -37.42
N GLU P 401 -0.53 -17.06 -37.53
CA GLU P 401 -0.68 -18.18 -36.54
C GLU P 401 0.04 -17.83 -35.24
N SER P 402 1.17 -17.09 -35.31
CA SER P 402 2.02 -16.71 -34.16
C SER P 402 2.49 -15.26 -34.30
N LYS P 403 2.68 -14.58 -33.16
CA LYS P 403 3.12 -13.16 -33.05
C LYS P 403 4.50 -13.00 -33.68
N PRO P 404 4.75 -11.93 -34.46
CA PRO P 404 6.10 -11.63 -34.96
C PRO P 404 7.02 -11.03 -33.88
N GLU P 405 8.33 -11.20 -34.05
CA GLU P 405 9.38 -10.65 -33.14
C GLU P 405 9.31 -9.12 -33.18
N GLY P 406 9.60 -8.52 -34.34
CA GLY P 406 9.66 -7.07 -34.57
C GLY P 406 8.30 -6.41 -34.42
N ASP P 407 8.03 -5.81 -33.26
CA ASP P 407 6.70 -5.22 -32.90
C ASP P 407 6.75 -3.70 -33.13
N GLU P 408 7.25 -3.27 -34.30
CA GLU P 408 7.32 -1.85 -34.74
C GLU P 408 6.11 -1.53 -35.62
N ASP P 409 5.26 -0.60 -35.16
CA ASP P 409 4.08 -0.08 -35.91
C ASP P 409 3.04 -1.19 -36.11
N VAL P 410 3.09 -2.26 -35.32
CA VAL P 410 2.29 -3.51 -35.56
C VAL P 410 1.68 -4.00 -34.23
N GLU P 411 0.42 -4.47 -34.31
CA GLU P 411 -0.40 -4.93 -33.16
C GLU P 411 -0.97 -6.31 -33.48
N TYR P 412 -0.76 -7.30 -32.60
CA TYR P 412 -1.20 -8.71 -32.79
C TYR P 412 -2.32 -9.03 -31.81
N ASP P 413 -3.46 -9.49 -32.36
CA ASP P 413 -4.62 -10.07 -31.63
C ASP P 413 -4.45 -11.60 -31.66
N ALA P 414 -4.05 -12.19 -30.53
CA ALA P 414 -3.71 -13.64 -30.39
C ALA P 414 -4.96 -14.49 -30.64
N GLU P 415 -6.10 -14.09 -30.07
CA GLU P 415 -7.39 -14.82 -30.16
C GLU P 415 -7.75 -15.02 -31.64
N ASN P 416 -7.77 -13.94 -32.42
CA ASN P 416 -8.33 -13.90 -33.81
C ASN P 416 -7.20 -14.01 -34.85
N LYS P 417 -5.96 -14.20 -34.41
CA LYS P 417 -4.78 -14.46 -35.30
C LYS P 417 -4.71 -13.33 -36.33
N LYS P 418 -4.97 -12.10 -35.91
CA LYS P 418 -5.04 -10.88 -36.76
C LYS P 418 -3.87 -9.96 -36.42
N LEU P 419 -3.12 -9.53 -37.44
CA LEU P 419 -2.00 -8.56 -37.33
C LEU P 419 -2.44 -7.25 -37.98
N VAL P 420 -2.27 -6.13 -37.26
CA VAL P 420 -2.61 -4.75 -37.73
C VAL P 420 -1.31 -3.95 -37.78
N LYS P 421 -0.83 -3.60 -38.98
CA LYS P 421 0.36 -2.73 -39.16
C LYS P 421 -0.12 -1.32 -39.52
N HIS P 422 0.18 -0.35 -38.66
CA HIS P 422 -0.09 1.10 -38.85
C HIS P 422 0.92 1.65 -39.86
N VAL P 423 0.46 2.42 -40.84
CA VAL P 423 1.29 2.98 -41.96
C VAL P 423 0.73 4.35 -42.36
N ASP P 424 1.42 5.03 -43.29
CA ASP P 424 0.97 6.30 -43.95
C ASP P 424 1.46 6.27 -45.40
N VAL P 425 0.89 5.38 -46.21
CA VAL P 425 1.26 5.14 -47.65
C VAL P 425 0.28 5.92 -48.53
N PRO P 426 0.74 6.92 -49.31
CA PRO P 426 -0.13 7.63 -50.23
C PRO P 426 -0.51 6.74 -51.43
N LEU P 427 -1.67 7.03 -52.04
CA LEU P 427 -2.20 6.30 -53.22
C LEU P 427 -1.83 7.10 -54.49
N THR P 428 -0.56 7.52 -54.56
CA THR P 428 0.01 8.44 -55.57
C THR P 428 0.91 7.66 -56.56
N GLY P 429 1.42 6.50 -56.15
CA GLY P 429 2.28 5.65 -56.99
C GLY P 429 2.39 4.23 -56.45
N GLU P 430 3.04 3.34 -57.19
CA GLU P 430 3.34 1.95 -56.77
C GLU P 430 4.17 2.00 -55.48
N ASN P 431 4.02 0.99 -54.62
CA ASN P 431 4.72 0.91 -53.32
C ASN P 431 4.81 -0.56 -52.92
N GLU P 432 5.82 -0.89 -52.10
CA GLU P 432 6.07 -2.25 -51.55
C GLU P 432 6.21 -2.11 -50.03
N ILE P 433 5.29 -2.67 -49.26
CA ILE P 433 5.27 -2.62 -47.77
C ILE P 433 5.44 -4.04 -47.22
N THR P 434 6.57 -4.32 -46.56
CA THR P 434 6.88 -5.60 -45.89
C THR P 434 6.17 -5.62 -44.52
N ILE P 435 5.39 -6.67 -44.24
CA ILE P 435 4.55 -6.79 -43.01
C ILE P 435 5.25 -7.75 -42.04
N LEU P 436 5.54 -8.99 -42.47
CA LEU P 436 6.19 -10.04 -41.64
C LEU P 436 7.60 -10.31 -42.17
#